data_6NC2
#
_entry.id   6NC2
#
loop_
_entity.id
_entity.type
_entity.pdbx_description
1 polymer 'AMC011 v4.2 SOSIP gp120'
2 polymer 'AMC011 v4.2 SOSIP gp41'
3 polymer 'Monoclonal antibody ACS202 fragment antigen binding heavy chain'
4 polymer 'Monoclonal antibody ACS202 fragment antigen binding kappa chain'
5 branched alpha-D-mannopyranose-(1-3)-[alpha-D-mannopyranose-(1-6)]beta-D-mannopyranose-(1-4)-2-acetamido-2-deoxy-beta-D-glucopyranose-(1-4)-2-acetamido-2-deoxy-beta-D-glucopyranose
6 branched 2-acetamido-2-deoxy-beta-D-glucopyranose-(1-4)-2-acetamido-2-deoxy-beta-D-glucopyranose
7 branched alpha-D-mannopyranose-(1-2)-alpha-D-mannopyranose-(1-3)-[alpha-D-mannopyranose-(1-6)]beta-D-mannopyranose-(1-4)-2-acetamido-2-deoxy-beta-D-glucopyranose-(1-4)-2-acetamido-2-deoxy-beta-D-glucopyranose
8 non-polymer 2-acetamido-2-deoxy-beta-D-glucopyranose
#
loop_
_entity_poly.entity_id
_entity_poly.type
_entity_poly.pdbx_seq_one_letter_code
_entity_poly.pdbx_strand_id
1 'polypeptide(L)'
;MDAMKRGLCCVLLLCGAVFVSPSQEIHARFRRGARAEQLWVTVYYGVPVWKEATTTLFCASDARAYDTEVRNVWATHACV
PTDPNPQEVVLENVTENFNMWKNNMVEQMHEDIISLWDQSLKPCVKLTPLCVTLNCTDLRNATNTNATNTTSSSRGTMEG
GEIKNCSFNITTSMRDKVQKEYALFYKLDVVPIKNDNTSYRLISCNTSVITQACPKVSFEPIPIHYCAPAGFAILKCNDK
KFNGTGPCTNVSTVQCTHGIRPVVSTQLLLNGSLAEEEVVIRSANFTDNAKIIIVQLNKSVEINCTRPNNNTRKSIHIGP
GRWFYTTGEIIGDIRQAHCNISGTKWNDTLKQIVVKLKEQFGNKTIVFNHSSGGDPEIVMHSFNCGGEFFYCNSTQLFNS
TWNDGSNYTGTIVLPCRIKQIVNMWQEVGKAMYAPPIKGQIRCSSNITGLILIRDGGKNRSENTEIFRPGGGDMRDNWRS
ELYKYKVVKIEPLGIAPTKCKRRVVQRRRRRR
;
A,C,D,E,F,G
2 'polypeptide(L)'
;AVGIGAVFLGFLGAAGSTMGAASMTLTVQARQLLSGIVQQQNNLLRAPEAQQHLLKLTVWGIKQLQARVLAVERYLKDQQ
LLGIWGCSGKLICCTAVPWNTSWSNKSYNQIWNNMTWMEWEREIDNYTSLIYTLIEDSQNQQEKNEQELLELD
;
B,I,J,K,M,N
3 'polypeptide(L)'
;MELGLRWVFLVAILEVHSQVQLVESGGGVVQPGGSLRLSCAASGFAFKDFGMHWVRQAPGKGLEWVAVIGGGHGQHQSYS
ESVKGRFAITRDNEKNKLYLHMDRLRTEDTAVYYCAKDRLGRPWNIGGRLVYYYYGMDVWGQGTTVTVSSASTKGPSVFP
LAPSSKSTSGGTAALGCLVKDYFPEPVTVSWNSGALTSGVHTFPAVLQSSGLYSLSSVVTVPSSSLGTQTYICNVNHKPS
NTKVDKKVEPKSCD
;
H,O,P,Q,R,S
4 'polypeptide(L)'
;MGWSCIILFLVATATGVHCAIRMTQSPSSLSASVGDRVTITCQASQDIKKSLNWYRQKPGKAPELLIHDASILQTGVPSA
FTASGSGTHFSFVINKLQPEDVGTYFCQEYENLQFTFGPGTKVEIKRTVAAPSVFIFPPSDEQLKSGTASVVCLLNNFYP
REAKVQWKVDNALQSGNSQESVTEQDSKDSTYSLSSTLTLSKADYEKHKVYACEVTHQGLSSPVTKSFNRGEC
;
L,T,U,V,W,X
#
loop_
_chem_comp.id
_chem_comp.type
_chem_comp.name
_chem_comp.formula
BMA D-saccharide, beta linking beta-D-mannopyranose 'C6 H12 O6'
MAN D-saccharide, alpha linking alpha-D-mannopyranose 'C6 H12 O6'
NAG D-saccharide, beta linking 2-acetamido-2-deoxy-beta-D-glucopyranose 'C8 H15 N O6'
#
# COMPACT_ATOMS: atom_id res chain seq x y z
N ALA A 36 -11.36 27.55 16.25
CA ALA A 36 -11.73 26.16 16.50
C ALA A 36 -11.04 25.23 15.51
N GLU A 37 -11.32 23.93 15.64
CA GLU A 37 -10.82 22.93 14.72
C GLU A 37 -11.51 23.10 13.38
N GLN A 38 -10.82 22.76 12.30
CA GLN A 38 -11.54 22.62 11.04
C GLN A 38 -12.57 21.52 11.22
N LEU A 39 -13.81 21.84 10.95
CA LEU A 39 -14.85 20.85 11.16
C LEU A 39 -15.41 20.40 9.82
N TRP A 40 -15.79 19.12 9.78
CA TRP A 40 -16.35 18.49 8.60
C TRP A 40 -17.64 17.79 8.99
N VAL A 41 -18.51 17.58 8.01
CA VAL A 41 -19.80 16.96 8.28
C VAL A 41 -19.61 15.45 8.42
N THR A 42 -20.17 14.89 9.47
CA THR A 42 -20.24 13.45 9.65
C THR A 42 -21.69 12.99 9.77
N VAL A 43 -22.00 11.88 9.11
CA VAL A 43 -23.33 11.32 9.11
C VAL A 43 -23.40 10.21 10.14
N TYR A 44 -24.43 10.28 10.98
CA TYR A 44 -24.70 9.30 11.99
C TYR A 44 -26.06 8.66 11.76
N TYR A 45 -26.18 7.41 12.17
CA TYR A 45 -27.46 6.75 12.07
C TYR A 45 -27.71 5.93 13.32
N GLY A 46 -28.94 5.98 13.81
CA GLY A 46 -29.26 5.50 15.13
C GLY A 46 -29.41 6.60 16.15
N VAL A 47 -29.60 7.84 15.69
CA VAL A 47 -29.66 9.00 16.56
C VAL A 47 -30.96 8.94 17.35
N PRO A 48 -30.90 8.94 18.66
CA PRO A 48 -32.11 8.75 19.47
C PRO A 48 -32.89 10.04 19.64
N VAL A 49 -33.51 10.54 18.59
CA VAL A 49 -34.30 11.76 18.69
C VAL A 49 -35.67 11.49 18.08
N TRP A 50 -36.65 12.30 18.47
CA TRP A 50 -38.00 12.04 17.98
C TRP A 50 -38.83 13.30 17.94
N LYS A 51 -39.97 13.20 17.26
CA LYS A 51 -40.97 14.25 17.16
C LYS A 51 -42.33 13.62 17.39
N GLU A 52 -43.24 14.40 17.97
CA GLU A 52 -44.62 13.94 18.15
C GLU A 52 -45.27 13.59 16.82
N ALA A 53 -45.97 12.46 16.79
CA ALA A 53 -46.67 12.01 15.59
C ALA A 53 -47.86 11.14 15.98
N THR A 54 -48.87 11.13 15.12
CA THR A 54 -50.06 10.30 15.29
C THR A 54 -50.12 9.20 14.23
N THR A 55 -50.29 7.96 14.67
CA THR A 55 -50.41 6.81 13.80
C THR A 55 -51.31 5.77 14.45
N THR A 56 -51.41 4.61 13.81
CA THR A 56 -52.27 3.53 14.27
C THR A 56 -51.50 2.55 15.12
N LEU A 57 -52.02 2.26 16.31
CA LEU A 57 -51.40 1.24 17.16
C LEU A 57 -52.02 -0.11 16.88
N PHE A 58 -51.18 -1.14 16.91
CA PHE A 58 -51.67 -2.49 16.65
C PHE A 58 -52.38 -3.01 17.87
N CYS A 59 -53.48 -3.71 17.66
CA CYS A 59 -54.12 -4.30 18.81
C CYS A 59 -53.34 -5.53 19.24
N ALA A 60 -53.47 -5.86 20.52
CA ALA A 60 -52.95 -7.12 21.01
C ALA A 60 -53.90 -7.62 22.09
N SER A 61 -53.93 -8.93 22.27
CA SER A 61 -54.92 -9.51 23.15
C SER A 61 -54.42 -10.83 23.69
N ASP A 62 -54.92 -11.17 24.88
CA ASP A 62 -54.61 -12.45 25.49
C ASP A 62 -55.42 -13.47 24.71
N ALA A 63 -54.82 -13.94 23.61
CA ALA A 63 -55.52 -14.72 22.59
C ALA A 63 -56.21 -15.95 23.15
N ARG A 64 -57.44 -16.16 22.68
CA ARG A 64 -58.23 -17.33 23.04
C ARG A 64 -58.93 -17.83 21.79
N ARG A 71 -68.44 -15.19 19.68
CA ARG A 71 -68.50 -14.02 18.80
C ARG A 71 -68.46 -12.68 19.52
N ASN A 72 -67.87 -12.70 20.71
CA ASN A 72 -67.72 -11.50 21.53
C ASN A 72 -67.15 -10.38 20.69
N VAL A 73 -67.84 -9.23 20.78
CA VAL A 73 -67.62 -8.05 19.93
C VAL A 73 -66.14 -7.73 19.79
N TRP A 74 -65.43 -7.73 20.90
CA TRP A 74 -64.07 -7.23 20.90
C TRP A 74 -63.10 -8.37 20.84
N ALA A 75 -63.61 -9.59 20.77
CA ALA A 75 -62.77 -10.77 20.72
C ALA A 75 -62.51 -11.09 19.26
N THR A 76 -61.85 -10.14 18.60
CA THR A 76 -61.61 -10.28 17.17
C THR A 76 -60.75 -11.50 16.92
N HIS A 77 -61.01 -12.15 15.80
CA HIS A 77 -60.24 -13.31 15.40
C HIS A 77 -58.82 -12.96 15.02
N ALA A 78 -58.56 -11.68 14.73
CA ALA A 78 -57.27 -11.19 14.27
C ALA A 78 -56.77 -10.16 15.27
N CYS A 79 -55.77 -10.55 16.06
CA CYS A 79 -55.16 -9.65 17.02
C CYS A 79 -53.87 -10.27 17.50
N VAL A 80 -52.87 -9.43 17.75
CA VAL A 80 -51.52 -9.91 18.08
C VAL A 80 -51.52 -10.46 19.50
N PRO A 81 -50.95 -11.65 19.73
CA PRO A 81 -50.87 -12.15 21.10
C PRO A 81 -49.96 -11.27 21.93
N THR A 82 -50.28 -11.15 23.21
CA THR A 82 -49.53 -10.23 24.05
C THR A 82 -48.15 -10.77 24.38
N ASP A 83 -47.28 -9.84 24.75
CA ASP A 83 -45.94 -10.15 25.18
C ASP A 83 -45.97 -10.61 26.63
N PRO A 84 -45.54 -11.83 26.93
CA PRO A 84 -45.54 -12.27 28.33
C PRO A 84 -44.53 -11.54 29.20
N ASN A 85 -43.55 -10.85 28.61
CA ASN A 85 -42.50 -10.16 29.36
C ASN A 85 -42.21 -8.82 28.69
N PRO A 86 -43.13 -7.87 28.78
CA PRO A 86 -42.91 -6.58 28.14
C PRO A 86 -41.85 -5.79 28.87
N GLN A 87 -41.18 -4.90 28.14
CA GLN A 87 -40.15 -4.05 28.74
C GLN A 87 -40.63 -2.62 28.89
N GLU A 88 -40.02 -1.94 29.86
CA GLU A 88 -40.22 -0.52 30.08
C GLU A 88 -38.90 0.06 30.56
N VAL A 89 -38.47 1.16 29.96
CA VAL A 89 -37.20 1.77 30.32
C VAL A 89 -37.43 3.25 30.58
N VAL A 90 -36.68 3.78 31.48
CA VAL A 90 -36.80 5.18 31.84
C VAL A 90 -35.82 5.97 31.00
N LEU A 91 -36.21 7.21 30.66
CA LEU A 91 -35.34 8.09 29.91
C LEU A 91 -34.38 8.86 30.82
N GLU A 92 -34.96 9.51 31.83
CA GLU A 92 -34.39 10.34 32.88
C GLU A 92 -33.63 11.58 32.42
N ASN A 93 -32.79 11.47 31.40
CA ASN A 93 -32.13 12.71 30.99
C ASN A 93 -33.12 13.59 30.24
N VAL A 94 -34.24 13.01 29.84
CA VAL A 94 -35.17 13.64 28.91
C VAL A 94 -36.54 13.69 29.55
N THR A 95 -37.21 14.83 29.45
CA THR A 95 -38.60 14.97 29.84
C THR A 95 -39.46 15.15 28.60
N GLU A 96 -40.78 15.15 28.81
CA GLU A 96 -41.70 15.20 27.68
C GLU A 96 -43.00 15.86 28.06
N ASN A 97 -43.61 16.54 27.10
CA ASN A 97 -44.82 17.33 27.31
C ASN A 97 -46.04 16.49 26.99
N PHE A 98 -46.78 16.11 28.01
CA PHE A 98 -47.95 15.28 27.80
C PHE A 98 -49.17 16.19 27.85
N ASN A 99 -50.20 15.82 27.08
CA ASN A 99 -51.47 16.53 27.10
C ASN A 99 -52.55 15.51 26.77
N MET A 100 -53.34 15.14 27.79
CA MET A 100 -54.31 14.06 27.64
C MET A 100 -55.45 14.43 26.71
N TRP A 101 -55.58 15.71 26.40
CA TRP A 101 -56.67 16.17 25.57
C TRP A 101 -56.32 16.10 24.09
N LYS A 102 -55.08 15.74 23.76
CA LYS A 102 -54.62 15.64 22.40
C LYS A 102 -54.30 14.20 22.00
N ASN A 103 -54.56 13.23 22.86
CA ASN A 103 -54.16 11.86 22.52
C ASN A 103 -55.17 11.32 21.55
N ASN A 104 -54.74 11.24 20.30
CA ASN A 104 -55.63 10.87 19.22
C ASN A 104 -55.96 9.39 19.23
N MET A 105 -55.31 8.62 20.11
CA MET A 105 -55.59 7.20 20.22
C MET A 105 -57.04 6.95 20.60
N VAL A 106 -57.66 7.89 21.32
CA VAL A 106 -59.06 7.75 21.69
C VAL A 106 -59.95 7.72 20.45
N GLU A 107 -59.50 8.35 19.36
CA GLU A 107 -60.29 8.36 18.15
C GLU A 107 -60.21 7.02 17.44
N GLN A 108 -59.01 6.42 17.45
CA GLN A 108 -58.87 5.09 16.88
C GLN A 108 -59.78 4.11 17.57
N MET A 109 -59.77 4.12 18.92
CA MET A 109 -60.63 3.23 19.67
C MET A 109 -62.09 3.49 19.35
N HIS A 110 -62.47 4.76 19.33
CA HIS A 110 -63.84 5.15 19.03
C HIS A 110 -64.34 4.50 17.74
N GLU A 111 -63.60 4.69 16.66
CA GLU A 111 -64.09 4.16 15.39
C GLU A 111 -63.97 2.65 15.33
N ASP A 112 -62.82 2.09 15.72
CA ASP A 112 -62.63 0.64 15.62
C ASP A 112 -63.66 -0.11 16.44
N ILE A 113 -63.95 0.37 17.65
CA ILE A 113 -64.90 -0.31 18.52
C ILE A 113 -66.28 -0.30 17.90
N ILE A 114 -66.71 0.82 17.35
CA ILE A 114 -68.00 0.84 16.70
C ILE A 114 -68.04 -0.13 15.53
N SER A 115 -66.97 -0.16 14.72
CA SER A 115 -66.93 -1.07 13.59
C SER A 115 -67.10 -2.50 14.05
N LEU A 116 -66.38 -2.90 15.10
CA LEU A 116 -66.46 -4.26 15.62
C LEU A 116 -67.87 -4.61 16.05
N TRP A 117 -68.54 -3.67 16.73
CA TRP A 117 -69.94 -3.82 17.13
C TRP A 117 -70.83 -4.13 15.94
N ASP A 118 -70.78 -3.26 14.92
CA ASP A 118 -71.65 -3.44 13.76
C ASP A 118 -71.34 -4.73 13.01
N GLN A 119 -70.06 -5.08 12.90
CA GLN A 119 -69.68 -6.27 12.15
C GLN A 119 -70.25 -7.52 12.80
N SER A 120 -70.01 -7.69 14.10
CA SER A 120 -70.48 -8.90 14.79
C SER A 120 -71.98 -9.01 14.71
N LEU A 121 -72.69 -7.89 14.81
CA LEU A 121 -74.13 -7.89 14.82
C LEU A 121 -74.71 -7.59 13.45
N LYS A 122 -73.94 -7.82 12.39
CA LYS A 122 -74.50 -7.64 11.05
C LYS A 122 -75.58 -8.67 10.70
N PRO A 123 -75.34 -10.02 10.79
CA PRO A 123 -76.41 -10.92 10.32
C PRO A 123 -77.50 -11.16 11.35
N CYS A 124 -78.18 -10.10 11.75
CA CYS A 124 -79.17 -10.16 12.81
C CYS A 124 -80.58 -9.92 12.28
N VAL A 125 -81.55 -10.14 13.15
CA VAL A 125 -82.95 -10.26 12.76
C VAL A 125 -83.62 -8.89 12.76
N LYS A 126 -84.22 -8.52 11.63
CA LYS A 126 -84.92 -7.25 11.50
C LYS A 126 -86.29 -7.26 12.18
N LEU A 127 -86.63 -6.17 12.84
CA LEU A 127 -87.91 -6.02 13.51
C LEU A 127 -88.98 -5.42 12.62
N THR A 128 -88.66 -5.13 11.37
CA THR A 128 -89.61 -4.55 10.43
C THR A 128 -90.99 -5.19 10.45
N PRO A 129 -91.16 -6.56 10.43
CA PRO A 129 -92.54 -7.08 10.40
C PRO A 129 -93.20 -7.09 11.77
N LEU A 130 -92.49 -6.61 12.79
CA LEU A 130 -92.96 -6.64 14.16
C LEU A 130 -93.38 -5.25 14.62
N CYS A 131 -93.45 -4.29 13.70
CA CYS A 131 -93.98 -2.97 13.94
C CYS A 131 -95.51 -2.98 14.08
N VAL A 132 -96.15 -4.12 13.85
CA VAL A 132 -97.59 -4.28 14.03
C VAL A 132 -98.03 -3.71 15.38
N THR A 133 -99.17 -3.03 15.37
CA THR A 133 -99.63 -2.42 16.60
C THR A 133 -99.96 -3.50 17.62
N LEU A 134 -99.86 -3.11 18.88
CA LEU A 134 -99.98 -4.03 20.00
C LEU A 134 -101.20 -3.70 20.82
N ASN A 135 -102.04 -4.69 21.05
CA ASN A 135 -103.19 -4.50 21.92
C ASN A 135 -102.75 -4.84 23.33
N CYS A 136 -102.47 -3.82 24.13
CA CYS A 136 -101.77 -4.01 25.40
C CYS A 136 -102.70 -3.83 26.58
N THR A 137 -102.47 -4.65 27.60
CA THR A 137 -103.05 -4.47 28.92
C THR A 137 -101.94 -4.45 29.94
N ASP A 138 -102.28 -4.02 31.15
CA ASP A 138 -101.29 -4.01 32.22
C ASP A 138 -101.00 -5.43 32.67
N LEU A 139 -99.72 -5.74 32.78
CA LEU A 139 -99.31 -7.03 33.32
C LEU A 139 -99.56 -7.05 34.81
N ARG A 140 -100.36 -8.03 35.26
CA ARG A 140 -100.70 -8.13 36.67
C ARG A 140 -99.47 -8.45 37.51
N ASN A 141 -99.46 -7.98 38.75
CA ASN A 141 -98.33 -8.23 39.62
C ASN A 141 -98.82 -8.48 41.03
N GLY A 161 -96.93 -0.11 36.35
CA GLY A 161 -96.83 -1.04 35.25
C GLY A 161 -95.77 -0.57 34.28
N GLU A 162 -94.70 -1.33 34.20
CA GLU A 162 -93.62 -1.06 33.28
C GLU A 162 -93.60 -2.07 32.17
N ILE A 163 -94.32 -3.17 32.35
CA ILE A 163 -94.37 -4.28 31.42
C ILE A 163 -95.81 -4.45 31.01
N LYS A 164 -96.04 -4.52 29.71
CA LYS A 164 -97.37 -4.70 29.17
C LYS A 164 -97.47 -6.09 28.57
N ASN A 165 -98.67 -6.68 28.66
CA ASN A 165 -98.95 -7.98 28.08
C ASN A 165 -99.84 -7.73 26.87
N CYS A 166 -99.28 -7.90 25.68
CA CYS A 166 -99.94 -7.43 24.46
C CYS A 166 -100.05 -8.56 23.45
N SER A 167 -100.97 -8.39 22.52
CA SER A 167 -101.13 -9.31 21.41
C SER A 167 -101.16 -8.53 20.10
N PHE A 168 -101.08 -9.27 19.00
CA PHE A 168 -101.04 -8.73 17.66
C PHE A 168 -101.44 -9.85 16.72
N ASN A 169 -101.51 -9.55 15.42
CA ASN A 169 -101.86 -10.60 14.45
C ASN A 169 -101.08 -10.36 13.15
N ILE A 170 -99.93 -11.01 13.05
CA ILE A 170 -98.99 -10.84 11.94
C ILE A 170 -98.03 -12.02 12.09
N THR A 171 -97.63 -12.66 10.97
CA THR A 171 -97.86 -12.32 9.57
C THR A 171 -99.09 -12.94 8.95
N THR A 172 -99.82 -13.72 9.74
CA THR A 172 -101.03 -14.45 9.34
C THR A 172 -100.79 -15.31 8.09
N SER A 173 -99.78 -16.19 8.19
CA SER A 173 -99.49 -17.28 7.24
C SER A 173 -99.03 -16.79 5.87
N MET A 174 -98.06 -15.87 5.87
CA MET A 174 -97.40 -15.44 4.63
C MET A 174 -96.36 -16.47 4.22
N ARG A 175 -96.85 -17.62 3.73
CA ARG A 175 -96.05 -18.80 3.37
C ARG A 175 -95.26 -19.31 4.58
N ASP A 176 -95.86 -19.24 5.76
CA ASP A 176 -95.14 -19.60 6.97
C ASP A 176 -96.11 -20.14 8.00
N LYS A 177 -95.57 -20.43 9.17
CA LYS A 177 -96.28 -21.03 10.30
C LYS A 177 -96.19 -20.05 11.45
N VAL A 178 -97.18 -19.15 11.58
CA VAL A 178 -97.10 -18.07 12.55
C VAL A 178 -98.45 -17.95 13.25
N GLN A 179 -98.51 -17.15 14.32
CA GLN A 179 -99.76 -16.82 14.99
C GLN A 179 -99.60 -15.53 15.78
N LYS A 180 -100.67 -15.20 16.53
CA LYS A 180 -100.76 -13.95 17.26
C LYS A 180 -99.65 -13.75 18.29
N GLU A 181 -99.07 -14.85 18.81
CA GLU A 181 -97.94 -14.90 19.74
C GLU A 181 -97.85 -13.79 20.77
N TYR A 182 -98.86 -13.63 21.60
CA TYR A 182 -98.86 -12.62 22.65
C TYR A 182 -97.58 -12.69 23.47
N ALA A 183 -97.14 -11.54 23.99
CA ALA A 183 -95.86 -11.50 24.69
C ALA A 183 -95.80 -10.29 25.61
N LEU A 184 -94.74 -10.23 26.41
CA LEU A 184 -94.49 -9.10 27.31
C LEU A 184 -93.55 -8.10 26.67
N PHE A 185 -93.85 -6.81 26.82
CA PHE A 185 -93.06 -5.74 26.20
C PHE A 185 -92.75 -4.72 27.29
N TYR A 186 -91.62 -4.02 27.17
CA TYR A 186 -91.34 -2.97 28.15
C TYR A 186 -91.79 -1.60 27.67
N LYS A 187 -92.27 -0.81 28.63
CA LYS A 187 -92.70 0.57 28.39
C LYS A 187 -91.66 1.38 27.67
N LEU A 188 -90.39 1.19 28.02
CA LEU A 188 -89.31 2.03 27.53
C LEU A 188 -88.93 1.70 26.09
N ASP A 189 -89.49 0.63 25.54
CA ASP A 189 -89.20 0.20 24.19
C ASP A 189 -90.31 0.50 23.21
N VAL A 190 -91.42 1.04 23.68
CA VAL A 190 -92.59 1.22 22.84
C VAL A 190 -93.02 2.67 22.89
N VAL A 191 -93.86 3.03 21.92
CA VAL A 191 -94.40 4.39 21.85
C VAL A 191 -95.92 4.26 21.98
N PRO A 192 -96.55 5.08 22.80
CA PRO A 192 -98.00 5.06 22.90
C PRO A 192 -98.67 5.59 21.64
N ILE A 193 -99.84 5.02 21.36
CA ILE A 193 -100.69 5.46 20.27
C ILE A 193 -101.89 6.09 20.95
N LYS A 194 -101.86 7.41 21.10
CA LYS A 194 -102.86 8.10 21.91
C LYS A 194 -104.20 8.23 21.20
N ASN A 195 -104.26 7.83 19.94
CA ASN A 195 -105.50 7.82 19.19
C ASN A 195 -106.17 6.46 19.22
N ASP A 196 -105.73 5.55 20.10
CA ASP A 196 -106.35 4.23 20.10
C ASP A 196 -106.99 3.78 21.41
N ASN A 197 -106.24 3.15 22.31
CA ASN A 197 -106.86 2.61 23.53
C ASN A 197 -106.54 3.41 24.80
N THR A 198 -105.31 3.89 25.05
CA THR A 198 -104.02 3.84 24.31
C THR A 198 -103.40 2.47 24.01
N SER A 199 -102.96 2.29 22.76
CA SER A 199 -102.30 1.06 22.32
C SER A 199 -100.85 1.40 22.05
N TYR A 200 -100.03 0.40 21.72
CA TYR A 200 -98.61 0.68 21.58
C TYR A 200 -98.07 0.03 20.32
N ARG A 201 -96.88 0.48 19.92
CA ARG A 201 -96.10 -0.14 18.87
C ARG A 201 -94.64 0.16 19.13
N LEU A 202 -93.77 -0.50 18.36
CA LEU A 202 -92.33 -0.29 18.50
C LEU A 202 -91.99 1.17 18.29
N ILE A 203 -91.22 1.71 19.24
CA ILE A 203 -90.81 3.11 19.16
C ILE A 203 -90.04 3.39 17.88
N SER A 204 -89.45 2.36 17.28
CA SER A 204 -88.64 2.53 16.08
C SER A 204 -89.47 2.67 14.80
N CYS A 205 -90.79 2.45 14.89
CA CYS A 205 -91.64 2.40 13.70
C CYS A 205 -91.55 3.67 12.85
N ASN A 206 -91.45 4.83 13.49
CA ASN A 206 -91.40 6.07 12.74
C ASN A 206 -89.99 6.60 12.60
N THR A 207 -88.99 5.75 12.83
CA THR A 207 -87.61 6.18 12.69
C THR A 207 -86.81 5.31 11.73
N SER A 208 -86.65 4.03 12.02
CA SER A 208 -85.71 3.20 11.27
C SER A 208 -86.00 1.74 11.48
N VAL A 209 -85.34 0.93 10.65
CA VAL A 209 -85.35 -0.52 10.80
C VAL A 209 -84.23 -0.92 11.73
N ILE A 210 -84.56 -1.65 12.78
CA ILE A 210 -83.57 -2.05 13.77
C ILE A 210 -83.61 -3.56 13.87
N THR A 211 -82.56 -4.11 14.46
CA THR A 211 -82.41 -5.56 14.50
C THR A 211 -82.28 -6.04 15.94
N GLN A 212 -82.69 -7.29 16.16
CA GLN A 212 -82.48 -7.92 17.45
C GLN A 212 -81.09 -8.51 17.43
N ALA A 213 -80.29 -8.12 18.43
CA ALA A 213 -78.90 -8.54 18.50
C ALA A 213 -78.79 -10.06 18.47
N CYS A 214 -77.81 -10.54 17.72
CA CYS A 214 -77.61 -11.96 17.51
C CYS A 214 -77.36 -12.67 18.85
N PRO A 215 -78.15 -13.70 19.18
CA PRO A 215 -77.99 -14.37 20.49
C PRO A 215 -76.62 -14.95 20.71
N LYS A 216 -75.86 -15.14 19.66
CA LYS A 216 -74.56 -15.77 19.74
C LYS A 216 -73.44 -14.78 19.96
N VAL A 217 -73.74 -13.51 20.23
CA VAL A 217 -72.70 -12.49 20.42
C VAL A 217 -72.67 -12.08 21.88
N SER A 218 -71.52 -12.26 22.53
CA SER A 218 -71.33 -11.81 23.89
C SER A 218 -70.91 -10.35 23.91
N PHE A 219 -71.31 -9.65 24.97
CA PHE A 219 -70.94 -8.25 25.10
C PHE A 219 -70.09 -8.01 26.36
N GLU A 220 -69.33 -9.01 26.77
CA GLU A 220 -68.36 -8.85 27.86
C GLU A 220 -67.13 -8.06 27.42
N PRO A 221 -66.83 -6.92 28.03
CA PRO A 221 -65.64 -6.15 27.67
C PRO A 221 -64.35 -6.96 27.75
N ILE A 222 -63.49 -6.77 26.76
CA ILE A 222 -62.22 -7.47 26.63
C ILE A 222 -61.07 -6.49 26.86
N PRO A 223 -60.09 -6.81 27.70
CA PRO A 223 -58.97 -5.89 27.94
C PRO A 223 -57.95 -5.86 26.82
N ILE A 224 -58.25 -5.15 25.74
CA ILE A 224 -57.38 -5.14 24.58
C ILE A 224 -56.20 -4.22 24.82
N HIS A 225 -55.00 -4.70 24.50
CA HIS A 225 -53.76 -3.96 24.56
C HIS A 225 -53.50 -3.30 23.21
N TYR A 226 -52.65 -2.27 23.19
CA TYR A 226 -52.21 -1.68 21.93
C TYR A 226 -50.72 -1.40 21.94
N CYS A 227 -50.04 -1.75 20.84
CA CYS A 227 -48.59 -1.72 20.78
C CYS A 227 -48.11 -0.84 19.64
N ALA A 228 -46.90 -0.32 19.78
CA ALA A 228 -46.36 0.60 18.79
C ALA A 228 -45.95 -0.13 17.50
N PRO A 229 -46.21 0.48 16.35
CA PRO A 229 -45.62 -0.02 15.11
C PRO A 229 -44.16 0.39 14.98
N ALA A 230 -43.50 -0.26 14.02
CA ALA A 230 -42.10 0.01 13.73
C ALA A 230 -41.88 1.48 13.41
N GLY A 231 -40.79 2.02 13.95
CA GLY A 231 -40.42 3.40 13.77
C GLY A 231 -41.09 4.34 14.73
N PHE A 232 -41.99 3.85 15.58
CA PHE A 232 -42.72 4.67 16.52
C PHE A 232 -42.54 4.10 17.92
N ALA A 233 -42.81 4.91 18.93
CA ALA A 233 -42.75 4.42 20.30
C ALA A 233 -43.79 5.11 21.16
N ILE A 234 -44.13 4.44 22.25
CA ILE A 234 -45.10 4.92 23.21
C ILE A 234 -44.36 5.41 24.44
N LEU A 235 -44.55 6.67 24.78
CA LEU A 235 -43.98 7.24 25.99
C LEU A 235 -45.05 7.30 27.06
N LYS A 236 -44.65 7.10 28.31
CA LYS A 236 -45.58 7.07 29.42
C LYS A 236 -45.19 8.10 30.47
N CYS A 237 -46.17 8.84 30.97
CA CYS A 237 -45.97 9.79 32.05
C CYS A 237 -46.22 9.10 33.38
N ASN A 238 -45.19 9.00 34.20
CA ASN A 238 -45.27 8.30 35.46
C ASN A 238 -45.35 9.25 36.65
N ASP A 239 -45.56 10.54 36.40
CA ASP A 239 -45.68 11.49 37.49
C ASP A 239 -47.01 11.26 38.18
N LYS A 240 -46.97 10.94 39.48
CA LYS A 240 -48.20 10.65 40.22
C LYS A 240 -49.12 11.86 40.26
N LYS A 241 -48.57 13.05 40.10
CA LYS A 241 -49.35 14.27 40.20
C LYS A 241 -49.78 14.78 38.84
N PHE A 242 -49.50 14.03 37.78
CA PHE A 242 -49.82 14.52 36.46
C PHE A 242 -51.32 14.68 36.28
N ASN A 243 -51.69 15.82 35.73
CA ASN A 243 -53.07 16.18 35.45
C ASN A 243 -53.21 16.30 33.95
N GLY A 244 -54.04 17.23 33.48
CA GLY A 244 -54.31 17.35 32.06
C GLY A 244 -53.11 17.56 31.15
N THR A 245 -52.10 18.30 31.60
CA THR A 245 -50.97 18.56 30.72
C THR A 245 -49.80 19.10 31.51
N GLY A 246 -48.61 18.91 30.94
CA GLY A 246 -47.41 19.52 31.45
C GLY A 246 -46.14 18.75 31.15
N PRO A 247 -45.01 19.32 31.54
CA PRO A 247 -43.70 18.71 31.27
C PRO A 247 -43.42 17.58 32.24
N CYS A 248 -44.09 16.46 32.00
CA CYS A 248 -43.94 15.30 32.85
C CYS A 248 -42.46 14.94 32.99
N THR A 249 -42.01 14.78 34.23
CA THR A 249 -40.59 14.52 34.42
C THR A 249 -40.27 13.04 34.30
N ASN A 250 -41.01 12.20 35.02
CA ASN A 250 -40.73 10.78 35.03
C ASN A 250 -41.37 10.19 33.79
N VAL A 251 -40.58 10.12 32.74
CA VAL A 251 -41.04 9.64 31.44
C VAL A 251 -40.31 8.37 31.09
N SER A 252 -41.07 7.36 30.66
CA SER A 252 -40.51 6.09 30.26
C SER A 252 -41.07 5.69 28.91
N THR A 253 -40.41 4.72 28.28
CA THR A 253 -40.85 4.19 27.00
C THR A 253 -41.41 2.79 27.21
N VAL A 254 -42.59 2.56 26.65
CA VAL A 254 -43.34 1.34 26.86
C VAL A 254 -43.51 0.66 25.51
N GLN A 255 -43.15 -0.62 25.45
CA GLN A 255 -43.30 -1.37 24.21
C GLN A 255 -44.77 -1.51 23.83
N CYS A 256 -45.62 -1.75 24.82
CA CYS A 256 -47.03 -2.00 24.55
C CYS A 256 -47.80 -1.71 25.83
N THR A 257 -48.99 -1.16 25.68
CA THR A 257 -49.80 -0.74 26.81
C THR A 257 -50.45 -1.94 27.47
N HIS A 258 -50.97 -1.72 28.66
CA HIS A 258 -51.80 -2.74 29.27
C HIS A 258 -53.15 -2.77 28.57
N GLY A 259 -53.98 -3.74 28.94
CA GLY A 259 -55.30 -3.86 28.37
C GLY A 259 -56.27 -2.89 29.03
N ILE A 260 -57.12 -2.30 28.21
CA ILE A 260 -58.19 -1.42 28.68
C ILE A 260 -59.50 -2.05 28.27
N ARG A 261 -60.36 -2.32 29.22
CA ARG A 261 -61.63 -2.89 28.83
C ARG A 261 -62.55 -1.80 28.30
N PRO A 262 -63.26 -2.05 27.21
CA PRO A 262 -64.20 -1.07 26.63
C PRO A 262 -65.50 -1.00 27.41
N VAL A 263 -65.41 -0.48 28.63
CA VAL A 263 -66.57 -0.35 29.48
C VAL A 263 -67.32 0.88 29.02
N VAL A 264 -68.62 0.74 28.81
CA VAL A 264 -69.46 1.84 28.37
C VAL A 264 -70.41 2.17 29.50
N SER A 265 -70.42 3.43 29.93
CA SER A 265 -71.31 3.86 31.00
C SER A 265 -71.49 5.36 30.93
N THR A 266 -72.51 5.82 31.66
CA THR A 266 -72.77 7.24 31.84
C THR A 266 -72.62 7.56 33.32
N GLN A 267 -72.14 8.78 33.62
CA GLN A 267 -71.96 9.45 34.92
C GLN A 267 -70.87 8.87 35.82
N LEU A 268 -70.68 7.56 35.85
CA LEU A 268 -69.65 6.98 36.69
C LEU A 268 -68.78 6.05 35.85
N LEU A 269 -67.49 6.04 36.16
CA LEU A 269 -66.54 5.19 35.46
C LEU A 269 -66.37 3.90 36.25
N LEU A 270 -66.69 2.78 35.62
CA LEU A 270 -66.66 1.50 36.31
C LEU A 270 -65.51 0.65 35.78
N ASN A 271 -64.96 -0.17 36.68
CA ASN A 271 -63.93 -1.19 36.38
C ASN A 271 -62.69 -0.60 35.68
N GLY A 272 -62.25 0.58 36.11
CA GLY A 272 -61.06 1.20 35.59
C GLY A 272 -59.91 1.15 36.58
N SER A 273 -58.95 2.05 36.38
CA SER A 273 -57.78 2.11 37.24
C SER A 273 -58.06 3.04 38.42
N LEU A 274 -57.16 3.00 39.41
CA LEU A 274 -57.26 3.84 40.59
C LEU A 274 -56.19 4.93 40.58
N ALA A 275 -56.43 5.94 41.39
CA ALA A 275 -55.51 7.05 41.54
C ALA A 275 -54.34 6.70 42.47
N GLU A 276 -53.28 7.47 42.33
CA GLU A 276 -51.99 7.22 43.00
C GLU A 276 -52.04 7.74 44.43
N GLU A 277 -52.66 6.94 45.29
CA GLU A 277 -52.70 7.09 46.75
C GLU A 277 -53.50 8.29 47.22
N GLU A 278 -54.31 8.91 46.36
CA GLU A 278 -55.23 9.97 46.72
C GLU A 278 -56.17 10.18 45.55
N VAL A 279 -57.30 10.82 45.83
CA VAL A 279 -58.19 11.25 44.75
C VAL A 279 -57.48 12.35 43.95
N VAL A 280 -57.47 12.19 42.64
CA VAL A 280 -56.86 13.16 41.73
C VAL A 280 -57.95 13.66 40.81
N ILE A 281 -58.09 14.97 40.72
CA ILE A 281 -59.13 15.59 39.92
C ILE A 281 -58.50 16.37 38.79
N ARG A 282 -58.92 16.09 37.56
CA ARG A 282 -58.34 16.68 36.37
C ARG A 282 -59.40 17.40 35.55
N SER A 283 -58.95 18.42 34.81
CA SER A 283 -59.75 19.19 33.85
C SER A 283 -58.84 19.98 32.95
N ALA A 284 -59.37 20.31 31.77
CA ALA A 284 -58.70 21.25 30.89
C ALA A 284 -58.58 22.62 31.54
N ASN A 285 -59.58 23.02 32.31
CA ASN A 285 -59.63 24.34 32.92
C ASN A 285 -60.77 24.38 33.93
N PHE A 286 -60.42 24.43 35.22
CA PHE A 286 -61.41 24.40 36.28
C PHE A 286 -62.28 25.65 36.32
N THR A 287 -61.89 26.71 35.62
CA THR A 287 -62.69 27.93 35.58
C THR A 287 -63.68 27.96 34.41
N ASP A 288 -63.57 27.03 33.48
CA ASP A 288 -64.35 27.07 32.24
C ASP A 288 -65.55 26.14 32.37
N ASN A 289 -66.75 26.72 32.44
CA ASN A 289 -67.96 25.91 32.59
C ASN A 289 -68.20 24.98 31.41
N ALA A 290 -67.55 25.22 30.26
CA ALA A 290 -67.73 24.37 29.10
C ALA A 290 -66.92 23.09 29.16
N LYS A 291 -66.09 22.90 30.18
CA LYS A 291 -65.29 21.71 30.32
C LYS A 291 -65.90 20.81 31.38
N ILE A 292 -65.37 19.60 31.47
CA ILE A 292 -65.85 18.64 32.45
C ILE A 292 -64.72 18.35 33.41
N ILE A 293 -65.08 17.80 34.56
CA ILE A 293 -64.12 17.46 35.59
C ILE A 293 -64.08 15.95 35.73
N ILE A 294 -62.87 15.42 35.63
CA ILE A 294 -62.61 13.98 35.66
C ILE A 294 -62.03 13.64 37.01
N VAL A 295 -62.69 12.75 37.73
CA VAL A 295 -62.27 12.41 39.09
C VAL A 295 -61.79 10.98 39.07
N GLN A 296 -60.54 10.77 39.50
CA GLN A 296 -59.96 9.44 39.57
C GLN A 296 -59.85 9.08 41.05
N LEU A 297 -60.46 7.97 41.45
CA LEU A 297 -60.62 7.69 42.86
C LEU A 297 -59.43 6.95 43.44
N ASN A 298 -59.13 7.31 44.69
CA ASN A 298 -58.10 6.61 45.46
C ASN A 298 -58.43 5.13 45.58
N LYS A 299 -59.60 4.81 46.14
CA LYS A 299 -60.09 3.45 46.24
C LYS A 299 -61.49 3.40 45.66
N SER A 300 -61.86 2.24 45.11
CA SER A 300 -63.15 2.16 44.44
C SER A 300 -64.28 1.97 45.44
N VAL A 301 -65.49 2.18 44.96
CA VAL A 301 -66.71 2.04 45.76
C VAL A 301 -67.48 0.83 45.25
N GLU A 302 -67.78 -0.10 46.16
CA GLU A 302 -68.46 -1.35 45.84
C GLU A 302 -69.93 -1.15 45.48
N ILE A 303 -70.33 -1.74 44.36
CA ILE A 303 -71.72 -1.75 43.90
C ILE A 303 -72.10 -3.16 43.51
N ASN A 304 -73.29 -3.60 43.93
CA ASN A 304 -73.79 -4.93 43.59
C ASN A 304 -75.16 -4.75 42.93
N CYS A 305 -75.28 -5.18 41.68
CA CYS A 305 -76.50 -4.97 40.91
C CYS A 305 -77.22 -6.28 40.66
N THR A 306 -78.55 -6.22 40.61
CA THR A 306 -79.34 -7.41 40.37
C THR A 306 -80.63 -7.11 39.61
N ARG A 307 -81.09 -8.15 38.92
CA ARG A 307 -82.36 -8.18 38.22
C ARG A 307 -83.09 -9.36 38.84
N PRO A 308 -83.81 -9.14 39.93
CA PRO A 308 -84.42 -10.26 40.67
C PRO A 308 -85.41 -11.07 39.87
N ASN A 309 -85.97 -10.50 38.80
CA ASN A 309 -87.02 -11.19 38.06
C ASN A 309 -86.43 -12.34 37.26
N ASN A 310 -86.99 -13.52 37.46
CA ASN A 310 -86.59 -14.73 36.75
C ASN A 310 -87.44 -14.81 35.50
N ASN A 311 -86.86 -14.45 34.37
CA ASN A 311 -87.64 -14.34 33.15
C ASN A 311 -87.41 -15.53 32.25
N THR A 312 -88.46 -15.88 31.50
CA THR A 312 -88.40 -16.86 30.43
C THR A 312 -88.43 -16.12 29.10
N ARG A 313 -88.23 -16.86 28.03
CA ARG A 313 -88.31 -16.24 26.72
C ARG A 313 -88.80 -17.26 25.71
N LYS A 314 -89.35 -16.75 24.62
CA LYS A 314 -89.97 -17.62 23.64
C LYS A 314 -89.50 -17.23 22.25
N SER A 315 -89.19 -18.23 21.44
CA SER A 315 -88.92 -17.97 20.05
C SER A 315 -90.23 -18.03 19.27
N ILE A 316 -90.44 -17.03 18.44
CA ILE A 316 -91.66 -16.97 17.64
C ILE A 316 -91.26 -16.99 16.18
N HIS A 317 -92.16 -17.47 15.34
CA HIS A 317 -91.92 -17.44 13.91
C HIS A 317 -92.42 -16.15 13.33
N ILE A 318 -91.56 -15.50 12.55
CA ILE A 318 -91.88 -14.22 11.94
C ILE A 318 -91.83 -14.29 10.43
N GLY A 319 -91.47 -15.43 9.86
CA GLY A 319 -91.39 -15.61 8.43
C GLY A 319 -90.79 -16.96 8.16
N PRO A 320 -90.75 -17.35 6.89
CA PRO A 320 -90.16 -18.65 6.54
C PRO A 320 -88.66 -18.66 6.84
N GLY A 321 -88.25 -19.55 7.73
CA GLY A 321 -86.86 -19.59 8.13
C GLY A 321 -86.41 -18.43 8.99
N ARG A 322 -87.35 -17.76 9.66
CA ARG A 322 -87.01 -16.57 10.44
C ARG A 322 -87.66 -16.62 11.81
N TRP A 323 -86.87 -16.34 12.84
CA TRP A 323 -87.35 -16.37 14.21
C TRP A 323 -86.95 -15.11 14.95
N PHE A 324 -87.65 -14.86 16.04
CA PHE A 324 -87.50 -13.68 16.87
C PHE A 324 -87.75 -14.08 18.30
N TYR A 325 -86.97 -13.54 19.23
CA TYR A 325 -87.21 -13.87 20.62
C TYR A 325 -87.99 -12.77 21.32
N THR A 326 -89.02 -13.18 22.04
CA THR A 326 -89.87 -12.32 22.82
C THR A 326 -89.71 -12.66 24.30
N THR A 327 -89.98 -11.66 25.14
CA THR A 327 -90.06 -11.91 26.57
C THR A 327 -91.23 -12.83 26.87
N GLY A 328 -90.96 -13.88 27.62
CA GLY A 328 -91.96 -14.85 28.02
C GLY A 328 -92.50 -14.51 29.39
N GLU A 329 -93.06 -15.50 30.07
CA GLU A 329 -93.63 -15.20 31.37
C GLU A 329 -92.52 -14.93 32.39
N ILE A 330 -92.92 -14.38 33.54
CA ILE A 330 -92.00 -14.08 34.64
C ILE A 330 -92.37 -14.95 35.83
N ILE A 331 -91.38 -15.61 36.39
CA ILE A 331 -91.56 -16.52 37.52
C ILE A 331 -91.29 -15.75 38.80
N GLY A 332 -92.28 -15.71 39.69
CA GLY A 332 -92.18 -14.98 40.94
C GLY A 332 -92.65 -13.55 40.80
N ASP A 333 -92.62 -12.83 41.93
CA ASP A 333 -93.07 -11.45 41.93
C ASP A 333 -92.22 -10.63 40.98
N ILE A 334 -92.83 -9.65 40.36
CA ILE A 334 -92.09 -8.76 39.49
C ILE A 334 -91.62 -7.59 40.34
N ARG A 335 -90.30 -7.46 40.46
CA ARG A 335 -89.68 -6.46 41.30
C ARG A 335 -88.86 -5.51 40.45
N GLN A 336 -88.33 -4.47 41.11
CA GLN A 336 -87.55 -3.47 40.39
C GLN A 336 -86.10 -3.90 40.31
N ALA A 337 -85.47 -3.52 39.21
CA ALA A 337 -84.02 -3.56 39.17
C ALA A 337 -83.48 -2.56 40.17
N HIS A 338 -82.33 -2.88 40.74
CA HIS A 338 -81.71 -1.96 41.68
C HIS A 338 -80.26 -2.37 41.87
N CYS A 339 -79.48 -1.46 42.42
CA CYS A 339 -78.12 -1.74 42.83
C CYS A 339 -77.95 -1.33 44.27
N ASN A 340 -77.17 -2.12 45.01
CA ASN A 340 -76.82 -1.83 46.40
C ASN A 340 -75.40 -1.27 46.41
N ILE A 341 -75.25 -0.07 46.97
CA ILE A 341 -73.96 0.59 47.05
C ILE A 341 -73.64 0.85 48.51
N SER A 342 -72.39 0.56 48.90
CA SER A 342 -71.95 0.75 50.28
C SER A 342 -71.86 2.24 50.60
N GLY A 343 -72.74 2.69 51.50
CA GLY A 343 -72.72 4.10 51.89
C GLY A 343 -71.42 4.50 52.55
N THR A 344 -70.82 3.58 53.32
CA THR A 344 -69.52 3.82 53.94
C THR A 344 -68.47 4.16 52.91
N LYS A 345 -68.29 3.27 51.94
CA LYS A 345 -67.28 3.48 50.92
C LYS A 345 -67.60 4.70 50.08
N TRP A 346 -68.89 4.88 49.76
CA TRP A 346 -69.29 6.02 48.96
C TRP A 346 -69.02 7.33 49.70
N ASN A 347 -69.47 7.43 50.95
CA ASN A 347 -69.32 8.68 51.68
C ASN A 347 -67.86 9.01 51.93
N ASP A 348 -67.07 8.03 52.36
CA ASP A 348 -65.65 8.26 52.57
C ASP A 348 -64.97 8.69 51.28
N THR A 349 -65.39 8.13 50.16
CA THR A 349 -64.85 8.53 48.87
C THR A 349 -65.14 10.00 48.63
N LEU A 350 -66.38 10.42 48.87
CA LEU A 350 -66.79 11.80 48.69
C LEU A 350 -65.97 12.74 49.55
N LYS A 351 -65.69 12.32 50.79
CA LYS A 351 -64.90 13.14 51.70
C LYS A 351 -63.58 13.52 51.06
N GLN A 352 -62.89 12.55 50.48
CA GLN A 352 -61.61 12.83 49.85
C GLN A 352 -61.80 13.72 48.63
N ILE A 353 -62.88 13.49 47.86
CA ILE A 353 -63.13 14.30 46.68
C ILE A 353 -63.36 15.74 47.05
N VAL A 354 -64.20 15.98 48.07
CA VAL A 354 -64.51 17.33 48.53
C VAL A 354 -63.26 18.06 48.96
N VAL A 355 -62.38 17.38 49.69
CA VAL A 355 -61.10 17.97 50.14
C VAL A 355 -60.30 18.46 48.96
N LYS A 356 -60.27 17.70 47.87
CA LYS A 356 -59.53 18.12 46.70
C LYS A 356 -60.26 19.22 45.96
N LEU A 357 -61.60 19.14 45.89
CA LEU A 357 -62.37 20.18 45.22
C LEU A 357 -62.15 21.53 45.88
N LYS A 358 -61.99 21.54 47.21
CA LYS A 358 -61.76 22.78 47.94
C LYS A 358 -60.55 23.54 47.41
N GLU A 359 -59.56 22.83 46.86
CA GLU A 359 -58.33 23.46 46.38
C GLU A 359 -58.60 24.44 45.26
N GLN A 360 -59.67 24.22 44.53
CA GLN A 360 -60.01 25.04 43.39
C GLN A 360 -61.28 25.81 43.57
N PHE A 361 -62.24 25.25 44.31
CA PHE A 361 -63.60 25.75 44.30
C PHE A 361 -64.06 26.25 45.65
N GLY A 362 -63.18 26.38 46.62
CA GLY A 362 -63.61 27.05 47.82
C GLY A 362 -63.79 26.11 48.99
N ASN A 363 -63.63 26.66 50.19
CA ASN A 363 -63.56 25.86 51.41
C ASN A 363 -64.92 25.60 52.08
N LYS A 364 -65.98 26.32 51.70
CA LYS A 364 -67.31 26.11 52.28
C LYS A 364 -68.36 25.90 51.21
N THR A 365 -67.95 25.52 50.02
CA THR A 365 -68.85 25.42 48.88
C THR A 365 -69.70 24.17 48.92
N ILE A 366 -71.00 24.35 48.74
CA ILE A 366 -71.97 23.26 48.74
C ILE A 366 -71.94 22.55 47.39
N VAL A 367 -71.75 21.24 47.42
CA VAL A 367 -71.53 20.44 46.23
C VAL A 367 -72.42 19.21 46.29
N PHE A 368 -72.62 18.58 45.13
CA PHE A 368 -73.30 17.28 44.95
C PHE A 368 -74.80 17.28 45.24
N ASN A 369 -75.59 17.86 44.36
CA ASN A 369 -77.04 17.79 44.48
C ASN A 369 -77.56 16.72 43.52
N HIS A 370 -78.88 16.55 43.49
CA HIS A 370 -79.56 15.51 42.74
C HIS A 370 -79.22 15.53 41.26
N SER A 371 -79.56 14.43 40.61
CA SER A 371 -79.31 14.30 39.18
C SER A 371 -80.24 15.20 38.39
N SER A 372 -79.66 15.87 37.39
CA SER A 372 -80.42 16.72 36.49
C SER A 372 -79.57 17.03 35.27
N GLY A 373 -80.23 17.23 34.13
CA GLY A 373 -79.55 17.64 32.93
C GLY A 373 -79.40 16.55 31.90
N GLY A 374 -79.79 16.84 30.66
CA GLY A 374 -79.76 15.86 29.59
C GLY A 374 -81.05 15.07 29.49
N ASP A 375 -81.07 14.15 28.53
CA ASP A 375 -82.26 13.34 28.27
C ASP A 375 -82.23 12.19 29.30
N PRO A 376 -83.25 11.31 29.33
CA PRO A 376 -83.27 10.27 30.38
C PRO A 376 -82.05 9.37 30.44
N GLU A 377 -81.31 9.21 29.36
CA GLU A 377 -80.16 8.32 29.39
C GLU A 377 -78.91 9.04 29.86
N ILE A 378 -78.98 10.36 30.01
CA ILE A 378 -77.89 11.14 30.57
C ILE A 378 -78.15 11.43 32.04
N VAL A 379 -79.42 11.69 32.37
CA VAL A 379 -79.82 11.92 33.75
C VAL A 379 -79.70 10.66 34.58
N MET A 380 -80.00 9.51 34.00
CA MET A 380 -79.81 8.24 34.68
C MET A 380 -78.38 7.75 34.50
N HIS A 381 -77.90 7.02 35.48
CA HIS A 381 -76.64 6.29 35.31
C HIS A 381 -76.90 5.05 34.46
N SER A 382 -75.96 4.74 33.57
CA SER A 382 -76.18 3.65 32.63
C SER A 382 -75.05 2.63 32.71
N PHE A 383 -75.41 1.36 32.59
CA PHE A 383 -74.47 0.25 32.46
C PHE A 383 -75.19 -0.92 31.84
N ASN A 384 -74.41 -1.93 31.46
CA ASN A 384 -74.90 -3.10 30.71
C ASN A 384 -74.68 -4.42 31.43
N CYS A 385 -75.04 -4.50 32.71
CA CYS A 385 -74.89 -5.74 33.47
C CYS A 385 -75.71 -6.86 32.85
N GLY A 386 -75.02 -7.95 32.51
CA GLY A 386 -75.66 -9.14 31.99
C GLY A 386 -76.13 -9.02 30.55
N GLY A 387 -75.81 -7.93 29.87
CA GLY A 387 -76.27 -7.73 28.52
C GLY A 387 -77.52 -6.89 28.42
N GLU A 388 -78.18 -6.61 29.53
CA GLU A 388 -79.35 -5.74 29.52
C GLU A 388 -78.90 -4.37 29.99
N PHE A 389 -79.48 -3.34 29.39
CA PHE A 389 -79.01 -2.00 29.72
C PHE A 389 -79.86 -1.45 30.86
N PHE A 390 -79.20 -1.11 31.95
CA PHE A 390 -79.86 -0.64 33.16
C PHE A 390 -79.70 0.87 33.25
N TYR A 391 -80.77 1.56 33.60
CA TYR A 391 -80.69 3.02 33.74
C TYR A 391 -81.23 3.32 35.13
N CYS A 392 -80.33 3.66 36.03
CA CYS A 392 -80.64 3.77 37.45
C CYS A 392 -80.54 5.22 37.89
N ASN A 393 -81.30 5.56 38.92
CA ASN A 393 -81.35 6.95 39.35
C ASN A 393 -80.24 7.18 40.37
N SER A 394 -79.16 7.80 39.91
CA SER A 394 -77.99 8.10 40.71
C SER A 394 -78.24 9.16 41.78
N THR A 395 -79.41 9.82 41.75
CA THR A 395 -79.78 10.80 42.77
C THR A 395 -79.58 10.27 44.19
N GLN A 396 -79.85 8.97 44.42
CA GLN A 396 -79.66 8.39 45.75
C GLN A 396 -78.23 8.48 46.25
N LEU A 397 -77.26 8.66 45.36
CA LEU A 397 -75.88 8.94 45.73
C LEU A 397 -75.63 10.42 45.96
N PHE A 398 -76.41 11.28 45.31
CA PHE A 398 -76.23 12.73 45.38
C PHE A 398 -77.49 13.41 45.91
N ASN A 399 -78.24 12.72 46.76
CA ASN A 399 -79.48 13.26 47.32
C ASN A 399 -79.26 14.03 48.60
N SER A 400 -78.01 14.30 48.93
CA SER A 400 -77.66 15.08 50.10
C SER A 400 -76.42 15.86 49.72
N THR A 401 -76.50 17.17 49.86
CA THR A 401 -75.38 17.99 49.47
C THR A 401 -74.35 18.06 50.59
N TRP A 402 -73.20 18.63 50.26
CA TRP A 402 -72.19 18.86 51.27
C TRP A 402 -72.71 19.83 52.33
N ILE A 412 -77.01 2.06 50.24
CA ILE A 412 -77.74 2.96 49.37
C ILE A 412 -78.32 2.11 48.26
N VAL A 413 -79.63 2.23 48.04
CA VAL A 413 -80.33 1.41 47.07
C VAL A 413 -80.86 2.31 45.97
N LEU A 414 -80.47 2.02 44.73
CA LEU A 414 -80.89 2.87 43.63
C LEU A 414 -82.05 2.22 42.93
N PRO A 415 -83.17 2.91 42.70
CA PRO A 415 -84.20 2.34 41.84
C PRO A 415 -83.71 2.38 40.40
N CYS A 416 -84.23 1.47 39.58
CA CYS A 416 -83.63 1.29 38.26
C CYS A 416 -84.63 0.65 37.32
N ARG A 417 -84.55 1.02 36.04
CA ARG A 417 -85.37 0.43 34.99
C ARG A 417 -84.48 -0.14 33.90
N ILE A 418 -85.07 -1.01 33.09
CA ILE A 418 -84.35 -1.70 32.02
C ILE A 418 -84.98 -1.37 30.67
N LYS A 419 -84.13 -1.07 29.70
CA LYS A 419 -84.51 -0.78 28.32
C LYS A 419 -83.85 -1.77 27.37
N GLN A 420 -84.57 -2.16 26.31
CA GLN A 420 -84.01 -3.05 25.30
C GLN A 420 -83.66 -2.39 23.96
N ILE A 421 -84.40 -1.39 23.50
CA ILE A 421 -84.03 -0.71 22.25
C ILE A 421 -83.04 0.38 22.61
N VAL A 422 -81.77 0.18 22.27
CA VAL A 422 -80.72 1.05 22.77
C VAL A 422 -79.89 1.55 21.61
N ASN A 423 -79.04 2.54 21.91
CA ASN A 423 -78.20 3.19 20.93
C ASN A 423 -76.76 3.17 21.43
N MET A 424 -75.87 2.54 20.69
CA MET A 424 -74.48 2.51 21.07
C MET A 424 -73.88 3.89 20.86
N TRP A 425 -73.97 4.70 21.91
CA TRP A 425 -73.42 6.04 22.16
C TRP A 425 -74.16 7.12 21.40
N GLN A 426 -74.66 6.75 20.22
CA GLN A 426 -75.56 7.44 19.33
C GLN A 426 -75.66 6.51 18.14
N GLU A 427 -76.86 6.28 17.64
CA GLU A 427 -77.00 5.48 16.44
C GLU A 427 -77.97 6.17 15.50
N VAL A 428 -77.66 6.10 14.22
CA VAL A 428 -78.43 6.74 13.18
C VAL A 428 -78.98 5.66 12.29
N GLY A 429 -80.29 5.69 12.06
CA GLY A 429 -80.90 4.66 11.27
C GLY A 429 -80.90 3.38 12.07
N LYS A 430 -80.21 2.37 11.52
CA LYS A 430 -80.11 1.06 12.15
C LYS A 430 -79.65 1.15 13.59
N ALA A 431 -80.31 0.38 14.45
CA ALA A 431 -79.99 0.37 15.87
C ALA A 431 -80.15 -1.03 16.44
N MET A 432 -79.72 -1.20 17.68
CA MET A 432 -79.76 -2.51 18.33
C MET A 432 -80.89 -2.65 19.33
N TYR A 433 -81.54 -3.82 19.27
CA TYR A 433 -82.54 -4.25 20.22
C TYR A 433 -82.01 -5.47 20.94
N ALA A 434 -81.98 -5.42 22.26
CA ALA A 434 -81.45 -6.54 23.01
C ALA A 434 -82.45 -7.69 23.02
N PRO A 435 -81.97 -8.92 22.97
CA PRO A 435 -82.84 -10.06 23.16
C PRO A 435 -83.18 -10.20 24.63
N PRO A 436 -84.25 -10.90 24.96
CA PRO A 436 -84.54 -11.18 26.36
C PRO A 436 -83.50 -12.11 26.93
N ILE A 437 -83.16 -11.90 28.20
CA ILE A 437 -82.19 -12.75 28.88
C ILE A 437 -82.96 -13.63 29.85
N LYS A 438 -82.76 -14.94 29.70
CA LYS A 438 -83.47 -15.92 30.50
C LYS A 438 -82.81 -16.10 31.85
N GLY A 439 -83.63 -16.16 32.90
CA GLY A 439 -83.13 -16.32 34.24
C GLY A 439 -82.96 -15.00 34.95
N GLN A 440 -81.98 -14.93 35.85
CA GLN A 440 -81.72 -13.76 36.66
C GLN A 440 -80.36 -13.17 36.29
N ILE A 441 -80.21 -11.88 36.52
CA ILE A 441 -78.95 -11.20 36.23
C ILE A 441 -78.33 -10.74 37.54
N ARG A 442 -77.08 -11.10 37.75
CA ARG A 442 -76.30 -10.65 38.89
C ARG A 442 -74.91 -10.29 38.41
N CYS A 443 -74.34 -9.24 38.99
CA CYS A 443 -72.98 -8.85 38.71
C CYS A 443 -72.46 -8.00 39.84
N SER A 444 -71.15 -7.79 39.85
CA SER A 444 -70.53 -6.96 40.86
C SER A 444 -69.40 -6.18 40.22
N SER A 445 -69.34 -4.91 40.56
CA SER A 445 -68.36 -4.01 40.01
C SER A 445 -68.07 -2.96 41.05
N ASN A 446 -67.23 -2.00 40.69
CA ASN A 446 -66.94 -0.92 41.62
C ASN A 446 -66.66 0.37 40.86
N ILE A 447 -67.00 1.47 41.51
CA ILE A 447 -66.81 2.78 40.91
C ILE A 447 -65.36 3.15 41.09
N THR A 448 -64.68 3.38 39.98
CA THR A 448 -63.27 3.68 40.02
C THR A 448 -63.00 5.13 39.64
N GLY A 449 -64.00 5.78 39.07
CA GLY A 449 -63.89 7.16 38.67
C GLY A 449 -65.27 7.70 38.40
N LEU A 450 -65.33 9.00 38.15
CA LEU A 450 -66.61 9.63 37.85
C LEU A 450 -66.38 10.98 37.21
N ILE A 451 -67.41 11.47 36.56
CA ILE A 451 -67.37 12.75 35.86
C ILE A 451 -68.30 13.72 36.55
N LEU A 452 -67.80 14.91 36.85
CA LEU A 452 -68.60 15.95 37.46
C LEU A 452 -68.80 17.07 36.46
N ILE A 453 -69.97 17.69 36.49
CA ILE A 453 -70.25 18.84 35.64
C ILE A 453 -70.67 20.02 36.50
N ARG A 454 -70.30 21.21 36.05
CA ARG A 454 -70.64 22.43 36.75
C ARG A 454 -71.99 22.95 36.27
N ASP A 455 -72.80 23.45 37.20
CA ASP A 455 -74.16 23.83 36.87
C ASP A 455 -74.28 25.15 36.09
N GLY A 456 -73.29 26.03 36.14
CA GLY A 456 -73.38 27.24 35.32
C GLY A 456 -73.02 28.49 36.12
N GLY A 457 -73.49 29.62 35.59
CA GLY A 457 -73.17 30.90 36.21
C GLY A 457 -73.80 31.06 37.58
N LYS A 458 -73.11 31.78 38.45
CA LYS A 458 -73.55 31.96 39.83
C LYS A 458 -72.78 33.11 40.46
N ASN A 459 -73.22 33.47 41.66
CA ASN A 459 -72.47 34.40 42.52
C ASN A 459 -71.09 33.84 42.81
N ARG A 460 -70.06 34.68 42.57
CA ARG A 460 -68.66 34.29 42.75
C ARG A 460 -68.38 33.72 44.13
N SER A 461 -69.12 34.15 45.15
CA SER A 461 -68.89 33.74 46.53
C SER A 461 -68.96 32.22 46.68
N GLU A 462 -68.14 31.68 47.58
CA GLU A 462 -67.99 30.25 47.76
C GLU A 462 -69.21 29.66 48.47
N ASN A 463 -70.38 29.75 47.86
CA ASN A 463 -71.61 29.26 48.43
C ASN A 463 -71.96 27.89 47.88
N THR A 464 -72.10 27.81 46.56
CA THR A 464 -72.50 26.59 45.89
C THR A 464 -71.60 26.38 44.68
N GLU A 465 -71.50 25.11 44.30
CA GLU A 465 -70.97 24.69 43.02
C GLU A 465 -71.55 23.29 42.89
N ILE A 466 -72.59 23.13 42.11
CA ILE A 466 -73.37 21.91 42.16
C ILE A 466 -72.80 20.93 41.15
N PHE A 467 -71.84 20.13 41.61
CA PHE A 467 -71.14 19.15 40.79
C PHE A 467 -72.08 17.99 40.58
N ARG A 468 -72.90 18.12 39.57
CA ARG A 468 -73.86 17.10 39.27
C ARG A 468 -73.16 15.98 38.52
N PRO A 469 -73.66 14.74 38.60
CA PRO A 469 -73.13 13.71 37.73
C PRO A 469 -73.54 14.02 36.31
N GLY A 470 -72.71 13.62 35.36
CA GLY A 470 -73.05 13.84 33.99
C GLY A 470 -71.98 13.33 33.06
N GLY A 471 -72.10 13.77 31.81
CA GLY A 471 -71.18 13.38 30.78
C GLY A 471 -71.77 12.34 29.86
N GLY A 472 -72.00 12.73 28.60
CA GLY A 472 -72.53 11.84 27.60
C GLY A 472 -71.55 11.51 26.49
N ASP A 473 -70.34 12.03 26.54
CA ASP A 473 -69.38 11.79 25.46
C ASP A 473 -68.63 10.53 25.84
N MET A 474 -69.00 9.43 25.19
CA MET A 474 -68.49 8.12 25.59
C MET A 474 -67.01 7.98 25.37
N ARG A 475 -66.40 8.83 24.52
CA ARG A 475 -64.96 8.82 24.29
C ARG A 475 -64.15 9.04 25.56
N ASP A 476 -64.73 9.74 26.55
CA ASP A 476 -64.05 9.96 27.80
C ASP A 476 -63.85 8.68 28.61
N ASN A 477 -64.60 7.61 28.31
CA ASN A 477 -64.39 6.36 29.02
C ASN A 477 -63.09 5.68 28.63
N TRP A 478 -62.43 6.13 27.58
CA TRP A 478 -61.13 5.61 27.24
C TRP A 478 -60.03 6.63 27.44
N ARG A 479 -60.35 7.90 27.19
CA ARG A 479 -59.43 8.98 27.46
C ARG A 479 -58.99 8.99 28.91
N SER A 480 -59.89 8.64 29.82
CA SER A 480 -59.59 8.57 31.24
C SER A 480 -58.48 7.60 31.58
N GLU A 481 -58.12 6.71 30.67
CA GLU A 481 -56.98 5.83 30.88
C GLU A 481 -55.82 6.20 29.99
N LEU A 482 -56.12 6.65 28.77
CA LEU A 482 -55.10 6.96 27.78
C LEU A 482 -54.21 8.13 28.16
N TYR A 483 -54.65 8.97 29.09
CA TYR A 483 -53.92 10.15 29.54
C TYR A 483 -52.48 9.85 29.93
N LYS A 484 -52.16 8.60 30.18
CA LYS A 484 -50.84 8.21 30.59
C LYS A 484 -49.85 8.14 29.44
N TYR A 485 -50.30 8.14 28.18
CA TYR A 485 -49.42 7.75 27.08
C TYR A 485 -49.35 8.83 26.01
N LYS A 486 -48.25 8.81 25.26
CA LYS A 486 -48.01 9.68 24.13
C LYS A 486 -47.23 8.88 23.08
N VAL A 487 -47.54 9.12 21.79
CA VAL A 487 -46.90 8.40 20.69
C VAL A 487 -46.02 9.35 19.91
N VAL A 488 -44.78 8.93 19.62
CA VAL A 488 -43.83 9.75 18.88
C VAL A 488 -43.20 8.95 17.74
N LYS A 489 -42.70 9.68 16.75
CA LYS A 489 -41.96 9.12 15.64
C LYS A 489 -40.47 9.35 15.84
N ILE A 490 -39.69 8.30 15.65
CA ILE A 490 -38.27 8.36 15.95
C ILE A 490 -37.50 8.51 14.65
N GLU A 491 -36.59 9.48 14.63
CA GLU A 491 -35.82 9.87 13.45
C GLU A 491 -34.36 9.47 13.62
N PRO A 492 -33.94 8.33 13.06
CA PRO A 492 -32.59 7.81 13.33
C PRO A 492 -31.48 8.49 12.55
N LEU A 493 -31.80 9.31 11.57
CA LEU A 493 -30.81 9.89 10.68
C LEU A 493 -30.46 11.30 11.12
N GLY A 494 -29.17 11.57 11.28
CA GLY A 494 -28.72 12.90 11.65
C GLY A 494 -27.24 13.09 11.40
N ILE A 495 -26.79 14.33 11.56
CA ILE A 495 -25.42 14.72 11.28
C ILE A 495 -24.86 15.56 12.41
N ALA A 496 -23.53 15.67 12.43
CA ALA A 496 -22.81 16.50 13.38
C ALA A 496 -21.40 16.73 12.82
N PRO A 497 -20.72 17.81 13.24
CA PRO A 497 -19.36 18.04 12.76
C PRO A 497 -18.38 17.05 13.37
N THR A 498 -17.25 16.86 12.67
CA THR A 498 -16.15 16.04 13.16
C THR A 498 -14.83 16.75 12.92
N LYS A 499 -13.73 16.05 13.18
CA LYS A 499 -12.40 16.62 13.10
C LYS A 499 -11.78 16.55 11.70
N CYS A 500 -12.06 15.51 10.91
CA CYS A 500 -11.26 15.27 9.71
C CYS A 500 -12.12 15.15 8.46
N LYS A 501 -11.47 15.27 7.31
CA LYS A 501 -12.06 15.02 6.00
C LYS A 501 -12.04 13.54 5.68
N ARG A 502 -13.09 13.06 4.99
CA ARG A 502 -13.06 11.72 4.39
C ARG A 502 -11.86 11.60 3.47
N ARG A 503 -11.15 10.48 3.59
CA ARG A 503 -9.97 10.20 2.78
C ARG A 503 -10.42 9.84 1.37
N VAL A 504 -10.75 10.86 0.60
CA VAL A 504 -11.28 10.67 -0.74
C VAL A 504 -10.12 10.65 -1.73
N VAL A 505 -10.10 9.63 -2.56
CA VAL A 505 -9.17 9.56 -3.68
C VAL A 505 -9.77 10.20 -4.92
N ALA B 1 -16.98 2.78 45.10
CA ALA B 1 -18.01 1.79 44.82
C ALA B 1 -18.92 2.27 43.70
N VAL B 2 -19.22 1.37 42.78
CA VAL B 2 -20.02 1.72 41.62
C VAL B 2 -21.12 0.70 41.39
N GLY B 3 -22.35 1.19 41.23
CA GLY B 3 -23.45 0.36 40.82
C GLY B 3 -23.60 0.41 39.31
N ILE B 4 -23.92 -0.74 38.72
CA ILE B 4 -23.97 -0.85 37.26
C ILE B 4 -25.29 -1.42 36.81
N GLY B 5 -25.70 -1.00 35.61
CA GLY B 5 -26.81 -1.63 34.92
C GLY B 5 -26.34 -2.92 34.29
N ALA B 6 -27.23 -3.56 33.54
CA ALA B 6 -26.87 -4.86 32.99
C ALA B 6 -25.84 -4.75 31.86
N VAL B 7 -26.26 -4.30 30.70
CA VAL B 7 -25.41 -4.39 29.52
C VAL B 7 -25.28 -3.08 28.78
N PHE B 8 -26.39 -2.47 28.38
CA PHE B 8 -26.34 -1.28 27.56
C PHE B 8 -27.68 -0.56 27.63
N LEU B 9 -27.68 0.63 27.02
CA LEU B 9 -28.83 1.51 26.97
C LEU B 9 -30.08 0.73 26.56
N GLY B 10 -31.15 0.89 27.33
CA GLY B 10 -32.41 0.26 27.01
C GLY B 10 -32.99 0.76 25.71
N PHE B 11 -33.38 2.04 25.68
CA PHE B 11 -34.01 2.59 24.49
C PHE B 11 -34.11 4.10 24.68
N LEU B 12 -33.51 4.83 23.75
CA LEU B 12 -33.55 6.30 23.66
C LEU B 12 -33.01 7.09 24.85
N GLY B 13 -32.76 6.46 26.00
CA GLY B 13 -32.39 7.24 27.18
C GLY B 13 -31.23 8.18 26.96
N ALA B 14 -30.26 7.76 26.15
CA ALA B 14 -29.07 8.55 25.88
C ALA B 14 -29.36 9.85 25.16
N ALA B 15 -30.59 10.03 24.64
CA ALA B 15 -30.99 11.21 23.89
C ALA B 15 -30.78 12.51 24.63
N GLY B 16 -30.82 12.47 25.95
CA GLY B 16 -30.57 13.63 26.75
C GLY B 16 -29.18 13.71 27.35
N SER B 17 -28.28 12.81 26.97
CA SER B 17 -26.92 12.92 27.43
C SER B 17 -26.10 13.47 26.28
N THR B 18 -24.85 13.80 26.56
CA THR B 18 -24.03 14.37 25.49
C THR B 18 -23.93 13.40 24.32
N MET B 19 -23.80 14.00 23.14
CA MET B 19 -23.72 13.23 21.90
C MET B 19 -22.53 12.31 21.91
N GLY B 20 -21.44 12.73 22.55
CA GLY B 20 -20.28 11.90 22.73
C GLY B 20 -20.64 10.58 23.39
N ALA B 21 -21.21 10.67 24.59
CA ALA B 21 -21.59 9.46 25.32
C ALA B 21 -22.67 8.69 24.58
N ALA B 22 -23.64 9.41 24.02
CA ALA B 22 -24.72 8.74 23.30
C ALA B 22 -24.23 7.92 22.10
N SER B 23 -23.14 8.34 21.46
CA SER B 23 -22.64 7.61 20.30
C SER B 23 -22.31 6.16 20.61
N MET B 24 -22.10 5.83 21.88
CA MET B 24 -21.71 4.48 22.25
C MET B 24 -22.74 3.44 21.84
N THR B 25 -24.02 3.80 21.81
CA THR B 25 -25.08 2.81 21.60
C THR B 25 -25.83 3.03 20.30
N LEU B 26 -25.18 3.64 19.30
CA LEU B 26 -25.80 3.77 17.99
C LEU B 26 -26.12 2.40 17.40
N THR B 27 -25.27 1.41 17.66
CA THR B 27 -25.54 0.06 17.20
C THR B 27 -26.80 -0.50 17.81
N VAL B 28 -27.04 -0.16 19.07
CA VAL B 28 -28.24 -0.63 19.77
C VAL B 28 -29.47 0.04 19.22
N GLN B 29 -29.44 1.37 19.19
CA GLN B 29 -30.60 2.15 18.81
C GLN B 29 -30.97 1.87 17.37
N ALA B 30 -29.98 1.81 16.47
CA ALA B 30 -30.25 1.58 15.07
C ALA B 30 -30.93 0.24 14.84
N ARG B 31 -30.41 -0.82 15.44
CA ARG B 31 -30.96 -2.17 15.28
C ARG B 31 -32.40 -2.23 15.73
N GLN B 32 -32.68 -1.60 16.88
CA GLN B 32 -34.01 -1.60 17.47
C GLN B 32 -35.01 -0.87 16.60
N LEU B 33 -34.59 0.21 15.96
CA LEU B 33 -35.52 0.98 15.15
C LEU B 33 -35.71 0.37 13.78
N LEU B 34 -34.61 -0.12 13.20
CA LEU B 34 -34.65 -0.69 11.87
C LEU B 34 -35.56 -1.91 11.82
N SER B 35 -35.53 -2.72 12.86
CA SER B 35 -36.34 -3.93 12.87
C SER B 35 -36.94 -4.16 14.25
N TRP B 60 -58.21 -5.51 10.32
CA TRP B 60 -56.99 -5.58 11.10
C TRP B 60 -55.82 -5.96 10.23
N GLY B 61 -56.02 -6.93 9.33
CA GLY B 61 -54.94 -7.34 8.45
C GLY B 61 -54.52 -6.25 7.47
N ILE B 62 -55.52 -5.52 6.95
CA ILE B 62 -55.26 -4.50 5.93
C ILE B 62 -54.58 -3.28 6.54
N LYS B 63 -55.07 -2.83 7.69
CA LYS B 63 -54.44 -1.69 8.36
C LYS B 63 -52.99 -1.99 8.69
N GLN B 64 -52.71 -3.19 9.17
CA GLN B 64 -51.33 -3.61 9.41
C GLN B 64 -50.56 -3.74 8.10
N LEU B 65 -51.22 -4.28 7.06
CA LEU B 65 -50.62 -4.39 5.73
C LEU B 65 -50.15 -3.04 5.23
N GLN B 66 -50.99 -2.02 5.37
CA GLN B 66 -50.60 -0.67 5.03
C GLN B 66 -49.40 -0.22 5.83
N ALA B 67 -49.43 -0.46 7.14
CA ALA B 67 -48.33 -0.05 8.01
C ALA B 67 -47.03 -0.71 7.60
N ARG B 68 -47.11 -1.99 7.22
CA ARG B 68 -45.91 -2.72 6.81
C ARG B 68 -45.25 -2.08 5.60
N VAL B 69 -46.07 -1.73 4.60
CA VAL B 69 -45.54 -1.12 3.39
C VAL B 69 -44.90 0.21 3.72
N LEU B 70 -45.54 0.99 4.58
CA LEU B 70 -44.99 2.27 5.01
C LEU B 70 -43.67 2.10 5.73
N ALA B 71 -43.59 1.08 6.59
CA ALA B 71 -42.34 0.81 7.28
C ALA B 71 -41.22 0.50 6.30
N VAL B 72 -41.55 -0.26 5.25
CA VAL B 72 -40.56 -0.60 4.24
C VAL B 72 -40.05 0.66 3.55
N GLU B 73 -40.98 1.53 3.15
CA GLU B 73 -40.62 2.76 2.46
C GLU B 73 -39.73 3.66 3.32
N ARG B 74 -40.05 3.76 4.61
CA ARG B 74 -39.20 4.52 5.51
C ARG B 74 -37.84 3.88 5.64
N TYR B 75 -37.83 2.55 5.80
CA TYR B 75 -36.59 1.79 5.86
C TYR B 75 -35.72 2.05 4.64
N LEU B 76 -36.31 1.91 3.46
CA LEU B 76 -35.53 2.01 2.24
C LEU B 76 -35.10 3.44 1.96
N LYS B 77 -35.95 4.42 2.33
CA LYS B 77 -35.61 5.82 2.16
C LYS B 77 -34.29 6.16 2.81
N ASP B 78 -34.11 5.74 4.05
CA ASP B 78 -32.86 5.98 4.76
C ASP B 78 -31.72 5.24 4.09
N GLN B 79 -31.96 4.00 3.66
CA GLN B 79 -30.92 3.22 2.99
C GLN B 79 -30.51 3.86 1.69
N GLN B 80 -31.46 4.47 0.98
CA GLN B 80 -31.12 5.15 -0.27
C GLN B 80 -30.11 6.25 -0.03
N LEU B 81 -30.38 7.11 0.94
CA LEU B 81 -29.48 8.22 1.24
C LEU B 81 -28.13 7.73 1.72
N LEU B 82 -28.11 6.73 2.59
CA LEU B 82 -26.86 6.19 3.08
C LEU B 82 -26.06 5.57 1.94
N GLY B 83 -26.74 4.89 1.01
CA GLY B 83 -26.07 4.39 -0.17
C GLY B 83 -25.43 5.49 -1.00
N ILE B 84 -26.23 6.49 -1.37
CA ILE B 84 -25.76 7.61 -2.20
C ILE B 84 -24.60 8.34 -1.56
N TRP B 85 -24.69 8.57 -0.26
CA TRP B 85 -23.67 9.34 0.45
C TRP B 85 -22.39 8.54 0.67
N GLY B 86 -22.37 7.26 0.29
CA GLY B 86 -21.20 6.45 0.54
C GLY B 86 -21.08 6.07 1.99
N CYS B 87 -22.21 5.92 2.67
CA CYS B 87 -22.24 5.65 4.10
C CYS B 87 -22.84 4.30 4.43
N SER B 88 -23.32 3.57 3.42
CA SER B 88 -23.99 2.29 3.65
C SER B 88 -23.10 1.32 4.41
N GLY B 89 -23.69 0.63 5.38
CA GLY B 89 -22.97 -0.28 6.22
C GLY B 89 -22.37 0.37 7.44
N LYS B 90 -22.39 1.69 7.52
CA LYS B 90 -21.80 2.40 8.64
C LYS B 90 -22.91 3.09 9.41
N LEU B 91 -22.72 3.22 10.71
CA LEU B 91 -23.54 4.11 11.49
C LEU B 91 -22.84 5.42 11.78
N ILE B 92 -21.55 5.48 11.46
CA ILE B 92 -20.70 6.65 11.61
C ILE B 92 -19.89 6.71 10.32
N CYS B 93 -20.12 7.74 9.51
CA CYS B 93 -19.24 7.90 8.36
C CYS B 93 -18.86 9.36 8.13
N CYS B 94 -17.59 9.55 7.84
CA CYS B 94 -17.08 10.87 7.57
C CYS B 94 -17.38 11.25 6.13
N THR B 95 -17.83 12.47 5.92
CA THR B 95 -18.04 12.97 4.57
C THR B 95 -16.87 13.86 4.20
N ALA B 96 -16.96 14.48 3.03
CA ALA B 96 -15.93 15.41 2.57
C ALA B 96 -16.52 16.80 2.36
N VAL B 97 -17.59 17.10 3.08
CA VAL B 97 -18.24 18.41 3.01
C VAL B 97 -17.75 19.23 4.20
N PRO B 98 -17.13 20.38 3.97
CA PRO B 98 -16.67 21.20 5.10
C PRO B 98 -17.83 21.79 5.88
N TRP B 99 -17.59 21.98 7.16
CA TRP B 99 -18.57 22.60 8.03
C TRP B 99 -18.53 24.10 7.85
N ASN B 100 -19.64 24.67 7.46
CA ASN B 100 -19.72 26.12 7.39
C ASN B 100 -20.06 26.62 8.78
N THR B 101 -19.12 27.34 9.38
CA THR B 101 -19.27 27.81 10.74
C THR B 101 -20.41 28.82 10.90
N SER B 102 -21.00 29.28 9.80
CA SER B 102 -22.22 30.08 9.88
C SER B 102 -23.34 29.29 10.54
N TRP B 103 -23.37 27.97 10.30
CA TRP B 103 -24.40 27.14 10.90
C TRP B 103 -24.27 27.10 12.41
N SER B 104 -23.04 26.94 12.89
CA SER B 104 -22.74 27.00 14.31
C SER B 104 -21.25 27.18 14.44
N ASN B 105 -20.84 28.15 15.27
CA ASN B 105 -19.44 28.46 15.48
C ASN B 105 -18.88 27.77 16.70
N LYS B 106 -19.56 26.76 17.22
CA LYS B 106 -19.02 26.01 18.34
C LYS B 106 -17.89 25.10 17.88
N SER B 107 -16.90 24.90 18.76
CA SER B 107 -15.81 24.00 18.49
C SER B 107 -16.26 22.56 18.67
N TYR B 108 -15.38 21.63 18.27
CA TYR B 108 -15.67 20.21 18.40
C TYR B 108 -16.08 19.85 19.83
N ASN B 109 -15.22 20.19 20.79
CA ASN B 109 -15.51 19.84 22.18
C ASN B 109 -16.72 20.59 22.73
N GLN B 110 -16.93 21.83 22.30
CA GLN B 110 -18.08 22.61 22.75
C GLN B 110 -19.42 22.03 22.32
N ILE B 111 -19.41 21.10 21.39
CA ILE B 111 -20.63 20.47 20.90
C ILE B 111 -20.74 19.11 21.53
N TRP B 112 -19.73 18.29 21.27
CA TRP B 112 -19.79 16.87 21.53
C TRP B 112 -19.72 16.53 23.00
N ASN B 113 -19.04 17.35 23.77
CA ASN B 113 -18.93 17.13 25.20
C ASN B 113 -19.86 18.04 25.97
N ASN B 114 -20.74 18.75 25.29
CA ASN B 114 -21.58 19.68 25.99
C ASN B 114 -23.02 19.74 25.48
N MET B 115 -23.41 18.89 24.55
CA MET B 115 -24.76 19.05 24.02
C MET B 115 -25.31 17.69 23.64
N THR B 116 -26.62 17.54 23.82
CA THR B 116 -27.31 16.29 23.62
C THR B 116 -27.74 16.17 22.16
N TRP B 117 -28.17 14.97 21.78
CA TRP B 117 -28.71 14.81 20.44
C TRP B 117 -30.01 15.60 20.24
N MET B 118 -30.91 15.58 21.22
CA MET B 118 -32.14 16.35 21.04
C MET B 118 -31.83 17.82 20.86
N GLU B 119 -30.91 18.35 21.66
CA GLU B 119 -30.58 19.77 21.58
C GLU B 119 -29.88 20.09 20.27
N TRP B 120 -28.92 19.26 19.86
CA TRP B 120 -28.14 19.53 18.67
C TRP B 120 -28.99 19.58 17.42
N GLU B 121 -29.89 18.60 17.27
CA GLU B 121 -30.71 18.52 16.07
C GLU B 121 -31.56 19.76 15.91
N ARG B 122 -32.07 20.29 17.01
CA ARG B 122 -32.81 21.55 16.97
C ARG B 122 -31.92 22.71 16.55
N GLU B 123 -30.69 22.77 17.07
CA GLU B 123 -29.80 23.88 16.75
C GLU B 123 -29.62 24.02 15.24
N ILE B 124 -29.47 22.92 14.53
CA ILE B 124 -29.19 22.99 13.11
C ILE B 124 -30.33 22.42 12.27
N ASP B 125 -31.55 22.43 12.83
CA ASP B 125 -32.71 21.87 12.13
C ASP B 125 -32.90 22.49 10.76
N ASN B 126 -32.69 23.81 10.65
CA ASN B 126 -32.95 24.53 9.41
C ASN B 126 -31.82 24.41 8.40
N TYR B 127 -30.82 23.60 8.68
CA TYR B 127 -29.72 23.38 7.75
C TYR B 127 -29.69 21.95 7.24
N THR B 128 -30.65 21.13 7.67
CA THR B 128 -30.70 19.73 7.30
C THR B 128 -30.74 19.56 5.79
N SER B 129 -31.71 20.20 5.15
CA SER B 129 -31.87 20.08 3.70
C SER B 129 -30.70 20.70 2.96
N LEU B 130 -30.14 21.78 3.50
CA LEU B 130 -28.98 22.42 2.90
C LEU B 130 -27.79 21.47 2.84
N ILE B 131 -27.42 20.90 3.99
CA ILE B 131 -26.24 20.07 4.06
C ILE B 131 -26.45 18.78 3.28
N TYR B 132 -27.63 18.17 3.42
CA TYR B 132 -27.94 16.97 2.65
C TYR B 132 -27.78 17.21 1.17
N THR B 133 -28.26 18.37 0.70
CA THR B 133 -28.11 18.73 -0.70
C THR B 133 -26.63 18.83 -1.07
N LEU B 134 -25.84 19.50 -0.23
CA LEU B 134 -24.42 19.68 -0.49
C LEU B 134 -23.70 18.35 -0.58
N ILE B 135 -24.06 17.39 0.26
CA ILE B 135 -23.41 16.08 0.22
C ILE B 135 -23.58 15.45 -1.14
N GLU B 136 -24.80 15.50 -1.67
CA GLU B 136 -25.07 14.84 -2.92
C GLU B 136 -24.61 15.69 -4.10
N ASP B 137 -25.06 16.95 -4.15
CA ASP B 137 -24.75 17.77 -5.31
C ASP B 137 -23.26 18.02 -5.44
N SER B 138 -22.53 18.14 -4.34
CA SER B 138 -21.11 18.41 -4.52
C SER B 138 -20.27 17.16 -4.40
N GLN B 139 -20.33 16.45 -3.27
CA GLN B 139 -19.37 15.39 -3.06
C GLN B 139 -19.69 14.16 -3.89
N ASN B 140 -20.93 13.68 -3.79
CA ASN B 140 -21.33 12.48 -4.54
C ASN B 140 -21.09 12.68 -6.03
N GLN B 141 -21.50 13.83 -6.54
CA GLN B 141 -21.23 14.21 -7.91
C GLN B 141 -19.75 14.09 -8.25
N GLN B 142 -18.89 14.68 -7.41
CA GLN B 142 -17.44 14.60 -7.63
C GLN B 142 -16.96 13.16 -7.61
N GLU B 143 -17.35 12.40 -6.59
CA GLU B 143 -16.86 11.03 -6.44
C GLU B 143 -17.24 10.15 -7.62
N LYS B 144 -18.45 10.33 -8.15
CA LYS B 144 -18.82 9.53 -9.31
C LYS B 144 -18.10 9.98 -10.58
N ASN B 145 -17.97 11.30 -10.80
CA ASN B 145 -17.25 11.77 -11.99
C ASN B 145 -15.80 11.34 -11.94
N GLU B 146 -15.12 11.65 -10.85
CA GLU B 146 -13.70 11.35 -10.76
C GLU B 146 -13.43 9.85 -10.78
N GLN B 147 -14.31 9.05 -10.16
CA GLN B 147 -14.17 7.60 -10.16
C GLN B 147 -14.05 7.06 -11.57
N GLU B 148 -14.98 7.42 -12.45
CA GLU B 148 -14.94 6.96 -13.83
C GLU B 148 -13.65 7.39 -14.50
N LEU B 149 -13.26 8.65 -14.31
CA LEU B 149 -12.06 9.16 -14.94
C LEU B 149 -10.82 8.41 -14.46
N LEU B 150 -10.75 8.11 -13.17
CA LEU B 150 -9.64 7.32 -12.65
C LEU B 150 -9.65 5.90 -13.20
N GLU B 151 -10.82 5.26 -13.28
CA GLU B 151 -10.87 3.92 -13.86
C GLU B 151 -10.48 3.92 -15.34
N LEU B 152 -10.93 4.94 -16.09
CA LEU B 152 -10.52 5.04 -17.49
C LEU B 152 -9.02 5.25 -17.61
N ASP B 153 -8.48 6.17 -16.83
CA ASP B 153 -7.06 6.44 -16.82
C ASP B 153 -6.51 6.59 -15.42
N GLN C 19 -30.71 27.10 52.87
CA GLN C 19 -29.60 26.20 53.09
C GLN C 19 -30.03 24.75 53.03
N VAL C 20 -29.06 23.86 53.24
CA VAL C 20 -29.32 22.44 53.20
C VAL C 20 -29.83 21.98 54.57
N GLN C 21 -30.96 21.30 54.57
CA GLN C 21 -31.55 20.80 55.80
C GLN C 21 -32.30 19.51 55.50
N LEU C 22 -32.05 18.50 56.31
CA LEU C 22 -32.80 17.25 56.24
C LEU C 22 -33.74 17.21 57.44
N VAL C 23 -35.00 16.91 57.19
CA VAL C 23 -36.01 16.80 58.24
C VAL C 23 -36.41 15.34 58.30
N GLU C 24 -35.97 14.67 59.35
CA GLU C 24 -36.03 13.22 59.42
C GLU C 24 -37.03 12.83 60.50
N SER C 25 -38.15 12.26 60.10
CA SER C 25 -39.19 11.91 61.03
C SER C 25 -39.81 10.58 60.61
N GLY C 26 -40.95 10.27 61.21
CA GLY C 26 -41.61 9.02 60.97
C GLY C 26 -41.25 7.94 61.96
N GLY C 27 -40.44 8.26 62.95
CA GLY C 27 -40.01 7.30 63.95
C GLY C 27 -41.04 7.10 65.04
N GLY C 28 -40.60 6.49 66.14
CA GLY C 28 -41.44 6.13 67.25
C GLY C 28 -41.15 4.72 67.72
N VAL C 29 -42.13 4.13 68.42
CA VAL C 29 -41.96 2.81 69.02
C VAL C 29 -42.97 1.84 68.41
N VAL C 30 -42.47 0.70 67.94
CA VAL C 30 -43.28 -0.35 67.36
C VAL C 30 -42.94 -1.67 68.05
N GLN C 31 -43.83 -2.63 67.87
CA GLN C 31 -43.64 -3.98 68.38
C GLN C 31 -42.84 -4.80 67.36
N PRO C 32 -42.09 -5.81 67.80
CA PRO C 32 -41.50 -6.75 66.83
C PRO C 32 -42.59 -7.44 66.02
N GLY C 33 -42.33 -7.56 64.73
CA GLY C 33 -43.32 -8.04 63.78
C GLY C 33 -44.14 -6.94 63.15
N GLY C 34 -44.03 -5.70 63.63
CA GLY C 34 -44.75 -4.59 63.08
C GLY C 34 -43.94 -3.88 62.01
N SER C 35 -44.39 -2.67 61.69
CA SER C 35 -43.73 -1.93 60.62
C SER C 35 -43.98 -0.44 60.77
N LEU C 36 -43.15 0.33 60.08
CA LEU C 36 -43.29 1.77 59.93
C LEU C 36 -42.55 2.15 58.66
N ARG C 37 -42.65 3.42 58.29
CA ARG C 37 -41.86 3.94 57.19
C ARG C 37 -41.31 5.30 57.60
N LEU C 38 -40.03 5.50 57.38
CA LEU C 38 -39.43 6.79 57.67
C LEU C 38 -39.46 7.67 56.43
N SER C 39 -39.48 8.96 56.65
CA SER C 39 -39.52 9.92 55.55
C SER C 39 -38.60 11.07 55.88
N CYS C 40 -37.58 11.26 55.06
CA CYS C 40 -36.60 12.31 55.24
C CYS C 40 -36.83 13.37 54.19
N ALA C 41 -37.46 14.46 54.57
CA ALA C 41 -37.65 15.57 53.65
C ALA C 41 -36.36 16.39 53.60
N ALA C 42 -36.04 16.89 52.42
CA ALA C 42 -34.79 17.63 52.28
C ALA C 42 -34.98 18.76 51.29
N SER C 43 -34.21 19.83 51.49
CA SER C 43 -34.09 20.88 50.49
C SER C 43 -32.69 21.47 50.57
N GLY C 44 -32.48 22.52 49.77
CA GLY C 44 -31.19 23.16 49.65
C GLY C 44 -30.26 22.53 48.63
N PHE C 45 -30.68 21.46 47.97
CA PHE C 45 -29.85 20.81 46.98
C PHE C 45 -30.73 20.05 46.01
N ALA C 46 -30.13 19.60 44.91
CA ALA C 46 -30.85 18.89 43.86
C ALA C 46 -31.05 17.44 44.30
N PHE C 47 -32.01 17.27 45.21
CA PHE C 47 -32.38 15.94 45.72
C PHE C 47 -32.58 14.95 44.58
N LYS C 48 -33.29 15.39 43.54
CA LYS C 48 -33.60 14.52 42.40
C LYS C 48 -32.36 13.97 41.72
N ASP C 49 -31.23 14.66 41.85
CA ASP C 49 -30.05 14.27 41.09
C ASP C 49 -29.07 13.46 41.89
N PHE C 50 -28.92 13.73 43.19
CA PHE C 50 -27.87 13.04 43.92
C PHE C 50 -28.37 11.73 44.49
N GLY C 51 -27.46 10.76 44.61
CA GLY C 51 -27.78 9.52 45.28
C GLY C 51 -27.76 9.68 46.78
N MET C 52 -28.51 8.80 47.45
CA MET C 52 -28.72 8.92 48.89
C MET C 52 -28.34 7.63 49.61
N HIS C 53 -28.13 7.76 50.92
CA HIS C 53 -27.77 6.66 51.80
C HIS C 53 -28.74 6.52 52.96
N TRP C 54 -28.80 5.31 53.51
CA TRP C 54 -29.38 5.08 54.82
C TRP C 54 -28.32 4.44 55.69
N VAL C 55 -28.20 4.93 56.93
CA VAL C 55 -27.32 4.37 57.95
C VAL C 55 -28.08 4.34 59.27
N ARG C 56 -27.59 3.53 60.19
CA ARG C 56 -28.23 3.46 61.50
C ARG C 56 -27.18 3.25 62.57
N GLN C 57 -27.48 3.72 63.77
CA GLN C 57 -26.60 3.54 64.93
C GLN C 57 -27.43 3.08 66.11
N ALA C 58 -27.20 1.84 66.52
CA ALA C 58 -27.82 1.31 67.72
C ALA C 58 -27.14 1.88 68.95
N PRO C 59 -27.87 2.02 70.06
CA PRO C 59 -27.25 2.50 71.30
C PRO C 59 -26.09 1.62 71.73
N GLY C 60 -24.96 2.26 72.05
CA GLY C 60 -23.77 1.56 72.43
C GLY C 60 -22.93 1.02 71.29
N LYS C 61 -23.36 1.21 70.05
CA LYS C 61 -22.66 0.67 68.89
C LYS C 61 -22.17 1.79 68.00
N GLY C 62 -21.41 1.40 66.98
CA GLY C 62 -20.97 2.31 65.95
C GLY C 62 -22.02 2.45 64.88
N LEU C 63 -21.63 3.07 63.77
CA LEU C 63 -22.56 3.38 62.71
C LEU C 63 -22.55 2.25 61.70
N GLU C 64 -23.72 1.69 61.42
CA GLU C 64 -23.88 0.61 60.47
C GLU C 64 -24.51 1.15 59.19
N TRP C 65 -23.91 0.81 58.06
CA TRP C 65 -24.50 1.17 56.78
C TRP C 65 -25.69 0.27 56.49
N VAL C 66 -26.77 0.87 56.03
CA VAL C 66 -27.99 0.14 55.74
C VAL C 66 -28.20 -0.06 54.25
N ALA C 67 -28.22 1.03 53.48
CA ALA C 67 -28.56 0.88 52.08
C ALA C 67 -28.20 2.13 51.30
N VAL C 68 -28.17 1.99 49.97
CA VAL C 68 -27.93 3.11 49.06
C VAL C 68 -28.92 3.04 47.89
N ILE C 69 -29.32 4.22 47.43
CA ILE C 69 -30.14 4.36 46.23
C ILE C 69 -29.50 5.42 45.36
N GLY C 70 -29.46 5.16 44.05
CA GLY C 70 -28.86 6.11 43.15
C GLY C 70 -29.74 7.32 42.92
N GLY C 71 -29.16 8.31 42.24
CA GLY C 71 -29.88 9.51 41.87
C GLY C 71 -30.81 9.26 40.69
N GLY C 72 -31.39 10.36 40.20
CA GLY C 72 -32.39 10.24 39.17
C GLY C 72 -33.59 9.49 39.70
N HIS C 73 -33.95 8.42 38.99
CA HIS C 73 -35.07 7.61 39.42
C HIS C 73 -34.66 6.45 40.31
N GLY C 74 -33.38 6.34 40.63
CA GLY C 74 -32.96 5.27 41.53
C GLY C 74 -32.94 3.92 40.87
N GLN C 75 -32.24 3.79 39.75
CA GLN C 75 -32.23 2.54 38.99
C GLN C 75 -31.24 1.52 39.52
N HIS C 76 -30.66 1.75 40.69
CA HIS C 76 -29.74 0.78 41.27
C HIS C 76 -29.78 0.89 42.78
N GLN C 77 -29.74 -0.25 43.45
CA GLN C 77 -29.68 -0.26 44.91
C GLN C 77 -28.70 -1.32 45.40
N SER C 78 -28.32 -1.17 46.68
CA SER C 78 -27.58 -2.18 47.41
C SER C 78 -28.02 -2.19 48.86
N TYR C 79 -28.11 -3.38 49.45
CA TYR C 79 -28.55 -3.47 50.83
C TYR C 79 -27.46 -4.16 51.64
N SER C 80 -27.32 -3.75 52.89
CA SER C 80 -26.53 -4.53 53.84
C SER C 80 -27.17 -5.90 54.02
N GLU C 81 -26.34 -6.93 54.15
CA GLU C 81 -26.84 -8.27 54.41
C GLU C 81 -27.69 -8.33 55.68
N SER C 82 -27.49 -7.38 56.59
CA SER C 82 -28.24 -7.38 57.85
C SER C 82 -29.66 -6.87 57.68
N VAL C 83 -29.99 -6.26 56.54
CA VAL C 83 -31.30 -5.68 56.33
C VAL C 83 -31.98 -6.17 55.06
N LYS C 84 -31.24 -6.78 54.13
CA LYS C 84 -31.79 -7.23 52.86
C LYS C 84 -32.96 -8.19 53.06
N GLY C 85 -34.06 -7.91 52.37
CA GLY C 85 -35.24 -8.73 52.45
C GLY C 85 -36.22 -8.27 53.51
N ARG C 86 -35.82 -7.34 54.35
CA ARG C 86 -36.66 -6.82 55.41
C ARG C 86 -36.93 -5.34 55.23
N PHE C 87 -36.03 -4.62 54.56
CA PHE C 87 -36.18 -3.19 54.34
C PHE C 87 -36.22 -2.93 52.83
N ALA C 88 -36.88 -1.85 52.43
CA ALA C 88 -36.85 -1.38 51.05
C ALA C 88 -36.61 0.13 50.99
N ILE C 89 -35.87 0.58 49.96
CA ILE C 89 -35.54 1.98 49.77
C ILE C 89 -36.32 2.50 48.58
N THR C 90 -36.92 3.69 48.71
CA THR C 90 -37.49 4.37 47.56
C THR C 90 -37.38 5.88 47.76
N ARG C 91 -37.90 6.63 46.79
CA ARG C 91 -37.73 8.07 46.78
C ARG C 91 -38.80 8.72 45.90
N ASP C 92 -39.14 9.97 46.22
CA ASP C 92 -40.08 10.78 45.45
C ASP C 92 -39.41 12.10 45.14
N ASN C 93 -39.08 12.30 43.87
CA ASN C 93 -38.32 13.47 43.44
C ASN C 93 -39.14 14.74 43.38
N GLU C 94 -40.45 14.66 43.50
CA GLU C 94 -41.27 15.85 43.55
C GLU C 94 -41.54 16.30 44.97
N LYS C 95 -41.68 15.35 45.88
CA LYS C 95 -41.83 15.67 47.30
C LYS C 95 -40.49 15.98 47.95
N ASN C 96 -39.39 15.56 47.31
CA ASN C 96 -38.03 15.66 47.85
C ASN C 96 -37.92 14.90 49.16
N LYS C 97 -38.44 13.68 49.17
CA LYS C 97 -38.44 12.86 50.36
C LYS C 97 -37.82 11.51 50.07
N LEU C 98 -36.99 11.05 51.00
CA LEU C 98 -36.35 9.75 50.94
C LEU C 98 -37.03 8.80 51.92
N TYR C 99 -37.38 7.59 51.48
CA TYR C 99 -38.17 6.70 52.31
C TYR C 99 -37.40 5.45 52.66
N LEU C 100 -37.68 4.92 53.85
CA LEU C 100 -37.22 3.61 54.28
C LEU C 100 -38.42 2.82 54.73
N HIS C 101 -38.71 1.73 54.04
CA HIS C 101 -39.84 0.89 54.42
C HIS C 101 -39.32 -0.14 55.42
N MET C 102 -39.73 0.00 56.66
CA MET C 102 -39.19 -0.78 57.77
C MET C 102 -40.20 -1.87 58.10
N ASP C 103 -40.11 -3.01 57.44
CA ASP C 103 -41.15 -4.02 57.58
C ASP C 103 -40.63 -5.18 58.42
N ARG C 104 -41.56 -6.00 58.92
CA ARG C 104 -41.29 -7.27 59.64
C ARG C 104 -40.12 -7.15 60.60
N LEU C 105 -40.19 -6.13 61.44
CA LEU C 105 -39.02 -5.74 62.20
C LEU C 105 -38.78 -6.64 63.40
N ARG C 106 -37.52 -6.70 63.80
CA ARG C 106 -37.07 -7.43 64.98
C ARG C 106 -36.52 -6.44 65.99
N THR C 107 -36.36 -6.91 67.23
CA THR C 107 -35.85 -6.03 68.30
C THR C 107 -34.43 -5.59 68.01
N GLU C 108 -33.68 -6.40 67.24
CA GLU C 108 -32.34 -6.07 66.81
C GLU C 108 -32.27 -4.83 65.91
N ASP C 109 -33.41 -4.39 65.39
CA ASP C 109 -33.46 -3.24 64.48
C ASP C 109 -33.59 -1.91 65.22
N THR C 110 -33.65 -1.92 66.56
CA THR C 110 -33.61 -0.68 67.31
C THR C 110 -32.33 0.09 67.01
N ALA C 111 -32.49 1.32 66.54
CA ALA C 111 -31.40 2.21 66.19
C ALA C 111 -31.97 3.56 65.85
N VAL C 112 -31.10 4.56 65.83
CA VAL C 112 -31.42 5.84 65.24
C VAL C 112 -31.08 5.74 63.77
N TYR C 113 -32.02 6.08 62.90
CA TYR C 113 -31.74 5.93 61.49
C TYR C 113 -31.51 7.29 60.88
N TYR C 114 -30.56 7.36 59.95
CA TYR C 114 -30.20 8.64 59.36
C TYR C 114 -30.39 8.55 57.86
N CYS C 115 -30.74 9.67 57.26
CA CYS C 115 -30.68 9.84 55.82
C CYS C 115 -29.44 10.64 55.46
N ALA C 116 -28.83 10.29 54.34
CA ALA C 116 -27.63 11.00 53.94
C ALA C 116 -27.52 11.08 52.43
N LYS C 117 -26.74 12.04 51.97
CA LYS C 117 -26.47 12.23 50.56
C LYS C 117 -25.04 11.79 50.25
N ASP C 118 -24.86 11.06 49.16
CA ASP C 118 -23.52 10.69 48.72
C ASP C 118 -22.82 11.91 48.15
N ARG C 119 -21.49 11.86 48.17
CA ARG C 119 -20.69 12.87 47.48
C ARG C 119 -21.10 13.00 46.01
N LEU C 120 -21.48 11.89 45.37
CA LEU C 120 -21.97 12.05 44.00
C LEU C 120 -23.24 11.27 43.65
N GLY C 121 -23.13 9.96 43.53
CA GLY C 121 -24.27 9.13 43.20
C GLY C 121 -24.92 9.34 41.84
N ARG C 122 -24.12 9.76 40.78
CA ARG C 122 -24.90 10.09 39.60
C ARG C 122 -24.88 8.98 38.56
N PRO C 123 -25.96 8.83 37.81
CA PRO C 123 -26.07 7.87 36.70
C PRO C 123 -25.27 8.25 35.45
N TRP C 124 -23.96 8.00 35.49
CA TRP C 124 -23.11 8.32 34.35
C TRP C 124 -23.38 7.38 33.18
N ASN C 125 -23.40 7.94 31.98
CA ASN C 125 -23.49 7.13 30.77
C ASN C 125 -22.09 6.80 30.32
N ILE C 126 -21.66 5.56 30.58
CA ILE C 126 -20.30 5.13 30.30
C ILE C 126 -20.36 3.67 29.88
N GLY C 127 -19.59 3.31 28.86
CA GLY C 127 -19.57 1.93 28.44
C GLY C 127 -20.85 1.48 27.78
N GLY C 128 -21.69 2.43 27.39
CA GLY C 128 -22.99 2.12 26.85
C GLY C 128 -24.06 1.90 27.88
N ARG C 129 -23.76 2.04 29.17
CA ARG C 129 -24.75 1.79 30.19
C ARG C 129 -24.65 2.81 31.31
N LEU C 130 -25.71 2.91 32.09
CA LEU C 130 -25.70 3.80 33.24
C LEU C 130 -25.06 3.09 34.41
N VAL C 131 -24.21 3.82 35.13
CA VAL C 131 -23.62 3.32 36.35
C VAL C 131 -23.66 4.45 37.36
N TYR C 132 -23.71 4.10 38.64
CA TYR C 132 -23.78 5.11 39.68
C TYR C 132 -22.45 5.14 40.42
N TYR C 133 -21.77 6.30 40.42
CA TYR C 133 -20.52 6.41 41.15
C TYR C 133 -20.75 6.96 42.54
N TYR C 134 -20.35 6.20 43.55
CA TYR C 134 -20.52 6.59 44.94
C TYR C 134 -19.15 6.85 45.52
N TYR C 135 -19.04 7.84 46.41
CA TYR C 135 -17.77 8.03 47.10
C TYR C 135 -18.01 8.25 48.58
N GLY C 136 -19.20 7.92 49.08
CA GLY C 136 -19.50 7.97 50.49
C GLY C 136 -20.38 9.16 50.85
N MET C 137 -21.01 9.03 52.01
CA MET C 137 -21.91 10.07 52.49
C MET C 137 -21.10 11.31 52.89
N ASP C 138 -21.67 12.49 52.62
CA ASP C 138 -21.07 13.71 53.12
C ASP C 138 -22.08 14.73 53.65
N VAL C 139 -23.38 14.52 53.48
CA VAL C 139 -24.42 15.41 53.97
C VAL C 139 -25.49 14.56 54.64
N TRP C 140 -26.03 15.04 55.77
CA TRP C 140 -27.02 14.28 56.53
C TRP C 140 -27.75 15.18 57.52
N GLY C 141 -28.83 14.66 58.07
CA GLY C 141 -29.48 15.24 59.24
C GLY C 141 -29.07 14.50 60.50
N GLN C 142 -29.90 14.62 61.53
CA GLN C 142 -29.60 13.97 62.80
C GLN C 142 -30.39 12.69 63.06
N GLY C 143 -31.18 12.24 62.11
CA GLY C 143 -31.85 10.96 62.26
C GLY C 143 -33.02 11.04 63.23
N THR C 144 -33.65 9.88 63.40
CA THR C 144 -34.76 9.74 64.32
C THR C 144 -34.71 8.34 64.94
N THR C 145 -35.18 8.25 66.17
CA THR C 145 -35.10 7.00 66.90
C THR C 145 -36.26 6.09 66.52
N VAL C 146 -35.94 4.84 66.20
CA VAL C 146 -36.94 3.81 65.98
C VAL C 146 -36.66 2.70 66.96
N THR C 147 -37.63 2.39 67.80
CA THR C 147 -37.49 1.39 68.83
C THR C 147 -38.39 0.20 68.49
N VAL C 148 -37.83 -1.00 68.57
CA VAL C 148 -38.61 -2.21 68.37
C VAL C 148 -38.48 -3.02 69.63
N SER C 149 -39.59 -3.19 70.34
CA SER C 149 -39.56 -3.81 71.66
C SER C 149 -40.94 -4.33 72.02
N SER C 150 -41.01 -5.09 73.10
CA SER C 150 -42.25 -5.63 73.61
C SER C 150 -42.15 -5.78 75.11
N ALA D 20 -17.34 -4.99 50.63
CA ALA D 20 -16.35 -4.11 51.24
C ALA D 20 -15.52 -4.87 52.28
N ILE D 21 -14.25 -4.52 52.35
CA ILE D 21 -13.29 -5.22 53.20
C ILE D 21 -13.42 -4.71 54.62
N ARG D 22 -13.47 -5.63 55.59
CA ARG D 22 -13.53 -5.28 57.00
C ARG D 22 -12.38 -4.38 57.42
N MET D 23 -12.71 -3.28 58.08
CA MET D 23 -11.72 -2.37 58.60
C MET D 23 -11.57 -2.59 60.09
N THR D 24 -10.35 -2.40 60.58
CA THR D 24 -10.09 -2.48 62.01
C THR D 24 -9.38 -1.21 62.44
N GLN D 25 -9.69 -0.79 63.66
CA GLN D 25 -9.08 0.40 64.26
C GLN D 25 -8.50 0.09 65.63
N SER D 26 -7.43 0.81 65.97
CA SER D 26 -6.75 0.57 67.23
C SER D 26 -6.02 1.83 67.66
N PRO D 27 -5.93 2.12 68.96
CA PRO D 27 -6.57 1.45 70.10
C PRO D 27 -8.04 1.80 70.17
N SER D 28 -8.87 0.98 70.81
CA SER D 28 -10.27 1.35 70.95
C SER D 28 -10.44 2.57 71.83
N SER D 29 -9.51 2.80 72.76
CA SER D 29 -9.57 3.92 73.71
C SER D 29 -8.25 4.68 73.61
N LEU D 30 -8.32 5.90 73.07
CA LEU D 30 -7.16 6.72 72.82
C LEU D 30 -7.31 8.03 73.56
N SER D 31 -6.31 8.40 74.35
CA SER D 31 -6.40 9.63 75.11
C SER D 31 -5.05 10.34 75.16
N ALA D 32 -5.11 11.64 75.44
CA ALA D 32 -3.92 12.48 75.58
C ALA D 32 -4.31 13.74 76.33
N SER D 33 -3.29 14.45 76.78
CA SER D 33 -3.49 15.79 77.30
C SER D 33 -3.77 16.76 76.16
N VAL D 34 -4.28 17.93 76.51
CA VAL D 34 -4.62 18.94 75.51
C VAL D 34 -3.36 19.43 74.82
N GLY D 35 -3.40 19.47 73.49
CA GLY D 35 -2.30 19.97 72.69
C GLY D 35 -1.36 18.91 72.15
N ASP D 36 -1.51 17.67 72.59
CA ASP D 36 -0.66 16.58 72.16
C ASP D 36 -1.06 16.10 70.76
N ARG D 37 -0.13 15.39 70.11
CA ARG D 37 -0.37 14.81 68.80
C ARG D 37 -0.89 13.38 68.95
N VAL D 38 -2.09 13.14 68.45
CA VAL D 38 -2.81 11.90 68.69
C VAL D 38 -3.15 11.26 67.36
N THR D 39 -2.85 9.96 67.22
CA THR D 39 -3.07 9.27 65.96
C THR D 39 -3.88 8.00 66.17
N ILE D 40 -4.64 7.62 65.13
CA ILE D 40 -5.48 6.45 65.16
C ILE D 40 -5.02 5.51 64.06
N THR D 41 -4.79 4.26 64.42
CA THR D 41 -4.38 3.27 63.42
C THR D 41 -5.63 2.67 62.81
N CYS D 42 -5.63 2.54 61.49
CA CYS D 42 -6.72 1.85 60.83
C CYS D 42 -6.19 1.00 59.68
N GLN D 43 -6.65 -0.24 59.63
CA GLN D 43 -6.14 -1.14 58.60
C GLN D 43 -7.26 -1.93 57.95
N ALA D 44 -7.00 -2.32 56.72
CA ALA D 44 -7.83 -3.25 55.99
C ALA D 44 -7.19 -4.63 55.95
N SER D 45 -8.02 -5.66 55.97
CA SER D 45 -7.50 -7.01 55.77
C SER D 45 -7.10 -7.26 54.33
N GLN D 46 -7.54 -6.44 53.39
CA GLN D 46 -7.23 -6.59 51.97
C GLN D 46 -7.02 -5.20 51.39
N ASP D 47 -6.30 -5.14 50.28
CA ASP D 47 -6.01 -3.86 49.64
C ASP D 47 -7.30 -3.16 49.19
N ILE D 48 -7.52 -1.93 49.68
CA ILE D 48 -8.69 -1.13 49.33
C ILE D 48 -8.32 0.07 48.48
N LYS D 49 -7.04 0.19 48.15
CA LYS D 49 -6.27 1.18 47.42
C LYS D 49 -6.28 2.56 48.06
N LYS D 50 -7.43 3.26 48.04
CA LYS D 50 -7.56 4.59 48.63
C LYS D 50 -8.94 4.90 49.19
N SER D 51 -9.93 4.00 49.05
CA SER D 51 -11.32 4.38 49.27
C SER D 51 -11.66 4.52 50.74
N LEU D 52 -11.18 5.58 51.39
CA LEU D 52 -11.32 5.72 52.82
C LEU D 52 -11.76 7.12 53.23
N ASN D 53 -12.83 7.17 54.01
CA ASN D 53 -13.29 8.40 54.62
C ASN D 53 -13.09 8.37 56.14
N TRP D 54 -12.81 9.55 56.71
CA TRP D 54 -12.71 9.71 58.15
C TRP D 54 -13.83 10.59 58.68
N TYR D 55 -14.58 10.06 59.65
CA TYR D 55 -15.69 10.81 60.24
C TYR D 55 -15.38 11.03 61.71
N ARG D 56 -15.94 12.09 62.29
CA ARG D 56 -15.82 12.35 63.72
C ARG D 56 -17.18 12.60 64.36
N GLN D 57 -17.54 11.79 65.35
CA GLN D 57 -18.82 11.88 66.01
C GLN D 57 -18.66 12.53 67.37
N LYS D 58 -19.48 13.50 67.64
CA LYS D 58 -19.57 14.08 68.96
C LYS D 58 -20.91 13.69 69.56
N PRO D 59 -21.02 13.65 70.90
CA PRO D 59 -22.31 13.32 71.52
C PRO D 59 -23.45 14.19 71.00
N GLY D 60 -24.54 13.54 70.61
CA GLY D 60 -25.71 14.22 70.10
C GLY D 60 -25.62 14.66 68.66
N LYS D 61 -24.55 14.34 67.95
CA LYS D 61 -24.39 14.82 66.57
C LYS D 61 -23.98 13.67 65.66
N ALA D 62 -24.57 13.65 64.47
CA ALA D 62 -24.20 12.69 63.45
C ALA D 62 -22.72 12.83 63.10
N PRO D 63 -22.03 11.73 62.78
CA PRO D 63 -20.60 11.79 62.46
C PRO D 63 -20.23 12.79 61.37
N GLU D 64 -19.25 13.64 61.67
CA GLU D 64 -18.79 14.68 60.75
C GLU D 64 -17.65 14.20 59.86
N LEU D 65 -17.81 14.38 58.55
CA LEU D 65 -16.77 13.99 57.61
C LEU D 65 -15.66 15.03 57.67
N LEU D 66 -14.47 14.57 57.99
CA LEU D 66 -13.32 15.45 58.06
C LEU D 66 -12.40 15.27 56.86
N ILE D 67 -12.09 14.03 56.51
CA ILE D 67 -11.16 13.72 55.45
C ILE D 67 -11.78 12.67 54.53
N HIS D 68 -11.66 12.88 53.23
CA HIS D 68 -12.10 11.96 52.21
C HIS D 68 -10.94 11.57 51.32
N ASP D 69 -11.12 10.44 50.61
CA ASP D 69 -10.12 9.83 49.71
C ASP D 69 -8.78 9.65 50.41
N ALA D 70 -8.87 9.29 51.70
CA ALA D 70 -7.78 8.99 52.62
C ALA D 70 -6.83 10.15 52.94
N SER D 71 -7.01 11.33 52.35
CA SER D 71 -6.05 12.39 52.61
C SER D 71 -6.56 13.82 52.45
N ILE D 72 -7.74 14.02 51.89
CA ILE D 72 -8.17 15.36 51.52
C ILE D 72 -9.21 15.85 52.50
N LEU D 73 -8.95 17.01 53.10
CA LEU D 73 -9.90 17.62 54.01
C LEU D 73 -11.16 18.05 53.28
N GLN D 74 -12.30 17.82 53.94
CA GLN D 74 -13.58 18.28 53.44
C GLN D 74 -13.66 19.79 53.53
N THR D 75 -14.33 20.40 52.53
CA THR D 75 -14.47 21.85 52.47
C THR D 75 -15.06 22.39 53.77
N GLY D 76 -14.40 23.41 54.32
CA GLY D 76 -14.80 24.03 55.56
C GLY D 76 -14.17 23.44 56.80
N VAL D 77 -13.45 22.33 56.68
CA VAL D 77 -12.80 21.69 57.82
C VAL D 77 -11.44 22.35 58.00
N PRO D 78 -11.09 22.82 59.20
CA PRO D 78 -9.79 23.46 59.41
C PRO D 78 -8.64 22.48 59.31
N SER D 79 -7.47 23.00 58.99
CA SER D 79 -6.26 22.17 58.86
C SER D 79 -5.70 21.80 60.23
N ALA D 80 -6.53 21.07 60.99
CA ALA D 80 -6.14 20.58 62.29
C ALA D 80 -5.90 19.10 62.24
N PHE D 81 -6.21 18.46 61.12
CA PHE D 81 -6.16 17.02 60.99
C PHE D 81 -5.46 16.70 59.69
N THR D 82 -4.77 15.56 59.66
CA THR D 82 -4.26 15.00 58.42
C THR D 82 -4.52 13.50 58.43
N ALA D 83 -4.28 12.88 57.29
CA ALA D 83 -4.36 11.42 57.18
C ALA D 83 -3.47 10.99 56.03
N SER D 84 -3.05 9.74 56.08
CA SER D 84 -2.22 9.20 55.02
C SER D 84 -2.37 7.68 54.99
N GLY D 85 -1.53 7.06 54.19
CA GLY D 85 -1.56 5.63 53.98
C GLY D 85 -2.34 5.24 52.73
N SER D 86 -2.09 4.03 52.27
CA SER D 86 -2.72 3.49 51.07
C SER D 86 -2.65 1.97 51.21
N GLY D 87 -3.37 1.29 50.34
CA GLY D 87 -3.36 -0.16 50.38
C GLY D 87 -4.13 -0.70 51.56
N THR D 88 -3.40 -1.19 52.57
CA THR D 88 -4.04 -1.74 53.76
C THR D 88 -3.75 -0.95 55.02
N HIS D 89 -2.83 0.00 55.01
CA HIS D 89 -2.41 0.67 56.25
C HIS D 89 -2.65 2.16 56.17
N PHE D 90 -3.48 2.67 57.08
CA PHE D 90 -3.91 4.06 57.06
C PHE D 90 -3.78 4.63 58.46
N SER D 91 -3.75 5.96 58.54
CA SER D 91 -3.72 6.58 59.85
C SER D 91 -4.36 7.94 59.80
N PHE D 92 -5.02 8.27 60.91
CA PHE D 92 -5.63 9.57 61.10
C PHE D 92 -4.81 10.32 62.14
N VAL D 93 -4.47 11.56 61.85
CA VAL D 93 -3.60 12.35 62.72
C VAL D 93 -4.35 13.57 63.22
N ILE D 94 -4.36 13.75 64.53
CA ILE D 94 -4.89 14.94 65.17
C ILE D 94 -3.68 15.78 65.54
N ASN D 95 -3.48 16.90 64.83
CA ASN D 95 -2.25 17.68 65.01
C ASN D 95 -2.10 18.15 66.44
N LYS D 96 -3.19 18.59 67.05
CA LYS D 96 -3.24 18.95 68.46
C LYS D 96 -4.62 18.60 68.95
N LEU D 97 -4.70 17.79 70.01
CA LEU D 97 -5.99 17.40 70.54
C LEU D 97 -6.49 18.47 71.49
N GLN D 98 -7.57 19.07 71.13
CA GLN D 98 -8.23 20.06 71.95
C GLN D 98 -9.49 19.47 72.53
N PRO D 99 -10.01 20.02 73.66
CA PRO D 99 -11.29 19.54 74.19
C PRO D 99 -12.40 19.49 73.15
N GLU D 100 -12.39 20.44 72.21
CA GLU D 100 -13.37 20.52 71.14
C GLU D 100 -13.29 19.36 70.17
N ASP D 101 -12.18 18.62 70.16
CA ASP D 101 -11.98 17.55 69.22
C ASP D 101 -12.33 16.19 69.81
N VAL D 102 -12.88 16.18 71.01
CA VAL D 102 -13.24 14.93 71.65
C VAL D 102 -14.42 14.31 70.91
N GLY D 103 -14.28 13.04 70.57
CA GLY D 103 -15.30 12.34 69.80
C GLY D 103 -14.78 11.01 69.32
N THR D 104 -15.64 10.30 68.61
CA THR D 104 -15.30 9.00 68.07
C THR D 104 -15.00 9.13 66.59
N TYR D 105 -13.84 8.65 66.17
CA TYR D 105 -13.45 8.81 64.78
C TYR D 105 -13.64 7.49 64.06
N PHE D 106 -14.26 7.54 62.88
CA PHE D 106 -14.57 6.30 62.18
C PHE D 106 -13.78 6.20 60.89
N CYS D 107 -13.32 4.98 60.61
CA CYS D 107 -12.62 4.62 59.39
C CYS D 107 -13.60 3.85 58.50
N GLN D 108 -14.11 4.48 57.44
CA GLN D 108 -15.07 3.86 56.55
C GLN D 108 -14.46 3.52 55.19
N GLU D 109 -14.70 2.31 54.70
CA GLU D 109 -14.31 1.94 53.35
C GLU D 109 -15.51 2.02 52.41
N TYR D 110 -15.31 2.62 51.24
CA TYR D 110 -16.34 2.65 50.21
C TYR D 110 -15.86 2.10 48.86
N GLU D 111 -14.99 1.10 48.87
CA GLU D 111 -14.61 0.48 47.60
C GLU D 111 -15.76 -0.30 46.97
N ASN D 112 -16.52 -1.03 47.77
CA ASN D 112 -17.65 -1.79 47.28
C ASN D 112 -18.91 -1.28 47.96
N LEU D 113 -20.06 -1.64 47.39
CA LEU D 113 -21.36 -1.09 47.79
C LEU D 113 -21.87 -1.72 49.10
N GLN D 114 -21.03 -1.65 50.13
CA GLN D 114 -21.41 -2.02 51.48
C GLN D 114 -21.02 -0.89 52.40
N PHE D 115 -20.11 -0.06 51.93
CA PHE D 115 -19.66 1.17 52.59
C PHE D 115 -19.43 0.92 54.08
N THR D 116 -18.70 -0.17 54.36
CA THR D 116 -18.58 -0.64 55.74
C THR D 116 -17.88 0.37 56.63
N PHE D 117 -18.39 0.51 57.85
CA PHE D 117 -17.72 1.37 58.80
C PHE D 117 -16.83 0.50 59.69
N GLY D 118 -15.70 1.09 60.09
CA GLY D 118 -14.86 0.47 61.10
C GLY D 118 -15.44 0.64 62.49
N PRO D 119 -14.79 -0.01 63.46
CA PRO D 119 -15.30 0.03 64.85
C PRO D 119 -15.38 1.42 65.44
N GLY D 120 -14.58 2.36 64.99
CA GLY D 120 -14.58 3.66 65.63
C GLY D 120 -13.62 3.68 66.81
N THR D 121 -12.91 4.80 66.93
CA THR D 121 -11.97 5.00 68.03
C THR D 121 -12.40 6.24 68.81
N LYS D 122 -12.53 6.09 70.12
CA LYS D 122 -12.90 7.20 71.00
C LYS D 122 -11.65 7.96 71.40
N VAL D 123 -11.64 9.26 71.15
CA VAL D 123 -10.53 10.12 71.52
C VAL D 123 -11.01 11.11 72.57
N GLU D 124 -10.34 11.15 73.72
CA GLU D 124 -10.73 11.99 74.85
C GLU D 124 -9.50 12.59 75.54
N ILE D 125 -9.78 13.53 76.44
CA ILE D 125 -8.75 14.26 77.19
C ILE D 125 -8.45 13.50 78.47
N LYS D 126 -7.15 13.32 78.77
CA LYS D 126 -6.74 12.70 80.01
C LYS D 126 -7.12 13.52 81.23
N ARG D 127 -7.51 12.84 82.31
CA ARG D 127 -7.80 13.43 83.60
C ARG D 127 -7.53 12.39 84.68
N ALA E 36 -6.65 -28.82 16.65
CA ALA E 36 -7.19 -28.39 15.36
C ALA E 36 -6.69 -27.01 14.99
N GLU E 37 -7.14 -26.52 13.83
CA GLU E 37 -6.82 -25.18 13.38
C GLU E 37 -7.55 -24.18 14.27
N GLN E 38 -6.97 -23.00 14.46
CA GLN E 38 -7.77 -21.93 15.03
C GLN E 38 -8.93 -21.65 14.08
N LEU E 39 -10.13 -21.72 14.60
CA LEU E 39 -11.28 -21.54 13.75
C LEU E 39 -11.97 -20.22 14.07
N TRP E 40 -12.51 -19.61 13.03
CA TRP E 40 -13.22 -18.33 13.12
C TRP E 40 -14.57 -18.47 12.45
N VAL E 41 -15.51 -17.63 12.83
CA VAL E 41 -16.86 -17.71 12.28
C VAL E 41 -16.87 -17.06 10.91
N THR E 42 -17.44 -17.75 9.93
CA THR E 42 -17.70 -17.21 8.62
C THR E 42 -19.18 -17.26 8.29
N VAL E 43 -19.67 -16.18 7.70
CA VAL E 43 -21.07 -16.05 7.34
C VAL E 43 -21.23 -16.41 5.87
N TYR E 44 -22.20 -17.29 5.61
CA TYR E 44 -22.55 -17.71 4.28
C TYR E 44 -23.99 -17.36 3.97
N TYR E 45 -24.26 -17.12 2.70
CA TYR E 45 -25.62 -16.85 2.29
C TYR E 45 -25.91 -17.55 0.99
N GLY E 46 -27.09 -18.14 0.90
CA GLY E 46 -27.41 -19.08 -0.15
C GLY E 46 -27.36 -20.51 0.31
N VAL E 47 -27.40 -20.75 1.61
CA VAL E 47 -27.25 -22.07 2.18
C VAL E 47 -28.50 -22.88 1.86
N PRO E 48 -28.38 -23.99 1.20
CA PRO E 48 -29.56 -24.74 0.75
C PRO E 48 -30.15 -25.62 1.84
N VAL E 49 -30.75 -25.01 2.86
CA VAL E 49 -31.36 -25.79 3.92
C VAL E 49 -32.79 -25.29 4.12
N TRP E 50 -33.62 -26.13 4.71
CA TRP E 50 -35.02 -25.73 4.86
C TRP E 50 -35.67 -26.42 6.05
N LYS E 51 -36.85 -25.89 6.41
CA LYS E 51 -37.71 -26.44 7.44
C LYS E 51 -39.13 -26.48 6.91
N GLU E 52 -39.89 -27.46 7.38
CA GLU E 52 -41.30 -27.56 7.03
C GLU E 52 -42.06 -26.32 7.45
N ALA E 53 -42.91 -25.81 6.55
CA ALA E 53 -43.73 -24.63 6.82
C ALA E 53 -45.00 -24.67 5.98
N THR E 54 -46.05 -24.05 6.50
CA THR E 54 -47.33 -23.91 5.82
C THR E 54 -47.59 -22.47 5.41
N THR E 55 -47.90 -22.27 4.12
CA THR E 55 -48.23 -20.96 3.58
C THR E 55 -49.23 -21.12 2.45
N THR E 56 -49.52 -20.01 1.78
CA THR E 56 -50.49 -19.96 0.70
C THR E 56 -49.81 -20.14 -0.65
N LEU E 57 -50.30 -21.08 -1.44
CA LEU E 57 -49.78 -21.25 -2.79
C LEU E 57 -50.60 -20.41 -3.77
N PHE E 58 -49.91 -19.84 -4.74
CA PHE E 58 -50.58 -19.02 -5.73
C PHE E 58 -51.29 -19.90 -6.73
N CYS E 59 -52.49 -19.49 -7.12
CA CYS E 59 -53.14 -20.27 -8.15
C CYS E 59 -52.51 -19.96 -9.49
N ALA E 60 -52.62 -20.91 -10.40
CA ALA E 60 -52.25 -20.66 -11.79
C ALA E 60 -53.20 -21.46 -12.67
N SER E 61 -53.40 -20.97 -13.88
CA SER E 61 -54.41 -21.57 -14.73
C SER E 61 -54.07 -21.33 -16.19
N ASP E 62 -54.55 -22.24 -17.03
CA ASP E 62 -54.38 -22.11 -18.47
C ASP E 62 -55.36 -21.02 -18.88
N ALA E 63 -54.89 -19.78 -18.78
CA ALA E 63 -55.74 -18.59 -18.88
C ALA E 63 -56.56 -18.56 -20.16
N ARG E 64 -57.83 -18.18 -20.00
CA ARG E 64 -58.76 -18.01 -21.11
C ARG E 64 -59.58 -16.76 -20.85
N ARG E 71 -68.74 -17.31 -16.65
CA ARG E 71 -68.69 -17.12 -15.20
C ARG E 71 -68.43 -18.40 -14.42
N ASN E 72 -67.79 -19.36 -15.07
CA ASN E 72 -67.43 -20.63 -14.46
C ASN E 72 -66.76 -20.39 -13.13
N VAL E 73 -67.28 -21.11 -12.12
CA VAL E 73 -66.95 -20.93 -10.70
C VAL E 73 -65.45 -20.80 -10.49
N TRP E 74 -64.69 -21.68 -11.11
CA TRP E 74 -63.27 -21.77 -10.81
C TRP E 74 -62.48 -21.04 -11.85
N ALA E 75 -63.14 -20.45 -12.82
CA ALA E 75 -62.48 -19.73 -13.89
C ALA E 75 -62.34 -18.28 -13.46
N THR E 76 -61.59 -18.10 -12.37
CA THR E 76 -61.45 -16.77 -11.80
C THR E 76 -60.77 -15.86 -12.80
N HIS E 77 -61.18 -14.60 -12.78
CA HIS E 77 -60.60 -13.60 -13.65
C HIS E 77 -59.17 -13.29 -13.28
N ALA E 78 -58.75 -13.63 -12.06
CA ALA E 78 -57.43 -13.33 -11.54
C ALA E 78 -56.74 -14.64 -11.19
N CYS E 79 -55.76 -15.02 -12.00
CA CYS E 79 -54.99 -16.22 -11.76
C CYS E 79 -53.77 -16.19 -12.67
N VAL E 80 -52.66 -16.71 -12.15
CA VAL E 80 -51.37 -16.60 -12.85
C VAL E 80 -51.36 -17.56 -14.04
N PRO E 81 -50.96 -17.12 -15.23
CA PRO E 81 -50.87 -18.04 -16.35
C PRO E 81 -49.81 -19.08 -16.09
N THR E 82 -50.04 -20.28 -16.61
CA THR E 82 -49.13 -21.37 -16.30
C THR E 82 -47.81 -21.25 -17.05
N ASP E 83 -46.82 -21.92 -16.51
CA ASP E 83 -45.51 -21.98 -17.12
C ASP E 83 -45.52 -23.02 -18.23
N PRO E 84 -45.25 -22.64 -19.48
CA PRO E 84 -45.23 -23.63 -20.56
C PRO E 84 -44.08 -24.63 -20.47
N ASN E 85 -43.05 -24.34 -19.66
CA ASN E 85 -41.89 -25.22 -19.53
C ASN E 85 -41.45 -25.26 -18.07
N PRO E 86 -42.23 -25.91 -17.22
CA PRO E 86 -41.87 -25.95 -15.79
C PRO E 86 -40.67 -26.86 -15.57
N GLN E 87 -39.93 -26.58 -14.52
CA GLN E 87 -38.76 -27.40 -14.17
C GLN E 87 -39.03 -28.29 -12.97
N GLU E 88 -38.29 -29.39 -12.93
CA GLU E 88 -38.28 -30.29 -11.79
C GLU E 88 -36.88 -30.85 -11.67
N VAL E 89 -36.33 -30.82 -10.45
CA VAL E 89 -34.98 -31.28 -10.21
C VAL E 89 -34.99 -32.26 -9.06
N VAL E 90 -34.13 -33.22 -9.12
CA VAL E 90 -34.04 -34.22 -8.08
C VAL E 90 -33.00 -33.78 -7.06
N LEU E 91 -33.23 -34.13 -5.81
CA LEU E 91 -32.29 -33.81 -4.75
C LEU E 91 -31.20 -34.87 -4.62
N GLU E 92 -31.63 -36.13 -4.52
CA GLU E 92 -30.90 -37.38 -4.38
C GLU E 92 -30.00 -37.49 -3.16
N ASN E 93 -29.24 -36.46 -2.81
CA ASN E 93 -28.44 -36.65 -1.61
C ASN E 93 -29.34 -36.54 -0.38
N VAL E 94 -30.55 -36.03 -0.57
CA VAL E 94 -31.43 -35.64 0.52
C VAL E 94 -32.75 -36.38 0.36
N THR E 95 -33.26 -36.93 1.46
CA THR E 95 -34.59 -37.50 1.51
C THR E 95 -35.49 -36.61 2.36
N GLU E 96 -36.78 -36.93 2.38
CA GLU E 96 -37.74 -36.09 3.08
C GLU E 96 -38.92 -36.89 3.58
N ASN E 97 -39.49 -36.44 4.70
CA ASN E 97 -40.56 -37.16 5.38
C ASN E 97 -41.90 -36.60 4.93
N PHE E 98 -42.63 -37.39 4.15
CA PHE E 98 -43.91 -36.93 3.66
C PHE E 98 -45.00 -37.56 4.52
N ASN E 99 -46.10 -36.83 4.70
CA ASN E 99 -47.26 -37.34 5.41
C ASN E 99 -48.49 -36.67 4.79
N MET E 100 -49.27 -37.46 4.04
CA MET E 100 -50.37 -36.92 3.27
C MET E 100 -51.50 -36.42 4.16
N TRP E 101 -51.47 -36.79 5.43
CA TRP E 101 -52.53 -36.42 6.33
C TRP E 101 -52.28 -35.08 6.99
N LYS E 102 -51.12 -34.47 6.73
CA LYS E 102 -50.74 -33.19 7.28
C LYS E 102 -50.65 -32.10 6.22
N ASN E 103 -50.99 -32.40 4.97
CA ASN E 103 -50.80 -31.40 3.92
C ASN E 103 -51.92 -30.41 4.03
N ASN E 104 -51.57 -29.24 4.55
CA ASN E 104 -52.56 -28.22 4.84
C ASN E 104 -53.08 -27.54 3.60
N MET E 105 -52.50 -27.85 2.44
CA MET E 105 -52.96 -27.28 1.18
C MET E 105 -54.41 -27.65 0.91
N VAL E 106 -54.86 -28.80 1.42
CA VAL E 106 -56.24 -29.21 1.24
C VAL E 106 -57.19 -28.24 1.92
N GLU E 107 -56.72 -27.55 2.96
CA GLU E 107 -57.56 -26.59 3.65
C GLU E 107 -57.70 -25.32 2.84
N GLN E 108 -56.60 -24.90 2.21
CA GLN E 108 -56.67 -23.74 1.34
C GLN E 108 -57.67 -23.97 0.23
N MET E 109 -57.58 -25.12 -0.43
CA MET E 109 -58.52 -25.43 -1.50
C MET E 109 -59.94 -25.45 -0.98
N HIS E 110 -60.15 -26.10 0.16
CA HIS E 110 -61.47 -26.18 0.77
C HIS E 110 -62.11 -24.81 0.91
N GLU E 111 -61.41 -23.88 1.54
CA GLU E 111 -62.04 -22.58 1.76
C GLU E 111 -62.12 -21.77 0.47
N ASP E 112 -61.04 -21.71 -0.31
CA ASP E 112 -61.06 -20.89 -1.51
C ASP E 112 -62.14 -21.36 -2.49
N ILE E 113 -62.29 -22.67 -2.65
CA ILE E 113 -63.28 -23.19 -3.58
C ILE E 113 -64.68 -22.82 -3.15
N ILE E 114 -64.98 -22.93 -1.85
CA ILE E 114 -66.29 -22.53 -1.40
C ILE E 114 -66.52 -21.05 -1.65
N SER E 115 -65.51 -20.22 -1.36
CA SER E 115 -65.65 -18.79 -1.59
C SER E 115 -65.99 -18.50 -3.04
N LEU E 116 -65.27 -19.14 -3.96
CA LEU E 116 -65.51 -18.93 -5.39
C LEU E 116 -66.93 -19.29 -5.79
N TRP E 117 -67.43 -20.41 -5.25
CA TRP E 117 -68.81 -20.84 -5.45
C TRP E 117 -69.80 -19.76 -5.03
N ASP E 118 -69.69 -19.30 -3.79
CA ASP E 118 -70.63 -18.31 -3.28
C ASP E 118 -70.54 -16.99 -4.04
N GLN E 119 -69.32 -16.58 -4.40
CA GLN E 119 -69.15 -15.31 -5.10
C GLN E 119 -69.85 -15.31 -6.44
N SER E 120 -69.57 -16.33 -7.26
CA SER E 120 -70.16 -16.40 -8.60
C SER E 120 -71.67 -16.43 -8.52
N LEU E 121 -72.21 -17.16 -7.55
CA LEU E 121 -73.64 -17.31 -7.41
C LEU E 121 -74.24 -16.35 -6.41
N LYS E 122 -73.56 -15.24 -6.16
CA LYS E 122 -74.17 -14.23 -5.28
C LYS E 122 -75.39 -13.55 -5.89
N PRO E 123 -75.33 -12.94 -7.12
CA PRO E 123 -76.53 -12.21 -7.57
C PRO E 123 -77.59 -13.11 -8.19
N CYS E 124 -78.11 -14.04 -7.41
CA CYS E 124 -79.03 -15.04 -7.91
C CYS E 124 -80.42 -14.86 -7.31
N VAL E 125 -81.37 -15.62 -7.85
CA VAL E 125 -82.79 -15.38 -7.62
C VAL E 125 -83.27 -16.12 -6.39
N LYS E 126 -83.87 -15.40 -5.45
CA LYS E 126 -84.39 -15.99 -4.22
C LYS E 126 -85.72 -16.72 -4.45
N LEU E 127 -85.87 -17.87 -3.80
CA LEU E 127 -87.09 -18.67 -3.89
C LEU E 127 -88.11 -18.31 -2.83
N THR E 128 -87.82 -17.33 -1.99
CA THR E 128 -88.73 -16.90 -0.92
C THR E 128 -90.18 -16.77 -1.37
N PRO E 129 -90.53 -16.10 -2.51
CA PRO E 129 -91.97 -15.98 -2.82
C PRO E 129 -92.55 -17.23 -3.45
N LEU E 130 -91.73 -18.26 -3.62
CA LEU E 130 -92.13 -19.50 -4.28
C LEU E 130 -92.33 -20.62 -3.28
N CYS E 131 -92.32 -20.30 -1.98
CA CYS E 131 -92.65 -21.23 -0.92
C CYS E 131 -94.16 -21.51 -0.85
N VAL E 132 -94.96 -20.81 -1.67
CA VAL E 132 -96.39 -21.06 -1.77
C VAL E 132 -96.68 -22.55 -1.91
N THR E 133 -97.72 -23.00 -1.22
CA THR E 133 -98.03 -24.42 -1.27
C THR E 133 -98.45 -24.81 -2.66
N LEU E 134 -98.23 -26.08 -2.98
CA LEU E 134 -98.41 -26.61 -4.31
C LEU E 134 -99.53 -27.62 -4.32
N ASN E 135 -100.48 -27.42 -5.22
CA ASN E 135 -101.56 -28.40 -5.38
C ASN E 135 -101.09 -29.41 -6.42
N CYS E 136 -100.63 -30.57 -5.97
CA CYS E 136 -99.90 -31.49 -6.83
C CYS E 136 -100.73 -32.70 -7.18
N THR E 137 -100.57 -33.17 -8.41
CA THR E 137 -101.05 -34.45 -8.86
C THR E 137 -99.89 -35.22 -9.45
N ASP E 138 -100.10 -36.52 -9.67
CA ASP E 138 -99.07 -37.33 -10.28
C ASP E 138 -98.95 -37.00 -11.75
N LEU E 139 -97.72 -36.79 -12.20
CA LEU E 139 -97.46 -36.58 -13.61
C LEU E 139 -97.63 -37.90 -14.36
N ARG E 140 -98.53 -37.89 -15.35
CA ARG E 140 -98.81 -39.10 -16.10
C ARG E 140 -97.59 -39.52 -16.92
N ASN E 141 -97.45 -40.82 -17.13
CA ASN E 141 -96.32 -41.33 -17.88
C ASN E 141 -96.76 -42.49 -18.77
N GLY E 161 -94.01 -42.33 -9.39
CA GLY E 161 -94.10 -40.91 -9.65
C GLY E 161 -93.03 -40.18 -8.85
N GLU E 162 -92.08 -39.62 -9.57
CA GLU E 162 -91.02 -38.83 -8.97
C GLU E 162 -91.20 -37.37 -9.28
N ILE E 163 -92.05 -37.07 -10.27
CA ILE E 163 -92.30 -35.73 -10.75
C ILE E 163 -93.77 -35.45 -10.56
N LYS E 164 -94.07 -34.33 -9.95
CA LYS E 164 -95.44 -33.91 -9.71
C LYS E 164 -95.77 -32.73 -10.60
N ASN E 165 -97.02 -32.66 -11.04
CA ASN E 165 -97.51 -31.55 -11.85
C ASN E 165 -98.42 -30.72 -10.94
N CYS E 166 -97.95 -29.54 -10.55
CA CYS E 166 -98.60 -28.80 -9.48
C CYS E 166 -98.91 -27.39 -9.93
N SER E 167 -99.86 -26.77 -9.24
CA SER E 167 -100.20 -25.37 -9.46
C SER E 167 -100.18 -24.63 -8.13
N PHE E 168 -100.26 -23.31 -8.23
CA PHE E 168 -100.22 -22.40 -7.09
C PHE E 168 -100.82 -21.08 -7.55
N ASN E 169 -100.92 -20.12 -6.64
CA ASN E 169 -101.46 -18.81 -7.03
C ASN E 169 -100.72 -17.71 -6.25
N ILE E 170 -99.67 -17.17 -6.86
CA ILE E 170 -98.78 -16.19 -6.25
C ILE E 170 -97.98 -15.64 -7.42
N THR E 171 -97.73 -14.32 -7.45
CA THR E 171 -97.98 -13.30 -6.44
C THR E 171 -99.32 -12.60 -6.54
N THR E 172 -100.11 -12.99 -7.55
CA THR E 172 -101.43 -12.41 -7.86
C THR E 172 -101.37 -10.88 -8.00
N SER E 173 -100.49 -10.42 -8.90
CA SER E 173 -100.40 -9.03 -9.40
C SER E 173 -99.94 -8.03 -8.34
N MET E 174 -98.86 -8.38 -7.62
CA MET E 174 -98.22 -7.44 -6.70
C MET E 174 -97.34 -6.47 -7.48
N ARG E 175 -98.01 -5.54 -8.17
CA ARG E 175 -97.40 -4.56 -9.09
C ARG E 175 -96.63 -5.27 -10.19
N ASP E 176 -97.15 -6.39 -10.68
CA ASP E 176 -96.42 -7.18 -11.65
C ASP E 176 -97.40 -7.91 -12.55
N LYS E 177 -96.84 -8.72 -13.43
CA LYS E 177 -97.57 -9.48 -14.44
C LYS E 177 -97.29 -10.94 -14.18
N VAL E 178 -98.14 -11.61 -13.39
CA VAL E 178 -97.86 -12.97 -12.93
C VAL E 178 -99.15 -13.78 -13.06
N GLN E 179 -99.03 -15.11 -12.91
CA GLN E 179 -100.19 -15.99 -12.86
C GLN E 179 -99.82 -17.29 -12.15
N LYS E 180 -100.79 -18.22 -12.14
CA LYS E 180 -100.68 -19.48 -11.42
C LYS E 180 -99.50 -20.33 -11.87
N GLU E 181 -99.04 -20.18 -13.12
CA GLU E 181 -97.88 -20.84 -13.74
C GLU E 181 -97.59 -22.26 -13.29
N TYR E 182 -98.53 -23.18 -13.49
CA TYR E 182 -98.34 -24.58 -13.14
C TYR E 182 -97.03 -25.11 -13.73
N ALA E 183 -96.41 -26.06 -13.04
CA ALA E 183 -95.11 -26.54 -13.47
C ALA E 183 -94.83 -27.93 -12.89
N LEU E 184 -93.73 -28.53 -13.34
CA LEU E 184 -93.29 -29.82 -12.83
C LEU E 184 -92.25 -29.66 -11.74
N PHE E 185 -92.37 -30.45 -10.67
CA PHE E 185 -91.47 -30.35 -9.52
C PHE E 185 -90.97 -31.76 -9.22
N TYR E 186 -89.77 -31.87 -8.65
CA TYR E 186 -89.29 -33.20 -8.27
C TYR E 186 -89.58 -33.50 -6.81
N LYS E 187 -89.90 -34.78 -6.56
CA LYS E 187 -90.15 -35.29 -5.22
C LYS E 187 -89.04 -34.94 -4.24
N LEU E 188 -87.80 -35.01 -4.70
CA LEU E 188 -86.65 -34.88 -3.83
C LEU E 188 -86.39 -33.43 -3.44
N ASP E 189 -87.12 -32.50 -4.02
CA ASP E 189 -86.95 -31.09 -3.76
C ASP E 189 -88.06 -30.51 -2.91
N VAL E 190 -89.06 -31.31 -2.57
CA VAL E 190 -90.24 -30.81 -1.89
C VAL E 190 -90.47 -31.60 -0.62
N VAL E 191 -91.30 -31.04 0.25
CA VAL E 191 -91.66 -31.70 1.50
C VAL E 191 -93.17 -31.92 1.47
N PRO E 192 -93.63 -33.10 1.82
CA PRO E 192 -95.07 -33.34 1.88
C PRO E 192 -95.73 -32.59 3.02
N ILE E 193 -96.98 -32.20 2.79
CA ILE E 193 -97.82 -31.56 3.79
C ILE E 193 -98.89 -32.60 4.11
N LYS E 194 -98.67 -33.38 5.16
CA LYS E 194 -99.52 -34.53 5.44
C LYS E 194 -100.86 -34.13 6.03
N ASN E 195 -101.04 -32.85 6.32
CA ASN E 195 -102.31 -32.34 6.81
C ASN E 195 -103.16 -31.77 5.68
N ASP E 196 -102.80 -32.03 4.41
CA ASP E 196 -103.60 -31.45 3.34
C ASP E 196 -104.22 -32.45 2.35
N ASN E 197 -103.51 -32.83 1.29
CA ASN E 197 -104.13 -33.69 0.27
C ASN E 197 -103.64 -35.15 0.29
N THR E 198 -102.35 -35.46 0.47
CA THR E 198 -101.12 -34.66 0.68
C THR E 198 -100.70 -33.65 -0.41
N SER E 199 -100.36 -32.42 0.01
CA SER E 199 -99.90 -31.38 -0.88
C SER E 199 -98.43 -31.14 -0.58
N TYR E 200 -97.78 -30.28 -1.35
CA TYR E 200 -96.34 -30.13 -1.17
C TYR E 200 -95.96 -28.66 -1.15
N ARG E 201 -94.74 -28.40 -0.67
CA ARG E 201 -94.11 -27.10 -0.75
C ARG E 201 -92.61 -27.31 -0.77
N LEU E 202 -91.88 -26.22 -1.02
CA LEU E 202 -90.42 -26.28 -1.04
C LEU E 202 -89.90 -26.78 0.29
N ILE E 203 -89.01 -27.77 0.21
CA ILE E 203 -88.42 -28.34 1.42
C ILE E 203 -87.68 -27.29 2.23
N SER E 204 -87.27 -26.20 1.59
CA SER E 204 -86.52 -25.15 2.26
C SER E 204 -87.39 -24.21 3.09
N CYS E 205 -88.71 -24.33 2.98
CA CYS E 205 -89.63 -23.37 3.61
C CYS E 205 -89.41 -23.25 5.11
N ASN E 206 -89.11 -24.36 5.79
CA ASN E 206 -88.94 -24.32 7.23
C ASN E 206 -87.48 -24.29 7.63
N THR E 207 -86.60 -23.96 6.69
CA THR E 207 -85.17 -23.90 7.00
C THR E 207 -84.56 -22.55 6.66
N SER E 208 -84.56 -22.15 5.40
CA SER E 208 -83.78 -20.99 4.98
C SER E 208 -84.25 -20.49 3.62
N VAL E 209 -83.75 -19.30 3.29
CA VAL E 209 -83.94 -18.72 1.97
C VAL E 209 -82.84 -19.21 1.05
N ILE E 210 -83.22 -19.79 -0.07
CA ILE E 210 -82.24 -20.34 -1.00
C ILE E 210 -82.47 -19.69 -2.35
N THR E 211 -81.48 -19.81 -3.21
CA THR E 211 -81.53 -19.13 -4.49
C THR E 211 -81.39 -20.11 -5.63
N GLN E 212 -81.96 -19.74 -6.78
CA GLN E 212 -81.77 -20.52 -8.00
C GLN E 212 -80.47 -20.07 -8.62
N ALA E 213 -79.57 -21.02 -8.85
CA ALA E 213 -78.25 -20.73 -9.38
C ALA E 213 -78.35 -19.95 -10.68
N CYS E 214 -77.48 -18.95 -10.80
CA CYS E 214 -77.49 -18.06 -11.95
C CYS E 214 -77.27 -18.83 -13.25
N PRO E 215 -78.17 -18.70 -14.23
CA PRO E 215 -78.04 -19.48 -15.48
C PRO E 215 -76.74 -19.24 -16.21
N LYS E 216 -76.08 -18.15 -15.93
CA LYS E 216 -74.87 -17.77 -16.62
C LYS E 216 -73.62 -18.32 -15.97
N VAL E 217 -73.73 -19.20 -15.00
CA VAL E 217 -72.55 -19.75 -14.31
C VAL E 217 -72.38 -21.21 -14.69
N SER E 218 -71.24 -21.55 -15.27
CA SER E 218 -70.92 -22.93 -15.58
C SER E 218 -70.30 -23.62 -14.38
N PHE E 219 -70.55 -24.92 -14.27
CA PHE E 219 -69.98 -25.68 -13.15
C PHE E 219 -69.05 -26.78 -13.65
N GLU E 220 -68.41 -26.56 -14.78
CA GLU E 220 -67.37 -27.48 -15.29
C GLU E 220 -66.07 -27.34 -14.49
N PRO E 221 -65.59 -28.40 -13.85
CA PRO E 221 -64.32 -28.32 -13.11
C PRO E 221 -63.15 -27.85 -13.97
N ILE E 222 -62.33 -26.99 -13.39
CA ILE E 222 -61.18 -26.39 -14.05
C ILE E 222 -59.90 -26.95 -13.42
N PRO E 223 -58.92 -27.41 -14.20
CA PRO E 223 -57.68 -27.93 -13.64
C PRO E 223 -56.72 -26.85 -13.15
N ILE E 224 -56.98 -26.32 -11.97
CA ILE E 224 -56.18 -25.21 -11.46
C ILE E 224 -54.88 -25.74 -10.89
N HIS E 225 -53.77 -25.09 -11.25
CA HIS E 225 -52.44 -25.37 -10.76
C HIS E 225 -52.16 -24.49 -9.54
N TYR E 226 -51.19 -24.88 -8.72
CA TYR E 226 -50.73 -24.02 -7.63
C TYR E 226 -49.22 -24.01 -7.53
N CYS E 227 -48.65 -22.82 -7.35
CA CYS E 227 -47.21 -22.61 -7.42
C CYS E 227 -46.68 -22.00 -6.12
N ALA E 228 -45.41 -22.24 -5.87
CA ALA E 228 -44.80 -21.77 -4.64
C ALA E 228 -44.56 -20.26 -4.66
N PRO E 229 -44.79 -19.59 -3.54
CA PRO E 229 -44.35 -18.20 -3.39
C PRO E 229 -42.85 -18.13 -3.11
N ALA E 230 -42.33 -16.92 -3.25
CA ALA E 230 -40.93 -16.62 -2.99
C ALA E 230 -40.53 -17.05 -1.58
N GLY E 231 -39.35 -17.66 -1.50
CA GLY E 231 -38.81 -18.14 -0.25
C GLY E 231 -39.29 -19.51 0.14
N PHE E 232 -40.21 -20.10 -0.62
CA PHE E 232 -40.77 -21.40 -0.33
C PHE E 232 -40.59 -22.31 -1.53
N ALA E 233 -40.70 -23.61 -1.31
CA ALA E 233 -40.63 -24.54 -2.42
C ALA E 233 -41.52 -25.74 -2.16
N ILE E 234 -41.90 -26.39 -3.26
CA ILE E 234 -42.74 -27.57 -3.23
C ILE E 234 -41.87 -28.78 -3.49
N LEU E 235 -41.87 -29.72 -2.56
CA LEU E 235 -41.16 -30.98 -2.73
C LEU E 235 -42.16 -32.06 -3.11
N LYS E 236 -41.72 -33.00 -3.95
CA LYS E 236 -42.60 -34.05 -4.44
C LYS E 236 -42.02 -35.41 -4.11
N CYS E 237 -42.86 -36.31 -3.64
CA CYS E 237 -42.47 -37.69 -3.38
C CYS E 237 -42.75 -38.54 -4.61
N ASN E 238 -41.70 -39.08 -5.20
CA ASN E 238 -41.80 -39.84 -6.42
C ASN E 238 -41.69 -41.33 -6.20
N ASP E 239 -41.74 -41.78 -4.95
CA ASP E 239 -41.66 -43.20 -4.66
C ASP E 239 -42.98 -43.83 -5.08
N LYS E 240 -42.92 -44.79 -6.00
CA LYS E 240 -44.13 -45.43 -6.51
C LYS E 240 -44.88 -46.17 -5.42
N LYS E 241 -44.18 -46.55 -4.36
CA LYS E 241 -44.79 -47.31 -3.28
C LYS E 241 -45.21 -46.44 -2.12
N PHE E 242 -45.09 -45.12 -2.27
CA PHE E 242 -45.40 -44.26 -1.15
C PHE E 242 -46.88 -44.36 -0.79
N ASN E 243 -47.12 -44.48 0.51
CA ASN E 243 -48.45 -44.57 1.07
C ASN E 243 -48.65 -43.33 1.94
N GLY E 244 -49.37 -43.48 3.06
CA GLY E 244 -49.70 -42.35 3.90
C GLY E 244 -48.53 -41.53 4.42
N THR E 245 -47.41 -42.18 4.74
CA THR E 245 -46.30 -41.41 5.30
C THR E 245 -45.03 -42.23 5.27
N GLY E 246 -43.90 -41.50 5.28
CA GLY E 246 -42.61 -42.10 5.44
C GLY E 246 -41.48 -41.32 4.80
N PRO E 247 -40.26 -41.81 4.99
CA PRO E 247 -39.06 -41.13 4.49
C PRO E 247 -38.89 -41.39 3.00
N CYS E 248 -39.71 -40.71 2.22
CA CYS E 248 -39.67 -40.86 0.78
C CYS E 248 -38.25 -40.63 0.26
N THR E 249 -37.76 -41.57 -0.52
CA THR E 249 -36.38 -41.45 -0.97
C THR E 249 -36.27 -40.60 -2.22
N ASN E 250 -37.08 -40.89 -3.24
CA ASN E 250 -37.00 -40.17 -4.49
C ASN E 250 -37.78 -38.87 -4.32
N VAL E 251 -37.06 -37.83 -3.93
CA VAL E 251 -37.64 -36.54 -3.65
C VAL E 251 -37.12 -35.53 -4.65
N SER E 252 -38.02 -34.76 -5.22
CA SER E 252 -37.67 -33.72 -6.18
C SER E 252 -38.34 -32.42 -5.78
N THR E 253 -37.85 -31.33 -6.36
CA THR E 253 -38.43 -30.00 -6.15
C THR E 253 -39.17 -29.57 -7.40
N VAL E 254 -40.40 -29.11 -7.21
CA VAL E 254 -41.29 -28.77 -8.31
C VAL E 254 -41.62 -27.29 -8.20
N GLN E 255 -41.44 -26.57 -9.30
CA GLN E 255 -41.76 -25.15 -9.32
C GLN E 255 -43.25 -24.92 -9.11
N CYS E 256 -44.07 -25.75 -9.73
CA CYS E 256 -45.51 -25.56 -9.69
C CYS E 256 -46.17 -26.89 -10.01
N THR E 257 -47.28 -27.17 -9.34
CA THR E 257 -47.97 -28.44 -9.49
C THR E 257 -48.73 -28.50 -10.79
N HIS E 258 -49.16 -29.70 -11.14
CA HIS E 258 -50.09 -29.81 -12.25
C HIS E 258 -51.47 -29.34 -11.79
N GLY E 259 -52.40 -29.29 -12.73
CA GLY E 259 -53.75 -28.88 -12.44
C GLY E 259 -54.54 -30.04 -11.85
N ILE E 260 -55.35 -29.72 -10.85
CA ILE E 260 -56.26 -30.68 -10.24
C ILE E 260 -57.66 -30.15 -10.45
N ARG E 261 -58.50 -30.95 -11.07
CA ARG E 261 -59.85 -30.47 -11.26
C ARG E 261 -60.65 -30.66 -9.97
N PRO E 262 -61.44 -29.66 -9.57
CA PRO E 262 -62.27 -29.75 -8.36
C PRO E 262 -63.50 -30.61 -8.57
N VAL E 263 -63.27 -31.91 -8.74
CA VAL E 263 -64.36 -32.84 -8.94
C VAL E 263 -64.96 -33.13 -7.57
N VAL E 264 -66.28 -33.02 -7.48
CA VAL E 264 -66.98 -33.28 -6.24
C VAL E 264 -67.82 -34.53 -6.43
N SER E 265 -67.64 -35.50 -5.55
CA SER E 265 -68.40 -36.74 -5.65
C SER E 265 -68.38 -37.44 -4.30
N THR E 266 -69.29 -38.40 -4.16
CA THR E 266 -69.35 -39.29 -3.01
C THR E 266 -69.07 -40.72 -3.50
N GLN E 267 -68.42 -41.51 -2.64
CA GLN E 267 -68.08 -42.95 -2.72
C GLN E 267 -67.03 -43.33 -3.77
N LEU E 268 -67.02 -42.68 -4.93
CA LEU E 268 -66.03 -43.01 -5.95
C LEU E 268 -65.34 -41.73 -6.41
N LEU E 269 -64.05 -41.84 -6.69
CA LEU E 269 -63.27 -40.71 -7.16
C LEU E 269 -63.24 -40.75 -8.67
N LEU E 270 -63.74 -39.69 -9.30
CA LEU E 270 -63.84 -39.65 -10.75
C LEU E 270 -62.85 -38.66 -11.32
N ASN E 271 -62.36 -38.97 -12.53
CA ASN E 271 -61.50 -38.10 -13.35
C ASN E 271 -60.24 -37.63 -12.62
N GLY E 272 -59.61 -38.54 -11.85
CA GLY E 272 -58.38 -38.26 -11.17
C GLY E 272 -57.20 -38.96 -11.81
N SER E 273 -56.14 -39.11 -11.02
CA SER E 273 -54.93 -39.76 -11.50
C SER E 273 -55.01 -41.27 -11.26
N LEU E 274 -54.07 -41.99 -11.87
CA LEU E 274 -54.00 -43.44 -11.73
C LEU E 274 -52.79 -43.85 -10.90
N ALA E 275 -52.85 -45.07 -10.40
CA ALA E 275 -51.78 -45.64 -9.60
C ALA E 275 -50.63 -46.13 -10.48
N GLU E 276 -49.47 -46.28 -9.84
CA GLU E 276 -48.20 -46.58 -10.51
C GLU E 276 -48.10 -48.08 -10.77
N GLU E 277 -48.78 -48.50 -11.83
CA GLU E 277 -48.73 -49.84 -12.43
C GLU E 277 -49.33 -50.94 -11.55
N GLU E 278 -50.09 -50.58 -10.52
CA GLU E 278 -50.84 -51.52 -9.70
C GLU E 278 -51.80 -50.71 -8.85
N VAL E 279 -52.82 -51.39 -8.33
CA VAL E 279 -53.69 -50.78 -7.34
C VAL E 279 -52.89 -50.54 -6.07
N VAL E 280 -52.97 -49.32 -5.55
CA VAL E 280 -52.28 -48.94 -4.32
C VAL E 280 -53.34 -48.51 -3.32
N ILE E 281 -53.30 -49.10 -2.13
CA ILE E 281 -54.30 -48.82 -1.11
C ILE E 281 -53.62 -48.16 0.07
N ARG E 282 -54.15 -47.01 0.48
CA ARG E 282 -53.55 -46.20 1.53
C ARG E 282 -54.54 -45.97 2.66
N SER E 283 -54.00 -45.78 3.87
CA SER E 283 -54.74 -45.41 5.07
C SER E 283 -53.77 -44.92 6.14
N ALA E 284 -54.32 -44.12 7.05
CA ALA E 284 -53.57 -43.75 8.24
C ALA E 284 -53.23 -44.96 9.08
N ASN E 285 -54.13 -45.94 9.13
CA ASN E 285 -53.97 -47.12 9.97
C ASN E 285 -55.04 -48.14 9.60
N PHE E 286 -54.62 -49.24 8.98
CA PHE E 286 -55.55 -50.25 8.51
C PHE E 286 -56.23 -51.00 9.65
N THR E 287 -55.75 -50.86 10.87
CA THR E 287 -56.37 -51.51 12.01
C THR E 287 -57.41 -50.64 12.71
N ASP E 288 -57.48 -49.36 12.38
CA ASP E 288 -58.30 -48.39 13.09
C ASP E 288 -59.61 -48.19 12.34
N ASN E 289 -60.72 -48.67 12.92
CA ASN E 289 -62.01 -48.54 12.25
C ASN E 289 -62.44 -47.09 12.06
N ALA E 290 -61.82 -46.15 12.78
CA ALA E 290 -62.17 -44.74 12.65
C ALA E 290 -61.55 -44.08 11.44
N LYS E 291 -60.70 -44.77 10.70
CA LYS E 291 -60.06 -44.21 9.52
C LYS E 291 -60.73 -44.76 8.28
N ILE E 292 -60.37 -44.19 7.13
CA ILE E 292 -60.92 -44.62 5.86
C ILE E 292 -59.79 -45.17 5.03
N ILE E 293 -60.16 -45.94 4.02
CA ILE E 293 -59.21 -46.56 3.13
C ILE E 293 -59.36 -45.94 1.75
N ILE E 294 -58.24 -45.46 1.23
CA ILE E 294 -58.17 -44.75 -0.05
C ILE E 294 -57.58 -45.69 -1.07
N VAL E 295 -58.31 -45.95 -2.14
CA VAL E 295 -57.88 -46.90 -3.13
C VAL E 295 -57.59 -46.14 -4.42
N GLN E 296 -56.37 -46.26 -4.92
CA GLN E 296 -55.96 -45.62 -6.16
C GLN E 296 -55.83 -46.70 -7.22
N LEU E 297 -56.57 -46.56 -8.31
CA LEU E 297 -56.69 -47.66 -9.25
C LEU E 297 -55.58 -47.68 -10.28
N ASN E 298 -55.17 -48.90 -10.64
CA ASN E 298 -54.20 -49.10 -11.71
C ASN E 298 -54.72 -48.52 -13.02
N LYS E 299 -55.89 -48.97 -13.46
CA LYS E 299 -56.56 -48.45 -14.63
C LYS E 299 -57.98 -48.08 -14.26
N SER E 300 -58.54 -47.09 -14.95
CA SER E 300 -59.86 -46.61 -14.57
C SER E 300 -60.94 -47.51 -15.13
N VAL E 301 -62.14 -47.34 -14.59
CA VAL E 301 -63.32 -48.09 -15.00
C VAL E 301 -64.27 -47.14 -15.73
N GLU E 302 -64.65 -47.52 -16.95
CA GLU E 302 -65.51 -46.71 -17.81
C GLU E 302 -66.95 -46.66 -17.32
N ILE E 303 -67.50 -45.44 -17.23
CA ILE E 303 -68.89 -45.20 -16.87
C ILE E 303 -69.48 -44.22 -17.86
N ASN E 304 -70.69 -44.49 -18.35
CA ASN E 304 -71.39 -43.61 -19.27
C ASN E 304 -72.75 -43.29 -18.67
N CYS E 305 -73.00 -42.01 -18.39
CA CYS E 305 -74.22 -41.58 -17.73
C CYS E 305 -75.12 -40.80 -18.66
N THR E 306 -76.43 -40.94 -18.45
CA THR E 306 -77.38 -40.24 -19.29
C THR E 306 -78.66 -39.87 -18.53
N ARG E 307 -79.29 -38.82 -19.05
CA ARG E 307 -80.59 -38.33 -18.61
C ARG E 307 -81.44 -38.37 -19.87
N PRO E 308 -82.07 -39.51 -20.15
CA PRO E 308 -82.78 -39.68 -21.43
C PRO E 308 -83.91 -38.69 -21.64
N ASN E 309 -84.45 -38.12 -20.57
CA ASN E 309 -85.61 -37.26 -20.69
C ASN E 309 -85.23 -35.93 -21.34
N ASN E 310 -85.94 -35.59 -22.39
CA ASN E 310 -85.74 -34.34 -23.12
C ASN E 310 -86.66 -33.32 -22.49
N ASN E 311 -86.09 -32.45 -21.67
CA ASN E 311 -86.92 -31.54 -20.90
C ASN E 311 -86.89 -30.15 -21.49
N THR E 312 -88.02 -29.46 -21.33
CA THR E 312 -88.15 -28.04 -21.64
C THR E 312 -88.15 -27.27 -20.34
N ARG E 313 -88.11 -25.94 -20.45
CA ARG E 313 -88.17 -25.12 -19.26
C ARG E 313 -88.85 -23.81 -19.59
N LYS E 314 -89.38 -23.18 -18.55
CA LYS E 314 -90.17 -21.98 -18.75
C LYS E 314 -89.72 -20.90 -17.77
N SER E 315 -89.59 -19.69 -18.26
CA SER E 315 -89.36 -18.58 -17.35
C SER E 315 -90.70 -18.03 -16.90
N ILE E 316 -90.82 -17.82 -15.60
CA ILE E 316 -92.06 -17.30 -15.04
C ILE E 316 -91.74 -15.97 -14.37
N HIS E 317 -92.75 -15.13 -14.27
CA HIS E 317 -92.58 -13.87 -13.56
C HIS E 317 -92.93 -14.05 -12.10
N ILE E 318 -92.03 -13.60 -11.25
CA ILE E 318 -92.20 -13.74 -9.80
C ILE E 318 -92.24 -12.39 -9.11
N GLY E 319 -92.07 -11.31 -9.84
CA GLY E 319 -92.10 -9.98 -9.29
C GLY E 319 -91.70 -9.01 -10.38
N PRO E 320 -91.78 -7.71 -10.09
CA PRO E 320 -91.39 -6.71 -11.08
C PRO E 320 -89.89 -6.79 -11.36
N GLY E 321 -89.55 -7.07 -12.62
CA GLY E 321 -88.17 -7.25 -12.99
C GLY E 321 -87.52 -8.51 -12.45
N ARG E 322 -88.32 -9.52 -12.12
CA ARG E 322 -87.79 -10.74 -11.53
C ARG E 322 -88.37 -11.98 -12.20
N TRP E 323 -87.49 -12.92 -12.54
CA TRP E 323 -87.90 -14.14 -13.20
C TRP E 323 -87.29 -15.35 -12.53
N PHE E 324 -87.90 -16.49 -12.79
CA PHE E 324 -87.54 -17.77 -12.20
C PHE E 324 -87.77 -18.84 -13.25
N TYR E 325 -86.87 -19.82 -13.31
CA TYR E 325 -87.09 -20.89 -14.27
C TYR E 325 -87.67 -22.12 -13.60
N THR E 326 -88.71 -22.66 -14.23
CA THR E 326 -89.39 -23.85 -13.79
C THR E 326 -89.19 -24.95 -14.83
N THR E 327 -89.29 -26.18 -14.37
CA THR E 327 -89.32 -27.31 -15.29
C THR E 327 -90.59 -27.26 -16.13
N GLY E 328 -90.42 -27.36 -17.44
CA GLY E 328 -91.53 -27.35 -18.37
C GLY E 328 -91.94 -28.75 -18.71
N GLU E 329 -92.59 -28.93 -19.86
CA GLU E 329 -93.05 -30.26 -20.20
C GLU E 329 -91.86 -31.14 -20.57
N ILE E 330 -92.13 -32.45 -20.64
CA ILE E 330 -91.12 -33.44 -21.02
C ILE E 330 -91.54 -34.09 -22.31
N ILE E 331 -90.62 -34.14 -23.27
CA ILE E 331 -90.86 -34.69 -24.60
C ILE E 331 -90.42 -36.15 -24.60
N GLY E 332 -91.35 -37.05 -24.92
CA GLY E 332 -91.08 -38.47 -24.92
C GLY E 332 -91.36 -39.11 -23.57
N ASP E 333 -91.18 -40.43 -23.52
CA ASP E 333 -91.43 -41.17 -22.30
C ASP E 333 -90.53 -40.64 -21.20
N ILE E 334 -91.03 -40.66 -19.98
CA ILE E 334 -90.23 -40.26 -18.84
C ILE E 334 -89.55 -41.50 -18.31
N ARG E 335 -88.23 -41.53 -18.38
CA ARG E 335 -87.43 -42.68 -17.99
C ARG E 335 -86.54 -42.32 -16.83
N GLN E 336 -85.84 -43.33 -16.31
CA GLN E 336 -84.97 -43.11 -15.16
C GLN E 336 -83.60 -42.67 -15.61
N ALA E 337 -82.98 -41.83 -14.80
CA ALA E 337 -81.55 -41.61 -14.95
C ALA E 337 -80.83 -42.90 -14.63
N HIS E 338 -79.71 -43.11 -15.31
CA HIS E 338 -78.92 -44.31 -15.05
C HIS E 338 -77.53 -44.10 -15.62
N CYS E 339 -76.61 -44.94 -15.17
CA CYS E 339 -75.28 -45.00 -15.75
C CYS E 339 -74.98 -46.43 -16.14
N ASN E 340 -74.27 -46.60 -17.25
CA ASN E 340 -73.82 -47.89 -17.73
C ASN E 340 -72.34 -48.02 -17.39
N ILE E 341 -71.99 -49.07 -16.64
CA ILE E 341 -70.62 -49.32 -16.23
C ILE E 341 -70.19 -50.68 -16.77
N SER E 342 -68.98 -50.73 -17.33
CA SER E 342 -68.44 -51.97 -17.89
C SER E 342 -68.14 -52.97 -16.78
N GLY E 343 -68.90 -54.07 -16.76
CA GLY E 343 -68.67 -55.08 -15.74
C GLY E 343 -67.29 -55.70 -15.85
N THR E 344 -66.79 -55.85 -17.08
CA THR E 344 -65.43 -56.36 -17.30
C THR E 344 -64.40 -55.52 -16.60
N LYS E 345 -64.40 -54.22 -16.89
CA LYS E 345 -63.42 -53.32 -16.29
C LYS E 345 -63.62 -53.24 -14.79
N TRP E 346 -64.88 -53.20 -14.36
CA TRP E 346 -65.16 -53.11 -12.94
C TRP E 346 -64.69 -54.35 -12.20
N ASN E 347 -65.05 -55.53 -12.71
CA ASN E 347 -64.70 -56.76 -12.01
C ASN E 347 -63.19 -56.98 -11.97
N ASP E 348 -62.52 -56.77 -13.11
CA ASP E 348 -61.08 -56.91 -13.14
C ASP E 348 -60.41 -55.93 -12.20
N THR E 349 -60.96 -54.73 -12.09
CA THR E 349 -60.44 -53.76 -11.14
C THR E 349 -60.54 -54.30 -9.72
N LEU E 350 -61.70 -54.85 -9.38
CA LEU E 350 -61.93 -55.42 -8.06
C LEU E 350 -60.95 -56.53 -7.75
N LYS E 351 -60.66 -57.37 -8.76
CA LYS E 351 -59.71 -58.46 -8.57
C LYS E 351 -58.39 -57.96 -8.05
N GLN E 352 -57.87 -56.90 -8.67
CA GLN E 352 -56.60 -56.33 -8.22
C GLN E 352 -56.73 -55.75 -6.82
N ILE E 353 -57.87 -55.09 -6.55
CA ILE E 353 -58.07 -54.49 -5.23
C ILE E 353 -58.08 -55.56 -4.15
N VAL E 354 -58.83 -56.64 -4.39
CA VAL E 354 -58.93 -57.73 -3.43
C VAL E 354 -57.56 -58.32 -3.11
N VAL E 355 -56.75 -58.52 -4.15
CA VAL E 355 -55.39 -59.05 -3.99
C VAL E 355 -54.58 -58.18 -3.04
N LYS E 356 -54.72 -56.86 -3.17
CA LYS E 356 -53.99 -55.98 -2.28
C LYS E 356 -54.60 -55.94 -0.90
N LEU E 357 -55.94 -56.00 -0.81
CA LEU E 357 -56.59 -56.03 0.49
C LEU E 357 -56.16 -57.23 1.30
N LYS E 358 -55.94 -58.36 0.64
CA LYS E 358 -55.50 -59.57 1.31
C LYS E 358 -54.23 -59.35 2.13
N GLU E 359 -53.37 -58.42 1.69
CA GLU E 359 -52.10 -58.17 2.36
C GLU E 359 -52.29 -57.72 3.80
N GLN E 360 -53.42 -57.09 4.08
CA GLN E 360 -53.70 -56.55 5.38
C GLN E 360 -54.84 -57.24 6.07
N PHE E 361 -55.83 -57.70 5.31
CA PHE E 361 -57.10 -58.09 5.87
C PHE E 361 -57.43 -59.55 5.66
N GLY E 362 -56.48 -60.36 5.21
CA GLY E 362 -56.75 -61.78 5.23
C GLY E 362 -57.00 -62.35 3.84
N ASN E 363 -56.71 -63.64 3.70
CA ASN E 363 -56.68 -64.30 2.40
C ASN E 363 -58.02 -64.89 1.97
N LYS E 364 -58.99 -65.04 2.88
CA LYS E 364 -60.31 -65.59 2.53
C LYS E 364 -61.43 -64.68 2.97
N THR E 365 -61.14 -63.41 3.21
CA THR E 365 -62.10 -62.49 3.77
C THR E 365 -63.11 -62.01 2.74
N ILE E 366 -64.38 -62.09 3.11
CA ILE E 366 -65.49 -61.66 2.26
C ILE E 366 -65.63 -60.15 2.33
N VAL E 367 -65.62 -59.50 1.17
CA VAL E 367 -65.57 -58.05 1.06
C VAL E 367 -66.61 -57.61 0.04
N PHE E 368 -66.96 -56.32 0.10
CA PHE E 368 -67.82 -55.61 -0.86
C PHE E 368 -69.29 -56.02 -0.88
N ASN E 369 -70.04 -55.63 0.14
CA ASN E 369 -71.47 -55.87 0.15
C ASN E 369 -72.18 -54.57 -0.24
N HIS E 370 -73.51 -54.61 -0.25
CA HIS E 370 -74.37 -53.54 -0.71
C HIS E 370 -74.11 -52.23 0.01
N SER E 371 -74.63 -51.16 -0.58
CA SER E 371 -74.47 -49.84 0.00
C SER E 371 -75.31 -49.69 1.26
N SER E 372 -74.70 -49.11 2.28
CA SER E 372 -75.38 -48.81 3.53
C SER E 372 -74.56 -47.83 4.33
N GLY E 373 -75.25 -47.01 5.13
CA GLY E 373 -74.58 -46.10 6.02
C GLY E 373 -74.64 -44.65 5.58
N GLY E 374 -75.05 -43.76 6.49
CA GLY E 374 -75.21 -42.35 6.17
C GLY E 374 -76.60 -42.03 5.66
N ASP E 375 -76.79 -40.75 5.35
CA ASP E 375 -78.09 -40.27 4.89
C ASP E 375 -78.17 -40.59 3.39
N PRO E 376 -79.29 -40.30 2.71
CA PRO E 376 -79.40 -40.69 1.29
C PRO E 376 -78.31 -40.18 0.37
N GLU E 377 -77.66 -39.08 0.71
CA GLU E 377 -76.64 -38.54 -0.18
C GLU E 377 -75.28 -39.15 0.09
N ILE E 378 -75.16 -39.93 1.16
CA ILE E 378 -73.95 -40.69 1.45
C ILE E 378 -74.09 -42.13 0.99
N VAL E 379 -75.29 -42.68 1.16
CA VAL E 379 -75.59 -44.04 0.71
C VAL E 379 -75.59 -44.11 -0.82
N MET E 380 -76.08 -43.08 -1.48
CA MET E 380 -76.03 -43.03 -2.93
C MET E 380 -74.69 -42.47 -3.38
N HIS E 381 -74.25 -42.92 -4.56
CA HIS E 381 -73.12 -42.26 -5.20
C HIS E 381 -73.59 -40.96 -5.83
N SER E 382 -72.75 -39.93 -5.74
CA SER E 382 -73.16 -38.60 -6.19
C SER E 382 -72.18 -38.04 -7.21
N PHE E 383 -72.72 -37.37 -8.22
CA PHE E 383 -71.94 -36.61 -9.18
C PHE E 383 -72.85 -35.57 -9.82
N ASN E 384 -72.23 -34.66 -10.58
CA ASN E 384 -72.91 -33.50 -11.16
C ASN E 384 -72.83 -33.44 -12.68
N CYS E 385 -73.14 -34.54 -13.36
CA CYS E 385 -73.12 -34.59 -14.82
C CYS E 385 -74.11 -33.60 -15.41
N GLY E 386 -73.59 -32.69 -16.23
CA GLY E 386 -74.42 -31.73 -16.93
C GLY E 386 -74.94 -30.60 -16.07
N GLY E 387 -74.51 -30.50 -14.82
CA GLY E 387 -75.01 -29.49 -13.93
C GLY E 387 -76.14 -29.95 -13.04
N GLU E 388 -76.70 -31.13 -13.29
CA GLU E 388 -77.73 -31.68 -12.43
C GLU E 388 -77.08 -32.70 -11.52
N PHE E 389 -77.54 -32.76 -10.28
CA PHE E 389 -76.89 -33.65 -9.34
C PHE E 389 -77.59 -34.99 -9.35
N PHE E 390 -76.83 -36.03 -9.67
CA PHE E 390 -77.35 -37.38 -9.80
C PHE E 390 -76.99 -38.17 -8.57
N TYR E 391 -77.93 -38.94 -8.05
CA TYR E 391 -77.66 -39.76 -6.88
C TYR E 391 -78.08 -41.18 -7.25
N CYS E 392 -77.09 -42.02 -7.50
CA CYS E 392 -77.31 -43.32 -8.09
C CYS E 392 -76.99 -44.41 -7.07
N ASN E 393 -77.64 -45.56 -7.21
CA ASN E 393 -77.48 -46.62 -6.23
C ASN E 393 -76.30 -47.48 -6.64
N SER E 394 -75.16 -47.27 -5.98
CA SER E 394 -73.92 -47.98 -6.23
C SER E 394 -73.98 -49.45 -5.82
N THR E 395 -75.04 -49.88 -5.14
CA THR E 395 -75.22 -51.28 -4.77
C THR E 395 -75.02 -52.21 -5.95
N GLN E 396 -75.45 -51.82 -7.16
CA GLN E 396 -75.28 -52.66 -8.35
C GLN E 396 -73.82 -52.98 -8.65
N LEU E 397 -72.88 -52.19 -8.14
CA LEU E 397 -71.47 -52.48 -8.21
C LEU E 397 -71.00 -53.39 -7.07
N PHE E 398 -71.69 -53.32 -5.93
CA PHE E 398 -71.32 -54.07 -4.74
C PHE E 398 -72.44 -55.00 -4.29
N ASN E 399 -73.23 -55.49 -5.25
CA ASN E 399 -74.36 -56.37 -4.95
C ASN E 399 -73.97 -57.84 -4.94
N SER E 400 -72.68 -58.12 -5.00
CA SER E 400 -72.16 -59.47 -4.94
C SER E 400 -70.85 -59.38 -4.19
N THR E 401 -70.74 -60.16 -3.13
CA THR E 401 -69.54 -60.09 -2.32
C THR E 401 -68.46 -60.98 -2.92
N TRP E 402 -67.26 -60.85 -2.36
CA TRP E 402 -66.18 -61.72 -2.77
C TRP E 402 -66.50 -63.17 -2.41
N ILE E 412 -73.27 -53.15 -16.29
CA ILE E 412 -73.92 -52.91 -15.00
C ILE E 412 -74.67 -51.60 -15.12
N VAL E 413 -75.96 -51.62 -14.80
CA VAL E 413 -76.81 -50.46 -14.96
C VAL E 413 -77.27 -50.01 -13.58
N LEU E 414 -76.99 -48.75 -13.25
CA LEU E 414 -77.36 -48.26 -11.92
C LEU E 414 -78.63 -47.47 -12.02
N PRO E 415 -79.65 -47.74 -11.23
CA PRO E 415 -80.79 -46.83 -11.19
C PRO E 415 -80.37 -45.55 -10.48
N CYS E 416 -81.06 -44.45 -10.80
CA CYS E 416 -80.56 -43.16 -10.35
C CYS E 416 -81.69 -42.14 -10.34
N ARG E 417 -81.62 -41.21 -9.40
CA ARG E 417 -82.57 -40.11 -9.30
C ARG E 417 -81.83 -38.79 -9.33
N ILE E 418 -82.57 -37.72 -9.62
CA ILE E 418 -82.00 -36.37 -9.75
C ILE E 418 -82.65 -35.45 -8.72
N LYS E 419 -81.82 -34.65 -8.06
CA LYS E 419 -82.23 -33.65 -7.08
C LYS E 419 -81.76 -32.26 -7.53
N GLN E 420 -82.58 -31.25 -7.26
CA GLN E 420 -82.21 -29.87 -7.57
C GLN E 420 -81.84 -29.00 -6.38
N ILE E 421 -82.45 -29.17 -5.21
CA ILE E 421 -82.06 -28.38 -4.05
C ILE E 421 -80.92 -29.12 -3.37
N VAL E 422 -79.71 -28.58 -3.50
CA VAL E 422 -78.53 -29.32 -3.09
C VAL E 422 -77.70 -28.47 -2.15
N ASN E 423 -76.71 -29.12 -1.52
CA ASN E 423 -75.84 -28.49 -0.55
C ASN E 423 -74.39 -28.76 -0.95
N MET E 424 -73.63 -27.69 -1.20
CA MET E 424 -72.24 -27.86 -1.55
C MET E 424 -71.47 -28.28 -0.30
N TRP E 425 -71.39 -29.60 -0.13
CA TRP E 425 -70.66 -30.41 0.85
C TRP E 425 -71.29 -30.36 2.23
N GLN E 426 -71.89 -29.23 2.54
CA GLN E 426 -72.74 -28.88 3.66
C GLN E 426 -73.02 -27.42 3.47
N GLU E 427 -74.27 -27.00 3.63
CA GLU E 427 -74.58 -25.60 3.55
C GLU E 427 -75.49 -25.24 4.71
N VAL E 428 -75.26 -24.05 5.25
CA VAL E 428 -75.99 -23.56 6.40
C VAL E 428 -76.73 -22.32 5.96
N GLY E 429 -78.03 -22.28 6.22
CA GLY E 429 -78.81 -21.16 5.78
C GLY E 429 -78.95 -21.21 4.28
N LYS E 430 -78.43 -20.19 3.62
CA LYS E 430 -78.48 -20.07 2.17
C LYS E 430 -77.93 -21.31 1.49
N ALA E 431 -78.64 -21.76 0.45
CA ALA E 431 -78.25 -22.94 -0.29
C ALA E 431 -78.58 -22.76 -1.76
N MET E 432 -78.11 -23.70 -2.57
CA MET E 432 -78.29 -23.63 -4.02
C MET E 432 -79.38 -24.56 -4.54
N TYR E 433 -80.18 -24.01 -5.45
CA TYR E 433 -81.18 -24.73 -6.21
C TYR E 433 -80.78 -24.69 -7.67
N ALA E 434 -80.67 -25.85 -8.28
CA ALA E 434 -80.27 -25.89 -9.67
C ALA E 434 -81.41 -25.45 -10.58
N PRO E 435 -81.10 -24.74 -11.66
CA PRO E 435 -82.11 -24.46 -12.65
C PRO E 435 -82.39 -25.70 -13.48
N PRO E 436 -83.53 -25.76 -14.15
CA PRO E 436 -83.78 -26.86 -15.07
C PRO E 436 -82.84 -26.78 -16.25
N ILE E 437 -82.41 -27.94 -16.73
CA ILE E 437 -81.53 -28.01 -17.89
C ILE E 437 -82.36 -28.50 -19.07
N LYS E 438 -82.35 -27.71 -20.13
CA LYS E 438 -83.14 -28.00 -21.31
C LYS E 438 -82.44 -29.01 -22.21
N GLY E 439 -83.21 -29.98 -22.69
CA GLY E 439 -82.66 -31.00 -23.55
C GLY E 439 -82.28 -32.25 -22.79
N GLN E 440 -81.25 -32.94 -23.27
CA GLN E 440 -80.79 -34.19 -22.68
C GLN E 440 -79.39 -34.00 -22.14
N ILE E 441 -79.05 -34.81 -21.14
CA ILE E 441 -77.73 -34.76 -20.53
C ILE E 441 -76.99 -36.05 -20.84
N ARG E 442 -75.78 -35.91 -21.37
CA ARG E 442 -74.89 -37.03 -21.63
C ARG E 442 -73.49 -36.63 -21.20
N CYS E 443 -72.76 -37.59 -20.64
CA CYS E 443 -71.37 -37.37 -20.28
C CYS E 443 -70.68 -38.71 -20.17
N SER E 444 -69.36 -38.67 -20.12
CA SER E 444 -68.58 -39.88 -19.97
C SER E 444 -67.40 -39.58 -19.07
N SER E 445 -67.14 -40.49 -18.16
CA SER E 445 -66.08 -40.34 -17.19
C SER E 445 -65.59 -41.74 -16.85
N ASN E 446 -64.65 -41.80 -15.91
CA ASN E 446 -64.17 -43.09 -15.46
C ASN E 446 -63.76 -43.03 -13.99
N ILE E 447 -63.91 -44.17 -13.34
CA ILE E 447 -63.58 -44.28 -11.93
C ILE E 447 -62.08 -44.45 -11.84
N THR E 448 -61.43 -43.54 -11.15
CA THR E 448 -59.99 -43.56 -11.03
C THR E 448 -59.56 -43.90 -9.62
N GLY E 449 -60.48 -43.83 -8.68
CA GLY E 449 -60.21 -44.16 -7.31
C GLY E 449 -61.52 -44.34 -6.58
N LEU E 450 -61.41 -44.77 -5.33
CA LEU E 450 -62.61 -44.96 -4.52
C LEU E 450 -62.23 -45.05 -3.07
N ILE E 451 -63.22 -44.84 -2.21
CA ILE E 451 -63.04 -44.85 -0.77
C ILE E 451 -63.80 -46.03 -0.19
N LEU E 452 -63.12 -46.81 0.63
CA LEU E 452 -63.74 -47.94 1.31
C LEU E 452 -63.84 -47.65 2.78
N ILE E 453 -64.91 -48.11 3.41
CA ILE E 453 -65.08 -47.97 4.85
C ILE E 453 -65.29 -49.34 5.46
N ARG E 454 -64.79 -49.49 6.69
CA ARG E 454 -64.92 -50.74 7.42
C ARG E 454 -66.21 -50.72 8.23
N ASP E 455 -66.89 -51.87 8.27
CA ASP E 455 -68.21 -51.92 8.90
C ASP E 455 -68.19 -51.92 10.43
N GLY E 456 -67.09 -52.27 11.07
CA GLY E 456 -67.06 -52.17 12.52
C GLY E 456 -66.49 -53.42 13.18
N GLY E 457 -66.82 -53.58 14.45
CA GLY E 457 -66.31 -54.71 15.22
C GLY E 457 -66.83 -56.03 14.72
N LYS E 458 -66.00 -57.06 14.85
CA LYS E 458 -66.34 -58.39 14.36
C LYS E 458 -65.39 -59.42 14.96
N ASN E 459 -65.71 -60.68 14.71
CA ASN E 459 -64.81 -61.79 15.01
C ASN E 459 -63.49 -61.61 14.26
N ARG E 460 -62.38 -61.70 15.01
CA ARG E 460 -61.04 -61.51 14.46
C ARG E 460 -60.76 -62.39 13.25
N SER E 461 -61.39 -63.57 13.18
CA SER E 461 -61.14 -64.53 12.11
C SER E 461 -61.41 -63.93 10.74
N GLU E 462 -60.63 -64.35 9.75
CA GLU E 462 -60.66 -63.78 8.41
C GLU E 462 -61.91 -64.25 7.66
N ASN E 463 -63.08 -63.89 8.16
CA ASN E 463 -64.34 -64.28 7.55
C ASN E 463 -64.90 -63.18 6.68
N THR E 464 -65.12 -62.01 7.28
CA THR E 464 -65.71 -60.88 6.60
C THR E 464 -64.92 -59.63 6.94
N GLU E 465 -65.01 -58.67 6.04
CA GLU E 465 -64.61 -57.30 6.26
C GLU E 465 -65.38 -56.57 5.18
N ILE E 466 -66.47 -55.93 5.53
CA ILE E 466 -67.41 -55.47 4.51
C ILE E 466 -67.03 -54.04 4.13
N PHE E 467 -66.17 -53.95 3.12
CA PHE E 467 -65.65 -52.68 2.62
C PHE E 467 -66.75 -52.03 1.81
N ARG E 468 -67.59 -51.33 2.50
CA ARG E 468 -68.70 -50.67 1.87
C ARG E 468 -68.20 -49.38 1.21
N PRO E 469 -68.85 -48.92 0.15
CA PRO E 469 -68.52 -47.58 -0.35
C PRO E 469 -68.95 -46.56 0.66
N GLY E 470 -68.23 -45.46 0.70
CA GLY E 470 -68.62 -44.42 1.63
C GLY E 470 -67.67 -43.24 1.55
N GLY E 471 -67.80 -42.38 2.56
CA GLY E 471 -67.00 -41.19 2.66
C GLY E 471 -67.77 -39.96 2.28
N GLY E 472 -68.01 -39.10 3.27
CA GLY E 472 -68.71 -37.85 3.04
C GLY E 472 -67.84 -36.62 3.23
N ASP E 473 -66.57 -36.78 3.54
CA ASP E 473 -65.71 -35.62 3.78
C ASP E 473 -65.12 -35.25 2.44
N MET E 474 -65.66 -34.19 1.85
CA MET E 474 -65.32 -33.84 0.48
C MET E 474 -63.88 -33.41 0.33
N ARG E 475 -63.21 -33.02 1.42
CA ARG E 475 -61.79 -32.66 1.41
C ARG E 475 -60.90 -33.78 0.88
N ASP E 476 -61.33 -35.02 1.04
CA ASP E 476 -60.56 -36.15 0.55
C ASP E 476 -60.50 -36.20 -0.97
N ASN E 477 -61.40 -35.50 -1.68
CA ASN E 477 -61.32 -35.47 -3.14
C ASN E 477 -60.15 -34.65 -3.65
N TRP E 478 -59.49 -33.90 -2.79
CA TRP E 478 -58.29 -33.20 -3.18
C TRP E 478 -57.06 -33.76 -2.51
N ARG E 479 -57.21 -34.20 -1.25
CA ARG E 479 -56.14 -34.85 -0.54
C ARG E 479 -55.62 -36.07 -1.30
N SER E 480 -56.52 -36.78 -1.98
CA SER E 480 -56.16 -37.94 -2.77
C SER E 480 -55.17 -37.63 -3.88
N GLU E 481 -54.99 -36.37 -4.23
CA GLU E 481 -53.97 -35.99 -5.19
C GLU E 481 -52.81 -35.26 -4.54
N LEU E 482 -53.12 -34.47 -3.51
CA LEU E 482 -52.11 -33.65 -2.84
C LEU E 482 -51.05 -34.45 -2.11
N TYR E 483 -51.32 -35.72 -1.81
CA TYR E 483 -50.42 -36.60 -1.09
C TYR E 483 -49.02 -36.63 -1.67
N LYS E 484 -48.86 -36.20 -2.90
CA LYS E 484 -47.58 -36.21 -3.56
C LYS E 484 -46.67 -35.07 -3.14
N TYR E 485 -47.18 -34.03 -2.47
CA TYR E 485 -46.43 -32.79 -2.34
C TYR E 485 -46.26 -32.39 -0.87
N LYS E 486 -45.22 -31.61 -0.62
CA LYS E 486 -44.92 -31.02 0.67
C LYS E 486 -44.32 -29.64 0.45
N VAL E 487 -44.66 -28.68 1.30
CA VAL E 487 -44.18 -27.30 1.18
C VAL E 487 -43.22 -26.99 2.32
N VAL E 488 -42.07 -26.38 1.99
CA VAL E 488 -41.05 -26.05 2.97
C VAL E 488 -40.60 -24.60 2.80
N LYS E 489 -40.05 -24.06 3.88
CA LYS E 489 -39.46 -22.72 3.88
C LYS E 489 -37.94 -22.84 3.85
N ILE E 490 -37.33 -22.08 2.97
CA ILE E 490 -35.89 -22.20 2.73
C ILE E 490 -35.18 -21.07 3.45
N GLU E 491 -34.14 -21.43 4.20
CA GLU E 491 -33.40 -20.50 5.06
C GLU E 491 -32.00 -20.29 4.48
N PRO E 492 -31.77 -19.20 3.75
CA PRO E 492 -30.48 -19.04 3.05
C PRO E 492 -29.34 -18.56 3.92
N LEU E 493 -29.60 -18.16 5.15
CA LEU E 493 -28.58 -17.56 6.00
C LEU E 493 -28.02 -18.59 6.97
N GLY E 494 -26.70 -18.71 6.99
CA GLY E 494 -26.05 -19.64 7.91
C GLY E 494 -24.58 -19.34 8.06
N ILE E 495 -23.96 -20.04 9.02
CA ILE E 495 -22.56 -19.83 9.37
C ILE E 495 -21.83 -21.16 9.48
N ALA E 496 -20.51 -21.08 9.42
CA ALA E 496 -19.63 -22.22 9.62
C ALA E 496 -18.23 -21.70 9.97
N PRO E 497 -17.39 -22.51 10.62
CA PRO E 497 -16.04 -22.05 10.93
C PRO E 497 -15.17 -21.98 9.69
N THR E 498 -14.11 -21.16 9.78
CA THR E 498 -13.11 -21.06 8.71
C THR E 498 -11.72 -21.05 9.33
N LYS E 499 -10.72 -20.80 8.49
CA LYS E 499 -9.33 -20.86 8.90
C LYS E 499 -8.80 -19.56 9.48
N CYS E 500 -9.25 -18.40 9.01
CA CYS E 500 -8.56 -17.15 9.33
C CYS E 500 -9.49 -16.11 9.94
N LYS E 501 -8.90 -15.09 10.55
CA LYS E 501 -9.58 -13.90 11.05
C LYS E 501 -9.78 -12.90 9.92
N ARG E 502 -10.91 -12.19 9.95
CA ARG E 502 -11.10 -11.01 9.11
C ARG E 502 -9.98 -10.02 9.35
N ARG E 503 -9.42 -9.50 8.25
CA ARG E 503 -8.33 -8.53 8.31
C ARG E 503 -8.90 -7.18 8.74
N VAL E 504 -9.13 -7.05 10.03
CA VAL E 504 -9.75 -5.86 10.59
C VAL E 504 -8.66 -4.87 10.96
N VAL E 505 -8.82 -3.64 10.50
CA VAL E 505 -7.97 -2.53 10.90
C VAL E 505 -8.54 -1.84 12.14
N ALA F 1 -14.06 -42.27 -18.59
CA ALA F 1 -15.22 -41.66 -19.20
C ALA F 1 -16.12 -41.03 -18.16
N VAL F 2 -16.59 -39.83 -18.44
CA VAL F 2 -17.39 -39.09 -17.48
C VAL F 2 -18.63 -38.51 -18.15
N GLY F 3 -19.79 -38.75 -17.53
CA GLY F 3 -21.01 -38.11 -17.95
C GLY F 3 -21.23 -36.85 -17.13
N ILE F 4 -21.73 -35.82 -17.79
CA ILE F 4 -21.87 -34.51 -17.16
C ILE F 4 -23.28 -33.99 -17.31
N GLY F 5 -23.69 -33.21 -16.31
CA GLY F 5 -24.91 -32.43 -16.40
C GLY F 5 -24.66 -31.19 -17.24
N ALA F 6 -25.66 -30.33 -17.34
CA ALA F 6 -25.51 -29.17 -18.21
C ALA F 6 -24.54 -28.14 -17.65
N VAL F 7 -24.96 -27.40 -16.64
CA VAL F 7 -24.18 -26.24 -16.20
C VAL F 7 -23.91 -26.23 -14.71
N PHE F 8 -24.95 -26.30 -13.90
CA PHE F 8 -24.79 -26.17 -12.47
C PHE F 8 -26.01 -26.74 -11.75
N LEU F 9 -25.88 -26.79 -10.42
CA LEU F 9 -26.91 -27.31 -9.54
C LEU F 9 -28.27 -26.72 -9.89
N GLY F 10 -29.26 -27.58 -10.04
CA GLY F 10 -30.62 -27.14 -10.31
C GLY F 10 -31.19 -26.33 -9.17
N PHE F 11 -31.40 -26.97 -8.03
CA PHE F 11 -32.02 -26.29 -6.89
C PHE F 11 -31.90 -27.19 -5.68
N LEU F 12 -31.25 -26.68 -4.63
CA LEU F 12 -31.10 -27.33 -3.34
C LEU F 12 -30.39 -28.69 -3.29
N GLY F 13 -30.17 -29.35 -4.43
CA GLY F 13 -29.64 -30.70 -4.39
C GLY F 13 -28.37 -30.85 -3.57
N ALA F 14 -27.51 -29.83 -3.62
CA ALA F 14 -26.25 -29.85 -2.90
C ALA F 14 -26.39 -29.90 -1.40
N ALA F 15 -27.61 -29.67 -0.87
CA ALA F 15 -27.89 -29.63 0.56
C ALA F 15 -27.46 -30.90 1.29
N GLY F 16 -27.44 -32.02 0.59
CA GLY F 16 -26.99 -33.26 1.16
C GLY F 16 -25.58 -33.65 0.82
N SER F 17 -24.83 -32.79 0.15
CA SER F 17 -23.44 -33.08 -0.13
C SER F 17 -22.61 -32.27 0.85
N THR F 18 -21.32 -32.53 0.89
CA THR F 18 -20.48 -31.78 1.83
C THR F 18 -20.58 -30.29 1.58
N MET F 19 -20.44 -29.55 2.67
CA MET F 19 -20.52 -28.09 2.62
C MET F 19 -19.47 -27.50 1.71
N GLY F 20 -18.30 -28.15 1.66
CA GLY F 20 -17.26 -27.77 0.74
C GLY F 20 -17.75 -27.73 -0.69
N ALA F 21 -18.25 -28.89 -1.16
CA ALA F 21 -18.75 -28.96 -2.53
C ALA F 21 -19.96 -28.07 -2.72
N ALA F 22 -20.85 -28.04 -1.74
CA ALA F 22 -22.05 -27.22 -1.85
C ALA F 22 -21.74 -25.72 -2.00
N SER F 23 -20.64 -25.24 -1.43
CA SER F 23 -20.30 -23.83 -1.52
C SER F 23 -20.16 -23.35 -2.95
N MET F 24 -19.92 -24.26 -3.89
CA MET F 24 -19.70 -23.89 -5.28
C MET F 24 -20.89 -23.14 -5.87
N THR F 25 -22.11 -23.44 -5.43
CA THR F 25 -23.30 -22.89 -6.07
C THR F 25 -24.08 -21.96 -5.16
N LEU F 26 -23.40 -21.31 -4.21
CA LEU F 26 -24.07 -20.31 -3.39
C LEU F 26 -24.61 -19.17 -4.23
N THR F 27 -23.89 -18.82 -5.30
CA THR F 27 -24.36 -17.78 -6.20
C THR F 27 -25.65 -18.18 -6.87
N VAL F 28 -25.78 -19.46 -7.20
CA VAL F 28 -26.99 -19.96 -7.84
C VAL F 28 -28.14 -19.97 -6.87
N GLN F 29 -27.93 -20.60 -5.72
CA GLN F 29 -29.00 -20.77 -4.76
C GLN F 29 -29.47 -19.43 -4.23
N ALA F 30 -28.55 -18.52 -3.93
CA ALA F 30 -28.92 -17.21 -3.40
C ALA F 30 -29.79 -16.45 -4.37
N ARG F 31 -29.38 -16.38 -5.64
CA ARG F 31 -30.12 -15.65 -6.66
C ARG F 31 -31.53 -16.17 -6.82
N GLN F 32 -31.67 -17.50 -6.83
CA GLN F 32 -32.95 -18.16 -7.00
C GLN F 32 -33.89 -17.89 -5.83
N LEU F 33 -33.36 -17.81 -4.63
CA LEU F 33 -34.21 -17.60 -3.47
C LEU F 33 -34.55 -16.14 -3.30
N LEU F 34 -33.56 -15.26 -3.54
CA LEU F 34 -33.75 -13.84 -3.35
C LEU F 34 -34.82 -13.31 -4.29
N SER F 35 -34.85 -13.81 -5.52
CA SER F 35 -35.81 -13.30 -6.49
C SER F 35 -36.36 -14.45 -7.32
N TRP F 60 -57.80 -12.81 -4.57
CA TRP F 60 -56.56 -13.30 -5.14
C TRP F 60 -55.50 -12.22 -5.14
N GLY F 61 -55.87 -11.00 -5.50
CA GLY F 61 -54.91 -9.92 -5.52
C GLY F 61 -54.40 -9.57 -4.13
N ILE F 62 -55.31 -9.57 -3.14
CA ILE F 62 -54.97 -9.17 -1.78
C ILE F 62 -54.11 -10.22 -1.10
N LYS F 63 -54.46 -11.49 -1.24
CA LYS F 63 -53.65 -12.54 -0.65
C LYS F 63 -52.24 -12.52 -1.20
N GLN F 64 -52.10 -12.32 -2.51
CA GLN F 64 -50.78 -12.16 -3.10
C GLN F 64 -50.11 -10.88 -2.64
N LEU F 65 -50.89 -9.79 -2.52
CA LEU F 65 -50.37 -8.53 -2.01
C LEU F 65 -49.75 -8.71 -0.65
N GLN F 66 -50.44 -9.41 0.25
CA GLN F 66 -49.89 -9.73 1.54
C GLN F 66 -48.60 -10.51 1.41
N ALA F 67 -48.59 -11.54 0.57
CA ALA F 67 -47.40 -12.36 0.38
C ALA F 67 -46.23 -11.53 -0.10
N ARG F 68 -46.50 -10.59 -1.01
CA ARG F 68 -45.43 -9.74 -1.55
C ARG F 68 -44.76 -8.94 -0.44
N VAL F 69 -45.57 -8.34 0.43
CA VAL F 69 -45.03 -7.53 1.51
C VAL F 69 -44.20 -8.40 2.44
N LEU F 70 -44.68 -9.60 2.73
CA LEU F 70 -43.94 -10.53 3.57
C LEU F 70 -42.62 -10.91 2.94
N ALA F 71 -42.63 -11.15 1.63
CA ALA F 71 -41.40 -11.47 0.94
C ALA F 71 -40.39 -10.35 1.06
N VAL F 72 -40.86 -9.11 0.96
CA VAL F 72 -39.98 -7.96 1.08
C VAL F 72 -39.35 -7.92 2.46
N GLU F 73 -40.17 -8.10 3.50
CA GLU F 73 -39.68 -8.08 4.88
C GLU F 73 -38.64 -9.15 5.13
N ARG F 74 -38.88 -10.36 4.60
CA ARG F 74 -37.88 -11.41 4.73
C ARG F 74 -36.62 -11.05 3.98
N TYR F 75 -36.78 -10.54 2.77
CA TYR F 75 -35.65 -10.08 1.96
C TYR F 75 -34.82 -9.05 2.72
N LEU F 76 -35.48 -8.02 3.25
CA LEU F 76 -34.76 -6.94 3.87
C LEU F 76 -34.16 -7.35 5.20
N LYS F 77 -34.85 -8.24 5.93
CA LYS F 77 -34.33 -8.74 7.20
C LYS F 77 -32.94 -9.30 7.04
N ASP F 78 -32.76 -10.17 6.04
CA ASP F 78 -31.45 -10.75 5.77
C ASP F 78 -30.46 -9.68 5.38
N GLN F 79 -30.88 -8.73 4.54
CA GLN F 79 -29.99 -7.66 4.11
C GLN F 79 -29.57 -6.80 5.28
N GLN F 80 -30.47 -6.59 6.24
CA GLN F 80 -30.11 -5.80 7.42
C GLN F 80 -28.94 -6.43 8.16
N LEU F 81 -29.04 -7.73 8.44
CA LEU F 81 -27.99 -8.42 9.17
C LEU F 81 -26.69 -8.44 8.39
N LEU F 82 -26.77 -8.71 7.08
CA LEU F 82 -25.57 -8.72 6.25
C LEU F 82 -24.93 -7.34 6.21
N GLY F 83 -25.74 -6.29 6.15
CA GLY F 83 -25.21 -4.94 6.25
C GLY F 83 -24.47 -4.70 7.55
N ILE F 84 -25.14 -4.96 8.68
CA ILE F 84 -24.57 -4.73 10.01
C ILE F 84 -23.29 -5.52 10.21
N TRP F 85 -23.28 -6.77 9.78
CA TRP F 85 -22.13 -7.64 9.98
C TRP F 85 -20.96 -7.29 9.07
N GLY F 86 -21.13 -6.34 8.16
CA GLY F 86 -20.07 -6.03 7.23
C GLY F 86 -19.93 -7.08 6.16
N CYS F 87 -21.04 -7.71 5.80
CA CYS F 87 -21.03 -8.82 4.87
C CYS F 87 -21.78 -8.51 3.58
N SER F 88 -22.41 -7.34 3.49
CA SER F 88 -23.23 -6.99 2.34
C SER F 88 -22.45 -7.06 1.05
N GLY F 89 -23.08 -7.63 0.03
CA GLY F 89 -22.43 -7.84 -1.25
C GLY F 89 -21.69 -9.14 -1.35
N LYS F 90 -21.53 -9.86 -0.25
CA LYS F 90 -20.79 -11.11 -0.25
C LYS F 90 -21.76 -12.23 0.06
N LEU F 91 -21.48 -13.40 -0.50
CA LEU F 91 -22.13 -14.61 -0.05
C LEU F 91 -21.24 -15.42 0.87
N ILE F 92 -19.98 -15.02 0.96
CA ILE F 92 -18.97 -15.63 1.82
C ILE F 92 -18.23 -14.46 2.45
N CYS F 93 -18.36 -14.28 3.76
CA CYS F 93 -17.53 -13.27 4.39
C CYS F 93 -16.96 -13.75 5.72
N CYS F 94 -15.70 -13.44 5.91
CA CYS F 94 -15.03 -13.80 7.14
C CYS F 94 -15.34 -12.78 8.21
N THR F 95 -15.64 -13.24 9.42
CA THR F 95 -15.85 -12.34 10.54
C THR F 95 -14.59 -12.32 11.39
N ALA F 96 -14.66 -11.62 12.51
CA ALA F 96 -13.54 -11.56 13.45
C ALA F 96 -13.95 -12.14 14.80
N VAL F 97 -14.93 -13.02 14.80
CA VAL F 97 -15.40 -13.67 16.02
C VAL F 97 -14.73 -15.05 16.08
N PRO F 98 -13.98 -15.35 17.14
CA PRO F 98 -13.35 -16.67 17.24
C PRO F 98 -14.37 -17.77 17.46
N TRP F 99 -14.04 -18.94 16.96
CA TRP F 99 -14.89 -20.10 17.14
C TRP F 99 -14.65 -20.68 18.52
N ASN F 100 -15.70 -20.75 19.33
CA ASN F 100 -15.58 -21.40 20.61
C ASN F 100 -15.77 -22.89 20.38
N THR F 101 -14.71 -23.65 20.61
CA THR F 101 -14.73 -25.09 20.35
C THR F 101 -15.71 -25.84 21.24
N SER F 102 -16.29 -25.18 22.24
CA SER F 102 -17.39 -25.78 23.00
C SER F 102 -18.57 -26.09 22.10
N TRP F 103 -18.79 -25.24 21.09
CA TRP F 103 -19.89 -25.46 20.17
C TRP F 103 -19.68 -26.73 19.36
N SER F 104 -18.47 -26.93 18.86
CA SER F 104 -18.08 -28.16 18.19
C SER F 104 -16.58 -28.20 18.15
N ASN F 105 -16.00 -29.34 18.52
CA ASN F 105 -14.56 -29.52 18.55
C ASN F 105 -14.03 -30.18 17.29
N LYS F 106 -14.82 -30.20 16.23
CA LYS F 106 -14.33 -30.73 14.97
C LYS F 106 -13.35 -29.76 14.31
N SER F 107 -12.36 -30.32 13.63
CA SER F 107 -11.42 -29.53 12.88
C SER F 107 -12.05 -29.02 11.59
N TYR F 108 -11.33 -28.12 10.91
CA TYR F 108 -11.80 -27.57 9.64
C TYR F 108 -12.17 -28.68 8.66
N ASN F 109 -11.23 -29.58 8.39
CA ASN F 109 -11.49 -30.64 7.43
C ASN F 109 -12.56 -31.62 7.91
N GLN F 110 -12.62 -31.89 9.21
CA GLN F 110 -13.62 -32.78 9.76
C GLN F 110 -15.05 -32.28 9.60
N ILE F 111 -15.22 -31.01 9.26
CA ILE F 111 -16.54 -30.43 9.08
C ILE F 111 -16.80 -30.32 7.60
N TRP F 112 -15.93 -29.57 6.94
CA TRP F 112 -16.16 -29.11 5.58
C TRP F 112 -16.06 -30.21 4.55
N ASN F 113 -15.23 -31.21 4.81
CA ASN F 113 -15.08 -32.32 3.89
C ASN F 113 -15.84 -33.54 4.37
N ASN F 114 -16.65 -33.39 5.41
CA ASN F 114 -17.32 -34.55 5.94
C ASN F 114 -18.76 -34.30 6.38
N MET F 115 -19.31 -33.13 6.15
CA MET F 115 -20.65 -32.89 6.67
C MET F 115 -21.40 -31.96 5.74
N THR F 116 -22.71 -32.19 5.64
CA THR F 116 -23.57 -31.47 4.72
C THR F 116 -24.09 -30.22 5.39
N TRP F 117 -24.70 -29.34 4.59
CA TRP F 117 -25.33 -28.17 5.17
C TRP F 117 -26.51 -28.53 6.06
N MET F 118 -27.35 -29.47 5.65
CA MET F 118 -28.47 -29.83 6.51
C MET F 118 -27.98 -30.36 7.84
N GLU F 119 -26.96 -31.21 7.81
CA GLU F 119 -26.44 -31.79 9.04
C GLU F 119 -25.77 -30.74 9.91
N TRP F 120 -24.96 -29.88 9.30
CA TRP F 120 -24.21 -28.88 10.06
C TRP F 120 -25.11 -27.92 10.81
N GLU F 121 -26.14 -27.41 10.13
CA GLU F 121 -27.03 -26.43 10.73
C GLU F 121 -27.71 -26.99 11.96
N ARG F 122 -28.08 -28.27 11.91
CA ARG F 122 -28.64 -28.94 13.08
C ARG F 122 -27.64 -29.03 14.21
N GLU F 123 -26.38 -29.38 13.89
CA GLU F 123 -25.37 -29.54 14.92
C GLU F 123 -25.25 -28.29 15.79
N ILE F 124 -25.29 -27.11 15.17
CA ILE F 124 -25.08 -25.88 15.92
C ILE F 124 -26.32 -25.02 15.95
N ASP F 125 -27.50 -25.63 15.79
CA ASP F 125 -28.76 -24.90 15.76
C ASP F 125 -28.94 -24.04 17.01
N ASN F 126 -28.55 -24.56 18.17
CA ASN F 126 -28.78 -23.88 19.43
C ASN F 126 -27.73 -22.80 19.74
N TYR F 127 -26.83 -22.53 18.80
CA TYR F 127 -25.82 -21.50 18.99
C TYR F 127 -26.02 -20.35 18.01
N THR F 128 -27.06 -20.44 17.18
CA THR F 128 -27.32 -19.44 16.15
C THR F 128 -27.46 -18.06 16.76
N SER F 129 -28.37 -17.92 17.72
CA SER F 129 -28.62 -16.64 18.36
C SER F 129 -27.41 -16.17 19.16
N LEU F 130 -26.68 -17.10 19.76
CA LEU F 130 -25.48 -16.75 20.50
C LEU F 130 -24.44 -16.11 19.61
N ILE F 131 -24.09 -16.79 18.52
CA ILE F 131 -23.02 -16.29 17.66
C ILE F 131 -23.45 -15.02 16.95
N TYR F 132 -24.70 -14.97 16.47
CA TYR F 132 -25.21 -13.75 15.84
C TYR F 132 -25.09 -12.57 16.79
N THR F 133 -25.43 -12.79 18.06
CA THR F 133 -25.30 -11.74 19.06
C THR F 133 -23.85 -11.30 19.19
N LEU F 134 -22.94 -12.27 19.28
CA LEU F 134 -21.52 -11.97 19.43
C LEU F 134 -20.99 -11.16 18.27
N ILE F 135 -21.43 -11.46 17.05
CA ILE F 135 -20.96 -10.71 15.89
C ILE F 135 -21.30 -9.24 16.04
N GLU F 136 -22.52 -8.95 16.45
CA GLU F 136 -22.94 -7.57 16.54
C GLU F 136 -22.44 -6.92 17.82
N ASP F 137 -22.71 -7.55 18.96
CA ASP F 137 -22.36 -6.92 20.22
C ASP F 137 -20.86 -6.74 20.38
N SER F 138 -20.06 -7.67 19.86
CA SER F 138 -18.63 -7.49 20.05
C SER F 138 -17.95 -6.88 18.84
N GLN F 139 -18.06 -7.53 17.67
CA GLN F 139 -17.23 -7.07 16.56
C GLN F 139 -17.76 -5.79 15.94
N ASN F 140 -19.05 -5.78 15.59
CA ASN F 140 -19.65 -4.59 14.98
C ASN F 140 -19.46 -3.38 15.86
N GLN F 141 -19.74 -3.55 17.15
CA GLN F 141 -19.49 -2.51 18.14
C GLN F 141 -18.06 -2.00 18.06
N GLN F 142 -17.09 -2.92 18.08
CA GLN F 142 -15.68 -2.52 17.98
C GLN F 142 -15.40 -1.77 16.69
N GLU F 143 -15.83 -2.33 15.55
CA GLU F 143 -15.52 -1.73 14.26
C GLU F 143 -16.08 -0.33 14.12
N LYS F 144 -17.28 -0.09 14.66
CA LYS F 144 -17.82 1.26 14.59
C LYS F 144 -17.11 2.21 15.54
N ASN F 145 -16.82 1.77 16.77
CA ASN F 145 -16.10 2.65 17.70
C ASN F 145 -14.73 3.00 17.18
N GLU F 146 -13.95 1.98 16.84
CA GLU F 146 -12.58 2.21 16.40
C GLU F 146 -12.51 2.99 15.10
N GLN F 147 -13.47 2.73 14.18
CA GLN F 147 -13.53 3.46 12.91
C GLN F 147 -13.55 4.97 13.14
N GLU F 148 -14.47 5.44 13.99
CA GLU F 148 -14.56 6.86 14.27
C GLU F 148 -13.27 7.38 14.86
N LEU F 149 -12.70 6.64 15.81
CA LEU F 149 -11.47 7.07 16.47
C LEU F 149 -10.32 7.17 15.47
N LEU F 150 -10.23 6.20 14.55
CA LEU F 150 -9.21 6.26 13.51
C LEU F 150 -9.44 7.44 12.56
N GLU F 151 -10.69 7.69 12.16
CA GLU F 151 -10.95 8.84 11.30
C GLU F 151 -10.64 10.16 12.01
N LEU F 152 -10.99 10.26 13.30
CA LEU F 152 -10.65 11.46 14.05
C LEU F 152 -9.13 11.64 14.15
N ASP F 153 -8.44 10.57 14.50
CA ASP F 153 -6.99 10.60 14.60
C ASP F 153 -6.36 9.37 13.97
N GLN G 19 -23.93 -62.46 -0.27
CA GLN G 19 -22.95 -62.07 -1.26
C GLN G 19 -23.57 -61.36 -2.44
N VAL G 20 -22.72 -61.00 -3.39
CA VAL G 20 -23.18 -60.29 -4.59
C VAL G 20 -23.67 -61.31 -5.61
N GLN G 21 -24.88 -61.10 -6.10
CA GLN G 21 -25.47 -61.99 -7.09
C GLN G 21 -26.40 -61.19 -7.96
N LEU G 22 -26.25 -61.36 -9.28
CA LEU G 22 -27.17 -60.78 -10.24
C LEU G 22 -28.03 -61.90 -10.79
N VAL G 23 -29.34 -61.67 -10.82
CA VAL G 23 -30.30 -62.64 -11.34
C VAL G 23 -30.89 -62.03 -12.58
N GLU G 24 -30.48 -62.56 -13.73
CA GLU G 24 -30.74 -61.91 -15.01
C GLU G 24 -31.72 -62.78 -15.80
N SER G 25 -32.93 -62.27 -15.98
CA SER G 25 -33.96 -63.03 -16.66
C SER G 25 -34.77 -62.08 -17.53
N GLY G 26 -35.91 -62.57 -17.99
CA GLY G 26 -36.75 -61.83 -18.89
C GLY G 26 -36.48 -62.12 -20.34
N GLY G 27 -35.58 -63.04 -20.65
CA GLY G 27 -35.24 -63.38 -22.01
C GLY G 27 -36.23 -64.35 -22.63
N GLY G 28 -35.82 -64.95 -23.75
CA GLY G 28 -36.64 -65.83 -24.53
C GLY G 28 -36.52 -65.51 -26.01
N VAL G 29 -37.53 -65.93 -26.79
CA VAL G 29 -37.51 -65.79 -28.23
C VAL G 29 -38.67 -64.90 -28.66
N VAL G 30 -38.36 -63.89 -29.46
CA VAL G 30 -39.34 -62.95 -30.01
C VAL G 30 -39.14 -62.86 -31.51
N GLN G 31 -40.16 -62.35 -32.17
CA GLN G 31 -40.13 -62.10 -33.61
C GLN G 31 -39.50 -60.73 -33.87
N PRO G 32 -38.87 -60.53 -35.03
CA PRO G 32 -38.47 -59.16 -35.41
C PRO G 32 -39.68 -58.25 -35.51
N GLY G 33 -39.51 -57.04 -34.99
CA GLY G 33 -40.60 -56.11 -34.84
C GLY G 33 -41.30 -56.18 -33.50
N GLY G 34 -41.00 -57.19 -32.69
CA GLY G 34 -41.59 -57.34 -31.37
C GLY G 34 -40.75 -56.68 -30.31
N SER G 35 -41.04 -57.04 -29.06
CA SER G 35 -40.35 -56.41 -27.95
C SER G 35 -40.39 -57.30 -26.72
N LEU G 36 -39.50 -56.98 -25.79
CA LEU G 36 -39.44 -57.57 -24.46
C LEU G 36 -38.73 -56.58 -23.57
N ARG G 37 -38.68 -56.89 -22.28
CA ARG G 37 -37.88 -56.10 -21.36
C ARG G 37 -37.13 -57.06 -20.43
N LEU G 38 -35.85 -56.83 -20.27
CA LEU G 38 -35.06 -57.63 -19.36
C LEU G 38 -35.04 -56.99 -17.99
N SER G 39 -34.88 -57.83 -16.98
CA SER G 39 -34.84 -57.34 -15.60
C SER G 39 -33.75 -58.08 -14.85
N CYS G 40 -32.76 -57.35 -14.38
CA CYS G 40 -31.64 -57.92 -13.66
C CYS G 40 -31.79 -57.55 -12.20
N ALA G 41 -32.24 -58.49 -11.38
CA ALA G 41 -32.32 -58.26 -9.96
C ALA G 41 -30.94 -58.48 -9.34
N ALA G 42 -30.61 -57.67 -8.34
CA ALA G 42 -29.29 -57.76 -7.76
C ALA G 42 -29.38 -57.48 -6.27
N SER G 43 -28.45 -58.09 -5.53
CA SER G 43 -28.24 -57.74 -4.14
C SER G 43 -26.78 -57.93 -3.78
N GLY G 44 -26.47 -57.73 -2.50
CA GLY G 44 -25.11 -57.79 -2.00
C GLY G 44 -24.34 -56.50 -2.12
N PHE G 45 -24.93 -55.45 -2.68
CA PHE G 45 -24.25 -54.17 -2.82
C PHE G 45 -25.27 -53.07 -2.91
N ALA G 46 -24.79 -51.83 -2.81
CA ALA G 46 -25.65 -50.66 -2.83
C ALA G 46 -26.03 -50.35 -4.28
N PHE G 47 -26.95 -51.16 -4.79
CA PHE G 47 -27.48 -50.99 -6.15
C PHE G 47 -27.87 -49.55 -6.42
N LYS G 48 -28.56 -48.94 -5.46
CA LYS G 48 -29.05 -47.57 -5.61
C LYS G 48 -27.93 -46.57 -5.85
N ASP G 49 -26.72 -46.88 -5.43
CA ASP G 49 -25.65 -45.90 -5.50
C ASP G 49 -24.74 -46.10 -6.69
N PHE G 50 -24.48 -47.33 -7.11
CA PHE G 50 -23.50 -47.50 -8.17
C PHE G 50 -24.15 -47.42 -9.54
N GLY G 51 -23.37 -46.93 -10.50
CA GLY G 51 -23.81 -46.95 -11.88
C GLY G 51 -23.70 -48.32 -12.50
N MET G 52 -24.52 -48.56 -13.52
CA MET G 52 -24.64 -49.88 -14.12
C MET G 52 -24.40 -49.83 -15.62
N HIS G 53 -24.10 -51.01 -16.19
CA HIS G 53 -23.86 -51.19 -17.61
C HIS G 53 -24.77 -52.23 -18.22
N TRP G 54 -24.97 -52.12 -19.52
CA TRP G 54 -25.50 -53.20 -20.34
C TRP G 54 -24.50 -53.52 -21.43
N VAL G 55 -24.25 -54.82 -21.62
CA VAL G 55 -23.40 -55.33 -22.69
C VAL G 55 -24.09 -56.54 -23.31
N ARG G 56 -23.66 -56.89 -24.52
CA ARG G 56 -24.24 -58.05 -25.16
C ARG G 56 -23.16 -58.76 -25.98
N GLN G 57 -23.34 -60.06 -26.14
CA GLN G 57 -22.43 -60.87 -26.96
C GLN G 57 -23.25 -61.76 -27.88
N ALA G 58 -23.17 -61.48 -29.17
CA ALA G 58 -23.79 -62.33 -30.17
C ALA G 58 -22.98 -63.60 -30.34
N PRO G 59 -23.62 -64.71 -30.72
CA PRO G 59 -22.88 -65.95 -30.98
C PRO G 59 -21.83 -65.75 -32.06
N GLY G 60 -20.61 -66.22 -31.78
CA GLY G 60 -19.50 -66.07 -32.68
C GLY G 60 -18.81 -64.72 -32.65
N LYS G 61 -19.27 -63.79 -31.82
CA LYS G 61 -18.72 -62.46 -31.78
C LYS G 61 -18.12 -62.17 -30.41
N GLY G 62 -17.47 -61.01 -30.31
CA GLY G 62 -16.98 -60.51 -29.05
C GLY G 62 -18.05 -59.78 -28.29
N LEU G 63 -17.63 -59.09 -27.24
CA LEU G 63 -18.57 -58.42 -26.37
C LEU G 63 -18.77 -56.99 -26.84
N GLU G 64 -20.02 -56.61 -27.07
CA GLU G 64 -20.37 -55.27 -27.50
C GLU G 64 -20.99 -54.51 -26.34
N TRP G 65 -20.50 -53.30 -26.12
CA TRP G 65 -21.10 -52.43 -25.13
C TRP G 65 -22.42 -51.87 -25.65
N VAL G 66 -23.43 -51.88 -24.80
CA VAL G 66 -24.75 -51.43 -25.17
C VAL G 66 -25.07 -50.07 -24.58
N ALA G 67 -24.97 -49.94 -23.26
CA ALA G 67 -25.41 -48.69 -22.65
C ALA G 67 -24.91 -48.59 -21.21
N VAL G 68 -24.98 -47.36 -20.68
CA VAL G 68 -24.64 -47.10 -19.29
C VAL G 68 -25.68 -46.17 -18.66
N ILE G 69 -25.95 -46.38 -17.39
CA ILE G 69 -26.81 -45.51 -16.59
C ILE G 69 -26.07 -45.21 -15.30
N GLY G 70 -26.13 -43.95 -14.87
CA GLY G 70 -25.46 -43.56 -13.65
C GLY G 70 -26.18 -44.05 -12.42
N GLY G 71 -25.51 -43.88 -11.28
CA GLY G 71 -26.07 -44.23 -10.01
C GLY G 71 -27.09 -43.20 -9.53
N GLY G 72 -27.54 -43.38 -8.29
CA GLY G 72 -28.60 -42.54 -7.79
C GLY G 72 -29.86 -42.76 -8.60
N HIS G 73 -30.40 -41.68 -9.13
CA HIS G 73 -31.60 -41.77 -9.94
C HIS G 73 -31.30 -41.92 -11.41
N GLY G 74 -30.04 -42.01 -11.79
CA GLY G 74 -29.72 -42.21 -13.19
C GLY G 74 -29.91 -40.98 -14.04
N GLN G 75 -29.30 -39.86 -13.65
CA GLN G 75 -29.50 -38.60 -14.35
C GLN G 75 -28.63 -38.44 -15.57
N HIS G 76 -27.96 -39.50 -16.02
CA HIS G 76 -27.15 -39.42 -17.22
C HIS G 76 -27.10 -40.79 -17.88
N GLN G 77 -27.17 -40.81 -19.21
CA GLN G 77 -27.05 -42.05 -19.96
C GLN G 77 -26.19 -41.86 -21.20
N SER G 78 -25.73 -42.98 -21.74
CA SER G 78 -25.09 -43.03 -23.05
C SER G 78 -25.45 -44.34 -23.73
N TYR G 79 -25.68 -44.27 -25.05
CA TYR G 79 -26.05 -45.48 -25.78
C TYR G 79 -25.03 -45.71 -26.87
N SER G 80 -24.76 -46.98 -27.17
CA SER G 80 -24.04 -47.33 -28.37
C SER G 80 -24.84 -46.89 -29.59
N GLU G 81 -24.16 -46.39 -30.62
CA GLU G 81 -24.83 -46.02 -31.86
C GLU G 81 -25.60 -47.18 -32.47
N SER G 82 -25.23 -48.42 -32.12
CA SER G 82 -25.90 -49.59 -32.68
C SER G 82 -27.25 -49.86 -32.03
N VAL G 83 -27.55 -49.20 -30.90
CA VAL G 83 -28.78 -49.46 -30.18
C VAL G 83 -29.59 -48.19 -29.90
N LYS G 84 -28.98 -47.02 -30.03
CA LYS G 84 -29.66 -45.76 -29.73
C LYS G 84 -30.94 -45.58 -30.54
N GLY G 85 -32.02 -45.25 -29.87
CA GLY G 85 -33.30 -45.06 -30.50
C GLY G 85 -34.15 -46.31 -30.55
N ARG G 86 -33.59 -47.44 -30.20
CA ARG G 86 -34.29 -48.70 -30.21
C ARG G 86 -34.37 -49.31 -28.83
N PHE G 87 -33.41 -48.99 -27.95
CA PHE G 87 -33.38 -49.50 -26.59
C PHE G 87 -33.46 -48.33 -25.62
N ALA G 88 -33.99 -48.60 -24.42
CA ALA G 88 -33.96 -47.62 -23.33
C ALA G 88 -33.53 -48.29 -22.02
N ILE G 89 -32.79 -47.53 -21.20
CA ILE G 89 -32.28 -48.02 -19.91
C ILE G 89 -33.05 -47.33 -18.79
N THR G 90 -33.47 -48.10 -17.79
CA THR G 90 -34.01 -47.50 -16.57
C THR G 90 -33.68 -48.39 -15.38
N ARG G 91 -34.15 -47.98 -14.21
CA ARG G 91 -33.78 -48.66 -12.96
C ARG G 91 -34.80 -48.33 -11.87
N ASP G 92 -34.95 -49.26 -10.93
CA ASP G 92 -35.81 -49.10 -9.76
C ASP G 92 -34.99 -49.41 -8.53
N ASN G 93 -34.69 -48.37 -7.74
CA ASN G 93 -33.80 -48.47 -6.60
C ASN G 93 -34.45 -49.14 -5.39
N GLU G 94 -35.75 -49.36 -5.42
CA GLU G 94 -36.40 -50.08 -4.34
C GLU G 94 -36.53 -51.56 -4.63
N LYS G 95 -36.75 -51.90 -5.89
CA LYS G 95 -36.78 -53.29 -6.30
C LYS G 95 -35.38 -53.86 -6.49
N ASN G 96 -34.38 -52.98 -6.63
CA ASN G 96 -32.99 -53.32 -6.94
C ASN G 96 -32.92 -54.08 -8.27
N LYS G 97 -33.60 -53.55 -9.27
CA LYS G 97 -33.64 -54.18 -10.57
C LYS G 97 -33.23 -53.20 -11.65
N LEU G 98 -32.42 -53.68 -12.58
CA LEU G 98 -31.97 -52.92 -13.74
C LEU G 98 -32.72 -53.39 -14.97
N TYR G 99 -33.25 -52.45 -15.76
CA TYR G 99 -34.11 -52.83 -16.88
C TYR G 99 -33.50 -52.43 -18.21
N LEU G 100 -33.78 -53.23 -19.23
CA LEU G 100 -33.49 -52.90 -20.61
C LEU G 100 -34.76 -53.05 -21.41
N HIS G 101 -35.23 -51.95 -21.97
CA HIS G 101 -36.44 -51.99 -22.78
C HIS G 101 -36.02 -52.28 -24.21
N MET G 102 -36.33 -53.49 -24.68
CA MET G 102 -35.85 -53.99 -25.96
C MET G 102 -36.97 -53.86 -26.96
N ASP G 103 -37.08 -52.72 -27.62
CA ASP G 103 -38.23 -52.46 -28.47
C ASP G 103 -37.83 -52.56 -29.94
N ARG G 104 -38.84 -52.70 -30.82
CA ARG G 104 -38.71 -52.67 -32.28
C ARG G 104 -37.49 -53.43 -32.77
N LEU G 105 -37.37 -54.66 -32.31
CA LEU G 105 -36.12 -55.38 -32.46
C LEU G 105 -35.94 -55.94 -33.85
N ARG G 106 -34.68 -56.11 -34.23
CA ARG G 106 -34.28 -56.73 -35.48
C ARG G 106 -33.54 -58.03 -35.18
N THR G 107 -33.39 -58.86 -36.22
CA THR G 107 -32.71 -60.14 -36.05
C THR G 107 -31.25 -59.94 -35.65
N GLU G 108 -30.66 -58.81 -36.03
CA GLU G 108 -29.31 -58.44 -35.65
C GLU G 108 -29.12 -58.26 -34.15
N ASP G 109 -30.22 -58.16 -33.39
CA ASP G 109 -30.16 -57.95 -31.96
C ASP G 109 -30.07 -59.25 -31.16
N THR G 110 -30.06 -60.40 -31.83
CA THR G 110 -29.81 -61.66 -31.14
C THR G 110 -28.46 -61.63 -30.45
N ALA G 111 -28.48 -61.85 -29.14
CA ALA G 111 -27.29 -61.85 -28.31
C ALA G 111 -27.69 -62.29 -26.91
N VAL G 112 -26.69 -62.67 -26.12
CA VAL G 112 -26.87 -62.81 -24.69
C VAL G 112 -26.63 -61.46 -24.08
N TYR G 113 -27.55 -60.98 -23.27
CA TYR G 113 -27.37 -59.65 -22.72
C TYR G 113 -26.99 -59.75 -21.27
N TYR G 114 -26.09 -58.89 -20.83
CA TYR G 114 -25.59 -58.96 -19.46
C TYR G 114 -25.87 -57.63 -18.77
N CYS G 115 -26.10 -57.71 -17.47
CA CYS G 115 -26.09 -56.54 -16.61
C CYS G 115 -24.78 -56.49 -15.86
N ALA G 116 -24.27 -55.27 -15.66
CA ALA G 116 -23.01 -55.14 -14.95
C ALA G 116 -22.98 -53.86 -14.14
N LYS G 117 -22.09 -53.85 -13.16
CA LYS G 117 -21.88 -52.69 -12.30
C LYS G 117 -20.54 -52.05 -12.66
N ASP G 118 -20.52 -50.73 -12.77
CA ASP G 118 -19.27 -50.01 -12.99
C ASP G 118 -18.44 -50.03 -11.71
N ARG G 119 -17.13 -49.88 -11.88
CA ARG G 119 -16.24 -49.69 -10.74
C ARG G 119 -16.70 -48.52 -9.87
N LEU G 120 -17.26 -47.47 -10.46
CA LEU G 120 -17.80 -46.43 -9.60
C LEU G 120 -19.17 -45.88 -9.98
N GLY G 121 -19.25 -45.12 -11.07
CA GLY G 121 -20.51 -44.55 -11.51
C GLY G 121 -21.19 -43.56 -10.59
N ARG G 122 -20.40 -42.77 -9.76
CA ARG G 122 -21.19 -41.99 -8.81
C ARG G 122 -21.37 -40.55 -9.26
N PRO G 123 -22.50 -39.95 -8.92
CA PRO G 123 -22.80 -38.53 -9.18
C PRO G 123 -22.02 -37.54 -8.30
N TRP G 124 -20.76 -37.30 -8.65
CA TRP G 124 -19.94 -36.38 -7.87
C TRP G 124 -20.39 -34.95 -8.08
N ASN G 125 -20.40 -34.17 -7.00
CA ASN G 125 -20.66 -32.74 -7.09
C ASN G 125 -19.34 -32.03 -7.28
N ILE G 126 -19.07 -31.61 -8.50
CA ILE G 126 -17.80 -31.00 -8.86
C ILE G 126 -18.07 -29.93 -9.91
N GLY G 127 -17.42 -28.78 -9.77
CA GLY G 127 -17.60 -27.74 -10.76
C GLY G 127 -18.97 -27.11 -10.70
N GLY G 128 -19.69 -27.31 -9.61
CA GLY G 128 -21.05 -26.85 -9.49
C GLY G 128 -22.08 -27.76 -10.08
N ARG G 129 -21.70 -28.90 -10.65
CA ARG G 129 -22.66 -29.78 -11.28
C ARG G 129 -22.36 -31.23 -10.96
N LEU G 130 -23.36 -32.07 -11.17
CA LEU G 130 -23.17 -33.50 -10.99
C LEU G 130 -22.57 -34.10 -12.23
N VAL G 131 -21.59 -34.98 -12.05
CA VAL G 131 -21.02 -35.72 -13.15
C VAL G 131 -20.85 -37.15 -12.67
N TYR G 132 -20.87 -38.10 -13.61
CA TYR G 132 -20.75 -39.50 -13.25
C TYR G 132 -19.39 -40.00 -13.71
N TYR G 133 -18.56 -40.50 -12.79
CA TYR G 133 -17.27 -41.04 -13.17
C TYR G 133 -17.36 -42.53 -13.37
N TYR G 134 -17.00 -42.99 -14.55
CA TYR G 134 -17.05 -44.39 -14.90
C TYR G 134 -15.63 -44.88 -15.10
N TYR G 135 -15.34 -46.12 -14.71
CA TYR G 135 -14.02 -46.66 -15.00
C TYR G 135 -14.15 -48.08 -15.52
N GLY G 136 -15.35 -48.48 -15.94
CA GLY G 136 -15.56 -49.75 -16.58
C GLY G 136 -16.25 -50.75 -15.66
N MET G 137 -16.84 -51.76 -16.28
CA MET G 137 -17.55 -52.79 -15.56
C MET G 137 -16.57 -53.64 -14.76
N ASP G 138 -16.98 -54.06 -13.56
CA ASP G 138 -16.20 -55.02 -12.80
C ASP G 138 -17.03 -56.09 -12.11
N VAL G 139 -18.36 -55.98 -12.08
CA VAL G 139 -19.24 -56.96 -11.46
C VAL G 139 -20.37 -57.25 -12.44
N TRP G 140 -20.79 -58.52 -12.53
CA TRP G 140 -21.83 -58.91 -13.47
C TRP G 140 -22.38 -60.30 -13.12
N GLY G 141 -23.49 -60.64 -13.75
CA GLY G 141 -23.99 -62.00 -13.78
C GLY G 141 -23.62 -62.68 -15.09
N GLN G 142 -24.37 -63.73 -15.42
CA GLN G 142 -24.10 -64.48 -16.64
C GLN G 142 -25.04 -64.16 -17.80
N GLY G 143 -25.94 -63.21 -17.65
CA GLY G 143 -26.76 -62.81 -18.76
C GLY G 143 -27.85 -63.79 -19.07
N THR G 144 -28.63 -63.45 -20.10
CA THR G 144 -29.70 -64.30 -20.58
C THR G 144 -29.80 -64.14 -22.08
N THR G 145 -30.22 -65.22 -22.74
CA THR G 145 -30.27 -65.22 -24.19
C THR G 145 -31.56 -64.60 -24.68
N VAL G 146 -31.43 -63.67 -25.62
CA VAL G 146 -32.57 -63.08 -26.31
C VAL G 146 -32.39 -63.35 -27.79
N THR G 147 -33.35 -64.04 -28.37
CA THR G 147 -33.29 -64.42 -29.77
C THR G 147 -34.36 -63.66 -30.54
N VAL G 148 -33.97 -63.06 -31.66
CA VAL G 148 -34.91 -62.39 -32.53
C VAL G 148 -34.83 -63.07 -33.88
N SER G 149 -35.92 -63.73 -34.28
CA SER G 149 -35.89 -64.56 -35.47
C SER G 149 -37.32 -64.77 -35.97
N SER G 150 -37.42 -65.34 -37.16
CA SER G 150 -38.70 -65.66 -37.76
C SER G 150 -38.54 -66.87 -38.66
N ALA H 20 -15.18 -43.28 -28.01
CA ALA H 20 -14.05 -44.13 -27.65
C ALA H 20 -13.28 -44.57 -28.90
N ILE H 21 -11.96 -44.66 -28.76
CA ILE H 21 -11.06 -44.93 -29.87
C ILE H 21 -11.05 -46.44 -30.13
N ARG H 22 -11.18 -46.82 -31.40
CA ARG H 22 -11.11 -48.22 -31.80
C ARG H 22 -9.83 -48.89 -31.33
N MET H 23 -9.97 -50.04 -30.69
CA MET H 23 -8.84 -50.83 -30.25
C MET H 23 -8.64 -51.99 -31.20
N THR H 24 -7.39 -52.37 -31.39
CA THR H 24 -7.06 -53.54 -32.20
C THR H 24 -6.17 -54.46 -31.39
N GLN H 25 -6.35 -55.75 -31.61
CA GLN H 25 -5.56 -56.78 -30.94
C GLN H 25 -4.95 -57.75 -31.95
N SER H 26 -3.78 -58.27 -31.59
CA SER H 26 -3.07 -59.16 -32.48
C SER H 26 -2.16 -60.07 -31.68
N PRO H 27 -1.97 -61.34 -32.09
CA PRO H 27 -2.62 -62.05 -33.19
C PRO H 27 -4.03 -62.46 -32.78
N SER H 28 -4.92 -62.70 -33.73
CA SER H 28 -6.25 -63.17 -33.36
C SER H 28 -6.21 -64.55 -32.73
N SER H 29 -5.22 -65.35 -33.09
CA SER H 29 -5.07 -66.72 -32.58
C SER H 29 -3.67 -66.86 -31.99
N LEU H 30 -3.60 -67.01 -30.68
CA LEU H 30 -2.35 -67.06 -29.95
C LEU H 30 -2.28 -68.36 -29.16
N SER H 31 -1.20 -69.10 -29.34
CA SER H 31 -1.08 -70.39 -28.65
C SER H 31 0.35 -70.62 -28.19
N ALA H 32 0.48 -71.50 -27.20
CA ALA H 32 1.78 -71.89 -26.67
C ALA H 32 1.60 -73.20 -25.92
N SER H 33 2.73 -73.83 -25.62
CA SER H 33 2.74 -74.96 -24.71
C SER H 33 2.54 -74.47 -23.28
N VAL H 34 2.21 -75.41 -22.40
CA VAL H 34 1.96 -75.08 -21.00
C VAL H 34 3.24 -74.59 -20.35
N GLY H 35 3.13 -73.45 -19.64
CA GLY H 35 4.25 -72.89 -18.91
C GLY H 35 5.00 -71.80 -19.64
N ASP H 36 4.71 -71.57 -20.91
CA ASP H 36 5.39 -70.58 -21.72
C ASP H 36 4.85 -69.18 -21.39
N ARG H 37 5.63 -68.17 -21.77
CA ARG H 37 5.25 -66.77 -21.59
C ARG H 37 4.55 -66.27 -22.85
N VAL H 38 3.30 -65.85 -22.70
CA VAL H 38 2.44 -65.54 -23.83
C VAL H 38 1.95 -64.10 -23.67
N THR H 39 2.06 -63.32 -24.75
CA THR H 39 1.68 -61.92 -24.70
C THR H 39 0.72 -61.56 -25.82
N ILE H 40 -0.14 -60.56 -25.55
CA ILE H 40 -1.13 -60.11 -26.51
C ILE H 40 -0.86 -58.65 -26.81
N THR H 41 -0.78 -58.31 -28.09
CA THR H 41 -0.56 -56.94 -28.47
C THR H 41 -1.91 -56.25 -28.58
N CYS H 42 -2.00 -55.03 -28.03
CA CYS H 42 -3.21 -54.25 -28.19
C CYS H 42 -2.86 -52.80 -28.40
N GLN H 43 -3.49 -52.18 -29.39
CA GLN H 43 -3.15 -50.80 -29.70
C GLN H 43 -4.40 -49.99 -29.96
N ALA H 44 -4.26 -48.69 -29.71
CA ALA H 44 -5.25 -47.69 -30.06
C ALA H 44 -4.80 -46.92 -31.29
N SER H 45 -5.77 -46.52 -32.12
CA SER H 45 -5.45 -45.63 -33.23
C SER H 45 -5.16 -44.21 -32.76
N GLN H 46 -5.53 -43.86 -31.53
CA GLN H 46 -5.32 -42.53 -30.99
C GLN H 46 -4.95 -42.68 -29.52
N ASP H 47 -4.29 -41.67 -28.98
CA ASP H 47 -3.86 -41.71 -27.57
C ASP H 47 -5.07 -41.81 -26.64
N ILE H 48 -5.09 -42.86 -25.80
CA ILE H 48 -6.16 -43.07 -24.82
C ILE H 48 -5.68 -42.89 -23.41
N LYS H 49 -4.41 -42.51 -23.26
CA LYS H 49 -3.55 -42.29 -22.11
C LYS H 49 -3.34 -43.51 -21.24
N LYS H 50 -4.39 -43.97 -20.52
CA LYS H 50 -4.31 -45.14 -19.66
C LYS H 50 -5.60 -45.93 -19.55
N SER H 51 -6.70 -45.50 -20.16
CA SER H 51 -8.02 -46.02 -19.80
C SER H 51 -8.26 -47.40 -20.39
N LEU H 52 -7.61 -48.42 -19.85
CA LEU H 52 -7.66 -49.75 -20.44
C LEU H 52 -7.87 -50.83 -19.39
N ASN H 53 -8.89 -51.66 -19.63
CA ASN H 53 -9.14 -52.85 -18.84
C ASN H 53 -8.87 -54.11 -19.64
N TRP H 54 -8.40 -55.15 -18.95
CA TRP H 54 -8.21 -56.47 -19.54
C TRP H 54 -9.17 -57.47 -18.94
N TYR H 55 -9.93 -58.15 -19.81
CA TYR H 55 -10.89 -59.15 -19.36
C TYR H 55 -10.49 -60.49 -19.94
N ARG H 56 -10.86 -61.58 -19.25
CA ARG H 56 -10.63 -62.94 -19.76
C ARG H 56 -11.91 -63.76 -19.73
N GLN H 57 -12.32 -64.25 -20.90
CA GLN H 57 -13.55 -65.02 -21.03
C GLN H 57 -13.22 -66.49 -21.17
N LYS H 58 -13.89 -67.29 -20.39
CA LYS H 58 -13.83 -68.73 -20.53
C LYS H 58 -15.18 -69.21 -21.05
N PRO H 59 -15.23 -70.36 -21.75
CA PRO H 59 -16.51 -70.88 -22.23
C PRO H 59 -17.55 -70.99 -21.11
N GLY H 60 -18.74 -70.45 -21.38
CA GLY H 60 -19.83 -70.47 -20.44
C GLY H 60 -19.76 -69.43 -19.34
N LYS H 61 -18.78 -68.54 -19.35
CA LYS H 61 -18.63 -67.57 -18.28
C LYS H 61 -18.43 -66.17 -18.84
N ALA H 62 -19.07 -65.20 -18.21
CA ALA H 62 -18.89 -63.80 -18.57
C ALA H 62 -17.43 -63.40 -18.40
N PRO H 63 -16.91 -62.51 -19.26
CA PRO H 63 -15.50 -62.10 -19.16
C PRO H 63 -15.06 -61.60 -17.81
N GLU H 64 -13.97 -62.17 -17.31
CA GLU H 64 -13.41 -61.84 -16.00
C GLU H 64 -12.39 -60.71 -16.07
N LEU H 65 -12.60 -59.68 -15.25
CA LEU H 65 -11.67 -58.56 -15.20
C LEU H 65 -10.43 -58.99 -14.44
N LEU H 66 -9.30 -58.92 -15.10
CA LEU H 66 -8.04 -59.26 -14.49
C LEU H 66 -7.21 -58.04 -14.12
N ILE H 67 -7.09 -57.10 -15.06
CA ILE H 67 -6.28 -55.91 -14.88
C ILE H 67 -7.08 -54.69 -15.26
N HIS H 68 -6.99 -53.65 -14.43
CA HIS H 68 -7.61 -52.36 -14.69
C HIS H 68 -6.56 -51.27 -14.69
N ASP H 69 -6.94 -50.12 -15.28
CA ASP H 69 -6.07 -48.94 -15.45
C ASP H 69 -4.74 -49.30 -16.08
N ALA H 70 -4.80 -50.25 -17.02
CA ALA H 70 -3.71 -50.77 -17.85
C ALA H 70 -2.61 -51.52 -17.09
N SER H 71 -2.65 -51.60 -15.76
CA SER H 71 -1.55 -52.24 -15.07
C SER H 71 -1.86 -52.85 -13.71
N ILE H 72 -3.04 -52.60 -13.15
CA ILE H 72 -3.30 -52.98 -11.77
C ILE H 72 -4.21 -54.18 -11.74
N LEU H 73 -3.76 -55.25 -11.07
CA LEU H 73 -4.57 -56.45 -10.91
C LEU H 73 -5.80 -56.16 -10.06
N GLN H 74 -6.92 -56.75 -10.48
CA GLN H 74 -8.15 -56.68 -9.72
C GLN H 74 -8.02 -57.52 -8.45
N THR H 75 -8.65 -57.03 -7.37
CA THR H 75 -8.60 -57.70 -6.08
C THR H 75 -9.04 -59.15 -6.20
N GLY H 76 -8.22 -60.06 -5.67
CA GLY H 76 -8.47 -61.47 -5.72
C GLY H 76 -7.86 -62.19 -6.89
N VAL H 77 -7.31 -61.46 -7.87
CA VAL H 77 -6.69 -62.06 -9.05
C VAL H 77 -5.24 -62.39 -8.69
N PRO H 78 -4.77 -63.61 -8.91
CA PRO H 78 -3.38 -63.96 -8.58
C PRO H 78 -2.39 -63.26 -9.49
N SER H 79 -1.17 -63.10 -8.98
CA SER H 79 -0.10 -62.45 -9.75
C SER H 79 0.47 -63.39 -10.80
N ALA H 80 -0.40 -63.79 -11.73
CA ALA H 80 -0.01 -64.62 -12.83
C ALA H 80 0.01 -63.83 -14.12
N PHE H 81 -0.43 -62.58 -14.07
CA PHE H 81 -0.58 -61.76 -15.25
C PHE H 81 0.00 -60.39 -14.94
N THR H 82 0.52 -59.74 -15.98
CA THR H 82 0.89 -58.34 -15.88
C THR H 82 0.42 -57.64 -17.16
N ALA H 83 0.52 -56.31 -17.15
CA ALA H 83 0.24 -55.52 -18.33
C ALA H 83 0.99 -54.21 -18.21
N SER H 84 1.25 -53.60 -19.36
CA SER H 84 1.94 -52.32 -19.37
C SER H 84 1.59 -51.58 -20.64
N GLY H 85 2.28 -50.48 -20.86
CA GLY H 85 2.06 -49.60 -21.98
C GLY H 85 1.16 -48.43 -21.62
N SER H 86 1.22 -47.41 -22.46
CA SER H 86 0.46 -46.17 -22.28
C SER H 86 0.33 -45.55 -23.65
N GLY H 87 -0.52 -44.53 -23.74
CA GLY H 87 -0.70 -43.86 -25.00
C GLY H 87 -1.48 -44.70 -25.99
N THR H 88 -0.77 -45.25 -26.98
CA THR H 88 -1.41 -46.08 -28.00
C THR H 88 -0.96 -47.53 -27.97
N HIS H 89 0.09 -47.88 -27.23
CA HIS H 89 0.66 -49.23 -27.32
C HIS H 89 0.61 -49.91 -25.97
N PHE H 90 -0.08 -51.05 -25.90
CA PHE H 90 -0.33 -51.77 -24.66
C PHE H 90 -0.05 -53.25 -24.88
N SER H 91 0.17 -53.95 -23.79
CA SER H 91 0.36 -55.38 -23.91
C SER H 91 -0.10 -56.09 -22.66
N PHE H 92 -0.65 -57.27 -22.85
CA PHE H 92 -1.06 -58.14 -21.77
C PHE H 92 -0.10 -59.32 -21.73
N VAL H 93 0.39 -59.64 -20.55
CA VAL H 93 1.40 -60.67 -20.38
C VAL H 93 0.86 -61.79 -19.50
N ILE H 94 0.93 -63.01 -20.01
CA ILE H 94 0.61 -64.21 -19.25
C ILE H 94 1.94 -64.81 -18.82
N ASN H 95 2.25 -64.72 -17.53
CA ASN H 95 3.59 -65.11 -17.05
C ASN H 95 3.87 -66.56 -17.38
N LYS H 96 2.88 -67.43 -17.20
CA LYS H 96 2.95 -68.83 -17.59
C LYS H 96 1.57 -69.25 -18.03
N LEU H 97 1.44 -69.77 -19.23
CA LEU H 97 0.13 -70.18 -19.73
C LEU H 97 -0.17 -71.58 -19.22
N GLN H 98 -1.17 -71.69 -18.43
CA GLN H 98 -1.64 -72.95 -17.92
C GLN H 98 -2.95 -73.32 -18.61
N PRO H 99 -3.32 -74.61 -18.65
CA PRO H 99 -4.63 -74.99 -19.21
C PRO H 99 -5.78 -74.19 -18.63
N GLU H 100 -5.70 -73.83 -17.35
CA GLU H 100 -6.72 -73.06 -16.65
C GLU H 100 -6.84 -71.65 -17.18
N ASP H 101 -5.85 -71.16 -17.91
CA ASP H 101 -5.84 -69.79 -18.37
C ASP H 101 -6.34 -69.68 -19.80
N VAL H 102 -6.82 -70.77 -20.37
CA VAL H 102 -7.32 -70.75 -21.74
C VAL H 102 -8.61 -69.94 -21.80
N GLY H 103 -8.66 -69.01 -22.73
CA GLY H 103 -9.80 -68.13 -22.85
C GLY H 103 -9.49 -66.99 -23.80
N THR H 104 -10.48 -66.13 -23.98
CA THR H 104 -10.35 -64.98 -24.86
C THR H 104 -10.11 -63.73 -24.04
N TYR H 105 -9.05 -63.01 -24.35
CA TYR H 105 -8.72 -61.85 -23.55
C TYR H 105 -9.12 -60.59 -24.31
N PHE H 106 -9.79 -59.67 -23.63
CA PHE H 106 -10.30 -58.49 -24.31
C PHE H 106 -9.60 -57.23 -23.84
N CYS H 107 -9.32 -56.34 -24.79
CA CYS H 107 -8.74 -55.03 -24.54
C CYS H 107 -9.87 -54.00 -24.68
N GLN H 108 -10.34 -53.46 -23.56
CA GLN H 108 -11.42 -52.47 -23.56
C GLN H 108 -10.93 -51.07 -23.22
N GLU H 109 -11.36 -50.08 -24.00
CA GLU H 109 -11.10 -48.69 -23.67
C GLU H 109 -12.32 -48.05 -23.03
N TYR H 110 -12.10 -47.31 -21.95
CA TYR H 110 -13.17 -46.56 -21.31
C TYR H 110 -12.84 -45.07 -21.15
N GLU H 111 -12.12 -44.48 -22.10
CA GLU H 111 -11.89 -43.04 -22.03
C GLU H 111 -13.16 -42.24 -22.29
N ASN H 112 -13.97 -42.66 -23.25
CA ASN H 112 -15.23 -41.99 -23.55
C ASN H 112 -16.37 -42.97 -23.34
N LEU H 113 -17.59 -42.45 -23.26
CA LEU H 113 -18.77 -43.19 -22.86
C LEU H 113 -19.30 -44.08 -24.01
N GLN H 114 -18.40 -44.91 -24.55
CA GLN H 114 -18.76 -45.94 -25.51
C GLN H 114 -18.17 -47.25 -25.03
N PHE H 115 -17.18 -47.14 -24.16
CA PHE H 115 -16.53 -48.26 -23.47
C PHE H 115 -16.26 -49.40 -24.46
N THR H 116 -15.67 -49.04 -25.60
CA THR H 116 -15.55 -49.98 -26.70
C THR H 116 -14.67 -51.16 -26.34
N PHE H 117 -15.09 -52.34 -26.79
CA PHE H 117 -14.26 -53.51 -26.59
C PHE H 117 -13.45 -53.76 -27.85
N GLY H 118 -12.23 -54.26 -27.66
CA GLY H 118 -11.43 -54.73 -28.77
C GLY H 118 -11.91 -56.08 -29.27
N PRO H 119 -11.31 -56.53 -30.37
CA PRO H 119 -11.73 -57.81 -30.98
C PRO H 119 -11.59 -59.01 -30.07
N GLY H 120 -10.69 -58.98 -29.11
CA GLY H 120 -10.48 -60.19 -28.32
C GLY H 120 -9.47 -61.10 -28.96
N THR H 121 -8.61 -61.68 -28.13
CA THR H 121 -7.59 -62.63 -28.59
C THR H 121 -7.81 -63.95 -27.89
N LYS H 122 -7.89 -65.03 -28.65
CA LYS H 122 -8.07 -66.36 -28.10
C LYS H 122 -6.70 -66.95 -27.77
N VAL H 123 -6.53 -67.37 -26.52
CA VAL H 123 -5.30 -67.98 -26.06
C VAL H 123 -5.58 -69.43 -25.69
N GLU H 124 -4.85 -70.36 -26.30
CA GLU H 124 -5.06 -71.79 -26.10
C GLU H 124 -3.73 -72.55 -26.03
N ILE H 125 -3.83 -73.82 -25.64
CA ILE H 125 -2.67 -74.70 -25.48
C ILE H 125 -2.41 -75.40 -26.82
N LYS H 126 -1.14 -75.43 -27.23
CA LYS H 126 -0.75 -76.15 -28.43
C LYS H 126 -0.94 -77.65 -28.29
N ARG H 127 -1.37 -78.29 -29.39
CA ARG H 127 -1.51 -79.74 -29.50
C ARG H 127 -1.33 -80.13 -30.97
N ALA I 36 -9.61 -1.04 -32.53
CA ALA I 36 -10.16 -0.19 -31.47
C ALA I 36 -9.49 -0.50 -30.14
N GLU I 37 -9.93 0.23 -29.11
CA GLU I 37 -9.46 -0.01 -27.75
C GLU I 37 -10.00 -1.35 -27.27
N GLN I 38 -9.26 -2.02 -26.39
CA GLN I 38 -9.87 -3.14 -25.69
C GLN I 38 -11.03 -2.58 -24.87
N LEU I 39 -12.20 -3.14 -25.08
CA LEU I 39 -13.36 -2.61 -24.39
C LEU I 39 -13.84 -3.62 -23.35
N TRP I 40 -14.35 -3.08 -22.25
CA TRP I 40 -14.88 -3.86 -21.13
C TRP I 40 -16.27 -3.36 -20.79
N VAL I 41 -17.06 -4.22 -20.18
CA VAL I 41 -18.43 -3.85 -19.84
C VAL I 41 -18.43 -2.98 -18.60
N THR I 42 -19.14 -1.87 -18.66
CA THR I 42 -19.39 -1.01 -17.51
C THR I 42 -20.88 -0.88 -17.25
N VAL I 43 -21.25 -0.96 -15.98
CA VAL I 43 -22.64 -0.87 -15.56
C VAL I 43 -22.92 0.57 -15.13
N TYR I 44 -24.01 1.10 -15.65
CA TYR I 44 -24.49 2.43 -15.32
C TYR I 44 -25.88 2.36 -14.74
N TYR I 45 -26.18 3.31 -13.87
CA TYR I 45 -27.51 3.37 -13.30
C TYR I 45 -27.96 4.81 -13.24
N GLY I 46 -29.22 5.04 -13.60
CA GLY I 46 -29.71 6.37 -13.86
C GLY I 46 -29.83 6.69 -15.32
N VAL I 47 -29.84 5.67 -16.17
CA VAL I 47 -29.84 5.83 -17.61
C VAL I 47 -31.20 6.36 -18.02
N PRO I 48 -31.27 7.49 -18.67
CA PRO I 48 -32.56 8.13 -18.98
C PRO I 48 -33.21 7.55 -20.23
N VAL I 49 -33.67 6.30 -20.16
CA VAL I 49 -34.32 5.69 -21.30
C VAL I 49 -35.65 5.12 -20.85
N TRP I 50 -36.56 4.91 -21.79
CA TRP I 50 -37.88 4.44 -21.39
C TRP I 50 -38.56 3.67 -22.52
N LYS I 51 -39.64 2.97 -22.13
CA LYS I 51 -40.50 2.25 -23.04
C LYS I 51 -41.94 2.57 -22.68
N GLU I 52 -42.80 2.56 -23.69
CA GLU I 52 -44.23 2.75 -23.47
C GLU I 52 -44.79 1.69 -22.53
N ALA I 53 -45.61 2.12 -21.57
CA ALA I 53 -46.24 1.21 -20.63
C ALA I 53 -47.55 1.82 -20.12
N THR I 54 -48.48 0.95 -19.75
CA THR I 54 -49.77 1.34 -19.17
C THR I 54 -49.85 0.95 -17.70
N THR I 55 -50.20 1.93 -16.85
CA THR I 55 -50.37 1.71 -15.42
C THR I 55 -51.44 2.66 -14.91
N THR I 56 -51.61 2.66 -13.58
CA THR I 56 -52.62 3.46 -12.93
C THR I 56 -52.04 4.79 -12.47
N LEU I 57 -52.70 5.89 -12.82
CA LEU I 57 -52.28 7.19 -12.35
C LEU I 57 -53.03 7.54 -11.07
N PHE I 58 -52.32 8.18 -10.15
CA PHE I 58 -52.92 8.55 -8.88
C PHE I 58 -53.80 9.77 -9.08
N CYS I 59 -54.95 9.77 -8.43
CA CYS I 59 -55.75 10.97 -8.52
C CYS I 59 -55.16 12.04 -7.64
N ALA I 60 -55.44 13.29 -7.99
CA ALA I 60 -55.12 14.41 -7.13
C ALA I 60 -56.21 15.45 -7.29
N SER I 61 -56.40 16.24 -6.24
CA SER I 61 -57.53 17.15 -6.23
C SER I 61 -57.24 18.33 -5.34
N ASP I 62 -57.88 19.46 -5.65
CA ASP I 62 -57.77 20.65 -4.84
C ASP I 62 -58.62 20.37 -3.60
N ALA I 63 -57.98 19.73 -2.62
CA ALA I 63 -58.66 19.13 -1.48
C ALA I 63 -59.53 20.13 -0.73
N ARG I 64 -60.73 19.67 -0.37
CA ARG I 64 -61.68 20.43 0.42
C ARG I 64 -62.31 19.51 1.44
N ARG I 71 -71.23 15.11 -0.29
CA ARG I 71 -71.08 13.77 -0.86
C ARG I 71 -70.95 13.74 -2.38
N ASN I 72 -70.48 14.85 -2.94
CA ASN I 72 -70.27 14.99 -4.36
C ASN I 72 -69.51 13.80 -4.89
N VAL I 73 -70.06 13.21 -5.96
CA VAL I 73 -69.63 11.94 -6.54
C VAL I 73 -68.12 11.86 -6.68
N TRP I 74 -67.53 12.92 -7.19
CA TRP I 74 -66.12 12.86 -7.56
C TRP I 74 -65.29 13.49 -6.49
N ALA I 75 -65.91 13.96 -5.42
CA ALA I 75 -65.22 14.61 -4.34
C ALA I 75 -64.86 13.54 -3.31
N THR I 76 -64.04 12.60 -3.77
CA THR I 76 -63.69 11.48 -2.93
C THR I 76 -62.95 11.98 -1.70
N HIS I 77 -63.18 11.28 -0.60
CA HIS I 77 -62.52 11.62 0.66
C HIS I 77 -61.04 11.31 0.60
N ALA I 78 -60.61 10.47 -0.33
CA ALA I 78 -59.24 10.01 -0.46
C ALA I 78 -58.71 10.44 -1.82
N CYS I 79 -57.84 11.43 -1.83
CA CYS I 79 -57.22 11.90 -3.06
C CYS I 79 -56.06 12.81 -2.69
N VAL I 80 -55.00 12.74 -3.49
CA VAL I 80 -53.75 13.43 -3.17
C VAL I 80 -53.94 14.93 -3.40
N PRO I 81 -53.53 15.79 -2.47
CA PRO I 81 -53.64 17.22 -2.71
C PRO I 81 -52.71 17.63 -3.84
N THR I 82 -53.13 18.64 -4.60
CA THR I 82 -52.36 19.01 -5.77
C THR I 82 -51.08 19.74 -5.40
N ASP I 83 -50.16 19.72 -6.34
CA ASP I 83 -48.90 20.42 -6.21
C ASP I 83 -49.12 21.89 -6.55
N PRO I 84 -48.86 22.82 -5.62
CA PRO I 84 -49.04 24.25 -5.94
C PRO I 84 -48.03 24.77 -6.95
N ASN I 85 -46.93 24.05 -7.20
CA ASN I 85 -45.88 24.50 -8.12
C ASN I 85 -45.38 23.31 -8.93
N PRO I 86 -46.20 22.79 -9.84
CA PRO I 86 -45.77 21.64 -10.62
C PRO I 86 -44.70 22.02 -11.63
N GLN I 87 -43.87 21.06 -11.99
CA GLN I 87 -42.81 21.29 -12.96
C GLN I 87 -43.14 20.66 -14.31
N GLU I 88 -42.55 21.25 -15.34
CA GLU I 88 -42.60 20.70 -16.69
C GLU I 88 -41.28 21.02 -17.36
N VAL I 89 -40.67 20.02 -18.00
CA VAL I 89 -39.38 20.20 -18.64
C VAL I 89 -39.47 19.67 -20.06
N VAL I 90 -38.75 20.30 -20.93
CA VAL I 90 -38.74 19.90 -22.32
C VAL I 90 -37.60 18.92 -22.54
N LEU I 91 -37.81 17.98 -23.45
CA LEU I 91 -36.78 17.02 -23.79
C LEU I 91 -35.84 17.55 -24.86
N GLU I 92 -36.43 18.03 -25.96
CA GLU I 92 -35.87 18.60 -27.18
C GLU I 92 -34.93 17.70 -27.97
N ASN I 93 -34.02 16.98 -27.33
CA ASN I 93 -33.19 16.12 -28.16
C ASN I 93 -34.00 14.91 -28.59
N VAL I 94 -35.14 14.68 -27.96
CA VAL I 94 -35.90 13.45 -28.08
C VAL I 94 -37.31 13.80 -28.52
N THR I 95 -37.83 13.06 -29.50
CA THR I 95 -39.23 13.14 -29.88
C THR I 95 -39.95 11.87 -29.46
N GLU I 96 -41.27 11.87 -29.64
CA GLU I 96 -42.07 10.75 -29.17
C GLU I 96 -43.32 10.58 -30.00
N ASN I 97 -43.76 9.33 -30.13
CA ASN I 97 -44.89 8.96 -30.97
C ASN I 97 -46.16 8.92 -30.16
N PHE I 98 -47.03 9.90 -30.38
CA PHE I 98 -48.25 9.95 -29.63
C PHE I 98 -49.37 9.40 -30.50
N ASN I 99 -50.36 8.77 -29.85
CA ASN I 99 -51.54 8.26 -30.54
C ASN I 99 -52.70 8.34 -29.54
N MET I 100 -53.61 9.29 -29.78
CA MET I 100 -54.67 9.55 -28.82
C MET I 100 -55.67 8.42 -28.73
N TRP I 101 -55.63 7.51 -29.69
CA TRP I 101 -56.58 6.42 -29.73
C TRP I 101 -56.11 5.22 -28.92
N LYS I 102 -54.89 5.29 -28.38
CA LYS I 102 -54.32 4.22 -27.58
C LYS I 102 -54.14 4.62 -26.12
N ASN I 103 -54.58 5.81 -25.72
CA ASN I 103 -54.31 6.25 -24.36
C ASN I 103 -55.28 5.55 -23.44
N ASN I 104 -54.75 4.56 -22.74
CA ASN I 104 -55.57 3.69 -21.92
C ASN I 104 -56.06 4.38 -20.67
N MET I 105 -55.59 5.60 -20.40
CA MET I 105 -56.04 6.36 -19.24
C MET I 105 -57.53 6.61 -19.29
N VAL I 106 -58.11 6.68 -20.50
CA VAL I 106 -59.54 6.88 -20.64
C VAL I 106 -60.31 5.71 -20.05
N GLU I 107 -59.70 4.52 -20.02
CA GLU I 107 -60.37 3.36 -19.46
C GLU I 107 -60.37 3.43 -17.95
N GLN I 108 -59.26 3.88 -17.37
CA GLN I 108 -59.21 4.06 -15.93
C GLN I 108 -60.29 5.02 -15.48
N MET I 109 -60.40 6.17 -16.15
CA MET I 109 -61.43 7.14 -15.80
C MET I 109 -62.80 6.54 -15.94
N HIS I 110 -63.04 5.84 -17.05
CA HIS I 110 -64.33 5.22 -17.31
C HIS I 110 -64.77 4.35 -16.14
N GLU I 111 -63.92 3.42 -15.72
CA GLU I 111 -64.35 2.53 -14.66
C GLU I 111 -64.39 3.24 -13.31
N ASP I 112 -63.36 4.00 -12.96
CA ASP I 112 -63.32 4.64 -11.65
C ASP I 112 -64.50 5.59 -11.46
N ILE I 113 -64.84 6.36 -12.50
CA ILE I 113 -65.94 7.31 -12.39
C ILE I 113 -67.25 6.59 -12.15
N ILE I 114 -67.49 5.49 -12.88
CA ILE I 114 -68.71 4.74 -12.65
C ILE I 114 -68.75 4.22 -11.22
N SER I 115 -67.62 3.68 -10.73
CA SER I 115 -67.58 3.15 -9.38
C SER I 115 -67.96 4.23 -8.37
N LEU I 116 -67.38 5.43 -8.52
CA LEU I 116 -67.66 6.53 -7.61
C LEU I 116 -69.14 6.88 -7.60
N TRP I 117 -69.76 6.91 -8.79
CA TRP I 117 -71.19 7.14 -8.92
C TRP I 117 -72.00 6.14 -8.11
N ASP I 118 -71.77 4.86 -8.35
CA ASP I 118 -72.53 3.83 -7.67
C ASP I 118 -72.31 3.85 -6.17
N GLN I 119 -71.07 4.10 -5.73
CA GLN I 119 -70.76 4.10 -4.31
C GLN I 119 -71.52 5.18 -3.57
N SER I 120 -71.43 6.42 -4.06
CA SER I 120 -72.09 7.54 -3.41
C SER I 120 -73.58 7.32 -3.33
N LEU I 121 -74.16 6.77 -4.39
CA LEU I 121 -75.59 6.57 -4.47
C LEU I 121 -76.00 5.17 -4.09
N LYS I 122 -75.17 4.47 -3.31
CA LYS I 122 -75.59 3.15 -2.83
C LYS I 122 -76.73 3.21 -1.81
N PRO I 123 -76.66 3.99 -0.69
CA PRO I 123 -77.77 3.87 0.28
C PRO I 123 -78.97 4.73 -0.09
N CYS I 124 -79.57 4.46 -1.24
CA CYS I 124 -80.65 5.28 -1.77
C CYS I 124 -81.97 4.51 -1.79
N VAL I 125 -83.04 5.24 -2.08
CA VAL I 125 -84.40 4.77 -1.85
C VAL I 125 -84.90 4.01 -3.07
N LYS I 126 -85.35 2.77 -2.86
CA LYS I 126 -85.89 1.95 -3.94
C LYS I 126 -87.31 2.35 -4.33
N LEU I 127 -87.58 2.34 -5.63
CA LEU I 127 -88.90 2.66 -6.16
C LEU I 127 -89.80 1.46 -6.29
N THR I 128 -89.34 0.28 -5.90
CA THR I 128 -90.13 -0.95 -5.98
C THR I 128 -91.57 -0.79 -5.50
N PRO I 129 -91.89 -0.17 -4.33
CA PRO I 129 -93.31 -0.13 -3.94
C PRO I 129 -94.08 0.96 -4.64
N LEU I 130 -93.43 1.72 -5.53
CA LEU I 130 -94.02 2.84 -6.22
C LEU I 130 -94.32 2.50 -7.66
N CYS I 131 -94.20 1.23 -8.04
CA CYS I 131 -94.60 0.72 -9.33
C CYS I 131 -96.12 0.63 -9.48
N VAL I 132 -96.86 0.92 -8.40
CA VAL I 132 -98.32 0.95 -8.43
C VAL I 132 -98.81 1.77 -9.63
N THR I 133 -99.86 1.27 -10.26
CA THR I 133 -100.37 1.97 -11.42
C THR I 133 -100.91 3.34 -11.02
N LEU I 134 -100.88 4.25 -11.98
CA LEU I 134 -101.20 5.63 -11.76
C LEU I 134 -102.45 6.02 -12.52
N ASN I 135 -103.41 6.59 -11.82
CA ASN I 135 -104.61 7.09 -12.48
C ASN I 135 -104.34 8.54 -12.87
N CYS I 136 -104.02 8.77 -14.12
CA CYS I 136 -103.47 10.03 -14.56
C CYS I 136 -104.47 10.84 -15.36
N THR I 137 -104.44 12.16 -15.16
CA THR I 137 -105.11 13.12 -16.00
C THR I 137 -104.10 14.13 -16.47
N ASP I 138 -104.50 14.93 -17.46
CA ASP I 138 -103.62 15.98 -17.95
C ASP I 138 -103.53 17.10 -16.94
N LEU I 139 -102.31 17.52 -16.65
CA LEU I 139 -102.10 18.67 -15.79
C LEU I 139 -102.49 19.94 -16.52
N ARG I 140 -103.42 20.69 -15.95
CA ARG I 140 -103.91 21.90 -16.59
C ARG I 140 -102.80 22.96 -16.65
N ASN I 141 -102.85 23.80 -17.68
CA ASN I 141 -101.84 24.82 -17.85
C ASN I 141 -102.48 26.10 -18.37
N GLY I 161 -99.24 18.22 -23.15
CA GLY I 161 -99.15 17.75 -21.79
C GLY I 161 -97.96 16.82 -21.66
N GLU I 162 -96.97 17.27 -20.91
CA GLU I 162 -95.79 16.49 -20.63
C GLU I 162 -95.78 16.02 -19.20
N ILE I 163 -96.63 16.63 -18.38
CA ILE I 163 -96.72 16.36 -16.96
C ILE I 163 -98.14 15.90 -16.67
N LYS I 164 -98.24 14.78 -15.98
CA LYS I 164 -99.54 14.22 -15.63
C LYS I 164 -99.74 14.37 -14.13
N ASN I 165 -101.00 14.58 -13.73
CA ASN I 165 -101.37 14.68 -12.32
C ASN I 165 -102.11 13.38 -11.99
N CYS I 166 -101.47 12.52 -11.22
CA CYS I 166 -101.95 11.15 -11.05
C CYS I 166 -102.10 10.82 -9.57
N SER I 167 -102.91 9.81 -9.30
CA SER I 167 -103.07 9.28 -7.96
C SER I 167 -102.88 7.77 -7.98
N PHE I 168 -102.79 7.21 -6.78
CA PHE I 168 -102.57 5.78 -6.57
C PHE I 168 -103.01 5.46 -5.16
N ASN I 169 -102.92 4.19 -4.78
CA ASN I 169 -103.30 3.83 -3.40
C ASN I 169 -102.38 2.70 -2.91
N ILE I 170 -101.30 3.08 -2.23
CA ILE I 170 -100.26 2.17 -1.78
C ILE I 170 -99.45 3.01 -0.79
N THR I 171 -99.03 2.42 0.33
CA THR I 171 -99.08 1.01 0.73
C THR I 171 -100.32 0.61 1.51
N THR I 172 -101.21 1.58 1.75
CA THR I 172 -102.45 1.41 2.53
C THR I 172 -102.19 0.79 3.91
N SER I 173 -101.30 1.45 4.67
CA SER I 173 -101.05 1.21 6.11
C SER I 173 -100.41 -0.15 6.39
N MET I 174 -99.35 -0.47 5.64
CA MET I 174 -98.53 -1.66 5.92
C MET I 174 -97.58 -1.36 7.07
N ARG I 175 -98.15 -1.30 8.29
CA ARG I 175 -97.46 -0.91 9.53
C ARG I 175 -96.85 0.48 9.41
N ASP I 176 -97.55 1.39 8.72
CA ASP I 176 -96.98 2.69 8.47
C ASP I 176 -98.10 3.72 8.37
N LYS I 177 -97.70 4.95 8.06
CA LYS I 177 -98.57 6.11 7.98
C LYS I 177 -98.48 6.63 6.57
N VAL I 178 -99.37 6.17 5.67
CA VAL I 178 -99.25 6.48 4.25
C VAL I 178 -100.65 6.85 3.74
N GLN I 179 -100.71 7.38 2.50
CA GLN I 179 -101.97 7.62 1.82
C GLN I 179 -101.74 7.69 0.31
N LYS I 180 -102.83 8.03 -0.40
CA LYS I 180 -102.85 8.04 -1.85
C LYS I 180 -101.82 8.97 -2.48
N GLU I 181 -101.42 10.04 -1.76
CA GLU I 181 -100.39 11.02 -2.12
C GLU I 181 -100.27 11.38 -3.60
N TYR I 182 -101.33 11.88 -4.20
CA TYR I 182 -101.31 12.28 -5.60
C TYR I 182 -100.13 13.20 -5.88
N ALA I 183 -99.61 13.15 -7.10
CA ALA I 183 -98.40 13.90 -7.42
C ALA I 183 -98.29 14.10 -8.92
N LEU I 184 -97.31 14.91 -9.32
CA LEU I 184 -97.01 15.16 -10.74
C LEU I 184 -95.91 14.24 -11.24
N PHE I 185 -96.08 13.70 -12.43
CA PHE I 185 -95.12 12.76 -13.01
C PHE I 185 -94.79 13.24 -14.42
N TYR I 186 -93.59 12.94 -14.91
CA TYR I 186 -93.28 13.32 -16.29
C TYR I 186 -93.53 12.17 -17.25
N LYS I 187 -94.01 12.55 -18.45
CA LYS I 187 -94.25 11.60 -19.54
C LYS I 187 -93.06 10.72 -19.83
N LEU I 188 -91.86 11.29 -19.77
CA LEU I 188 -90.66 10.60 -20.20
C LEU I 188 -90.19 9.58 -19.17
N ASP I 189 -90.81 9.55 -18.01
CA ASP I 189 -90.44 8.65 -16.94
C ASP I 189 -91.42 7.50 -16.77
N VAL I 190 -92.50 7.48 -17.53
CA VAL I 190 -93.56 6.52 -17.32
C VAL I 190 -93.83 5.79 -18.63
N VAL I 191 -94.52 4.67 -18.51
CA VAL I 191 -94.90 3.87 -19.66
C VAL I 191 -96.43 3.83 -19.70
N PRO I 192 -97.03 4.06 -20.85
CA PRO I 192 -98.48 3.96 -20.95
C PRO I 192 -98.97 2.53 -20.82
N ILE I 193 -100.17 2.40 -20.25
CA ILE I 193 -100.86 1.13 -20.12
C ILE I 193 -102.04 1.24 -21.08
N LYS I 194 -101.87 0.74 -22.29
CA LYS I 194 -102.86 0.96 -23.35
C LYS I 194 -104.10 0.10 -23.18
N ASN I 195 -104.09 -0.79 -22.21
CA ASN I 195 -105.25 -1.60 -21.89
C ASN I 195 -106.07 -1.00 -20.77
N ASP I 196 -105.82 0.26 -20.39
CA ASP I 196 -106.59 0.82 -19.28
C ASP I 196 -107.39 2.09 -19.59
N ASN I 197 -106.79 3.27 -19.45
CA ASN I 197 -107.58 4.49 -19.62
C ASN I 197 -107.29 5.24 -20.93
N THR I 198 -106.04 5.40 -21.41
CA THR I 198 -104.71 4.96 -20.93
C THR I 198 -104.22 5.44 -19.57
N SER I 199 -103.69 4.52 -18.75
CA SER I 199 -103.13 4.83 -17.44
C SER I 199 -101.63 4.63 -17.52
N TYR I 200 -100.91 4.95 -16.45
CA TYR I 200 -99.46 4.89 -16.54
C TYR I 200 -98.89 4.18 -15.32
N ARG I 201 -97.62 3.78 -15.45
CA ARG I 201 -96.82 3.29 -14.35
C ARG I 201 -95.37 3.57 -14.66
N LEU I 202 -94.51 3.35 -13.67
CA LEU I 202 -93.08 3.55 -13.83
C LEU I 202 -92.56 2.71 -14.99
N ILE I 203 -91.82 3.36 -15.87
CA ILE I 203 -91.25 2.66 -17.03
C ILE I 203 -90.33 1.53 -16.59
N SER I 204 -89.81 1.59 -15.37
CA SER I 204 -88.89 0.58 -14.87
C SER I 204 -89.58 -0.68 -14.40
N CYS I 205 -90.91 -0.69 -14.32
CA CYS I 205 -91.65 -1.80 -13.74
C CYS I 205 -91.34 -3.13 -14.40
N ASN I 206 -91.17 -3.15 -15.72
CA ASN I 206 -90.91 -4.40 -16.41
C ASN I 206 -89.44 -4.59 -16.71
N THR I 207 -88.57 -3.84 -16.05
CA THR I 207 -87.14 -3.97 -16.29
C THR I 207 -86.37 -4.27 -15.02
N SER I 208 -86.38 -3.37 -14.03
CA SER I 208 -85.47 -3.49 -12.91
C SER I 208 -85.94 -2.62 -11.75
N VAL I 209 -85.30 -2.85 -10.60
CA VAL I 209 -85.49 -2.02 -9.42
C VAL I 209 -84.51 -0.86 -9.48
N ILE I 210 -85.02 0.36 -9.40
CA ILE I 210 -84.18 1.54 -9.49
C ILE I 210 -84.39 2.35 -8.23
N THR I 211 -83.47 3.28 -8.00
CA THR I 211 -83.49 4.04 -6.77
C THR I 211 -83.55 5.52 -7.06
N GLN I 212 -84.12 6.27 -6.12
CA GLN I 212 -84.10 7.72 -6.20
C GLN I 212 -82.79 8.19 -5.61
N ALA I 213 -82.04 8.96 -6.40
CA ALA I 213 -80.72 9.43 -6.00
C ALA I 213 -80.78 10.15 -4.67
N CYS I 214 -79.79 9.87 -3.83
CA CYS I 214 -79.74 10.42 -2.49
C CYS I 214 -79.70 11.95 -2.52
N PRO I 215 -80.62 12.63 -1.84
CA PRO I 215 -80.66 14.11 -1.90
C PRO I 215 -79.39 14.77 -1.45
N LYS I 216 -78.57 14.06 -0.71
CA LYS I 216 -77.36 14.62 -0.14
C LYS I 216 -76.16 14.46 -1.06
N VAL I 217 -76.34 14.04 -2.30
CA VAL I 217 -75.21 13.84 -3.22
C VAL I 217 -75.26 14.91 -4.31
N SER I 218 -74.21 15.71 -4.41
CA SER I 218 -74.09 16.68 -5.47
C SER I 218 -73.51 16.05 -6.72
N PHE I 219 -73.93 16.57 -7.88
CA PHE I 219 -73.41 16.04 -9.13
C PHE I 219 -72.66 17.12 -9.92
N GLU I 220 -72.06 18.07 -9.23
CA GLU I 220 -71.18 19.06 -9.86
C GLU I 220 -69.84 18.46 -10.26
N PRO I 221 -69.47 18.47 -11.54
CA PRO I 221 -68.17 17.94 -11.95
C PRO I 221 -66.99 18.58 -11.23
N ILE I 222 -66.03 17.75 -10.85
CA ILE I 222 -64.84 18.16 -10.11
C ILE I 222 -63.62 18.04 -11.02
N PRO I 223 -62.76 19.05 -11.11
CA PRO I 223 -61.57 18.95 -11.96
C PRO I 223 -60.45 18.11 -11.37
N ILE I 224 -60.57 16.81 -11.47
CA ILE I 224 -59.60 15.91 -10.85
C ILE I 224 -58.35 15.83 -11.70
N HIS I 225 -57.19 15.95 -11.07
CA HIS I 225 -55.88 15.80 -11.67
C HIS I 225 -55.43 14.35 -11.55
N TYR I 226 -54.47 13.94 -12.40
CA TYR I 226 -53.85 12.63 -12.24
C TYR I 226 -52.34 12.70 -12.41
N CYS I 227 -51.61 12.03 -11.53
CA CYS I 227 -50.17 12.15 -11.45
C CYS I 227 -49.49 10.80 -11.62
N ALA I 228 -48.25 10.83 -12.06
CA ALA I 228 -47.52 9.61 -12.34
C ALA I 228 -47.08 8.91 -11.04
N PRO I 229 -47.16 7.59 -11.01
CA PRO I 229 -46.52 6.83 -9.93
C PRO I 229 -45.02 6.73 -10.14
N ALA I 230 -44.35 6.31 -9.07
CA ALA I 230 -42.91 6.11 -9.08
C ALA I 230 -42.49 5.15 -10.18
N GLY I 231 -41.40 5.50 -10.85
CA GLY I 231 -40.87 4.71 -11.94
C GLY I 231 -41.51 4.99 -13.28
N PHE I 232 -42.54 5.84 -13.32
CA PHE I 232 -43.25 6.16 -14.54
C PHE I 232 -43.26 7.66 -14.73
N ALA I 233 -43.53 8.10 -15.96
CA ALA I 233 -43.66 9.52 -16.21
C ALA I 233 -44.69 9.79 -17.29
N ILE I 234 -45.20 11.00 -17.26
CA ILE I 234 -46.19 11.46 -18.22
C ILE I 234 -45.51 12.38 -19.22
N LEU I 235 -45.59 12.04 -20.49
CA LEU I 235 -45.07 12.88 -21.55
C LEU I 235 -46.23 13.63 -22.20
N LYS I 236 -45.96 14.85 -22.63
CA LYS I 236 -46.99 15.69 -23.22
C LYS I 236 -46.59 16.15 -24.59
N CYS I 237 -47.52 16.08 -25.54
CA CYS I 237 -47.31 16.58 -26.89
C CYS I 237 -47.76 18.02 -26.97
N ASN I 238 -46.82 18.92 -27.24
CA ASN I 238 -47.09 20.34 -27.28
C ASN I 238 -47.18 20.88 -28.68
N ASP I 239 -47.22 20.01 -29.69
CA ASP I 239 -47.33 20.48 -31.07
C ASP I 239 -48.74 20.99 -31.29
N LYS I 240 -48.85 22.28 -31.65
CA LYS I 240 -50.17 22.89 -31.84
C LYS I 240 -50.95 22.22 -32.95
N LYS I 241 -50.25 21.57 -33.87
CA LYS I 241 -50.90 20.95 -35.01
C LYS I 241 -51.13 19.47 -34.79
N PHE I 242 -50.84 18.96 -33.61
CA PHE I 242 -50.98 17.53 -33.38
C PHE I 242 -52.43 17.10 -33.52
N ASN I 243 -52.62 16.02 -34.24
CA ASN I 243 -53.92 15.42 -34.49
C ASN I 243 -53.91 14.04 -33.84
N GLY I 244 -54.58 13.07 -34.46
CA GLY I 244 -54.71 11.75 -33.88
C GLY I 244 -53.41 11.04 -33.53
N THR I 245 -52.37 11.19 -34.35
CA THR I 245 -51.15 10.47 -34.07
C THR I 245 -50.00 11.04 -34.87
N GLY I 246 -48.79 10.79 -34.37
CA GLY I 246 -47.58 11.09 -35.08
C GLY I 246 -46.39 11.40 -34.19
N PRO I 247 -45.24 11.60 -34.83
CA PRO I 247 -43.99 11.85 -34.10
C PRO I 247 -43.93 13.27 -33.59
N CYS I 248 -44.69 13.52 -32.54
CA CYS I 248 -44.75 14.85 -31.95
C CYS I 248 -43.34 15.34 -31.63
N THR I 249 -43.03 16.55 -32.09
CA THR I 249 -41.67 17.04 -31.89
C THR I 249 -41.51 17.71 -30.54
N ASN I 250 -42.40 18.63 -30.20
CA ASN I 250 -42.29 19.38 -28.97
C ASN I 250 -42.87 18.51 -27.87
N VAL I 251 -42.00 17.74 -27.23
CA VAL I 251 -42.39 16.80 -26.21
C VAL I 251 -41.78 17.22 -24.89
N SER I 252 -42.60 17.24 -23.85
CA SER I 252 -42.17 17.60 -22.51
C SER I 252 -42.64 16.54 -21.52
N THR I 253 -42.03 16.57 -20.33
CA THR I 253 -42.41 15.67 -19.25
C THR I 253 -43.15 16.46 -18.18
N VAL I 254 -44.29 15.92 -17.77
CA VAL I 254 -45.19 16.60 -16.85
C VAL I 254 -45.31 15.75 -15.60
N GLN I 255 -45.09 16.37 -14.45
CA GLN I 255 -45.21 15.65 -13.19
C GLN I 255 -46.65 15.19 -12.95
N CYS I 256 -47.61 16.05 -13.28
CA CYS I 256 -49.00 15.75 -13.01
C CYS I 256 -49.85 16.60 -13.93
N THR I 257 -50.95 16.04 -14.40
CA THR I 257 -51.81 16.71 -15.37
C THR I 257 -52.65 17.78 -14.70
N HIS I 258 -53.25 18.62 -15.52
CA HIS I 258 -54.24 19.52 -14.97
C HIS I 258 -55.52 18.75 -14.67
N GLY I 259 -56.48 19.43 -14.06
CA GLY I 259 -57.75 18.82 -13.74
C GLY I 259 -58.65 18.79 -14.95
N ILE I 260 -59.36 17.68 -15.11
CA ILE I 260 -60.36 17.52 -16.15
C ILE I 260 -61.69 17.29 -15.48
N ARG I 261 -62.65 18.11 -15.77
CA ARG I 261 -63.94 17.89 -15.14
C ARG I 261 -64.68 16.78 -15.87
N PRO I 262 -65.31 15.87 -15.15
CA PRO I 262 -66.08 14.76 -15.75
C PRO I 262 -67.43 15.23 -16.27
N VAL I 263 -67.39 16.03 -17.33
CA VAL I 263 -68.60 16.53 -17.93
C VAL I 263 -69.16 15.43 -18.80
N VAL I 264 -70.44 15.15 -18.64
CA VAL I 264 -71.11 14.13 -19.41
C VAL I 264 -72.12 14.81 -20.32
N SER I 265 -72.03 14.54 -21.61
CA SER I 265 -72.95 15.14 -22.57
C SER I 265 -72.96 14.33 -23.84
N THR I 266 -73.98 14.58 -24.66
CA THR I 266 -74.10 14.02 -25.99
C THR I 266 -74.04 15.16 -27.00
N GLN I 267 -73.46 14.88 -28.18
CA GLN I 267 -73.33 15.69 -29.39
C GLN I 267 -72.39 16.90 -29.29
N LEU I 268 -72.36 17.59 -28.17
CA LEU I 268 -71.48 18.75 -28.03
C LEU I 268 -70.65 18.59 -26.76
N LEU I 269 -69.40 19.04 -26.83
CA LEU I 269 -68.49 18.97 -25.70
C LEU I 269 -68.55 20.31 -24.97
N LEU I 270 -68.93 20.28 -23.70
CA LEU I 270 -69.10 21.50 -22.94
C LEU I 270 -68.01 21.62 -21.88
N ASN I 271 -67.64 22.87 -21.59
CA ASN I 271 -66.72 23.25 -20.51
C ASN I 271 -65.36 22.53 -20.60
N GLY I 272 -64.83 22.39 -21.81
CA GLY I 272 -63.53 21.79 -22.03
C GLY I 272 -62.49 22.82 -22.41
N SER I 273 -61.42 22.34 -23.04
CA SER I 273 -60.34 23.22 -23.47
C SER I 273 -60.61 23.73 -24.89
N LEU I 274 -59.82 24.72 -25.29
CA LEU I 274 -59.93 25.31 -26.61
C LEU I 274 -58.75 24.93 -27.48
N ALA I 275 -58.95 25.09 -28.78
CA ALA I 275 -57.93 24.81 -29.78
C ALA I 275 -56.90 25.93 -29.86
N GLU I 276 -55.74 25.57 -30.40
CA GLU I 276 -54.56 26.44 -30.46
C GLU I 276 -54.68 27.42 -31.62
N GLU I 277 -55.46 28.47 -31.40
CA GLU I 277 -55.62 29.64 -32.25
C GLU I 277 -56.32 29.36 -33.58
N GLU I 278 -56.97 28.21 -33.73
CA GLU I 278 -57.80 27.87 -34.87
C GLU I 278 -58.59 26.64 -34.52
N VAL I 279 -59.67 26.41 -35.26
CA VAL I 279 -60.39 25.15 -35.15
C VAL I 279 -59.50 24.02 -35.66
N VAL I 280 -59.38 22.96 -34.86
CA VAL I 280 -58.59 21.80 -35.21
C VAL I 280 -59.52 20.60 -35.24
N ILE I 281 -59.51 19.87 -36.35
CA ILE I 281 -60.40 18.74 -36.53
C ILE I 281 -59.58 17.46 -36.62
N ARG I 282 -59.92 16.48 -35.78
CA ARG I 282 -59.16 15.26 -35.66
C ARG I 282 -60.06 14.05 -35.94
N SER I 283 -59.43 12.97 -36.42
CA SER I 283 -60.05 11.66 -36.64
C SER I 283 -58.97 10.61 -36.83
N ALA I 284 -59.36 9.37 -36.56
CA ALA I 284 -58.50 8.25 -36.90
C ALA I 284 -58.28 8.15 -38.39
N ASN I 285 -59.31 8.48 -39.18
CA ASN I 285 -59.26 8.35 -40.62
C ASN I 285 -60.47 9.05 -41.22
N PHE I 286 -60.25 10.17 -41.89
CA PHE I 286 -61.32 10.97 -42.45
C PHE I 286 -62.04 10.27 -43.60
N THR I 287 -61.48 9.21 -44.14
CA THR I 287 -62.12 8.47 -45.21
C THR I 287 -63.00 7.32 -44.71
N ASP I 288 -62.91 6.97 -43.43
CA ASP I 288 -63.56 5.79 -42.88
C ASP I 288 -64.87 6.19 -42.22
N ASN I 289 -65.99 5.80 -42.81
CA ASN I 289 -67.29 6.17 -42.26
C ASN I 289 -67.53 5.57 -40.87
N ALA I 290 -66.75 4.56 -40.48
CA ALA I 290 -66.92 3.94 -39.16
C ALA I 290 -66.27 4.73 -38.05
N LYS I 291 -65.57 5.81 -38.35
CA LYS I 291 -64.92 6.63 -37.34
C LYS I 291 -65.72 7.90 -37.13
N ILE I 292 -65.34 8.64 -36.10
CA ILE I 292 -66.01 9.89 -35.79
C ILE I 292 -65.02 11.01 -35.96
N ILE I 293 -65.54 12.22 -36.08
CA ILE I 293 -64.73 13.41 -36.24
C ILE I 293 -64.86 14.27 -35.01
N ILE I 294 -63.72 14.62 -34.43
CA ILE I 294 -63.63 15.38 -33.20
C ILE I 294 -63.22 16.79 -33.55
N VAL I 295 -64.04 17.76 -33.17
CA VAL I 295 -63.78 19.14 -33.53
C VAL I 295 -63.47 19.90 -32.26
N GLN I 296 -62.30 20.53 -32.23
CA GLN I 296 -61.88 21.33 -31.09
C GLN I 296 -61.95 22.80 -31.50
N LEU I 297 -62.72 23.60 -30.77
CA LEU I 297 -63.03 24.93 -31.25
C LEU I 297 -61.99 25.96 -30.84
N ASN I 298 -61.77 26.90 -31.75
CA ASN I 298 -60.90 28.04 -31.48
C ASN I 298 -61.40 28.83 -30.27
N LYS I 299 -62.64 29.30 -30.34
CA LYS I 299 -63.30 29.99 -29.24
C LYS I 299 -64.64 29.33 -28.98
N SER I 300 -65.08 29.38 -27.73
CA SER I 300 -66.31 28.66 -27.39
C SER I 300 -67.53 29.46 -27.79
N VAL I 301 -68.67 28.77 -27.79
CA VAL I 301 -69.96 29.37 -28.13
C VAL I 301 -70.81 29.41 -26.86
N GLU I 302 -71.29 30.62 -26.54
CA GLU I 302 -72.08 30.87 -25.34
C GLU I 302 -73.48 30.25 -25.41
N ILE I 303 -73.84 29.52 -24.35
CA ILE I 303 -75.18 28.94 -24.20
C ILE I 303 -75.68 29.25 -22.79
N ASN I 304 -76.93 29.66 -22.69
CA ASN I 304 -77.55 29.95 -21.40
C ASN I 304 -78.83 29.11 -21.30
N CYS I 305 -78.88 28.23 -20.31
CA CYS I 305 -80.00 27.31 -20.16
C CYS I 305 -80.83 27.63 -18.93
N THR I 306 -82.13 27.37 -19.04
CA THR I 306 -83.03 27.64 -17.92
C THR I 306 -84.20 26.66 -17.87
N ARG I 307 -84.71 26.51 -16.66
CA ARG I 307 -85.91 25.75 -16.35
C ARG I 307 -86.82 26.77 -15.68
N PRO I 308 -87.61 27.50 -16.45
CA PRO I 308 -88.41 28.60 -15.89
C PRO I 308 -89.40 28.17 -14.83
N ASN I 309 -89.80 26.91 -14.82
CA ASN I 309 -90.84 26.46 -13.91
C ASN I 309 -90.32 26.41 -12.49
N ASN I 310 -91.02 27.08 -11.59
CA ASN I 310 -90.70 27.12 -10.18
C ASN I 310 -91.44 25.97 -9.52
N ASN I 311 -90.71 24.89 -9.24
CA ASN I 311 -91.37 23.69 -8.77
C ASN I 311 -91.18 23.53 -7.27
N THR I 312 -92.20 22.93 -6.65
CA THR I 312 -92.15 22.48 -5.27
C THR I 312 -91.98 20.97 -5.25
N ARG I 313 -91.77 20.43 -4.05
CA ARG I 313 -91.65 18.99 -3.94
C ARG I 313 -92.16 18.56 -2.59
N LYS I 314 -92.55 17.29 -2.51
CA LYS I 314 -93.17 16.78 -1.30
C LYS I 314 -92.53 15.46 -0.91
N SER I 315 -92.26 15.31 0.37
CA SER I 315 -91.84 14.00 0.85
C SER I 315 -93.07 13.19 1.22
N ILE I 316 -93.09 11.95 0.76
CA ILE I 316 -94.22 11.07 1.04
C ILE I 316 -93.69 9.88 1.82
N HIS I 317 -94.56 9.27 2.59
CA HIS I 317 -94.19 8.06 3.31
C HIS I 317 -94.48 6.85 2.45
N ILE I 318 -93.49 5.98 2.33
CA ILE I 318 -93.60 4.79 1.51
C ILE I 318 -93.42 3.52 2.33
N GLY I 319 -93.14 3.64 3.61
CA GLY I 319 -92.96 2.51 4.48
C GLY I 319 -92.49 3.02 5.83
N PRO I 320 -92.37 2.12 6.80
CA PRO I 320 -91.91 2.55 8.13
C PRO I 320 -90.45 3.00 8.06
N GLY I 321 -90.22 4.26 8.41
CA GLY I 321 -88.90 4.82 8.32
C GLY I 321 -88.40 5.05 6.91
N ARG I 322 -89.31 5.17 5.94
CA ARG I 322 -88.92 5.31 4.55
C ARG I 322 -89.69 6.43 3.88
N TRP I 323 -88.97 7.28 3.16
CA TRP I 323 -89.57 8.41 2.47
C TRP I 323 -89.10 8.48 1.03
N PHE I 324 -89.87 9.20 0.24
CA PHE I 324 -89.66 9.36 -1.19
C PHE I 324 -90.08 10.76 -1.57
N TYR I 325 -89.34 11.40 -2.46
CA TYR I 325 -89.74 12.73 -2.88
C TYR I 325 -90.45 12.69 -4.23
N THR I 326 -91.58 13.37 -4.28
CA THR I 326 -92.40 13.50 -5.47
C THR I 326 -92.41 14.96 -5.91
N THR I 327 -92.64 15.16 -7.20
CA THR I 327 -92.88 16.50 -7.71
C THR I 327 -94.17 17.05 -7.12
N GLY I 328 -94.09 18.26 -6.56
CA GLY I 328 -95.23 18.93 -5.99
C GLY I 328 -95.84 19.87 -7.00
N GLU I 329 -96.57 20.87 -6.52
CA GLU I 329 -97.22 21.77 -7.45
C GLU I 329 -96.19 22.66 -8.14
N ILE I 330 -96.63 23.33 -9.20
CA ILE I 330 -95.78 24.25 -9.96
C ILE I 330 -96.36 25.65 -9.83
N ILE I 331 -95.50 26.60 -9.48
CA ILE I 331 -95.89 27.98 -9.27
C ILE I 331 -95.65 28.75 -10.57
N GLY I 332 -96.71 29.36 -11.09
CA GLY I 332 -96.63 30.09 -12.34
C GLY I 332 -96.93 29.21 -13.53
N ASP I 333 -96.93 29.84 -14.72
CA ASP I 333 -97.21 29.11 -15.94
C ASP I 333 -96.19 28.00 -16.13
N ILE I 334 -96.63 26.90 -16.70
CA ILE I 334 -95.72 25.81 -17.00
C ILE I 334 -95.19 26.04 -18.40
N ARG I 335 -93.89 26.25 -18.50
CA ARG I 335 -93.24 26.58 -19.76
C ARG I 335 -92.24 25.49 -20.12
N GLN I 336 -91.66 25.62 -21.31
CA GLN I 336 -90.71 24.62 -21.78
C GLN I 336 -89.32 24.95 -21.29
N ALA I 337 -88.55 23.91 -21.03
CA ALA I 337 -87.11 24.09 -20.90
C ALA I 337 -86.56 24.52 -22.24
N HIS I 338 -85.51 25.34 -22.20
CA HIS I 338 -84.88 25.79 -23.41
C HIS I 338 -83.51 26.35 -23.08
N CYS I 339 -82.69 26.47 -24.12
CA CYS I 339 -81.41 27.15 -24.00
C CYS I 339 -81.32 28.22 -25.07
N ASN I 340 -80.71 29.35 -24.71
CA ASN I 340 -80.46 30.45 -25.64
C ASN I 340 -78.99 30.37 -26.05
N ILE I 341 -78.75 30.29 -27.35
CA ILE I 341 -77.41 30.21 -27.90
C ILE I 341 -77.20 31.37 -28.85
N SER I 342 -76.04 32.03 -28.72
CA SER I 342 -75.70 33.18 -29.55
C SER I 342 -75.47 32.75 -30.99
N GLY I 343 -76.37 33.18 -31.88
CA GLY I 343 -76.23 32.83 -33.28
C GLY I 343 -74.96 33.38 -33.90
N THR I 344 -74.54 34.57 -33.46
CA THR I 344 -73.29 35.17 -33.91
C THR I 344 -72.11 34.26 -33.63
N LYS I 345 -71.95 33.88 -32.36
CA LYS I 345 -70.83 33.03 -31.99
C LYS I 345 -70.94 31.67 -32.63
N TRP I 346 -72.16 31.13 -32.70
CA TRP I 346 -72.35 29.83 -33.32
C TRP I 346 -72.01 29.85 -34.79
N ASN I 347 -72.55 30.83 -35.53
CA ASN I 347 -72.33 30.87 -36.97
C ASN I 347 -70.87 31.11 -37.31
N ASP I 348 -70.24 32.07 -36.63
CA ASP I 348 -68.83 32.32 -36.87
C ASP I 348 -67.99 31.11 -36.56
N THR I 349 -68.37 30.37 -35.52
CA THR I 349 -67.67 29.13 -35.20
C THR I 349 -67.77 28.15 -36.36
N LEU I 350 -68.97 28.00 -36.90
CA LEU I 350 -69.20 27.10 -38.04
C LEU I 350 -68.37 27.50 -39.24
N LYS I 351 -68.25 28.81 -39.49
CA LYS I 351 -67.45 29.30 -40.61
C LYS I 351 -66.05 28.74 -40.55
N GLN I 352 -65.42 28.81 -39.38
CA GLN I 352 -64.07 28.29 -39.24
C GLN I 352 -64.05 26.79 -39.41
N ILE I 353 -65.07 26.09 -38.88
CA ILE I 353 -65.12 24.64 -39.00
C ILE I 353 -65.21 24.23 -40.45
N VAL I 354 -66.11 24.88 -41.21
CA VAL I 354 -66.31 24.58 -42.62
C VAL I 354 -65.02 24.75 -43.40
N VAL I 355 -64.30 25.83 -43.14
CA VAL I 355 -63.01 26.10 -43.80
C VAL I 355 -62.05 24.94 -43.59
N LYS I 356 -62.01 24.40 -42.38
CA LYS I 356 -61.12 23.28 -42.13
C LYS I 356 -61.65 21.99 -42.74
N LEU I 357 -62.98 21.80 -42.70
CA LEU I 357 -63.56 20.62 -43.32
C LEU I 357 -63.26 20.55 -44.81
N LYS I 358 -63.22 21.71 -45.47
CA LYS I 358 -62.91 21.77 -46.89
C LYS I 358 -61.59 21.10 -47.22
N GLU I 359 -60.63 21.12 -46.29
CA GLU I 359 -59.31 20.56 -46.52
C GLU I 359 -59.36 19.08 -46.83
N GLN I 360 -60.38 18.40 -46.33
CA GLN I 360 -60.51 16.97 -46.48
C GLN I 360 -61.71 16.59 -47.31
N PHE I 361 -62.78 17.36 -47.24
CA PHE I 361 -64.07 16.92 -47.74
C PHE I 361 -64.60 17.79 -48.87
N GLY I 362 -63.79 18.67 -49.42
CA GLY I 362 -64.25 19.31 -50.62
C GLY I 362 -64.64 20.76 -50.40
N ASN I 363 -64.54 21.55 -51.46
CA ASN I 363 -64.67 23.00 -51.39
C ASN I 363 -66.10 23.52 -51.57
N LYS I 364 -67.03 22.70 -52.06
CA LYS I 364 -68.43 23.11 -52.23
C LYS I 364 -69.39 22.16 -51.57
N THR I 365 -68.92 21.37 -50.63
CA THR I 365 -69.72 20.32 -50.02
C THR I 365 -70.70 20.86 -49.00
N ILE I 366 -71.96 20.44 -49.14
CA ILE I 366 -73.04 20.83 -48.25
C ILE I 366 -72.97 20.02 -46.96
N VAL I 367 -72.93 20.71 -45.82
CA VAL I 367 -72.69 20.11 -44.52
C VAL I 367 -73.72 20.65 -43.54
N PHE I 368 -73.88 19.93 -42.43
CA PHE I 368 -74.68 20.32 -41.26
C PHE I 368 -76.19 20.37 -41.48
N ASN I 369 -76.83 19.21 -41.57
CA ASN I 369 -78.28 19.15 -41.66
C ASN I 369 -78.83 18.78 -40.27
N HIS I 370 -80.15 18.65 -40.19
CA HIS I 370 -80.88 18.43 -38.94
C HIS I 370 -80.40 17.19 -38.21
N SER I 371 -80.80 17.11 -36.95
CA SER I 371 -80.44 15.99 -36.11
C SER I 371 -81.18 14.74 -36.53
N SER I 372 -80.45 13.64 -36.59
CA SER I 372 -81.01 12.34 -36.91
C SER I 372 -80.03 11.25 -36.53
N GLY I 373 -80.56 10.08 -36.17
CA GLY I 373 -79.72 8.93 -35.89
C GLY I 373 -79.61 8.60 -34.41
N GLY I 374 -79.85 7.34 -34.06
CA GLY I 374 -79.83 6.90 -32.67
C GLY I 374 -81.19 7.03 -32.02
N ASP I 375 -81.22 6.65 -30.74
CA ASP I 375 -82.47 6.67 -29.98
C ASP I 375 -82.66 8.12 -29.50
N PRO I 376 -83.77 8.43 -28.80
CA PRO I 376 -84.01 9.84 -28.43
C PRO I 376 -82.91 10.51 -27.63
N GLU I 377 -82.09 9.75 -26.89
CA GLU I 377 -81.06 10.37 -26.09
C GLU I 377 -79.78 10.60 -26.89
N ILE I 378 -79.72 10.06 -28.10
CA ILE I 378 -78.60 10.31 -28.99
C ILE I 378 -78.96 11.41 -29.99
N VAL I 379 -80.22 11.39 -30.45
CA VAL I 379 -80.72 12.41 -31.37
C VAL I 379 -80.81 13.76 -30.67
N MET I 380 -81.19 13.78 -29.41
CA MET I 380 -81.21 15.01 -28.64
C MET I 380 -79.83 15.29 -28.05
N HIS I 381 -79.52 16.56 -27.88
CA HIS I 381 -78.35 16.93 -27.11
C HIS I 381 -78.67 16.78 -25.63
N SER I 382 -77.69 16.30 -24.87
CA SER I 382 -77.94 15.99 -23.46
C SER I 382 -76.95 16.71 -22.55
N PHE I 383 -77.44 17.19 -21.42
CA PHE I 383 -76.62 17.73 -20.36
C PHE I 383 -77.41 17.68 -19.05
N ASN I 384 -76.72 17.96 -17.95
CA ASN I 384 -77.26 17.81 -16.60
C ASN I 384 -77.26 19.11 -15.80
N CYS I 385 -77.75 20.20 -16.38
CA CYS I 385 -77.81 21.49 -15.69
C CYS I 385 -78.69 21.40 -14.45
N GLY I 386 -78.10 21.72 -13.30
CA GLY I 386 -78.82 21.77 -12.07
C GLY I 386 -79.14 20.41 -11.47
N GLY I 387 -78.63 19.33 -12.04
CA GLY I 387 -78.95 18.01 -11.57
C GLY I 387 -80.07 17.33 -12.32
N GLU I 388 -80.80 18.06 -13.15
CA GLU I 388 -81.85 17.48 -13.96
C GLU I 388 -81.30 17.27 -15.35
N PHE I 389 -81.70 16.17 -15.98
CA PHE I 389 -81.12 15.87 -17.28
C PHE I 389 -82.00 16.46 -18.36
N PHE I 390 -81.41 17.33 -19.17
CA PHE I 390 -82.11 18.05 -20.21
C PHE I 390 -81.80 17.41 -21.55
N TYR I 391 -82.81 17.23 -22.39
CA TYR I 391 -82.59 16.64 -23.71
C TYR I 391 -83.21 17.61 -24.70
N CYS I 392 -82.36 18.35 -25.39
CA CYS I 392 -82.78 19.48 -26.20
C CYS I 392 -82.57 19.16 -27.67
N ASN I 393 -83.37 19.77 -28.53
CA ASN I 393 -83.30 19.46 -29.94
C ASN I 393 -82.27 20.37 -30.59
N SER I 394 -81.09 19.82 -30.84
CA SER I 394 -79.97 20.53 -31.45
C SER I 394 -80.20 20.89 -32.90
N THR I 395 -81.28 20.38 -33.52
CA THR I 395 -81.63 20.73 -34.89
C THR I 395 -81.62 22.23 -35.13
N GLN I 396 -82.05 23.03 -34.14
CA GLN I 396 -82.05 24.49 -34.30
C GLN I 396 -80.67 25.08 -34.55
N LEU I 397 -79.61 24.35 -34.21
CA LEU I 397 -78.25 24.73 -34.56
C LEU I 397 -77.86 24.23 -35.95
N PHE I 398 -78.47 23.14 -36.40
CA PHE I 398 -78.14 22.52 -37.68
C PHE I 398 -79.35 22.47 -38.60
N ASN I 399 -80.26 23.44 -38.47
CA ASN I 399 -81.47 23.49 -39.28
C ASN I 399 -81.28 24.24 -40.58
N SER I 400 -80.05 24.56 -40.91
CA SER I 400 -79.72 25.24 -42.15
C SER I 400 -78.37 24.70 -42.57
N THR I 401 -78.31 24.17 -43.77
CA THR I 401 -77.07 23.58 -44.23
C THR I 401 -76.15 24.65 -44.79
N TRP I 402 -74.92 24.24 -45.08
CA TRP I 402 -73.99 25.13 -45.72
C TRP I 402 -74.49 25.51 -47.11
N ILE I 412 -80.56 31.83 -30.93
CA ILE I 412 -81.09 30.53 -31.31
C ILE I 412 -81.67 29.91 -30.05
N VAL I 413 -82.93 29.49 -30.12
CA VAL I 413 -83.62 28.97 -28.95
C VAL I 413 -83.94 27.50 -29.21
N LEU I 414 -83.48 26.63 -28.32
CA LEU I 414 -83.70 25.21 -28.53
C LEU I 414 -84.86 24.76 -27.68
N PRO I 415 -85.86 24.08 -28.22
CA PRO I 415 -86.87 23.47 -27.35
C PRO I 415 -86.25 22.28 -26.64
N CYS I 416 -86.79 21.95 -25.47
CA CYS I 416 -86.10 20.98 -24.62
C CYS I 416 -87.08 20.35 -23.65
N ARG I 417 -86.84 19.08 -23.33
CA ARG I 417 -87.62 18.35 -22.34
C ARG I 417 -86.71 17.81 -21.25
N ILE I 418 -87.31 17.45 -20.12
CA ILE I 418 -86.57 16.97 -18.95
C ILE I 418 -87.04 15.57 -18.60
N LYS I 419 -86.08 14.69 -18.33
CA LYS I 419 -86.30 13.31 -17.91
C LYS I 419 -85.67 13.07 -16.54
N GLN I 420 -86.32 12.25 -15.73
CA GLN I 420 -85.78 11.89 -14.42
C GLN I 420 -85.24 10.47 -14.30
N ILE I 421 -85.81 9.47 -14.97
CA ILE I 421 -85.25 8.13 -14.90
C ILE I 421 -84.18 8.03 -15.98
N VAL I 422 -82.92 8.01 -15.58
CA VAL I 422 -81.83 8.15 -16.53
C VAL I 422 -80.84 7.01 -16.34
N ASN I 423 -79.92 6.91 -17.29
CA ASN I 423 -78.92 5.86 -17.33
C ASN I 423 -77.55 6.49 -17.49
N MET I 424 -76.67 6.29 -16.51
CA MET I 424 -75.33 6.82 -16.61
C MET I 424 -74.57 6.04 -17.66
N TRP I 425 -74.65 6.54 -18.89
CA TRP I 425 -73.99 6.18 -20.15
C TRP I 425 -74.53 4.89 -20.75
N GLN I 426 -74.96 3.99 -19.85
CA GLN I 426 -75.69 2.76 -20.05
C GLN I 426 -75.78 2.18 -18.66
N GLU I 427 -76.95 1.70 -18.27
CA GLU I 427 -77.07 1.04 -17.00
C GLU I 427 -77.86 -0.24 -17.18
N VAL I 428 -77.44 -1.27 -16.45
CA VAL I 428 -78.04 -2.59 -16.53
C VAL I 428 -78.63 -2.89 -15.17
N GLY I 429 -79.90 -3.28 -15.16
CA GLY I 429 -80.54 -3.54 -13.90
C GLY I 429 -80.76 -2.24 -13.18
N LYS I 430 -80.14 -2.11 -12.01
CA LYS I 430 -80.25 -0.91 -11.19
C LYS I 430 -79.92 0.34 -11.97
N ALA I 431 -80.73 1.37 -11.77
CA ALA I 431 -80.55 2.64 -12.45
C ALA I 431 -80.92 3.79 -11.53
N MET I 432 -80.63 5.01 -11.98
CA MET I 432 -80.88 6.20 -11.17
C MET I 432 -82.10 6.98 -11.61
N TYR I 433 -82.87 7.41 -10.61
CA TYR I 433 -84.00 8.31 -10.77
C TYR I 433 -83.67 9.59 -10.04
N ALA I 434 -83.76 10.70 -10.74
CA ALA I 434 -83.43 11.97 -10.11
C ALA I 434 -84.55 12.41 -9.18
N PRO I 435 -84.21 13.04 -8.06
CA PRO I 435 -85.22 13.65 -7.23
C PRO I 435 -85.71 14.92 -7.85
N PRO I 436 -86.88 15.40 -7.46
CA PRO I 436 -87.32 16.71 -7.93
C PRO I 436 -86.44 17.81 -7.37
N ILE I 437 -86.20 18.83 -8.16
CA ILE I 437 -85.40 19.97 -7.72
C ILE I 437 -86.35 21.14 -7.48
N LYS I 438 -86.29 21.67 -6.27
CA LYS I 438 -87.18 22.75 -5.86
C LYS I 438 -86.66 24.09 -6.35
N GLY I 439 -87.58 24.90 -6.86
CA GLY I 439 -87.22 26.21 -7.37
C GLY I 439 -86.97 26.20 -8.85
N GLN I 440 -86.08 27.07 -9.31
CA GLN I 440 -85.76 27.23 -10.71
C GLN I 440 -84.32 26.81 -10.96
N ILE I 441 -84.04 26.40 -12.19
CA ILE I 441 -82.70 25.98 -12.57
C ILE I 441 -82.15 26.97 -13.58
N ARG I 442 -80.97 27.50 -13.31
CA ARG I 442 -80.25 28.37 -14.23
C ARG I 442 -78.79 27.97 -14.23
N CYS I 443 -78.17 28.03 -15.40
CA CYS I 443 -76.74 27.77 -15.52
C CYS I 443 -76.24 28.41 -16.79
N SER I 444 -74.92 28.49 -16.91
CA SER I 444 -74.30 29.04 -18.09
C SER I 444 -73.05 28.25 -18.39
N SER I 445 -72.87 27.94 -19.66
CA SER I 445 -71.75 27.15 -20.11
C SER I 445 -71.44 27.59 -21.53
N ASN I 446 -70.47 26.92 -22.14
CA ASN I 446 -70.14 27.21 -23.51
C ASN I 446 -69.65 25.97 -24.24
N ILE I 447 -69.92 25.95 -25.54
CA ILE I 447 -69.53 24.82 -26.36
C ILE I 447 -68.07 24.99 -26.68
N THR I 448 -67.27 24.01 -26.30
CA THR I 448 -65.84 24.09 -26.50
C THR I 448 -65.38 23.09 -27.55
N GLY I 449 -66.24 22.14 -27.88
CA GLY I 449 -65.94 21.13 -28.87
C GLY I 449 -67.22 20.45 -29.28
N LEU I 450 -67.11 19.59 -30.28
CA LEU I 450 -68.28 18.86 -30.73
C LEU I 450 -67.84 17.67 -31.57
N ILE I 451 -68.75 16.72 -31.73
CA ILE I 451 -68.50 15.51 -32.47
C ILE I 451 -69.37 15.49 -33.71
N LEU I 452 -68.77 15.25 -34.85
CA LEU I 452 -69.50 15.15 -36.11
C LEU I 452 -69.47 13.72 -36.59
N ILE I 453 -70.57 13.27 -37.20
CA ILE I 453 -70.64 11.94 -37.78
C ILE I 453 -71.00 12.05 -39.25
N ARG I 454 -70.46 11.14 -40.04
CA ARG I 454 -70.72 11.08 -41.47
C ARG I 454 -71.95 10.24 -41.74
N ASP I 455 -72.78 10.69 -42.69
CA ASP I 455 -74.06 10.03 -42.93
C ASP I 455 -73.96 8.70 -43.69
N GLY I 456 -72.88 8.45 -44.42
CA GLY I 456 -72.76 7.14 -45.05
C GLY I 456 -72.34 7.26 -46.50
N GLY I 457 -72.62 6.19 -47.26
CA GLY I 457 -72.22 6.14 -48.65
C GLY I 457 -72.95 7.16 -49.50
N LYS I 458 -72.26 7.64 -50.53
CA LYS I 458 -72.80 8.68 -51.39
C LYS I 458 -71.97 8.77 -52.66
N ASN I 459 -72.47 9.57 -53.60
CA ASN I 459 -71.71 9.95 -54.78
C ASN I 459 -70.43 10.67 -54.38
N ARG I 460 -69.30 10.19 -54.94
CA ARG I 460 -67.97 10.72 -54.62
C ARG I 460 -67.88 12.23 -54.80
N SER I 461 -68.66 12.79 -55.72
CA SER I 461 -68.61 14.22 -56.04
C SER I 461 -68.86 15.08 -54.80
N GLU I 462 -68.19 16.22 -54.75
CA GLU I 462 -68.22 17.10 -53.59
C GLU I 462 -69.56 17.84 -53.51
N ASN I 463 -70.65 17.11 -53.33
CA ASN I 463 -71.98 17.67 -53.26
C ASN I 463 -72.43 17.83 -51.82
N THR I 464 -72.45 16.71 -51.09
CA THR I 464 -72.92 16.68 -49.72
C THR I 464 -71.95 15.87 -48.89
N GLU I 465 -71.96 16.17 -47.60
CA GLU I 465 -71.37 15.34 -46.56
C GLU I 465 -72.08 15.84 -45.32
N ILE I 466 -73.06 15.10 -44.85
CA ILE I 466 -73.97 15.64 -43.86
C ILE I 466 -73.43 15.32 -42.47
N PHE I 467 -72.62 16.24 -41.97
CA PHE I 467 -71.96 16.12 -40.68
C PHE I 467 -73.00 16.38 -39.61
N ARG I 468 -73.70 15.33 -39.27
CA ARG I 468 -74.74 15.44 -38.28
C ARG I 468 -74.11 15.44 -36.89
N PRO I 469 -74.75 16.04 -35.91
CA PRO I 469 -74.26 15.86 -34.54
C PRO I 469 -74.50 14.43 -34.12
N GLY I 470 -73.63 13.94 -33.26
CA GLY I 470 -73.83 12.59 -32.79
C GLY I 470 -72.74 12.19 -31.83
N GLY I 471 -72.69 10.88 -31.58
CA GLY I 471 -71.73 10.30 -30.68
C GLY I 471 -72.35 9.94 -29.36
N GLY I 472 -72.41 8.64 -29.08
CA GLY I 472 -72.95 8.14 -27.84
C GLY I 472 -71.92 7.47 -26.94
N ASP I 473 -70.66 7.42 -27.35
CA ASP I 473 -69.64 6.76 -26.55
C ASP I 473 -69.08 7.80 -25.62
N MET I 474 -69.51 7.73 -24.36
CA MET I 474 -69.19 8.77 -23.41
C MET I 474 -67.72 8.86 -23.09
N ARG I 475 -66.94 7.80 -23.37
CA ARG I 475 -65.49 7.79 -23.17
C ARG I 475 -64.79 8.89 -23.96
N ASP I 476 -65.37 9.32 -25.07
CA ASP I 476 -64.79 10.38 -25.87
C ASP I 476 -64.81 11.73 -25.15
N ASN I 477 -65.65 11.90 -24.12
CA ASN I 477 -65.64 13.15 -23.37
C ASN I 477 -64.40 13.32 -22.52
N TRP I 478 -63.60 12.29 -22.36
CA TRP I 478 -62.34 12.42 -21.67
C TRP I 478 -61.16 12.25 -22.60
N ARG I 479 -61.31 11.37 -23.58
CA ARG I 479 -60.29 11.18 -24.60
C ARG I 479 -59.99 12.50 -25.32
N SER I 480 -61.01 13.33 -25.51
CA SER I 480 -60.85 14.63 -26.15
C SER I 480 -59.89 15.55 -25.42
N GLU I 481 -59.55 15.26 -24.17
CA GLU I 481 -58.54 16.02 -23.47
C GLU I 481 -57.27 15.22 -23.27
N LEU I 482 -57.41 13.92 -23.07
CA LEU I 482 -56.27 13.04 -22.80
C LEU I 482 -55.29 12.92 -23.94
N TYR I 483 -55.72 13.25 -25.17
CA TYR I 483 -54.90 13.17 -26.37
C TYR I 483 -53.55 13.83 -26.22
N LYS I 484 -53.40 14.71 -25.26
CA LYS I 484 -52.17 15.43 -25.06
C LYS I 484 -51.09 14.61 -24.37
N TYR I 485 -51.42 13.47 -23.76
CA TYR I 485 -50.50 12.83 -22.83
C TYR I 485 -50.21 11.40 -23.22
N LYS I 486 -49.06 10.91 -22.78
CA LYS I 486 -48.61 9.53 -22.94
C LYS I 486 -47.84 9.12 -21.69
N VAL I 487 -48.00 7.86 -21.27
CA VAL I 487 -47.35 7.35 -20.06
C VAL I 487 -46.30 6.33 -20.45
N VAL I 488 -45.09 6.45 -19.87
CA VAL I 488 -43.99 5.54 -20.17
C VAL I 488 -43.36 5.04 -18.88
N LYS I 489 -42.68 3.90 -18.99
CA LYS I 489 -41.92 3.31 -17.91
C LYS I 489 -40.44 3.57 -18.13
N ILE I 490 -39.77 4.03 -17.09
CA ILE I 490 -38.38 4.45 -17.20
C ILE I 490 -37.48 3.37 -16.65
N GLU I 491 -36.46 2.99 -17.43
CA GLU I 491 -35.56 1.89 -17.13
C GLU I 491 -34.17 2.44 -16.79
N PRO I 492 -33.83 2.57 -15.51
CA PRO I 492 -32.58 3.24 -15.13
C PRO I 492 -31.34 2.38 -15.26
N LEU I 493 -31.47 1.09 -15.50
CA LEU I 493 -30.34 0.18 -15.51
C LEU I 493 -29.88 -0.08 -16.93
N GLY I 494 -28.58 0.10 -17.17
CA GLY I 494 -28.03 -0.17 -18.49
C GLY I 494 -26.52 -0.29 -18.44
N ILE I 495 -25.95 -0.70 -19.57
CA ILE I 495 -24.51 -0.94 -19.70
C ILE I 495 -23.97 -0.30 -20.97
N ALA I 496 -22.65 -0.15 -21.00
CA ALA I 496 -21.93 0.35 -22.16
C ALA I 496 -20.45 -0.06 -22.00
N PRO I 497 -19.70 -0.13 -23.10
CA PRO I 497 -18.28 -0.47 -22.98
C PRO I 497 -17.48 0.67 -22.39
N THR I 498 -16.32 0.31 -21.82
CA THR I 498 -15.37 1.29 -21.29
C THR I 498 -13.96 0.91 -21.71
N LYS I 499 -12.98 1.64 -21.19
CA LYS I 499 -11.59 1.46 -21.57
C LYS I 499 -10.86 0.39 -20.77
N CYS I 500 -11.18 0.17 -19.49
CA CYS I 500 -10.31 -0.64 -18.65
C CYS I 500 -11.05 -1.78 -17.97
N LYS I 501 -10.30 -2.74 -17.45
CA LYS I 501 -10.79 -3.82 -16.62
C LYS I 501 -10.91 -3.36 -15.18
N ARG I 502 -11.93 -3.87 -14.47
CA ARG I 502 -12.00 -3.73 -13.02
C ARG I 502 -10.74 -4.30 -12.38
N ARG I 503 -10.18 -3.55 -11.44
CA ARG I 503 -8.96 -3.95 -10.73
C ARG I 503 -9.32 -5.04 -9.73
N VAL I 504 -9.47 -6.25 -10.25
CA VAL I 504 -9.88 -7.39 -9.45
C VAL I 504 -8.65 -8.07 -8.87
N VAL I 505 -8.67 -8.29 -7.57
CA VAL I 505 -7.66 -9.09 -6.90
C VAL I 505 -8.06 -10.56 -6.88
N ALA J 1 -20.61 35.17 -25.83
CA ALA J 1 -21.71 35.28 -24.89
C ALA J 1 -22.47 33.97 -24.79
N VAL J 2 -22.78 33.56 -23.57
CA VAL J 2 -23.42 32.29 -23.34
C VAL J 2 -24.61 32.45 -22.40
N GLY J 3 -25.75 31.89 -22.81
CA GLY J 3 -26.89 31.80 -21.93
C GLY J 3 -26.90 30.46 -21.24
N ILE J 4 -27.29 30.46 -19.96
CA ILE J 4 -27.22 29.26 -19.15
C ILE J 4 -28.55 28.97 -18.50
N GLY J 5 -28.80 27.69 -18.28
CA GLY J 5 -29.91 27.24 -17.45
C GLY J 5 -29.53 27.38 -15.99
N ALA J 6 -30.41 26.94 -15.12
CA ALA J 6 -30.15 27.15 -13.69
C ALA J 6 -29.02 26.28 -13.17
N VAL J 7 -29.28 24.99 -13.01
CA VAL J 7 -28.34 24.14 -12.29
C VAL J 7 -27.99 22.87 -13.05
N PHE J 8 -28.98 22.08 -13.42
CA PHE J 8 -28.73 20.79 -14.04
C PHE J 8 -29.98 20.31 -14.78
N LEU J 9 -29.78 19.21 -15.50
CA LEU J 9 -30.83 18.59 -16.29
C LEU J 9 -32.11 18.44 -15.48
N GLY J 10 -33.22 18.88 -16.06
CA GLY J 10 -34.51 18.73 -15.43
C GLY J 10 -34.91 17.29 -15.25
N PHE J 11 -35.15 16.59 -16.35
CA PHE J 11 -35.60 15.22 -16.27
C PHE J 11 -35.54 14.62 -17.66
N LEU J 12 -34.78 13.54 -17.81
CA LEU J 12 -34.65 12.75 -19.03
C LEU J 12 -34.13 13.46 -20.28
N GLY J 13 -34.06 14.79 -20.30
CA GLY J 13 -33.72 15.47 -21.54
C GLY J 13 -32.44 14.98 -22.18
N ALA J 14 -31.46 14.63 -21.37
CA ALA J 14 -30.17 14.17 -21.85
C ALA J 14 -30.24 12.86 -22.64
N ALA J 15 -31.39 12.17 -22.59
CA ALA J 15 -31.58 10.88 -23.25
C ALA J 15 -31.29 10.91 -24.74
N GLY J 16 -31.46 12.07 -25.36
CA GLY J 16 -31.16 12.23 -26.76
C GLY J 16 -29.83 12.88 -27.05
N SER J 17 -29.00 13.12 -26.04
CA SER J 17 -27.69 13.66 -26.29
C SER J 17 -26.70 12.50 -26.14
N THR J 18 -25.46 12.74 -26.51
CA THR J 18 -24.48 11.67 -26.43
C THR J 18 -24.39 11.15 -25.00
N MET J 19 -24.09 9.85 -24.91
CA MET J 19 -23.97 9.17 -23.63
C MET J 19 -22.90 9.78 -22.76
N GLY J 20 -21.84 10.29 -23.40
CA GLY J 20 -20.80 11.01 -22.71
C GLY J 20 -21.36 12.17 -21.92
N ALA J 21 -22.03 13.08 -22.63
CA ALA J 21 -22.61 14.25 -21.97
C ALA J 21 -23.70 13.84 -20.99
N ALA J 22 -24.53 12.88 -21.37
CA ALA J 22 -25.60 12.43 -20.50
C ALA J 22 -25.11 11.87 -19.17
N SER J 23 -23.92 11.26 -19.14
CA SER J 23 -23.39 10.69 -17.92
C SER J 23 -23.26 11.70 -16.80
N MET J 24 -23.21 13.00 -17.13
CA MET J 24 -23.01 14.03 -16.13
C MET J 24 -24.11 14.04 -15.09
N THR J 25 -25.34 13.68 -15.44
CA THR J 25 -26.47 13.83 -14.55
C THR J 25 -27.07 12.50 -14.12
N LEU J 26 -26.27 11.43 -14.11
CA LEU J 26 -26.75 10.15 -13.60
C LEU J 26 -27.17 10.27 -12.14
N THR J 27 -26.46 11.10 -11.37
CA THR J 27 -26.84 11.33 -9.98
C THR J 27 -28.20 11.95 -9.87
N VAL J 28 -28.52 12.84 -10.81
CA VAL J 28 -29.82 13.51 -10.81
C VAL J 28 -30.91 12.54 -11.19
N GLN J 29 -30.73 11.87 -12.32
CA GLN J 29 -31.75 11.00 -12.86
C GLN J 29 -32.02 9.83 -11.92
N ALA J 30 -30.97 9.24 -11.37
CA ALA J 30 -31.13 8.10 -10.48
C ALA J 30 -31.94 8.47 -9.25
N ARG J 31 -31.59 9.58 -8.60
CA ARG J 31 -32.27 10.02 -7.38
C ARG J 31 -33.75 10.26 -7.64
N GLN J 32 -34.06 10.89 -8.77
CA GLN J 32 -35.43 11.23 -9.14
C GLN J 32 -36.26 9.98 -9.38
N LEU J 33 -35.66 8.95 -9.97
CA LEU J 33 -36.42 7.75 -10.28
C LEU J 33 -36.55 6.85 -9.08
N LEU J 34 -35.46 6.74 -8.31
CA LEU J 34 -35.45 5.86 -7.16
C LEU J 34 -36.48 6.29 -6.12
N SER J 35 -36.64 7.59 -5.94
CA SER J 35 -37.58 8.08 -4.94
C SER J 35 -38.32 9.29 -5.46
N TRP J 60 -59.16 3.69 -3.45
CA TRP J 60 -58.03 4.57 -3.71
C TRP J 60 -56.83 4.16 -2.88
N GLY J 61 -57.06 3.83 -1.61
CA GLY J 61 -55.96 3.42 -0.76
C GLY J 61 -55.34 2.11 -1.19
N ILE J 62 -56.18 1.15 -1.61
CA ILE J 62 -55.73 -0.18 -1.98
C ILE J 62 -54.97 -0.17 -3.30
N LYS J 63 -55.51 0.55 -4.29
CA LYS J 63 -54.82 0.65 -5.57
C LYS J 63 -53.44 1.26 -5.40
N GLN J 64 -53.35 2.32 -4.59
CA GLN J 64 -52.05 2.90 -4.27
C GLN J 64 -51.19 1.95 -3.46
N LEU J 65 -51.81 1.23 -2.52
CA LEU J 65 -51.10 0.22 -1.73
C LEU J 65 -50.44 -0.80 -2.62
N GLN J 66 -51.17 -1.30 -3.61
CA GLN J 66 -50.59 -2.20 -4.59
C GLN J 66 -49.43 -1.57 -5.32
N ALA J 67 -49.61 -0.33 -5.77
CA ALA J 67 -48.56 0.36 -6.50
C ALA J 67 -47.30 0.52 -5.64
N ARG J 68 -47.49 0.81 -4.36
CA ARG J 68 -46.35 0.97 -3.47
C ARG J 68 -45.52 -0.29 -3.38
N VAL J 69 -46.20 -1.44 -3.22
CA VAL J 69 -45.50 -2.71 -3.12
C VAL J 69 -44.74 -2.99 -4.40
N LEU J 70 -45.37 -2.71 -5.54
CA LEU J 70 -44.72 -2.90 -6.83
C LEU J 70 -43.50 -2.02 -6.97
N ALA J 71 -43.60 -0.77 -6.51
CA ALA J 71 -42.47 0.14 -6.56
C ALA J 71 -41.31 -0.41 -5.74
N VAL J 72 -41.61 -0.99 -4.58
CA VAL J 72 -40.58 -1.56 -3.73
C VAL J 72 -39.87 -2.70 -4.45
N GLU J 73 -40.66 -3.60 -5.05
CA GLU J 73 -40.10 -4.74 -5.76
C GLU J 73 -39.20 -4.32 -6.91
N ARG J 74 -39.62 -3.30 -7.66
CA ARG J 74 -38.78 -2.78 -8.72
C ARG J 74 -37.52 -2.17 -8.16
N TYR J 75 -37.67 -1.38 -7.09
CA TYR J 75 -36.54 -0.79 -6.40
C TYR J 75 -35.54 -1.85 -5.97
N LEU J 76 -36.03 -2.88 -5.29
CA LEU J 76 -35.13 -3.88 -4.72
C LEU J 76 -34.52 -4.76 -5.80
N LYS J 77 -35.29 -5.03 -6.86
CA LYS J 77 -34.77 -5.82 -7.99
C LYS J 77 -33.48 -5.25 -8.52
N ASP J 78 -33.47 -3.94 -8.78
CA ASP J 78 -32.27 -3.28 -9.27
C ASP J 78 -31.17 -3.35 -8.24
N GLN J 79 -31.50 -3.14 -6.96
CA GLN J 79 -30.50 -3.19 -5.91
C GLN J 79 -29.90 -4.58 -5.78
N GLN J 80 -30.71 -5.62 -6.01
CA GLN J 80 -30.18 -6.97 -5.95
C GLN J 80 -29.08 -7.17 -6.97
N LEU J 81 -29.34 -6.79 -8.21
CA LEU J 81 -28.35 -6.96 -9.27
C LEU J 81 -27.11 -6.12 -9.02
N LEU J 82 -27.29 -4.87 -8.59
CA LEU J 82 -26.16 -4.02 -8.30
C LEU J 82 -25.33 -4.59 -7.15
N GLY J 83 -25.99 -5.14 -6.14
CA GLY J 83 -25.28 -5.83 -5.08
C GLY J 83 -24.45 -6.99 -5.58
N ILE J 84 -25.09 -7.92 -6.31
CA ILE J 84 -24.43 -9.12 -6.83
C ILE J 84 -23.25 -8.75 -7.72
N TRP J 85 -23.44 -7.77 -8.58
CA TRP J 85 -22.41 -7.40 -9.54
C TRP J 85 -21.25 -6.64 -8.90
N GLY J 86 -21.34 -6.34 -7.60
CA GLY J 86 -20.30 -5.57 -6.97
C GLY J 86 -20.35 -4.12 -7.35
N CYS J 87 -21.55 -3.62 -7.61
CA CYS J 87 -21.74 -2.27 -8.10
C CYS J 87 -22.52 -1.39 -7.13
N SER J 88 -22.99 -1.96 -6.02
CA SER J 88 -23.81 -1.23 -5.07
C SER J 88 -23.11 0.01 -4.55
N GLY J 89 -23.86 1.10 -4.47
CA GLY J 89 -23.32 2.38 -4.08
C GLY J 89 -22.77 3.19 -5.21
N LYS J 90 -22.65 2.61 -6.39
CA LYS J 90 -22.09 3.30 -7.54
C LYS J 90 -23.18 3.49 -8.58
N LEU J 91 -23.09 4.57 -9.33
CA LEU J 91 -23.88 4.69 -10.53
C LEU J 91 -23.06 4.40 -11.77
N ILE J 92 -21.75 4.26 -11.59
CA ILE J 92 -20.79 3.94 -12.63
C ILE J 92 -19.87 2.91 -12.01
N CYS J 93 -19.90 1.67 -12.50
CA CYS J 93 -18.91 0.72 -12.01
C CYS J 93 -18.34 -0.13 -13.15
N CYS J 94 -17.05 -0.30 -13.10
CA CYS J 94 -16.37 -1.11 -14.08
C CYS J 94 -16.48 -2.58 -13.70
N THR J 95 -16.77 -3.43 -14.67
CA THR J 95 -16.80 -4.86 -14.45
C THR J 95 -15.51 -5.46 -14.97
N ALA J 96 -15.42 -6.78 -14.92
CA ALA J 96 -14.26 -7.49 -15.44
C ALA J 96 -14.67 -8.44 -16.57
N VAL J 97 -15.76 -8.11 -17.24
CA VAL J 97 -16.25 -8.90 -18.37
C VAL J 97 -15.77 -8.20 -19.65
N PRO J 98 -15.01 -8.88 -20.51
CA PRO J 98 -14.57 -8.25 -21.74
C PRO J 98 -15.71 -8.03 -22.71
N TRP J 99 -15.57 -6.98 -23.51
CA TRP J 99 -16.55 -6.66 -24.52
C TRP J 99 -16.33 -7.54 -25.73
N ASN J 100 -17.33 -8.31 -26.09
CA ASN J 100 -17.24 -9.10 -27.31
C ASN J 100 -17.64 -8.20 -28.45
N THR J 101 -16.68 -7.90 -29.33
CA THR J 101 -16.91 -6.98 -30.43
C THR J 101 -17.93 -7.49 -31.43
N SER J 102 -18.37 -8.75 -31.32
CA SER J 102 -19.49 -9.22 -32.11
C SER J 102 -20.75 -8.43 -31.81
N TRP J 103 -20.91 -7.99 -30.57
CA TRP J 103 -22.07 -7.21 -30.20
C TRP J 103 -22.08 -5.88 -30.91
N SER J 104 -20.93 -5.21 -30.93
CA SER J 104 -20.76 -3.97 -31.68
C SER J 104 -19.27 -3.75 -31.84
N ASN J 105 -18.84 -3.45 -33.05
CA ASN J 105 -17.44 -3.23 -33.36
C ASN J 105 -17.07 -1.77 -33.34
N LYS J 106 -17.90 -0.92 -32.77
CA LYS J 106 -17.56 0.48 -32.64
C LYS J 106 -16.50 0.69 -31.57
N SER J 107 -15.63 1.67 -31.80
CA SER J 107 -14.62 2.04 -30.82
C SER J 107 -15.25 2.82 -29.68
N TYR J 108 -14.45 3.06 -28.64
CA TYR J 108 -14.91 3.83 -27.48
C TYR J 108 -15.48 5.17 -27.91
N ASN J 109 -14.68 5.96 -28.65
CA ASN J 109 -15.14 7.28 -29.05
C ASN J 109 -16.30 7.22 -30.04
N GLN J 110 -16.33 6.22 -30.92
CA GLN J 110 -17.41 6.08 -31.87
C GLN J 110 -18.77 5.80 -31.22
N ILE J 111 -18.78 5.46 -29.94
CA ILE J 111 -20.01 5.18 -29.23
C ILE J 111 -20.33 6.37 -28.37
N TRP J 112 -19.40 6.69 -27.47
CA TRP J 112 -19.65 7.60 -26.38
C TRP J 112 -19.75 9.04 -26.82
N ASN J 113 -19.05 9.41 -27.89
CA ASN J 113 -19.10 10.76 -28.40
C ASN J 113 -19.99 10.85 -29.62
N ASN J 114 -20.72 9.79 -29.93
CA ASN J 114 -21.51 9.83 -31.14
C ASN J 114 -22.88 9.16 -31.01
N MET J 115 -23.28 8.72 -29.84
CA MET J 115 -24.54 8.00 -29.78
C MET J 115 -25.21 8.27 -28.44
N THR J 116 -26.54 8.32 -28.46
CA THR J 116 -27.34 8.66 -27.31
C THR J 116 -27.65 7.41 -26.51
N TRP J 117 -28.17 7.61 -25.31
CA TRP J 117 -28.61 6.47 -24.53
C TRP J 117 -29.78 5.74 -25.18
N MET J 118 -30.76 6.46 -25.70
CA MET J 118 -31.87 5.76 -26.35
C MET J 118 -31.39 4.92 -27.51
N GLU J 119 -30.49 5.48 -28.32
CA GLU J 119 -30.00 4.76 -29.48
C GLU J 119 -29.15 3.57 -29.08
N TRP J 120 -28.26 3.76 -28.10
CA TRP J 120 -27.34 2.71 -27.69
C TRP J 120 -28.07 1.48 -27.16
N GLU J 121 -29.05 1.72 -26.28
CA GLU J 121 -29.76 0.61 -25.65
C GLU J 121 -30.44 -0.26 -26.69
N ARG J 122 -30.99 0.37 -27.73
CA ARG J 122 -31.58 -0.37 -28.84
C ARG J 122 -30.53 -1.19 -29.58
N GLU J 123 -29.35 -0.60 -29.83
CA GLU J 123 -28.32 -1.30 -30.58
C GLU J 123 -27.99 -2.65 -29.95
N ILE J 124 -27.90 -2.70 -28.62
CA ILE J 124 -27.49 -3.93 -27.96
C ILE J 124 -28.60 -4.52 -27.11
N ASP J 125 -29.85 -4.21 -27.46
CA ASP J 125 -31.01 -4.69 -26.69
C ASP J 125 -31.00 -6.21 -26.55
N ASN J 126 -30.62 -6.92 -27.62
CA ASN J 126 -30.69 -8.37 -27.64
C ASN J 126 -29.49 -9.03 -26.97
N TYR J 127 -28.62 -8.26 -26.35
CA TYR J 127 -27.47 -8.81 -25.64
C TYR J 127 -27.56 -8.54 -24.16
N THR J 128 -28.64 -7.90 -23.72
CA THR J 128 -28.82 -7.54 -22.32
C THR J 128 -28.73 -8.75 -21.42
N SER J 129 -29.57 -9.75 -21.70
CA SER J 129 -29.61 -10.95 -20.88
C SER J 129 -28.31 -11.74 -20.99
N LEU J 130 -27.68 -11.74 -22.16
CA LEU J 130 -26.40 -12.40 -22.35
C LEU J 130 -25.34 -11.82 -21.43
N ILE J 131 -25.13 -10.52 -21.51
CA ILE J 131 -24.06 -9.90 -20.75
C ILE J 131 -24.35 -9.96 -19.26
N TYR J 132 -25.60 -9.70 -18.87
CA TYR J 132 -25.97 -9.81 -17.46
C TYR J 132 -25.65 -11.19 -16.92
N THR J 133 -25.95 -12.23 -17.70
CA THR J 133 -25.63 -13.58 -17.32
C THR J 133 -24.13 -13.75 -17.14
N LEU J 134 -23.35 -13.24 -18.10
CA LEU J 134 -21.89 -13.37 -18.06
C LEU J 134 -21.32 -12.71 -16.82
N ILE J 135 -21.86 -11.55 -16.43
CA ILE J 135 -21.36 -10.86 -15.24
C ILE J 135 -21.48 -11.75 -14.02
N GLU J 136 -22.63 -12.38 -13.87
CA GLU J 136 -22.86 -13.19 -12.69
C GLU J 136 -22.20 -14.55 -12.81
N ASP J 137 -22.50 -15.27 -13.89
CA ASP J 137 -22.00 -16.62 -14.01
C ASP J 137 -20.48 -16.67 -14.08
N SER J 138 -19.85 -15.68 -14.69
CA SER J 138 -18.40 -15.77 -14.77
C SER J 138 -17.71 -14.94 -13.70
N GLN J 139 -17.96 -13.63 -13.66
CA GLN J 139 -17.14 -12.80 -12.79
C GLN J 139 -17.52 -12.95 -11.33
N ASN J 140 -18.82 -12.80 -11.02
CA ASN J 140 -19.28 -12.92 -9.65
C ASN J 140 -18.88 -14.26 -9.05
N GLN J 141 -19.11 -15.32 -9.82
CA GLN J 141 -18.67 -16.65 -9.45
C GLN J 141 -17.19 -16.67 -9.10
N GLN J 142 -16.36 -16.13 -9.98
CA GLN J 142 -14.91 -16.08 -9.72
C GLN J 142 -14.60 -15.30 -8.46
N GLU J 143 -15.16 -14.09 -8.33
CA GLU J 143 -14.85 -13.23 -7.20
C GLU J 143 -15.22 -13.86 -5.87
N LYS J 144 -16.34 -14.58 -5.82
CA LYS J 144 -16.69 -15.24 -4.57
C LYS J 144 -15.81 -16.45 -4.29
N ASN J 145 -15.52 -17.27 -5.31
CA ASN J 145 -14.65 -18.42 -5.09
C ASN J 145 -13.26 -17.99 -4.66
N GLU J 146 -12.65 -17.10 -5.44
CA GLU J 146 -11.29 -16.68 -5.14
C GLU J 146 -11.18 -15.93 -3.83
N GLN J 147 -12.21 -15.12 -3.50
CA GLN J 147 -12.23 -14.39 -2.24
C GLN J 147 -12.04 -15.33 -1.06
N GLU J 148 -12.84 -16.40 -0.98
CA GLU J 148 -12.73 -17.34 0.11
C GLU J 148 -11.34 -17.96 0.15
N LEU J 149 -10.83 -18.36 -1.02
CA LEU J 149 -9.53 -18.99 -1.09
C LEU J 149 -8.43 -18.05 -0.61
N LEU J 150 -8.52 -16.78 -0.99
CA LEU J 150 -7.55 -15.79 -0.52
C LEU J 150 -7.67 -15.57 0.99
N GLU J 151 -8.89 -15.48 1.52
CA GLU J 151 -9.05 -15.34 2.97
C GLU J 151 -8.52 -16.55 3.72
N LEU J 152 -8.78 -17.75 3.20
CA LEU J 152 -8.24 -18.97 3.82
C LEU J 152 -6.72 -18.96 3.79
N ASP J 153 -6.15 -18.66 2.63
CA ASP J 153 -4.72 -18.60 2.47
C ASP J 153 -4.29 -17.39 1.67
N GLN K 19 -32.16 28.11 -51.47
CA GLN K 19 -31.18 28.89 -50.74
C GLN K 19 -31.77 29.49 -49.48
N VAL K 20 -30.93 30.23 -48.76
CA VAL K 20 -31.35 30.87 -47.52
C VAL K 20 -32.02 32.20 -47.84
N GLN K 21 -33.22 32.38 -47.30
CA GLN K 21 -33.97 33.60 -47.52
C GLN K 21 -34.83 33.87 -46.30
N LEU K 22 -34.78 35.10 -45.82
CA LEU K 22 -35.66 35.54 -44.75
C LEU K 22 -36.69 36.47 -45.36
N VAL K 23 -37.95 36.24 -45.03
CA VAL K 23 -39.06 37.06 -45.52
C VAL K 23 -39.63 37.77 -44.31
N GLU K 24 -39.36 39.05 -44.23
CA GLU K 24 -39.59 39.82 -43.01
C GLU K 24 -40.72 40.81 -43.27
N SER K 25 -41.86 40.58 -42.63
CA SER K 25 -43.02 41.43 -42.85
C SER K 25 -43.74 41.62 -41.53
N GLY K 26 -44.96 42.13 -41.61
CA GLY K 26 -45.73 42.45 -40.45
C GLY K 26 -45.58 43.88 -39.99
N GLY K 27 -44.84 44.69 -40.72
CA GLY K 27 -44.62 46.08 -40.37
C GLY K 27 -45.76 46.97 -40.80
N GLY K 28 -45.49 48.28 -40.78
CA GLY K 28 -46.46 49.31 -41.08
C GLY K 28 -46.38 50.43 -40.08
N VAL K 29 -47.48 51.19 -39.97
CA VAL K 29 -47.51 52.38 -39.12
C VAL K 29 -48.57 52.20 -38.04
N VAL K 30 -48.16 52.42 -36.78
CA VAL K 30 -49.03 52.32 -35.63
C VAL K 30 -48.90 53.61 -34.82
N GLN K 31 -49.87 53.81 -33.94
CA GLN K 31 -49.88 54.93 -33.02
C GLN K 31 -49.09 54.56 -31.76
N PRO K 32 -48.50 55.53 -31.07
CA PRO K 32 -47.94 55.24 -29.74
C PRO K 32 -49.02 54.74 -28.80
N GLY K 33 -48.66 53.71 -28.02
CA GLY K 33 -49.61 53.01 -27.20
C GLY K 33 -50.24 51.81 -27.87
N GLY K 34 -50.03 51.63 -29.17
CA GLY K 34 -50.57 50.51 -29.90
C GLY K 34 -49.59 49.35 -29.95
N SER K 35 -49.86 48.41 -30.85
CA SER K 35 -49.03 47.23 -30.93
C SER K 35 -49.13 46.60 -32.30
N LEU K 36 -48.16 45.74 -32.57
CA LEU K 36 -48.11 44.88 -33.75
C LEU K 36 -47.23 43.70 -33.42
N ARG K 37 -47.15 42.75 -34.32
CA ARG K 37 -46.20 41.66 -34.19
C ARG K 37 -45.55 41.42 -35.53
N LEU K 38 -44.23 41.30 -35.53
CA LEU K 38 -43.52 41.00 -36.76
C LEU K 38 -43.34 39.50 -36.89
N SER K 39 -43.24 39.05 -38.13
CA SER K 39 -43.06 37.64 -38.41
C SER K 39 -42.05 37.47 -39.52
N CYS K 40 -40.95 36.81 -39.21
CA CYS K 40 -39.88 36.60 -40.17
C CYS K 40 -39.89 35.13 -40.57
N ALA K 41 -40.43 34.85 -41.75
CA ALA K 41 -40.40 33.49 -42.25
C ALA K 41 -39.03 33.21 -42.87
N ALA K 42 -38.54 31.99 -42.70
CA ALA K 42 -37.22 31.68 -43.20
C ALA K 42 -37.19 30.24 -43.69
N SER K 43 -36.32 30.00 -44.67
CA SER K 43 -35.99 28.65 -45.07
C SER K 43 -34.55 28.61 -45.55
N GLY K 44 -34.14 27.43 -46.05
CA GLY K 44 -32.78 27.19 -46.47
C GLY K 44 -31.85 26.74 -45.37
N PHE K 45 -32.33 26.65 -44.13
CA PHE K 45 -31.48 26.23 -43.03
C PHE K 45 -32.35 25.65 -41.93
N ALA K 46 -31.71 25.01 -40.97
CA ALA K 46 -32.40 24.35 -39.87
C ALA K 46 -32.81 25.41 -38.85
N PHE K 47 -33.86 26.16 -39.20
CA PHE K 47 -34.42 27.18 -38.33
C PHE K 47 -34.63 26.67 -36.92
N LYS K 48 -35.18 25.45 -36.80
CA LYS K 48 -35.49 24.86 -35.51
C LYS K 48 -34.26 24.70 -34.63
N ASP K 49 -33.07 24.63 -35.22
CA ASP K 49 -31.88 24.33 -34.45
C ASP K 49 -31.08 25.56 -34.09
N PHE K 50 -31.01 26.55 -34.97
CA PHE K 50 -30.12 27.67 -34.68
C PHE K 50 -30.82 28.74 -33.86
N GLY K 51 -30.03 29.43 -33.04
CA GLY K 51 -30.55 30.56 -32.32
C GLY K 51 -30.66 31.80 -33.21
N MET K 52 -31.56 32.70 -32.83
CA MET K 52 -31.89 33.85 -33.66
C MET K 52 -31.71 35.16 -32.89
N HIS K 53 -31.61 36.24 -33.64
CA HIS K 53 -31.47 37.59 -33.10
C HIS K 53 -32.55 38.53 -33.62
N TRP K 54 -32.79 39.57 -32.85
CA TRP K 54 -33.51 40.75 -33.33
C TRP K 54 -32.62 41.96 -33.15
N VAL K 55 -32.56 42.80 -34.20
CA VAL K 55 -31.84 44.06 -34.17
C VAL K 55 -32.72 45.11 -34.84
N ARG K 56 -32.41 46.37 -34.58
CA ARG K 56 -33.17 47.45 -35.21
C ARG K 56 -32.25 48.61 -35.51
N GLN K 57 -32.61 49.38 -36.53
CA GLN K 57 -31.86 50.58 -36.90
C GLN K 57 -32.84 51.72 -37.14
N ALA K 58 -32.79 52.71 -36.26
CA ALA K 58 -33.58 53.91 -36.43
C ALA K 58 -32.95 54.78 -37.51
N PRO K 59 -33.76 55.57 -38.23
CA PRO K 59 -33.21 56.48 -39.22
C PRO K 59 -32.19 57.45 -38.61
N GLY K 60 -31.04 57.57 -39.27
CA GLY K 60 -29.97 58.40 -38.79
C GLY K 60 -29.10 57.80 -37.70
N LYS K 61 -29.38 56.58 -37.28
CA LYS K 61 -28.65 55.94 -36.20
C LYS K 61 -27.95 54.68 -36.69
N GLY K 62 -27.15 54.11 -35.81
CA GLY K 62 -26.53 52.83 -36.05
C GLY K 62 -27.45 51.69 -35.70
N LEU K 63 -26.89 50.49 -35.67
CA LEU K 63 -27.68 49.30 -35.45
C LEU K 63 -27.70 48.98 -33.96
N GLU K 64 -28.90 48.86 -33.40
CA GLU K 64 -29.10 48.54 -32.00
C GLU K 64 -29.54 47.10 -31.87
N TRP K 65 -28.88 46.36 -30.97
CA TRP K 65 -29.31 45.02 -30.67
C TRP K 65 -30.56 45.04 -29.81
N VAL K 66 -31.52 44.20 -30.15
CA VAL K 66 -32.78 44.15 -29.45
C VAL K 66 -32.88 42.93 -28.54
N ALA K 67 -32.70 41.73 -29.10
CA ALA K 67 -32.93 40.55 -28.29
C ALA K 67 -32.35 39.32 -28.96
N VAL K 68 -32.22 38.24 -28.18
CA VAL K 68 -31.78 36.94 -28.66
C VAL K 68 -32.65 35.84 -28.09
N ILE K 69 -32.88 34.80 -28.89
CA ILE K 69 -33.56 33.60 -28.46
C ILE K 69 -32.73 32.41 -28.90
N GLY K 70 -32.59 31.42 -28.03
CA GLY K 70 -31.81 30.25 -28.36
C GLY K 70 -32.53 29.35 -29.34
N GLY K 71 -31.78 28.36 -29.83
CA GLY K 71 -32.32 27.36 -30.71
C GLY K 71 -33.16 26.34 -29.97
N GLY K 72 -33.56 25.30 -30.69
CA GLY K 72 -34.48 24.33 -30.13
C GLY K 72 -35.79 24.99 -29.80
N HIS K 73 -36.21 24.86 -28.55
CA HIS K 73 -37.45 25.48 -28.12
C HIS K 73 -37.25 26.86 -27.53
N GLY K 74 -36.03 27.37 -27.54
CA GLY K 74 -35.82 28.71 -27.04
C GLY K 74 -35.89 28.82 -25.53
N GLN K 75 -35.11 28.01 -24.83
CA GLN K 75 -35.17 27.97 -23.37
C GLN K 75 -34.35 29.05 -22.70
N HIS K 76 -33.86 30.03 -23.45
CA HIS K 76 -33.11 31.13 -22.85
C HIS K 76 -33.28 32.37 -23.71
N GLN K 77 -33.43 33.52 -23.06
CA GLN K 77 -33.51 34.79 -23.76
C GLN K 77 -32.70 35.86 -23.06
N SER K 78 -32.43 36.93 -23.80
CA SER K 78 -31.87 38.17 -23.25
C SER K 78 -32.44 39.36 -24.00
N TYR K 79 -32.72 40.44 -23.27
CA TYR K 79 -33.29 41.61 -23.90
C TYR K 79 -32.37 42.79 -23.66
N SER K 80 -32.30 43.70 -24.62
CA SER K 80 -31.69 44.99 -24.38
C SER K 80 -32.49 45.73 -23.33
N GLU K 81 -31.80 46.46 -22.45
CA GLU K 81 -32.47 47.27 -21.45
C GLU K 81 -33.43 48.28 -22.08
N SER K 82 -33.22 48.64 -23.35
CA SER K 82 -34.07 49.61 -24.01
C SER K 82 -35.40 49.02 -24.44
N VAL K 83 -35.55 47.70 -24.41
CA VAL K 83 -36.77 47.05 -24.88
C VAL K 83 -37.38 46.10 -23.85
N LYS K 84 -36.63 45.71 -22.83
CA LYS K 84 -37.11 44.76 -21.83
C LYS K 84 -38.39 45.24 -21.17
N GLY K 85 -39.38 44.35 -21.11
CA GLY K 85 -40.65 44.67 -20.52
C GLY K 85 -41.67 45.22 -21.49
N ARG K 86 -41.25 45.55 -22.70
CA ARG K 86 -42.11 46.09 -23.72
C ARG K 86 -42.20 45.19 -24.92
N PHE K 87 -41.16 44.37 -25.16
CA PHE K 87 -41.13 43.46 -26.29
C PHE K 87 -41.01 42.04 -25.76
N ALA K 88 -41.50 41.06 -26.54
CA ALA K 88 -41.28 39.64 -26.25
C ALA K 88 -40.88 38.89 -27.51
N ILE K 89 -40.00 37.89 -27.34
CA ILE K 89 -39.49 37.08 -28.46
C ILE K 89 -40.10 35.70 -28.35
N THR K 90 -40.57 35.15 -29.47
CA THR K 90 -40.96 33.74 -29.52
C THR K 90 -40.69 33.19 -30.91
N ARG K 91 -41.03 31.92 -31.11
CA ARG K 91 -40.70 31.22 -32.34
C ARG K 91 -41.61 30.00 -32.52
N ASP K 92 -41.83 29.62 -33.77
CA ASP K 92 -42.60 28.43 -34.13
C ASP K 92 -41.76 27.61 -35.09
N ASN K 93 -41.29 26.46 -34.61
CA ASN K 93 -40.36 25.63 -35.36
C ASN K 93 -41.03 24.84 -36.47
N GLU K 94 -42.35 24.81 -36.53
CA GLU K 94 -43.03 24.15 -37.64
C GLU K 94 -43.38 25.12 -38.75
N LYS K 95 -43.71 26.35 -38.38
CA LYS K 95 -43.95 27.39 -39.38
C LYS K 95 -42.65 27.99 -39.91
N ASN K 96 -41.55 27.79 -39.16
CA ASN K 96 -40.24 28.39 -39.44
C ASN K 96 -40.33 29.91 -39.43
N LYS K 97 -40.99 30.44 -38.42
CA LYS K 97 -41.19 31.87 -38.31
C LYS K 97 -40.70 32.37 -36.95
N LEU K 98 -40.02 33.50 -36.98
CA LEU K 98 -39.53 34.18 -35.79
C LEU K 98 -40.40 35.39 -35.50
N TYR K 99 -40.84 35.55 -34.26
CA TYR K 99 -41.79 36.60 -33.94
C TYR K 99 -41.20 37.63 -32.99
N LEU K 100 -41.65 38.87 -33.15
CA LEU K 100 -41.39 39.94 -32.20
C LEU K 100 -42.71 40.56 -31.80
N HIS K 101 -43.05 40.45 -30.53
CA HIS K 101 -44.30 41.04 -30.05
C HIS K 101 -43.99 42.47 -29.64
N MET K 102 -44.49 43.42 -30.40
CA MET K 102 -44.15 44.83 -30.24
C MET K 102 -45.30 45.50 -29.53
N ASP K 103 -45.28 45.51 -28.20
CA ASP K 103 -46.44 45.99 -27.46
C ASP K 103 -46.13 47.35 -26.85
N ARG K 104 -47.19 48.06 -26.44
CA ARG K 104 -47.13 49.33 -25.68
C ARG K 104 -46.05 50.27 -26.20
N LEU K 105 -46.08 50.47 -27.51
CA LEU K 105 -44.94 51.10 -28.17
C LEU K 105 -44.92 52.60 -27.97
N ARG K 106 -43.72 53.15 -28.06
CA ARG K 106 -43.47 54.58 -28.00
C ARG K 106 -42.90 55.04 -29.32
N THR K 107 -42.91 56.36 -29.54
CA THR K 107 -42.40 56.92 -30.79
C THR K 107 -40.92 56.64 -30.95
N GLU K 108 -40.20 56.48 -29.84
CA GLU K 108 -38.79 56.13 -29.84
C GLU K 108 -38.51 54.76 -30.45
N ASP K 109 -39.53 53.93 -30.63
CA ASP K 109 -39.38 52.59 -31.18
C ASP K 109 -39.42 52.56 -32.70
N THR K 110 -39.60 53.71 -33.36
CA THR K 110 -39.49 53.75 -34.81
C THR K 110 -38.12 53.29 -35.26
N ALA K 111 -38.09 52.27 -36.10
CA ALA K 111 -36.87 51.67 -36.62
C ALA K 111 -37.25 50.64 -37.67
N VAL K 112 -36.28 50.25 -38.47
CA VAL K 112 -36.40 49.07 -39.31
C VAL K 112 -35.94 47.91 -38.47
N TYR K 113 -36.75 46.86 -38.38
CA TYR K 113 -36.36 45.76 -37.52
C TYR K 113 -35.93 44.59 -38.37
N TYR K 114 -34.89 43.90 -37.92
CA TYR K 114 -34.34 42.81 -38.71
C TYR K 114 -34.40 41.53 -37.90
N CYS K 115 -34.57 40.41 -38.59
CA CYS K 115 -34.35 39.11 -38.01
C CYS K 115 -33.01 38.57 -38.45
N ALA K 116 -32.33 37.86 -37.56
CA ALA K 116 -31.03 37.33 -37.92
C ALA K 116 -30.78 36.01 -37.22
N LYS K 117 -29.85 35.24 -37.78
CA LYS K 117 -29.43 33.96 -37.23
C LYS K 117 -28.04 34.12 -36.63
N ASP K 118 -27.85 33.56 -35.42
CA ASP K 118 -26.53 33.54 -34.82
C ASP K 118 -25.64 32.54 -35.55
N ARG K 119 -24.33 32.76 -35.46
CA ARG K 119 -23.36 31.79 -35.94
C ARG K 119 -23.62 30.41 -35.34
N LEU K 120 -24.06 30.34 -34.08
CA LEU K 120 -24.41 29.02 -33.56
C LEU K 120 -25.71 28.93 -32.78
N GLY K 121 -25.74 29.49 -31.58
CA GLY K 121 -26.93 29.45 -30.75
C GLY K 121 -27.43 28.09 -30.29
N ARG K 122 -26.50 27.07 -30.09
CA ARG K 122 -27.12 25.78 -29.82
C ARG K 122 -27.13 25.45 -28.34
N PRO K 123 -28.15 24.73 -27.89
CA PRO K 123 -28.26 24.22 -26.51
C PRO K 123 -27.32 23.08 -26.17
N TRP K 124 -26.06 23.40 -25.90
CA TRP K 124 -25.07 22.38 -25.57
C TRP K 124 -25.34 21.80 -24.19
N ASN K 125 -25.19 20.48 -24.07
CA ASN K 125 -25.25 19.82 -22.77
C ASN K 125 -23.86 19.79 -22.18
N ILE K 126 -23.60 20.68 -21.23
CA ILE K 126 -22.28 20.83 -20.64
C ILE K 126 -22.46 21.18 -19.18
N GLY K 127 -21.65 20.57 -18.31
CA GLY K 127 -21.74 20.89 -16.91
C GLY K 127 -23.01 20.38 -16.26
N GLY K 128 -23.69 19.46 -16.92
CA GLY K 128 -24.96 18.97 -16.46
C GLY K 128 -26.14 19.81 -16.85
N ARG K 129 -25.95 20.90 -17.59
CA ARG K 129 -27.05 21.78 -17.93
C ARG K 129 -26.94 22.24 -19.38
N LEU K 130 -28.05 22.73 -19.91
CA LEU K 130 -28.04 23.28 -21.25
C LEU K 130 -27.60 24.73 -21.19
N VAL K 131 -26.74 25.11 -22.12
CA VAL K 131 -26.32 26.48 -22.27
C VAL K 131 -26.33 26.79 -23.76
N TYR K 132 -26.53 28.07 -24.10
CA TYR K 132 -26.58 28.46 -25.50
C TYR K 132 -25.33 29.26 -25.82
N TYR K 133 -24.53 28.78 -26.79
CA TYR K 133 -23.34 29.53 -27.18
C TYR K 133 -23.64 30.42 -28.37
N TYR K 134 -23.42 31.71 -28.19
CA TYR K 134 -23.67 32.69 -29.23
C TYR K 134 -22.34 33.26 -29.68
N TYR K 135 -22.20 33.56 -30.97
CA TYR K 135 -20.99 34.23 -31.41
C TYR K 135 -21.34 35.36 -32.36
N GLY K 136 -22.60 35.80 -32.38
CA GLY K 136 -23.01 36.94 -33.14
C GLY K 136 -23.78 36.55 -34.40
N MET K 137 -24.53 37.52 -34.91
CA MET K 137 -25.34 37.31 -36.10
C MET K 137 -24.44 37.16 -37.32
N ASP K 138 -24.84 36.27 -38.22
CA ASP K 138 -24.16 36.17 -39.52
C ASP K 138 -25.09 36.00 -40.70
N VAL K 139 -26.39 35.78 -40.51
CA VAL K 139 -27.36 35.63 -41.57
C VAL K 139 -28.57 36.48 -41.23
N TRP K 140 -29.16 37.14 -42.23
CA TRP K 140 -30.30 38.03 -42.01
C TRP K 140 -31.00 38.34 -43.33
N GLY K 141 -32.18 38.93 -43.20
CA GLY K 141 -32.86 39.57 -44.32
C GLY K 141 -32.66 41.07 -44.29
N GLN K 142 -33.56 41.79 -44.96
CA GLN K 142 -33.46 43.24 -45.02
C GLN K 142 -34.40 43.98 -44.08
N GLY K 143 -35.16 43.28 -43.25
CA GLY K 143 -35.97 43.95 -42.27
C GLY K 143 -37.21 44.58 -42.87
N THR K 144 -37.98 45.21 -41.99
CA THR K 144 -39.18 45.92 -42.39
C THR K 144 -39.34 47.14 -41.49
N THR K 145 -39.94 48.18 -42.04
CA THR K 145 -40.06 49.43 -41.32
C THR K 145 -41.28 49.40 -40.41
N VAL K 146 -41.07 49.77 -39.16
CA VAL K 146 -42.16 49.95 -38.21
C VAL K 146 -42.09 51.39 -37.72
N THR K 147 -43.17 52.13 -37.94
CA THR K 147 -43.23 53.52 -37.56
C THR K 147 -44.23 53.69 -36.42
N VAL K 148 -43.82 54.41 -35.38
CA VAL K 148 -44.71 54.73 -34.28
C VAL K 148 -44.79 56.24 -34.21
N SER K 149 -45.97 56.78 -34.47
CA SER K 149 -46.13 58.23 -34.59
C SER K 149 -47.59 58.59 -34.40
N SER K 150 -47.84 59.89 -34.28
CA SER K 150 -49.17 60.42 -34.14
C SER K 150 -49.23 61.81 -34.74
N ALA L 20 -22.36 43.70 -21.90
CA ALA L 20 -21.34 43.93 -22.90
C ALA L 20 -20.70 45.30 -22.73
N ILE L 21 -19.40 45.38 -23.00
CA ILE L 21 -18.60 46.57 -22.77
C ILE L 21 -18.81 47.53 -23.93
N ARG L 22 -19.05 48.81 -23.61
CA ARG L 22 -19.20 49.85 -24.63
C ARG L 22 -18.00 49.92 -25.55
N MET L 23 -18.26 49.91 -26.85
CA MET L 23 -17.22 50.04 -27.86
C MET L 23 -17.24 51.46 -28.40
N THR L 24 -16.06 51.96 -28.74
CA THR L 24 -15.94 53.25 -29.37
C THR L 24 -15.14 53.10 -30.65
N GLN L 25 -15.50 53.90 -31.65
CA GLN L 25 -14.83 53.92 -32.94
C GLN L 25 -14.41 55.33 -33.32
N SER L 26 -13.30 55.42 -34.06
CA SER L 26 -12.77 56.70 -34.45
C SER L 26 -11.94 56.55 -35.72
N PRO L 27 -11.94 57.55 -36.61
CA PRO L 27 -12.75 58.78 -36.63
C PRO L 27 -14.17 58.46 -37.05
N SER L 28 -15.14 59.31 -36.71
CA SER L 28 -16.50 59.06 -37.16
C SER L 28 -16.61 59.19 -38.67
N SER L 29 -15.76 60.01 -39.28
CA SER L 29 -15.77 60.26 -40.72
C SER L 29 -14.38 59.99 -41.26
N LEU L 30 -14.26 58.92 -42.05
CA LEU L 30 -12.99 58.45 -42.57
C LEU L 30 -13.06 58.43 -44.09
N SER L 31 -12.10 59.06 -44.75
CA SER L 31 -12.12 59.11 -46.21
C SER L 31 -10.71 58.99 -46.77
N ALA L 32 -10.65 58.59 -48.03
CA ALA L 32 -9.39 58.46 -48.76
C ALA L 32 -9.70 58.43 -50.25
N SER L 33 -8.65 58.61 -51.04
CA SER L 33 -8.75 58.38 -52.47
C SER L 33 -8.81 56.88 -52.74
N VAL L 34 -9.22 56.54 -53.96
CA VAL L 34 -9.35 55.14 -54.35
C VAL L 34 -7.98 54.47 -54.37
N GLY L 35 -7.89 53.30 -53.74
CA GLY L 35 -6.67 52.52 -53.72
C GLY L 35 -5.82 52.70 -52.48
N ASP L 36 -6.15 53.66 -51.63
CA ASP L 36 -5.38 53.94 -50.43
C ASP L 36 -5.70 52.91 -49.33
N ARG L 37 -4.81 52.84 -48.34
CA ARG L 37 -4.99 51.96 -47.20
C ARG L 37 -5.68 52.72 -46.08
N VAL L 38 -6.85 52.24 -45.67
CA VAL L 38 -7.73 52.97 -44.76
C VAL L 38 -8.01 52.08 -43.56
N THR L 39 -7.85 52.63 -42.35
CA THR L 39 -8.03 51.86 -41.14
C THR L 39 -8.99 52.54 -40.19
N ILE L 40 -9.69 51.74 -39.39
CA ILE L 40 -10.66 52.22 -38.42
C ILE L 40 -10.21 51.80 -37.04
N THR L 41 -10.15 52.75 -36.12
CA THR L 41 -9.77 52.43 -34.76
C THR L 41 -11.02 52.02 -33.98
N CYS L 42 -10.91 50.96 -33.22
CA CYS L 42 -12.01 50.58 -32.34
C CYS L 42 -11.48 50.08 -31.01
N GLN L 43 -12.07 50.57 -29.94
CA GLN L 43 -11.57 50.20 -28.62
C GLN L 43 -12.70 49.88 -27.67
N ALA L 44 -12.38 49.05 -26.70
CA ALA L 44 -13.24 48.75 -25.57
C ALA L 44 -12.76 49.48 -24.34
N SER L 45 -13.70 49.89 -23.49
CA SER L 45 -13.32 50.45 -22.20
C SER L 45 -12.82 49.39 -21.24
N GLN L 46 -13.08 48.11 -21.52
CA GLN L 46 -12.65 47.02 -20.66
C GLN L 46 -12.24 45.86 -21.55
N ASP L 47 -11.41 44.97 -21.02
CA ASP L 47 -10.93 43.82 -21.79
C ASP L 47 -12.08 42.92 -22.24
N ILE L 48 -12.20 42.71 -23.55
CA ILE L 48 -13.24 41.85 -24.13
C ILE L 48 -12.66 40.59 -24.72
N LYS L 49 -11.35 40.43 -24.59
CA LYS L 49 -10.41 39.42 -25.05
C LYS L 49 -10.32 39.29 -26.55
N LYS L 50 -11.38 38.77 -27.21
CA LYS L 50 -11.41 38.61 -28.67
C LYS L 50 -12.80 38.75 -29.29
N SER L 51 -13.86 38.95 -28.50
CA SER L 51 -15.21 38.75 -29.01
C SER L 51 -15.67 39.90 -29.88
N LEU L 52 -15.14 40.01 -31.09
CA LEU L 52 -15.39 41.17 -31.93
C LEU L 52 -15.70 40.77 -33.37
N ASN L 53 -16.83 41.27 -33.87
CA ASN L 53 -17.20 41.14 -35.26
C ASN L 53 -17.14 42.48 -35.98
N TRP L 54 -16.78 42.44 -37.26
CA TRP L 54 -16.80 43.61 -38.12
C TRP L 54 -17.86 43.48 -39.20
N TYR L 55 -18.75 44.48 -39.28
CA TYR L 55 -19.81 44.47 -40.27
C TYR L 55 -19.62 45.66 -41.18
N ARG L 56 -20.10 45.57 -42.42
CA ARG L 56 -20.09 46.69 -43.36
C ARG L 56 -21.46 46.93 -43.96
N GLN L 57 -22.00 48.14 -43.76
CA GLN L 57 -23.32 48.49 -44.26
C GLN L 57 -23.21 49.37 -45.48
N LYS L 58 -23.94 49.01 -46.50
CA LYS L 58 -24.08 49.84 -47.66
C LYS L 58 -25.51 50.38 -47.69
N PRO L 59 -25.75 51.54 -48.34
CA PRO L 59 -27.12 52.06 -48.43
C PRO L 59 -28.10 51.03 -48.98
N GLY L 60 -29.21 50.86 -48.28
CA GLY L 60 -30.24 49.93 -48.67
C GLY L 60 -29.98 48.49 -48.33
N LYS L 61 -28.89 48.17 -47.64
CA LYS L 61 -28.55 46.79 -47.35
C LYS L 61 -28.19 46.61 -45.89
N ALA L 62 -28.67 45.52 -45.31
CA ALA L 62 -28.32 45.16 -43.95
C ALA L 62 -26.81 44.98 -43.82
N PRO L 63 -26.22 45.35 -42.67
CA PRO L 63 -24.76 45.23 -42.50
C PRO L 63 -24.19 43.85 -42.78
N GLU L 64 -23.15 43.83 -43.62
CA GLU L 64 -22.50 42.60 -44.04
C GLU L 64 -21.34 42.22 -43.13
N LEU L 65 -21.36 40.98 -42.63
CA LEU L 65 -20.28 40.49 -41.77
C LEU L 65 -19.08 40.19 -42.63
N LEU L 66 -17.98 40.85 -42.34
CA LEU L 66 -16.75 40.63 -43.07
C LEU L 66 -15.75 39.82 -42.28
N ILE L 67 -15.55 40.17 -41.01
CA ILE L 67 -14.57 39.53 -40.15
C ILE L 67 -15.22 39.17 -38.82
N HIS L 68 -14.95 37.96 -38.36
CA HIS L 68 -15.40 37.48 -37.06
C HIS L 68 -14.21 37.06 -36.22
N ASP L 69 -14.46 36.97 -34.90
CA ASP L 69 -13.46 36.63 -33.88
C ASP L 69 -12.21 37.50 -34.00
N ALA L 70 -12.46 38.78 -34.34
CA ALA L 70 -11.49 39.87 -34.48
C ALA L 70 -10.46 39.70 -35.59
N SER L 71 -10.45 38.58 -36.32
CA SER L 71 -9.40 38.43 -37.32
C SER L 71 -9.73 37.52 -38.50
N ILE L 72 -10.83 36.78 -38.46
CA ILE L 72 -11.07 35.74 -39.45
C ILE L 72 -12.13 36.21 -40.42
N LEU L 73 -11.80 36.19 -41.71
CA LEU L 73 -12.75 36.55 -42.75
C LEU L 73 -13.88 35.55 -42.81
N GLN L 74 -15.09 36.07 -43.01
CA GLN L 74 -16.26 35.24 -43.22
C GLN L 74 -16.18 34.56 -44.59
N THR L 75 -16.68 33.32 -44.65
CA THR L 75 -16.65 32.54 -45.87
C THR L 75 -17.29 33.31 -47.02
N GLY L 76 -16.57 33.38 -48.14
CA GLY L 76 -17.02 34.08 -49.31
C GLY L 76 -16.57 35.52 -49.39
N VAL L 77 -15.98 36.07 -48.34
CA VAL L 77 -15.51 37.45 -48.32
C VAL L 77 -14.10 37.46 -48.91
N PRO L 78 -13.82 38.32 -49.89
CA PRO L 78 -12.47 38.35 -50.50
C PRO L 78 -11.44 38.91 -49.53
N SER L 79 -10.19 38.53 -49.75
CA SER L 79 -9.08 39.00 -48.91
C SER L 79 -8.70 40.44 -49.24
N ALA L 80 -9.66 41.33 -49.04
CA ALA L 80 -9.45 42.74 -49.24
C ALA L 80 -9.38 43.46 -47.93
N PHE L 81 -9.65 42.75 -46.83
CA PHE L 81 -9.75 43.36 -45.52
C PHE L 81 -8.98 42.50 -44.55
N THR L 82 -8.42 43.12 -43.51
CA THR L 82 -7.87 42.40 -42.38
C THR L 82 -8.30 43.10 -41.11
N ALA L 83 -8.02 42.46 -39.99
CA ALA L 83 -8.25 43.06 -38.68
C ALA L 83 -7.32 42.40 -37.69
N SER L 84 -7.05 43.13 -36.61
CA SER L 84 -6.20 42.58 -35.56
C SER L 84 -6.51 43.29 -34.25
N GLY L 85 -5.68 43.01 -33.26
CA GLY L 85 -5.85 43.52 -31.93
C GLY L 85 -6.55 42.53 -31.02
N SER L 86 -6.40 42.77 -29.72
CA SER L 86 -6.97 41.92 -28.68
C SER L 86 -7.09 42.79 -27.44
N GLY L 87 -7.80 42.27 -26.44
CA GLY L 87 -7.95 43.02 -25.21
C GLY L 87 -8.89 44.19 -25.37
N THR L 88 -8.31 45.40 -25.42
CA THR L 88 -9.11 46.61 -25.57
C THR L 88 -8.86 47.34 -26.87
N HIS L 89 -7.84 47.00 -27.64
CA HIS L 89 -7.46 47.79 -28.81
C HIS L 89 -7.52 46.96 -30.08
N PHE L 90 -8.36 47.39 -31.02
CA PHE L 90 -8.64 46.63 -32.23
C PHE L 90 -8.57 47.57 -33.42
N SER L 91 -8.40 47.00 -34.60
CA SER L 91 -8.41 47.83 -35.78
C SER L 91 -8.89 47.04 -36.97
N PHE L 92 -9.61 47.73 -37.85
CA PHE L 92 -10.08 47.18 -39.11
C PHE L 92 -9.28 47.82 -40.23
N VAL L 93 -8.78 47.01 -41.14
CA VAL L 93 -7.91 47.49 -42.20
C VAL L 93 -8.55 47.21 -43.55
N ILE L 94 -8.67 48.26 -44.36
CA ILE L 94 -9.11 48.15 -45.75
C ILE L 94 -7.86 48.23 -46.59
N ASN L 95 -7.47 47.10 -47.20
CA ASN L 95 -6.18 47.02 -47.90
C ASN L 95 -6.11 48.05 -49.00
N LYS L 96 -7.19 48.21 -49.75
CA LYS L 96 -7.33 49.25 -50.76
C LYS L 96 -8.78 49.67 -50.78
N LEU L 97 -9.05 50.95 -50.62
CA LEU L 97 -10.42 51.43 -50.61
C LEU L 97 -10.88 51.64 -52.04
N GLN L 98 -11.85 50.90 -52.43
CA GLN L 98 -12.46 51.02 -53.73
C GLN L 98 -13.83 51.65 -53.58
N PRO L 99 -14.38 52.27 -54.65
CA PRO L 99 -15.76 52.80 -54.57
C PRO L 99 -16.76 51.78 -54.06
N GLU L 100 -16.56 50.51 -54.41
CA GLU L 100 -17.42 49.41 -54.00
C GLU L 100 -17.38 49.16 -52.50
N ASP L 101 -16.37 49.67 -51.81
CA ASP L 101 -16.20 49.40 -50.39
C ASP L 101 -16.76 50.52 -49.54
N VAL L 102 -17.42 51.49 -50.15
CA VAL L 102 -17.97 52.61 -49.41
C VAL L 102 -19.14 52.12 -48.57
N GLY L 103 -19.12 52.46 -47.29
CA GLY L 103 -20.13 52.00 -46.37
C GLY L 103 -19.73 52.31 -44.94
N THR L 104 -20.59 51.93 -44.01
CA THR L 104 -20.35 52.15 -42.60
C THR L 104 -19.91 50.85 -41.96
N TYR L 105 -18.77 50.88 -41.28
CA TYR L 105 -18.24 49.66 -40.70
C TYR L 105 -18.52 49.66 -39.21
N PHE L 106 -19.02 48.54 -38.69
CA PHE L 106 -19.40 48.50 -37.28
C PHE L 106 -18.50 47.55 -36.50
N CYS L 107 -18.16 47.96 -35.30
CA CYS L 107 -17.40 47.17 -34.33
C CYS L 107 -18.38 46.66 -33.28
N GLN L 108 -18.71 45.37 -33.32
CA GLN L 108 -19.65 44.77 -32.38
C GLN L 108 -18.96 43.85 -31.38
N GLU L 109 -19.29 43.99 -30.11
CA GLU L 109 -18.83 43.05 -29.09
C GLU L 109 -19.91 42.05 -28.76
N TYR L 110 -19.54 40.77 -28.68
CA TYR L 110 -20.46 39.73 -28.25
C TYR L 110 -19.93 38.90 -27.08
N GLU L 111 -19.18 39.52 -26.16
CA GLU L 111 -18.76 38.77 -24.97
C GLU L 111 -19.92 38.46 -24.04
N ASN L 112 -20.83 39.41 -23.85
CA ASN L 112 -22.00 39.20 -23.01
C ASN L 112 -23.25 39.37 -23.85
N LEU L 113 -24.37 38.90 -23.32
CA LEU L 113 -25.63 38.80 -24.06
C LEU L 113 -26.33 40.16 -24.20
N GLN L 114 -25.58 41.13 -24.73
CA GLN L 114 -26.13 42.43 -25.10
C GLN L 114 -25.70 42.73 -26.53
N PHE L 115 -24.65 42.03 -26.96
CA PHE L 115 -24.13 42.06 -28.32
C PHE L 115 -24.07 43.49 -28.85
N THR L 116 -23.50 44.37 -28.01
CA THR L 116 -23.56 45.80 -28.27
C THR L 116 -22.84 46.18 -29.56
N PHE L 117 -23.43 47.09 -30.31
CA PHE L 117 -22.76 47.58 -31.50
C PHE L 117 -22.06 48.88 -31.15
N GLY L 118 -20.91 49.11 -31.79
CA GLY L 118 -20.24 50.38 -31.71
C GLY L 118 -20.92 51.42 -32.59
N PRO L 119 -20.44 52.66 -32.48
CA PRO L 119 -21.07 53.76 -33.23
C PRO L 119 -21.04 53.59 -34.74
N GLY L 120 -20.10 52.84 -35.29
CA GLY L 120 -20.02 52.76 -36.73
C GLY L 120 -19.18 53.90 -37.28
N THR L 121 -18.36 53.55 -38.27
CA THR L 121 -17.50 54.53 -38.96
C THR L 121 -17.86 54.53 -40.43
N LYS L 122 -18.13 55.73 -40.97
CA LYS L 122 -18.45 55.87 -42.37
C LYS L 122 -17.16 56.03 -43.18
N VAL L 123 -16.98 55.18 -44.17
CA VAL L 123 -15.82 55.21 -45.05
C VAL L 123 -16.28 55.57 -46.45
N GLU L 124 -15.72 56.64 -47.01
CA GLU L 124 -16.11 57.14 -48.33
C GLU L 124 -14.89 57.61 -49.14
N ILE L 125 -15.14 57.88 -50.41
CA ILE L 125 -14.11 58.31 -51.36
C ILE L 125 -14.01 59.83 -51.34
N LYS L 126 -12.78 60.35 -51.25
CA LYS L 126 -12.56 61.78 -51.31
C LYS L 126 -12.95 62.38 -52.67
N ARG L 127 -13.51 63.58 -52.62
CA ARG L 127 -13.85 64.37 -53.80
C ARG L 127 -13.80 65.85 -53.42
N ALA M 36 11.63 -25.30 19.40
CA ALA M 36 12.02 -23.89 19.47
C ALA M 36 11.31 -23.10 18.38
N GLU M 37 11.59 -21.80 18.35
CA GLU M 37 11.07 -20.91 17.31
C GLU M 37 11.74 -21.26 16.00
N GLN M 38 11.03 -21.06 14.89
CA GLN M 38 11.73 -21.08 13.61
C GLN M 38 12.75 -19.96 13.63
N LEU M 39 14.00 -20.31 13.38
CA LEU M 39 15.05 -19.31 13.45
C LEU M 39 15.59 -19.02 12.06
N TRP M 40 15.96 -17.76 11.85
CA TRP M 40 16.49 -17.27 10.60
C TRP M 40 17.79 -16.53 10.87
N VAL M 41 18.65 -16.45 9.87
CA VAL M 41 19.95 -15.81 10.04
C VAL M 41 19.75 -14.29 9.98
N THR M 42 20.34 -13.60 10.95
CA THR M 42 20.40 -12.15 10.94
C THR M 42 21.84 -11.68 10.98
N VAL M 43 22.14 -10.66 10.19
CA VAL M 43 23.48 -10.11 10.09
C VAL M 43 23.57 -8.89 10.97
N TYR M 44 24.61 -8.85 11.80
CA TYR M 44 24.90 -7.74 12.68
C TYR M 44 26.25 -7.14 12.35
N TYR M 45 26.38 -5.85 12.59
CA TYR M 45 27.64 -5.21 12.39
C TYR M 45 27.92 -4.24 13.52
N GLY M 46 29.16 -4.23 13.99
CA GLY M 46 29.49 -3.59 15.24
C GLY M 46 29.67 -4.55 16.38
N VAL M 47 29.84 -5.83 16.08
CA VAL M 47 29.92 -6.88 17.09
C VAL M 47 31.24 -6.73 17.85
N PRO M 48 31.19 -6.55 19.14
CA PRO M 48 32.41 -6.27 19.91
C PRO M 48 33.21 -7.52 20.23
N VAL M 49 33.81 -8.16 19.23
CA VAL M 49 34.61 -9.35 19.47
C VAL M 49 35.97 -9.16 18.82
N TRP M 50 36.95 -9.92 19.29
CA TRP M 50 38.28 -9.73 18.75
C TRP M 50 39.12 -10.99 18.86
N LYS M 51 40.24 -10.97 18.15
CA LYS M 51 41.25 -12.02 18.17
C LYS M 51 42.62 -11.36 18.30
N GLU M 52 43.54 -12.07 18.95
CA GLU M 52 44.91 -11.61 19.05
C GLU M 52 45.53 -11.42 17.68
N ALA M 53 46.24 -10.29 17.50
CA ALA M 53 46.91 -10.00 16.24
C ALA M 53 48.10 -9.09 16.50
N THR M 54 49.11 -9.19 15.63
CA THR M 54 50.31 -8.35 15.68
C THR M 54 50.34 -7.40 14.49
N THR M 55 50.51 -6.10 14.77
CA THR M 55 50.62 -5.07 13.76
C THR M 55 51.53 -3.96 14.25
N THR M 56 51.62 -2.89 13.47
CA THR M 56 52.50 -1.77 13.78
C THR M 56 51.73 -0.69 14.52
N LEU M 57 52.27 -0.24 15.64
CA LEU M 57 51.67 0.86 16.37
C LEU M 57 52.28 2.17 15.91
N PHE M 58 51.44 3.20 15.83
CA PHE M 58 51.91 4.50 15.40
C PHE M 58 52.64 5.18 16.53
N CYS M 59 53.75 5.83 16.21
CA CYS M 59 54.40 6.58 17.27
C CYS M 59 53.63 7.84 17.56
N ALA M 60 53.78 8.34 18.78
CA ALA M 60 53.27 9.65 19.12
C ALA M 60 54.23 10.27 20.12
N SER M 61 54.26 11.60 20.12
CA SER M 61 55.27 12.29 20.91
C SER M 61 54.78 13.67 21.29
N ASP M 62 55.28 14.15 22.42
CA ASP M 62 55.00 15.50 22.87
C ASP M 62 55.79 16.42 21.95
N ALA M 63 55.17 16.74 20.82
CA ALA M 63 55.84 17.38 19.69
C ALA M 63 56.55 18.67 20.08
N ARG M 64 57.78 18.83 19.57
CA ARG M 64 58.57 20.03 19.77
C ARG M 64 59.24 20.37 18.45
N ARG M 71 68.73 17.47 16.54
CA ARG M 71 68.78 16.19 15.81
C ARG M 71 68.75 14.97 16.70
N ASN M 72 68.17 15.13 17.89
CA ASN M 72 68.04 14.05 18.85
C ASN M 72 67.45 12.82 18.17
N VAL M 73 68.14 11.70 18.40
CA VAL M 73 67.92 10.43 17.70
C VAL M 73 66.44 10.09 17.63
N TRP M 74 65.75 10.23 18.74
CA TRP M 74 64.39 9.74 18.82
C TRP M 74 63.41 10.86 18.64
N ALA M 75 63.92 12.05 18.41
CA ALA M 75 63.07 13.22 18.22
C ALA M 75 62.78 13.36 16.73
N THR M 76 62.13 12.33 16.21
CA THR M 76 61.85 12.30 14.78
C THR M 76 60.99 13.48 14.39
N HIS M 77 61.24 13.98 13.20
CA HIS M 77 60.47 15.09 12.66
C HIS M 77 59.04 14.68 12.36
N ALA M 78 58.78 13.38 12.23
CA ALA M 78 57.48 12.84 11.85
C ALA M 78 56.99 11.95 12.99
N CYS M 79 56.00 12.43 13.74
CA CYS M 79 55.41 11.65 14.81
C CYS M 79 54.13 12.34 15.23
N VAL M 80 53.13 11.53 15.60
CA VAL M 80 51.79 12.05 15.89
C VAL M 80 51.80 12.77 17.22
N PRO M 81 51.25 13.98 17.31
CA PRO M 81 51.19 14.65 18.61
C PRO M 81 50.29 13.88 19.56
N THR M 82 50.63 13.93 20.84
CA THR M 82 49.89 13.13 21.80
C THR M 82 48.51 13.70 22.08
N ASP M 83 47.66 12.82 22.57
CA ASP M 83 46.32 13.18 22.98
C ASP M 83 46.38 13.82 24.36
N PRO M 84 45.95 15.07 24.52
CA PRO M 84 45.97 15.69 25.85
C PRO M 84 44.97 15.07 26.82
N ASN M 85 43.98 14.32 26.34
CA ASN M 85 42.95 13.72 27.18
C ASN M 85 42.65 12.31 26.69
N PRO M 86 43.57 11.37 26.89
CA PRO M 86 43.34 10.02 26.41
C PRO M 86 42.29 9.32 27.26
N GLN M 87 41.60 8.36 26.65
CA GLN M 87 40.59 7.58 27.37
C GLN M 87 41.08 6.18 27.69
N GLU M 88 40.48 5.64 28.75
CA GLU M 88 40.68 4.25 29.14
C GLU M 88 39.37 3.74 29.71
N VAL M 89 38.93 2.57 29.26
CA VAL M 89 37.67 2.00 29.72
C VAL M 89 37.90 0.57 30.16
N VAL M 90 37.18 0.17 31.13
CA VAL M 90 37.30 -1.18 31.65
C VAL M 90 36.31 -2.08 30.94
N LEU M 91 36.69 -3.34 30.75
CA LEU M 91 35.80 -4.30 30.13
C LEU M 91 34.86 -4.95 31.15
N GLU M 92 35.46 -5.47 32.22
CA GLU M 92 34.92 -6.18 33.38
C GLU M 92 34.14 -7.45 33.09
N ASN M 93 33.29 -7.47 32.07
CA ASN M 93 32.63 -8.75 31.84
C ASN M 93 33.60 -9.71 31.19
N VAL M 94 34.72 -9.20 30.70
CA VAL M 94 35.63 -9.94 29.84
C VAL M 94 37.01 -9.90 30.46
N THR M 95 37.68 -11.05 30.49
CA THR M 95 39.07 -11.15 30.88
C THR M 95 39.92 -11.48 29.66
N GLU M 96 41.24 -11.45 29.85
CA GLU M 96 42.13 -11.64 28.71
C GLU M 96 43.46 -12.27 29.16
N ASN M 97 44.05 -13.05 28.27
CA ASN M 97 45.26 -13.81 28.56
C ASN M 97 46.48 -13.02 28.12
N PHE M 98 47.23 -12.51 29.07
CA PHE M 98 48.39 -11.72 28.74
C PHE M 98 49.62 -12.61 28.89
N ASN M 99 50.63 -12.35 28.06
CA ASN M 99 51.91 -13.05 28.15
C ASN M 99 52.99 -12.08 27.68
N MET M 100 53.79 -11.59 28.63
CA MET M 100 54.75 -10.54 28.33
C MET M 100 55.87 -11.03 27.44
N TRP M 101 56.00 -12.32 27.29
CA TRP M 101 57.07 -12.88 26.50
C TRP M 101 56.70 -13.01 25.03
N LYS M 102 55.47 -12.69 24.68
CA LYS M 102 54.98 -12.75 23.33
C LYS M 102 54.66 -11.39 22.75
N ASN M 103 54.92 -10.31 23.48
CA ASN M 103 54.51 -8.99 22.98
C ASN M 103 55.52 -8.57 21.94
N ASN M 104 55.07 -8.67 20.69
CA ASN M 104 55.93 -8.43 19.56
C ASN M 104 56.25 -6.96 19.37
N MET M 105 55.63 -6.08 20.16
CA MET M 105 55.91 -4.65 20.09
C MET M 105 57.36 -4.36 20.41
N VAL M 106 58.00 -5.21 21.23
CA VAL M 106 59.40 -5.02 21.56
C VAL M 106 60.26 -5.16 20.32
N GLU M 107 59.80 -5.91 19.32
CA GLU M 107 60.58 -6.07 18.11
C GLU M 107 60.47 -4.83 17.24
N GLN M 108 59.29 -4.24 17.19
CA GLN M 108 59.14 -3.00 16.47
C GLN M 108 60.06 -1.94 17.01
N MET M 109 60.06 -1.77 18.35
CA MET M 109 60.93 -0.79 18.97
C MET M 109 62.39 -1.09 18.66
N HIS M 110 62.78 -2.36 18.79
CA HIS M 110 64.14 -2.78 18.53
C HIS M 110 64.61 -2.31 17.15
N GLU M 111 63.86 -2.63 16.12
CA GLU M 111 64.32 -2.25 14.79
C GLU M 111 64.20 -0.76 14.54
N ASP M 112 63.06 -0.16 14.87
CA ASP M 112 62.87 1.25 14.60
C ASP M 112 63.91 2.11 15.30
N ILE M 113 64.21 1.79 16.56
CA ILE M 113 65.18 2.57 17.32
C ILE M 113 66.56 2.49 16.68
N ILE M 114 66.96 1.29 16.26
CA ILE M 114 68.26 1.19 15.61
C ILE M 114 68.26 2.01 14.33
N SER M 115 67.19 1.94 13.54
CA SER M 115 67.14 2.70 12.30
C SER M 115 67.32 4.18 12.57
N LEU M 116 66.60 4.70 13.58
CA LEU M 116 66.69 6.13 13.92
C LEU M 116 68.11 6.52 14.28
N TRP M 117 68.79 5.67 15.06
CA TRP M 117 70.19 5.87 15.42
C TRP M 117 71.07 6.02 14.18
N ASP M 118 71.01 5.04 13.28
CA ASP M 118 71.85 5.07 12.10
C ASP M 118 71.53 6.24 11.20
N GLN M 119 70.25 6.59 11.07
CA GLN M 119 69.85 7.68 10.18
C GLN M 119 70.43 9.00 10.65
N SER M 120 70.22 9.34 11.92
CA SER M 120 70.69 10.61 12.45
C SER M 120 72.20 10.71 12.33
N LEU M 121 72.90 9.61 12.57
CA LEU M 121 74.35 9.61 12.55
C LEU M 121 74.89 9.13 11.22
N LYS M 122 74.12 9.24 10.15
CA LYS M 122 74.66 8.88 8.83
C LYS M 122 75.73 9.87 8.34
N PRO M 123 75.50 11.21 8.27
CA PRO M 123 76.55 12.06 7.67
C PRO M 123 77.66 12.42 8.65
N CYS M 124 78.34 11.41 9.17
CA CYS M 124 79.34 11.62 10.20
C CYS M 124 80.74 11.30 9.67
N VAL M 125 81.73 11.63 10.50
CA VAL M 125 83.13 11.71 10.07
C VAL M 125 83.80 10.34 10.23
N LYS M 126 84.38 9.83 9.15
CA LYS M 126 85.08 8.55 9.17
C LYS M 126 86.47 8.65 9.82
N LEU M 127 86.81 7.65 10.61
CA LEU M 127 88.11 7.58 11.27
C LEU M 127 89.16 6.87 10.45
N THR M 128 88.82 6.43 9.25
CA THR M 128 89.76 5.73 8.37
C THR M 128 91.14 6.38 8.29
N PRO M 129 91.31 7.73 8.09
CA PRO M 129 92.68 8.23 7.98
C PRO M 129 93.36 8.42 9.33
N LEU M 130 92.67 8.08 10.40
CA LEU M 130 93.17 8.26 11.76
C LEU M 130 93.60 6.95 12.38
N CYS M 131 93.65 5.89 11.59
CA CYS M 131 94.19 4.60 11.98
C CYS M 131 95.72 4.62 12.10
N VAL M 132 96.35 5.73 11.72
CA VAL M 132 97.79 5.91 11.85
C VAL M 132 98.25 5.51 13.26
N THR M 133 99.40 4.84 13.31
CA THR M 133 99.87 4.39 14.60
C THR M 133 100.23 5.58 15.47
N LEU M 134 100.13 5.35 16.77
CA LEU M 134 100.28 6.41 17.76
C LEU M 134 101.51 6.19 18.60
N ASN M 135 102.35 7.20 18.69
CA ASN M 135 103.51 7.12 19.56
C ASN M 135 103.09 7.63 20.92
N CYS M 136 102.83 6.72 21.85
CA CYS M 136 102.16 7.06 23.10
C CYS M 136 103.10 7.03 24.28
N THR M 137 102.89 7.97 25.19
CA THR M 137 103.49 7.95 26.51
C THR M 137 102.38 8.06 27.54
N ASP M 138 102.74 7.80 28.79
CA ASP M 138 101.78 7.92 29.87
C ASP M 138 101.50 9.39 30.14
N LEU M 139 100.21 9.71 30.23
CA LEU M 139 99.82 11.05 30.61
C LEU M 139 100.09 11.27 32.09
N ARG M 140 100.88 12.28 32.40
CA ARG M 140 101.26 12.56 33.78
C ARG M 140 100.04 13.00 34.59
N ASN M 141 100.05 12.69 35.88
CA ASN M 141 98.92 13.03 36.73
C ASN M 141 99.44 13.46 38.09
N GLY M 161 97.49 4.58 34.53
CA GLY M 161 97.38 5.37 33.32
C GLY M 161 96.30 4.77 32.44
N GLU M 162 95.21 5.52 32.28
CA GLU M 162 94.12 5.13 31.41
C GLU M 162 94.09 6.00 30.18
N ILE M 163 94.80 7.12 30.22
CA ILE M 163 94.85 8.10 29.15
C ILE M 163 96.29 8.21 28.70
N LYS M 164 96.49 8.12 27.40
CA LYS M 164 97.81 8.23 26.82
C LYS M 164 97.91 9.53 26.05
N ASN M 165 99.10 10.12 26.05
CA ASN M 165 99.37 11.34 25.31
C ASN M 165 100.24 10.94 24.12
N CYS M 166 99.66 10.95 22.92
CA CYS M 166 100.29 10.34 21.77
C CYS M 166 100.39 11.33 20.62
N SER M 167 101.31 11.05 19.71
CA SER M 167 101.45 11.82 18.49
C SER M 167 101.45 10.88 17.28
N PHE M 168 101.36 11.49 16.10
CA PHE M 168 101.29 10.78 14.84
C PHE M 168 101.68 11.77 13.76
N ASN M 169 101.74 11.31 12.50
CA ASN M 169 102.07 12.23 11.41
C ASN M 169 101.27 11.83 10.16
N ILE M 170 100.11 12.47 10.00
CA ILE M 170 99.16 12.16 8.93
C ILE M 170 98.19 13.35 8.95
N THR M 171 97.77 13.84 7.77
CA THR M 171 97.99 13.32 6.41
C THR M 171 99.21 13.86 5.70
N THR M 172 99.95 14.73 6.38
CA THR M 172 101.16 15.41 5.87
C THR M 172 100.89 16.10 4.52
N SER M 173 99.88 16.98 4.53
CA SER M 173 99.58 17.96 3.46
C SER M 173 99.08 17.30 2.17
N MET M 174 98.13 16.39 2.29
CA MET M 174 97.45 15.80 1.13
C MET M 174 96.39 16.78 0.61
N ARG M 175 96.88 17.86 -0.02
CA ARG M 175 96.08 18.98 -0.52
C ARG M 175 95.30 19.63 0.63
N ASP M 176 95.92 19.72 1.80
CA ASP M 176 95.22 20.21 2.97
C ASP M 176 96.20 20.89 3.91
N LYS M 177 95.67 21.33 5.04
CA LYS M 177 96.41 22.06 6.07
C LYS M 177 96.34 21.24 7.33
N VAL M 178 97.33 20.36 7.56
CA VAL M 178 97.27 19.40 8.66
C VAL M 178 98.63 19.37 9.35
N GLN M 179 98.70 18.72 10.51
CA GLN M 179 99.97 18.47 11.20
C GLN M 179 99.83 17.28 12.14
N LYS M 180 100.90 17.06 12.91
CA LYS M 180 101.01 15.91 13.79
C LYS M 180 99.91 15.84 14.86
N GLU M 181 99.34 16.99 15.24
CA GLU M 181 98.22 17.17 16.18
C GLU M 181 98.14 16.19 17.35
N TYR M 182 99.18 16.14 18.17
CA TYR M 182 99.20 15.27 19.34
C TYR M 182 97.92 15.44 20.16
N ALA M 183 97.49 14.37 20.83
CA ALA M 183 96.23 14.42 21.55
C ALA M 183 96.18 13.33 22.61
N LEU M 184 95.13 13.37 23.43
CA LEU M 184 94.90 12.36 24.47
C LEU M 184 93.94 11.29 23.97
N PHE M 185 94.26 10.03 24.28
CA PHE M 185 93.45 8.90 23.81
C PHE M 185 93.16 8.02 25.02
N TYR M 186 92.04 7.30 25.01
CA TYR M 186 91.77 6.40 26.12
C TYR M 186 92.21 4.98 25.80
N LYS M 187 92.71 4.31 26.85
CA LYS M 187 93.14 2.91 26.78
C LYS M 187 92.08 2.01 26.18
N LEU M 188 90.81 2.25 26.53
CA LEU M 188 89.74 1.35 26.16
C LEU M 188 89.34 1.51 24.70
N ASP M 189 89.89 2.49 24.02
CA ASP M 189 89.56 2.75 22.63
C ASP M 189 90.66 2.34 21.67
N VAL M 190 91.78 1.85 22.19
CA VAL M 190 92.94 1.57 21.36
C VAL M 190 93.36 0.13 21.58
N VAL M 191 94.20 -0.36 20.65
CA VAL M 191 94.74 -1.70 20.74
C VAL M 191 96.25 -1.56 20.83
N PRO M 192 96.90 -2.27 21.74
CA PRO M 192 98.35 -2.24 21.81
C PRO M 192 99.01 -2.92 20.63
N ILE M 193 100.17 -2.39 20.25
CA ILE M 193 101.00 -2.97 19.21
C ILE M 193 102.21 -3.52 19.95
N LYS M 194 102.19 -4.80 20.27
CA LYS M 194 103.19 -5.39 21.14
C LYS M 194 104.53 -5.60 20.43
N ASN M 195 104.57 -5.37 19.13
CA ASN M 195 105.79 -5.45 18.37
C ASN M 195 106.47 -4.10 18.22
N ASP M 196 106.04 -3.08 18.98
CA ASP M 196 106.66 -1.77 18.80
C ASP M 196 107.32 -1.18 20.04
N ASN M 197 106.58 -0.43 20.86
CA ASN M 197 107.22 0.26 22.00
C ASN M 197 106.92 -0.37 23.36
N THR M 198 105.68 -0.82 23.69
CA THR M 198 104.39 -0.87 22.97
C THR M 198 103.76 0.45 22.51
N SER M 199 103.31 0.49 21.25
CA SER M 199 102.64 1.64 20.67
C SER M 199 101.17 1.28 20.47
N TYR M 200 100.35 2.23 20.03
CA TYR M 200 98.93 1.94 19.95
C TYR M 200 98.37 2.42 18.62
N ARG M 201 97.18 1.93 18.30
CA ARG M 201 96.38 2.41 17.20
C ARG M 201 94.92 2.15 17.51
N LEU M 202 94.04 2.71 16.68
CA LEU M 202 92.61 2.52 16.87
C LEU M 202 92.26 1.04 16.85
N ILE M 203 91.51 0.62 17.87
CA ILE M 203 91.10 -0.76 17.98
C ILE M 203 90.30 -1.21 16.75
N SER M 204 89.70 -0.26 16.03
CA SER M 204 88.89 -0.58 14.88
C SER M 204 89.70 -0.88 13.62
N CYS M 205 91.02 -0.65 13.65
CA CYS M 205 91.85 -0.75 12.46
C CYS M 205 91.75 -2.11 11.78
N ASN M 206 91.66 -3.19 12.56
CA ASN M 206 91.60 -4.52 11.97
C ASN M 206 90.18 -5.05 11.91
N THR M 207 89.18 -4.18 12.06
CA THR M 207 87.80 -4.63 12.00
C THR M 207 86.99 -3.89 10.94
N SER M 208 86.84 -2.57 11.07
CA SER M 208 85.87 -1.86 10.24
C SER M 208 86.16 -0.36 10.26
N VAL M 209 85.50 0.33 9.35
CA VAL M 209 85.51 1.78 9.31
C VAL M 209 84.39 2.30 10.20
N ILE M 210 84.75 3.16 11.15
CA ILE M 210 83.78 3.68 12.09
C ILE M 210 83.81 5.20 12.00
N THR M 211 82.78 5.82 12.54
CA THR M 211 82.61 7.25 12.40
C THR M 211 82.51 7.91 13.76
N GLN M 212 82.93 9.18 13.82
CA GLN M 212 82.74 9.97 15.02
C GLN M 212 81.35 10.55 14.96
N ALA M 213 80.55 10.29 16.00
CA ALA M 213 79.17 10.72 16.05
C ALA M 213 79.06 12.22 15.82
N CYS M 214 78.06 12.59 15.03
CA CYS M 214 77.86 13.99 14.66
C CYS M 214 77.63 14.85 15.90
N PRO M 215 78.43 15.92 16.08
CA PRO M 215 78.29 16.76 17.30
C PRO M 215 76.92 17.36 17.47
N LYS M 216 76.14 17.41 16.41
CA LYS M 216 74.84 18.05 16.44
C LYS M 216 73.73 17.09 16.80
N VAL M 217 74.03 15.87 17.21
CA VAL M 217 73.00 14.89 17.54
C VAL M 217 72.99 14.66 19.05
N SER M 218 71.85 14.91 19.69
CA SER M 218 71.68 14.65 21.10
C SER M 218 71.26 13.21 21.31
N PHE M 219 71.69 12.64 22.45
CA PHE M 219 71.31 11.27 22.76
C PHE M 219 70.49 11.19 24.04
N GLU M 220 69.72 12.22 24.34
CA GLU M 220 68.77 12.20 25.45
C GLU M 220 67.54 11.37 25.13
N PRO M 221 67.26 10.31 25.89
CA PRO M 221 66.05 9.51 25.64
C PRO M 221 64.77 10.33 25.64
N ILE M 222 63.90 10.01 24.70
CA ILE M 222 62.61 10.70 24.50
C ILE M 222 61.47 9.75 24.87
N PRO M 223 60.52 10.17 25.69
CA PRO M 223 59.40 9.30 26.05
C PRO M 223 58.36 9.13 24.96
N ILE M 224 58.64 8.29 23.98
CA ILE M 224 57.76 8.13 22.84
C ILE M 224 56.57 7.25 23.22
N HIS M 225 55.38 7.68 22.85
CA HIS M 225 54.13 6.95 23.02
C HIS M 225 53.86 6.13 21.77
N TYR M 226 53.01 5.11 21.90
CA TYR M 226 52.54 4.37 20.72
C TYR M 226 51.04 4.09 20.79
N CYS M 227 50.35 4.30 19.67
CA CYS M 227 48.90 4.27 19.64
C CYS M 227 48.42 3.24 18.62
N ALA M 228 47.21 2.75 18.84
CA ALA M 228 46.64 1.72 17.99
C ALA M 228 46.22 2.29 16.63
N PRO M 229 46.46 1.54 15.56
CA PRO M 229 45.86 1.87 14.27
C PRO M 229 44.39 1.45 14.22
N ALA M 230 43.71 1.97 13.20
CA ALA M 230 42.31 1.66 12.96
C ALA M 230 42.07 0.16 12.83
N GLY M 231 41.01 -0.29 13.45
CA GLY M 231 40.64 -1.69 13.45
C GLY M 231 41.33 -2.51 14.51
N PHE M 232 42.23 -1.91 15.28
CA PHE M 232 42.98 -2.60 16.31
C PHE M 232 42.82 -1.86 17.62
N ALA M 233 43.10 -2.55 18.73
CA ALA M 233 43.06 -1.88 20.02
C ALA M 233 44.12 -2.46 20.95
N ILE M 234 44.48 -1.65 21.94
CA ILE M 234 45.47 -2.02 22.93
C ILE M 234 44.74 -2.35 24.22
N LEU M 235 44.94 -3.56 24.72
CA LEU M 235 44.39 -3.96 26.00
C LEU M 235 45.48 -3.89 27.05
N LYS M 236 45.09 -3.54 28.27
CA LYS M 236 46.05 -3.38 29.36
C LYS M 236 45.67 -4.25 30.53
N CYS M 237 46.66 -4.93 31.10
CA CYS M 237 46.48 -5.73 32.30
C CYS M 237 46.75 -4.89 33.53
N ASN M 238 45.73 -4.68 34.34
CA ASN M 238 45.83 -3.83 35.51
C ASN M 238 45.93 -4.62 36.80
N ASP M 239 46.13 -5.93 36.71
CA ASP M 239 46.27 -6.74 37.92
C ASP M 239 47.62 -6.43 38.55
N LYS M 240 47.59 -5.94 39.80
CA LYS M 240 48.83 -5.57 40.48
C LYS M 240 49.76 -6.75 40.65
N LYS M 241 49.21 -7.97 40.66
CA LYS M 241 49.99 -9.15 40.89
C LYS M 241 50.40 -9.83 39.60
N PHE M 242 50.10 -9.23 38.46
CA PHE M 242 50.39 -9.88 37.21
C PHE M 242 51.89 -10.07 37.03
N ASN M 243 52.25 -11.27 36.62
CA ASN M 243 53.64 -11.65 36.36
C ASN M 243 53.74 -11.96 34.89
N GLY M 244 54.56 -12.95 34.52
CA GLY M 244 54.82 -13.25 33.13
C GLY M 244 53.61 -13.56 32.28
N THR M 245 52.61 -14.25 32.83
CA THR M 245 51.47 -14.60 32.01
C THR M 245 50.30 -15.05 32.88
N GLY M 246 49.11 -14.93 32.31
CA GLY M 246 47.92 -15.47 32.90
C GLY M 246 46.64 -14.73 32.53
N PRO M 247 45.52 -15.25 33.01
CA PRO M 247 44.21 -14.69 32.68
C PRO M 247 43.94 -13.44 33.51
N CYS M 248 44.60 -12.35 33.12
CA CYS M 248 44.45 -11.10 33.82
C CYS M 248 42.99 -10.72 33.93
N THR M 249 42.56 -10.41 35.15
CA THR M 249 41.14 -10.13 35.33
C THR M 249 40.82 -8.67 35.03
N ASN M 250 41.57 -7.76 35.63
CA ASN M 250 41.29 -6.33 35.46
C ASN M 250 41.91 -5.91 34.15
N VAL M 251 41.10 -5.96 33.11
CA VAL M 251 41.53 -5.66 31.75
C VAL M 251 40.79 -4.44 31.26
N SER M 252 41.54 -3.50 30.69
CA SER M 252 40.99 -2.28 30.15
C SER M 252 41.53 -2.06 28.75
N THR M 253 40.85 -1.19 28.01
CA THR M 253 41.26 -0.80 26.67
C THR M 253 41.84 0.61 26.70
N VAL M 254 43.00 0.76 26.09
CA VAL M 254 43.75 2.00 26.13
C VAL M 254 43.91 2.51 24.71
N GLN M 255 43.54 3.77 24.49
CA GLN M 255 43.68 4.36 23.17
C GLN M 255 45.14 4.45 22.75
N CYS M 256 46.01 4.80 23.68
CA CYS M 256 47.41 5.02 23.37
C CYS M 256 48.20 4.90 24.66
N THR M 257 49.39 4.33 24.56
CA THR M 257 50.21 4.06 25.72
C THR M 257 50.86 5.33 26.22
N HIS M 258 51.42 5.25 27.42
CA HIS M 258 52.25 6.34 27.88
C HIS M 258 53.59 6.28 27.16
N GLY M 259 54.42 7.29 27.39
CA GLY M 259 55.74 7.33 26.79
C GLY M 259 56.72 6.46 27.55
N ILE M 260 57.56 5.76 26.80
CA ILE M 260 58.63 4.96 27.36
C ILE M 260 59.94 5.53 26.85
N ARG M 261 60.81 5.90 27.75
CA ARG M 261 62.06 6.43 27.27
C ARG M 261 62.99 5.27 26.87
N PRO M 262 63.68 5.38 25.74
CA PRO M 262 64.61 4.35 25.28
C PRO M 262 65.92 4.37 26.04
N VAL M 263 65.85 4.01 27.31
CA VAL M 263 67.03 3.98 28.16
C VAL M 263 67.77 2.69 27.84
N VAL M 264 69.06 2.82 27.60
CA VAL M 264 69.90 1.67 27.29
C VAL M 264 70.87 1.48 28.44
N SER M 265 70.89 0.28 29.01
CA SER M 265 71.78 -0.01 30.12
C SER M 265 71.98 -1.50 30.24
N THR M 266 73.00 -1.88 31.00
CA THR M 266 73.26 -3.26 31.35
C THR M 266 73.14 -3.39 32.86
N GLN M 267 72.67 -4.56 33.32
CA GLN M 267 72.50 -5.06 34.70
C GLN M 267 71.43 -4.38 35.54
N LEU M 268 71.24 -3.07 35.40
CA LEU M 268 70.22 -2.38 36.18
C LEU M 268 69.34 -1.58 35.24
N LEU M 269 68.05 -1.52 35.57
CA LEU M 269 67.10 -0.76 34.78
C LEU M 269 66.93 0.61 35.41
N LEU M 270 67.25 1.65 34.64
CA LEU M 270 67.21 3.00 35.16
C LEU M 270 66.05 3.78 34.55
N ASN M 271 65.52 4.70 35.35
CA ASN M 271 64.49 5.67 34.94
C ASN M 271 63.25 5.02 34.34
N GLY M 272 62.81 3.90 34.92
CA GLY M 272 61.61 3.22 34.50
C GLY M 272 60.47 3.39 35.49
N SER M 273 59.51 2.48 35.42
CA SER M 273 58.36 2.52 36.31
C SER M 273 58.65 1.74 37.58
N LEU M 274 57.77 1.90 38.57
CA LEU M 274 57.89 1.22 39.85
C LEU M 274 56.82 0.15 39.99
N ALA M 275 57.08 -0.75 40.92
CA ALA M 275 56.16 -1.84 41.23
C ALA M 275 55.01 -1.36 42.12
N GLU M 276 53.93 -2.15 42.10
CA GLU M 276 52.67 -1.82 42.75
C GLU M 276 52.74 -2.15 44.23
N GLU M 277 53.37 -1.25 44.97
CA GLU M 277 53.44 -1.22 46.44
C GLU M 277 54.25 -2.36 47.05
N GLU M 278 55.04 -3.08 46.25
CA GLU M 278 55.97 -4.08 46.73
C GLU M 278 56.89 -4.44 45.58
N VAL M 279 58.03 -5.04 45.92
CA VAL M 279 58.89 -5.61 44.89
C VAL M 279 58.18 -6.79 44.25
N VAL M 280 58.14 -6.80 42.93
CA VAL M 280 57.52 -7.87 42.16
C VAL M 280 58.59 -8.48 41.29
N ILE M 281 58.74 -9.81 41.37
CA ILE M 281 59.77 -10.52 40.63
C ILE M 281 59.11 -11.43 39.61
N ARG M 282 59.52 -11.31 38.36
CA ARG M 282 58.92 -12.04 37.26
C ARG M 282 59.96 -12.87 36.52
N SER M 283 59.51 -13.97 35.92
CA SER M 283 60.29 -14.84 35.05
C SER M 283 59.37 -15.75 34.27
N ALA M 284 59.88 -16.22 33.14
CA ALA M 284 59.19 -17.26 32.39
C ALA M 284 59.09 -18.54 33.21
N ASN M 285 60.11 -18.84 34.01
CA ASN M 285 60.17 -20.08 34.78
C ASN M 285 61.32 -19.98 35.77
N PHE M 286 60.99 -19.89 37.06
CA PHE M 286 62.00 -19.72 38.09
C PHE M 286 62.87 -20.95 38.27
N THR M 287 62.47 -22.09 37.71
CA THR M 287 63.27 -23.30 37.81
C THR M 287 64.23 -23.48 36.64
N ASP M 288 64.12 -22.68 35.60
CA ASP M 288 64.87 -22.87 34.37
C ASP M 288 66.08 -21.93 34.37
N ASN M 289 67.28 -22.50 34.48
CA ASN M 289 68.49 -21.69 34.51
C ASN M 289 68.71 -20.91 33.22
N ALA M 290 68.04 -21.29 32.13
CA ALA M 290 68.19 -20.60 30.86
C ALA M 290 67.39 -19.31 30.78
N LYS M 291 66.58 -19.00 31.77
CA LYS M 291 65.78 -17.79 31.78
C LYS M 291 66.41 -16.77 32.71
N ILE M 292 65.88 -15.56 32.66
CA ILE M 292 66.36 -14.49 33.50
C ILE M 292 65.24 -14.07 34.43
N ILE M 293 65.63 -13.39 35.50
CA ILE M 293 64.69 -12.92 36.49
C ILE M 293 64.65 -11.40 36.44
N ILE M 294 63.44 -10.88 36.30
CA ILE M 294 63.18 -9.46 36.15
C ILE M 294 62.62 -8.96 37.46
N VAL M 295 63.28 -7.98 38.05
CA VAL M 295 62.89 -7.47 39.35
C VAL M 295 62.40 -6.05 39.17
N GLN M 296 61.17 -5.79 39.58
CA GLN M 296 60.58 -4.46 39.50
C GLN M 296 60.50 -3.91 40.92
N LEU M 297 61.11 -2.77 41.17
CA LEU M 297 61.30 -2.31 42.53
C LEU M 297 60.11 -1.51 43.04
N ASN M 298 59.82 -1.70 44.32
CA ASN M 298 58.81 -0.90 45.01
C ASN M 298 59.14 0.58 44.94
N LYS M 299 60.31 0.96 45.44
CA LYS M 299 60.82 2.32 45.36
C LYS M 299 62.21 2.30 44.76
N SER M 300 62.57 3.38 44.06
CA SER M 300 63.83 3.38 43.36
C SER M 300 64.98 3.68 44.32
N VAL M 301 66.20 3.42 43.84
CA VAL M 301 67.42 3.66 44.60
C VAL M 301 68.17 4.79 43.93
N GLU M 302 68.48 5.82 44.71
CA GLU M 302 69.17 7.03 44.23
C GLU M 302 70.63 6.78 43.88
N ILE M 303 71.02 7.23 42.68
CA ILE M 303 72.39 7.16 42.20
C ILE M 303 72.76 8.53 41.64
N ASN M 304 73.95 9.01 41.98
CA ASN M 304 74.46 10.28 41.47
C ASN M 304 75.82 10.03 40.82
N CYS M 305 75.92 10.29 39.52
CA CYS M 305 77.12 9.99 38.76
C CYS M 305 77.83 11.26 38.34
N THR M 306 79.16 11.19 38.27
CA THR M 306 79.95 12.34 37.87
C THR M 306 81.22 11.95 37.13
N ARG M 307 81.67 12.89 36.31
CA ARG M 307 82.94 12.83 35.59
C ARG M 307 83.67 14.08 36.05
N PRO M 308 84.42 14.00 37.15
CA PRO M 308 85.04 15.20 37.73
C PRO M 308 86.02 15.91 36.82
N ASN M 309 86.56 15.21 35.83
CA ASN M 309 87.59 15.80 34.99
C ASN M 309 87.00 16.84 34.06
N ASN M 310 87.56 18.03 34.10
CA ASN M 310 87.14 19.14 33.25
C ASN M 310 87.98 19.06 31.98
N ASN M 311 87.37 18.56 30.92
CA ASN M 311 88.13 18.30 29.72
C ASN M 311 87.89 19.37 28.67
N THR M 312 88.92 19.63 27.87
CA THR M 312 88.85 20.46 26.69
C THR M 312 88.85 19.55 25.46
N ARG M 313 88.64 20.16 24.30
CA ARG M 313 88.70 19.38 23.08
C ARG M 313 89.18 20.27 21.95
N LYS M 314 89.71 19.62 20.92
CA LYS M 314 90.32 20.36 19.83
C LYS M 314 89.83 19.80 18.51
N SER M 315 89.50 20.69 17.58
CA SER M 315 89.21 20.25 16.24
C SER M 315 90.49 20.21 15.44
N ILE M 316 90.71 19.11 14.73
CA ILE M 316 91.90 18.96 13.93
C ILE M 316 91.48 18.79 12.48
N HIS M 317 92.37 19.16 11.58
CA HIS M 317 92.11 18.96 10.17
C HIS M 317 92.60 17.60 9.74
N ILE M 318 91.73 16.86 9.07
CA ILE M 318 92.04 15.51 8.62
C ILE M 318 91.97 15.39 7.11
N GLY M 319 91.59 16.45 6.41
CA GLY M 319 91.50 16.45 4.98
C GLY M 319 90.90 17.76 4.55
N PRO M 320 90.83 17.99 3.23
CA PRO M 320 90.23 19.24 2.74
C PRO M 320 88.74 19.27 3.06
N GLY M 321 88.34 20.27 3.83
CA GLY M 321 86.96 20.37 4.24
C GLY M 321 86.53 19.33 5.25
N ARG M 322 87.46 18.74 5.99
CA ARG M 322 87.15 17.67 6.92
C ARG M 322 87.82 17.89 8.25
N TRP M 323 87.05 17.73 9.33
CA TRP M 323 87.54 17.94 10.68
C TRP M 323 87.15 16.78 11.57
N PHE M 324 87.87 16.67 12.68
CA PHE M 324 87.74 15.60 13.65
C PHE M 324 88.01 16.18 15.01
N TYR M 325 87.25 15.76 16.02
CA TYR M 325 87.52 16.27 17.34
C TYR M 325 88.29 15.26 18.17
N THR M 326 89.33 15.76 18.81
CA THR M 326 90.21 15.00 19.69
C THR M 326 90.07 15.51 21.11
N THR M 327 90.35 14.64 22.06
CA THR M 327 90.45 15.06 23.45
C THR M 327 91.62 16.01 23.62
N GLY M 328 91.37 17.15 24.23
CA GLY M 328 92.38 18.16 24.49
C GLY M 328 92.93 17.98 25.88
N GLU M 329 93.50 19.05 26.43
CA GLU M 329 94.08 18.93 27.75
C GLU M 329 93.00 18.78 28.81
N ILE M 330 93.42 18.39 30.01
CA ILE M 330 92.52 18.23 31.15
C ILE M 330 92.91 19.23 32.22
N ILE M 331 91.93 19.96 32.71
CA ILE M 331 92.12 21.01 33.71
C ILE M 331 91.87 20.40 35.09
N GLY M 332 92.88 20.48 35.95
CA GLY M 332 92.79 19.91 37.28
C GLY M 332 93.27 18.46 37.32
N ASP M 333 93.26 17.90 38.53
CA ASP M 333 93.71 16.52 38.70
C ASP M 333 92.84 15.60 37.88
N ILE M 334 93.44 14.54 37.38
CA ILE M 334 92.69 13.55 36.63
C ILE M 334 92.23 12.50 37.62
N ARG M 335 90.92 12.39 37.78
CA ARG M 335 90.31 11.50 38.76
C ARG M 335 89.47 10.44 38.05
N GLN M 336 88.96 9.51 38.83
CA GLN M 336 88.17 8.43 38.26
C GLN M 336 86.71 8.84 38.15
N ALA M 337 86.07 8.33 37.11
CA ALA M 337 84.62 8.37 37.09
C ALA M 337 84.10 7.49 38.21
N HIS M 338 82.96 7.88 38.76
CA HIS M 338 82.34 7.10 39.82
C HIS M 338 80.90 7.53 39.98
N CYS M 339 80.14 6.68 40.65
CA CYS M 339 78.78 7.03 41.04
C CYS M 339 78.62 6.80 42.53
N ASN M 340 77.86 7.68 43.17
CA ASN M 340 77.54 7.57 44.59
C ASN M 340 76.12 7.01 44.70
N ILE M 341 75.97 5.90 45.40
CA ILE M 341 74.69 5.25 45.58
C ILE M 341 74.38 5.17 47.07
N SER M 342 73.15 5.51 47.44
CA SER M 342 72.73 5.49 48.84
C SER M 342 72.65 4.06 49.35
N GLY M 343 73.53 3.71 50.29
CA GLY M 343 73.52 2.38 50.84
C GLY M 343 72.24 2.06 51.58
N THR M 344 71.64 3.07 52.23
CA THR M 344 70.36 2.91 52.90
C THR M 344 69.29 2.45 51.94
N LYS M 345 69.11 3.20 50.87
CA LYS M 345 68.08 2.88 49.89
C LYS M 345 68.39 1.56 49.21
N TRP M 346 69.66 1.34 48.90
CA TRP M 346 70.05 0.09 48.24
C TRP M 346 69.80 -1.11 49.14
N ASN M 347 70.26 -1.04 50.38
CA ASN M 347 70.13 -2.19 51.27
C ASN M 347 68.68 -2.50 51.58
N ASP M 348 67.89 -1.46 51.89
CA ASP M 348 66.48 -1.67 52.16
C ASP M 348 65.77 -2.25 50.95
N THR M 349 66.18 -1.83 49.75
CA THR M 349 65.62 -2.39 48.53
C THR M 349 65.90 -3.88 48.47
N LEU M 350 67.15 -4.26 48.75
CA LEU M 350 67.55 -5.67 48.73
C LEU M 350 66.76 -6.49 49.72
N LYS M 351 66.48 -5.91 50.90
CA LYS M 351 65.71 -6.61 51.91
C LYS M 351 64.38 -7.08 51.35
N GLN M 352 63.68 -6.17 50.67
CA GLN M 352 62.40 -6.53 50.09
C GLN M 352 62.57 -7.58 48.99
N ILE M 353 63.63 -7.44 48.18
CA ILE M 353 63.87 -8.39 47.11
C ILE M 353 64.11 -9.79 47.66
N VAL M 354 64.96 -9.88 48.69
CA VAL M 354 65.29 -11.16 49.31
C VAL M 354 64.04 -11.85 49.84
N VAL M 355 63.17 -11.07 50.50
CA VAL M 355 61.90 -11.59 51.03
C VAL M 355 61.07 -12.23 49.94
N LYS M 356 61.03 -11.60 48.77
CA LYS M 356 60.27 -12.17 47.67
C LYS M 356 60.99 -13.35 47.05
N LEU M 357 62.32 -13.29 46.96
CA LEU M 357 63.09 -14.40 46.41
C LEU M 357 62.88 -15.66 47.25
N LYS M 358 62.75 -15.50 48.56
CA LYS M 358 62.51 -16.64 49.44
C LYS M 358 61.31 -17.47 49.03
N GLU M 359 60.31 -16.82 48.42
CA GLU M 359 59.07 -17.50 48.04
C GLU M 359 59.33 -18.62 47.05
N GLN M 360 60.38 -18.50 46.28
CA GLN M 360 60.70 -19.45 45.25
C GLN M 360 61.99 -20.20 45.50
N PHE M 361 62.94 -19.55 46.15
CA PHE M 361 64.31 -20.06 46.18
C PHE M 361 64.80 -20.37 47.58
N GLY M 362 63.92 -20.38 48.57
CA GLY M 362 64.37 -20.90 49.84
C GLY M 362 64.56 -19.81 50.87
N ASN M 363 64.44 -20.21 52.14
CA ASN M 363 64.39 -19.27 53.25
C ASN M 363 65.75 -18.93 53.86
N LYS M 364 66.81 -19.69 53.55
CA LYS M 364 68.13 -19.41 54.08
C LYS M 364 69.18 -19.34 52.98
N THR M 365 68.75 -19.11 51.75
CA THR M 365 69.62 -19.16 50.60
C THR M 365 70.48 -17.90 50.47
N ILE M 366 71.78 -18.11 50.30
CA ILE M 366 72.75 -17.04 50.14
C ILE M 366 72.69 -16.51 48.71
N VAL M 367 72.50 -15.19 48.58
CA VAL M 367 72.26 -14.55 47.30
C VAL M 367 73.16 -13.32 47.20
N PHE M 368 73.34 -12.84 45.96
CA PHE M 368 74.01 -11.58 45.61
C PHE M 368 75.51 -11.55 45.87
N ASN M 369 76.30 -12.23 45.06
CA ASN M 369 77.75 -12.15 45.15
C ASN M 369 78.24 -11.20 44.06
N HIS M 370 79.56 -11.04 43.99
CA HIS M 370 80.24 -10.11 43.10
C HIS M 370 79.88 -10.31 41.63
N SER M 371 80.19 -9.31 40.85
CA SER M 371 79.93 -9.35 39.42
C SER M 371 80.84 -10.34 38.73
N SER M 372 80.26 -11.14 37.84
CA SER M 372 81.00 -12.09 37.04
C SER M 372 80.12 -12.55 35.88
N GLY M 373 80.76 -12.90 34.77
CA GLY M 373 80.07 -13.46 33.63
C GLY M 373 79.91 -12.49 32.47
N GLY M 374 80.28 -12.93 31.27
CA GLY M 374 80.23 -12.10 30.09
C GLY M 374 81.51 -11.34 29.87
N ASP M 375 81.52 -10.54 28.81
CA ASP M 375 82.71 -9.77 28.43
C ASP M 375 82.70 -8.51 29.30
N PRO M 376 83.70 -7.62 29.21
CA PRO M 376 83.75 -6.46 30.12
C PRO M 376 82.53 -5.57 30.09
N GLU M 377 81.77 -5.53 29.00
CA GLU M 377 80.62 -4.65 28.95
C GLU M 377 79.37 -5.31 29.52
N ILE M 378 79.44 -6.59 29.83
CA ILE M 378 78.37 -7.29 30.50
C ILE M 378 78.65 -7.39 31.99
N VAL M 379 79.92 -7.61 32.33
CA VAL M 379 80.35 -7.68 33.73
C VAL M 379 80.23 -6.31 34.39
N MET M 380 80.53 -5.24 33.66
CA MET M 380 80.36 -3.91 34.18
C MET M 380 78.92 -3.44 33.96
N HIS M 381 78.45 -2.59 34.86
CA HIS M 381 77.20 -1.89 34.61
C HIS M 381 77.43 -0.77 33.62
N SER M 382 76.49 -0.56 32.71
CA SER M 382 76.67 0.40 31.64
C SER M 382 75.55 1.42 31.60
N PHE M 383 75.92 2.67 31.32
CA PHE M 383 74.97 3.74 31.07
C PHE M 383 75.67 4.84 30.29
N ASN M 384 74.88 5.80 29.80
CA ASN M 384 75.36 6.85 28.90
C ASN M 384 75.15 8.26 29.45
N CYS M 385 75.53 8.50 30.70
CA CYS M 385 75.40 9.83 31.31
C CYS M 385 76.20 10.86 30.54
N GLY M 386 75.50 11.90 30.08
CA GLY M 386 76.15 13.00 29.40
C GLY M 386 76.59 12.71 27.98
N GLY M 387 76.25 11.55 27.45
CA GLY M 387 76.71 11.17 26.13
C GLY M 387 77.95 10.32 26.11
N GLU M 388 78.63 10.17 27.24
CA GLU M 388 79.80 9.32 27.32
C GLU M 388 79.36 8.02 27.97
N PHE M 389 79.93 6.92 27.49
CA PHE M 389 79.47 5.63 28.00
C PHE M 389 80.33 5.23 29.18
N PHE M 390 79.68 5.04 30.32
CA PHE M 390 80.37 4.71 31.57
C PHE M 390 80.21 3.24 31.84
N TYR M 391 81.29 2.59 32.26
CA TYR M 391 81.22 1.16 32.58
C TYR M 391 81.78 1.03 33.99
N CYS M 392 80.89 0.80 34.94
CA CYS M 392 81.21 0.89 36.36
C CYS M 392 81.12 -0.50 36.98
N ASN M 393 81.91 -0.71 38.04
CA ASN M 393 81.96 -2.04 38.63
C ASN M 393 80.87 -2.13 39.69
N SER M 394 79.78 -2.81 39.33
CA SER M 394 78.63 -3.00 40.18
C SER M 394 78.90 -3.92 41.37
N THR M 395 80.06 -4.58 41.40
CA THR M 395 80.45 -5.42 42.53
C THR M 395 80.27 -4.72 43.87
N GLN M 396 80.54 -3.40 43.94
CA GLN M 396 80.38 -2.66 45.19
C GLN M 396 78.95 -2.69 45.72
N LEU M 397 77.97 -2.97 44.87
CA LEU M 397 76.60 -3.21 45.30
C LEU M 397 76.36 -4.64 45.71
N PHE M 398 77.12 -5.59 45.17
CA PHE M 398 76.95 -7.00 45.42
C PHE M 398 78.21 -7.62 46.01
N ASN M 399 78.98 -6.83 46.75
CA ASN M 399 80.23 -7.29 47.36
C ASN M 399 80.03 -7.90 48.73
N SER M 400 78.78 -8.12 49.11
CA SER M 400 78.46 -8.75 50.37
C SER M 400 77.21 -9.57 50.12
N THR M 401 77.29 -10.85 50.42
CA THR M 401 76.16 -11.71 50.15
C THR M 401 75.16 -11.63 51.28
N TRP M 402 74.00 -12.26 51.05
CA TRP M 402 73.01 -12.36 52.10
C TRP M 402 73.54 -13.18 53.26
N ILE M 412 77.79 4.18 48.89
CA ILE M 412 78.50 3.18 48.13
C ILE M 412 79.07 3.89 46.91
N VAL M 413 80.37 3.74 46.69
CA VAL M 413 81.06 4.44 45.62
C VAL M 413 81.57 3.39 44.62
N LEU M 414 81.16 3.53 43.37
CA LEU M 414 81.56 2.55 42.37
C LEU M 414 82.72 3.10 41.58
N PRO M 415 83.83 2.39 41.42
CA PRO M 415 84.84 2.85 40.48
C PRO M 415 84.33 2.62 39.06
N CYS M 416 84.85 3.42 38.12
CA CYS M 416 84.23 3.43 36.81
C CYS M 416 85.21 3.96 35.77
N ARG M 417 85.10 3.43 34.55
CA ARG M 417 85.91 3.88 33.43
C ARG M 417 85.01 4.31 32.29
N ILE M 418 85.57 5.07 31.36
CA ILE M 418 84.84 5.63 30.23
C ILE M 418 85.45 5.12 28.92
N LYS M 419 84.59 4.70 28.01
CA LYS M 419 84.94 4.25 26.67
C LYS M 419 84.27 5.11 25.62
N GLN M 420 84.97 5.35 24.50
CA GLN M 420 84.40 6.12 23.40
C GLN M 420 84.03 5.30 22.16
N ILE M 421 84.75 4.24 21.81
CA ILE M 421 84.36 3.42 20.66
C ILE M 421 83.38 2.38 21.18
N VAL M 422 82.10 2.54 20.84
CA VAL M 422 81.08 1.74 21.46
C VAL M 422 80.21 1.08 20.38
N ASN M 423 79.38 0.15 20.82
CA ASN M 423 78.51 -0.62 19.94
C ASN M 423 77.10 -0.54 20.46
N MET M 424 76.19 0.00 19.65
CA MET M 424 74.79 0.07 20.05
C MET M 424 74.21 -1.32 20.02
N TRP M 425 74.31 -1.99 21.16
CA TRP M 425 73.77 -3.29 21.59
C TRP M 425 74.50 -4.45 20.96
N GLN M 426 74.98 -4.22 19.74
CA GLN M 426 75.86 -5.03 18.93
C GLN M 426 75.95 -4.26 17.63
N GLU M 427 77.13 -4.09 17.08
CA GLU M 427 77.25 -3.44 15.79
C GLU M 427 78.20 -4.26 14.93
N VAL M 428 77.87 -4.34 13.66
CA VAL M 428 78.63 -5.11 12.69
C VAL M 428 79.17 -4.14 11.66
N GLY M 429 80.47 -4.21 11.42
CA GLY M 429 81.07 -3.28 10.50
C GLY M 429 81.08 -1.91 11.13
N LYS M 430 80.38 -0.98 10.47
CA LYS M 430 80.30 0.40 10.93
C LYS M 430 79.86 0.48 12.38
N ALA M 431 80.53 1.36 13.13
CA ALA M 431 80.23 1.54 14.54
C ALA M 431 80.40 3.01 14.92
N MET M 432 79.99 3.33 16.14
CA MET M 432 80.04 4.71 16.62
C MET M 432 81.19 4.98 17.57
N TYR M 433 81.82 6.12 17.36
CA TYR M 433 82.84 6.67 18.24
C TYR M 433 82.33 7.97 18.80
N ALA M 434 82.31 8.09 20.11
CA ALA M 434 81.80 9.29 20.72
C ALA M 434 82.80 10.44 20.57
N PRO M 435 82.31 11.66 20.38
CA PRO M 435 83.18 12.81 20.41
C PRO M 435 83.54 13.13 21.85
N PRO M 436 84.63 13.87 22.07
CA PRO M 436 84.94 14.32 23.42
C PRO M 436 83.89 15.32 23.89
N ILE M 437 83.58 15.27 25.17
CA ILE M 437 82.63 16.19 25.76
C ILE M 437 83.41 17.19 26.60
N LYS M 438 83.20 18.46 26.29
CA LYS M 438 83.93 19.54 26.95
C LYS M 438 83.28 19.88 28.28
N GLY M 439 84.12 20.07 29.30
CA GLY M 439 83.64 20.40 30.61
C GLY M 439 83.48 19.18 31.49
N GLN M 440 82.52 19.23 32.41
CA GLN M 440 82.27 18.16 33.36
C GLN M 440 80.91 17.55 33.09
N ILE M 441 80.75 16.29 33.48
CA ILE M 441 79.50 15.57 33.30
C ILE M 441 78.90 15.30 34.67
N ARG M 442 77.64 15.67 34.84
CA ARG M 442 76.89 15.37 36.05
C ARG M 442 75.48 14.96 35.64
N CYS M 443 74.94 13.98 36.35
CA CYS M 443 73.56 13.57 36.14
C CYS M 443 73.07 12.87 37.38
N SER M 444 71.76 12.67 37.43
CA SER M 444 71.15 11.97 38.56
C SER M 444 70.02 11.12 38.04
N SER M 445 69.96 9.90 38.53
CA SER M 445 68.98 8.93 38.11
C SER M 445 68.70 8.03 39.28
N ASN M 446 67.86 7.03 39.06
CA ASN M 446 67.57 6.06 40.12
C ASN M 446 67.30 4.70 39.53
N ILE M 447 67.64 3.68 40.31
CA ILE M 447 67.45 2.31 39.88
C ILE M 447 66.00 1.97 40.13
N THR M 448 65.30 1.61 39.07
CA THR M 448 63.89 1.30 39.17
C THR M 448 63.62 -0.17 38.98
N GLY M 449 64.60 -0.89 38.48
CA GLY M 449 64.49 -2.32 38.26
C GLY M 449 65.87 -2.89 38.04
N LEU M 450 65.93 -4.21 37.95
CA LEU M 450 67.21 -4.86 37.71
C LEU M 450 66.96 -6.29 37.25
N ILE M 451 67.99 -6.87 36.65
CA ILE M 451 67.94 -8.21 36.11
C ILE M 451 68.88 -9.10 36.90
N LEU M 452 68.38 -10.23 37.36
CA LEU M 452 69.19 -11.19 38.09
C LEU M 452 69.37 -12.43 37.23
N ILE M 453 70.55 -13.03 37.32
CA ILE M 453 70.82 -14.28 36.61
C ILE M 453 71.25 -15.35 37.61
N ARG M 454 70.88 -16.59 37.32
CA ARG M 454 71.24 -17.71 38.16
C ARG M 454 72.57 -18.29 37.73
N ASP M 455 73.39 -18.67 38.70
CA ASP M 455 74.76 -19.10 38.40
C ASP M 455 74.87 -20.49 37.80
N GLY M 456 73.88 -21.37 37.97
CA GLY M 456 73.95 -22.66 37.31
C GLY M 456 73.61 -23.80 38.26
N GLY M 457 74.07 -25.00 37.88
CA GLY M 457 73.77 -26.18 38.65
C GLY M 457 74.41 -26.16 40.02
N LYS M 458 73.73 -26.78 40.99
CA LYS M 458 74.19 -26.78 42.37
C LYS M 458 73.43 -27.84 43.15
N ASN M 459 73.89 -28.06 44.38
CA ASN M 459 73.16 -28.86 45.36
C ASN M 459 71.77 -28.27 45.60
N ARG M 460 70.76 -29.14 45.49
CA ARG M 460 69.36 -28.73 45.63
C ARG M 460 69.09 -27.98 46.94
N SER M 461 69.86 -28.29 48.00
CA SER M 461 69.65 -27.70 49.31
C SER M 461 69.72 -26.17 49.27
N GLU M 462 68.90 -25.54 50.10
CA GLU M 462 68.76 -24.08 50.10
C GLU M 462 69.99 -23.42 50.72
N ASN M 463 71.14 -23.58 50.10
CA ASN M 463 72.39 -23.02 50.59
C ASN M 463 72.72 -21.73 49.86
N THR M 464 72.85 -21.81 48.55
CA THR M 464 73.24 -20.69 47.72
C THR M 464 72.32 -20.63 46.51
N GLU M 465 72.21 -19.42 45.98
CA GLU M 465 71.65 -19.16 44.66
C GLU M 465 72.24 -17.79 44.35
N ILE M 466 73.26 -17.73 43.54
CA ILE M 466 74.03 -16.51 43.42
C ILE M 466 73.46 -15.67 42.30
N PHE M 467 72.51 -14.82 42.68
CA PHE M 467 71.79 -13.95 41.76
C PHE M 467 72.73 -12.82 41.39
N ARG M 468 73.52 -13.08 40.39
CA ARG M 468 74.48 -12.11 39.95
C ARG M 468 73.77 -11.09 39.07
N PRO M 469 74.27 -9.86 38.98
CA PRO M 469 73.73 -8.93 38.00
C PRO M 469 74.12 -9.43 36.62
N GLY M 470 73.26 -9.14 35.65
CA GLY M 470 73.58 -9.55 34.31
C GLY M 470 72.51 -9.16 33.34
N GLY M 471 72.61 -9.73 32.16
CA GLY M 471 71.66 -9.48 31.09
C GLY M 471 72.24 -8.57 30.04
N GLY M 472 72.45 -9.11 28.84
CA GLY M 472 72.96 -8.35 27.73
C GLY M 472 71.97 -8.16 26.60
N ASP M 473 70.75 -8.68 26.73
CA ASP M 473 69.78 -8.57 25.65
C ASP M 473 69.03 -7.27 25.88
N MET M 474 69.39 -6.26 25.09
CA MET M 474 68.90 -4.92 25.33
C MET M 474 67.40 -4.80 25.12
N ARG M 475 66.78 -5.74 24.39
CA ARG M 475 65.34 -5.76 24.19
C ARG M 475 64.56 -5.83 25.49
N ASP M 476 65.15 -6.39 26.54
CA ASP M 476 64.48 -6.46 27.82
C ASP M 476 64.30 -5.08 28.47
N ASN M 477 65.05 -4.06 28.03
CA ASN M 477 64.84 -2.73 28.58
C ASN M 477 63.54 -2.10 28.13
N TRP M 478 62.86 -2.68 27.15
CA TRP M 478 61.54 -2.21 26.77
C TRP M 478 60.46 -3.20 27.11
N ARG M 479 60.78 -4.48 27.02
CA ARG M 479 59.85 -5.52 27.43
C ARG M 479 59.44 -5.36 28.89
N SER M 480 60.36 -4.88 29.72
CA SER M 480 60.08 -4.64 31.13
C SER M 480 58.97 -3.63 31.37
N GLU M 481 58.60 -2.86 30.36
CA GLU M 481 57.47 -1.97 30.47
C GLU M 481 56.29 -2.44 29.65
N LEU M 482 56.57 -3.04 28.49
CA LEU M 482 55.54 -3.47 27.57
C LEU M 482 54.65 -4.58 28.10
N TYR M 483 55.11 -5.30 29.13
CA TYR M 483 54.38 -6.41 29.73
C TYR M 483 52.95 -6.07 30.11
N LYS M 484 52.64 -4.79 30.20
CA LYS M 484 51.32 -4.37 30.58
C LYS M 484 50.31 -4.43 29.44
N TYR M 485 50.74 -4.59 28.19
CA TYR M 485 49.84 -4.34 27.06
C TYR M 485 49.76 -5.55 26.14
N LYS M 486 48.64 -5.62 25.41
CA LYS M 486 48.39 -6.62 24.39
C LYS M 486 47.60 -5.97 23.27
N VAL M 487 47.88 -6.36 22.02
CA VAL M 487 47.23 -5.78 20.84
C VAL M 487 46.33 -6.83 20.21
N VAL M 488 45.10 -6.44 19.88
CA VAL M 488 44.13 -7.35 19.26
C VAL M 488 43.49 -6.70 18.05
N LYS M 489 42.97 -7.56 17.16
CA LYS M 489 42.20 -7.13 16.00
C LYS M 489 40.73 -7.33 16.25
N ILE M 490 39.94 -6.32 15.94
CA ILE M 490 38.53 -6.33 16.27
C ILE M 490 37.73 -6.64 15.01
N GLU M 491 36.81 -7.61 15.13
CA GLU M 491 36.03 -8.13 14.02
C GLU M 491 34.58 -7.71 14.16
N PRO M 492 34.15 -6.66 13.47
CA PRO M 492 32.80 -6.10 13.69
C PRO M 492 31.69 -6.87 13.02
N LEU M 493 31.99 -7.82 12.14
CA LEU M 493 30.99 -8.50 11.35
C LEU M 493 30.65 -9.85 11.97
N GLY M 494 29.35 -10.09 12.19
CA GLY M 494 28.92 -11.37 12.72
C GLY M 494 27.44 -11.58 12.53
N ILE M 495 26.99 -12.80 12.85
CA ILE M 495 25.61 -13.21 12.63
C ILE M 495 25.07 -13.90 13.87
N ALA M 496 23.74 -14.00 13.93
CA ALA M 496 23.02 -14.72 14.98
C ALA M 496 21.62 -15.02 14.48
N PRO M 497 20.95 -16.03 15.04
CA PRO M 497 19.58 -16.31 14.62
C PRO M 497 18.59 -15.26 15.11
N THR M 498 17.46 -15.16 14.41
CA THR M 498 16.37 -14.28 14.82
C THR M 498 15.04 -15.02 14.68
N LYS M 499 13.94 -14.28 14.88
CA LYS M 499 12.62 -14.86 14.88
C LYS M 499 11.97 -14.96 13.50
N CYS M 500 12.25 -14.03 12.58
CA CYS M 500 11.43 -13.95 11.37
C CYS M 500 12.27 -13.98 10.10
N LYS M 501 11.59 -14.25 8.99
CA LYS M 501 12.16 -14.16 7.65
C LYS M 501 12.15 -12.73 7.15
N ARG M 502 13.18 -12.35 6.38
CA ARG M 502 13.14 -11.10 5.62
C ARG M 502 11.93 -11.09 4.71
N ARG M 503 11.21 -9.95 4.71
CA ARG M 503 10.01 -9.78 3.88
C ARG M 503 10.45 -9.59 2.43
N VAL M 504 10.76 -10.70 1.79
CA VAL M 504 11.28 -10.70 0.43
C VAL M 504 10.11 -10.79 -0.53
N VAL M 505 10.07 -9.88 -1.49
CA VAL M 505 9.12 -9.95 -2.59
C VAL M 505 9.69 -10.75 -3.75
N ALA N 1 17.69 2.88 44.82
CA ALA N 1 18.71 3.82 44.40
C ALA N 1 19.60 3.22 43.34
N VAL N 2 19.89 3.99 42.31
CA VAL N 2 20.67 3.49 41.19
C VAL N 2 21.77 4.48 40.82
N GLY N 3 22.99 3.96 40.70
CA GLY N 3 24.09 4.75 40.17
C GLY N 3 24.22 4.50 38.67
N ILE N 4 24.52 5.57 37.94
CA ILE N 4 24.54 5.49 36.48
C ILE N 4 25.86 6.01 35.94
N GLY N 5 26.26 5.44 34.80
CA GLY N 5 27.35 5.97 34.02
C GLY N 5 26.86 7.17 33.23
N ALA N 6 27.75 7.71 32.40
CA ALA N 6 27.38 8.94 31.70
C ALA N 6 26.33 8.68 30.61
N VAL N 7 26.74 8.09 29.50
CA VAL N 7 25.87 8.03 28.34
C VAL N 7 25.71 6.63 27.77
N PHE N 8 26.83 5.99 27.43
CA PHE N 8 26.78 4.70 26.77
C PHE N 8 28.10 3.99 26.90
N LEU N 9 28.10 2.74 26.45
CA LEU N 9 29.26 1.87 26.49
C LEU N 9 30.48 2.58 25.97
N GLY N 10 31.57 2.52 26.74
CA GLY N 10 32.82 3.09 26.32
C GLY N 10 33.39 2.43 25.08
N PHE N 11 33.78 1.17 25.21
CA PHE N 11 34.40 0.47 24.09
C PHE N 11 34.49 -1.00 24.46
N LEU N 12 33.87 -1.85 23.64
CA LEU N 12 33.92 -3.31 23.74
C LEU N 12 33.41 -3.95 25.03
N GLY N 13 33.18 -3.19 26.09
CA GLY N 13 32.82 -3.80 27.37
C GLY N 13 31.66 -4.76 27.28
N ALA N 14 30.68 -4.44 26.44
CA ALA N 14 29.48 -5.27 26.29
C ALA N 14 29.77 -6.65 25.74
N ALA N 15 30.97 -6.89 25.22
CA ALA N 15 31.37 -8.16 24.61
C ALA N 15 31.17 -9.35 25.52
N GLY N 16 31.23 -9.14 26.82
CA GLY N 16 31.00 -10.19 27.77
C GLY N 16 29.63 -10.20 28.39
N SER N 17 28.72 -9.36 27.92
CA SER N 17 27.35 -9.40 28.41
C SER N 17 26.52 -10.09 27.35
N THR N 18 25.27 -10.38 27.69
CA THR N 18 24.44 -11.07 26.72
C THR N 18 24.31 -10.27 25.43
N MET N 19 24.17 -11.00 24.34
CA MET N 19 24.07 -10.40 23.01
C MET N 19 22.87 -9.48 22.92
N GLY N 20 21.80 -9.82 23.63
CA GLY N 20 20.64 -8.97 23.72
C GLY N 20 21.01 -7.59 24.21
N ALA N 21 21.59 -7.51 25.40
CA ALA N 21 22.00 -6.23 25.97
C ALA N 21 23.06 -5.57 25.12
N ALA N 22 24.03 -6.34 24.64
CA ALA N 22 25.09 -5.77 23.82
C ALA N 22 24.59 -5.12 22.54
N SER N 23 23.48 -5.60 21.97
CA SER N 23 22.96 -5.03 20.74
C SER N 23 22.64 -3.55 20.87
N MET N 24 22.44 -3.06 22.09
CA MET N 24 22.06 -1.67 22.30
C MET N 24 23.08 -0.69 21.74
N THR N 25 24.36 -1.06 21.74
CA THR N 25 25.41 -0.11 21.39
C THR N 25 26.15 -0.49 20.11
N LEU N 26 25.48 -1.21 19.20
CA LEU N 26 26.08 -1.50 17.91
C LEU N 26 26.40 -0.22 17.15
N THR N 27 25.55 0.79 17.30
CA THR N 27 25.81 2.08 16.67
C THR N 27 27.08 2.70 17.18
N VAL N 28 27.34 2.53 18.47
CA VAL N 28 28.54 3.08 19.09
C VAL N 28 29.77 2.33 18.61
N GLN N 29 29.73 1.02 18.75
CA GLN N 29 30.89 0.20 18.45
C GLN N 29 31.24 0.28 16.98
N ALA N 30 30.23 0.24 16.10
CA ALA N 30 30.48 0.30 14.67
C ALA N 30 31.17 1.59 14.26
N ARG N 31 30.64 2.73 14.74
CA ARG N 31 31.19 4.04 14.40
C ARG N 31 32.65 4.15 14.82
N GLN N 32 32.93 3.68 16.03
CA GLN N 32 34.27 3.74 16.60
C GLN N 32 35.27 2.90 15.81
N LEU N 33 34.83 1.76 15.32
CA LEU N 33 35.75 0.89 14.59
C LEU N 33 35.92 1.33 13.16
N LEU N 34 34.81 1.75 12.54
CA LEU N 34 34.83 2.14 11.14
C LEU N 34 35.73 3.34 10.93
N SER N 35 35.72 4.28 11.86
CA SER N 35 36.53 5.48 11.70
C SER N 35 37.16 5.88 13.03
N TRP N 60 58.36 6.70 8.64
CA TRP N 60 57.16 6.87 9.42
C TRP N 60 55.97 7.15 8.53
N GLY N 61 56.14 7.99 7.51
CA GLY N 61 55.05 8.29 6.60
C GLY N 61 54.63 7.09 5.78
N ILE N 62 55.60 6.30 5.33
CA ILE N 62 55.35 5.14 4.45
C ILE N 62 54.67 4.02 5.22
N LYS N 63 55.17 3.72 6.41
CA LYS N 63 54.57 2.68 7.23
C LYS N 63 53.12 3.01 7.54
N GLN N 64 52.85 4.27 7.87
CA GLN N 64 51.47 4.70 8.08
C GLN N 64 50.68 4.68 6.77
N LEU N 65 51.33 5.08 5.67
CA LEU N 65 50.70 5.03 4.34
C LEU N 65 50.21 3.62 4.03
N GLN N 66 51.07 2.63 4.27
CA GLN N 66 50.67 1.24 4.11
C GLN N 66 49.48 0.90 4.98
N ALA N 67 49.54 1.30 6.25
CA ALA N 67 48.45 1.00 7.18
C ALA N 67 47.14 1.62 6.71
N ARG N 68 47.20 2.84 6.17
CA ARG N 68 46.01 3.51 5.70
C ARG N 68 45.34 2.72 4.58
N VAL N 69 46.14 2.25 3.62
CA VAL N 69 45.59 1.49 2.51
C VAL N 69 44.95 0.21 3.01
N LEU N 70 45.61 -0.45 3.96
CA LEU N 70 45.07 -1.67 4.55
C LEU N 70 43.75 -1.40 5.26
N ALA N 71 43.69 -0.29 5.99
CA ALA N 71 42.45 0.07 6.66
C ALA N 71 41.32 0.26 5.67
N VAL N 72 41.63 0.88 4.53
CA VAL N 72 40.62 1.08 3.50
C VAL N 72 40.10 -0.24 2.98
N GLU N 73 41.02 -1.17 2.68
CA GLU N 73 40.65 -2.48 2.15
C GLU N 73 39.78 -3.25 3.13
N ARG N 74 40.13 -3.20 4.41
CA ARG N 74 39.29 -3.84 5.42
C ARG N 74 37.93 -3.18 5.49
N TYR N 75 37.92 -1.84 5.48
CA TYR N 75 36.68 -1.07 5.47
C TYR N 75 35.80 -1.48 4.30
N LEU N 76 36.37 -1.51 3.10
CA LEU N 76 35.56 -1.75 1.91
C LEU N 76 35.13 -3.21 1.83
N LYS N 77 35.98 -4.12 2.30
CA LYS N 77 35.65 -5.55 2.31
C LYS N 77 34.32 -5.79 3.02
N ASP N 78 34.18 -5.21 4.21
CA ASP N 78 32.94 -5.36 4.96
C ASP N 78 31.78 -4.72 4.21
N GLN N 79 32.02 -3.54 3.64
CA GLN N 79 30.97 -2.86 2.89
C GLN N 79 30.54 -3.66 1.68
N GLN N 80 31.47 -4.35 1.04
CA GLN N 80 31.12 -5.18 -0.11
C GLN N 80 30.11 -6.23 0.28
N LEU N 81 30.40 -6.97 1.35
CA LEU N 81 29.51 -8.03 1.80
C LEU N 81 28.16 -7.49 2.23
N LEU N 82 28.16 -6.38 2.97
CA LEU N 82 26.91 -5.77 3.41
C LEU N 82 26.08 -5.30 2.21
N GLY N 83 26.76 -4.75 1.20
CA GLY N 83 26.07 -4.40 -0.03
C GLY N 83 25.42 -5.59 -0.70
N ILE N 84 26.20 -6.65 -0.95
CA ILE N 84 25.73 -7.85 -1.63
C ILE N 84 24.57 -8.49 -0.88
N TRP N 85 24.69 -8.56 0.43
CA TRP N 85 23.68 -9.23 1.25
C TRP N 85 22.41 -8.41 1.38
N GLY N 86 22.37 -7.20 0.85
CA GLY N 86 21.22 -6.36 1.01
C GLY N 86 21.12 -5.79 2.40
N CYS N 87 22.26 -5.55 3.04
CA CYS N 87 22.30 -5.12 4.42
C CYS N 87 22.90 -3.74 4.57
N SER N 88 23.38 -3.13 3.48
CA SER N 88 24.05 -1.84 3.53
C SER N 88 23.17 -0.78 4.17
N GLY N 89 23.78 0.02 5.04
CA GLY N 89 23.06 1.03 5.77
C GLY N 89 22.48 0.55 7.07
N LYS N 90 22.50 -0.75 7.32
CA LYS N 90 21.94 -1.33 8.53
C LYS N 90 23.06 -1.91 9.37
N LEU N 91 22.88 -1.87 10.67
CA LEU N 91 23.73 -2.66 11.54
C LEU N 91 23.03 -3.92 12.01
N ILE N 92 21.74 -4.01 11.71
CA ILE N 92 20.89 -5.16 12.02
C ILE N 92 20.06 -5.39 10.77
N CYS N 93 20.28 -6.51 10.09
CA CYS N 93 19.38 -6.80 8.98
C CYS N 93 18.99 -8.28 8.95
N CYS N 94 17.73 -8.51 8.70
CA CYS N 94 17.20 -9.86 8.61
C CYS N 94 17.47 -10.40 7.22
N THR N 95 17.94 -11.65 7.15
CA THR N 95 18.13 -12.31 5.88
C THR N 95 16.95 -13.24 5.64
N ALA N 96 17.02 -14.01 4.55
CA ALA N 96 15.99 -14.99 4.23
C ALA N 96 16.58 -16.39 4.19
N VAL N 97 17.66 -16.60 4.92
CA VAL N 97 18.31 -17.90 5.01
C VAL N 97 17.83 -18.56 6.30
N PRO N 98 17.22 -19.74 6.23
CA PRO N 98 16.77 -20.40 7.45
C PRO N 98 17.93 -20.91 8.29
N TRP N 99 17.72 -20.92 9.58
CA TRP N 99 18.72 -21.43 10.51
C TRP N 99 18.67 -22.94 10.53
N ASN N 100 19.78 -23.56 10.19
CA ASN N 100 19.87 -25.00 10.30
C ASN N 100 20.22 -25.33 11.74
N THR N 101 19.29 -25.96 12.43
CA THR N 101 19.46 -26.26 13.85
C THR N 101 20.59 -27.25 14.11
N SER N 102 21.18 -27.84 13.07
CA SER N 102 22.39 -28.62 13.23
C SER N 102 23.53 -27.75 13.77
N TRP N 103 23.55 -26.49 13.37
CA TRP N 103 24.60 -25.58 13.83
C TRP N 103 24.48 -25.35 15.33
N SER N 104 23.27 -25.13 15.81
CA SER N 104 22.99 -25.01 17.23
C SER N 104 21.49 -25.19 17.41
N ASN N 105 21.11 -26.02 18.36
CA ASN N 105 19.71 -26.31 18.63
C ASN N 105 19.17 -25.47 19.76
N LYS N 106 19.84 -24.40 20.14
CA LYS N 106 19.33 -23.51 21.16
C LYS N 106 18.19 -22.67 20.60
N SER N 107 17.22 -22.38 21.47
CA SER N 107 16.11 -21.51 21.11
C SER N 107 16.57 -20.05 21.09
N TYR N 108 15.68 -19.18 20.59
CA TYR N 108 15.98 -17.75 20.54
C TYR N 108 16.40 -17.22 21.91
N ASN N 109 15.57 -17.44 22.92
CA ASN N 109 15.88 -16.92 24.25
C ASN N 109 17.09 -17.59 24.87
N GLN N 110 17.29 -18.89 24.60
CA GLN N 110 18.45 -19.59 25.13
C GLN N 110 19.78 -19.08 24.60
N ILE N 111 19.77 -18.26 23.56
CA ILE N 111 20.98 -17.71 22.97
C ILE N 111 21.10 -16.28 23.43
N TRP N 112 20.08 -15.50 23.08
CA TRP N 112 20.14 -14.05 23.16
C TRP N 112 20.10 -13.53 24.58
N ASN N 113 19.42 -14.25 25.46
CA ASN N 113 19.34 -13.85 26.85
C ASN N 113 20.28 -14.65 27.72
N ASN N 114 21.15 -15.45 27.12
CA ASN N 114 22.01 -16.29 27.92
C ASN N 114 23.43 -16.42 27.39
N MET N 115 23.82 -15.69 26.36
CA MET N 115 25.15 -15.92 25.83
C MET N 115 25.70 -14.61 25.28
N THR N 116 27.01 -14.44 25.42
CA THR N 116 27.70 -13.22 25.04
C THR N 116 28.10 -13.29 23.58
N TRP N 117 28.52 -12.15 23.04
CA TRP N 117 29.05 -12.16 21.69
C TRP N 117 30.33 -12.96 21.57
N MET N 118 31.25 -12.82 22.52
CA MET N 118 32.47 -13.61 22.42
C MET N 118 32.16 -15.10 22.43
N GLU N 119 31.26 -15.53 23.31
CA GLU N 119 30.94 -16.94 23.41
C GLU N 119 30.21 -17.43 22.16
N TRP N 120 29.25 -16.64 21.67
CA TRP N 120 28.45 -17.05 20.53
C TRP N 120 29.28 -17.27 19.28
N GLU N 121 30.16 -16.32 19.00
CA GLU N 121 30.97 -16.39 17.78
C GLU N 121 31.81 -17.64 17.76
N ARG N 122 32.34 -18.03 18.92
CA ARG N 122 33.09 -19.28 19.03
C ARG N 122 32.19 -20.48 18.77
N GLU N 123 30.98 -20.48 19.31
CA GLU N 123 30.09 -21.62 19.15
C GLU N 123 29.87 -21.95 17.67
N ILE N 124 29.71 -20.94 16.83
CA ILE N 124 29.42 -21.19 15.43
C ILE N 124 30.54 -20.73 14.51
N ASP N 125 31.77 -20.67 15.05
CA ASP N 125 32.91 -20.21 14.27
C ASP N 125 33.10 -21.00 12.99
N ASN N 126 32.87 -22.32 13.04
CA ASN N 126 33.12 -23.18 11.90
C ASN N 126 31.98 -23.19 10.90
N TYR N 127 30.96 -22.35 11.09
CA TYR N 127 29.86 -22.26 10.15
C TYR N 127 29.83 -20.91 9.47
N THR N 128 30.79 -20.03 9.78
CA THR N 128 30.83 -18.68 9.24
C THR N 128 30.85 -18.71 7.72
N SER N 129 31.81 -19.43 7.14
CA SER N 129 31.95 -19.48 5.69
C SER N 129 30.77 -20.19 5.06
N LEU N 130 30.22 -21.20 5.74
CA LEU N 130 29.04 -21.90 5.24
C LEU N 130 27.86 -20.96 5.08
N ILE N 131 27.51 -20.27 6.15
CA ILE N 131 26.32 -19.43 6.14
C ILE N 131 26.51 -18.24 5.20
N TYR N 132 27.70 -17.62 5.24
CA TYR N 132 28.00 -16.52 4.32
C TYR N 132 27.81 -16.96 2.88
N THR N 133 28.29 -18.16 2.55
CA THR N 133 28.11 -18.70 1.22
C THR N 133 26.62 -18.85 0.89
N LEU N 134 25.86 -19.40 1.82
CA LEU N 134 24.43 -19.61 1.60
C LEU N 134 23.70 -18.31 1.36
N ILE N 135 24.07 -17.25 2.07
CA ILE N 135 23.42 -15.96 1.87
C ILE N 135 23.58 -15.50 0.44
N GLU N 136 24.79 -15.61 -0.09
CA GLU N 136 25.04 -15.11 -1.43
C GLU N 136 24.56 -16.10 -2.49
N ASP N 137 25.01 -17.35 -2.38
CA ASP N 137 24.69 -18.32 -3.42
C ASP N 137 23.19 -18.58 -3.50
N SER N 138 22.47 -18.56 -2.39
CA SER N 138 21.06 -18.85 -2.51
C SER N 138 20.21 -17.60 -2.53
N GLN N 139 20.29 -16.76 -1.50
CA GLN N 139 19.32 -15.67 -1.41
C GLN N 139 19.64 -14.56 -2.39
N ASN N 140 20.87 -14.06 -2.38
CA ASN N 140 21.26 -12.98 -3.27
C ASN N 140 21.00 -13.35 -4.72
N GLN N 141 21.40 -14.57 -5.08
CA GLN N 141 21.11 -15.11 -6.40
C GLN N 141 19.62 -15.03 -6.72
N GLN N 142 18.78 -15.52 -5.80
CA GLN N 142 17.34 -15.45 -6.01
C GLN N 142 16.85 -14.03 -6.16
N GLU N 143 17.26 -13.14 -5.25
CA GLU N 143 16.76 -11.76 -5.26
C GLU N 143 17.12 -11.04 -6.55
N LYS N 144 18.33 -11.28 -7.08
CA LYS N 144 18.68 -10.64 -8.34
C LYS N 144 17.95 -11.25 -9.52
N ASN N 145 17.81 -12.58 -9.58
CA ASN N 145 17.08 -13.19 -10.69
C ASN N 145 15.62 -12.76 -10.67
N GLU N 146 14.95 -12.93 -9.54
CA GLU N 146 13.54 -12.62 -9.46
C GLU N 146 13.27 -11.14 -9.66
N GLN N 147 14.16 -10.27 -9.17
CA GLN N 147 14.02 -8.82 -9.35
C GLN N 147 13.87 -8.46 -10.81
N GLU N 148 14.80 -8.95 -11.65
CA GLU N 148 14.73 -8.65 -13.08
C GLU N 148 13.43 -9.16 -13.67
N LEU N 149 13.05 -10.39 -13.32
CA LEU N 149 11.82 -10.98 -13.86
C LEU N 149 10.60 -10.17 -13.46
N LEU N 150 10.55 -9.72 -12.22
CA LEU N 150 9.45 -8.87 -11.78
C LEU N 150 9.45 -7.52 -12.51
N GLU N 151 10.61 -6.89 -12.69
CA GLU N 151 10.66 -5.64 -13.43
C GLU N 151 10.24 -5.83 -14.89
N LEU N 152 10.67 -6.92 -15.51
CA LEU N 152 10.25 -7.22 -16.88
C LEU N 152 8.75 -7.43 -16.95
N ASP N 153 8.22 -8.24 -16.05
CA ASP N 153 6.79 -8.51 -15.99
C ASP N 153 6.28 -8.47 -14.57
N GLN O 19 31.56 -20.29 55.37
CA GLN O 19 30.45 -19.35 55.49
C GLN O 19 30.87 -17.92 55.24
N VAL O 20 29.92 -17.02 55.36
CA VAL O 20 30.18 -15.61 55.13
C VAL O 20 30.69 -14.99 56.42
N GLN O 21 31.83 -14.31 56.32
CA GLN O 21 32.43 -13.66 57.47
C GLN O 21 33.18 -12.43 56.99
N LEU O 22 32.95 -11.31 57.68
CA LEU O 22 33.69 -10.09 57.44
C LEU O 22 34.64 -9.91 58.61
N VAL O 23 35.91 -9.63 58.30
CA VAL O 23 36.93 -9.40 59.32
C VAL O 23 37.34 -7.94 59.18
N GLU O 24 36.91 -7.13 60.15
CA GLU O 24 36.97 -5.70 60.04
C GLU O 24 37.97 -5.17 61.05
N SER O 25 39.09 -4.66 60.56
CA SER O 25 40.16 -4.20 61.42
C SER O 25 40.76 -2.94 60.83
N GLY O 26 41.90 -2.56 61.36
CA GLY O 26 42.57 -1.34 60.96
C GLY O 26 42.22 -0.15 61.81
N GLY O 27 41.42 -0.33 62.85
CA GLY O 27 41.02 0.74 63.73
C GLY O 27 42.06 1.08 64.77
N GLY O 28 41.63 1.83 65.79
CA GLY O 28 42.49 2.32 66.83
C GLY O 28 42.21 3.78 67.12
N VAL O 29 43.19 4.44 67.73
CA VAL O 29 43.04 5.83 68.16
C VAL O 29 44.04 6.72 67.42
N VAL O 30 43.53 7.79 66.82
CA VAL O 30 44.33 8.76 66.09
C VAL O 30 44.00 10.14 66.62
N GLN O 31 44.88 11.08 66.31
CA GLN O 31 44.69 12.49 66.65
C GLN O 31 43.89 13.18 65.55
N PRO O 32 43.13 14.23 65.87
CA PRO O 32 42.54 15.05 64.80
C PRO O 32 43.61 15.63 63.89
N GLY O 33 43.34 15.59 62.59
CA GLY O 33 44.31 15.94 61.58
C GLY O 33 45.12 14.77 61.08
N GLY O 34 45.01 13.60 61.71
CA GLY O 34 45.73 12.42 61.29
C GLY O 34 44.91 11.59 60.34
N SER O 35 45.35 10.35 60.16
CA SER O 35 44.67 9.48 59.21
C SER O 35 44.93 8.01 59.54
N LEU O 36 44.08 7.17 58.96
CA LEU O 36 44.22 5.72 58.99
C LEU O 36 43.46 5.19 57.80
N ARG O 37 43.57 3.88 57.58
CA ARG O 37 42.75 3.23 56.57
C ARG O 37 42.22 1.93 57.15
N LEU O 38 40.92 1.70 56.98
CA LEU O 38 40.34 0.46 57.44
C LEU O 38 40.35 -0.56 56.32
N SER O 39 40.38 -1.83 56.70
CA SER O 39 40.39 -2.90 55.73
C SER O 39 39.48 -4.01 56.21
N CYS O 40 38.45 -4.29 55.44
CA CYS O 40 37.47 -5.31 55.77
C CYS O 40 37.69 -6.49 54.85
N ALA O 41 38.33 -7.54 55.36
CA ALA O 41 38.49 -8.75 54.59
C ALA O 41 37.21 -9.56 54.66
N ALA O 42 36.87 -10.21 53.56
CA ALA O 42 35.63 -10.96 53.53
C ALA O 42 35.79 -12.22 52.68
N SER O 43 35.03 -13.24 53.03
CA SER O 43 34.90 -14.41 52.18
C SER O 43 33.50 -15.00 52.34
N GLY O 44 33.28 -16.13 51.69
CA GLY O 44 31.99 -16.78 51.67
C GLY O 44 31.05 -16.29 50.59
N PHE O 45 31.45 -15.30 49.79
CA PHE O 45 30.60 -14.77 48.75
C PHE O 45 31.47 -14.14 47.68
N ALA O 46 30.85 -13.83 46.54
CA ALA O 46 31.55 -13.26 45.40
C ALA O 46 31.76 -11.77 45.65
N PHE O 47 32.73 -11.48 46.52
CA PHE O 47 33.11 -10.10 46.85
C PHE O 47 33.30 -9.27 45.59
N LYS O 48 33.97 -9.83 44.60
CA LYS O 48 34.28 -9.12 43.36
C LYS O 48 33.03 -8.67 42.63
N ASP O 49 31.90 -9.32 42.86
CA ASP O 49 30.71 -9.03 42.08
C ASP O 49 29.74 -8.12 42.79
N PHE O 50 29.61 -8.23 44.11
CA PHE O 50 28.56 -7.46 44.76
C PHE O 50 29.07 -6.09 45.16
N GLY O 51 28.17 -5.12 45.17
CA GLY O 51 28.50 -3.80 45.68
C GLY O 51 28.50 -3.76 47.19
N MET O 52 29.25 -2.81 47.73
CA MET O 52 29.49 -2.74 49.17
C MET O 52 29.12 -1.38 49.73
N HIS O 53 28.93 -1.35 51.05
CA HIS O 53 28.58 -0.13 51.79
C HIS O 53 29.58 0.15 52.90
N TRP O 54 29.64 1.41 53.29
CA TRP O 54 30.23 1.82 54.56
C TRP O 54 29.20 2.56 55.36
N VAL O 55 29.09 2.22 56.65
CA VAL O 55 28.23 2.92 57.61
C VAL O 55 29.02 3.10 58.89
N ARG O 56 28.53 4.03 59.72
CA ARG O 56 29.20 4.25 60.99
C ARG O 56 28.16 4.60 62.05
N GLN O 57 28.48 4.28 63.29
CA GLN O 57 27.62 4.61 64.43
C GLN O 57 28.47 5.22 65.54
N ALA O 58 28.24 6.50 65.79
CA ALA O 58 28.88 7.17 66.91
C ALA O 58 28.21 6.75 68.21
N PRO O 59 28.96 6.75 69.32
CA PRO O 59 28.36 6.43 70.61
C PRO O 59 27.21 7.37 70.94
N GLY O 60 26.09 6.78 71.36
CA GLY O 60 24.89 7.52 71.67
C GLY O 60 24.05 7.92 70.48
N LYS O 61 24.46 7.56 69.27
CA LYS O 61 23.74 7.95 68.07
C LYS O 61 23.23 6.73 67.33
N GLY O 62 22.45 7.00 66.29
CA GLY O 62 22.00 5.97 65.38
C GLY O 62 23.04 5.68 64.32
N LEU O 63 22.63 4.93 63.31
CA LEU O 63 23.54 4.50 62.28
C LEU O 63 23.52 5.49 61.13
N GLU O 64 24.68 6.01 60.77
CA GLU O 64 24.83 6.96 59.69
C GLU O 64 25.44 6.26 58.47
N TRP O 65 24.82 6.46 57.32
CA TRP O 65 25.39 5.94 56.09
C TRP O 65 26.57 6.80 55.66
N VAL O 66 27.64 6.14 55.27
CA VAL O 66 28.86 6.83 54.87
C VAL O 66 29.05 6.83 53.37
N ALA O 67 29.05 5.67 52.74
CA ALA O 67 29.38 5.63 51.33
C ALA O 67 28.99 4.29 50.71
N VAL O 68 28.95 4.26 49.38
CA VAL O 68 28.71 3.05 48.62
C VAL O 68 29.66 2.96 47.43
N ILE O 69 30.07 1.74 47.12
CA ILE O 69 30.87 1.44 45.94
C ILE O 69 30.22 0.28 45.21
N GLY O 70 30.14 0.37 43.89
CA GLY O 70 29.54 -0.68 43.12
C GLY O 70 30.41 -1.90 43.03
N GLY O 71 29.83 -2.97 42.49
CA GLY O 71 30.54 -4.20 42.26
C GLY O 71 31.45 -4.12 41.04
N GLY O 72 32.01 -5.26 40.69
CA GLY O 72 33.02 -5.28 39.63
C GLY O 72 34.22 -4.46 40.04
N HIS O 73 34.57 -3.49 39.21
CA HIS O 73 35.69 -2.63 39.51
C HIS O 73 35.29 -1.37 40.25
N GLY O 74 34.01 -1.22 40.58
CA GLY O 74 33.62 -0.06 41.34
C GLY O 74 33.58 1.21 40.52
N GLN O 75 32.86 1.21 39.40
CA GLN O 75 32.85 2.34 38.49
C GLN O 75 31.86 3.41 38.90
N HIS O 76 31.29 3.34 40.10
CA HIS O 76 30.39 4.38 40.57
C HIS O 76 30.45 4.46 42.08
N GLN O 77 30.40 5.67 42.61
CA GLN O 77 30.39 5.87 44.05
C GLN O 77 29.41 6.97 44.42
N SER O 78 29.05 6.99 45.71
CA SER O 78 28.31 8.09 46.32
C SER O 78 28.77 8.27 47.76
N TYR O 79 28.87 9.52 48.19
CA TYR O 79 29.34 9.79 49.54
C TYR O 79 28.27 10.58 50.27
N SER O 80 28.15 10.33 51.57
CA SER O 80 27.37 11.23 52.42
C SER O 80 28.01 12.60 52.42
N GLU O 81 27.17 13.64 52.43
CA GLU O 81 27.69 15.01 52.51
C GLU O 81 28.55 15.22 53.76
N SER O 82 28.37 14.39 54.78
CA SER O 82 29.14 14.55 56.02
C SER O 82 30.55 14.02 55.89
N VAL O 83 30.86 13.28 54.83
CA VAL O 83 32.18 12.68 54.68
C VAL O 83 32.82 13.00 53.34
N LYS O 84 32.08 13.49 52.35
CA LYS O 84 32.61 13.77 51.03
C LYS O 84 33.77 14.75 51.09
N GLY O 85 34.87 14.39 50.42
CA GLY O 85 36.05 15.20 50.38
C GLY O 85 37.05 14.89 51.48
N ARG O 86 36.66 14.06 52.43
CA ARG O 86 37.52 13.69 53.53
C ARG O 86 37.78 12.19 53.54
N PHE O 87 36.88 11.40 52.98
CA PHE O 87 37.03 9.95 52.94
C PHE O 87 37.04 9.51 51.47
N ALA O 88 37.70 8.37 51.20
CA ALA O 88 37.64 7.74 49.89
C ALA O 88 37.40 6.23 50.02
N ILE O 89 36.65 5.67 49.07
CA ILE O 89 36.32 4.24 49.07
C ILE O 89 37.08 3.58 47.94
N THR O 90 37.68 2.42 48.21
CA THR O 90 38.23 1.59 47.14
C THR O 90 38.12 0.12 47.53
N ARG O 91 38.63 -0.74 46.66
CA ARG O 91 38.47 -2.18 46.83
C ARG O 91 39.53 -2.93 46.02
N ASP O 92 39.86 -4.13 46.49
CA ASP O 92 40.79 -5.03 45.81
C ASP O 92 40.12 -6.39 45.68
N ASN O 93 39.77 -6.75 44.45
CA ASN O 93 39.00 -7.94 44.18
C ASN O 93 39.82 -9.22 44.26
N GLU O 94 41.14 -9.12 44.36
CA GLU O 94 41.97 -10.31 44.55
C GLU O 94 42.25 -10.57 46.00
N LYS O 95 42.41 -9.51 46.79
CA LYS O 95 42.58 -9.65 48.23
C LYS O 95 41.26 -9.88 48.93
N ASN O 96 40.15 -9.53 48.27
CA ASN O 96 38.79 -9.56 48.83
C ASN O 96 38.69 -8.65 50.04
N LYS O 97 39.22 -7.45 49.89
CA LYS O 97 39.24 -6.48 50.97
C LYS O 97 38.61 -5.17 50.52
N LEU O 98 37.79 -4.60 51.39
CA LEU O 98 37.16 -3.31 51.19
C LEU O 98 37.85 -2.25 52.03
N TYR O 99 38.19 -1.12 51.43
CA TYR O 99 38.99 -0.13 52.14
C TYR O 99 38.21 1.17 52.34
N LEU O 100 38.52 1.83 53.45
CA LEU O 100 38.07 3.20 53.72
C LEU O 100 39.28 4.04 54.05
N HIS O 101 39.56 5.03 53.22
CA HIS O 101 40.68 5.91 53.48
C HIS O 101 40.19 7.06 54.34
N MET O 102 40.61 7.07 55.59
CA MET O 102 40.08 7.99 56.60
C MET O 102 41.10 9.11 56.77
N ASP O 103 41.00 10.15 55.97
CA ASP O 103 42.04 11.18 55.97
C ASP O 103 41.53 12.43 56.66
N ARG O 104 42.47 13.31 57.04
CA ARG O 104 42.21 14.65 57.60
C ARG O 104 41.06 14.67 58.59
N LEU O 105 41.13 13.76 59.55
CA LEU O 105 39.98 13.46 60.37
C LEU O 105 39.76 14.51 61.45
N ARG O 106 38.50 14.62 61.86
CA ARG O 106 38.08 15.48 62.94
C ARG O 106 37.54 14.63 64.08
N THR O 107 37.41 15.25 65.26
CA THR O 107 36.90 14.52 66.43
C THR O 107 35.48 14.05 66.22
N GLU O 108 34.72 14.74 65.37
CA GLU O 108 33.36 14.38 65.00
C GLU O 108 33.30 13.04 64.27
N ASP O 109 34.43 12.53 63.79
CA ASP O 109 34.47 11.27 63.04
C ASP O 109 34.60 10.05 63.93
N THR O 110 34.68 10.23 65.25
CA THR O 110 34.66 9.09 66.16
C THR O 110 33.38 8.29 65.98
N ALA O 111 33.54 7.00 65.67
CA ALA O 111 32.43 6.09 65.44
C ALA O 111 33.00 4.70 65.27
N VAL O 112 32.13 3.71 65.38
CA VAL O 112 32.45 2.36 64.96
C VAL O 112 32.09 2.28 63.49
N TYR O 113 33.01 1.83 62.66
CA TYR O 113 32.71 1.81 61.24
C TYR O 113 32.46 0.38 60.81
N TYR O 114 31.49 0.20 59.91
CA TYR O 114 31.14 -1.15 59.50
C TYR O 114 31.29 -1.25 57.99
N CYS O 115 31.65 -2.43 57.53
CA CYS O 115 31.56 -2.78 56.13
C CYS O 115 30.32 -3.62 55.89
N ALA O 116 29.69 -3.42 54.74
CA ALA O 116 28.48 -4.18 54.46
C ALA O 116 28.35 -4.43 52.97
N LYS O 117 27.56 -5.44 52.64
CA LYS O 117 27.26 -5.82 51.27
C LYS O 117 25.84 -5.41 50.94
N ASP O 118 25.64 -4.82 49.76
CA ASP O 118 24.30 -4.51 49.30
C ASP O 118 23.59 -5.79 48.90
N ARG O 119 22.25 -5.75 48.93
CA ARG O 119 21.45 -6.83 48.39
C ARG O 119 21.83 -7.14 46.94
N LEU O 120 22.20 -6.13 46.16
CA LEU O 120 22.67 -6.45 44.82
C LEU O 120 23.93 -5.73 44.35
N GLY O 121 23.82 -4.43 44.07
CA GLY O 121 24.95 -3.65 43.62
C GLY O 121 25.58 -4.04 42.29
N ARG O 122 24.77 -4.60 41.30
CA ARG O 122 25.53 -5.07 40.16
C ARG O 122 25.49 -4.09 38.98
N PRO O 123 26.56 -4.04 38.21
CA PRO O 123 26.65 -3.22 36.99
C PRO O 123 25.83 -3.75 35.80
N TRP O 124 24.53 -3.50 35.83
CA TRP O 124 23.66 -3.97 34.75
C TRP O 124 23.91 -3.19 33.48
N ASN O 125 23.90 -3.88 32.35
CA ASN O 125 23.98 -3.23 31.05
C ASN O 125 22.56 -2.96 30.58
N ILE O 126 22.14 -1.71 30.69
CA ILE O 126 20.78 -1.31 30.38
C ILE O 126 20.83 0.08 29.78
N GLY O 127 20.04 0.31 28.74
CA GLY O 127 20.01 1.63 28.15
C GLY O 127 21.29 2.00 27.42
N GLY O 128 22.12 1.01 27.14
CA GLY O 128 23.40 1.23 26.54
C GLY O 128 24.50 1.59 27.52
N ARG O 129 24.21 1.62 28.81
CA ARG O 129 25.22 1.99 29.79
C ARG O 129 25.13 1.11 31.02
N LEU O 130 26.21 1.12 31.80
CA LEU O 130 26.22 0.38 33.05
C LEU O 130 25.61 1.22 34.13
N VAL O 131 24.77 0.60 34.95
CA VAL O 131 24.19 1.24 36.10
C VAL O 131 24.25 0.24 37.25
N TYR O 132 24.31 0.76 38.48
CA TYR O 132 24.40 -0.12 39.63
C TYR O 132 23.08 -0.05 40.39
N TYR O 133 22.41 -1.19 40.55
CA TYR O 133 21.17 -1.21 41.30
C TYR O 133 21.43 -1.59 42.75
N TYR O 134 21.04 -0.70 43.66
CA TYR O 134 21.22 -0.92 45.08
C TYR O 134 19.87 -1.10 45.71
N TYR O 135 19.78 -1.97 46.72
CA TYR O 135 18.52 -2.07 47.45
C TYR O 135 18.78 -2.11 48.94
N GLY O 136 19.97 -1.71 49.38
CA GLY O 136 20.30 -1.59 50.78
C GLY O 136 21.17 -2.72 51.28
N MET O 137 21.84 -2.46 52.40
CA MET O 137 22.73 -3.43 52.99
C MET O 137 21.94 -4.60 53.55
N ASP O 138 22.50 -5.80 53.42
CA ASP O 138 21.92 -6.97 54.08
C ASP O 138 22.93 -7.90 54.73
N VAL O 139 24.23 -7.71 54.50
CA VAL O 139 25.28 -8.54 55.09
C VAL O 139 26.36 -7.61 55.63
N TRP O 140 26.92 -7.94 56.80
CA TRP O 140 27.92 -7.10 57.44
C TRP O 140 28.65 -7.87 58.53
N GLY O 141 29.75 -7.29 58.99
CA GLY O 141 30.41 -7.71 60.22
C GLY O 141 30.03 -6.81 61.37
N GLN O 142 30.87 -6.81 62.40
CA GLN O 142 30.59 -6.01 63.58
C GLN O 142 31.38 -4.71 63.67
N GLY O 143 32.17 -4.37 62.66
CA GLY O 143 32.83 -3.09 62.64
C GLY O 143 34.02 -3.04 63.59
N THR O 144 34.64 -1.87 63.60
CA THR O 144 35.78 -1.62 64.48
C THR O 144 35.73 -0.16 64.92
N THR O 145 36.22 0.09 66.12
CA THR O 145 36.15 1.42 66.69
C THR O 145 37.30 2.27 66.19
N VAL O 146 36.98 3.47 65.71
CA VAL O 146 37.97 4.46 65.35
C VAL O 146 37.71 5.70 66.19
N THR O 147 38.70 6.09 66.97
CA THR O 147 38.56 7.23 67.87
C THR O 147 39.46 8.36 67.37
N VAL O 148 38.89 9.56 67.30
CA VAL O 148 39.67 10.73 66.94
C VAL O 148 39.57 11.70 68.09
N SER O 149 40.68 11.96 68.76
CA SER O 149 40.66 12.74 69.99
C SER O 149 42.06 13.28 70.25
N SER O 150 42.13 14.19 71.23
CA SER O 150 43.39 14.77 71.65
C SER O 150 43.31 15.13 73.12
N ALA P 20 18.13 11.29 49.33
CA ALA P 20 17.15 10.50 50.05
C ALA P 20 16.34 11.38 51.01
N ILE P 21 15.07 11.04 51.14
CA ILE P 21 14.12 11.85 51.91
C ILE P 21 14.27 11.51 53.38
N ARG P 22 14.33 12.55 54.23
CA ARG P 22 14.42 12.38 55.67
C ARG P 22 13.27 11.54 56.21
N MET P 23 13.62 10.53 57.00
CA MET P 23 12.63 9.69 57.65
C MET P 23 12.51 10.10 59.10
N THR P 24 11.29 9.98 59.63
CA THR P 24 11.05 10.24 61.04
C THR P 24 10.35 9.03 61.64
N GLN P 25 10.68 8.75 62.90
CA GLN P 25 10.09 7.66 63.66
C GLN P 25 9.53 8.13 64.98
N SER P 26 8.47 7.47 65.42
CA SER P 26 7.81 7.86 66.66
C SER P 26 7.08 6.66 67.25
N PRO P 27 7.02 6.54 68.58
CA PRO P 27 7.67 7.36 69.62
C PRO P 27 9.14 7.01 69.71
N SER P 28 9.98 7.90 70.22
CA SER P 28 11.38 7.56 70.39
C SER P 28 11.57 6.45 71.42
N SER P 29 10.65 6.35 72.38
CA SER P 29 10.72 5.35 73.46
C SER P 29 9.41 4.58 73.47
N LEU P 30 9.47 3.32 73.09
CA LEU P 30 8.30 2.46 72.97
C LEU P 30 8.47 1.25 73.86
N SER P 31 7.48 0.99 74.71
CA SER P 31 7.59 -0.14 75.62
C SER P 31 6.24 -0.83 75.77
N ALA P 32 6.30 -2.09 76.21
CA ALA P 32 5.12 -2.89 76.47
C ALA P 32 5.52 -4.05 77.38
N SER P 33 4.51 -4.71 77.93
CA SER P 33 4.72 -5.97 78.60
C SER P 33 4.97 -7.07 77.59
N VAL P 34 5.50 -8.19 78.08
CA VAL P 34 5.83 -9.31 77.20
C VAL P 34 4.55 -9.89 76.61
N GLY P 35 4.56 -10.10 75.29
CA GLY P 35 3.46 -10.69 74.57
C GLY P 35 2.51 -9.72 73.92
N ASP P 36 2.67 -8.42 74.20
CA ASP P 36 1.80 -7.39 73.65
C ASP P 36 2.18 -7.09 72.19
N ARG P 37 1.25 -6.47 71.48
CA ARG P 37 1.47 -6.05 70.10
C ARG P 37 1.99 -4.63 70.07
N VAL P 38 3.18 -4.45 69.51
CA VAL P 38 3.90 -3.18 69.59
C VAL P 38 4.21 -2.72 68.18
N THR P 39 3.91 -1.46 67.89
CA THR P 39 4.11 -0.92 66.55
C THR P 39 4.93 0.36 66.58
N ILE P 40 5.66 0.60 65.49
CA ILE P 40 6.51 1.78 65.36
C ILE P 40 6.03 2.57 64.16
N THR P 41 5.80 3.86 64.36
CA THR P 41 5.38 4.71 63.26
C THR P 41 6.61 5.23 62.55
N CYS P 42 6.59 5.20 61.22
CA CYS P 42 7.67 5.79 60.47
C CYS P 42 7.12 6.50 59.23
N GLN P 43 7.59 7.72 59.01
CA GLN P 43 7.06 8.47 57.89
C GLN P 43 8.16 9.18 57.13
N ALA P 44 7.89 9.42 55.87
CA ALA P 44 8.71 10.25 55.01
C ALA P 44 8.06 11.60 54.81
N SER P 45 8.90 12.64 54.68
CA SER P 45 8.37 13.95 54.33
C SER P 45 7.93 14.02 52.87
N GLN P 46 8.37 13.08 52.03
CA GLN P 46 8.03 13.05 50.62
C GLN P 46 7.81 11.60 50.22
N ASP P 47 7.07 11.39 49.14
CA ASP P 47 6.79 10.04 48.66
C ASP P 47 8.07 9.30 48.29
N ILE P 48 8.28 8.14 48.92
CA ILE P 48 9.45 7.30 48.65
C ILE P 48 9.08 6.01 47.97
N LYS P 49 7.80 5.85 47.68
CA LYS P 49 7.00 4.77 47.09
C LYS P 49 7.03 3.49 47.90
N LYS P 50 8.19 2.79 47.95
CA LYS P 50 8.33 1.55 48.69
C LYS P 50 9.72 1.31 49.27
N SER P 51 10.70 2.18 49.01
CA SER P 51 12.10 1.82 49.25
C SER P 51 12.46 1.86 50.72
N LEU P 52 11.99 0.90 51.50
CA LEU P 52 12.15 0.95 52.94
C LEU P 52 12.60 -0.39 53.51
N ASN P 53 13.68 -0.36 54.27
CA ASN P 53 14.16 -1.50 55.03
C ASN P 53 13.98 -1.28 56.53
N TRP P 54 13.70 -2.36 57.25
CA TRP P 54 13.62 -2.35 58.71
C TRP P 54 14.76 -3.15 59.32
N TYR P 55 15.52 -2.52 60.21
CA TYR P 55 16.63 -3.18 60.87
C TYR P 55 16.36 -3.21 62.36
N ARG P 56 16.93 -4.20 63.06
CA ARG P 56 16.83 -4.27 64.51
C ARG P 56 18.20 -4.45 65.16
N GLN P 57 18.56 -3.51 66.03
CA GLN P 57 19.87 -3.53 66.68
C GLN P 57 19.72 -3.99 68.11
N LYS P 58 20.55 -4.93 68.48
CA LYS P 58 20.66 -5.33 69.86
C LYS P 58 22.01 -4.88 70.39
N PRO P 59 22.15 -4.66 71.71
CA PRO P 59 23.44 -4.26 72.27
C PRO P 59 24.57 -5.19 71.85
N GLY P 60 25.66 -4.59 71.36
CA GLY P 60 26.82 -5.33 70.92
C GLY P 60 26.71 -5.95 69.54
N LYS P 61 25.63 -5.73 68.82
CA LYS P 61 25.44 -6.37 67.51
C LYS P 61 25.02 -5.35 66.47
N ALA P 62 25.59 -5.48 65.28
CA ALA P 62 25.21 -4.64 64.15
C ALA P 62 23.72 -4.83 63.84
N PRO P 63 23.03 -3.78 63.40
CA PRO P 63 21.59 -3.89 63.12
C PRO P 63 21.21 -5.00 62.16
N GLU P 64 20.22 -5.82 62.58
CA GLU P 64 19.75 -6.96 61.82
C GLU P 64 18.60 -6.60 60.89
N LEU P 65 18.74 -6.93 59.61
CA LEU P 65 17.69 -6.68 58.64
C LEU P 65 16.58 -7.69 58.85
N LEU P 66 15.39 -7.19 59.13
CA LEU P 66 14.24 -8.05 59.32
C LEU P 66 13.31 -8.03 58.13
N ILE P 67 12.98 -6.83 57.63
CA ILE P 67 12.05 -6.66 56.55
C ILE P 67 12.65 -5.74 55.50
N HIS P 68 12.50 -6.12 54.23
CA HIS P 68 12.92 -5.32 53.10
C HIS P 68 11.74 -5.05 52.19
N ASP P 69 11.92 -4.02 51.34
CA ASP P 69 10.91 -3.53 50.39
C ASP P 69 9.58 -3.26 51.08
N ALA P 70 9.68 -2.74 52.31
CA ALA P 70 8.60 -2.32 53.20
C ALA P 70 7.67 -3.44 53.68
N SER P 71 7.84 -4.68 53.24
CA SER P 71 6.88 -5.70 53.65
C SER P 71 7.39 -7.13 53.66
N ILE P 72 8.57 -7.41 53.11
CA ILE P 72 8.99 -8.78 52.91
C ILE P 72 10.05 -9.14 53.92
N LEU P 73 9.80 -10.21 54.66
CA LEU P 73 10.77 -10.72 55.63
C LEU P 73 12.02 -11.23 54.94
N GLN P 74 13.16 -10.92 55.55
CA GLN P 74 14.43 -11.44 55.10
C GLN P 74 14.51 -12.94 55.37
N THR P 75 15.16 -13.66 54.45
CA THR P 75 15.31 -15.10 54.57
C THR P 75 15.92 -15.48 55.91
N GLY P 76 15.27 -16.42 56.59
CA GLY P 76 15.70 -16.88 57.89
C GLY P 76 15.08 -16.14 59.06
N VAL P 77 14.36 -15.06 58.82
CA VAL P 77 13.72 -14.27 59.88
C VAL P 77 12.36 -14.90 60.16
N PRO P 78 12.04 -15.21 61.41
CA PRO P 78 10.74 -15.84 61.72
C PRO P 78 9.60 -14.86 61.52
N SER P 79 8.40 -15.42 61.29
CA SER P 79 7.21 -14.61 61.07
C SER P 79 6.67 -14.07 62.40
N ALA P 80 7.50 -13.26 63.04
CA ALA P 80 7.14 -12.61 64.27
C ALA P 80 6.90 -11.14 64.04
N PHE P 81 7.18 -10.66 62.85
CA PHE P 81 7.13 -9.24 62.54
C PHE P 81 6.41 -9.08 61.22
N THR P 82 5.72 -7.95 61.06
CA THR P 82 5.19 -7.55 59.76
C THR P 82 5.45 -6.07 59.59
N ALA P 83 5.19 -5.58 58.38
CA ALA P 83 5.26 -4.17 58.09
C ALA P 83 4.35 -3.88 56.90
N SER P 84 3.94 -2.63 56.81
CA SER P 84 3.09 -2.22 55.70
C SER P 84 3.24 -0.72 55.48
N GLY P 85 2.39 -0.20 54.61
CA GLY P 85 2.41 1.18 54.22
C GLY P 85 3.17 1.41 52.93
N SER P 86 2.91 2.56 52.32
CA SER P 86 3.53 2.95 51.06
C SER P 86 3.46 4.47 51.00
N GLY P 87 4.15 5.04 50.04
CA GLY P 87 4.15 6.48 49.90
C GLY P 87 4.94 7.17 50.99
N THR P 88 4.23 7.78 51.94
CA THR P 88 4.88 8.48 53.04
C THR P 88 4.62 7.84 54.40
N HIS P 89 3.69 6.90 54.53
CA HIS P 89 3.28 6.39 55.84
C HIS P 89 3.54 4.90 55.94
N PHE P 90 4.37 4.51 56.91
CA PHE P 90 4.80 3.13 57.05
C PHE P 90 4.71 2.74 58.52
N SER P 91 4.68 1.43 58.76
CA SER P 91 4.65 0.99 60.14
C SER P 91 5.30 -0.37 60.25
N PHE P 92 5.97 -0.57 61.38
CA PHE P 92 6.58 -1.83 61.73
C PHE P 92 5.80 -2.44 62.86
N VAL P 93 5.45 -3.71 62.74
CA VAL P 93 4.59 -4.38 63.71
C VAL P 93 5.34 -5.53 64.34
N ILE P 94 5.39 -5.55 65.67
CA ILE P 94 5.92 -6.66 66.44
C ILE P 94 4.71 -7.43 66.93
N ASN P 95 4.50 -8.63 66.38
CA ASN P 95 3.29 -9.39 66.67
C ASN P 95 3.16 -9.67 68.15
N LYS P 96 4.26 -10.04 68.79
CA LYS P 96 4.32 -10.21 70.24
C LYS P 96 5.72 -9.80 70.66
N LEU P 97 5.82 -8.87 71.60
CA LEU P 97 7.11 -8.41 72.07
C LEU P 97 7.62 -9.37 73.13
N GLN P 98 8.71 -10.00 72.84
CA GLN P 98 9.37 -10.89 73.76
C GLN P 98 10.65 -10.23 74.25
N PRO P 99 11.17 -10.62 75.42
CA PRO P 99 12.48 -10.09 75.87
C PRO P 99 13.56 -10.17 74.81
N GLU P 100 13.54 -11.23 74.00
CA GLU P 100 14.51 -11.44 72.93
C GLU P 100 14.40 -10.42 71.82
N ASP P 101 13.30 -9.69 71.75
CA ASP P 101 13.08 -8.74 70.68
C ASP P 101 13.44 -7.33 71.09
N VAL P 102 14.00 -7.15 72.27
CA VAL P 102 14.38 -5.84 72.74
C VAL P 102 15.54 -5.31 71.91
N GLY P 103 15.40 -4.09 71.42
CA GLY P 103 16.40 -3.51 70.55
C GLY P 103 15.87 -2.25 69.92
N THR P 104 16.73 -1.62 69.11
CA THR P 104 16.38 -0.40 68.41
C THR P 104 16.05 -0.72 66.96
N TYR P 105 14.89 -0.29 66.50
CA TYR P 105 14.47 -0.63 65.16
C TYR P 105 14.64 0.60 64.28
N PHE P 106 15.26 0.40 63.10
CA PHE P 106 15.54 1.54 62.24
C PHE P 106 14.74 1.48 60.96
N CYS P 107 14.27 2.66 60.54
CA CYS P 107 13.55 2.86 59.29
C CYS P 107 14.51 3.51 58.30
N GLN P 108 15.01 2.75 57.32
CA GLN P 108 15.96 3.26 56.34
C GLN P 108 15.33 3.41 54.96
N GLU P 109 15.56 4.56 54.32
CA GLU P 109 15.15 4.75 52.94
C GLU P 109 16.33 4.55 52.00
N TYR P 110 16.12 3.81 50.91
CA TYR P 110 17.12 3.65 49.89
C TYR P 110 16.62 4.02 48.48
N GLU P 111 15.75 5.03 48.38
CA GLU P 111 15.36 5.48 47.05
C GLU P 111 16.49 6.17 46.30
N ASN P 112 17.27 6.99 47.00
CA ASN P 112 18.38 7.69 46.40
C ASN P 112 19.66 7.27 47.12
N LEU P 113 20.80 7.56 46.49
CA LEU P 113 22.11 7.06 46.94
C LEU P 113 22.64 7.84 48.14
N GLN P 114 21.81 7.91 49.19
CA GLN P 114 22.21 8.45 50.47
C GLN P 114 21.83 7.44 51.54
N PHE P 115 20.91 6.56 51.19
CA PHE P 115 20.48 5.42 52.01
C PHE P 115 20.27 5.86 53.46
N THR P 116 19.55 6.96 53.62
CA THR P 116 19.46 7.61 54.92
C THR P 116 18.77 6.72 55.94
N PHE P 117 19.30 6.74 57.16
CA PHE P 117 18.64 6.01 58.22
C PHE P 117 17.77 6.97 59.01
N GLY P 118 16.64 6.45 59.50
CA GLY P 118 15.82 7.19 60.43
C GLY P 118 16.41 7.20 61.82
N PRO P 119 15.77 7.97 62.72
CA PRO P 119 16.30 8.10 64.09
C PRO P 119 16.40 6.79 64.85
N GLY P 120 15.60 5.79 64.53
CA GLY P 120 15.61 4.60 65.34
C GLY P 120 14.66 4.72 66.52
N THR P 121 13.95 3.63 66.79
CA THR P 121 13.04 3.56 67.93
C THR P 121 13.49 2.43 68.85
N LYS P 122 13.63 2.75 70.13
CA LYS P 122 14.02 1.76 71.13
C LYS P 122 12.78 1.06 71.65
N VAL P 123 12.76 -0.26 71.56
CA VAL P 123 11.65 -1.08 72.05
C VAL P 123 12.16 -1.93 73.21
N GLU P 124 11.51 -1.81 74.36
CA GLU P 124 11.90 -2.51 75.58
C GLU P 124 10.70 -3.02 76.37
N ILE P 125 10.99 -3.85 77.37
CA ILE P 125 9.97 -4.47 78.22
C ILE P 125 9.69 -3.55 79.41
N LYS P 126 8.40 -3.33 79.69
CA LYS P 126 8.01 -2.56 80.86
C LYS P 126 8.40 -3.24 82.16
N ARG P 127 8.80 -2.41 83.14
CA ARG P 127 9.12 -2.84 84.50
C ARG P 127 8.86 -1.67 85.44
N ALA Q 36 6.87 30.67 12.79
CA ALA Q 36 7.41 30.09 11.56
C ALA Q 36 6.90 28.67 11.37
N GLU Q 37 7.33 28.05 10.28
CA GLU Q 37 7.00 26.65 10.01
C GLU Q 37 7.75 25.77 11.00
N GLN Q 38 7.17 24.62 11.35
CA GLN Q 38 7.98 23.64 12.03
C GLN Q 38 9.12 23.24 11.11
N LEU Q 39 10.34 23.37 11.60
CA LEU Q 39 11.47 23.08 10.76
C LEU Q 39 12.17 21.82 11.23
N TRP Q 40 12.70 21.07 10.26
CA TRP Q 40 13.40 19.82 10.51
C TRP Q 40 14.74 19.87 9.80
N VAL Q 41 15.70 19.08 10.28
CA VAL Q 41 17.03 19.08 9.69
C VAL Q 41 17.01 18.28 8.41
N THR Q 42 17.58 18.84 7.35
CA THR Q 42 17.81 18.14 6.11
C THR Q 42 19.29 18.14 5.76
N VAL Q 43 19.77 17.00 5.30
CA VAL Q 43 21.16 16.82 4.93
C VAL Q 43 21.31 17.00 3.43
N TYR Q 44 22.27 17.83 3.05
CA TYR Q 44 22.60 18.09 1.67
C TYR Q 44 24.03 17.70 1.38
N TYR Q 45 24.28 17.29 0.15
CA TYR Q 45 25.63 16.97 -0.24
C TYR Q 45 25.91 17.52 -1.63
N GLY Q 46 27.09 18.08 -1.80
CA GLY Q 46 27.38 18.88 -2.97
C GLY Q 46 27.34 20.36 -2.69
N VAL Q 47 27.39 20.75 -1.43
CA VAL Q 47 27.26 22.14 -1.03
C VAL Q 47 28.51 22.90 -1.47
N PRO Q 48 28.36 23.93 -2.26
CA PRO Q 48 29.53 24.61 -2.83
C PRO Q 48 30.15 25.61 -1.86
N VAL Q 49 30.77 25.15 -0.79
CA VAL Q 49 31.40 26.04 0.16
C VAL Q 49 32.83 25.58 0.40
N TRP Q 50 33.67 26.48 0.87
CA TRP Q 50 35.06 26.10 1.04
C TRP Q 50 35.74 26.93 2.13
N LYS Q 51 36.92 26.46 2.53
CA LYS Q 51 37.80 27.13 3.47
C LYS Q 51 39.21 27.11 2.92
N GLU Q 52 39.98 28.14 3.25
CA GLU Q 52 41.38 28.19 2.87
C GLU Q 52 42.14 26.99 3.43
N ALA Q 53 42.98 26.38 2.59
CA ALA Q 53 43.80 25.24 2.99
C ALA Q 53 45.06 25.19 2.14
N THR Q 54 46.12 24.63 2.71
CA THR Q 54 47.40 24.41 2.03
C THR Q 54 47.65 22.93 1.80
N THR Q 55 47.93 22.56 0.55
CA THR Q 55 48.25 21.19 0.17
C THR Q 55 49.23 21.20 -0.99
N THR Q 56 49.51 20.02 -1.52
CA THR Q 56 50.48 19.85 -2.60
C THR Q 56 49.78 19.86 -3.95
N LEU Q 57 50.26 20.68 -4.87
CA LEU Q 57 49.72 20.69 -6.21
C LEU Q 57 50.52 19.73 -7.09
N PHE Q 58 49.81 19.04 -7.98
CA PHE Q 58 50.46 18.09 -8.86
C PHE Q 58 51.16 18.84 -9.98
N CYS Q 59 52.35 18.40 -10.33
CA CYS Q 59 52.99 19.04 -11.46
C CYS Q 59 52.34 18.56 -12.74
N ALA Q 60 52.44 19.38 -13.77
CA ALA Q 60 52.04 18.97 -15.10
C ALA Q 60 52.98 19.65 -16.09
N SER Q 61 53.15 19.01 -17.24
CA SER Q 61 54.15 19.50 -18.17
C SER Q 61 53.79 19.08 -19.58
N ASP Q 62 54.24 19.87 -20.54
CA ASP Q 62 54.07 19.56 -21.95
C ASP Q 62 55.04 18.44 -22.24
N ALA Q 63 54.57 17.22 -21.98
CA ALA Q 63 55.41 16.02 -21.94
C ALA Q 63 56.22 15.82 -23.21
N ARG Q 64 57.50 15.48 -23.03
CA ARG Q 64 58.40 15.15 -24.12
C ARG Q 64 59.22 13.95 -23.72
N ARG Q 71 68.46 15.01 -19.76
CA ARG Q 71 68.43 15.01 -18.30
C ARG Q 71 68.18 16.38 -17.68
N ASN Q 72 67.52 17.25 -18.44
CA ASN Q 72 67.18 18.59 -17.99
C ASN Q 72 66.52 18.52 -16.63
N VAL Q 73 67.05 19.35 -15.73
CA VAL Q 73 66.75 19.34 -14.29
C VAL Q 73 65.26 19.25 -14.04
N TRP Q 74 64.49 20.05 -14.76
CA TRP Q 74 63.08 20.17 -14.44
C TRP Q 74 62.25 19.33 -15.38
N ALA Q 75 62.91 18.62 -16.27
CA ALA Q 75 62.23 17.77 -17.23
C ALA Q 75 62.09 16.38 -16.62
N THR Q 76 61.38 16.34 -15.50
CA THR Q 76 61.23 15.10 -14.77
C THR Q 76 60.54 14.07 -15.64
N HIS Q 77 60.96 12.82 -15.47
CA HIS Q 77 60.37 11.72 -16.19
C HIS Q 77 58.94 11.47 -15.77
N ALA Q 78 58.54 11.96 -14.59
CA ALA Q 78 57.24 11.72 -14.02
C ALA Q 78 56.55 13.06 -13.82
N CYS Q 79 55.55 13.33 -14.66
CA CYS Q 79 54.78 14.56 -14.57
C CYS Q 79 53.55 14.41 -15.44
N VAL Q 80 52.45 14.99 -14.98
CA VAL Q 80 51.15 14.81 -15.64
C VAL Q 80 51.11 15.61 -16.94
N PRO Q 81 50.70 15.02 -18.05
CA PRO Q 81 50.60 15.79 -19.28
C PRO Q 81 49.53 16.87 -19.14
N THR Q 82 49.75 17.99 -19.80
CA THR Q 82 48.85 19.11 -19.63
C THR Q 82 47.52 18.90 -20.33
N ASP Q 83 46.54 19.63 -19.86
CA ASP Q 83 45.21 19.62 -20.45
C ASP Q 83 45.21 20.51 -21.69
N PRO Q 84 44.92 19.97 -22.88
CA PRO Q 84 44.88 20.82 -24.07
C PRO Q 84 43.74 21.82 -24.09
N ASN Q 85 42.72 21.64 -23.23
CA ASN Q 85 41.55 22.52 -23.19
C ASN Q 85 41.14 22.75 -21.75
N PRO Q 86 41.93 23.50 -20.99
CA PRO Q 86 41.59 23.72 -19.58
C PRO Q 86 40.40 24.65 -19.46
N GLN Q 87 39.66 24.51 -18.36
CA GLN Q 87 38.51 25.35 -18.10
C GLN Q 87 38.80 26.40 -17.03
N GLU Q 88 38.06 27.50 -17.11
CA GLU Q 88 38.06 28.54 -16.10
C GLU Q 88 36.65 29.10 -16.02
N VAL Q 89 36.13 29.22 -14.80
CA VAL Q 89 34.77 29.72 -14.60
C VAL Q 89 34.80 30.83 -13.58
N VAL Q 90 33.95 31.77 -13.75
CA VAL Q 90 33.87 32.90 -12.84
C VAL Q 90 32.85 32.59 -11.76
N LEU Q 91 33.11 33.10 -10.56
CA LEU Q 91 32.18 32.91 -9.46
C LEU Q 91 31.08 33.98 -9.45
N GLU Q 92 31.52 35.23 -9.51
CA GLU Q 92 30.79 36.51 -9.52
C GLU Q 92 29.91 36.77 -8.30
N ASN Q 93 29.16 35.80 -7.82
CA ASN Q 93 28.38 36.14 -6.64
C ASN Q 93 29.29 36.18 -5.43
N VAL Q 94 30.50 35.65 -5.56
CA VAL Q 94 31.40 35.40 -4.45
C VAL Q 94 32.71 36.11 -4.72
N THR Q 95 33.24 36.79 -3.70
CA THR Q 95 34.57 37.35 -3.75
C THR Q 95 35.48 36.58 -2.81
N GLU Q 96 36.78 36.91 -2.85
CA GLU Q 96 37.74 36.14 -2.06
C GLU Q 96 38.94 37.01 -1.69
N ASN Q 97 39.52 36.71 -0.53
CA ASN Q 97 40.61 37.49 0.04
C ASN Q 97 41.94 36.89 -0.36
N PHE Q 98 42.65 37.57 -1.24
CA PHE Q 98 43.92 37.06 -1.69
C PHE Q 98 45.03 37.78 -0.93
N ASN Q 99 46.12 37.08 -0.69
CA ASN Q 99 47.31 37.67 -0.06
C ASN Q 99 48.52 36.94 -0.61
N MET Q 100 49.29 37.63 -1.47
CA MET Q 100 50.39 36.99 -2.18
C MET Q 100 51.51 36.60 -1.25
N TRP Q 101 51.52 37.13 -0.04
CA TRP Q 101 52.58 36.87 0.89
C TRP Q 101 52.34 35.62 1.71
N LYS Q 102 51.18 35.00 1.55
CA LYS Q 102 50.82 33.78 2.26
C LYS Q 102 50.71 32.58 1.34
N ASN Q 103 51.02 32.72 0.06
CA ASN Q 103 50.81 31.60 -0.85
C ASN Q 103 51.95 30.62 -0.64
N ASN Q 104 51.61 29.53 0.04
CA ASN Q 104 52.59 28.55 0.44
C ASN Q 104 53.10 27.73 -0.71
N MET Q 105 52.50 27.89 -1.90
CA MET Q 105 52.95 27.17 -3.08
C MET Q 105 54.39 27.50 -3.42
N VAL Q 106 54.85 28.70 -3.06
CA VAL Q 106 56.23 29.09 -3.32
C VAL Q 106 57.18 28.20 -2.54
N GLU Q 107 56.73 27.65 -1.41
CA GLU Q 107 57.59 26.79 -0.62
C GLU Q 107 57.71 25.42 -1.26
N GLN Q 108 56.61 24.92 -1.82
CA GLN Q 108 56.66 23.66 -2.54
C GLN Q 108 57.64 23.75 -3.68
N MET Q 109 57.54 24.81 -4.48
CA MET Q 109 58.46 24.98 -5.59
C MET Q 109 59.89 25.06 -5.11
N HIS Q 110 60.12 25.85 -4.06
CA HIS Q 110 61.45 26.02 -3.49
C HIS Q 110 62.09 24.66 -3.19
N GLU Q 111 61.41 23.83 -2.43
CA GLU Q 111 62.03 22.56 -2.06
C GLU Q 111 62.10 21.60 -3.24
N ASP Q 112 61.01 21.44 -3.99
CA ASP Q 112 61.01 20.48 -5.08
C ASP Q 112 62.07 20.81 -6.12
N ILE Q 113 62.21 22.10 -6.45
CA ILE Q 113 63.19 22.50 -7.46
C ILE Q 113 64.61 22.17 -7.00
N ILE Q 114 64.91 22.46 -5.73
CA ILE Q 114 66.24 22.12 -5.25
C ILE Q 114 66.45 20.61 -5.32
N SER Q 115 65.45 19.82 -4.91
CA SER Q 115 65.60 18.37 -4.96
C SER Q 115 65.92 17.91 -6.37
N LEU Q 116 65.19 18.42 -7.36
CA LEU Q 116 65.40 18.03 -8.75
C LEU Q 116 66.81 18.35 -9.21
N TRP Q 117 67.32 19.52 -8.82
CA TRP Q 117 68.70 19.92 -9.10
C TRP Q 117 69.70 18.90 -8.56
N ASP Q 118 69.61 18.61 -7.27
CA ASP Q 118 70.55 17.69 -6.66
C ASP Q 118 70.45 16.29 -7.24
N GLN Q 119 69.23 15.83 -7.54
CA GLN Q 119 69.05 14.48 -8.06
C GLN Q 119 69.73 14.32 -9.41
N SER Q 120 69.44 15.22 -10.34
CA SER Q 120 70.00 15.12 -11.68
C SER Q 120 71.51 15.17 -11.64
N LEU Q 121 72.06 16.00 -10.77
CA LEU Q 121 73.50 16.18 -10.68
C LEU Q 121 74.10 15.34 -9.58
N LYS Q 122 73.45 14.27 -9.17
CA LYS Q 122 74.06 13.38 -8.18
C LYS Q 122 75.28 12.62 -8.72
N PRO Q 123 75.20 11.87 -9.87
CA PRO Q 123 76.40 11.08 -10.24
C PRO Q 123 77.44 11.89 -10.99
N CYS Q 124 77.96 12.92 -10.34
CA CYS Q 124 78.88 13.86 -10.97
C CYS Q 124 80.28 13.75 -10.38
N VAL Q 125 81.22 14.42 -11.02
CA VAL Q 125 82.65 14.22 -10.79
C VAL Q 125 83.14 15.11 -9.66
N LYS Q 126 83.76 14.51 -8.65
CA LYS Q 126 84.30 15.25 -7.52
C LYS Q 126 85.63 15.94 -7.85
N LEU Q 127 85.78 17.17 -7.36
CA LEU Q 127 87.00 17.94 -7.57
C LEU Q 127 88.04 17.72 -6.49
N THR Q 128 87.76 16.86 -5.52
CA THR Q 128 88.69 16.57 -4.43
C THR Q 128 90.14 16.38 -4.88
N PRO Q 129 90.47 15.57 -5.93
CA PRO Q 129 91.89 15.41 -6.24
C PRO Q 129 92.47 16.57 -7.03
N LEU Q 130 91.65 17.57 -7.32
CA LEU Q 130 92.04 18.71 -8.14
C LEU Q 130 92.25 19.95 -7.28
N CYS Q 131 92.26 19.79 -5.96
CA CYS Q 131 92.61 20.84 -5.03
C CYS Q 131 94.11 21.14 -5.02
N VAL Q 132 94.90 20.35 -5.76
CA VAL Q 132 96.33 20.58 -5.91
C VAL Q 132 96.61 22.04 -6.24
N THR Q 133 97.67 22.57 -5.63
CA THR Q 133 97.97 23.97 -5.86
C THR Q 133 98.37 24.18 -7.30
N LEU Q 134 98.14 25.40 -7.76
CA LEU Q 134 98.31 25.75 -9.15
C LEU Q 134 99.43 26.76 -9.31
N ASN Q 135 100.36 26.45 -10.19
CA ASN Q 135 101.43 27.40 -10.49
C ASN Q 135 100.94 28.26 -11.64
N CYS Q 136 100.50 29.47 -11.34
CA CYS Q 136 99.76 30.28 -12.29
C CYS Q 136 100.58 31.45 -12.80
N THR Q 137 100.39 31.74 -14.08
CA THR Q 137 100.87 32.97 -14.70
C THR Q 137 99.69 33.66 -15.36
N ASP Q 138 99.90 34.92 -15.74
CA ASP Q 138 98.86 35.65 -16.43
C ASP Q 138 98.72 35.13 -17.85
N LEU Q 139 97.47 34.88 -18.25
CA LEU Q 139 97.20 34.49 -19.62
C LEU Q 139 97.36 35.70 -20.53
N ARG Q 140 98.23 35.57 -21.52
CA ARG Q 140 98.51 36.68 -22.43
C ARG Q 140 97.28 36.98 -23.28
N ASN Q 141 97.14 38.25 -23.65
CA ASN Q 141 95.98 38.67 -24.43
C ASN Q 141 96.42 39.70 -25.47
N GLY Q 161 93.81 40.72 -16.10
CA GLY Q 161 93.90 39.28 -16.18
C GLY Q 161 92.85 38.66 -15.28
N GLU Q 162 91.87 38.01 -15.90
CA GLU Q 162 90.82 37.30 -15.20
C GLU Q 162 91.01 35.82 -15.33
N ILE Q 163 91.83 35.40 -16.28
CA ILE Q 163 92.08 34.01 -16.60
C ILE Q 163 93.56 33.75 -16.39
N LYS Q 164 93.87 32.72 -15.65
CA LYS Q 164 95.24 32.34 -15.38
C LYS Q 164 95.56 31.05 -16.13
N ASN Q 165 96.81 30.93 -16.57
CA ASN Q 165 97.28 29.72 -17.24
C ASN Q 165 98.21 29.01 -16.25
N CYS Q 166 97.74 27.89 -15.70
CA CYS Q 166 98.40 27.28 -14.56
C CYS Q 166 98.72 25.83 -14.84
N SER Q 167 99.68 25.30 -14.09
CA SER Q 167 100.02 23.89 -14.14
C SER Q 167 100.02 23.31 -12.73
N PHE Q 168 100.10 22.00 -12.66
CA PHE Q 168 100.07 21.24 -11.41
C PHE Q 168 100.67 19.87 -11.71
N ASN Q 169 100.79 19.03 -10.69
CA ASN Q 169 101.32 17.68 -10.92
C ASN Q 169 100.60 16.69 -10.00
N ILE Q 170 99.54 16.08 -10.52
CA ILE Q 170 98.66 15.19 -9.78
C ILE Q 170 97.83 14.49 -10.86
N THR Q 171 97.58 13.18 -10.72
CA THR Q 171 97.86 12.28 -9.59
C THR Q 171 99.19 11.58 -9.63
N THR Q 172 99.97 11.84 -10.69
CA THR Q 172 101.28 11.22 -10.94
C THR Q 172 101.22 9.69 -10.89
N SER Q 173 100.33 9.12 -11.71
CA SER Q 173 100.23 7.69 -12.04
C SER Q 173 99.79 6.83 -10.85
N MET Q 174 98.72 7.26 -10.16
CA MET Q 174 98.09 6.45 -9.12
C MET Q 174 97.20 5.38 -9.75
N ARG Q 175 97.87 4.38 -10.34
CA ARG Q 175 97.25 3.29 -11.11
C ARG Q 175 96.44 3.84 -12.28
N ASP Q 176 96.96 4.90 -12.92
CA ASP Q 176 96.22 5.57 -13.96
C ASP Q 176 97.18 6.18 -14.96
N LYS Q 177 96.60 6.88 -15.93
CA LYS Q 177 97.32 7.49 -17.04
C LYS Q 177 97.05 8.98 -16.96
N VAL Q 178 97.91 9.74 -16.27
CA VAL Q 178 97.63 11.15 -15.99
C VAL Q 178 98.92 11.94 -16.24
N GLN Q 179 98.81 13.28 -16.25
CA GLN Q 179 99.97 14.15 -16.33
C GLN Q 179 99.61 15.53 -15.78
N LYS Q 180 100.57 16.45 -15.91
CA LYS Q 180 100.47 17.80 -15.35
C LYS Q 180 99.28 18.59 -15.88
N GLU Q 181 98.81 18.27 -17.10
CA GLU Q 181 97.64 18.84 -17.78
C GLU Q 181 97.34 20.32 -17.51
N TYR Q 182 98.28 21.20 -17.83
CA TYR Q 182 98.10 22.64 -17.66
C TYR Q 182 96.78 23.08 -18.29
N ALA Q 183 96.18 24.12 -17.72
CA ALA Q 183 94.86 24.55 -18.19
C ALA Q 183 94.59 25.99 -17.77
N LEU Q 184 93.49 26.54 -18.28
CA LEU Q 184 93.05 27.89 -17.93
C LEU Q 184 92.02 27.85 -16.81
N PHE Q 185 92.17 28.78 -15.86
CA PHE Q 185 91.29 28.83 -14.69
C PHE Q 185 90.79 30.26 -14.56
N TYR Q 186 89.59 30.45 -13.99
CA TYR Q 186 89.12 31.81 -13.77
C TYR Q 186 89.43 32.30 -12.36
N LYS Q 187 89.76 33.59 -12.28
CA LYS Q 187 90.03 34.27 -11.01
C LYS Q 187 88.94 34.05 -9.99
N LEU Q 188 87.67 34.06 -10.43
CA LEU Q 188 86.54 34.04 -9.53
C LEU Q 188 86.30 32.66 -8.96
N ASP Q 189 87.02 31.65 -9.43
CA ASP Q 189 86.84 30.29 -9.00
C ASP Q 189 87.98 29.81 -8.09
N VAL Q 190 88.99 30.65 -7.87
CA VAL Q 190 90.17 30.23 -7.15
C VAL Q 190 90.41 31.19 -5.99
N VAL Q 191 91.26 30.74 -5.08
CA VAL Q 191 91.64 31.55 -3.92
C VAL Q 191 93.15 31.75 -4.01
N PRO Q 192 93.62 32.98 -3.82
CA PRO Q 192 95.06 33.22 -3.80
C PRO Q 192 95.73 32.62 -2.59
N ILE Q 193 96.98 32.20 -2.79
CA ILE Q 193 97.83 31.69 -1.74
C ILE Q 193 98.90 32.76 -1.56
N LYS Q 194 98.70 33.67 -0.61
CA LYS Q 194 99.55 34.83 -0.49
C LYS Q 194 100.91 34.51 0.12
N ASN Q 195 101.10 33.29 0.56
CA ASN Q 195 102.37 32.84 1.09
C ASN Q 195 103.21 32.14 0.03
N ASP Q 196 102.83 32.24 -1.26
CA ASP Q 196 103.61 31.53 -2.26
C ASP Q 196 104.21 32.39 -3.37
N ASN Q 197 103.49 32.63 -4.46
CA ASN Q 197 104.09 33.36 -5.59
C ASN Q 197 103.60 34.81 -5.74
N THR Q 198 102.30 35.14 -5.58
CA THR Q 198 101.08 34.36 -5.26
C THR Q 198 100.64 33.23 -6.20
N SER Q 199 100.32 32.07 -5.63
CA SER Q 199 99.84 30.91 -6.37
C SER Q 199 98.37 30.72 -6.03
N TYR Q 200 97.71 29.77 -6.67
CA TYR Q 200 96.27 29.65 -6.45
C TYR Q 200 95.90 28.18 -6.24
N ARG Q 201 94.69 28.01 -5.72
CA ARG Q 201 94.05 26.70 -5.62
C ARG Q 201 92.55 26.90 -5.64
N LEU Q 202 91.82 25.80 -5.75
CA LEU Q 202 90.37 25.85 -5.75
C LEU Q 202 89.86 26.52 -4.48
N ILE Q 203 88.97 27.49 -4.67
CA ILE Q 203 88.40 28.21 -3.54
C ILE Q 203 87.67 27.27 -2.59
N SER Q 204 87.25 26.10 -3.07
CA SER Q 204 86.52 25.15 -2.27
C SER Q 204 87.40 24.33 -1.34
N CYS Q 205 88.73 24.42 -1.49
CA CYS Q 205 89.65 23.56 -0.76
C CYS Q 205 89.45 23.62 0.75
N ASN Q 206 89.17 24.80 1.29
CA ASN Q 206 89.02 24.95 2.73
C ASN Q 206 87.56 24.96 3.15
N THR Q 207 86.66 24.52 2.27
CA THR Q 207 85.25 24.50 2.61
C THR Q 207 84.62 23.13 2.46
N SER Q 208 84.61 22.56 1.25
CA SER Q 208 83.81 21.37 0.99
C SER Q 208 84.27 20.70 -0.29
N VAL Q 209 83.77 19.48 -0.47
CA VAL Q 209 83.95 18.74 -1.71
C VAL Q 209 82.82 19.11 -2.67
N ILE Q 210 83.19 19.55 -3.86
CA ILE Q 210 82.20 19.97 -4.83
C ILE Q 210 82.41 19.15 -6.09
N THR Q 211 81.40 19.18 -6.95
CA THR Q 211 81.42 18.33 -8.13
C THR Q 211 81.26 19.16 -9.38
N GLN Q 212 81.82 18.65 -10.49
CA GLN Q 212 81.61 19.28 -11.79
C GLN Q 212 80.31 18.75 -12.33
N ALA Q 213 79.39 19.67 -12.67
CA ALA Q 213 78.07 19.30 -13.13
C ALA Q 213 78.15 18.37 -14.33
N CYS Q 214 77.27 17.36 -14.31
CA CYS Q 214 77.27 16.33 -15.34
C CYS Q 214 77.03 16.94 -16.71
N PRO Q 215 77.92 16.70 -17.69
CA PRO Q 215 77.77 17.31 -19.02
C PRO Q 215 76.46 16.98 -19.70
N LYS Q 216 75.79 15.93 -19.27
CA LYS Q 216 74.58 15.47 -19.89
C LYS Q 216 73.34 16.10 -19.30
N VAL Q 217 73.46 17.10 -18.44
CA VAL Q 217 72.30 17.72 -17.81
C VAL Q 217 72.13 19.13 -18.37
N SER Q 218 70.97 19.39 -18.97
CA SER Q 218 70.65 20.72 -19.45
C SER Q 218 70.05 21.55 -18.33
N PHE Q 219 70.30 22.87 -18.39
CA PHE Q 219 69.75 23.76 -17.37
C PHE Q 219 68.80 24.79 -17.99
N GLU Q 220 68.13 24.43 -19.07
CA GLU Q 220 67.09 25.27 -19.67
C GLU Q 220 65.81 25.25 -18.84
N PRO Q 221 65.34 26.37 -18.33
CA PRO Q 221 64.08 26.39 -17.57
C PRO Q 221 62.90 25.82 -18.34
N ILE Q 222 62.09 25.04 -17.65
CA ILE Q 222 60.91 24.36 -18.21
C ILE Q 222 59.64 24.99 -17.64
N PRO Q 223 58.67 25.34 -18.45
CA PRO Q 223 57.43 25.94 -17.94
C PRO Q 223 56.48 24.94 -17.31
N ILE Q 224 56.76 24.55 -16.07
CA ILE Q 224 55.97 23.52 -15.41
C ILE Q 224 54.67 24.12 -14.90
N HIS Q 225 53.57 23.43 -15.16
CA HIS Q 225 52.23 23.76 -14.67
C HIS Q 225 51.98 23.06 -13.36
N TYR Q 226 51.02 23.55 -12.58
CA TYR Q 226 50.57 22.83 -11.38
C TYR Q 226 49.06 22.83 -11.25
N CYS Q 227 48.50 21.67 -10.92
CA CYS Q 227 47.06 21.45 -10.94
C CYS Q 227 46.56 21.01 -9.57
N ALA Q 228 45.29 21.27 -9.32
CA ALA Q 228 44.69 20.97 -8.04
C ALA Q 228 44.47 19.48 -7.86
N PRO Q 229 44.72 18.95 -6.67
CA PRO Q 229 44.27 17.59 -6.34
C PRO Q 229 42.78 17.56 -6.03
N ALA Q 230 42.27 16.33 -6.01
CA ALA Q 230 40.86 16.08 -5.69
C ALA Q 230 40.47 16.67 -4.35
N GLY Q 231 39.31 17.29 -4.32
CA GLY Q 231 38.79 17.92 -3.13
C GLY Q 231 39.28 19.33 -2.92
N PHE Q 232 40.17 19.82 -3.77
CA PHE Q 232 40.74 21.15 -3.65
C PHE Q 232 40.54 21.90 -4.96
N ALA Q 233 40.64 23.22 -4.90
CA ALA Q 233 40.56 24.00 -6.12
C ALA Q 233 41.45 25.23 -6.03
N ILE Q 234 41.82 25.73 -7.20
CA ILE Q 234 42.66 26.91 -7.33
C ILE Q 234 41.78 28.08 -7.73
N LEU Q 235 41.80 29.12 -6.92
CA LEU Q 235 41.09 30.35 -7.24
C LEU Q 235 42.08 31.37 -7.77
N LYS Q 236 41.62 32.19 -8.71
CA LYS Q 236 42.49 33.18 -9.34
C LYS Q 236 41.91 34.57 -9.18
N CYS Q 237 42.76 35.53 -8.84
CA CYS Q 237 42.38 36.92 -8.74
C CYS Q 237 42.63 37.60 -10.08
N ASN Q 238 41.57 38.07 -10.71
CA ASN Q 238 41.66 38.68 -12.02
C ASN Q 238 41.55 40.19 -11.99
N ASP Q 239 41.61 40.78 -10.80
CA ASP Q 239 41.55 42.23 -10.69
C ASP Q 239 42.86 42.81 -11.21
N LYS Q 240 42.77 43.64 -12.25
CA LYS Q 240 43.97 44.21 -12.85
C LYS Q 240 44.75 45.07 -11.87
N LYS Q 241 44.07 45.59 -10.86
CA LYS Q 241 44.69 46.49 -9.89
C LYS Q 241 45.12 45.76 -8.64
N PHE Q 242 45.00 44.44 -8.62
CA PHE Q 242 45.33 43.72 -7.41
C PHE Q 242 46.81 43.86 -7.08
N ASN Q 243 47.07 44.14 -5.82
CA ASN Q 243 48.42 44.30 -5.29
C ASN Q 243 48.63 43.19 -4.28
N GLY Q 244 49.36 43.48 -3.20
CA GLY Q 244 49.71 42.45 -2.23
C GLY Q 244 48.55 41.71 -1.59
N THR Q 245 47.44 42.39 -1.33
CA THR Q 245 46.34 41.70 -0.67
C THR Q 245 45.06 42.50 -0.78
N GLY Q 246 43.94 41.79 -0.66
CA GLY Q 246 42.65 42.41 -0.55
C GLY Q 246 41.50 41.56 -1.07
N PRO Q 247 40.29 42.07 -0.92
CA PRO Q 247 39.09 41.33 -1.32
C PRO Q 247 38.89 41.40 -2.83
N CYS Q 248 39.70 40.62 -3.52
CA CYS Q 248 39.63 40.59 -4.97
C CYS Q 248 38.21 40.31 -5.44
N THR Q 249 37.71 41.14 -6.33
CA THR Q 249 36.33 40.97 -6.74
C THR Q 249 36.19 39.96 -7.86
N ASN Q 250 36.99 40.12 -8.92
CA ASN Q 250 36.89 39.25 -10.08
C ASN Q 250 37.67 37.99 -9.76
N VAL Q 251 36.95 37.01 -9.23
CA VAL Q 251 37.55 35.76 -8.79
C VAL Q 251 37.00 34.62 -9.65
N SER Q 252 37.89 33.78 -10.13
CA SER Q 252 37.54 32.65 -10.95
C SER Q 252 38.22 31.40 -10.41
N THR Q 253 37.72 30.25 -10.83
CA THR Q 253 38.29 28.96 -10.46
C THR Q 253 39.02 28.37 -11.66
N VAL Q 254 40.24 27.93 -11.44
CA VAL Q 254 41.12 27.46 -12.50
C VAL Q 254 41.47 26.01 -12.21
N GLN Q 255 41.26 25.16 -13.21
CA GLN Q 255 41.58 23.74 -13.06
C GLN Q 255 43.08 23.53 -12.84
N CYS Q 256 43.89 24.28 -13.57
CA CYS Q 256 45.33 24.10 -13.53
C CYS Q 256 45.98 25.37 -14.03
N THR Q 257 47.10 25.73 -13.42
CA THR Q 257 47.78 26.97 -13.73
C THR Q 257 48.52 26.87 -15.04
N HIS Q 258 48.95 28.02 -15.55
CA HIS Q 258 49.86 27.99 -16.68
C HIS Q 258 51.25 27.58 -16.18
N GLY Q 259 52.15 27.41 -17.13
CA GLY Q 259 53.52 27.04 -16.81
C GLY Q 259 54.32 28.26 -16.38
N ILE Q 260 55.14 28.07 -15.36
CA ILE Q 260 56.07 29.10 -14.89
C ILE Q 260 57.46 28.55 -15.06
N ARG Q 261 58.29 29.26 -15.78
CA ARG Q 261 59.63 28.76 -15.93
C ARG Q 261 60.45 29.11 -14.69
N PRO Q 262 61.25 28.17 -14.18
CA PRO Q 262 62.10 28.40 -13.00
C PRO Q 262 63.33 29.23 -13.33
N VAL Q 263 63.10 30.50 -13.66
CA VAL Q 263 64.19 31.39 -14.00
C VAL Q 263 64.81 31.85 -12.69
N VAL Q 264 66.12 31.75 -12.60
CA VAL Q 264 66.84 32.17 -11.41
C VAL Q 264 67.68 33.39 -11.78
N SER Q 265 67.51 34.46 -11.02
CA SER Q 265 68.26 35.68 -11.28
C SER Q 265 68.27 36.54 -10.03
N THR Q 266 69.18 37.51 -10.03
CA THR Q 266 69.25 38.54 -9.01
C THR Q 266 68.97 39.88 -9.66
N GLN Q 267 68.34 40.79 -8.90
CA GLN Q 267 67.98 42.19 -9.16
C GLN Q 267 66.93 42.44 -10.23
N LEU Q 268 66.90 41.65 -11.30
CA LEU Q 268 65.89 41.85 -12.33
C LEU Q 268 65.20 40.53 -12.62
N LEU Q 269 63.90 40.61 -12.89
CA LEU Q 269 63.11 39.43 -13.20
C LEU Q 269 63.05 39.27 -14.70
N LEU Q 270 63.55 38.15 -15.21
CA LEU Q 270 63.62 37.93 -16.64
C LEU Q 270 62.61 36.87 -17.07
N ASN Q 271 62.11 37.02 -18.29
CA ASN Q 271 61.24 36.06 -18.99
C ASN Q 271 60.00 35.70 -18.18
N GLY Q 272 59.38 36.69 -17.53
CA GLY Q 272 58.16 36.49 -16.80
C GLY Q 272 56.96 37.10 -17.50
N SER Q 273 55.91 37.36 -16.72
CA SER Q 273 54.70 37.95 -17.26
C SER Q 273 54.78 39.47 -17.21
N LEU Q 274 53.84 40.12 -17.89
CA LEU Q 274 53.76 41.57 -17.93
C LEU Q 274 52.57 42.08 -17.14
N ALA Q 275 52.64 43.36 -16.80
CA ALA Q 275 51.58 44.03 -16.07
C ALA Q 275 50.42 44.40 -16.98
N GLU Q 276 49.26 44.62 -16.35
CA GLU Q 276 47.99 44.85 -17.02
C GLU Q 276 47.88 46.30 -17.47
N GLU Q 277 48.55 46.59 -18.59
CA GLU Q 277 48.48 47.84 -19.35
C GLU Q 277 49.10 49.03 -18.63
N GLU Q 278 49.87 48.81 -17.57
CA GLU Q 278 50.64 49.84 -16.89
C GLU Q 278 51.61 49.15 -15.96
N VAL Q 279 52.64 49.89 -15.54
CA VAL Q 279 53.52 49.40 -14.50
C VAL Q 279 52.75 49.32 -13.19
N VAL Q 280 52.83 48.18 -12.52
CA VAL Q 280 52.16 47.97 -11.25
C VAL Q 280 53.23 47.66 -10.22
N ILE Q 281 53.22 48.39 -9.11
CA ILE Q 281 54.23 48.25 -8.08
C ILE Q 281 53.56 47.74 -6.82
N ARG Q 282 54.10 46.65 -6.27
CA ARG Q 282 53.52 45.98 -5.12
C ARG Q 282 54.53 45.89 -3.98
N SER Q 283 54.02 45.85 -2.75
CA SER Q 283 54.76 45.63 -1.52
C SER Q 283 53.82 45.28 -0.39
N ALA Q 284 54.37 44.61 0.61
CA ALA Q 284 53.65 44.38 1.84
C ALA Q 284 53.32 45.70 2.53
N ASN Q 285 54.23 46.67 2.44
CA ASN Q 285 54.08 47.94 3.14
C ASN Q 285 55.13 48.91 2.62
N PHE Q 286 54.70 49.92 1.87
CA PHE Q 286 55.63 50.87 1.27
C PHE Q 286 56.33 51.75 2.29
N THR Q 287 55.86 51.77 3.52
CA THR Q 287 56.50 52.56 4.57
C THR Q 287 57.54 51.77 5.35
N ASP Q 288 57.62 50.46 5.18
CA ASP Q 288 58.45 49.59 6.00
C ASP Q 288 59.75 49.30 5.26
N ASN Q 289 60.87 49.84 5.76
CA ASN Q 289 62.15 49.64 5.09
C ASN Q 289 62.57 48.17 5.08
N ALA Q 290 61.97 47.33 5.92
CA ALA Q 290 62.31 45.91 5.96
C ALA Q 290 61.67 45.10 4.85
N LYS Q 291 60.82 45.70 4.05
CA LYS Q 291 60.16 45.00 2.95
C LYS Q 291 60.81 45.39 1.64
N ILE Q 292 60.43 44.68 0.59
CA ILE Q 292 60.95 44.95 -0.74
C ILE Q 292 59.81 45.39 -1.62
N ILE Q 293 60.17 46.03 -2.72
CA ILE Q 293 59.20 46.53 -3.67
C ILE Q 293 59.33 45.74 -4.96
N ILE Q 294 58.21 45.19 -5.40
CA ILE Q 294 58.13 44.34 -6.58
C ILE Q 294 57.51 45.14 -7.70
N VAL Q 295 58.22 45.26 -8.80
CA VAL Q 295 57.78 46.08 -9.90
C VAL Q 295 57.47 45.17 -11.07
N GLN Q 296 56.24 45.22 -11.57
CA GLN Q 296 55.82 44.42 -12.71
C GLN Q 296 55.66 45.37 -13.90
N LEU Q 297 56.38 45.09 -14.97
CA LEU Q 297 56.49 46.07 -16.04
C LEU Q 297 55.36 45.95 -17.05
N ASN Q 298 54.94 47.12 -17.55
CA ASN Q 298 53.97 47.20 -18.63
C ASN Q 298 54.46 46.45 -19.86
N LYS Q 299 55.62 46.84 -20.37
CA LYS Q 299 56.28 46.18 -21.48
C LYS Q 299 57.71 45.86 -21.09
N SER Q 300 58.25 44.78 -21.66
CA SER Q 300 59.57 44.35 -21.24
C SER Q 300 60.65 45.18 -21.92
N VAL Q 301 61.86 45.07 -21.38
CA VAL Q 301 63.03 45.76 -21.91
C VAL Q 301 63.96 44.73 -22.52
N GLU Q 302 64.32 44.95 -23.79
CA GLU Q 302 65.18 44.04 -24.55
C GLU Q 302 66.63 44.04 -24.08
N ILE Q 303 67.18 42.85 -23.85
CA ILE Q 303 68.57 42.66 -23.49
C ILE Q 303 69.14 41.55 -24.36
N ASN Q 304 70.34 41.77 -24.89
CA ASN Q 304 71.04 40.78 -25.70
C ASN Q 304 72.41 40.52 -25.09
N CYS Q 305 72.66 39.30 -24.66
CA CYS Q 305 73.88 38.95 -23.97
C CYS Q 305 74.77 38.07 -24.81
N THR Q 306 76.08 38.22 -24.64
CA THR Q 306 77.03 37.42 -25.40
C THR Q 306 78.31 37.15 -24.62
N ARG Q 307 78.94 36.03 -25.01
CA ARG Q 307 80.25 35.62 -24.53
C ARG Q 307 81.07 35.50 -25.80
N PRO Q 308 81.71 36.59 -26.24
CA PRO Q 308 82.40 36.59 -27.53
C PRO Q 308 83.53 35.59 -27.64
N ASN Q 309 84.08 35.15 -26.51
CA ASN Q 309 85.24 34.28 -26.54
C ASN Q 309 84.86 32.89 -27.01
N ASN Q 310 85.54 32.41 -28.03
CA ASN Q 310 85.34 31.08 -28.58
C ASN Q 310 86.27 30.14 -27.85
N ASN Q 311 85.71 29.39 -26.92
CA ASN Q 311 86.54 28.58 -26.05
C ASN Q 311 86.52 27.12 -26.46
N THR Q 312 87.64 26.45 -26.24
CA THR Q 312 87.78 25.02 -26.37
C THR Q 312 87.79 24.40 -24.97
N ARG Q 313 87.75 23.08 -24.92
CA ARG Q 313 87.83 22.42 -23.64
C ARG Q 313 88.51 21.08 -23.81
N LYS Q 314 89.06 20.58 -22.71
CA LYS Q 314 89.84 19.36 -22.77
C LYS Q 314 89.41 18.42 -21.65
N SER Q 315 89.27 17.15 -21.98
CA SER Q 315 89.06 16.16 -20.94
C SER Q 315 90.40 15.66 -20.45
N ILE Q 316 90.55 15.63 -19.13
CA ILE Q 316 91.79 15.18 -18.53
C ILE Q 316 91.48 13.96 -17.69
N HIS Q 317 92.49 13.12 -17.51
CA HIS Q 317 92.35 11.97 -16.64
C HIS Q 317 92.72 12.33 -15.22
N ILE Q 318 91.83 12.00 -14.30
CA ILE Q 318 92.03 12.30 -12.89
C ILE Q 318 92.08 11.06 -12.03
N GLY Q 319 91.89 9.88 -12.62
CA GLY Q 319 91.93 8.64 -11.91
C GLY Q 319 91.52 7.54 -12.86
N PRO Q 320 91.60 6.29 -12.41
CA PRO Q 320 91.19 5.18 -13.27
C PRO Q 320 89.70 5.23 -13.53
N GLY Q 321 89.34 5.35 -14.81
CA GLY Q 321 87.95 5.47 -15.18
C GLY Q 321 87.31 6.79 -14.79
N ARG Q 322 88.10 7.84 -14.61
CA ARG Q 322 87.59 9.12 -14.16
C ARG Q 322 88.16 10.26 -14.99
N TRP Q 323 87.27 11.15 -15.43
CA TRP Q 323 87.66 12.29 -16.24
C TRP Q 323 87.06 13.57 -15.72
N PHE Q 324 87.66 14.67 -16.13
CA PHE Q 324 87.32 16.01 -15.70
C PHE Q 324 87.52 16.94 -16.88
N TYR Q 325 86.64 17.90 -17.05
CA TYR Q 325 86.84 18.85 -18.14
C TYR Q 325 87.42 20.15 -17.64
N THR Q 326 88.44 20.61 -18.35
CA THR Q 326 89.14 21.85 -18.07
C THR Q 326 88.93 22.80 -19.24
N THR Q 327 89.03 24.09 -18.94
CA THR Q 327 89.04 25.09 -20.00
C THR Q 327 90.30 24.92 -20.84
N GLY Q 328 90.11 24.87 -22.15
CA GLY Q 328 91.21 24.73 -23.09
C GLY Q 328 91.61 26.09 -23.61
N GLU Q 329 92.24 26.11 -24.78
CA GLU Q 329 92.68 27.39 -25.29
C GLU Q 329 91.49 28.23 -25.76
N ILE Q 330 91.75 29.51 -25.99
CA ILE Q 330 90.75 30.45 -26.47
C ILE Q 330 91.15 30.93 -27.85
N ILE Q 331 90.21 30.86 -28.79
CA ILE Q 331 90.43 31.24 -30.18
C ILE Q 331 89.99 32.69 -30.35
N GLY Q 332 90.91 33.53 -30.80
CA GLY Q 332 90.64 34.95 -30.97
C GLY Q 332 90.94 35.74 -29.72
N ASP Q 333 90.76 37.07 -29.83
CA ASP Q 333 91.03 37.95 -28.72
C ASP Q 333 90.15 37.57 -27.55
N ILE Q 334 90.67 37.74 -26.35
CA ILE Q 334 89.89 37.48 -25.15
C ILE Q 334 89.22 38.79 -24.77
N ARG Q 335 87.89 38.80 -24.82
CA ARG Q 335 87.10 40.00 -24.57
C ARG Q 335 86.21 39.78 -23.36
N GLN Q 336 85.54 40.85 -22.96
CA GLN Q 336 84.69 40.79 -21.78
C GLN Q 336 83.30 40.29 -22.15
N ALA Q 337 82.70 39.55 -21.23
CA ALA Q 337 81.27 39.32 -21.32
C ALA Q 337 80.55 40.65 -21.16
N HIS Q 338 79.42 40.77 -21.84
CA HIS Q 338 78.63 41.98 -21.72
C HIS Q 338 77.24 41.72 -22.25
N CYS Q 339 76.32 42.61 -21.89
CA CYS Q 339 74.98 42.59 -22.45
C CYS Q 339 74.66 43.96 -23.01
N ASN Q 340 73.95 43.98 -24.13
CA ASN Q 340 73.49 45.22 -24.75
C ASN Q 340 72.01 45.39 -24.41
N ILE Q 341 71.68 46.53 -23.80
CA ILE Q 341 70.31 46.82 -23.39
C ILE Q 341 69.86 48.10 -24.09
N SER Q 342 68.66 48.08 -24.63
CA SER Q 342 68.11 49.24 -25.34
C SER Q 342 67.82 50.37 -24.36
N GLY Q 343 68.57 51.46 -24.48
CA GLY Q 343 68.35 52.60 -23.60
C GLY Q 343 66.98 53.21 -23.77
N THR Q 344 66.45 53.20 -25.00
CA THR Q 344 65.10 53.68 -25.26
C THR Q 344 64.08 52.93 -24.44
N LYS Q 345 64.08 51.61 -24.57
CA LYS Q 345 63.11 50.80 -23.85
C LYS Q 345 63.33 50.89 -22.35
N TRP Q 346 64.59 50.90 -21.93
CA TRP Q 346 64.90 51.00 -20.52
C TRP Q 346 64.44 52.33 -19.94
N ASN Q 347 64.78 53.43 -20.59
CA ASN Q 347 64.45 54.75 -20.05
C ASN Q 347 62.94 54.96 -20.01
N ASP Q 348 62.26 54.62 -21.11
CA ASP Q 348 60.81 54.76 -21.13
C ASP Q 348 60.15 53.90 -20.06
N THR Q 349 60.71 52.72 -19.81
CA THR Q 349 60.21 51.88 -18.74
C THR Q 349 60.33 52.58 -17.41
N LEU Q 350 61.49 53.18 -17.15
CA LEU Q 350 61.73 53.91 -15.92
C LEU Q 350 60.76 55.06 -15.74
N LYS Q 351 60.45 55.76 -16.84
CA LYS Q 351 59.51 56.87 -16.78
C LYS Q 351 58.20 56.42 -16.17
N GLN Q 352 57.67 55.30 -16.64
CA GLN Q 352 56.41 54.80 -16.11
C GLN Q 352 56.57 54.39 -14.65
N ILE Q 353 57.70 53.77 -14.31
CA ILE Q 353 57.93 53.34 -12.94
C ILE Q 353 57.96 54.53 -12.00
N VAL Q 354 58.70 55.59 -12.38
CA VAL Q 354 58.82 56.79 -11.57
C VAL Q 354 57.45 57.41 -11.30
N VAL Q 355 56.62 57.48 -12.34
CA VAL Q 355 55.26 58.02 -12.24
C VAL Q 355 54.47 57.29 -11.17
N LYS Q 356 54.61 55.96 -11.14
CA LYS Q 356 53.89 55.19 -10.13
C LYS Q 356 54.53 55.34 -8.77
N LEU Q 357 55.86 55.39 -8.71
CA LEU Q 357 56.54 55.59 -7.44
C LEU Q 357 56.12 56.88 -6.77
N LYS Q 358 55.88 57.93 -7.57
CA LYS Q 358 55.44 59.21 -7.04
C LYS Q 358 54.20 59.10 -6.19
N GLU Q 359 53.33 58.13 -6.49
CA GLU Q 359 52.07 57.96 -5.78
C GLU Q 359 52.28 57.69 -4.30
N GLN Q 360 53.41 57.10 -3.96
CA GLN Q 360 53.71 56.73 -2.61
C GLN Q 360 54.88 57.49 -2.02
N PHE Q 361 55.84 57.85 -2.85
CA PHE Q 361 57.13 58.31 -2.36
C PHE Q 361 57.45 59.74 -2.76
N GLY Q 362 56.49 60.48 -3.29
CA GLY Q 362 56.76 61.89 -3.46
C GLY Q 362 56.98 62.27 -4.90
N ASN Q 363 56.70 63.54 -5.20
CA ASN Q 363 56.65 64.03 -6.58
C ASN Q 363 57.99 64.57 -7.10
N LYS Q 364 58.97 64.83 -6.23
CA LYS Q 364 60.27 65.32 -6.66
C LYS Q 364 61.41 64.48 -6.13
N THR Q 365 61.12 63.25 -5.73
CA THR Q 365 62.09 62.40 -5.07
C THR Q 365 63.09 61.80 -6.05
N ILE Q 366 64.37 61.92 -5.71
CA ILE Q 366 65.46 61.40 -6.52
C ILE Q 366 65.59 59.90 -6.26
N VAL Q 367 65.56 59.11 -7.34
CA VAL Q 367 65.51 57.67 -7.27
C VAL Q 367 66.55 57.09 -8.23
N PHE Q 368 66.90 55.82 -8.02
CA PHE Q 368 67.74 54.99 -8.90
C PHE Q 368 69.20 55.41 -8.99
N ASN Q 369 69.98 55.14 -7.94
CA ASN Q 369 71.42 55.38 -7.98
C ASN Q 369 72.11 54.04 -8.22
N HIS Q 370 73.44 54.08 -8.25
CA HIS Q 370 74.30 52.95 -8.59
C HIS Q 370 74.05 51.74 -7.70
N SER Q 371 74.55 50.61 -8.16
CA SER Q 371 74.41 49.37 -7.42
C SER Q 371 75.27 49.39 -6.17
N SER Q 372 74.68 48.92 -5.07
CA SER Q 372 75.38 48.80 -3.81
C SER Q 372 74.56 47.91 -2.87
N GLY Q 373 75.27 47.21 -1.99
CA GLY Q 373 74.62 46.41 -0.98
C GLY Q 373 74.68 44.92 -1.23
N GLY Q 374 75.10 44.15 -0.23
CA GLY Q 374 75.25 42.72 -0.37
C GLY Q 374 76.63 42.33 -0.86
N ASP Q 375 76.83 41.03 -1.01
CA ASP Q 375 78.12 40.49 -1.42
C ASP Q 375 78.17 40.62 -2.95
N PRO Q 376 79.28 40.24 -3.61
CA PRO Q 376 79.37 40.46 -5.07
C PRO Q 376 78.27 39.83 -5.90
N GLU Q 377 77.62 38.78 -5.42
CA GLU Q 377 76.59 38.14 -6.21
C GLU Q 377 75.23 38.78 -6.00
N ILE Q 378 75.12 39.69 -5.04
CA ILE Q 378 73.93 40.47 -4.83
C ILE Q 378 74.05 41.85 -5.46
N VAL Q 379 75.25 42.41 -5.39
CA VAL Q 379 75.54 43.71 -6.00
C VAL Q 379 75.52 43.59 -7.53
N MET Q 380 76.00 42.48 -8.07
CA MET Q 380 75.93 42.25 -9.49
C MET Q 380 74.59 41.64 -9.85
N HIS Q 381 74.13 41.93 -11.07
CA HIS Q 381 72.99 41.20 -11.61
C HIS Q 381 73.44 39.82 -12.08
N SER Q 382 72.62 38.82 -11.85
CA SER Q 382 73.01 37.45 -12.13
C SER Q 382 72.02 36.77 -13.05
N PHE Q 383 72.55 35.97 -13.98
CA PHE Q 383 71.75 35.10 -14.83
C PHE Q 383 72.64 33.98 -15.35
N ASN Q 384 72.02 32.99 -15.97
CA ASN Q 384 72.68 31.76 -16.41
C ASN Q 384 72.58 31.51 -17.92
N CYS Q 385 72.88 32.52 -18.74
CA CYS Q 385 72.84 32.38 -20.19
C CYS Q 385 73.82 31.32 -20.66
N GLY Q 386 73.29 30.31 -21.36
CA GLY Q 386 74.11 29.28 -21.94
C GLY Q 386 74.65 28.27 -20.96
N GLY Q 387 74.23 28.33 -19.69
CA GLY Q 387 74.76 27.44 -18.69
C GLY Q 387 75.90 28.01 -17.88
N GLU Q 388 76.45 29.14 -18.29
CA GLU Q 388 77.50 29.79 -17.53
C GLU Q 388 76.86 30.92 -16.74
N PHE Q 389 77.34 31.14 -15.53
CA PHE Q 389 76.70 32.13 -14.69
C PHE Q 389 77.40 33.47 -14.88
N PHE Q 390 76.63 34.46 -15.32
CA PHE Q 390 77.16 35.77 -15.63
C PHE Q 390 76.81 36.72 -14.50
N TYR Q 391 77.76 37.55 -14.09
CA TYR Q 391 77.50 38.51 -13.03
C TYR Q 391 77.92 39.87 -13.59
N CYS Q 392 76.92 40.68 -13.92
CA CYS Q 392 77.12 41.89 -14.67
C CYS Q 392 76.82 43.10 -13.79
N ASN Q 393 77.48 44.22 -14.09
CA ASN Q 393 77.32 45.39 -13.25
C ASN Q 393 76.14 46.20 -13.74
N SER Q 394 75.02 46.06 -13.04
CA SER Q 394 73.77 46.75 -13.36
C SER Q 394 73.83 48.25 -13.14
N THR Q 395 74.90 48.76 -12.53
CA THR Q 395 75.09 50.19 -12.34
C THR Q 395 74.87 50.98 -13.63
N GLN Q 396 75.28 50.43 -14.78
CA GLN Q 396 75.09 51.12 -16.07
C GLN Q 396 73.62 51.41 -16.38
N LEU Q 397 72.70 50.67 -15.77
CA LEU Q 397 71.28 50.97 -15.85
C LEU Q 397 70.84 52.00 -14.83
N PHE Q 398 71.54 52.09 -13.70
CA PHE Q 398 71.18 52.98 -12.61
C PHE Q 398 72.31 53.96 -12.30
N ASN Q 399 73.09 54.33 -13.32
CA ASN Q 399 74.22 55.24 -13.15
C ASN Q 399 73.83 56.69 -13.32
N SER Q 400 72.53 56.96 -13.39
CA SER Q 400 72.02 58.31 -13.49
C SER Q 400 70.72 58.32 -12.72
N THR Q 401 70.62 59.21 -11.76
CA THR Q 401 69.44 59.26 -10.93
C THR Q 401 68.35 60.07 -11.62
N TRP Q 402 67.16 60.01 -11.03
CA TRP Q 402 66.07 60.82 -11.53
C TRP Q 402 66.40 62.30 -11.36
N ILE Q 412 72.96 50.61 -23.97
CA ILE Q 412 73.62 50.54 -22.68
C ILE Q 412 74.38 49.22 -22.65
N VAL Q 413 75.66 49.28 -22.35
CA VAL Q 413 76.52 48.11 -22.37
C VAL Q 413 77.00 47.84 -20.96
N LEU Q 414 76.73 46.63 -20.47
CA LEU Q 414 77.10 46.31 -19.10
C LEU Q 414 78.39 45.51 -19.12
N PRO Q 415 79.42 45.88 -18.38
CA PRO Q 415 80.56 44.98 -18.24
C PRO Q 415 80.16 43.80 -17.37
N CYS Q 416 80.84 42.67 -17.56
CA CYS Q 416 80.35 41.44 -16.94
C CYS Q 416 81.48 40.43 -16.83
N ARG Q 417 81.42 39.62 -15.77
CA ARG Q 417 82.38 38.54 -15.55
C ARG Q 417 81.63 37.23 -15.40
N ILE Q 418 82.37 36.13 -15.57
CA ILE Q 418 81.81 34.78 -15.52
C ILE Q 418 82.47 34.00 -14.39
N LYS Q 419 81.66 33.28 -13.62
CA LYS Q 419 82.07 32.41 -12.54
C LYS Q 419 81.61 30.99 -12.80
N GLN Q 420 82.43 30.00 -12.42
CA GLN Q 420 82.05 28.61 -12.55
C GLN Q 420 81.71 27.89 -11.25
N ILE Q 421 82.34 28.20 -10.12
CA ILE Q 421 81.95 27.56 -8.87
C ILE Q 421 80.82 28.38 -8.27
N VAL Q 422 79.61 27.84 -8.30
CA VAL Q 422 78.45 28.63 -7.97
C VAL Q 422 77.62 27.90 -6.92
N ASN Q 423 76.65 28.63 -6.37
CA ASN Q 423 75.78 28.13 -5.31
C ASN Q 423 74.34 28.34 -5.72
N MET Q 424 73.58 27.25 -5.82
CA MET Q 424 72.17 27.38 -6.16
C MET Q 424 71.44 27.95 -4.97
N TRP Q 425 71.35 29.28 -4.96
CA TRP Q 425 70.64 30.21 -4.08
C TRP Q 425 71.29 30.33 -2.71
N GLN Q 426 71.90 29.23 -2.28
CA GLN Q 426 72.75 29.05 -1.13
C GLN Q 426 73.04 27.56 -1.14
N GLU Q 427 74.28 27.18 -0.95
CA GLU Q 427 74.59 25.76 -0.86
C GLU Q 427 75.52 25.56 0.32
N VAL Q 428 75.30 24.45 1.01
CA VAL Q 428 76.06 24.10 2.20
C VAL Q 428 76.79 22.81 1.91
N GLY Q 429 78.09 22.81 2.16
CA GLY Q 429 78.88 21.64 1.84
C GLY Q 429 78.99 21.51 0.35
N LYS Q 430 78.46 20.40 -0.17
CA LYS Q 430 78.49 20.10 -1.59
C LYS Q 430 77.93 21.26 -2.41
N ALA Q 431 78.62 21.56 -3.51
CA ALA Q 431 78.22 22.65 -4.39
C ALA Q 431 78.52 22.28 -5.83
N MET Q 432 78.04 23.11 -6.75
CA MET Q 432 78.20 22.85 -8.18
C MET Q 432 79.28 23.71 -8.83
N TYR Q 433 80.05 23.06 -9.68
CA TYR Q 433 81.04 23.68 -10.54
C TYR Q 433 80.63 23.45 -11.97
N ALA Q 434 80.51 24.52 -12.72
CA ALA Q 434 80.08 24.39 -14.10
C ALA Q 434 81.21 23.84 -14.97
N PRO Q 435 80.89 23.01 -15.94
CA PRO Q 435 81.87 22.59 -16.91
C PRO Q 435 82.14 23.73 -17.88
N PRO Q 436 83.27 23.69 -18.57
CA PRO Q 436 83.51 24.68 -19.63
C PRO Q 436 82.54 24.45 -20.78
N ILE Q 437 82.11 25.54 -21.39
CA ILE Q 437 81.22 25.47 -22.54
C ILE Q 437 82.03 25.79 -23.78
N LYS Q 438 81.99 24.88 -24.74
CA LYS Q 438 82.78 25.03 -25.96
C LYS Q 438 82.06 25.92 -26.96
N GLY Q 439 82.82 26.81 -27.57
CA GLY Q 439 82.26 27.72 -28.55
C GLY Q 439 81.88 29.05 -27.95
N GLN Q 440 80.85 29.68 -28.49
CA GLN Q 440 80.39 31.00 -28.06
C GLN Q 440 79.01 30.88 -27.47
N ILE Q 441 78.67 31.81 -26.58
CA ILE Q 441 77.37 31.84 -25.94
C ILE Q 441 76.62 33.08 -26.41
N ARG Q 442 75.39 32.87 -26.89
CA ARG Q 442 74.51 33.95 -27.28
C ARG Q 442 73.11 33.61 -26.78
N CYS Q 443 72.39 34.63 -26.33
CA CYS Q 443 71.00 34.45 -25.93
C CYS Q 443 70.32 35.81 -25.98
N SER Q 444 69.00 35.77 -25.89
CA SER Q 444 68.22 37.00 -25.88
C SER Q 444 67.05 36.81 -24.94
N SER Q 445 66.81 37.83 -24.14
CA SER Q 445 65.77 37.80 -23.15
C SER Q 445 65.28 39.22 -22.98
N ASN Q 446 64.35 39.41 -22.04
CA ASN Q 446 63.87 40.74 -21.75
C ASN Q 446 63.49 40.88 -20.28
N ILE Q 447 63.65 42.09 -19.78
CA ILE Q 447 63.34 42.37 -18.39
C ILE Q 447 61.84 42.55 -18.30
N THR Q 448 61.21 41.72 -17.49
CA THR Q 448 59.77 41.76 -17.35
C THR Q 448 59.36 42.27 -15.99
N GLY Q 449 60.29 42.34 -15.06
CA GLY Q 449 60.04 42.84 -13.73
C GLY Q 449 61.36 43.11 -13.06
N LEU Q 450 61.28 43.69 -11.86
CA LEU Q 450 62.49 43.98 -11.11
C LEU Q 450 62.13 44.24 -9.67
N ILE Q 451 63.14 44.15 -8.81
CA ILE Q 451 62.98 44.34 -7.38
C ILE Q 451 63.75 45.58 -6.96
N LEU Q 452 63.08 46.45 -6.24
CA LEU Q 452 63.70 47.66 -5.72
C LEU Q 452 63.82 47.56 -4.22
N ILE Q 453 64.91 48.10 -3.67
CA ILE Q 453 65.10 48.13 -2.23
C ILE Q 453 65.32 49.57 -1.79
N ARG Q 454 64.84 49.87 -0.59
CA ARG Q 454 64.98 51.20 -0.02
C ARG Q 454 66.28 51.29 0.76
N ASP Q 455 66.96 52.43 0.65
CA ASP Q 455 68.29 52.56 1.24
C ASP Q 455 68.29 52.74 2.76
N GLY Q 456 67.20 53.18 3.37
CA GLY Q 456 67.18 53.26 4.82
C GLY Q 456 66.64 54.59 5.32
N GLY Q 457 66.99 54.91 6.56
CA GLY Q 457 66.49 56.11 7.19
C GLY Q 457 67.00 57.37 6.52
N LYS Q 458 66.17 58.41 6.54
CA LYS Q 458 66.49 59.66 5.88
C LYS Q 458 65.56 60.76 6.36
N ASN Q 459 65.87 61.99 5.95
CA ASN Q 459 64.97 63.12 6.12
C ASN Q 459 63.64 62.85 5.42
N ARG Q 460 62.55 63.04 6.17
CA ARG Q 460 61.20 62.77 5.67
C ARG Q 460 60.89 63.50 4.37
N SER Q 461 61.53 64.66 4.14
CA SER Q 461 61.26 65.48 2.96
C SER Q 461 61.51 64.70 1.67
N GLU Q 462 60.70 65.00 0.65
CA GLU Q 462 60.72 64.27 -0.61
C GLU Q 462 61.96 64.65 -1.44
N ASN Q 463 63.13 64.35 -0.91
CA ASN Q 463 64.39 64.66 -1.59
C ASN Q 463 64.93 63.45 -2.32
N THR Q 464 65.17 62.37 -1.58
CA THR Q 464 65.75 61.16 -2.13
C THR Q 464 64.96 59.97 -1.62
N GLU Q 465 65.04 58.90 -2.39
CA GLU Q 465 64.64 57.56 -1.99
C GLU Q 465 65.40 56.71 -2.99
N ILE Q 466 66.50 56.11 -2.58
CA ILE Q 466 67.41 55.52 -3.54
C ILE Q 466 67.03 54.07 -3.73
N PHE Q 467 66.16 53.85 -4.72
CA PHE Q 467 65.63 52.54 -5.04
C PHE Q 467 66.72 51.79 -5.78
N ARG Q 468 67.56 51.16 -5.02
CA ARG Q 468 68.67 50.43 -5.58
C ARG Q 468 68.15 49.07 -6.06
N PRO Q 469 68.80 48.47 -7.06
CA PRO Q 469 68.46 47.10 -7.39
C PRO Q 469 68.91 46.21 -6.27
N GLY Q 470 68.18 45.12 -6.08
CA GLY Q 470 68.58 44.20 -5.03
C GLY Q 470 67.65 43.03 -4.95
N GLY Q 471 67.79 42.31 -3.84
CA GLY Q 471 66.98 41.14 -3.58
C GLY Q 471 67.76 39.86 -3.82
N GLY Q 472 68.01 39.13 -2.73
CA GLY Q 472 68.70 37.87 -2.81
C GLY Q 472 67.85 36.68 -2.45
N ASP Q 473 66.57 36.87 -2.15
CA ASP Q 473 65.72 35.76 -1.75
C ASP Q 473 65.11 35.21 -3.02
N MET Q 474 65.64 34.09 -3.49
CA MET Q 474 65.29 33.57 -4.79
C MET Q 474 63.84 33.13 -4.87
N ARG Q 475 63.19 32.88 -3.72
CA ARG Q 475 61.78 32.52 -3.67
C ARG Q 475 60.88 33.56 -4.32
N ASP Q 476 61.31 34.82 -4.32
CA ASP Q 476 60.52 35.87 -4.94
C ASP Q 476 60.44 35.73 -6.46
N ASN Q 477 61.33 34.95 -7.08
CA ASN Q 477 61.23 34.74 -8.52
C ASN Q 477 60.05 33.87 -8.91
N TRP Q 478 59.41 33.22 -7.95
CA TRP Q 478 58.19 32.48 -8.24
C TRP Q 478 56.97 33.11 -7.62
N ARG Q 479 57.16 33.72 -6.43
CA ARG Q 479 56.08 34.45 -5.79
C ARG Q 479 55.55 35.56 -6.69
N SER Q 480 56.45 36.18 -7.46
CA SER Q 480 56.06 37.23 -8.39
C SER Q 480 55.06 36.79 -9.44
N GLU Q 481 54.88 35.50 -9.62
CA GLU Q 481 53.84 35.00 -10.51
C GLU Q 481 52.70 34.36 -9.75
N LEU Q 482 53.01 33.70 -8.64
CA LEU Q 482 52.03 32.97 -7.86
C LEU Q 482 50.98 33.86 -7.21
N TYR Q 483 51.26 35.16 -7.08
CA TYR Q 483 50.35 36.13 -6.46
C TYR Q 483 48.94 36.07 -7.02
N LYS Q 484 48.78 35.50 -8.18
CA LYS Q 484 47.48 35.44 -8.82
C LYS Q 484 46.58 34.35 -8.24
N TYR Q 485 47.10 33.41 -7.46
CA TYR Q 485 46.35 32.20 -7.16
C TYR Q 485 46.21 31.98 -5.66
N LYS Q 486 45.17 31.24 -5.29
CA LYS Q 486 44.90 30.81 -3.93
C LYS Q 486 44.29 29.42 -3.97
N VAL Q 487 44.63 28.57 -3.00
CA VAL Q 487 44.17 27.19 -2.94
C VAL Q 487 43.22 27.02 -1.76
N VAL Q 488 42.07 26.39 -1.99
CA VAL Q 488 41.07 26.18 -0.96
C VAL Q 488 40.62 24.72 -0.95
N LYS Q 489 40.09 24.31 0.21
CA LYS Q 489 39.49 22.99 0.38
C LYS Q 489 37.98 23.10 0.36
N ILE Q 490 37.34 22.25 -0.41
CA ILE Q 490 35.91 22.33 -0.64
C ILE Q 490 35.21 21.30 0.22
N GLU Q 491 34.18 21.74 0.95
CA GLU Q 491 33.44 20.94 1.92
C GLU Q 491 32.05 20.67 1.40
N PRO Q 492 31.80 19.49 0.82
CA PRO Q 492 30.51 19.23 0.16
C PRO Q 492 29.38 18.87 1.10
N LEU Q 493 29.66 18.63 2.37
CA LEU Q 493 28.66 18.15 3.30
C LEU Q 493 28.11 19.29 4.14
N GLY Q 494 26.79 19.42 4.17
CA GLY Q 494 26.16 20.44 4.98
C GLY Q 494 24.69 20.17 5.19
N ILE Q 495 24.08 20.99 6.06
CA ILE Q 495 22.68 20.83 6.45
C ILE Q 495 21.96 22.16 6.41
N ALA Q 496 20.63 22.08 6.38
CA ALA Q 496 19.74 23.23 6.45
C ALA Q 496 18.36 22.76 6.88
N PRO Q 497 17.54 23.64 7.44
CA PRO Q 497 16.19 23.23 7.83
C PRO Q 497 15.29 23.01 6.62
N THR Q 498 14.25 22.20 6.82
CA THR Q 498 13.23 21.97 5.80
C THR Q 498 11.84 22.03 6.43
N LYS Q 499 10.82 21.70 5.64
CA LYS Q 499 9.44 21.81 6.07
C LYS Q 499 8.92 20.57 6.81
N CYS Q 500 9.38 19.36 6.48
CA CYS Q 500 8.69 18.17 6.97
C CYS Q 500 9.63 17.22 7.69
N LYS Q 501 9.04 16.29 8.43
CA LYS Q 501 9.73 15.17 9.07
C LYS Q 501 9.92 14.04 8.06
N ARG Q 502 11.06 13.33 8.17
CA ARG Q 502 11.24 12.06 7.48
C ARG Q 502 10.12 11.10 7.86
N ARG Q 503 9.54 10.45 6.84
CA ARG Q 503 8.44 9.50 7.04
C ARG Q 503 9.03 8.21 7.63
N VAL Q 504 9.28 8.25 8.93
CA VAL Q 504 9.91 7.14 9.62
C VAL Q 504 8.83 6.19 10.13
N VAL Q 505 8.98 4.92 9.82
CA VAL Q 505 8.13 3.88 10.37
C VAL Q 505 8.72 3.34 11.67
N ALA R 1 13.72 39.59 -23.97
CA ALA R 1 14.88 38.90 -24.51
C ALA R 1 15.79 38.41 -23.42
N VAL R 2 16.26 37.18 -23.55
CA VAL R 2 17.08 36.57 -22.52
C VAL R 2 18.31 35.92 -23.13
N GLY R 3 19.46 36.23 -22.57
CA GLY R 3 20.69 35.54 -22.91
C GLY R 3 20.93 34.39 -21.95
N ILE R 4 21.42 33.28 -22.49
CA ILE R 4 21.56 32.07 -21.70
C ILE R 4 22.98 31.52 -21.80
N GLY R 5 23.41 30.88 -20.72
CA GLY R 5 24.62 30.08 -20.73
C GLY R 5 24.35 28.76 -21.40
N ALA R 6 25.36 27.89 -21.41
CA ALA R 6 25.20 26.64 -22.13
C ALA R 6 24.23 25.68 -21.43
N VAL R 7 24.67 25.07 -20.33
CA VAL R 7 23.90 23.98 -19.75
C VAL R 7 23.65 24.15 -18.26
N PHE R 8 24.71 24.33 -17.48
CA PHE R 8 24.57 24.38 -16.04
C PHE R 8 25.79 25.03 -15.42
N LEU R 9 25.69 25.25 -14.11
CA LEU R 9 26.73 25.88 -13.31
C LEU R 9 28.07 25.24 -13.61
N GLY R 10 29.07 26.08 -13.88
CA GLY R 10 30.42 25.61 -14.11
C GLY R 10 31.01 24.94 -12.89
N PHE R 11 31.25 25.72 -11.84
CA PHE R 11 31.88 25.19 -10.64
C PHE R 11 31.77 26.23 -9.55
N LEU R 12 31.14 25.86 -8.43
CA LEU R 12 31.01 26.67 -7.23
C LEU R 12 30.31 28.01 -7.34
N GLY R 13 30.07 28.53 -8.55
CA GLY R 13 29.54 29.88 -8.67
C GLY R 13 28.28 30.12 -7.85
N ALA R 14 27.43 29.11 -7.76
CA ALA R 14 26.16 29.22 -7.04
C ALA R 14 26.34 29.47 -5.55
N ALA R 15 27.56 29.30 -5.02
CA ALA R 15 27.87 29.44 -3.60
C ALA R 15 27.45 30.79 -3.03
N GLY R 16 27.41 31.81 -3.86
CA GLY R 16 26.98 33.12 -3.44
C GLY R 16 25.56 33.46 -3.81
N SER R 17 24.80 32.53 -4.36
CA SER R 17 23.40 32.78 -4.65
C SER R 17 22.60 32.09 -3.56
N THR R 18 21.29 32.35 -3.53
CA THR R 18 20.48 31.75 -2.49
C THR R 18 20.57 30.23 -2.56
N MET R 19 20.44 29.63 -1.38
CA MET R 19 20.54 28.18 -1.25
C MET R 19 19.46 27.48 -2.06
N GLY R 20 18.30 28.11 -2.18
CA GLY R 20 17.24 27.62 -3.02
C GLY R 20 17.72 27.41 -4.44
N ALA R 21 18.19 28.50 -5.07
CA ALA R 21 18.68 28.40 -6.44
C ALA R 21 19.89 27.48 -6.53
N ALA R 22 20.80 27.58 -5.57
CA ALA R 22 21.99 26.74 -5.60
C ALA R 22 21.69 25.25 -5.55
N SER R 23 20.58 24.85 -4.91
CA SER R 23 20.25 23.44 -4.81
C SER R 23 20.09 22.78 -6.17
N MET R 24 19.84 23.57 -7.21
CA MET R 24 19.60 23.01 -8.54
C MET R 24 20.77 22.19 -9.06
N THR R 25 21.99 22.54 -8.67
CA THR R 25 23.17 21.93 -9.26
C THR R 25 23.97 21.11 -8.25
N LEU R 26 23.32 20.59 -7.21
CA LEU R 26 24.00 19.70 -6.29
C LEU R 26 24.52 18.46 -6.99
N THR R 27 23.79 17.98 -7.99
CA THR R 27 24.24 16.84 -8.77
C THR R 27 25.52 17.14 -9.50
N VAL R 28 25.64 18.38 -9.99
CA VAL R 28 26.83 18.80 -10.71
C VAL R 28 28.01 18.92 -9.76
N GLN R 29 27.81 19.68 -8.69
CA GLN R 29 28.89 19.98 -7.78
C GLN R 29 29.39 18.72 -7.09
N ALA R 30 28.46 17.85 -6.67
CA ALA R 30 28.84 16.62 -5.98
C ALA R 30 29.71 15.73 -6.87
N ARG R 31 29.27 15.52 -8.11
CA ARG R 31 30.00 14.65 -9.05
C ARG R 31 31.41 15.16 -9.29
N GLN R 32 31.53 16.48 -9.46
CA GLN R 32 32.81 17.11 -9.73
C GLN R 32 33.78 16.97 -8.56
N LEU R 33 33.26 17.06 -7.35
CA LEU R 33 34.13 16.98 -6.19
C LEU R 33 34.48 15.55 -5.84
N LEU R 34 33.49 14.67 -5.95
CA LEU R 34 33.68 13.28 -5.59
C LEU R 34 34.73 12.63 -6.47
N SER R 35 34.74 12.96 -7.75
CA SER R 35 35.69 12.35 -8.67
C SER R 35 36.23 13.38 -9.65
N TRP R 60 57.71 12.07 -7.05
CA TRP R 60 56.46 12.50 -7.66
C TRP R 60 55.40 11.43 -7.50
N GLY R 61 55.76 10.17 -7.71
CA GLY R 61 54.80 9.09 -7.58
C GLY R 61 54.32 8.92 -6.15
N ILE R 62 55.24 9.05 -5.18
CA ILE R 62 54.93 8.82 -3.77
C ILE R 62 54.07 9.94 -3.22
N LYS R 63 54.42 11.18 -3.53
CA LYS R 63 53.63 12.31 -3.06
C LYS R 63 52.20 12.22 -3.58
N GLN R 64 52.05 11.86 -4.86
CA GLN R 64 50.71 11.63 -5.40
C GLN R 64 50.05 10.41 -4.77
N LEU R 65 50.84 9.35 -4.53
CA LEU R 65 50.33 8.16 -3.86
C LEU R 65 49.72 8.51 -2.51
N GLN R 66 50.43 9.31 -1.73
CA GLN R 66 49.90 9.80 -0.47
C GLN R 66 48.60 10.56 -0.68
N ALA R 67 48.59 11.47 -1.65
CA ALA R 67 47.40 12.26 -1.92
C ALA R 67 46.21 11.37 -2.27
N ARG R 68 46.46 10.33 -3.06
CA ARG R 68 45.39 9.43 -3.47
C ARG R 68 44.74 8.77 -2.26
N VAL R 69 45.57 8.27 -1.33
CA VAL R 69 45.05 7.62 -0.15
C VAL R 69 44.22 8.59 0.67
N LEU R 70 44.71 9.82 0.80
CA LEU R 70 43.99 10.85 1.53
C LEU R 70 42.65 11.15 0.88
N ALA R 71 42.64 11.22 -0.45
CA ALA R 71 41.40 11.46 -1.16
C ALA R 71 40.39 10.36 -0.88
N VAL R 72 40.87 9.12 -0.83
CA VAL R 72 39.99 7.99 -0.55
C VAL R 72 39.38 8.13 0.83
N GLU R 73 40.21 8.44 1.83
CA GLU R 73 39.74 8.58 3.20
C GLU R 73 38.71 9.68 3.33
N ARG R 74 38.94 10.81 2.66
CA ARG R 74 37.94 11.87 2.67
C ARG R 74 36.67 11.43 1.99
N TYR R 75 36.81 10.77 0.84
CA TYR R 75 35.67 10.21 0.12
C TYR R 75 34.86 9.29 1.01
N LEU R 76 35.53 8.34 1.66
CA LEU R 76 34.81 7.33 2.42
C LEU R 76 34.22 7.91 3.70
N LYS R 77 34.92 8.87 4.31
CA LYS R 77 34.43 9.54 5.51
C LYS R 77 33.03 10.08 5.30
N ASP R 78 32.84 10.81 4.20
CA ASP R 78 31.53 11.37 3.88
C ASP R 78 30.53 10.25 3.64
N GLN R 79 30.94 9.21 2.92
CA GLN R 79 30.05 8.09 2.65
C GLN R 79 29.64 7.38 3.92
N GLN R 80 30.55 7.28 4.89
CA GLN R 80 30.22 6.66 6.17
C GLN R 80 29.06 7.38 6.83
N LEU R 81 29.16 8.70 6.95
CA LEU R 81 28.12 9.48 7.60
C LEU R 81 26.81 9.40 6.84
N LEU R 82 26.87 9.51 5.51
CA LEU R 82 25.66 9.41 4.70
C LEU R 82 25.00 8.04 4.85
N GLY R 83 25.83 6.99 4.91
CA GLY R 83 25.30 5.66 5.18
C GLY R 83 24.58 5.59 6.52
N ILE R 84 25.26 5.99 7.59
CA ILE R 84 24.72 5.92 8.95
C ILE R 84 23.43 6.72 9.07
N TRP R 85 23.42 7.91 8.48
CA TRP R 85 22.27 8.80 8.60
C TRP R 85 21.09 8.35 7.75
N GLY R 86 21.24 7.28 6.97
CA GLY R 86 20.18 6.86 6.10
C GLY R 86 20.02 7.78 4.91
N CYS R 87 21.12 8.35 4.46
CA CYS R 87 21.08 9.34 3.39
C CYS R 87 21.82 8.87 2.14
N SER R 88 22.46 7.70 2.19
CA SER R 88 23.26 7.20 1.09
C SER R 88 22.46 7.12 -0.20
N GLY R 89 23.07 7.56 -1.29
CA GLY R 89 22.41 7.59 -2.57
C GLY R 89 21.65 8.88 -2.83
N LYS R 90 21.51 9.72 -1.83
CA LYS R 90 20.78 10.97 -1.97
C LYS R 90 21.75 12.13 -1.82
N LEU R 91 21.45 13.21 -2.52
CA LEU R 91 22.12 14.47 -2.23
C LEU R 91 21.24 15.39 -1.41
N ILE R 92 19.98 15.00 -1.24
CA ILE R 92 18.99 15.72 -0.45
C ILE R 92 18.25 14.63 0.33
N CYS R 93 18.40 14.62 1.65
CA CYS R 93 17.59 13.69 2.41
C CYS R 93 17.04 14.34 3.68
N CYS R 94 15.78 14.06 3.93
CA CYS R 94 15.12 14.57 5.11
C CYS R 94 15.45 13.68 6.30
N THR R 95 15.78 14.29 7.44
CA THR R 95 16.00 13.55 8.66
C THR R 95 14.75 13.64 9.52
N ALA R 96 14.84 13.09 10.72
CA ALA R 96 13.74 13.15 11.68
C ALA R 96 14.17 13.88 12.94
N VAL R 97 15.15 14.76 12.82
CA VAL R 97 15.64 15.56 13.94
C VAL R 97 14.97 16.93 13.83
N PRO R 98 14.23 17.37 14.85
CA PRO R 98 13.61 18.68 14.80
C PRO R 98 14.62 19.81 14.87
N TRP R 99 14.29 20.91 14.23
CA TRP R 99 15.14 22.08 14.25
C TRP R 99 14.92 22.82 15.55
N ASN R 100 15.98 23.00 16.32
CA ASN R 100 15.89 23.81 17.51
C ASN R 100 16.07 25.26 17.10
N THR R 101 15.01 26.04 17.25
CA THR R 101 15.01 27.43 16.81
C THR R 101 16.01 28.29 17.58
N SER R 102 16.62 27.76 18.65
CA SER R 102 17.71 28.45 19.31
C SER R 102 18.89 28.64 18.36
N TRP R 103 19.09 27.67 17.45
CA TRP R 103 20.18 27.78 16.50
C TRP R 103 19.95 28.93 15.54
N SER R 104 18.74 29.07 15.04
CA SER R 104 18.34 30.19 14.22
C SER R 104 16.82 30.24 14.20
N ASN R 105 16.27 31.42 14.43
CA ASN R 105 14.83 31.60 14.46
C ASN R 105 14.28 32.09 13.15
N LYS R 106 15.03 31.98 12.07
CA LYS R 106 14.53 32.35 10.77
C LYS R 106 13.55 31.31 10.25
N SER R 107 12.55 31.79 9.52
CA SER R 107 11.58 30.89 8.89
C SER R 107 12.20 30.22 7.67
N TYR R 108 11.46 29.26 7.11
CA TYR R 108 11.93 28.54 5.92
C TYR R 108 12.27 29.52 4.81
N ASN R 109 11.33 30.39 4.44
CA ASN R 109 11.58 31.32 3.35
C ASN R 109 12.65 32.35 3.68
N GLN R 110 12.73 32.77 4.94
CA GLN R 110 13.74 33.74 5.35
C GLN R 110 15.16 33.21 5.23
N ILE R 111 15.34 31.91 5.05
CA ILE R 111 16.65 31.30 4.93
C ILE R 111 16.89 31.01 3.47
N TRP R 112 16.01 30.19 2.92
CA TRP R 112 16.22 29.56 1.63
C TRP R 112 16.11 30.53 0.47
N ASN R 113 15.27 31.54 0.62
CA ASN R 113 15.11 32.54 -0.44
C ASN R 113 15.88 33.80 -0.12
N ASN R 114 16.69 33.78 0.92
CA ASN R 114 17.38 35.01 1.28
C ASN R 114 18.82 34.80 1.73
N MET R 115 19.38 33.61 1.64
CA MET R 115 20.72 33.45 2.17
C MET R 115 21.46 32.41 1.35
N THR R 116 22.77 32.62 1.20
CA THR R 116 23.62 31.80 0.36
C THR R 116 24.15 30.63 1.18
N TRP R 117 24.74 29.67 0.48
CA TRP R 117 25.38 28.58 1.19
C TRP R 117 26.57 29.04 2.02
N MET R 118 27.41 29.92 1.48
CA MET R 118 28.54 30.38 2.27
C MET R 118 28.06 31.08 3.53
N GLU R 119 27.04 31.91 3.41
CA GLU R 119 26.55 32.65 4.57
C GLU R 119 25.89 31.71 5.57
N TRP R 120 25.08 30.79 5.09
CA TRP R 120 24.34 29.89 5.98
C TRP R 120 25.26 29.04 6.83
N GLU R 121 26.26 28.44 6.20
CA GLU R 121 27.16 27.54 6.91
C GLU R 121 27.86 28.25 8.04
N ARG R 122 28.23 29.51 7.83
CA ARG R 122 28.82 30.32 8.89
C ARG R 122 27.82 30.56 10.02
N GLU R 123 26.57 30.87 9.68
CA GLU R 123 25.57 31.16 10.70
C GLU R 123 25.46 30.02 11.71
N ILE R 124 25.49 28.78 11.25
CA ILE R 124 25.30 27.66 12.16
C ILE R 124 26.55 26.79 12.27
N ASP R 125 27.72 27.39 12.01
CA ASP R 125 28.98 26.64 12.06
C ASP R 125 29.18 25.95 13.40
N ASN R 126 28.81 26.62 14.50
CA ASN R 126 29.06 26.09 15.83
C ASN R 126 28.02 25.08 16.28
N TYR R 127 27.10 24.69 15.40
CA TYR R 127 26.10 23.69 15.74
C TYR R 127 26.28 22.43 14.90
N THR R 128 27.31 22.41 14.05
CA THR R 128 27.54 21.28 13.15
C THR R 128 27.70 20.00 13.93
N SER R 129 28.63 19.98 14.89
CA SER R 129 28.89 18.79 15.67
C SER R 129 27.69 18.42 16.55
N LEU R 130 26.97 19.42 17.04
CA LEU R 130 25.78 19.17 17.84
C LEU R 130 24.73 18.42 17.05
N ILE R 131 24.36 18.95 15.89
CA ILE R 131 23.29 18.36 15.11
C ILE R 131 23.69 17.00 14.56
N TYR R 132 24.94 16.90 14.07
CA TYR R 132 25.44 15.61 13.59
C TYR R 132 25.33 14.55 14.68
N THR R 133 25.70 14.92 15.91
CA THR R 133 25.59 14.02 17.04
C THR R 133 24.13 13.60 17.25
N LEU R 134 23.23 14.58 17.22
CA LEU R 134 21.81 14.30 17.43
C LEU R 134 21.25 13.34 16.40
N ILE R 135 21.68 13.48 15.14
CA ILE R 135 21.19 12.60 14.09
C ILE R 135 21.54 11.16 14.42
N GLU R 136 22.77 10.93 14.84
CA GLU R 136 23.20 9.56 15.10
C GLU R 136 22.71 9.07 16.45
N ASP R 137 23.00 9.84 17.50
CA ASP R 137 22.67 9.38 18.84
C ASP R 137 21.17 9.23 19.04
N SER R 138 20.36 10.07 18.42
CA SER R 138 18.94 9.93 18.65
C SER R 138 18.24 9.18 17.54
N GLN R 139 18.32 9.67 16.30
CA GLN R 139 17.48 9.08 15.27
C GLN R 139 18.01 7.73 14.81
N ASN R 140 19.28 7.66 14.44
CA ASN R 140 19.87 6.42 13.98
C ASN R 140 19.70 5.32 15.00
N GLN R 141 19.99 5.66 16.26
CA GLN R 141 19.76 4.75 17.37
C GLN R 141 18.33 4.24 17.38
N GLN R 142 17.36 5.15 17.30
CA GLN R 142 15.96 4.75 17.27
C GLN R 142 15.65 3.84 16.10
N GLU R 143 16.07 4.25 14.88
CA GLU R 143 15.74 3.50 13.68
C GLU R 143 16.29 2.09 13.72
N LYS R 144 17.51 1.91 14.26
CA LYS R 144 18.05 0.56 14.35
C LYS R 144 17.36 -0.26 15.43
N ASN R 145 17.07 0.32 16.60
CA ASN R 145 16.39 -0.42 17.64
C ASN R 145 14.99 -0.83 17.19
N GLU R 146 14.21 0.14 16.73
CA GLU R 146 12.83 -0.14 16.35
C GLU R 146 12.75 -1.08 15.16
N GLN R 147 13.68 -0.95 14.20
CA GLN R 147 13.73 -1.83 13.03
C GLN R 147 13.76 -3.29 13.44
N GLU R 148 14.69 -3.65 14.33
CA GLU R 148 14.80 -5.03 14.79
C GLU R 148 13.51 -5.47 15.46
N LEU R 149 12.95 -4.62 16.32
CA LEU R 149 11.73 -4.96 17.04
C LEU R 149 10.57 -5.18 16.08
N LEU R 150 10.46 -4.33 15.05
CA LEU R 150 9.42 -4.52 14.05
C LEU R 150 9.64 -5.81 13.24
N GLU R 151 10.88 -6.11 12.86
CA GLU R 151 11.14 -7.36 12.15
C GLU R 151 10.83 -8.58 13.02
N LEU R 152 11.20 -8.52 14.31
CA LEU R 152 10.87 -9.62 15.21
C LEU R 152 9.37 -9.78 15.35
N ASP R 153 8.67 -8.67 15.58
CA ASP R 153 7.23 -8.70 15.70
C ASP R 153 6.59 -7.55 14.93
N GLN S 19 23.87 61.90 -8.48
CA GLN S 19 22.86 61.40 -9.40
C GLN S 19 23.46 60.55 -10.49
N VAL S 20 22.61 60.07 -11.38
CA VAL S 20 23.05 59.22 -12.48
C VAL S 20 23.51 60.10 -13.63
N GLN S 21 24.72 59.83 -14.11
CA GLN S 21 25.28 60.59 -15.21
C GLN S 21 26.20 59.67 -15.99
N LEU S 22 26.04 59.69 -17.31
CA LEU S 22 26.93 58.99 -18.21
C LEU S 22 27.79 60.02 -18.91
N VAL S 23 29.10 59.80 -18.93
CA VAL S 23 30.05 60.70 -19.58
C VAL S 23 30.63 59.93 -20.75
N GLU S 24 30.21 60.30 -21.94
CA GLU S 24 30.44 59.51 -23.14
C GLU S 24 31.40 60.26 -24.05
N SER S 25 32.60 59.74 -24.18
CA SER S 25 33.63 60.40 -24.96
C SER S 25 34.42 59.35 -25.73
N GLY S 26 35.55 59.78 -26.26
CA GLY S 26 36.39 58.93 -27.08
C GLY S 26 36.10 59.03 -28.54
N GLY S 27 35.19 59.91 -28.95
CA GLY S 27 34.83 60.09 -30.34
C GLY S 27 35.80 60.97 -31.09
N GLY S 28 35.37 61.41 -32.27
CA GLY S 28 36.18 62.20 -33.17
C GLY S 28 36.05 61.68 -34.59
N VAL S 29 37.03 62.02 -35.43
CA VAL S 29 37.00 61.69 -36.84
C VAL S 29 38.16 60.75 -37.19
N VAL S 30 37.83 59.64 -37.84
CA VAL S 30 38.80 58.65 -38.28
C VAL S 30 38.58 58.38 -39.75
N GLN S 31 39.58 57.78 -40.37
CA GLN S 31 39.53 57.36 -41.76
C GLN S 31 38.91 55.95 -41.84
N PRO S 32 38.25 55.61 -42.95
CA PRO S 32 37.85 54.21 -43.15
C PRO S 32 39.07 53.29 -43.16
N GLY S 33 38.91 52.15 -42.48
CA GLY S 33 40.00 51.25 -42.23
C GLY S 33 40.72 51.50 -40.93
N GLY S 34 40.42 52.60 -40.25
CA GLY S 34 41.04 52.91 -38.97
C GLY S 34 40.21 52.38 -37.82
N SER S 35 40.53 52.90 -36.63
CA SER S 35 39.84 52.42 -35.44
C SER S 35 39.91 53.46 -34.32
N LEU S 36 39.03 53.25 -33.35
CA LEU S 36 39.00 54.01 -32.11
C LEU S 36 38.29 53.14 -31.09
N ARG S 37 38.27 53.60 -29.84
CA ARG S 37 37.49 52.94 -28.82
C ARG S 37 36.76 54.01 -28.01
N LEU S 38 35.46 53.79 -27.80
CA LEU S 38 34.70 54.71 -26.99
C LEU S 38 34.70 54.25 -25.55
N SER S 39 34.55 55.21 -24.64
CA SER S 39 34.54 54.89 -23.22
C SER S 39 33.46 55.73 -22.55
N CYS S 40 32.48 55.06 -21.97
CA CYS S 40 31.37 55.72 -21.31
C CYS S 40 31.54 55.54 -19.82
N ALA S 41 32.00 56.57 -19.14
CA ALA S 41 32.09 56.52 -17.70
C ALA S 41 30.73 56.81 -17.09
N ALA S 42 30.42 56.13 -15.99
CA ALA S 42 29.11 56.30 -15.40
C ALA S 42 29.21 56.20 -13.89
N SER S 43 28.31 56.91 -13.22
CA SER S 43 28.12 56.73 -11.79
C SER S 43 26.66 56.97 -11.44
N GLY S 44 26.37 56.93 -10.14
CA GLY S 44 25.02 57.05 -9.63
C GLY S 44 24.25 55.76 -9.58
N PHE S 45 24.82 54.65 -10.00
CA PHE S 45 24.14 53.37 -9.98
C PHE S 45 25.18 52.26 -9.94
N ALA S 46 24.70 51.05 -9.68
CA ALA S 46 25.56 49.87 -9.57
C ALA S 46 25.91 49.39 -10.97
N PHE S 47 26.83 50.13 -11.60
CA PHE S 47 27.33 49.78 -12.93
C PHE S 47 27.72 48.33 -13.02
N LYS S 48 28.42 47.83 -12.01
CA LYS S 48 28.91 46.46 -11.99
C LYS S 48 27.79 45.44 -12.08
N ASP S 49 26.58 45.80 -11.68
CA ASP S 49 25.51 44.82 -11.61
C ASP S 49 24.59 44.87 -12.81
N PHE S 50 24.33 46.03 -13.37
CA PHE S 50 23.31 46.08 -14.43
C PHE S 50 23.94 45.83 -15.79
N GLY S 51 23.16 45.22 -16.67
CA GLY S 51 23.58 45.06 -18.05
C GLY S 51 23.45 46.35 -18.84
N MET S 52 24.25 46.45 -19.89
CA MET S 52 24.36 47.69 -20.65
C MET S 52 24.10 47.46 -22.13
N HIS S 53 23.80 48.54 -22.84
CA HIS S 53 23.52 48.54 -24.27
C HIS S 53 24.43 49.51 -25.02
N TRP S 54 24.60 49.23 -26.29
CA TRP S 54 25.12 50.20 -27.25
C TRP S 54 24.11 50.39 -28.36
N VAL S 55 23.85 51.65 -28.70
CA VAL S 55 22.99 52.02 -29.82
C VAL S 55 23.67 53.14 -30.60
N ARG S 56 23.21 53.34 -31.83
CA ARG S 56 23.79 54.41 -32.62
C ARG S 56 22.70 55.01 -33.51
N GLN S 57 22.87 56.29 -33.84
CA GLN S 57 21.95 56.98 -34.74
C GLN S 57 22.75 57.75 -35.77
N ALA S 58 22.65 57.32 -37.02
CA ALA S 58 23.26 58.03 -38.12
C ALA S 58 22.43 59.27 -38.44
N PRO S 59 23.07 60.32 -38.96
CA PRO S 59 22.32 61.52 -39.36
C PRO S 59 21.26 61.19 -40.40
N GLY S 60 20.05 61.69 -40.16
CA GLY S 60 18.91 61.43 -41.01
C GLY S 60 18.24 60.10 -40.81
N LYS S 61 18.71 59.28 -39.88
CA LYS S 61 18.16 57.95 -39.66
C LYS S 61 17.58 57.85 -38.25
N GLY S 62 16.93 56.71 -38.00
CA GLY S 62 16.45 56.37 -36.68
C GLY S 62 17.55 55.74 -35.85
N LEU S 63 17.15 55.19 -34.72
CA LEU S 63 18.10 54.63 -33.78
C LEU S 63 18.29 53.15 -34.07
N GLU S 64 19.54 52.75 -34.27
CA GLU S 64 19.89 51.37 -34.54
C GLU S 64 20.52 50.75 -33.30
N TRP S 65 20.04 49.57 -32.92
CA TRP S 65 20.66 48.84 -31.84
C TRP S 65 21.96 48.22 -32.30
N VAL S 66 22.98 48.34 -31.47
CA VAL S 66 24.30 47.84 -31.81
C VAL S 66 24.63 46.56 -31.05
N ALA S 67 24.56 46.59 -29.73
CA ALA S 67 25.00 45.44 -28.97
C ALA S 67 24.52 45.51 -27.53
N VAL S 68 24.60 44.37 -26.85
CA VAL S 68 24.29 44.27 -25.43
C VAL S 68 25.34 43.43 -24.71
N ILE S 69 25.63 43.80 -23.47
CA ILE S 69 26.50 43.05 -22.59
C ILE S 69 25.79 42.90 -21.25
N GLY S 70 25.84 41.71 -20.68
CA GLY S 70 25.20 41.48 -19.41
C GLY S 70 25.93 42.12 -18.26
N GLY S 71 25.29 42.10 -17.10
CA GLY S 71 25.87 42.60 -15.88
C GLY S 71 26.90 41.63 -15.30
N GLY S 72 27.35 41.97 -14.10
CA GLY S 72 28.44 41.20 -13.51
C GLY S 72 29.68 41.31 -14.36
N HIS S 73 30.22 40.17 -14.76
CA HIS S 73 31.40 40.15 -15.59
C HIS S 73 31.07 40.13 -17.07
N GLY S 74 29.80 40.17 -17.44
CA GLY S 74 29.47 40.19 -18.85
C GLY S 74 29.65 38.86 -19.54
N GLN S 75 29.04 37.80 -19.00
CA GLN S 75 29.24 36.46 -19.54
C GLN S 75 28.34 36.16 -20.72
N HIS S 76 27.66 37.15 -21.29
CA HIS S 76 26.84 36.92 -22.46
C HIS S 76 26.78 38.19 -23.28
N GLN S 77 26.82 38.04 -24.60
CA GLN S 77 26.70 39.18 -25.50
C GLN S 77 25.82 38.83 -26.69
N SER S 78 25.35 39.89 -27.36
CA SER S 78 24.69 39.78 -28.65
C SER S 78 25.03 40.98 -29.50
N TYR S 79 25.23 40.76 -30.80
CA TYR S 79 25.60 41.86 -31.69
C TYR S 79 24.56 41.96 -32.79
N SER S 80 24.29 43.18 -33.23
CA SER S 80 23.55 43.36 -34.46
C SER S 80 24.33 42.79 -35.62
N GLU S 81 23.62 42.16 -36.57
CA GLU S 81 24.28 41.64 -37.77
C GLU S 81 25.05 42.71 -38.53
N SER S 82 24.68 43.98 -38.34
CA SER S 82 25.34 45.07 -39.04
C SER S 82 26.70 45.42 -38.45
N VAL S 83 27.02 44.91 -37.26
CA VAL S 83 28.26 45.25 -36.59
C VAL S 83 29.06 44.03 -36.17
N LYS S 84 28.47 42.84 -36.14
CA LYS S 84 29.15 41.63 -35.70
C LYS S 84 30.40 41.36 -36.50
N GLY S 85 31.51 41.11 -35.81
CA GLY S 85 32.78 40.84 -36.43
C GLY S 85 33.62 42.07 -36.65
N ARG S 86 33.06 43.24 -36.43
CA ARG S 86 33.76 44.49 -36.62
C ARG S 86 33.86 45.28 -35.32
N PHE S 87 32.92 45.05 -34.39
CA PHE S 87 32.91 45.75 -33.11
C PHE S 87 33.00 44.71 -32.01
N ALA S 88 33.56 45.11 -30.85
CA ALA S 88 33.55 44.29 -29.65
C ALA S 88 33.13 45.10 -28.42
N ILE S 89 32.41 44.46 -27.51
CA ILE S 89 31.92 45.11 -26.28
C ILE S 89 32.70 44.57 -25.10
N THR S 90 33.14 45.45 -24.21
CA THR S 90 33.69 45.01 -22.93
C THR S 90 33.38 46.04 -21.85
N ARG S 91 33.86 45.79 -20.65
CA ARG S 91 33.53 46.62 -19.49
C ARG S 91 34.56 46.43 -18.39
N ASP S 92 34.72 47.47 -17.57
CA ASP S 92 35.60 47.45 -16.41
C ASP S 92 34.79 47.92 -15.21
N ASN S 93 34.52 46.97 -14.29
CA ASN S 93 33.64 47.23 -13.16
C ASN S 93 34.30 48.04 -12.06
N GLU S 94 35.61 48.26 -12.13
CA GLU S 94 36.28 49.10 -11.16
C GLU S 94 36.40 50.53 -11.64
N LYS S 95 36.61 50.71 -12.93
CA LYS S 95 36.62 52.04 -13.52
C LYS S 95 35.23 52.58 -13.75
N ASN S 96 34.23 51.69 -13.77
CA ASN S 96 32.83 52.00 -14.10
C ASN S 96 32.72 52.59 -15.51
N LYS S 97 33.40 51.93 -16.44
CA LYS S 97 33.42 52.39 -17.81
C LYS S 97 32.99 51.28 -18.75
N LEU S 98 32.16 51.65 -19.72
CA LEU S 98 31.70 50.75 -20.77
C LEU S 98 32.43 51.05 -22.06
N TYR S 99 32.95 50.03 -22.74
CA TYR S 99 33.79 50.25 -23.90
C TYR S 99 33.15 49.70 -25.17
N LEU S 100 33.43 50.37 -26.28
CA LEU S 100 33.11 49.87 -27.61
C LEU S 100 34.37 49.90 -28.44
N HIS S 101 34.83 48.75 -28.87
CA HIS S 101 36.02 48.68 -29.69
C HIS S 101 35.58 48.80 -31.14
N MET S 102 35.89 49.92 -31.77
CA MET S 102 35.37 50.27 -33.09
C MET S 102 36.50 50.01 -34.08
N ASP S 103 36.59 48.80 -34.60
CA ASP S 103 37.73 48.44 -35.42
C ASP S 103 37.30 48.35 -36.89
N ARG S 104 38.30 48.37 -37.79
CA ARG S 104 38.14 48.16 -39.24
C ARG S 104 36.92 48.85 -39.80
N LEU S 105 36.80 50.13 -39.49
CA LEU S 105 35.55 50.84 -39.72
C LEU S 105 35.35 51.22 -41.16
N ARG S 106 34.08 51.34 -41.54
CA ARG S 106 33.66 51.80 -42.85
C ARG S 106 32.92 53.12 -42.71
N THR S 107 32.76 53.81 -43.84
CA THR S 107 32.07 55.10 -43.82
C THR S 107 30.62 54.97 -43.38
N GLU S 108 30.04 53.79 -43.60
CA GLU S 108 28.68 53.48 -43.16
C GLU S 108 28.53 53.49 -41.64
N ASP S 109 29.64 53.47 -40.90
CA ASP S 109 29.61 53.45 -39.44
C ASP S 109 29.52 54.84 -38.82
N THR S 110 29.49 55.90 -39.63
CA THR S 110 29.27 57.23 -39.10
C THR S 110 27.92 57.29 -38.39
N ALA S 111 27.96 57.68 -37.11
CA ALA S 111 26.78 57.78 -36.27
C ALA S 111 27.21 58.39 -34.95
N VAL S 112 26.22 58.86 -34.20
CA VAL S 112 26.42 59.19 -32.80
C VAL S 112 26.19 57.93 -32.01
N TYR S 113 27.13 57.55 -31.17
CA TYR S 113 26.96 56.30 -30.45
C TYR S 113 26.59 56.59 -29.02
N TYR S 114 25.69 55.78 -28.46
CA TYR S 114 25.23 56.03 -27.11
C TYR S 114 25.51 54.80 -26.26
N CYS S 115 25.77 55.04 -24.98
CA CYS S 115 25.77 53.99 -23.99
C CYS S 115 24.47 54.03 -23.21
N ALA S 116 23.97 52.85 -22.85
CA ALA S 116 22.72 52.81 -22.11
C ALA S 116 22.70 51.64 -21.15
N LYS S 117 21.83 51.75 -20.16
CA LYS S 117 21.62 50.71 -19.16
C LYS S 117 20.29 50.03 -19.42
N ASP S 118 20.27 48.70 -19.35
CA ASP S 118 19.02 47.97 -19.47
C ASP S 118 18.21 48.14 -18.19
N ARG S 119 16.88 47.98 -18.32
CA ARG S 119 16.02 47.93 -17.15
C ARG S 119 16.49 46.89 -16.14
N LEU S 120 17.05 45.77 -16.61
CA LEU S 120 17.60 44.83 -15.63
C LEU S 120 18.97 44.25 -15.95
N GLY S 121 19.03 43.36 -16.94
CA GLY S 121 20.28 42.74 -17.33
C GLY S 121 20.98 41.87 -16.30
N ARG S 122 20.21 41.18 -15.37
CA ARG S 122 21.01 40.52 -14.34
C ARG S 122 21.19 39.03 -14.61
N PRO S 123 22.32 38.49 -14.22
CA PRO S 123 22.61 37.04 -14.30
C PRO S 123 21.86 36.19 -13.29
N TRP S 124 20.59 35.90 -13.59
CA TRP S 124 19.78 35.08 -12.69
C TRP S 124 20.23 33.63 -12.72
N ASN S 125 20.25 33.00 -11.55
CA ASN S 125 20.52 31.57 -11.46
C ASN S 125 19.18 30.84 -11.54
N ILE S 126 18.91 30.27 -12.70
CA ILE S 126 17.63 29.63 -12.96
C ILE S 126 17.89 28.44 -13.87
N GLY S 127 17.23 27.31 -13.58
CA GLY S 127 17.41 26.16 -14.43
C GLY S 127 18.78 25.53 -14.31
N GLY S 128 19.52 25.88 -13.27
CA GLY S 128 20.86 25.43 -13.11
C GLY S 128 21.90 26.25 -13.83
N ARG S 129 21.50 27.31 -14.53
CA ARG S 129 22.46 28.10 -15.29
C ARG S 129 22.15 29.59 -15.15
N LEU S 130 23.14 30.40 -15.48
CA LEU S 130 22.96 31.84 -15.46
C LEU S 130 22.35 32.27 -16.77
N VAL S 131 21.37 33.17 -16.68
CA VAL S 131 20.76 33.77 -17.85
C VAL S 131 20.61 35.25 -17.55
N TYR S 132 20.61 36.06 -18.61
CA TYR S 132 20.49 37.51 -18.43
C TYR S 132 19.13 37.95 -18.93
N TYR S 133 18.33 38.55 -18.06
CA TYR S 133 17.02 39.04 -18.49
C TYR S 133 17.11 40.51 -18.87
N TYR S 134 16.74 40.80 -20.10
CA TYR S 134 16.77 42.16 -20.62
C TYR S 134 15.35 42.61 -20.85
N TYR S 135 15.07 43.88 -20.62
CA TYR S 135 13.74 44.40 -20.95
C TYR S 135 13.86 45.74 -21.65
N GLY S 136 15.04 46.07 -22.14
CA GLY S 136 15.26 47.27 -22.94
C GLY S 136 15.95 48.37 -22.16
N MET S 137 16.53 49.30 -22.91
CA MET S 137 17.25 50.41 -22.33
C MET S 137 16.29 51.35 -21.63
N ASP S 138 16.72 51.90 -20.50
CA ASP S 138 15.94 52.97 -19.86
C ASP S 138 16.79 54.12 -19.31
N VAL S 139 18.11 54.01 -19.30
CA VAL S 139 19.01 55.06 -18.82
C VAL S 139 20.12 55.22 -19.84
N TRP S 140 20.54 56.46 -20.10
CA TRP S 140 21.57 56.73 -21.10
C TRP S 140 22.10 58.14 -20.93
N GLY S 141 23.22 58.40 -21.62
CA GLY S 141 23.70 59.76 -21.83
C GLY S 141 23.32 60.27 -23.20
N GLN S 142 24.06 61.26 -23.68
CA GLN S 142 23.77 61.86 -24.98
C GLN S 142 24.68 61.40 -26.10
N GLY S 143 25.60 60.47 -25.85
CA GLY S 143 26.40 59.92 -26.91
C GLY S 143 27.49 60.87 -27.36
N THR S 144 28.24 60.40 -28.35
CA THR S 144 29.31 61.19 -28.95
C THR S 144 29.39 60.84 -30.42
N THR S 145 29.79 61.82 -31.21
CA THR S 145 29.83 61.64 -32.66
C THR S 145 31.10 60.95 -33.08
N VAL S 146 30.97 59.92 -33.90
CA VAL S 146 32.09 59.25 -34.53
C VAL S 146 31.89 59.33 -36.02
N THR S 147 32.84 59.94 -36.70
CA THR S 147 32.76 60.14 -38.14
C THR S 147 33.81 59.28 -38.82
N VAL S 148 33.40 58.56 -39.86
CA VAL S 148 34.34 57.77 -40.65
C VAL S 148 34.24 58.28 -42.07
N SER S 149 35.30 58.88 -42.57
CA SER S 149 35.26 59.56 -43.85
C SER S 149 36.69 59.71 -44.39
N SER S 150 36.77 60.12 -45.65
CA SER S 150 38.04 60.36 -46.30
C SER S 150 37.87 61.44 -47.35
N ALA T 20 14.70 39.41 -33.45
CA ALA T 20 13.57 40.30 -33.19
C ALA T 20 12.78 40.58 -34.47
N ILE T 21 11.47 40.69 -34.32
CA ILE T 21 10.55 40.82 -35.44
C ILE T 21 10.53 42.28 -35.88
N ARG T 22 10.63 42.50 -37.20
CA ARG T 22 10.57 43.84 -37.77
C ARG T 22 9.29 44.57 -37.37
N MET T 23 9.45 45.79 -36.88
CA MET T 23 8.32 46.62 -36.52
C MET T 23 8.11 47.66 -37.61
N THR T 24 6.84 48.01 -37.83
CA THR T 24 6.50 49.06 -38.77
C THR T 24 5.62 50.08 -38.07
N GLN T 25 5.80 51.34 -38.45
CA GLN T 25 5.02 52.44 -37.90
C GLN T 25 4.40 53.27 -39.01
N SER T 26 3.23 53.85 -38.71
CA SER T 26 2.51 54.62 -39.70
C SER T 26 1.60 55.62 -39.00
N PRO T 27 1.40 56.83 -39.56
CA PRO T 27 2.04 57.40 -40.75
C PRO T 27 3.46 57.85 -40.42
N SER T 28 4.34 57.97 -41.40
CA SER T 28 5.67 58.48 -41.12
C SER T 28 5.64 59.93 -40.67
N SER T 29 4.63 60.68 -41.11
CA SER T 29 4.49 62.10 -40.77
C SER T 29 3.11 62.32 -40.18
N LEU T 30 3.06 62.62 -38.90
CA LEU T 30 1.81 62.76 -38.16
C LEU T 30 1.76 64.15 -37.54
N SER T 31 0.68 64.88 -37.79
CA SER T 31 0.57 66.23 -37.28
C SER T 31 -0.85 66.52 -36.82
N ALA T 32 -0.98 67.52 -35.95
CA ALA T 32 -2.26 67.98 -35.45
C ALA T 32 -2.08 69.37 -34.88
N SER T 33 -3.21 70.04 -34.64
CA SER T 33 -3.20 71.27 -33.88
C SER T 33 -2.98 70.96 -32.39
N VAL T 34 -2.63 72.00 -31.65
CA VAL T 34 -2.36 71.85 -30.22
C VAL T 34 -3.63 71.45 -29.49
N GLY T 35 -3.52 70.41 -28.65
CA GLY T 35 -4.61 69.94 -27.84
C GLY T 35 -5.38 68.76 -28.41
N ASP T 36 -5.10 68.39 -29.65
CA ASP T 36 -5.80 67.29 -30.32
C ASP T 36 -5.25 65.95 -29.83
N ARG T 37 -6.04 64.90 -30.07
CA ARG T 37 -5.65 63.54 -29.71
C ARG T 37 -4.97 62.89 -30.91
N VAL T 38 -3.72 62.48 -30.73
CA VAL T 38 -2.87 62.03 -31.82
C VAL T 38 -2.38 60.63 -31.50
N THR T 39 -2.51 59.71 -32.46
CA THR T 39 -2.13 58.32 -32.25
C THR T 39 -1.18 57.83 -33.33
N ILE T 40 -0.33 56.88 -32.95
CA ILE T 40 0.66 56.30 -33.85
C ILE T 40 0.38 54.83 -33.97
N THR T 41 0.29 54.33 -35.19
CA THR T 41 0.06 52.91 -35.40
C THR T 41 1.40 52.21 -35.44
N CYS T 42 1.51 51.08 -34.74
CA CYS T 42 2.70 50.28 -34.82
C CYS T 42 2.36 48.81 -34.84
N GLN T 43 2.98 48.08 -35.76
CA GLN T 43 2.64 46.67 -35.89
C GLN T 43 3.88 45.82 -36.07
N ALA T 44 3.75 44.58 -35.65
CA ALA T 44 4.74 43.54 -35.89
C ALA T 44 4.27 42.62 -37.00
N SER T 45 5.22 42.12 -37.79
CA SER T 45 4.89 41.09 -38.77
C SER T 45 4.59 39.75 -38.12
N GLN T 46 5.00 39.55 -36.87
CA GLN T 46 4.78 38.30 -36.16
C GLN T 46 4.44 38.63 -34.72
N ASP T 47 3.78 37.70 -34.04
CA ASP T 47 3.39 37.91 -32.65
C ASP T 47 4.61 38.14 -31.75
N ILE T 48 4.64 39.27 -31.05
CA ILE T 48 5.72 39.61 -30.13
C ILE T 48 5.27 39.61 -28.69
N LYS T 49 4.01 39.26 -28.48
CA LYS T 49 3.16 39.18 -27.29
C LYS T 49 2.97 40.50 -26.58
N LYS T 50 4.02 41.03 -25.95
CA LYS T 50 3.96 42.32 -25.23
C LYS T 50 5.26 43.11 -25.24
N SER T 51 6.34 42.59 -25.81
CA SER T 51 7.67 43.17 -25.55
C SER T 51 7.90 44.45 -26.30
N LEU T 52 7.25 45.54 -25.88
CA LEU T 52 7.28 46.78 -26.64
C LEU T 52 7.52 47.99 -25.74
N ASN T 53 8.53 48.77 -26.10
CA ASN T 53 8.80 50.05 -25.47
C ASN T 53 8.51 51.21 -26.41
N TRP T 54 8.05 52.33 -25.85
CA TRP T 54 7.84 53.56 -26.59
C TRP T 54 8.82 54.64 -26.15
N TYR T 55 9.56 55.19 -27.10
CA TYR T 55 10.52 56.24 -26.79
C TYR T 55 10.12 57.51 -27.53
N ARG T 56 10.50 58.67 -27.00
CA ARG T 56 10.26 59.95 -27.67
C ARG T 56 11.54 60.77 -27.76
N GLN T 57 11.92 61.11 -28.99
CA GLN T 57 13.15 61.85 -29.23
C GLN T 57 12.83 63.30 -29.55
N LYS T 58 13.50 64.19 -28.89
CA LYS T 58 13.44 65.59 -29.21
C LYS T 58 14.78 66.00 -29.81
N PRO T 59 14.82 67.05 -30.65
CA PRO T 59 16.10 67.51 -31.21
C PRO T 59 17.14 67.76 -30.13
N GLY T 60 18.33 67.19 -30.34
CA GLY T 60 19.44 67.33 -29.43
C GLY T 60 19.39 66.44 -28.21
N LYS T 61 18.41 65.55 -28.09
CA LYS T 61 18.27 64.73 -26.91
C LYS T 61 18.07 63.26 -27.29
N ALA T 62 18.72 62.38 -26.54
CA ALA T 62 18.54 60.95 -26.72
C ALA T 62 17.08 60.57 -26.48
N PRO T 63 16.55 59.59 -27.21
CA PRO T 63 15.14 59.20 -27.05
C PRO T 63 14.72 58.87 -25.63
N GLU T 64 13.62 59.50 -25.19
CA GLU T 64 13.09 59.33 -23.84
C GLU T 64 12.08 58.20 -23.75
N LEU T 65 12.30 57.28 -22.82
CA LEU T 65 11.38 56.17 -22.61
C LEU T 65 10.15 56.70 -21.89
N LEU T 66 9.00 56.54 -22.52
CA LEU T 66 7.75 56.97 -21.94
C LEU T 66 6.94 55.80 -21.41
N ILE T 67 6.79 54.75 -22.21
CA ILE T 67 5.99 53.59 -21.87
C ILE T 67 6.79 52.33 -22.11
N HIS T 68 6.71 51.40 -21.16
CA HIS T 68 7.32 50.10 -21.26
C HIS T 68 6.27 49.01 -21.10
N ASP T 69 6.64 47.80 -21.55
CA ASP T 69 5.79 46.60 -21.56
C ASP T 69 4.44 46.89 -22.21
N ALA T 70 4.48 47.71 -23.26
CA ALA T 70 3.38 48.13 -24.13
C ALA T 70 2.28 48.96 -23.45
N SER T 71 2.36 49.20 -22.15
CA SER T 71 1.25 49.93 -21.52
C SER T 71 1.60 50.72 -20.26
N ILE T 72 2.78 50.54 -19.69
CA ILE T 72 3.05 51.09 -18.37
C ILE T 72 3.98 52.28 -18.51
N LEU T 73 3.54 53.41 -17.97
CA LEU T 73 4.35 54.62 -17.98
C LEU T 73 5.59 54.44 -17.12
N GLN T 74 6.70 54.98 -17.63
CA GLN T 74 7.94 55.01 -16.89
C GLN T 74 7.83 55.99 -15.72
N THR T 75 8.47 55.65 -14.61
CA THR T 75 8.45 56.48 -13.41
C THR T 75 8.88 57.90 -13.72
N GLY T 76 8.07 58.85 -13.29
CA GLY T 76 8.32 60.26 -13.52
C GLY T 76 7.69 60.82 -14.77
N VAL T 77 7.12 59.99 -15.63
CA VAL T 77 6.48 60.43 -16.87
C VAL T 77 5.04 60.79 -16.53
N PRO T 78 4.57 61.98 -16.90
CA PRO T 78 3.19 62.37 -16.59
C PRO T 78 2.18 61.57 -17.39
N SER T 79 0.96 61.47 -16.85
CA SER T 79 -0.11 60.73 -17.51
C SER T 79 -0.70 61.54 -18.66
N ALA T 80 0.16 61.80 -19.65
CA ALA T 80 -0.25 62.50 -20.84
C ALA T 80 -0.30 61.56 -22.01
N PHE T 81 0.15 60.32 -21.82
CA PHE T 81 0.29 59.36 -22.89
C PHE T 81 -0.29 58.04 -22.40
N THR T 82 -0.83 57.26 -23.34
CA THR T 82 -1.19 55.88 -23.06
C THR T 82 -0.74 55.04 -24.24
N ALA T 83 -0.84 53.72 -24.07
CA ALA T 83 -0.59 52.78 -25.15
C ALA T 83 -1.34 51.50 -24.85
N SER T 84 -1.60 50.75 -25.91
CA SER T 84 -2.29 49.48 -25.75
C SER T 84 -1.96 48.58 -26.92
N GLY T 85 -2.66 47.46 -26.99
CA GLY T 85 -2.45 46.45 -28.00
C GLY T 85 -1.55 45.33 -27.50
N SER T 86 -1.62 44.21 -28.21
CA SER T 86 -0.85 43.02 -27.89
C SER T 86 -0.74 42.22 -29.17
N GLY T 87 0.10 41.20 -29.14
CA GLY T 87 0.27 40.37 -30.31
C GLY T 87 1.03 41.08 -31.42
N THR T 88 0.31 41.50 -32.46
CA THR T 88 0.93 42.20 -33.58
C THR T 88 0.47 43.64 -33.73
N HIS T 89 -0.56 44.09 -33.02
CA HIS T 89 -1.14 45.41 -33.26
C HIS T 89 -1.07 46.26 -32.02
N PHE T 90 -0.38 47.40 -32.10
CA PHE T 90 -0.12 48.26 -30.97
C PHE T 90 -0.39 49.69 -31.37
N SER T 91 -0.59 50.54 -30.37
CA SER T 91 -0.79 51.95 -30.66
C SER T 91 -0.32 52.80 -29.52
N PHE T 92 0.23 53.95 -29.87
CA PHE T 92 0.66 54.95 -28.91
C PHE T 92 -0.30 56.12 -29.01
N VAL T 93 -0.77 56.60 -27.86
CA VAL T 93 -1.78 57.64 -27.81
C VAL T 93 -1.23 58.85 -27.09
N ILE T 94 -1.31 60.01 -27.74
CA ILE T 94 -0.97 61.29 -27.14
C ILE T 94 -2.31 61.94 -26.77
N ASN T 95 -2.60 62.01 -25.47
CA ASN T 95 -3.91 62.46 -25.03
C ASN T 95 -4.21 63.86 -25.54
N LYS T 96 -3.22 64.74 -25.48
CA LYS T 96 -3.31 66.08 -26.04
C LYS T 96 -1.92 66.44 -26.55
N LEU T 97 -1.80 66.81 -27.81
CA LEU T 97 -0.52 67.15 -28.38
C LEU T 97 -0.21 68.61 -28.05
N GLN T 98 0.82 68.81 -27.30
CA GLN T 98 1.29 70.13 -26.96
C GLN T 98 2.58 70.40 -27.70
N PRO T 99 2.95 71.68 -27.92
CA PRO T 99 4.26 71.98 -28.54
C PRO T 99 5.42 71.26 -27.88
N GLU T 100 5.35 71.07 -26.57
CA GLU T 100 6.38 70.39 -25.79
C GLU T 100 6.49 68.91 -26.14
N ASP T 101 5.50 68.34 -26.79
CA ASP T 101 5.48 66.93 -27.08
C ASP T 101 5.96 66.63 -28.48
N VAL T 102 6.43 67.65 -29.19
CA VAL T 102 6.91 67.45 -30.56
C VAL T 102 8.19 66.65 -30.54
N GLY T 103 8.24 65.61 -31.34
CA GLY T 103 9.37 64.71 -31.37
C GLY T 103 9.05 63.47 -32.17
N THR T 104 10.04 62.59 -32.25
CA THR T 104 9.90 61.34 -32.98
C THR T 104 9.67 60.21 -32.01
N TYR T 105 8.61 59.45 -32.20
CA TYR T 105 8.28 58.39 -31.26
C TYR T 105 8.67 57.05 -31.86
N PHE T 106 9.36 56.23 -31.08
CA PHE T 106 9.85 54.97 -31.62
C PHE T 106 9.17 53.77 -30.98
N CYS T 107 8.88 52.78 -31.80
CA CYS T 107 8.30 51.51 -31.39
C CYS T 107 9.42 50.47 -31.41
N GLN T 108 9.91 50.06 -30.24
CA GLN T 108 11.00 49.09 -30.14
C GLN T 108 10.52 47.75 -29.62
N GLU T 109 10.93 46.67 -30.27
CA GLU T 109 10.68 45.32 -29.76
C GLU T 109 11.91 44.77 -29.07
N TYR T 110 11.72 44.17 -27.90
CA TYR T 110 12.78 43.49 -27.19
C TYR T 110 12.46 42.05 -26.84
N GLU T 111 11.72 41.34 -27.70
CA GLU T 111 11.50 39.92 -27.44
C GLU T 111 12.77 39.10 -27.62
N ASN T 112 13.57 39.40 -28.63
CA ASN T 112 14.81 38.69 -28.87
C ASN T 112 15.96 39.69 -28.80
N LEU T 113 17.18 39.17 -28.68
CA LEU T 113 18.37 39.97 -28.40
C LEU T 113 18.88 40.70 -29.65
N GLN T 114 17.97 41.45 -30.28
CA GLN T 114 18.31 42.35 -31.36
C GLN T 114 17.72 43.72 -31.04
N PHE T 115 16.74 43.71 -30.15
CA PHE T 115 16.12 44.92 -29.60
C PHE T 115 15.82 45.92 -30.71
N THR T 116 15.22 45.42 -31.79
CA THR T 116 15.08 46.21 -33.00
C THR T 116 14.21 47.44 -32.78
N PHE T 117 14.62 48.55 -33.38
CA PHE T 117 13.79 49.74 -33.31
C PHE T 117 12.96 49.82 -34.59
N GLY T 118 11.75 50.35 -34.44
CA GLY T 118 10.93 50.68 -35.59
C GLY T 118 11.39 51.95 -36.26
N PRO T 119 10.77 52.26 -37.40
CA PRO T 119 11.18 53.44 -38.17
C PRO T 119 11.06 54.76 -37.42
N GLY T 120 10.18 54.85 -36.44
CA GLY T 120 9.98 56.14 -35.81
C GLY T 120 8.95 56.98 -36.55
N THR T 121 8.10 57.66 -35.78
CA THR T 121 7.08 58.54 -36.34
C THR T 121 7.32 59.94 -35.81
N LYS T 122 7.37 60.91 -36.70
CA LYS T 122 7.55 62.30 -36.33
C LYS T 122 6.20 62.93 -36.05
N VAL T 123 6.05 63.49 -34.86
CA VAL T 123 4.81 64.17 -34.46
C VAL T 123 5.11 65.65 -34.29
N GLU T 124 4.37 66.50 -35.00
CA GLU T 124 4.57 67.95 -34.98
C GLU T 124 3.25 68.71 -34.99
N ILE T 125 3.36 70.02 -34.76
CA ILE T 125 2.20 70.91 -34.70
C ILE T 125 1.92 71.44 -36.10
N LYS T 126 0.64 71.41 -36.50
CA LYS T 126 0.23 71.98 -37.78
C LYS T 126 0.43 73.49 -37.82
N ARG T 127 0.82 73.98 -39.00
CA ARG T 127 0.97 75.40 -39.29
C ARG T 127 0.75 75.61 -40.79
N ALA U 36 9.09 -3.07 -32.55
CA ALA U 36 9.67 -3.77 -31.40
C ALA U 36 9.02 -3.30 -30.11
N GLU U 37 9.48 -3.88 -29.00
CA GLU U 37 9.02 -3.48 -27.68
C GLU U 37 9.57 -2.10 -27.38
N GLN U 38 8.83 -1.31 -26.58
CA GLN U 38 9.46 -0.12 -26.03
C GLN U 38 10.63 -0.57 -25.17
N LEU U 39 11.80 -0.05 -25.46
CA LEU U 39 12.97 -0.48 -24.73
C LEU U 39 13.47 0.65 -23.84
N TRP U 40 14.00 0.25 -22.68
CA TRP U 40 14.53 1.16 -21.68
C TRP U 40 15.93 0.71 -21.30
N VAL U 41 16.74 1.63 -20.82
CA VAL U 41 18.12 1.32 -20.46
C VAL U 41 18.13 0.60 -19.11
N THR U 42 18.85 -0.50 -19.05
CA THR U 42 19.11 -1.21 -17.80
C THR U 42 20.60 -1.31 -17.55
N VAL U 43 20.99 -1.09 -16.30
CA VAL U 43 22.39 -1.11 -15.90
C VAL U 43 22.69 -2.48 -15.29
N TYR U 44 23.77 -3.08 -15.77
CA TYR U 44 24.25 -4.36 -15.28
C TYR U 44 25.65 -4.22 -14.73
N TYR U 45 25.96 -5.04 -13.76
CA TYR U 45 27.29 -5.04 -13.21
C TYR U 45 27.76 -6.46 -12.97
N GLY U 46 29.01 -6.73 -13.31
CA GLY U 46 29.49 -8.08 -13.41
C GLY U 46 29.60 -8.58 -14.82
N VAL U 47 29.58 -7.68 -15.79
CA VAL U 47 29.57 -8.03 -17.20
C VAL U 47 30.93 -8.61 -17.57
N PRO U 48 30.97 -9.82 -18.07
CA PRO U 48 32.26 -10.48 -18.31
C PRO U 48 32.90 -10.05 -19.64
N VAL U 49 33.35 -8.82 -19.74
CA VAL U 49 33.99 -8.35 -20.95
C VAL U 49 35.33 -7.73 -20.59
N TRP U 50 36.22 -7.65 -21.57
CA TRP U 50 37.54 -7.12 -21.25
C TRP U 50 38.20 -6.52 -22.48
N LYS U 51 39.28 -5.77 -22.20
CA LYS U 51 40.14 -5.16 -23.21
C LYS U 51 41.58 -5.44 -22.83
N GLU U 52 42.43 -5.55 -23.85
CA GLU U 52 43.86 -5.72 -23.63
C GLU U 52 44.43 -4.56 -22.84
N ALA U 53 45.27 -4.87 -21.84
CA ALA U 53 45.91 -3.85 -21.03
C ALA U 53 47.23 -4.37 -20.48
N THR U 54 48.17 -3.47 -20.23
CA THR U 54 49.46 -3.78 -19.63
C THR U 54 49.57 -3.22 -18.21
N THR U 55 49.92 -4.08 -17.26
CA THR U 55 50.12 -3.69 -15.87
C THR U 55 51.19 -4.57 -15.26
N THR U 56 51.39 -4.40 -13.95
CA THR U 56 52.42 -5.11 -13.22
C THR U 56 51.85 -6.37 -12.58
N LEU U 57 52.50 -7.50 -12.81
CA LEU U 57 52.09 -8.74 -12.16
C LEU U 57 52.86 -8.92 -10.87
N PHE U 58 52.16 -9.44 -9.86
CA PHE U 58 52.78 -9.65 -8.57
C PHE U 58 53.65 -10.89 -8.63
N CYS U 59 54.82 -10.80 -8.00
CA CYS U 59 55.62 -12.01 -7.95
C CYS U 59 55.04 -12.96 -6.93
N ALA U 60 55.33 -14.24 -7.12
CA ALA U 60 55.01 -15.24 -6.13
C ALA U 60 56.11 -16.30 -6.17
N SER U 61 56.32 -16.95 -5.04
CA SER U 61 57.45 -17.86 -4.93
C SER U 61 57.17 -18.91 -3.89
N ASP U 62 57.79 -20.07 -4.07
CA ASP U 62 57.71 -21.15 -3.11
C ASP U 62 58.58 -20.71 -1.93
N ALA U 63 57.94 -19.96 -1.03
CA ALA U 63 58.64 -19.22 0.02
C ALA U 63 59.54 -20.12 0.87
N ARG U 64 60.74 -19.61 1.15
CA ARG U 64 61.70 -20.28 2.01
C ARG U 64 62.34 -19.23 2.90
N ARG U 71 71.24 -15.09 0.49
CA ARG U 71 71.07 -13.83 -0.24
C ARG U 71 70.93 -14.01 -1.75
N ASN U 72 70.43 -15.17 -2.15
CA ASN U 72 70.21 -15.49 -3.55
C ASN U 72 69.43 -14.37 -4.21
N VAL U 73 69.97 -13.93 -5.36
CA VAL U 73 69.54 -12.74 -6.08
C VAL U 73 68.03 -12.67 -6.20
N TRP U 74 67.42 -13.78 -6.57
CA TRP U 74 66.01 -13.77 -6.92
C TRP U 74 65.18 -14.27 -5.77
N ALA U 75 65.84 -14.60 -4.66
CA ALA U 75 65.15 -15.11 -3.49
C ALA U 75 64.80 -13.91 -2.60
N THR U 76 63.99 -13.03 -3.16
CA THR U 76 63.64 -11.81 -2.46
C THR U 76 62.92 -12.15 -1.17
N HIS U 77 63.18 -11.34 -0.16
CA HIS U 77 62.53 -11.50 1.13
C HIS U 77 61.05 -11.21 1.06
N ALA U 78 60.61 -10.48 0.03
CA ALA U 78 59.24 -10.05 -0.12
C ALA U 78 58.69 -10.64 -1.42
N CYS U 79 57.81 -11.63 -1.29
CA CYS U 79 57.18 -12.24 -2.44
C CYS U 79 56.02 -13.10 -1.94
N VAL U 80 54.95 -13.13 -2.72
CA VAL U 80 53.71 -13.79 -2.30
C VAL U 80 53.88 -15.29 -2.35
N PRO U 81 53.51 -16.02 -1.31
CA PRO U 81 53.61 -17.49 -1.37
C PRO U 81 52.67 -18.02 -2.43
N THR U 82 53.07 -19.12 -3.05
CA THR U 82 52.28 -19.63 -4.16
C THR U 82 51.01 -20.32 -3.68
N ASP U 83 50.08 -20.41 -4.60
CA ASP U 83 48.82 -21.09 -4.37
C ASP U 83 49.03 -22.59 -4.51
N PRO U 84 48.79 -23.39 -3.48
CA PRO U 84 48.96 -24.85 -3.62
C PRO U 84 47.94 -25.49 -4.53
N ASN U 85 46.84 -24.81 -4.86
CA ASN U 85 45.78 -25.37 -5.70
C ASN U 85 45.26 -24.29 -6.64
N PRO U 86 46.06 -23.90 -7.63
CA PRO U 86 45.62 -22.84 -8.54
C PRO U 86 44.54 -23.35 -9.47
N GLN U 87 43.69 -22.44 -9.93
CA GLN U 87 42.63 -22.78 -10.86
C GLN U 87 42.93 -22.33 -12.28
N GLU U 88 42.33 -23.05 -13.22
CA GLU U 88 42.36 -22.68 -14.63
C GLU U 88 41.02 -23.07 -15.23
N VAL U 89 40.40 -22.16 -15.98
CA VAL U 89 39.10 -22.42 -16.57
C VAL U 89 39.16 -22.08 -18.05
N VAL U 90 38.44 -22.80 -18.82
CA VAL U 90 38.40 -22.58 -20.25
C VAL U 90 37.26 -21.63 -20.58
N LEU U 91 37.46 -20.81 -21.60
CA LEU U 91 36.42 -19.90 -22.04
C LEU U 91 35.46 -20.57 -23.02
N GLU U 92 36.04 -21.18 -24.06
CA GLU U 92 35.46 -21.90 -25.19
C GLU U 92 34.51 -21.10 -26.07
N ASN U 93 33.61 -20.30 -25.51
CA ASN U 93 32.77 -19.56 -26.43
C ASN U 93 33.56 -18.41 -27.02
N VAL U 94 34.72 -18.12 -26.44
CA VAL U 94 35.47 -16.91 -26.73
C VAL U 94 36.88 -17.31 -27.15
N THR U 95 37.38 -16.70 -28.21
CA THR U 95 38.76 -16.83 -28.61
C THR U 95 39.49 -15.51 -28.36
N GLU U 96 40.81 -15.53 -28.56
CA GLU U 96 41.61 -14.36 -28.24
C GLU U 96 42.86 -14.30 -29.11
N ASN U 97 43.30 -13.07 -29.40
CA ASN U 97 44.41 -12.82 -30.30
C ASN U 97 45.69 -12.69 -29.52
N PHE U 98 46.56 -13.68 -29.63
CA PHE U 98 47.80 -13.65 -28.90
C PHE U 98 48.90 -13.20 -29.84
N ASN U 99 49.88 -12.49 -29.30
CA ASN U 99 51.06 -12.08 -30.06
C ASN U 99 52.24 -12.03 -29.08
N MET U 100 53.15 -13.01 -29.21
CA MET U 100 54.23 -13.15 -28.25
C MET U 100 55.22 -12.01 -28.32
N TRP U 101 55.17 -11.23 -29.38
CA TRP U 101 56.11 -10.16 -29.57
C TRP U 101 55.65 -8.88 -28.91
N LYS U 102 54.45 -8.86 -28.35
CA LYS U 102 53.89 -7.71 -27.68
C LYS U 102 53.73 -7.92 -26.18
N ASN U 103 54.17 -9.05 -25.64
CA ASN U 103 53.92 -9.31 -24.23
C ASN U 103 54.92 -8.50 -23.43
N ASN U 104 54.39 -7.43 -22.85
CA ASN U 104 55.22 -6.47 -22.15
C ASN U 104 55.73 -6.99 -20.83
N MET U 105 55.27 -8.18 -20.40
CA MET U 105 55.74 -8.77 -19.17
C MET U 105 57.23 -9.03 -19.21
N VAL U 106 57.79 -9.26 -20.40
CA VAL U 106 59.22 -9.47 -20.54
C VAL U 106 59.99 -8.23 -20.11
N GLU U 107 59.37 -7.06 -20.22
CA GLU U 107 60.06 -5.84 -19.83
C GLU U 107 60.08 -5.71 -18.32
N GLN U 108 58.99 -6.08 -17.67
CA GLN U 108 58.96 -6.09 -16.22
C GLN U 108 60.05 -6.99 -15.67
N MET U 109 60.15 -8.21 -16.19
CA MET U 109 61.17 -9.13 -15.74
C MET U 109 62.56 -8.55 -15.98
N HIS U 110 62.78 -8.01 -17.17
CA HIS U 110 64.06 -7.41 -17.52
C HIS U 110 64.51 -6.40 -16.48
N GLU U 111 63.67 -5.43 -16.16
CA GLU U 111 64.11 -4.41 -15.23
C GLU U 111 64.18 -4.94 -13.80
N ASP U 112 63.15 -5.65 -13.35
CA ASP U 112 63.14 -6.13 -11.97
C ASP U 112 64.32 -7.04 -11.68
N ILE U 113 64.64 -7.94 -12.61
CA ILE U 113 65.74 -8.87 -12.40
C ILE U 113 67.06 -8.12 -12.28
N ILE U 114 67.28 -7.13 -13.15
CA ILE U 114 68.51 -6.37 -13.02
C ILE U 114 68.56 -5.66 -11.68
N SER U 115 67.44 -5.06 -11.24
CA SER U 115 67.43 -4.37 -9.97
C SER U 115 67.83 -5.31 -8.84
N LEU U 116 67.25 -6.52 -8.83
CA LEU U 116 67.54 -7.49 -7.79
C LEU U 116 69.02 -7.85 -7.76
N TRP U 117 69.62 -8.03 -8.94
CA TRP U 117 71.05 -8.27 -9.07
C TRP U 117 71.87 -7.19 -8.40
N ASP U 118 71.63 -5.93 -8.80
CA ASP U 118 72.41 -4.83 -8.26
C ASP U 118 72.21 -4.66 -6.77
N GLN U 119 70.97 -4.86 -6.29
CA GLN U 119 70.69 -4.67 -4.87
C GLN U 119 71.46 -5.66 -4.01
N SER U 120 71.37 -6.95 -4.34
CA SER U 120 72.03 -7.98 -3.56
C SER U 120 73.53 -7.76 -3.54
N LEU U 121 74.08 -7.34 -4.67
CA LEU U 121 75.52 -7.15 -4.79
C LEU U 121 75.93 -5.71 -4.60
N LYS U 122 75.12 -4.92 -3.90
CA LYS U 122 75.54 -3.56 -3.60
C LYS U 122 76.70 -3.48 -2.60
N PRO U 123 76.65 -4.11 -1.39
CA PRO U 123 77.77 -3.88 -0.46
C PRO U 123 78.97 -4.79 -0.73
N CYS U 124 79.54 -4.66 -1.92
CA CYS U 124 80.61 -5.54 -2.36
C CYS U 124 81.93 -4.78 -2.49
N VAL U 125 82.99 -5.54 -2.71
CA VAL U 125 84.37 -5.04 -2.56
C VAL U 125 84.85 -4.44 -3.88
N LYS U 126 85.30 -3.20 -3.83
CA LYS U 126 85.82 -2.51 -5.01
C LYS U 126 87.24 -2.96 -5.37
N LEU U 127 87.48 -3.11 -6.67
CA LEU U 127 88.79 -3.50 -7.17
C LEU U 127 89.70 -2.33 -7.46
N THR U 128 89.24 -1.10 -7.22
CA THR U 128 90.03 0.09 -7.46
C THR U 128 91.47 0.00 -6.99
N PRO U 129 91.81 -0.46 -5.75
CA PRO U 129 93.23 -0.46 -5.38
C PRO U 129 94.00 -1.64 -5.96
N LEU U 130 93.33 -2.49 -6.73
CA LEU U 130 93.92 -3.69 -7.28
C LEU U 130 94.20 -3.54 -8.77
N CYS U 131 94.06 -2.32 -9.29
CA CYS U 131 94.44 -1.98 -10.65
C CYS U 131 95.96 -1.92 -10.83
N VAL U 132 96.72 -2.06 -9.73
CA VAL U 132 98.18 -2.10 -9.78
C VAL U 132 98.64 -3.06 -10.87
N THR U 133 99.69 -2.66 -11.58
CA THR U 133 100.17 -3.49 -12.65
C THR U 133 100.73 -4.79 -12.09
N LEU U 134 100.67 -5.82 -12.93
CA LEU U 134 101.01 -7.17 -12.54
C LEU U 134 102.25 -7.64 -13.27
N ASN U 135 103.22 -8.13 -12.52
CA ASN U 135 104.40 -8.70 -13.13
C ASN U 135 104.12 -10.18 -13.32
N CYS U 136 103.80 -10.57 -14.54
CA CYS U 136 103.24 -11.89 -14.80
C CYS U 136 104.23 -12.80 -15.52
N THR U 137 104.20 -14.06 -15.15
CA THR U 137 104.86 -15.13 -15.87
C THR U 137 103.84 -16.20 -16.19
N ASP U 138 104.22 -17.11 -17.08
CA ASP U 138 103.34 -18.21 -17.42
C ASP U 138 103.27 -19.19 -16.28
N LEU U 139 102.04 -19.57 -15.92
CA LEU U 139 101.86 -20.61 -14.91
C LEU U 139 102.24 -21.96 -15.49
N ARG U 140 103.18 -22.64 -14.85
CA ARG U 140 103.66 -23.91 -15.33
C ARG U 140 102.55 -24.97 -15.25
N ASN U 141 102.59 -25.92 -16.16
CA ASN U 141 101.56 -26.96 -16.19
C ASN U 141 102.21 -28.29 -16.55
N GLY U 161 98.88 -21.09 -22.24
CA GLY U 161 98.82 -20.44 -20.94
C GLY U 161 97.63 -19.50 -20.91
N GLU U 162 96.64 -19.85 -20.09
CA GLU U 162 95.46 -19.05 -19.89
C GLU U 162 95.49 -18.41 -18.53
N ILE U 163 96.34 -18.90 -17.65
CA ILE U 163 96.47 -18.46 -16.28
C ILE U 163 97.88 -17.96 -16.08
N LYS U 164 98.00 -16.76 -15.54
CA LYS U 164 99.29 -16.16 -15.27
C LYS U 164 99.53 -16.13 -13.78
N ASN U 165 100.79 -16.29 -13.37
CA ASN U 165 101.18 -16.21 -11.97
C ASN U 165 101.93 -14.89 -11.81
N CYS U 166 101.29 -13.93 -11.14
CA CYS U 166 101.77 -12.56 -11.15
C CYS U 166 101.95 -12.04 -9.73
N SER U 167 102.77 -11.00 -9.61
CA SER U 167 102.94 -10.31 -8.35
C SER U 167 102.76 -8.82 -8.55
N PHE U 168 102.68 -8.10 -7.43
CA PHE U 168 102.45 -6.66 -7.40
C PHE U 168 102.92 -6.17 -6.04
N ASN U 169 102.84 -4.86 -5.82
CA ASN U 169 103.24 -4.32 -4.51
C ASN U 169 102.33 -3.14 -4.16
N ILE U 170 101.26 -3.44 -3.42
CA ILE U 170 100.22 -2.48 -3.07
C ILE U 170 99.42 -3.19 -1.97
N THR U 171 99.01 -2.45 -0.92
CA THR U 171 99.09 -1.00 -0.70
C THR U 171 100.33 -0.51 0.00
N THR U 172 101.23 -1.44 0.35
CA THR U 172 102.48 -1.19 1.08
C THR U 172 102.24 -0.40 2.38
N SER U 173 101.36 -0.95 3.23
CA SER U 173 101.14 -0.54 4.63
C SER U 173 100.49 0.85 4.75
N MET U 174 99.43 1.08 3.98
CA MET U 174 98.61 2.29 4.12
C MET U 174 97.67 2.14 5.32
N ARG U 175 98.27 2.22 6.52
CA ARG U 175 97.60 2.01 7.81
C ARG U 175 96.98 0.61 7.88
N ASP U 176 97.66 -0.37 7.30
CA ASP U 176 97.10 -1.70 7.22
C ASP U 176 98.21 -2.73 7.23
N LYS U 177 97.81 -3.99 7.09
CA LYS U 177 98.69 -5.15 7.14
C LYS U 177 98.58 -5.85 5.80
N VAL U 178 99.46 -5.51 4.84
CA VAL U 178 99.32 -6.00 3.47
C VAL U 178 100.70 -6.43 2.99
N GLN U 179 100.74 -7.10 1.83
CA GLN U 179 102.00 -7.44 1.17
C GLN U 179 101.75 -7.68 -0.32
N LYS U 180 102.82 -8.12 -1.00
CA LYS U 180 102.82 -8.31 -2.44
C LYS U 180 101.78 -9.31 -2.93
N GLU U 181 101.39 -10.28 -2.07
CA GLU U 181 100.36 -11.30 -2.29
C GLU U 181 100.20 -11.84 -3.71
N TYR U 182 101.27 -12.41 -4.26
CA TYR U 182 101.23 -12.99 -5.60
C TYR U 182 100.03 -13.94 -5.74
N ALA U 183 99.50 -14.03 -6.95
CA ALA U 183 98.29 -14.82 -7.16
C ALA U 183 98.15 -15.21 -8.62
N LEU U 184 97.16 -16.06 -8.90
CA LEU U 184 96.85 -16.48 -10.27
C LEU U 184 95.73 -15.63 -10.86
N PHE U 185 95.89 -15.25 -12.12
CA PHE U 185 94.92 -14.39 -12.80
C PHE U 185 94.57 -15.04 -14.13
N TYR U 186 93.36 -14.80 -14.63
CA TYR U 186 93.03 -15.34 -15.95
C TYR U 186 93.26 -14.33 -17.05
N LYS U 187 93.72 -14.85 -18.20
CA LYS U 187 93.95 -14.06 -19.40
C LYS U 187 92.75 -13.21 -19.78
N LEU U 188 91.55 -13.78 -19.63
CA LEU U 188 90.34 -13.14 -20.12
C LEU U 188 89.89 -12.00 -19.23
N ASP U 189 90.53 -11.83 -18.08
CA ASP U 189 90.16 -10.79 -17.13
C ASP U 189 91.15 -9.63 -17.13
N VAL U 190 92.22 -9.72 -17.90
CA VAL U 190 93.29 -8.73 -17.83
C VAL U 190 93.52 -8.18 -19.22
N VAL U 191 94.23 -7.04 -19.26
CA VAL U 191 94.59 -6.40 -20.50
C VAL U 191 96.11 -6.37 -20.57
N PRO U 192 96.70 -6.74 -21.69
CA PRO U 192 98.15 -6.65 -21.83
C PRO U 192 98.64 -5.22 -21.88
N ILE U 193 99.84 -5.02 -21.35
CA ILE U 193 100.53 -3.74 -21.40
C ILE U 193 101.69 -3.97 -22.35
N LYS U 194 101.51 -3.63 -23.62
CA LYS U 194 102.47 -3.98 -24.65
C LYS U 194 103.73 -3.12 -24.61
N ASN U 195 103.73 -2.10 -23.76
CA ASN U 195 104.89 -1.26 -23.56
C ASN U 195 105.74 -1.72 -22.39
N ASP U 196 105.49 -2.92 -21.85
CA ASP U 196 106.28 -3.33 -20.69
C ASP U 196 107.07 -4.63 -20.85
N ASN U 197 106.48 -5.79 -20.55
CA ASN U 197 107.27 -7.03 -20.58
C ASN U 197 106.96 -7.94 -21.79
N THR U 198 105.69 -8.14 -22.22
CA THR U 198 104.37 -7.64 -21.78
C THR U 198 103.90 -7.97 -20.36
N SER U 199 103.39 -6.95 -19.66
CA SER U 199 102.86 -7.08 -18.31
C SER U 199 101.34 -6.89 -18.39
N TYR U 200 100.64 -7.07 -17.28
CA TYR U 200 99.19 -7.02 -17.35
C TYR U 200 98.63 -6.17 -16.22
N ARG U 201 97.37 -5.80 -16.38
CA ARG U 201 96.58 -5.15 -15.34
C ARG U 201 95.12 -5.47 -15.58
N LEU U 202 94.28 -5.13 -14.62
CA LEU U 202 92.85 -5.36 -14.73
C LEU U 202 92.31 -4.66 -15.97
N ILE U 203 91.56 -5.41 -16.76
CA ILE U 203 90.97 -4.88 -17.98
C ILE U 203 90.06 -3.69 -17.68
N SER U 204 89.55 -3.60 -16.45
CA SER U 204 88.65 -2.53 -16.07
C SER U 204 89.34 -1.22 -15.78
N CYS U 205 90.68 -1.21 -15.72
CA CYS U 205 91.43 -0.02 -15.29
C CYS U 205 91.10 1.21 -16.10
N ASN U 206 90.91 1.06 -17.42
CA ASN U 206 90.64 2.21 -18.26
C ASN U 206 89.16 2.36 -18.56
N THR U 207 88.30 1.70 -17.79
CA THR U 207 86.87 1.81 -18.02
C THR U 207 86.11 2.27 -16.78
N SER U 208 86.15 1.50 -15.69
CA SER U 208 85.25 1.75 -14.58
C SER U 208 85.73 1.05 -13.33
N VAL U 209 85.13 1.42 -12.21
CA VAL U 209 85.33 0.74 -10.94
C VAL U 209 84.34 -0.42 -10.84
N ILE U 210 84.87 -1.61 -10.61
CA ILE U 210 84.02 -2.80 -10.54
C ILE U 210 84.26 -3.46 -9.19
N THR U 211 83.34 -4.34 -8.83
CA THR U 211 83.37 -4.94 -7.52
C THR U 211 83.42 -6.45 -7.62
N GLN U 212 84.02 -7.08 -6.60
CA GLN U 212 84.00 -8.52 -6.50
C GLN U 212 82.70 -8.91 -5.83
N ALA U 213 81.93 -9.77 -6.51
CA ALA U 213 80.63 -10.18 -6.04
C ALA U 213 80.71 -10.73 -4.62
N CYS U 214 79.73 -10.35 -3.81
CA CYS U 214 79.69 -10.73 -2.41
C CYS U 214 79.65 -12.25 -2.25
N PRO U 215 80.60 -12.85 -1.50
CA PRO U 215 80.64 -14.31 -1.38
C PRO U 215 79.37 -14.91 -0.83
N LYS U 216 78.55 -14.11 -0.17
CA LYS U 216 77.36 -14.60 0.48
C LYS U 216 76.15 -14.56 -0.42
N VAL U 217 76.30 -14.29 -1.72
CA VAL U 217 75.17 -14.21 -2.63
C VAL U 217 75.20 -15.40 -3.58
N SER U 218 74.15 -16.20 -3.56
CA SER U 218 74.02 -17.32 -4.49
C SER U 218 73.42 -16.85 -5.80
N PHE U 219 73.82 -17.50 -6.89
CA PHE U 219 73.28 -17.14 -8.20
C PHE U 219 72.51 -18.30 -8.83
N GLU U 220 71.91 -19.15 -8.02
CA GLU U 220 71.03 -20.21 -8.50
C GLU U 220 69.69 -19.67 -8.95
N PRO U 221 69.30 -19.84 -10.22
CA PRO U 221 67.98 -19.36 -10.67
C PRO U 221 66.83 -19.92 -9.85
N ILE U 222 65.87 -19.04 -9.57
CA ILE U 222 64.68 -19.35 -8.77
C ILE U 222 63.45 -19.34 -9.66
N PRO U 223 62.60 -20.35 -9.61
CA PRO U 223 61.40 -20.36 -10.45
C PRO U 223 60.28 -19.45 -9.95
N ILE U 224 60.40 -18.17 -10.21
CA ILE U 224 59.45 -17.20 -9.70
C ILE U 224 58.17 -17.23 -10.54
N HIS U 225 57.03 -17.27 -9.87
CA HIS U 225 55.70 -17.19 -10.47
C HIS U 225 55.26 -15.75 -10.53
N TYR U 226 54.29 -15.44 -11.40
CA TYR U 226 53.66 -14.13 -11.40
C TYR U 226 52.15 -14.21 -11.54
N CYS U 227 51.43 -13.44 -10.73
CA CYS U 227 49.99 -13.55 -10.61
C CYS U 227 49.32 -12.22 -10.94
N ALA U 228 48.07 -12.30 -11.36
CA ALA U 228 47.32 -11.12 -11.78
C ALA U 228 46.91 -10.28 -10.57
N PRO U 229 46.99 -8.95 -10.71
CA PRO U 229 46.37 -8.07 -9.72
C PRO U 229 44.87 -7.99 -9.92
N ALA U 230 44.21 -7.45 -8.90
CA ALA U 230 42.77 -7.24 -8.91
C ALA U 230 42.32 -6.42 -10.12
N GLY U 231 41.24 -6.86 -10.73
CA GLY U 231 40.69 -6.21 -11.89
C GLY U 231 41.31 -6.65 -13.19
N PHE U 232 42.32 -7.51 -13.15
CA PHE U 232 43.03 -7.97 -14.33
C PHE U 232 43.04 -9.49 -14.33
N ALA U 233 43.28 -10.08 -15.50
CA ALA U 233 43.40 -11.52 -15.57
C ALA U 233 44.41 -11.92 -16.62
N ILE U 234 44.94 -13.12 -16.45
CA ILE U 234 45.92 -13.71 -17.35
C ILE U 234 45.22 -14.74 -18.23
N LEU U 235 45.28 -14.55 -19.53
CA LEU U 235 44.74 -15.52 -20.47
C LEU U 235 45.89 -16.35 -21.04
N LYS U 236 45.61 -17.62 -21.30
CA LYS U 236 46.64 -18.53 -21.80
C LYS U 236 46.21 -19.15 -23.10
N CYS U 237 47.13 -19.21 -24.06
CA CYS U 237 46.90 -19.87 -25.33
C CYS U 237 47.35 -21.31 -25.24
N ASN U 238 46.41 -22.23 -25.38
CA ASN U 238 46.68 -23.65 -25.24
C ASN U 238 46.75 -24.36 -26.57
N ASP U 239 46.76 -23.63 -27.68
CA ASP U 239 46.86 -24.26 -28.99
C ASP U 239 48.26 -24.81 -29.17
N LYS U 240 48.37 -26.12 -29.37
CA LYS U 240 49.68 -26.75 -29.50
C LYS U 240 50.45 -26.23 -30.69
N LYS U 241 49.74 -25.69 -31.68
CA LYS U 241 50.37 -25.22 -32.90
C LYS U 241 50.60 -23.74 -32.87
N PHE U 242 50.33 -23.09 -31.76
CA PHE U 242 50.46 -21.63 -31.71
C PHE U 242 51.91 -21.22 -31.93
N ASN U 243 52.09 -20.24 -32.78
CA ASN U 243 53.39 -19.67 -33.12
C ASN U 243 53.38 -18.23 -32.65
N GLY U 244 54.04 -17.35 -33.40
CA GLY U 244 54.18 -15.96 -32.99
C GLY U 244 52.90 -15.21 -32.72
N THR U 245 51.84 -15.46 -33.49
CA THR U 245 50.62 -14.71 -33.28
C THR U 245 49.45 -15.38 -33.99
N GLY U 246 48.26 -15.07 -33.50
CA GLY U 246 47.04 -15.46 -34.15
C GLY U 246 45.85 -15.65 -33.21
N PRO U 247 44.70 -15.92 -33.80
CA PRO U 247 43.46 -16.07 -33.03
C PRO U 247 43.41 -17.43 -32.34
N CYS U 248 44.19 -17.54 -31.28
CA CYS U 248 44.25 -18.79 -30.53
C CYS U 248 42.86 -19.24 -30.13
N THR U 249 42.54 -20.48 -30.43
CA THR U 249 41.18 -20.94 -30.15
C THR U 249 41.04 -21.44 -28.72
N ASN U 250 41.95 -22.31 -28.28
CA ASN U 250 41.85 -22.90 -26.96
C ASN U 250 42.45 -21.90 -25.99
N VAL U 251 41.59 -21.06 -25.44
CA VAL U 251 41.99 -19.99 -24.55
C VAL U 251 41.40 -20.25 -23.18
N SER U 252 42.24 -20.13 -22.16
CA SER U 252 41.83 -20.32 -20.78
C SER U 252 42.31 -19.16 -19.94
N THR U 253 41.73 -19.03 -18.75
CA THR U 253 42.11 -18.00 -17.80
C THR U 253 42.88 -18.65 -16.65
N VAL U 254 44.02 -18.07 -16.32
CA VAL U 254 44.93 -18.63 -15.34
C VAL U 254 45.08 -17.63 -14.21
N GLN U 255 44.88 -18.10 -12.98
CA GLN U 255 45.02 -17.23 -11.82
C GLN U 255 46.46 -16.74 -11.67
N CYS U 256 47.41 -17.63 -11.91
CA CYS U 256 48.81 -17.31 -11.70
C CYS U 256 49.64 -18.27 -12.52
N THR U 257 50.74 -17.76 -13.07
CA THR U 257 51.57 -18.55 -13.96
C THR U 257 52.42 -19.53 -13.17
N HIS U 258 53.02 -20.48 -13.89
CA HIS U 258 54.02 -21.30 -13.25
C HIS U 258 55.30 -20.50 -13.07
N GLY U 259 56.26 -21.11 -12.39
CA GLY U 259 57.55 -20.46 -12.17
C GLY U 259 58.43 -20.57 -13.39
N ILE U 260 59.13 -19.50 -13.70
CA ILE U 260 60.12 -19.46 -14.77
C ILE U 260 61.46 -19.15 -14.15
N ARG U 261 62.42 -20.02 -14.35
CA ARG U 261 63.71 -19.71 -13.77
C ARG U 261 64.44 -18.70 -14.65
N PRO U 262 65.08 -17.70 -14.06
CA PRO U 262 65.84 -16.68 -14.81
C PRO U 262 67.18 -17.21 -15.29
N VAL U 263 67.13 -18.14 -16.23
CA VAL U 263 68.33 -18.72 -16.78
C VAL U 263 68.88 -17.74 -17.79
N VAL U 264 70.16 -17.43 -17.69
CA VAL U 264 70.81 -16.52 -18.60
C VAL U 264 71.81 -17.31 -19.43
N SER U 265 71.70 -17.21 -20.74
CA SER U 265 72.60 -17.92 -21.63
C SER U 265 72.59 -17.27 -22.99
N THR U 266 73.60 -17.63 -23.79
CA THR U 266 73.69 -17.24 -25.19
C THR U 266 73.63 -18.49 -26.04
N GLN U 267 73.03 -18.37 -27.23
CA GLN U 267 72.87 -19.33 -28.33
C GLN U 267 71.95 -20.51 -28.07
N LEU U 268 71.93 -21.06 -26.87
CA LEU U 268 71.05 -22.18 -26.57
C LEU U 268 70.24 -21.87 -25.32
N LEU U 269 68.99 -22.32 -25.31
CA LEU U 269 68.11 -22.11 -24.18
C LEU U 269 68.16 -23.35 -23.29
N LEU U 270 68.57 -23.16 -22.05
CA LEU U 270 68.75 -24.28 -21.14
C LEU U 270 67.68 -24.26 -20.06
N ASN U 271 67.31 -25.46 -19.61
CA ASN U 271 66.40 -25.70 -18.47
C ASN U 271 65.06 -25.00 -18.63
N GLY U 272 64.50 -25.01 -19.84
CA GLY U 272 63.21 -24.45 -20.11
C GLY U 272 62.15 -25.51 -20.35
N SER U 273 61.07 -25.11 -21.01
CA SER U 273 59.99 -26.03 -21.32
C SER U 273 60.23 -26.72 -22.66
N LEU U 274 59.44 -27.75 -22.92
CA LEU U 274 59.53 -28.51 -24.15
C LEU U 274 58.34 -28.24 -25.05
N ALA U 275 58.52 -28.56 -26.33
CA ALA U 275 57.48 -28.41 -27.33
C ALA U 275 56.45 -29.53 -27.25
N GLU U 276 55.28 -29.25 -27.82
CA GLU U 276 54.11 -30.12 -27.75
C GLU U 276 54.20 -31.23 -28.78
N GLU U 277 55.00 -32.24 -28.44
CA GLU U 277 55.14 -33.52 -29.15
C GLU U 277 55.82 -33.39 -30.51
N GLU U 278 56.46 -32.27 -30.81
CA GLU U 278 57.27 -32.08 -32.00
C GLU U 278 58.07 -30.81 -31.81
N VAL U 279 59.14 -30.68 -32.60
CA VAL U 279 59.86 -29.42 -32.66
C VAL U 279 58.96 -28.36 -33.29
N VAL U 280 58.86 -27.22 -32.63
CA VAL U 280 58.05 -26.10 -33.11
C VAL U 280 58.99 -24.92 -33.30
N ILE U 281 58.95 -24.33 -34.49
CA ILE U 281 59.84 -23.23 -34.83
C ILE U 281 59.01 -21.98 -35.06
N ARG U 282 59.37 -20.91 -34.36
CA ARG U 282 58.62 -19.67 -34.38
C ARG U 282 59.50 -18.50 -34.82
N SER U 283 58.87 -17.50 -35.43
CA SER U 283 59.47 -16.22 -35.82
C SER U 283 58.40 -15.21 -36.13
N ALA U 284 58.78 -13.94 -36.02
CA ALA U 284 57.92 -12.87 -36.48
C ALA U 284 57.69 -12.96 -37.98
N ASN U 285 58.70 -13.39 -38.73
CA ASN U 285 58.63 -13.44 -40.18
C ASN U 285 59.83 -14.22 -40.70
N PHE U 286 59.59 -15.41 -41.22
CA PHE U 286 60.66 -16.27 -41.69
C PHE U 286 61.37 -15.73 -42.93
N THR U 287 60.79 -14.74 -43.59
CA THR U 287 61.42 -14.13 -44.75
C THR U 287 62.29 -12.93 -44.42
N ASP U 288 62.23 -12.43 -43.19
CA ASP U 288 62.88 -11.18 -42.81
C ASP U 288 64.21 -11.50 -42.12
N ASN U 289 65.32 -11.19 -42.78
CA ASN U 289 66.63 -11.48 -42.20
C ASN U 289 66.89 -10.73 -40.90
N ALA U 290 66.12 -9.67 -40.62
CA ALA U 290 66.29 -8.89 -39.40
C ALA U 290 65.67 -9.53 -38.18
N LYS U 291 64.97 -10.65 -38.34
CA LYS U 291 64.33 -11.33 -37.23
C LYS U 291 65.15 -12.56 -36.87
N ILE U 292 64.78 -13.18 -35.75
CA ILE U 292 65.45 -14.37 -35.29
C ILE U 292 64.45 -15.51 -35.30
N ILE U 293 64.98 -16.72 -35.28
CA ILE U 293 64.17 -17.92 -35.28
C ILE U 293 64.32 -18.62 -33.95
N ILE U 294 63.19 -18.89 -33.32
CA ILE U 294 63.12 -19.49 -32.00
C ILE U 294 62.70 -20.93 -32.16
N VAL U 295 63.52 -21.84 -31.68
CA VAL U 295 63.27 -23.26 -31.86
C VAL U 295 62.97 -23.85 -30.50
N GLN U 296 61.81 -24.48 -30.37
CA GLN U 296 61.41 -25.13 -29.13
C GLN U 296 61.47 -26.63 -29.36
N LEU U 297 62.24 -27.33 -28.55
CA LEU U 297 62.56 -28.71 -28.86
C LEU U 297 61.53 -29.68 -28.30
N ASN U 298 61.28 -30.73 -29.09
CA ASN U 298 60.43 -31.84 -28.66
C ASN U 298 60.95 -32.46 -27.37
N LYS U 299 62.18 -32.94 -27.40
CA LYS U 299 62.87 -33.48 -26.23
C LYS U 299 64.21 -32.79 -26.08
N SER U 300 64.67 -32.69 -24.84
CA SER U 300 65.89 -31.94 -24.61
C SER U 300 67.12 -32.78 -24.93
N VAL U 301 68.26 -32.10 -25.03
CA VAL U 301 69.54 -32.73 -25.31
C VAL U 301 70.40 -32.63 -24.06
N GLU U 302 70.89 -33.77 -23.60
CA GLU U 302 71.71 -33.87 -22.39
C GLU U 302 73.10 -33.27 -22.56
N ILE U 303 73.49 -32.42 -21.60
CA ILE U 303 74.81 -31.83 -21.55
C ILE U 303 75.33 -31.95 -20.12
N ASN U 304 76.59 -32.36 -19.99
CA ASN U 304 77.24 -32.48 -18.68
C ASN U 304 78.52 -31.64 -18.71
N CYS U 305 78.58 -30.63 -17.84
CA CYS U 305 79.69 -29.70 -17.83
C CYS U 305 80.54 -29.87 -16.58
N THR U 306 81.85 -29.62 -16.73
CA THR U 306 82.76 -29.75 -15.61
C THR U 306 83.93 -28.79 -15.70
N ARG U 307 84.46 -28.48 -14.52
CA ARG U 307 85.67 -27.69 -14.33
C ARG U 307 86.58 -28.61 -13.55
N PRO U 308 87.37 -29.43 -14.24
CA PRO U 308 88.18 -30.46 -13.56
C PRO U 308 89.19 -29.91 -12.58
N ASN U 309 89.58 -28.65 -12.73
CA ASN U 309 90.63 -28.08 -11.90
C ASN U 309 90.14 -27.86 -10.49
N ASN U 310 90.86 -28.42 -9.53
CA ASN U 310 90.56 -28.27 -8.11
C ASN U 310 91.30 -27.05 -7.61
N ASN U 311 90.58 -25.95 -7.47
CA ASN U 311 91.23 -24.69 -7.16
C ASN U 311 91.08 -24.34 -5.69
N THR U 312 92.10 -23.67 -5.17
CA THR U 312 92.08 -23.06 -3.85
C THR U 312 91.90 -21.55 -4.02
N ARG U 313 91.70 -20.87 -2.89
CA ARG U 313 91.59 -19.42 -2.96
C ARG U 313 92.13 -18.82 -1.68
N LYS U 314 92.52 -17.56 -1.77
CA LYS U 314 93.16 -16.91 -0.64
C LYS U 314 92.53 -15.54 -0.41
N SER U 315 92.28 -15.23 0.84
CA SER U 315 91.86 -13.88 1.16
C SER U 315 93.08 -13.02 1.41
N ILE U 316 93.11 -11.85 0.79
CA ILE U 316 94.23 -10.94 0.95
C ILE U 316 93.71 -9.67 1.57
N HIS U 317 94.59 -8.96 2.25
CA HIS U 317 94.24 -7.68 2.82
C HIS U 317 94.52 -6.58 1.81
N ILE U 318 93.52 -5.73 1.60
CA ILE U 318 93.62 -4.65 0.64
C ILE U 318 93.45 -3.30 1.29
N GLY U 319 93.19 -3.26 2.58
CA GLY U 319 93.02 -2.03 3.30
C GLY U 319 92.58 -2.36 4.71
N PRO U 320 92.47 -1.35 5.57
CA PRO U 320 92.02 -1.60 6.94
C PRO U 320 90.57 -2.06 6.95
N GLY U 321 90.35 -3.26 7.46
CA GLY U 321 89.02 -3.83 7.47
C GLY U 321 88.51 -4.23 6.10
N ARG U 322 89.39 -4.47 5.14
CA ARG U 322 88.98 -4.78 3.79
C ARG U 322 89.75 -5.98 3.25
N TRP U 323 89.02 -6.91 2.65
CA TRP U 323 89.60 -8.12 2.10
C TRP U 323 89.10 -8.37 0.69
N PHE U 324 89.86 -9.19 -0.02
CA PHE U 324 89.64 -9.53 -1.41
C PHE U 324 90.05 -10.96 -1.62
N TYR U 325 89.30 -11.71 -2.41
CA TYR U 325 89.70 -13.08 -2.67
C TYR U 325 90.38 -13.21 -4.02
N THR U 326 91.51 -13.89 -4.00
CA THR U 326 92.32 -14.18 -5.17
C THR U 326 92.32 -15.67 -5.43
N THR U 327 92.54 -16.04 -6.69
CA THR U 327 92.76 -17.43 -7.03
C THR U 327 94.06 -17.91 -6.40
N GLY U 328 93.99 -19.03 -5.69
CA GLY U 328 95.15 -19.64 -5.05
C GLY U 328 95.74 -20.69 -5.95
N GLU U 329 96.48 -21.61 -5.36
CA GLU U 329 97.11 -22.63 -6.18
C GLU U 329 96.07 -23.60 -6.73
N ILE U 330 96.49 -24.39 -7.71
CA ILE U 330 95.64 -25.40 -8.34
C ILE U 330 96.22 -26.77 -8.04
N ILE U 331 95.37 -27.68 -7.56
CA ILE U 331 95.76 -29.03 -7.18
C ILE U 331 95.50 -29.95 -8.37
N GLY U 332 96.55 -30.62 -8.83
CA GLY U 332 96.46 -31.50 -9.98
C GLY U 332 96.74 -30.77 -11.28
N ASP U 333 96.72 -31.54 -12.37
CA ASP U 333 96.98 -30.97 -13.68
C ASP U 333 95.95 -29.90 -13.99
N ILE U 334 96.38 -28.88 -14.70
CA ILE U 334 95.47 -27.84 -15.12
C ILE U 334 94.92 -28.23 -16.47
N ARG U 335 93.61 -28.45 -16.53
CA ARG U 335 92.95 -28.94 -17.73
C ARG U 335 91.93 -27.91 -18.20
N GLN U 336 91.35 -28.18 -19.36
CA GLN U 336 90.39 -27.25 -19.94
C GLN U 336 88.99 -27.51 -19.39
N ALA U 337 88.23 -26.44 -19.25
CA ALA U 337 86.80 -26.60 -19.08
C ALA U 337 86.22 -27.21 -20.34
N HIS U 338 85.18 -28.00 -20.18
CA HIS U 338 84.52 -28.60 -21.32
C HIS U 338 83.16 -29.11 -20.90
N CYS U 339 82.33 -29.37 -21.89
CA CYS U 339 81.05 -30.02 -21.67
C CYS U 339 80.94 -31.22 -22.60
N ASN U 340 80.34 -32.29 -22.10
CA ASN U 340 80.08 -33.50 -22.87
C ASN U 340 78.61 -33.49 -23.27
N ILE U 341 78.35 -33.56 -24.57
CA ILE U 341 77.00 -33.54 -25.10
C ILE U 341 76.76 -34.83 -25.89
N SER U 342 75.61 -35.46 -25.66
CA SER U 342 75.27 -36.69 -26.34
C SER U 342 75.02 -36.46 -27.81
N GLY U 343 75.89 -36.99 -28.66
CA GLY U 343 75.73 -36.82 -30.09
C GLY U 343 74.46 -37.44 -30.61
N THR U 344 74.04 -38.57 -30.02
CA THR U 344 72.78 -39.22 -30.37
C THR U 344 71.61 -38.28 -30.19
N LYS U 345 71.47 -37.74 -28.98
CA LYS U 345 70.36 -36.86 -28.69
C LYS U 345 70.45 -35.59 -29.51
N TRP U 346 71.66 -35.05 -29.66
CA TRP U 346 71.85 -33.84 -30.44
C TRP U 346 71.49 -34.05 -31.90
N ASN U 347 72.01 -35.11 -32.51
CA ASN U 347 71.78 -35.33 -33.93
C ASN U 347 70.31 -35.61 -34.21
N ASP U 348 69.70 -36.48 -33.41
CA ASP U 348 68.28 -36.77 -33.59
C ASP U 348 67.44 -35.51 -33.42
N THR U 349 67.84 -34.65 -32.49
CA THR U 349 67.14 -33.38 -32.32
C THR U 349 67.22 -32.56 -33.60
N LEU U 350 68.42 -32.47 -34.18
CA LEU U 350 68.62 -31.73 -35.42
C LEU U 350 67.78 -32.28 -36.55
N LYS U 351 67.65 -33.60 -36.62
CA LYS U 351 66.84 -34.23 -37.66
C LYS U 351 65.43 -33.66 -37.65
N GLN U 352 64.83 -33.59 -36.47
CA GLN U 352 63.48 -33.05 -36.37
C GLN U 352 63.45 -31.58 -36.74
N ILE U 353 64.47 -30.84 -36.31
CA ILE U 353 64.53 -29.40 -36.61
C ILE U 353 64.60 -29.18 -38.11
N VAL U 354 65.48 -29.92 -38.79
CA VAL U 354 65.67 -29.79 -40.23
C VAL U 354 64.36 -30.06 -40.97
N VAL U 355 63.64 -31.11 -40.56
CA VAL U 355 62.35 -31.46 -41.16
C VAL U 355 61.38 -30.29 -41.08
N LYS U 356 61.37 -29.59 -39.95
CA LYS U 356 60.48 -28.44 -39.83
C LYS U 356 61.00 -27.25 -40.60
N LEU U 357 62.32 -27.05 -40.61
CA LEU U 357 62.90 -25.95 -41.38
C LEU U 357 62.57 -26.07 -42.86
N LYS U 358 62.53 -27.31 -43.37
CA LYS U 358 62.19 -27.54 -44.77
C LYS U 358 60.86 -26.91 -45.16
N GLU U 359 59.93 -26.81 -44.21
CA GLU U 359 58.59 -26.29 -44.50
C GLU U 359 58.64 -24.86 -44.99
N GLN U 360 59.66 -24.14 -44.59
CA GLN U 360 59.79 -22.74 -44.92
C GLN U 360 60.98 -22.45 -45.81
N PHE U 361 62.04 -23.21 -45.66
CA PHE U 361 63.33 -22.84 -46.23
C PHE U 361 63.84 -23.84 -47.26
N GLY U 362 63.02 -24.79 -47.68
CA GLY U 362 63.47 -25.58 -48.80
C GLY U 362 63.86 -26.99 -48.40
N ASN U 363 63.75 -27.91 -49.36
CA ASN U 363 63.89 -29.34 -49.11
C ASN U 363 65.31 -29.87 -49.23
N LYS U 364 66.24 -29.12 -49.84
CA LYS U 364 67.62 -29.55 -49.98
C LYS U 364 68.60 -28.52 -49.47
N THR U 365 68.14 -27.62 -48.62
CA THR U 365 68.94 -26.50 -48.16
C THR U 365 69.95 -26.91 -47.09
N ILE U 366 71.20 -26.51 -47.31
CA ILE U 366 72.30 -26.79 -46.39
C ILE U 366 72.23 -25.83 -45.21
N VAL U 367 72.22 -26.38 -44.00
CA VAL U 367 72.00 -25.61 -42.78
C VAL U 367 73.05 -26.02 -41.75
N PHE U 368 73.23 -25.17 -40.75
CA PHE U 368 74.05 -25.40 -39.54
C PHE U 368 75.55 -25.48 -39.78
N ASN U 369 76.19 -24.35 -40.03
CA ASN U 369 77.64 -24.31 -40.14
C ASN U 369 78.20 -23.76 -38.83
N HIS U 370 79.52 -23.64 -38.78
CA HIS U 370 80.28 -23.26 -37.58
C HIS U 370 79.81 -21.92 -37.00
N SER U 371 80.22 -21.70 -35.77
CA SER U 371 79.88 -20.48 -35.07
C SER U 371 80.62 -19.29 -35.66
N SER U 372 79.88 -18.20 -35.85
CA SER U 372 80.44 -16.95 -36.33
C SER U 372 79.45 -15.82 -36.08
N GLY U 373 79.98 -14.63 -35.87
CA GLY U 373 79.16 -13.44 -35.73
C GLY U 373 79.07 -12.93 -34.30
N GLY U 374 79.31 -11.63 -34.12
CA GLY U 374 79.31 -11.04 -32.80
C GLY U 374 80.68 -11.07 -32.15
N ASP U 375 80.74 -10.54 -30.93
CA ASP U 375 82.00 -10.46 -30.20
C ASP U 375 82.20 -11.84 -29.54
N PRO U 376 83.31 -12.07 -28.82
CA PRO U 376 83.56 -13.41 -28.28
C PRO U 376 82.48 -13.97 -27.39
N GLU U 377 81.67 -13.13 -26.74
CA GLU U 377 80.65 -13.64 -25.85
C GLU U 377 79.36 -13.96 -26.59
N ILE U 378 79.27 -13.59 -27.86
CA ILE U 378 78.15 -13.94 -28.70
C ILE U 378 78.49 -15.16 -29.55
N VAL U 379 79.74 -15.20 -30.03
CA VAL U 379 80.22 -16.33 -30.83
C VAL U 379 80.33 -17.58 -29.97
N MET U 380 80.73 -17.44 -28.72
CA MET U 380 80.77 -18.56 -27.79
C MET U 380 79.40 -18.76 -27.16
N HIS U 381 79.10 -20.01 -26.83
CA HIS U 381 77.93 -20.28 -25.99
C HIS U 381 78.27 -19.94 -24.55
N SER U 382 77.31 -19.36 -23.84
CA SER U 382 77.57 -18.88 -22.49
C SER U 382 76.60 -19.48 -21.48
N PHE U 383 77.12 -19.81 -20.30
CA PHE U 383 76.31 -20.23 -19.17
C PHE U 383 77.11 -20.00 -17.89
N ASN U 384 76.44 -20.14 -16.76
CA ASN U 384 77.00 -19.83 -15.44
C ASN U 384 77.01 -21.02 -14.48
N CYS U 385 77.50 -22.18 -14.93
CA CYS U 385 77.57 -23.36 -14.09
C CYS U 385 78.46 -23.12 -12.88
N GLY U 386 77.89 -23.29 -11.69
CA GLY U 386 78.64 -23.18 -10.47
C GLY U 386 78.97 -21.77 -10.05
N GLY U 387 78.45 -20.76 -10.75
CA GLY U 387 78.78 -19.40 -10.45
C GLY U 387 79.89 -18.83 -11.30
N GLU U 388 80.60 -19.65 -12.04
CA GLU U 388 81.65 -19.17 -12.93
C GLU U 388 81.07 -19.14 -14.33
N PHE U 389 81.46 -18.13 -15.10
CA PHE U 389 80.86 -17.99 -16.42
C PHE U 389 81.72 -18.71 -17.43
N PHE U 390 81.11 -19.68 -18.12
CA PHE U 390 81.81 -20.52 -19.07
C PHE U 390 81.47 -20.05 -20.47
N TYR U 391 82.47 -19.98 -21.35
CA TYR U 391 82.22 -19.56 -22.72
C TYR U 391 82.83 -20.65 -23.59
N CYS U 392 81.97 -21.46 -24.17
CA CYS U 392 82.38 -22.69 -24.84
C CYS U 392 82.13 -22.56 -26.34
N ASN U 393 82.94 -23.28 -27.12
CA ASN U 393 82.84 -23.14 -28.56
C ASN U 393 81.81 -24.14 -29.07
N SER U 394 80.62 -23.61 -29.38
CA SER U 394 79.49 -24.39 -29.87
C SER U 394 79.70 -24.93 -31.27
N THR U 395 80.76 -24.51 -31.97
CA THR U 395 81.10 -25.03 -33.29
C THR U 395 81.08 -26.56 -33.33
N GLN U 396 81.53 -27.22 -32.26
CA GLN U 396 81.53 -28.69 -32.23
C GLN U 396 80.15 -29.30 -32.39
N LEU U 397 79.10 -28.54 -32.12
CA LEU U 397 77.73 -28.94 -32.41
C LEU U 397 77.31 -28.63 -33.84
N PHE U 398 77.91 -27.60 -34.44
CA PHE U 398 77.57 -27.14 -35.78
C PHE U 398 78.76 -27.21 -36.71
N ASN U 399 79.67 -28.16 -36.48
CA ASN U 399 80.88 -28.32 -37.29
C ASN U 399 80.66 -29.22 -38.48
N SER U 400 79.42 -29.59 -38.75
CA SER U 400 79.08 -30.40 -39.89
C SER U 400 77.72 -29.92 -40.35
N THR U 401 77.64 -29.54 -41.62
CA THR U 401 76.39 -29.02 -42.12
C THR U 401 75.47 -30.15 -42.53
N TRP U 402 74.23 -29.79 -42.85
CA TRP U 402 73.29 -30.75 -43.36
C TRP U 402 73.77 -31.29 -44.69
N ILE U 412 80.09 -35.53 -27.95
CA ILE U 412 80.63 -34.30 -28.49
C ILE U 412 81.22 -33.52 -27.34
N VAL U 413 82.47 -33.12 -27.47
CA VAL U 413 83.19 -32.45 -26.40
C VAL U 413 83.51 -31.02 -26.84
N LEU U 414 83.05 -30.05 -26.06
CA LEU U 414 83.26 -28.67 -26.45
C LEU U 414 84.44 -28.12 -25.68
N PRO U 415 85.44 -27.52 -26.31
CA PRO U 415 86.45 -26.80 -25.55
C PRO U 415 85.84 -25.53 -24.98
N CYS U 416 86.41 -25.05 -23.87
CA CYS U 416 85.73 -23.99 -23.14
C CYS U 416 86.72 -23.24 -22.27
N ARG U 417 86.47 -21.94 -22.10
CA ARG U 417 87.28 -21.11 -21.23
C ARG U 417 86.38 -20.42 -20.21
N ILE U 418 87.00 -19.93 -19.14
CA ILE U 418 86.29 -19.30 -18.02
C ILE U 418 86.75 -17.86 -17.86
N LYS U 419 85.79 -16.96 -17.68
CA LYS U 419 86.01 -15.54 -17.44
C LYS U 419 85.41 -15.13 -16.11
N GLN U 420 86.08 -14.21 -15.41
CA GLN U 420 85.56 -13.69 -14.15
C GLN U 420 85.02 -12.26 -14.21
N ILE U 421 85.57 -11.36 -15.01
CA ILE U 421 85.01 -10.02 -15.10
C ILE U 421 83.92 -10.06 -16.16
N VAL U 422 82.67 -9.99 -15.74
CA VAL U 422 81.57 -10.24 -16.65
C VAL U 422 80.58 -9.09 -16.60
N ASN U 423 79.65 -9.10 -17.54
CA ASN U 423 78.64 -8.07 -17.69
C ASN U 423 77.28 -8.72 -17.75
N MET U 424 76.41 -8.38 -16.79
CA MET U 424 75.06 -8.92 -16.80
C MET U 424 74.29 -8.28 -17.93
N TRP U 425 74.36 -8.93 -19.09
CA TRP U 425 73.67 -8.73 -20.37
C TRP U 425 74.20 -7.52 -21.13
N GLN U 426 74.64 -6.53 -20.37
CA GLN U 426 75.36 -5.33 -20.73
C GLN U 426 75.49 -4.57 -19.43
N GLU U 427 76.65 -4.05 -19.12
CA GLU U 427 76.79 -3.24 -17.94
C GLU U 427 77.57 -1.99 -18.29
N VAL U 428 77.17 -0.88 -17.69
CA VAL U 428 77.77 0.41 -17.94
C VAL U 428 78.38 0.88 -16.65
N GLY U 429 79.64 1.28 -16.70
CA GLY U 429 80.31 1.69 -15.50
C GLY U 429 80.55 0.48 -14.62
N LYS U 430 79.95 0.50 -13.44
CA LYS U 430 80.07 -0.57 -12.47
C LYS U 430 79.72 -1.92 -13.08
N ALA U 431 80.54 -2.92 -12.77
CA ALA U 431 80.35 -4.26 -13.28
C ALA U 431 80.74 -5.29 -12.23
N MET U 432 80.44 -6.55 -12.52
CA MET U 432 80.70 -7.63 -11.57
C MET U 432 81.92 -8.47 -11.93
N TYR U 433 82.69 -8.76 -10.89
CA TYR U 433 83.82 -9.68 -10.95
C TYR U 433 83.52 -10.86 -10.06
N ALA U 434 83.59 -12.05 -10.62
CA ALA U 434 83.28 -13.22 -9.83
C ALA U 434 84.41 -13.55 -8.87
N PRO U 435 84.09 -14.02 -7.67
CA PRO U 435 85.10 -14.53 -6.79
C PRO U 435 85.58 -15.88 -7.26
N PRO U 436 86.77 -16.30 -6.83
CA PRO U 436 87.21 -17.66 -7.14
C PRO U 436 86.33 -18.67 -6.43
N ILE U 437 86.08 -19.80 -7.08
CA ILE U 437 85.29 -20.87 -6.49
C ILE U 437 86.25 -21.99 -6.12
N LYS U 438 86.19 -22.37 -4.85
CA LYS U 438 87.10 -23.39 -4.32
C LYS U 438 86.58 -24.78 -4.63
N GLY U 439 87.49 -25.65 -5.06
CA GLY U 439 87.13 -27.01 -5.39
C GLY U 439 86.85 -27.19 -6.86
N GLN U 440 85.95 -28.11 -7.18
CA GLN U 440 85.61 -28.44 -8.55
C GLN U 440 84.17 -28.06 -8.83
N ILE U 441 83.86 -27.80 -10.09
CA ILE U 441 82.52 -27.43 -10.51
C ILE U 441 81.96 -28.55 -11.37
N ARG U 442 80.77 -29.03 -11.02
CA ARG U 442 80.05 -30.01 -11.82
C ARG U 442 78.58 -29.61 -11.84
N CYS U 443 77.95 -29.81 -12.98
CA CYS U 443 76.51 -29.58 -13.11
C CYS U 443 76.00 -30.37 -14.29
N SER U 444 74.68 -30.46 -14.37
CA SER U 444 74.04 -31.15 -15.46
C SER U 444 72.78 -30.42 -15.84
N SER U 445 72.58 -30.26 -17.13
CA SER U 445 71.46 -29.53 -17.66
C SER U 445 71.12 -30.14 -19.01
N ASN U 446 70.14 -29.55 -19.68
CA ASN U 446 69.78 -30.02 -21.00
C ASN U 446 69.29 -28.88 -21.87
N ILE U 447 69.54 -29.02 -23.17
CA ILE U 447 69.14 -27.99 -24.12
C ILE U 447 67.67 -28.20 -24.40
N THR U 448 66.87 -27.20 -24.12
CA THR U 448 65.45 -27.29 -24.30
C THR U 448 64.97 -26.43 -25.45
N GLY U 449 65.81 -25.53 -25.91
CA GLY U 449 65.50 -24.66 -27.02
C GLY U 449 66.78 -24.03 -27.53
N LEU U 450 66.65 -23.30 -28.63
CA LEU U 450 67.81 -22.63 -29.19
C LEU U 450 67.35 -21.56 -30.16
N ILE U 451 68.26 -20.64 -30.45
CA ILE U 451 68.00 -19.53 -31.34
C ILE U 451 68.86 -19.67 -32.58
N LEU U 452 68.23 -19.57 -33.73
CA LEU U 452 68.93 -19.63 -35.01
C LEU U 452 68.90 -18.27 -35.67
N ILE U 453 69.99 -17.91 -36.34
CA ILE U 453 70.05 -16.66 -37.09
C ILE U 453 70.39 -16.95 -38.54
N ARG U 454 69.84 -16.14 -39.42
CA ARG U 454 70.08 -16.28 -40.85
C ARG U 454 71.30 -15.47 -41.25
N ASP U 455 72.11 -16.04 -42.14
CA ASP U 455 73.39 -15.41 -42.48
C ASP U 455 73.27 -14.19 -43.40
N GLY U 456 72.19 -14.02 -44.14
CA GLY U 456 72.04 -12.81 -44.93
C GLY U 456 71.61 -13.11 -46.35
N GLY U 457 71.88 -12.14 -47.24
CA GLY U 457 71.46 -12.26 -48.62
C GLY U 457 72.18 -13.38 -49.35
N LYS U 458 71.46 -13.99 -50.29
CA LYS U 458 71.99 -15.13 -51.03
C LYS U 458 71.14 -15.38 -52.27
N ASN U 459 71.63 -16.30 -53.11
CA ASN U 459 70.85 -16.81 -54.22
C ASN U 459 69.57 -17.47 -53.71
N ARG U 460 68.44 -17.07 -54.30
CA ARG U 460 67.12 -17.55 -53.90
C ARG U 460 67.02 -19.08 -53.89
N SER U 461 67.80 -19.75 -54.74
CA SER U 461 67.74 -21.21 -54.88
C SER U 461 68.01 -21.90 -53.55
N GLU U 462 67.34 -23.04 -53.34
CA GLU U 462 67.40 -23.77 -52.08
C GLU U 462 68.73 -24.49 -51.93
N ASN U 463 69.81 -23.73 -51.86
CA ASN U 463 71.16 -24.29 -51.74
C ASN U 463 71.62 -24.26 -50.30
N THR U 464 71.66 -23.06 -49.71
CA THR U 464 72.16 -22.87 -48.37
C THR U 464 71.20 -21.95 -47.64
N GLU U 465 71.22 -22.08 -46.31
CA GLU U 465 70.64 -21.14 -45.38
C GLU U 465 71.38 -21.48 -44.10
N ILE U 466 72.37 -20.68 -43.74
CA ILE U 466 73.29 -21.09 -42.71
C ILE U 466 72.77 -20.61 -41.36
N PHE U 467 71.97 -21.46 -40.73
CA PHE U 467 71.33 -21.16 -39.46
C PHE U 467 72.39 -21.29 -38.38
N ARG U 468 73.08 -20.21 -38.18
CA ARG U 468 74.15 -20.19 -37.21
C ARG U 468 73.53 -20.02 -35.82
N PRO U 469 74.19 -20.49 -34.78
CA PRO U 469 73.73 -20.15 -33.43
C PRO U 469 73.97 -18.68 -33.20
N GLY U 470 73.11 -18.08 -32.39
CA GLY U 470 73.31 -16.68 -32.10
C GLY U 470 72.24 -16.16 -31.19
N GLY U 471 72.20 -14.83 -31.10
CA GLY U 471 71.25 -14.15 -30.26
C GLY U 471 71.89 -13.62 -29.01
N GLY U 472 71.96 -12.30 -28.90
CA GLY U 472 72.50 -11.65 -27.73
C GLY U 472 71.50 -10.87 -26.91
N ASP U 473 70.23 -10.87 -27.30
CA ASP U 473 69.22 -10.10 -26.58
C ASP U 473 68.67 -11.02 -25.52
N MET U 474 69.12 -10.79 -24.28
CA MET U 474 68.83 -11.71 -23.20
C MET U 474 67.35 -11.76 -22.86
N ARG U 475 66.58 -10.73 -23.26
CA ARG U 475 65.13 -10.71 -23.04
C ARG U 475 64.42 -11.89 -23.67
N ASP U 476 64.98 -12.45 -24.73
CA ASP U 476 64.38 -13.61 -25.37
C ASP U 476 64.43 -14.86 -24.49
N ASN U 477 65.27 -14.89 -23.46
CA ASN U 477 65.28 -16.04 -22.56
C ASN U 477 64.06 -16.11 -21.67
N TRP U 478 63.26 -15.06 -21.63
CA TRP U 478 61.99 -15.11 -20.91
C TRP U 478 60.80 -15.05 -21.84
N ARG U 479 60.95 -14.30 -22.93
CA ARG U 479 59.91 -14.25 -23.94
C ARG U 479 59.59 -15.64 -24.48
N SER U 480 60.62 -16.48 -24.59
CA SER U 480 60.44 -17.85 -25.05
C SER U 480 59.50 -18.67 -24.20
N GLU U 481 59.19 -18.22 -23.00
CA GLU U 481 58.19 -18.89 -22.18
C GLU U 481 56.92 -18.08 -22.07
N LEU U 482 57.05 -16.76 -22.04
CA LEU U 482 55.92 -15.85 -21.86
C LEU U 482 54.93 -15.88 -22.99
N TYR U 483 55.33 -16.36 -24.18
CA TYR U 483 54.49 -16.42 -25.37
C TYR U 483 53.14 -17.08 -25.12
N LYS U 484 53.02 -17.82 -24.05
CA LYS U 484 51.78 -18.51 -23.74
C LYS U 484 50.72 -17.60 -23.14
N TYR U 485 51.06 -16.40 -22.69
CA TYR U 485 50.14 -15.64 -21.83
C TYR U 485 49.85 -14.27 -22.39
N LYS U 486 48.70 -13.73 -21.99
CA LYS U 486 48.26 -12.38 -22.32
C LYS U 486 47.51 -11.81 -21.12
N VAL U 487 47.66 -10.53 -20.87
CA VAL U 487 47.04 -9.85 -19.72
C VAL U 487 45.97 -8.89 -20.21
N VAL U 488 44.79 -8.94 -19.61
CA VAL U 488 43.68 -8.07 -20.00
C VAL U 488 43.07 -7.41 -18.77
N LYS U 489 42.39 -6.29 -19.02
CA LYS U 489 41.63 -5.57 -18.00
C LYS U 489 40.15 -5.86 -18.16
N ILE U 490 39.49 -6.18 -17.07
CA ILE U 490 38.11 -6.61 -17.11
C ILE U 490 37.22 -5.46 -16.68
N GLU U 491 36.18 -5.20 -17.48
CA GLU U 491 35.28 -4.07 -17.31
C GLU U 491 33.91 -4.56 -16.88
N PRO U 492 33.59 -4.52 -15.59
CA PRO U 492 32.35 -5.14 -15.11
C PRO U 492 31.10 -4.32 -15.32
N LEU U 493 31.23 -3.05 -15.74
CA LEU U 493 30.10 -2.16 -15.83
C LEU U 493 29.61 -2.07 -17.27
N GLY U 494 28.31 -2.28 -17.47
CA GLY U 494 27.73 -2.17 -18.80
C GLY U 494 26.23 -2.06 -18.75
N ILE U 495 25.64 -1.79 -19.91
CA ILE U 495 24.21 -1.56 -20.04
C ILE U 495 23.64 -2.36 -21.21
N ALA U 496 22.32 -2.52 -21.20
CA ALA U 496 21.57 -3.15 -22.28
C ALA U 496 20.11 -2.73 -22.15
N PRO U 497 19.34 -2.78 -23.24
CA PRO U 497 17.92 -2.43 -23.15
C PRO U 497 17.12 -3.49 -22.40
N THR U 498 15.98 -3.06 -21.86
CA THR U 498 15.04 -3.96 -21.20
C THR U 498 13.61 -3.64 -21.64
N LYS U 499 12.64 -4.30 -21.01
CA LYS U 499 11.25 -4.17 -21.39
C LYS U 499 10.53 -3.00 -20.73
N CYS U 500 10.87 -2.63 -19.49
CA CYS U 500 10.01 -1.71 -18.74
C CYS U 500 10.77 -0.51 -18.22
N LYS U 501 10.01 0.52 -17.82
CA LYS U 501 10.51 1.70 -17.14
C LYS U 501 10.67 1.42 -15.65
N ARG U 502 11.70 2.01 -15.03
CA ARG U 502 11.79 2.06 -13.57
C ARG U 502 10.54 2.70 -12.99
N ARG U 503 9.99 2.07 -11.95
CA ARG U 503 8.78 2.56 -11.28
C ARG U 503 9.16 3.77 -10.43
N VAL U 504 9.29 4.91 -11.11
CA VAL U 504 9.73 6.13 -10.45
C VAL U 504 8.51 6.89 -9.95
N VAL U 505 8.54 7.27 -8.68
CA VAL U 505 7.54 8.14 -8.11
C VAL U 505 7.93 9.61 -8.27
N ALA V 1 20.25 -38.17 -21.53
CA ALA V 1 21.36 -38.14 -20.60
C ALA V 1 22.10 -36.83 -20.68
N VAL V 2 22.44 -36.29 -19.53
CA VAL V 2 23.09 -34.98 -19.47
C VAL V 2 24.29 -35.02 -18.54
N GLY V 3 25.41 -34.54 -19.03
CA GLY V 3 26.58 -34.34 -18.19
C GLY V 3 26.60 -32.90 -17.67
N ILE V 4 27.01 -32.76 -16.41
CA ILE V 4 26.94 -31.47 -15.75
C ILE V 4 28.29 -31.10 -15.16
N GLY V 5 28.54 -29.79 -15.11
CA GLY V 5 29.65 -29.25 -14.36
C GLY V 5 29.30 -29.21 -12.89
N ALA V 6 30.20 -28.65 -12.09
CA ALA V 6 29.96 -28.68 -10.64
C ALA V 6 28.84 -27.75 -10.22
N VAL V 7 29.10 -26.45 -10.23
CA VAL V 7 28.17 -25.51 -9.61
C VAL V 7 27.80 -24.35 -10.51
N PHE V 8 28.79 -23.62 -10.99
CA PHE V 8 28.53 -22.42 -11.77
C PHE V 8 29.75 -22.04 -12.58
N LEU V 9 29.56 -21.03 -13.43
CA LEU V 9 30.59 -20.51 -14.31
C LEU V 9 31.87 -20.27 -13.54
N GLY V 10 32.98 -20.78 -14.08
CA GLY V 10 34.28 -20.56 -13.49
C GLY V 10 34.68 -19.10 -13.50
N PHE V 11 34.91 -18.55 -14.69
CA PHE V 11 35.36 -17.18 -14.79
C PHE V 11 35.27 -16.76 -16.24
N LEU V 12 34.50 -15.70 -16.51
CA LEU V 12 34.35 -15.08 -17.82
C LEU V 12 33.83 -15.93 -18.96
N GLY V 13 33.76 -17.25 -18.82
CA GLY V 13 33.39 -18.10 -19.96
C GLY V 13 32.11 -17.68 -20.63
N ALA V 14 31.13 -17.22 -19.85
CA ALA V 14 29.83 -16.82 -20.37
C ALA V 14 29.90 -15.64 -21.32
N ALA V 15 31.03 -14.93 -21.37
CA ALA V 15 31.22 -13.74 -22.20
C ALA V 15 30.91 -13.96 -23.66
N GLY V 16 31.07 -15.18 -24.14
CA GLY V 16 30.75 -15.52 -25.50
C GLY V 16 29.42 -16.20 -25.69
N SER V 17 28.61 -16.32 -24.64
CA SER V 17 27.28 -16.87 -24.79
C SER V 17 26.31 -15.72 -24.78
N THR V 18 25.04 -15.99 -25.09
CA THR V 18 24.08 -14.91 -25.13
C THR V 18 24.00 -14.22 -23.78
N MET V 19 23.70 -12.92 -23.85
CA MET V 19 23.61 -12.08 -22.66
C MET V 19 22.54 -12.59 -21.71
N GLY V 20 21.48 -13.16 -22.27
CA GLY V 20 20.45 -13.79 -21.47
C GLY V 20 21.03 -14.84 -20.55
N ALA V 21 21.68 -15.85 -21.15
CA ALA V 21 22.28 -16.92 -20.36
C ALA V 21 23.38 -16.38 -19.45
N ALA V 22 24.20 -15.48 -19.97
CA ALA V 22 25.29 -14.94 -19.18
C ALA V 22 24.82 -14.21 -17.92
N SER V 23 23.62 -13.60 -17.95
CA SER V 23 23.12 -12.87 -16.80
C SER V 23 23.01 -13.74 -15.56
N MET V 24 22.95 -15.06 -15.73
CA MET V 24 22.77 -15.97 -14.60
C MET V 24 23.89 -15.86 -13.58
N THR V 25 25.10 -15.53 -14.00
CA THR V 25 26.25 -15.58 -13.11
C THR V 25 26.86 -14.20 -12.87
N LEU V 26 26.06 -13.14 -12.98
CA LEU V 26 26.54 -11.80 -12.63
C LEU V 26 26.99 -11.73 -11.18
N THR V 27 26.30 -12.46 -10.30
CA THR V 27 26.69 -12.51 -8.90
C THR V 27 28.06 -13.12 -8.73
N VAL V 28 28.36 -14.12 -9.56
CA VAL V 28 29.65 -14.79 -9.49
C VAL V 28 30.74 -13.87 -10.01
N GLN V 29 30.53 -13.36 -11.21
CA GLN V 29 31.55 -12.56 -11.87
C GLN V 29 31.84 -11.29 -11.09
N ALA V 30 30.79 -10.62 -10.61
CA ALA V 30 30.96 -9.39 -9.86
C ALA V 30 31.80 -9.59 -8.62
N ARG V 31 31.45 -10.62 -7.83
CA ARG V 31 32.17 -10.90 -6.57
C ARG V 31 33.64 -11.16 -6.82
N GLN V 32 33.92 -11.94 -7.86
CA GLN V 32 35.28 -12.32 -8.21
C GLN V 32 36.12 -11.11 -8.62
N LEU V 33 35.50 -10.17 -9.33
CA LEU V 33 36.25 -9.02 -9.80
C LEU V 33 36.41 -7.97 -8.72
N LEU V 34 35.34 -7.77 -7.96
CA LEU V 34 35.34 -6.74 -6.92
C LEU V 34 36.38 -7.05 -5.86
N SER V 35 36.54 -8.31 -5.52
CA SER V 35 37.50 -8.67 -4.48
C SER V 35 38.24 -9.95 -4.85
N TRP V 60 59.11 -4.15 -3.88
CA TRP V 60 57.98 -5.06 -4.02
C TRP V 60 56.79 -4.55 -3.23
N GLY V 61 57.02 -4.06 -2.01
CA GLY V 61 55.94 -3.54 -1.20
C GLY V 61 55.32 -2.30 -1.78
N ILE V 62 56.15 -1.41 -2.33
CA ILE V 62 55.69 -0.12 -2.86
C ILE V 62 54.91 -0.31 -4.15
N LYS V 63 55.43 -1.13 -5.06
CA LYS V 63 54.73 -1.39 -6.31
C LYS V 63 53.36 -1.99 -6.04
N GLN V 64 53.28 -2.93 -5.10
CA GLN V 64 51.98 -3.47 -4.69
C GLN V 64 51.13 -2.42 -3.99
N LEU V 65 51.77 -1.58 -3.15
CA LEU V 65 51.07 -0.49 -2.49
C LEU V 65 50.38 0.42 -3.49
N GLN V 66 51.11 0.79 -4.54
CA GLN V 66 50.52 1.57 -5.62
C GLN V 66 49.34 0.83 -6.24
N ALA V 67 49.52 -0.45 -6.54
CA ALA V 67 48.45 -1.23 -7.16
C ALA V 67 47.21 -1.27 -6.27
N ARG V 68 47.41 -1.39 -4.97
CA ARG V 68 46.29 -1.45 -4.04
C ARG V 68 45.46 -0.17 -4.11
N VAL V 69 46.14 0.98 -4.09
CA VAL V 69 45.44 2.24 -4.15
C VAL V 69 44.66 2.37 -5.44
N LEU V 70 45.27 1.95 -6.54
CA LEU V 70 44.60 1.97 -7.84
C LEU V 70 43.37 1.09 -7.85
N ALA V 71 43.50 -0.10 -7.24
CA ALA V 71 42.36 -1.00 -7.16
C ALA V 71 41.21 -0.35 -6.40
N VAL V 72 41.54 0.35 -5.32
CA VAL V 72 40.52 1.03 -4.53
C VAL V 72 39.80 2.08 -5.38
N GLU V 73 40.57 2.89 -6.09
CA GLU V 73 39.99 3.94 -6.94
C GLU V 73 39.08 3.38 -8.01
N ARG V 74 39.50 2.28 -8.63
CA ARG V 74 38.64 1.63 -9.61
C ARG V 74 37.39 1.09 -8.95
N TYR V 75 37.56 0.45 -7.80
CA TYR V 75 36.43 -0.06 -7.02
C TYR V 75 35.44 1.05 -6.71
N LEU V 76 35.94 2.16 -6.17
CA LEU V 76 35.04 3.22 -5.72
C LEU V 76 34.41 3.96 -6.89
N LYS V 77 35.16 4.09 -7.99
CA LYS V 77 34.64 4.74 -9.20
C LYS V 77 33.33 4.10 -9.63
N ASP V 78 33.33 2.78 -9.73
CA ASP V 78 32.12 2.06 -10.11
C ASP V 78 31.02 2.26 -9.09
N GLN V 79 31.39 2.21 -7.79
CA GLN V 79 30.40 2.39 -6.74
C GLN V 79 29.80 3.78 -6.78
N GLN V 80 30.60 4.79 -7.15
CA GLN V 80 30.08 6.15 -7.25
C GLN V 80 28.96 6.21 -8.27
N LEU V 81 29.20 5.67 -9.46
CA LEU V 81 28.20 5.71 -10.51
C LEU V 81 26.97 4.92 -10.14
N LEU V 82 27.15 3.73 -9.56
CA LEU V 82 26.02 2.92 -9.15
C LEU V 82 25.20 3.62 -8.06
N GLY V 83 25.89 4.30 -7.14
CA GLY V 83 25.19 5.12 -6.16
C GLY V 83 24.35 6.21 -6.80
N ILE V 84 24.97 7.04 -7.65
CA ILE V 84 24.31 8.16 -8.30
C ILE V 84 23.11 7.69 -9.12
N TRP V 85 23.29 6.61 -9.85
CA TRP V 85 22.24 6.11 -10.74
C TRP V 85 21.10 5.45 -9.99
N GLY V 86 21.20 5.32 -8.67
CA GLY V 86 20.18 4.64 -7.93
C GLY V 86 20.24 3.14 -8.12
N CYS V 87 21.43 2.60 -8.34
CA CYS V 87 21.60 1.20 -8.66
C CYS V 87 22.39 0.46 -7.60
N SER V 88 22.89 1.17 -6.58
CA SER V 88 23.73 0.57 -5.55
C SER V 88 23.04 -0.61 -4.87
N GLY V 89 23.79 -1.68 -4.67
CA GLY V 89 23.26 -2.89 -4.11
C GLY V 89 22.68 -3.85 -5.13
N LYS V 90 22.54 -3.41 -6.37
CA LYS V 90 21.98 -4.25 -7.41
C LYS V 90 23.05 -4.55 -8.43
N LEU V 91 22.94 -5.73 -9.04
CA LEU V 91 23.72 -6.00 -10.23
C LEU V 91 22.88 -5.87 -11.49
N ILE V 92 21.57 -5.70 -11.30
CA ILE V 92 20.60 -5.51 -12.36
C ILE V 92 19.68 -4.41 -11.86
N CYS V 93 19.71 -3.24 -12.50
CA CYS V 93 18.73 -2.24 -12.12
C CYS V 93 18.14 -1.54 -13.34
N CYS V 94 16.84 -1.36 -13.29
CA CYS V 94 16.14 -0.68 -14.36
C CYS V 94 16.26 0.82 -14.17
N THR V 95 16.54 1.54 -15.25
CA THR V 95 16.57 2.99 -15.21
C THR V 95 15.27 3.52 -15.77
N ALA V 96 15.17 4.84 -15.90
CA ALA V 96 14.01 5.48 -16.48
C ALA V 96 14.40 6.27 -17.72
N VAL V 97 15.48 5.87 -18.37
CA VAL V 97 15.95 6.50 -19.59
C VAL V 97 15.45 5.66 -20.77
N PRO V 98 14.68 6.22 -21.69
CA PRO V 98 14.22 5.44 -22.83
C PRO V 98 15.34 5.10 -23.78
N TRP V 99 15.20 3.95 -24.44
CA TRP V 99 16.16 3.52 -25.42
C TRP V 99 15.92 4.24 -26.73
N ASN V 100 16.91 4.96 -27.19
CA ASN V 100 16.80 5.58 -28.50
C ASN V 100 17.19 4.55 -29.53
N THR V 101 16.22 4.14 -30.35
CA THR V 101 16.41 3.09 -31.33
C THR V 101 17.42 3.46 -32.40
N SER V 102 17.87 4.72 -32.45
CA SER V 102 18.97 5.10 -33.32
C SER V 102 20.24 4.35 -32.94
N TRP V 103 20.41 4.07 -31.65
CA TRP V 103 21.59 3.34 -31.20
C TRP V 103 21.58 1.92 -31.75
N SER V 104 20.44 1.27 -31.67
CA SER V 104 20.26 -0.05 -32.25
C SER V 104 18.76 -0.29 -32.36
N ASN V 105 18.32 -0.75 -33.52
CA ASN V 105 16.91 -1.00 -33.77
C ASN V 105 16.55 -2.46 -33.56
N LYS V 106 17.38 -3.22 -32.90
CA LYS V 106 17.05 -4.60 -32.59
C LYS V 106 16.00 -4.66 -31.49
N SER V 107 15.13 -5.66 -31.58
CA SER V 107 14.13 -5.90 -30.54
C SER V 107 14.78 -6.54 -29.32
N TYR V 108 13.99 -6.64 -28.25
CA TYR V 108 14.48 -7.26 -27.01
C TYR V 108 15.04 -8.65 -27.28
N ASN V 109 14.24 -9.52 -27.90
CA ASN V 109 14.69 -10.88 -28.14
C ASN V 109 15.83 -10.96 -29.15
N GLN V 110 15.84 -10.06 -30.14
CA GLN V 110 16.92 -10.05 -31.13
C GLN V 110 18.27 -9.69 -30.54
N ILE V 111 18.32 -9.19 -29.31
CA ILE V 111 19.56 -8.82 -28.66
C ILE V 111 19.89 -9.91 -27.66
N TRP V 112 18.98 -10.10 -26.72
CA TRP V 112 19.24 -10.87 -25.52
C TRP V 112 19.34 -12.35 -25.78
N ASN V 113 18.62 -12.85 -26.78
CA ASN V 113 18.67 -14.25 -27.12
C ASN V 113 19.54 -14.50 -28.33
N ASN V 114 20.25 -13.49 -28.79
CA ASN V 114 21.03 -13.68 -30.00
C ASN V 114 22.39 -13.00 -29.97
N MET V 115 22.82 -12.41 -28.87
CA MET V 115 24.08 -11.70 -28.92
C MET V 115 24.77 -11.80 -27.57
N THR V 116 26.10 -11.86 -27.61
CA THR V 116 26.92 -12.05 -26.43
C THR V 116 27.24 -10.70 -25.80
N TRP V 117 27.78 -10.75 -24.59
CA TRP V 117 28.23 -9.52 -23.97
C TRP V 117 29.38 -8.88 -24.72
N MET V 118 30.36 -9.67 -25.16
CA MET V 118 31.46 -9.06 -25.91
C MET V 118 30.95 -8.37 -27.16
N GLU V 119 30.04 -9.02 -27.89
CA GLU V 119 29.54 -8.44 -29.12
C GLU V 119 28.69 -7.21 -28.85
N TRP V 120 27.82 -7.28 -27.85
CA TRP V 120 26.91 -6.19 -27.56
C TRP V 120 27.64 -4.91 -27.19
N GLU V 121 28.63 -5.03 -26.31
CA GLU V 121 29.35 -3.85 -25.83
C GLU V 121 30.01 -3.12 -26.98
N ARG V 122 30.55 -3.87 -27.94
CA ARG V 122 31.12 -3.28 -29.15
C ARG V 122 30.06 -2.56 -29.97
N GLU V 123 28.88 -3.17 -30.13
CA GLU V 123 27.84 -2.57 -30.94
C GLU V 123 27.51 -1.16 -30.48
N ILE V 124 27.44 -0.94 -29.17
CA ILE V 124 27.04 0.36 -28.65
C ILE V 124 28.17 1.05 -27.90
N ASP V 125 29.42 0.70 -28.23
CA ASP V 125 30.57 1.27 -27.55
C ASP V 125 30.58 2.80 -27.60
N ASN V 126 30.18 3.37 -28.75
CA ASN V 126 30.25 4.81 -28.95
C ASN V 126 29.06 5.54 -28.34
N TYR V 127 28.19 4.85 -27.62
CA TYR V 127 27.06 5.50 -26.97
C TYR V 127 27.17 5.42 -25.47
N THR V 128 28.26 4.83 -24.97
CA THR V 128 28.45 4.64 -23.53
C THR V 128 28.39 5.97 -22.80
N SER V 129 29.22 6.93 -23.21
CA SER V 129 29.27 8.22 -22.55
C SER V 129 27.97 8.98 -22.74
N LEU V 130 27.32 8.83 -23.89
CA LEU V 130 26.04 9.48 -24.14
C LEU V 130 24.99 9.02 -23.14
N ILE V 131 24.79 7.71 -23.05
CA ILE V 131 23.73 7.18 -22.20
C ILE V 131 24.03 7.43 -20.74
N TYR V 132 25.29 7.23 -20.34
CA TYR V 132 25.69 7.52 -18.95
C TYR V 132 25.36 8.95 -18.59
N THR V 133 25.66 9.88 -19.50
CA THR V 133 25.34 11.28 -19.29
C THR V 133 23.83 11.47 -19.11
N LEU V 134 23.05 10.84 -19.98
CA LEU V 134 21.59 10.98 -19.93
C LEU V 134 21.03 10.47 -18.61
N ILE V 135 21.58 9.38 -18.09
CA ILE V 135 21.10 8.84 -16.82
C ILE V 135 21.25 9.87 -15.72
N GLU V 136 22.40 10.52 -15.67
CA GLU V 136 22.65 11.47 -14.60
C GLU V 136 21.99 12.80 -14.88
N ASP V 137 22.27 13.38 -16.05
CA ASP V 137 21.76 14.71 -16.33
C ASP V 137 20.24 14.75 -16.38
N SER V 138 19.59 13.69 -16.85
CA SER V 138 18.15 13.78 -16.91
C SER V 138 17.48 13.09 -15.74
N GLN V 139 17.72 11.80 -15.54
CA GLN V 139 16.92 11.07 -14.56
C GLN V 139 17.33 11.41 -13.14
N ASN V 140 18.62 11.30 -12.83
CA ASN V 140 19.11 11.58 -11.49
C ASN V 140 18.72 12.99 -11.07
N GLN V 141 18.93 13.94 -11.96
CA GLN V 141 18.50 15.32 -11.75
C GLN V 141 17.02 15.39 -11.39
N GLN V 142 16.17 14.73 -12.18
CA GLN V 142 14.74 14.72 -11.90
C GLN V 142 14.44 14.10 -10.54
N GLU V 143 15.02 12.92 -10.27
CA GLU V 143 14.71 12.20 -9.03
C GLU V 143 15.10 13.00 -7.80
N LYS V 144 16.24 13.72 -7.86
CA LYS V 144 16.60 14.54 -6.71
C LYS V 144 15.73 15.77 -6.57
N ASN V 145 15.41 16.45 -7.68
CA ASN V 145 14.55 17.63 -7.59
C ASN V 145 13.16 17.24 -7.08
N GLU V 146 12.54 16.27 -7.74
CA GLU V 146 11.18 15.90 -7.37
C GLU V 146 11.11 15.32 -5.97
N GLN V 147 12.13 14.55 -5.56
CA GLN V 147 12.19 13.99 -4.22
C GLN V 147 12.01 15.05 -3.16
N GLU V 148 12.81 16.12 -3.23
CA GLU V 148 12.72 17.21 -2.27
C GLU V 148 11.33 17.83 -2.29
N LEU V 149 10.80 18.08 -3.49
CA LEU V 149 9.48 18.69 -3.62
C LEU V 149 8.40 17.82 -3.00
N LEU V 150 8.48 16.51 -3.22
CA LEU V 150 7.53 15.59 -2.62
C LEU V 150 7.67 15.56 -1.09
N GLU V 151 8.89 15.55 -0.57
CA GLU V 151 9.08 15.58 0.88
C GLU V 151 8.56 16.88 1.48
N LEU V 152 8.81 18.01 0.81
CA LEU V 152 8.27 19.29 1.28
C LEU V 152 6.76 19.28 1.28
N ASP V 153 6.17 18.83 0.17
CA ASP V 153 4.73 18.76 0.04
C ASP V 153 4.30 17.45 -0.59
N GLN W 19 31.38 -34.37 -48.03
CA GLN W 19 30.42 -35.06 -47.19
C GLN W 19 31.01 -35.50 -45.88
N VAL W 20 30.20 -36.15 -45.06
CA VAL W 20 30.63 -36.62 -43.76
C VAL W 20 31.30 -37.98 -43.92
N GLN W 21 32.51 -38.09 -43.38
CA GLN W 21 33.25 -39.33 -43.46
C GLN W 21 34.13 -39.44 -42.22
N LEU W 22 34.09 -40.60 -41.59
CA LEU W 22 34.98 -40.91 -40.48
C LEU W 22 36.01 -41.91 -40.99
N VAL W 23 37.28 -41.64 -40.72
CA VAL W 23 38.38 -42.51 -41.11
C VAL W 23 38.97 -43.07 -39.84
N GLU W 24 38.71 -44.34 -39.59
CA GLU W 24 38.96 -44.94 -38.29
C GLU W 24 40.07 -45.96 -38.44
N SER W 25 41.22 -45.66 -37.85
CA SER W 25 42.38 -46.52 -37.99
C SER W 25 43.12 -46.55 -36.66
N GLY W 26 44.33 -47.06 -36.69
CA GLY W 26 45.13 -47.24 -35.52
C GLY W 26 45.00 -48.60 -34.88
N GLY W 27 44.23 -49.50 -35.49
CA GLY W 27 44.03 -50.83 -34.96
C GLY W 27 45.16 -51.77 -35.29
N GLY W 28 44.88 -53.07 -35.11
CA GLY W 28 45.86 -54.12 -35.29
C GLY W 28 45.80 -55.11 -34.15
N VAL W 29 46.89 -55.86 -33.97
CA VAL W 29 46.95 -56.92 -32.98
C VAL W 29 48.02 -56.60 -31.94
N VAL W 30 47.63 -56.67 -30.66
CA VAL W 30 48.52 -56.43 -29.54
C VAL W 30 48.41 -57.60 -28.58
N GLN W 31 49.38 -57.69 -27.70
CA GLN W 31 49.41 -58.69 -26.64
C GLN W 31 48.65 -58.16 -25.43
N PRO W 32 48.06 -59.04 -24.61
CA PRO W 32 47.53 -58.58 -23.32
C PRO W 32 48.62 -57.96 -22.46
N GLY W 33 48.27 -56.86 -21.82
CA GLY W 33 49.23 -56.05 -21.11
C GLY W 33 49.85 -54.94 -21.93
N GLY W 34 49.61 -54.93 -23.24
CA GLY W 34 50.15 -53.91 -24.11
C GLY W 34 49.17 -52.77 -24.29
N SER W 35 49.43 -51.96 -25.30
CA SER W 35 48.58 -50.79 -25.52
C SER W 35 48.67 -50.33 -26.96
N LEU W 36 47.68 -49.51 -27.33
CA LEU W 36 47.63 -48.82 -28.60
C LEU W 36 46.73 -47.60 -28.40
N ARG W 37 46.65 -46.77 -29.42
CA ARG W 37 45.71 -45.66 -29.41
C ARG W 37 45.03 -45.59 -30.76
N LEU W 38 43.71 -45.48 -30.76
CA LEU W 38 42.98 -45.33 -32.00
C LEU W 38 42.80 -43.86 -32.31
N SER W 39 42.68 -43.57 -33.60
CA SER W 39 42.50 -42.20 -34.05
C SER W 39 41.47 -42.17 -35.16
N CYS W 40 40.37 -41.48 -34.92
CA CYS W 40 39.28 -41.39 -35.88
C CYS W 40 39.29 -39.98 -36.46
N ALA W 41 39.80 -39.86 -37.67
CA ALA W 41 39.76 -38.56 -38.34
C ALA W 41 38.39 -38.38 -38.97
N ALA W 42 37.90 -37.14 -38.94
CA ALA W 42 36.57 -36.88 -39.46
C ALA W 42 36.52 -35.52 -40.13
N SER W 43 35.65 -35.41 -41.12
CA SER W 43 35.31 -34.12 -41.68
C SER W 43 33.86 -34.13 -42.14
N GLY W 44 33.45 -33.04 -42.77
CA GLY W 44 32.08 -32.85 -43.19
C GLY W 44 31.16 -32.27 -42.15
N PHE W 45 31.65 -32.01 -40.94
CA PHE W 45 30.82 -31.45 -39.89
C PHE W 45 31.72 -30.74 -38.89
N ALA W 46 31.09 -29.98 -38.00
CA ALA W 46 31.80 -29.20 -37.00
C ALA W 46 32.22 -30.12 -35.86
N PHE W 47 33.27 -30.90 -36.13
CA PHE W 47 33.85 -31.81 -35.15
C PHE W 47 34.08 -31.12 -33.82
N LYS W 48 34.62 -29.91 -33.86
CA LYS W 48 34.95 -29.15 -32.66
C LYS W 48 33.74 -28.89 -31.78
N ASP W 49 32.55 -28.89 -32.37
CA ASP W 49 31.37 -28.49 -31.62
C ASP W 49 30.57 -29.67 -31.10
N PHE W 50 30.49 -30.77 -31.84
CA PHE W 50 29.59 -31.83 -31.41
C PHE W 50 30.31 -32.79 -30.47
N GLY W 51 29.54 -33.37 -29.55
CA GLY W 51 30.07 -34.42 -28.70
C GLY W 51 30.17 -35.74 -29.43
N MET W 52 31.07 -36.59 -28.95
CA MET W 52 31.38 -37.83 -29.64
C MET W 52 31.23 -39.03 -28.71
N HIS W 53 31.12 -40.21 -29.32
CA HIS W 53 30.98 -41.47 -28.61
C HIS W 53 32.06 -42.47 -29.02
N TRP W 54 32.31 -43.42 -28.13
CA TRP W 54 33.02 -44.64 -28.47
C TRP W 54 32.14 -45.83 -28.13
N VAL W 55 32.05 -46.78 -29.06
CA VAL W 55 31.35 -48.04 -28.86
C VAL W 55 32.22 -49.16 -29.41
N ARG W 56 31.91 -50.39 -28.99
CA ARG W 56 32.67 -51.52 -29.49
C ARG W 56 31.74 -52.71 -29.63
N GLN W 57 32.08 -53.61 -30.55
CA GLN W 57 31.33 -54.84 -30.75
C GLN W 57 32.31 -56.00 -30.87
N ALA W 58 32.27 -56.88 -29.87
CA ALA W 58 33.06 -58.09 -29.90
C ALA W 58 32.41 -59.09 -30.85
N PRO W 59 33.20 -59.96 -31.47
CA PRO W 59 32.64 -60.99 -32.34
C PRO W 59 31.65 -61.87 -31.59
N GLY W 60 30.48 -62.07 -32.21
CA GLY W 60 29.41 -62.84 -31.61
C GLY W 60 28.57 -62.10 -30.60
N LYS W 61 28.86 -60.83 -30.34
CA LYS W 61 28.14 -60.07 -29.33
C LYS W 61 27.43 -58.88 -29.97
N GLY W 62 26.63 -58.20 -29.16
CA GLY W 62 26.00 -56.96 -29.54
C GLY W 62 26.94 -55.78 -29.35
N LEU W 63 26.38 -54.60 -29.46
CA LEU W 63 27.17 -53.39 -29.41
C LEU W 63 27.22 -52.88 -27.98
N GLU W 64 28.42 -52.70 -27.46
CA GLU W 64 28.64 -52.20 -26.11
C GLU W 64 29.08 -50.75 -26.16
N TRP W 65 28.44 -49.92 -25.36
CA TRP W 65 28.87 -48.54 -25.24
C TRP W 65 30.13 -48.45 -24.40
N VAL W 66 31.08 -47.66 -24.86
CA VAL W 66 32.36 -47.53 -24.19
C VAL W 66 32.47 -46.21 -23.44
N ALA W 67 32.28 -45.10 -24.14
CA ALA W 67 32.52 -43.82 -23.49
C ALA W 67 31.93 -42.67 -24.30
N VAL W 68 31.81 -41.52 -23.66
CA VAL W 68 31.36 -40.29 -24.29
C VAL W 68 32.24 -39.11 -23.87
N ILE W 69 32.46 -38.18 -24.81
CA ILE W 69 33.15 -36.94 -24.54
C ILE W 69 32.31 -35.81 -25.11
N GLY W 70 32.17 -34.72 -24.37
CA GLY W 70 31.39 -33.61 -24.83
C GLY W 70 32.09 -32.84 -25.93
N GLY W 71 31.34 -31.91 -26.52
CA GLY W 71 31.86 -31.02 -27.54
C GLY W 71 32.71 -29.92 -26.94
N GLY W 72 33.10 -28.99 -27.79
CA GLY W 72 34.03 -27.95 -27.38
C GLY W 72 35.35 -28.57 -26.99
N HIS W 73 35.78 -28.28 -25.77
CA HIS W 73 37.03 -28.84 -25.28
C HIS W 73 36.84 -30.15 -24.52
N GLY W 74 35.62 -30.65 -24.44
CA GLY W 74 35.42 -31.92 -23.78
C GLY W 74 35.51 -31.84 -22.27
N GLN W 75 34.74 -30.94 -21.66
CA GLN W 75 34.84 -30.72 -20.22
C GLN W 75 34.02 -31.70 -19.41
N HIS W 76 33.51 -32.77 -20.02
CA HIS W 76 32.78 -33.78 -19.28
C HIS W 76 32.94 -35.12 -19.98
N GLN W 77 33.09 -36.18 -19.19
CA GLN W 77 33.17 -37.53 -19.73
C GLN W 77 32.37 -38.50 -18.88
N SER W 78 32.09 -39.66 -19.48
CA SER W 78 31.54 -40.81 -18.77
C SER W 78 32.09 -42.09 -19.38
N TYR W 79 32.39 -43.07 -18.52
CA TYR W 79 32.95 -44.32 -19.01
C TYR W 79 32.04 -45.45 -18.60
N SER W 80 31.95 -46.47 -19.45
CA SER W 80 31.35 -47.72 -19.04
C SER W 80 32.17 -48.33 -17.91
N GLU W 81 31.48 -48.94 -16.94
CA GLU W 81 32.18 -49.62 -15.86
C GLU W 81 33.13 -50.70 -16.37
N SER W 82 32.90 -51.21 -17.57
CA SER W 82 33.74 -52.26 -18.13
C SER W 82 35.06 -51.74 -18.65
N VAL W 83 35.21 -50.42 -18.79
CA VAL W 83 36.42 -49.84 -19.35
C VAL W 83 37.04 -48.78 -18.46
N LYS W 84 36.31 -48.25 -17.49
CA LYS W 84 36.81 -47.18 -16.62
C LYS W 84 38.09 -47.57 -15.92
N GLY W 85 39.09 -46.69 -15.99
CA GLY W 85 40.38 -46.93 -15.39
C GLY W 85 41.37 -47.60 -16.30
N ARG W 86 40.93 -48.07 -17.44
CA ARG W 86 41.78 -48.74 -18.40
C ARG W 86 41.84 -48.00 -19.71
N PHE W 87 40.81 -47.22 -20.03
CA PHE W 87 40.76 -46.45 -21.27
C PHE W 87 40.63 -44.98 -20.92
N ALA W 88 41.12 -44.11 -21.82
CA ALA W 88 40.91 -42.67 -21.71
C ALA W 88 40.47 -42.08 -23.05
N ILE W 89 39.61 -41.07 -23.00
CA ILE W 89 39.08 -40.40 -24.20
C ILE W 89 39.69 -39.01 -24.27
N THR W 90 40.14 -38.61 -25.46
CA THR W 90 40.51 -37.22 -25.69
C THR W 90 40.22 -36.84 -27.14
N ARG W 91 40.57 -35.61 -27.50
CA ARG W 91 40.22 -35.07 -28.80
C ARG W 91 41.12 -33.88 -29.14
N ASP W 92 41.32 -33.68 -30.44
CA ASP W 92 42.08 -32.54 -30.96
C ASP W 92 41.23 -31.84 -32.00
N ASN W 93 40.77 -30.63 -31.66
CA ASN W 93 39.82 -29.90 -32.49
C ASN W 93 40.47 -29.26 -33.71
N GLU W 94 41.79 -29.24 -33.79
CA GLU W 94 42.46 -28.73 -34.98
C GLU W 94 42.78 -29.83 -35.96
N LYS W 95 43.13 -31.01 -35.45
CA LYS W 95 43.34 -32.16 -36.31
C LYS W 95 42.05 -32.81 -36.74
N ASN W 96 40.96 -32.53 -36.01
CA ASN W 96 39.65 -33.15 -36.19
C ASN W 96 39.73 -34.66 -36.00
N LYS W 97 40.41 -35.06 -34.93
CA LYS W 97 40.61 -36.46 -34.65
C LYS W 97 40.15 -36.78 -33.23
N LEU W 98 39.46 -37.92 -33.10
CA LEU W 98 39.00 -38.43 -31.83
C LEU W 98 39.88 -39.60 -31.41
N TYR W 99 40.33 -39.60 -30.16
CA TYR W 99 41.30 -40.61 -29.73
C TYR W 99 40.71 -41.51 -28.65
N LEU W 100 41.17 -42.76 -28.65
CA LEU W 100 40.92 -43.71 -27.58
C LEU W 100 42.25 -44.27 -27.12
N HIS W 101 42.61 -44.01 -25.88
CA HIS W 101 43.86 -44.53 -25.36
C HIS W 101 43.57 -45.89 -24.76
N MET W 102 44.06 -46.94 -25.41
CA MET W 102 43.71 -48.31 -25.07
C MET W 102 44.88 -48.90 -24.29
N ASP W 103 44.88 -48.73 -22.98
CA ASP W 103 46.05 -49.11 -22.20
C ASP W 103 45.74 -50.39 -21.42
N ARG W 104 46.82 -51.04 -20.93
CA ARG W 104 46.77 -52.21 -20.03
C ARG W 104 45.69 -53.20 -20.41
N LEU W 105 45.68 -53.58 -21.67
CA LEU W 105 44.55 -54.27 -22.23
C LEU W 105 44.53 -55.75 -21.85
N ARG W 106 43.32 -56.29 -21.85
CA ARG W 106 43.08 -57.70 -21.60
C ARG W 106 42.48 -58.33 -22.85
N THR W 107 42.50 -59.66 -22.90
CA THR W 107 41.97 -60.37 -24.06
C THR W 107 40.48 -60.12 -24.24
N GLU W 108 39.78 -59.82 -23.14
CA GLU W 108 38.37 -59.47 -23.16
C GLU W 108 38.08 -58.19 -23.94
N ASP W 109 39.10 -57.39 -24.24
CA ASP W 109 38.94 -56.13 -24.95
C ASP W 109 38.95 -56.29 -26.46
N THR W 110 39.12 -57.51 -26.98
CA THR W 110 39.00 -57.73 -28.40
C THR W 110 37.61 -57.33 -28.89
N ALA W 111 37.58 -56.42 -29.85
CA ALA W 111 36.34 -55.89 -30.42
C ALA W 111 36.71 -55.00 -31.59
N VAL W 112 35.72 -54.72 -32.43
CA VAL W 112 35.83 -53.65 -33.41
C VAL W 112 35.39 -52.39 -32.71
N TYR W 113 36.19 -51.34 -32.76
CA TYR W 113 35.82 -50.14 -32.04
C TYR W 113 35.36 -49.09 -33.03
N TYR W 114 34.33 -48.34 -32.66
CA TYR W 114 33.77 -47.36 -33.57
C TYR W 114 33.84 -45.99 -32.92
N CYS W 115 34.00 -44.98 -33.75
CA CYS W 115 33.79 -43.60 -33.33
C CYS W 115 32.44 -43.12 -33.82
N ALA W 116 31.78 -42.30 -33.02
CA ALA W 116 30.47 -41.82 -33.42
C ALA W 116 30.23 -40.42 -32.88
N LYS W 117 29.29 -39.74 -33.52
CA LYS W 117 28.87 -38.40 -33.13
C LYS W 117 27.50 -38.47 -32.49
N ASP W 118 27.33 -37.77 -31.36
CA ASP W 118 26.01 -37.67 -30.75
C ASP W 118 25.12 -36.77 -31.58
N ARG W 119 23.80 -36.98 -31.45
CA ARG W 119 22.83 -36.07 -32.03
C ARG W 119 23.09 -34.62 -31.61
N LEU W 120 23.56 -34.40 -30.37
CA LEU W 120 23.91 -33.03 -30.03
C LEU W 120 25.23 -32.84 -29.29
N GLY W 121 25.28 -33.24 -28.03
CA GLY W 121 26.48 -33.10 -27.23
C GLY W 121 26.98 -31.70 -26.95
N ARG W 122 26.05 -30.66 -26.86
CA ARG W 122 26.68 -29.35 -26.77
C ARG W 122 26.71 -28.83 -25.34
N PRO W 123 27.74 -28.06 -25.01
CA PRO W 123 27.87 -27.39 -23.70
C PRO W 123 26.93 -26.20 -23.49
N TRP W 124 25.67 -26.49 -23.16
CA TRP W 124 24.69 -25.43 -22.95
C TRP W 124 24.98 -24.68 -21.66
N ASN W 125 24.82 -23.36 -21.70
CA ASN W 125 24.92 -22.54 -20.49
C ASN W 125 23.52 -22.44 -19.89
N ILE W 126 23.29 -23.20 -18.83
CA ILE W 126 21.98 -23.27 -18.21
C ILE W 126 22.18 -23.44 -16.72
N GLY W 127 21.38 -22.74 -15.92
CA GLY W 127 21.50 -22.87 -14.49
C GLY W 127 22.77 -22.29 -13.94
N GLY W 128 23.45 -21.45 -14.72
CA GLY W 128 24.71 -20.91 -14.34
C GLY W 128 25.90 -21.80 -14.63
N ARG W 129 25.68 -22.97 -15.23
CA ARG W 129 26.79 -23.88 -15.48
C ARG W 129 26.64 -24.52 -16.85
N LEU W 130 27.75 -25.07 -17.34
CA LEU W 130 27.73 -25.80 -18.59
C LEU W 130 27.29 -27.22 -18.35
N VAL W 131 26.42 -27.71 -19.22
CA VAL W 131 25.99 -29.10 -19.18
C VAL W 131 25.98 -29.59 -20.62
N TYR W 132 26.17 -30.89 -20.80
CA TYR W 132 26.20 -31.46 -22.14
C TYR W 132 24.94 -32.29 -22.34
N TYR W 133 24.14 -31.95 -23.35
CA TYR W 133 22.95 -32.73 -23.62
C TYR W 133 23.23 -33.77 -24.69
N TYR W 134 23.01 -35.02 -24.35
CA TYR W 134 23.24 -36.12 -25.26
C TYR W 134 21.91 -36.74 -25.61
N TYR W 135 21.75 -37.20 -26.86
CA TYR W 135 20.53 -37.92 -27.19
C TYR W 135 20.87 -39.16 -28.00
N GLY W 136 22.12 -39.60 -27.98
CA GLY W 136 22.53 -40.83 -28.60
C GLY W 136 23.27 -40.60 -29.91
N MET W 137 24.02 -41.63 -30.30
CA MET W 137 24.80 -41.57 -31.53
C MET W 137 23.89 -41.57 -32.74
N ASP W 138 24.28 -40.80 -33.75
CA ASP W 138 23.58 -40.88 -35.04
C ASP W 138 24.49 -40.86 -36.25
N VAL W 139 25.79 -40.62 -36.10
CA VAL W 139 26.74 -40.58 -37.19
C VAL W 139 27.96 -41.40 -36.77
N TRP W 140 28.54 -42.17 -37.69
CA TRP W 140 29.68 -43.03 -37.37
C TRP W 140 30.35 -43.51 -38.65
N GLY W 141 31.54 -44.07 -38.48
CA GLY W 141 32.20 -44.84 -39.51
C GLY W 141 32.00 -46.33 -39.29
N GLN W 142 32.90 -47.13 -39.88
CA GLN W 142 32.79 -48.58 -39.75
C GLN W 142 33.74 -49.19 -38.74
N GLY W 143 34.52 -48.40 -38.03
CA GLY W 143 35.35 -48.94 -36.98
C GLY W 143 36.58 -49.64 -37.51
N THR W 144 37.36 -50.16 -36.57
CA THR W 144 38.56 -50.91 -36.90
C THR W 144 38.73 -52.01 -35.86
N THR W 145 39.31 -53.11 -36.28
CA THR W 145 39.46 -54.26 -35.41
C THR W 145 40.68 -54.13 -34.54
N VAL W 146 40.51 -54.34 -33.24
CA VAL W 146 41.60 -54.39 -32.29
C VAL W 146 41.55 -55.75 -31.63
N THR W 147 42.63 -56.51 -31.77
CA THR W 147 42.70 -57.86 -31.22
C THR W 147 43.71 -57.88 -30.09
N VAL W 148 43.31 -58.47 -28.95
CA VAL W 148 44.22 -58.65 -27.84
C VAL W 148 44.31 -60.13 -27.57
N SER W 149 45.48 -60.71 -27.79
CA SER W 149 45.63 -62.15 -27.73
C SER W 149 47.11 -62.50 -27.52
N SER W 150 47.35 -63.77 -27.24
CA SER W 150 48.69 -64.28 -27.06
C SER W 150 48.74 -65.74 -27.48
N ALA X 20 22.06 -46.12 -16.59
CA ALA X 20 21.02 -46.48 -17.54
C ALA X 20 20.39 -47.83 -17.19
N ILE X 21 19.09 -47.92 -17.42
CA ILE X 21 18.30 -49.09 -17.03
C ILE X 21 18.48 -50.18 -18.07
N ARG X 22 18.72 -51.41 -17.59
CA ARG X 22 18.87 -52.56 -18.48
C ARG X 22 17.65 -52.75 -19.36
N MET X 23 17.89 -52.90 -20.66
CA MET X 23 16.84 -53.16 -21.62
C MET X 23 16.85 -54.63 -21.98
N THR X 24 15.65 -55.17 -22.24
CA THR X 24 15.52 -56.53 -22.70
C THR X 24 14.70 -56.55 -23.98
N GLN X 25 15.06 -57.47 -24.88
CA GLN X 25 14.36 -57.64 -26.14
C GLN X 25 13.94 -59.09 -26.34
N SER X 26 12.82 -59.26 -27.04
CA SER X 26 12.29 -60.60 -27.25
C SER X 26 11.44 -60.61 -28.52
N PRO X 27 11.43 -61.70 -29.28
CA PRO X 27 12.24 -62.92 -29.16
C PRO X 27 13.65 -62.67 -29.64
N SER X 28 14.63 -63.46 -29.20
CA SER X 28 15.98 -63.28 -29.71
C SER X 28 16.07 -63.60 -31.19
N SER X 29 15.19 -64.48 -31.68
CA SER X 29 15.19 -64.92 -33.08
C SER X 29 13.79 -64.70 -33.63
N LEU X 30 13.66 -63.75 -34.54
CA LEU X 30 12.37 -63.35 -35.10
C LEU X 30 12.43 -63.51 -36.61
N SER X 31 11.46 -64.23 -37.17
CA SER X 31 11.46 -64.45 -38.61
C SER X 31 10.04 -64.41 -39.16
N ALA X 32 9.95 -64.16 -40.46
CA ALA X 32 8.69 -64.12 -41.18
C ALA X 32 8.97 -64.29 -42.67
N SER X 33 7.91 -64.57 -43.41
CA SER X 33 7.99 -64.51 -44.86
C SER X 33 8.03 -63.06 -45.32
N VAL X 34 8.43 -62.87 -46.58
CA VAL X 34 8.55 -61.53 -47.14
C VAL X 34 7.18 -60.88 -47.23
N GLY X 35 7.09 -59.63 -46.74
CA GLY X 35 5.88 -58.85 -46.80
C GLY X 35 5.05 -58.87 -45.54
N ASP X 36 5.39 -59.72 -44.58
CA ASP X 36 4.64 -59.84 -43.34
C ASP X 36 4.99 -58.70 -42.39
N ARG X 37 4.11 -58.49 -41.40
CA ARG X 37 4.31 -57.47 -40.38
C ARG X 37 5.02 -58.08 -39.19
N VAL X 38 6.19 -57.56 -38.86
CA VAL X 38 7.08 -58.17 -37.88
C VAL X 38 7.38 -57.14 -36.80
N THR X 39 7.24 -57.54 -35.53
CA THR X 39 7.44 -56.62 -34.43
C THR X 39 8.42 -57.18 -33.41
N ILE X 40 9.12 -56.28 -32.73
CA ILE X 40 10.11 -56.65 -31.72
C ILE X 40 9.68 -56.05 -30.40
N THR X 41 9.64 -56.87 -29.37
CA THR X 41 9.28 -56.40 -28.05
C THR X 41 10.53 -55.90 -27.35
N CYS X 42 10.44 -54.73 -26.73
CA CYS X 42 11.54 -54.24 -25.92
C CYS X 42 11.03 -53.58 -24.66
N GLN X 43 11.65 -53.94 -23.54
CA GLN X 43 11.17 -53.40 -22.28
C GLN X 43 12.32 -52.97 -21.39
N ALA X 44 12.01 -52.02 -20.53
CA ALA X 44 12.89 -51.59 -19.46
C ALA X 44 12.43 -52.16 -18.14
N SER X 45 13.38 -52.45 -17.25
CA SER X 45 13.02 -52.85 -15.90
C SER X 45 12.53 -51.67 -15.07
N GLN X 46 12.79 -50.44 -15.51
CA GLN X 46 12.37 -49.25 -14.79
C GLN X 46 11.94 -48.21 -15.82
N ASP X 47 11.12 -47.26 -15.39
CA ASP X 47 10.63 -46.22 -16.29
C ASP X 47 11.78 -45.39 -16.86
N ILE X 48 11.87 -45.34 -18.19
CA ILE X 48 12.90 -44.57 -18.89
C ILE X 48 12.32 -43.39 -19.63
N LYS X 49 11.01 -43.20 -19.50
CA LYS X 49 10.05 -42.26 -20.06
C LYS X 49 9.94 -42.32 -21.57
N LYS X 50 10.99 -41.89 -22.31
CA LYS X 50 11.01 -41.92 -23.77
C LYS X 50 12.38 -42.14 -24.39
N SER X 51 13.45 -42.22 -23.60
CA SER X 51 14.80 -42.10 -24.15
C SER X 51 15.24 -43.35 -24.88
N LEU X 52 14.69 -43.61 -26.06
CA LEU X 52 14.92 -44.86 -26.75
C LEU X 52 15.22 -44.65 -28.23
N ASN X 53 16.33 -45.20 -28.68
CA ASN X 53 16.69 -45.25 -30.09
C ASN X 53 16.62 -46.67 -30.63
N TRP X 54 16.24 -46.79 -31.90
CA TRP X 54 16.24 -48.06 -32.60
C TRP X 54 17.29 -48.08 -33.71
N TYR X 55 18.18 -49.07 -33.68
CA TYR X 55 19.22 -49.19 -34.68
C TYR X 55 19.02 -50.50 -35.43
N ARG X 56 19.48 -50.56 -36.68
CA ARG X 56 19.46 -51.78 -37.46
C ARG X 56 20.82 -52.10 -38.06
N GLN X 57 21.35 -53.27 -37.72
CA GLN X 57 22.68 -53.68 -38.18
C GLN X 57 22.55 -54.70 -39.29
N LYS X 58 23.26 -54.48 -40.35
CA LYS X 58 23.38 -55.46 -41.40
C LYS X 58 24.80 -55.99 -41.39
N PRO X 59 25.04 -57.22 -41.88
CA PRO X 59 26.41 -57.75 -41.93
C PRO X 59 27.37 -56.80 -42.62
N GLY X 60 28.51 -56.55 -41.96
CA GLY X 60 29.53 -55.67 -42.49
C GLY X 60 29.27 -54.20 -42.33
N LYS X 61 28.19 -53.79 -41.66
CA LYS X 61 27.85 -52.39 -41.55
C LYS X 61 27.52 -52.02 -40.12
N ALA X 62 28.00 -50.87 -39.68
CA ALA X 62 27.67 -50.34 -38.37
C ALA X 62 26.16 -50.15 -38.24
N PRO X 63 25.60 -50.37 -37.05
CA PRO X 63 24.14 -50.22 -36.87
C PRO X 63 23.56 -48.89 -37.32
N GLU X 64 22.50 -48.97 -38.14
CA GLU X 64 21.84 -47.81 -38.69
C GLU X 64 20.70 -47.32 -37.81
N LEU X 65 20.73 -46.03 -37.48
CA LEU X 65 19.67 -45.43 -36.67
C LEU X 65 18.45 -45.24 -37.55
N LEU X 66 17.35 -45.86 -37.16
CA LEU X 66 16.11 -45.74 -37.89
C LEU X 66 15.13 -44.82 -37.19
N ILE X 67 14.94 -45.02 -35.88
CA ILE X 67 13.98 -44.26 -35.10
C ILE X 67 14.65 -43.75 -33.83
N HIS X 68 14.39 -42.48 -33.52
CA HIS X 68 14.85 -41.84 -32.30
C HIS X 68 13.67 -41.32 -31.50
N ASP X 69 13.94 -41.07 -30.21
CA ASP X 69 12.96 -40.61 -29.22
C ASP X 69 11.72 -41.49 -29.21
N ALA X 70 11.95 -42.79 -29.39
CA ALA X 70 10.99 -43.89 -29.38
C ALA X 70 9.94 -43.86 -30.48
N SER X 71 9.92 -42.84 -31.35
CA SER X 71 8.85 -42.83 -32.34
C SER X 71 9.16 -42.07 -33.64
N ILE X 72 10.26 -41.32 -33.70
CA ILE X 72 10.47 -40.42 -34.82
C ILE X 72 11.53 -41.00 -35.75
N LEU X 73 11.18 -41.16 -37.02
CA LEU X 73 12.12 -41.64 -38.01
C LEU X 73 13.25 -40.65 -38.23
N GLN X 74 14.46 -41.19 -38.37
CA GLN X 74 15.62 -40.40 -38.70
C GLN X 74 15.51 -39.90 -40.15
N THR X 75 16.01 -38.68 -40.37
CA THR X 75 15.97 -38.05 -41.68
C THR X 75 16.58 -38.96 -42.74
N GLY X 76 15.85 -39.17 -43.82
CA GLY X 76 16.28 -40.02 -44.90
C GLY X 76 15.83 -41.46 -44.80
N VAL X 77 15.26 -41.87 -43.68
CA VAL X 77 14.78 -43.23 -43.48
C VAL X 77 13.36 -43.32 -44.04
N PRO X 78 13.07 -44.29 -44.90
CA PRO X 78 11.72 -44.40 -45.47
C PRO X 78 10.71 -44.83 -44.43
N SER X 79 9.44 -44.48 -44.68
CA SER X 79 8.36 -44.84 -43.77
C SER X 79 7.97 -46.31 -43.91
N ALA X 80 8.93 -47.16 -43.61
CA ALA X 80 8.72 -48.59 -43.63
C ALA X 80 8.68 -49.14 -42.23
N PHE X 81 8.96 -48.31 -41.24
CA PHE X 81 9.09 -48.74 -39.87
C PHE X 81 8.32 -47.76 -39.00
N THR X 82 7.79 -48.25 -37.89
CA THR X 82 7.25 -47.38 -36.84
C THR X 82 7.70 -47.93 -35.50
N ALA X 83 7.44 -47.15 -34.46
CA ALA X 83 7.68 -47.59 -33.10
C ALA X 83 6.77 -46.80 -32.18
N SER X 84 6.52 -47.38 -31.02
CA SER X 84 5.68 -46.72 -30.03
C SER X 84 6.02 -47.25 -28.65
N GLY X 85 5.20 -46.85 -27.68
CA GLY X 85 5.39 -47.19 -26.30
C GLY X 85 6.10 -46.09 -25.53
N SER X 86 5.97 -46.16 -24.21
CA SER X 86 6.57 -45.19 -23.30
C SER X 86 6.70 -45.90 -21.96
N GLY X 87 7.42 -45.26 -21.05
CA GLY X 87 7.60 -45.85 -19.74
C GLY X 87 8.53 -47.03 -19.76
N THR X 88 7.96 -48.24 -19.65
CA THR X 88 8.76 -49.46 -19.66
C THR X 88 8.49 -50.35 -20.85
N HIS X 89 7.45 -50.10 -21.64
CA HIS X 89 7.04 -51.03 -22.69
C HIS X 89 7.10 -50.37 -24.06
N PHE X 90 7.92 -50.91 -24.95
CA PHE X 90 8.17 -50.32 -26.25
C PHE X 90 8.10 -51.40 -27.32
N SER X 91 7.90 -50.97 -28.56
CA SER X 91 7.89 -51.96 -29.63
C SER X 91 8.35 -51.31 -30.91
N PHE X 92 9.05 -52.11 -31.71
CA PHE X 92 9.50 -51.72 -33.03
C PHE X 92 8.70 -52.50 -34.05
N VAL X 93 8.18 -51.81 -35.05
CA VAL X 93 7.29 -52.42 -36.03
C VAL X 93 7.91 -52.32 -37.41
N ILE X 94 8.03 -53.45 -38.08
CA ILE X 94 8.45 -53.52 -39.48
C ILE X 94 7.17 -53.70 -40.28
N ASN X 95 6.77 -52.65 -41.03
CA ASN X 95 5.48 -52.67 -41.71
C ASN X 95 5.39 -53.83 -42.68
N LYS X 96 6.46 -54.08 -43.41
CA LYS X 96 6.58 -55.23 -44.29
C LYS X 96 8.04 -55.65 -44.27
N LEU X 97 8.31 -56.91 -43.96
CA LEU X 97 9.67 -57.39 -43.91
C LEU X 97 10.11 -57.79 -45.31
N GLN X 98 11.08 -57.09 -45.81
CA GLN X 98 11.67 -57.37 -47.09
C GLN X 98 13.05 -57.99 -46.88
N PRO X 99 13.57 -58.74 -47.87
CA PRO X 99 14.96 -59.25 -47.75
C PRO X 99 15.96 -58.17 -47.39
N GLU X 100 15.76 -56.95 -47.89
CA GLU X 100 16.63 -55.81 -47.64
C GLU X 100 16.60 -55.37 -46.18
N ASP X 101 15.61 -55.79 -45.42
CA ASP X 101 15.46 -55.35 -44.04
C ASP X 101 16.03 -56.35 -43.06
N VAL X 102 16.67 -57.39 -43.56
CA VAL X 102 17.25 -58.41 -42.69
C VAL X 102 18.43 -57.82 -41.93
N GLY X 103 18.43 -58.00 -40.62
CA GLY X 103 19.46 -57.43 -39.78
C GLY X 103 19.06 -57.56 -38.32
N THR X 104 19.96 -57.07 -37.46
CA THR X 104 19.74 -57.11 -36.03
C THR X 104 19.30 -55.73 -35.55
N TYR X 105 18.18 -55.68 -34.85
CA TYR X 105 17.65 -54.39 -34.43
C TYR X 105 17.94 -54.20 -32.95
N PHE X 106 18.46 -53.03 -32.59
CA PHE X 106 18.85 -52.81 -31.20
C PHE X 106 17.98 -51.77 -30.53
N CYS X 107 17.66 -52.03 -29.28
CA CYS X 107 16.90 -51.13 -28.41
C CYS X 107 17.89 -50.49 -27.44
N GLN X 108 18.23 -49.21 -27.66
CA GLN X 108 19.19 -48.51 -26.81
C GLN X 108 18.51 -47.45 -25.93
N GLU X 109 18.86 -47.44 -24.65
CA GLU X 109 18.41 -46.38 -23.75
C GLU X 109 19.50 -45.34 -23.56
N TYR X 110 19.13 -44.07 -23.64
CA TYR X 110 20.05 -42.98 -23.35
C TYR X 110 19.53 -42.01 -22.29
N GLU X 111 18.80 -42.50 -21.29
CA GLU X 111 18.40 -41.63 -20.20
C GLU X 111 19.58 -41.20 -19.33
N ASN X 112 20.50 -42.11 -19.04
CA ASN X 112 21.67 -41.80 -18.25
C ASN X 112 22.91 -42.07 -19.08
N LEU X 113 24.05 -41.56 -18.63
CA LEU X 113 25.29 -41.54 -19.40
C LEU X 113 25.99 -42.91 -19.38
N GLN X 114 25.24 -43.94 -19.77
CA GLN X 114 25.77 -45.27 -19.99
C GLN X 114 25.32 -45.74 -21.36
N PHE X 115 24.26 -45.11 -21.85
CA PHE X 115 23.73 -45.30 -23.20
C PHE X 115 23.65 -46.79 -23.53
N THR X 116 23.10 -47.56 -22.59
CA THR X 116 23.16 -49.01 -22.67
C THR X 116 22.42 -49.54 -23.88
N PHE X 117 23.00 -50.54 -24.52
CA PHE X 117 22.31 -51.18 -25.63
C PHE X 117 21.62 -52.42 -25.12
N GLY X 118 20.46 -52.72 -25.70
CA GLY X 118 19.80 -53.98 -25.45
C GLY X 118 20.45 -55.12 -26.20
N PRO X 119 19.98 -56.34 -25.93
CA PRO X 119 20.59 -57.53 -26.55
C PRO X 119 20.55 -57.54 -28.06
N GLY X 120 19.60 -56.86 -28.69
CA GLY X 120 19.49 -56.98 -30.12
C GLY X 120 18.63 -58.17 -30.52
N THR X 121 17.80 -57.95 -31.53
CA THR X 121 16.95 -59.00 -32.08
C THR X 121 17.29 -59.19 -33.54
N LYS X 122 17.54 -60.44 -33.93
CA LYS X 122 17.84 -60.77 -35.31
C LYS X 122 16.54 -61.02 -36.07
N VAL X 123 16.35 -60.30 -37.15
CA VAL X 123 15.16 -60.45 -38.01
C VAL X 123 15.61 -60.98 -39.36
N GLU X 124 15.04 -62.11 -39.77
CA GLU X 124 15.40 -62.77 -41.03
C GLU X 124 14.18 -63.33 -41.74
N ILE X 125 14.41 -63.76 -42.98
CA ILE X 125 13.36 -64.31 -43.85
C ILE X 125 13.27 -65.81 -43.64
N LYS X 126 12.04 -66.32 -43.46
CA LYS X 126 11.82 -67.75 -43.34
C LYS X 126 12.19 -68.51 -44.62
N ARG X 127 12.74 -69.71 -44.43
CA ARG X 127 13.08 -70.63 -45.50
C ARG X 127 13.02 -72.05 -44.94
C1 NAG Y . -28.14 12.86 31.88
C2 NAG Y . -27.49 11.91 32.88
C3 NAG Y . -26.45 12.63 33.72
C4 NAG Y . -25.38 13.21 32.80
C5 NAG Y . -26.06 14.19 31.82
C6 NAG Y . -25.15 14.71 30.75
C7 NAG Y . -28.83 9.99 33.52
C8 NAG Y . -30.26 9.63 33.81
N2 NAG Y . -28.50 11.26 33.71
O3 NAG Y . -25.86 11.74 34.65
O4 NAG Y . -24.36 13.82 33.60
O5 NAG Y . -27.13 13.52 31.11
O6 NAG Y . -24.46 15.85 31.23
O7 NAG Y . -28.04 9.17 33.09
C1 NAG Y . -22.93 13.65 33.22
C2 NAG Y . -22.05 13.82 34.44
C3 NAG Y . -20.58 13.78 34.02
C4 NAG Y . -20.27 12.49 33.26
C5 NAG Y . -21.29 12.26 32.14
C6 NAG Y . -21.16 10.89 31.52
C7 NAG Y . -22.39 15.13 36.48
C8 NAG Y . -22.64 16.49 37.06
N2 NAG Y . -22.34 15.06 35.15
O3 NAG Y . -19.79 13.91 35.19
O4 NAG Y . -19.01 12.59 32.61
O5 NAG Y . -22.65 12.37 32.60
O6 NAG Y . -22.36 10.52 30.86
O7 NAG Y . -22.25 14.14 37.18
C1 BMA Y . -17.84 12.22 33.39
C2 BMA Y . -16.83 11.54 32.47
C3 BMA Y . -15.53 11.30 33.23
C4 BMA Y . -14.98 12.61 33.79
C5 BMA Y . -16.01 13.26 34.71
C6 BMA Y . -15.57 14.66 35.17
O2 BMA Y . -16.52 12.40 31.40
O3 BMA Y . -14.53 10.71 32.40
O4 BMA Y . -13.80 12.35 34.53
O5 BMA Y . -17.28 13.40 33.98
O6 BMA Y . -15.68 14.78 36.59
C1 MAN Y . -14.72 9.28 32.40
C2 MAN Y . -13.62 8.61 33.29
C3 MAN Y . -12.28 8.60 32.58
C4 MAN Y . -12.42 7.95 31.20
C5 MAN Y . -13.42 8.76 30.36
C6 MAN Y . -13.68 8.13 29.00
O2 MAN Y . -13.91 7.25 33.52
O3 MAN Y . -11.31 7.90 33.33
O4 MAN Y . -11.16 7.94 30.55
O5 MAN Y . -14.68 8.81 31.06
O6 MAN Y . -12.44 7.97 28.33
C1 MAN Y . -15.12 16.05 36.99
C2 MAN Y . -14.82 15.96 38.51
C3 MAN Y . -16.13 15.94 39.30
C4 MAN Y . -16.97 17.17 38.96
C5 MAN Y . -17.25 17.20 37.47
C6 MAN Y . -17.98 18.44 37.06
O2 MAN Y . -14.14 17.13 38.95
O3 MAN Y . -15.89 15.88 40.70
O4 MAN Y . -18.20 17.11 39.67
O5 MAN Y . -16.00 17.15 36.72
O6 MAN Y . -19.19 18.48 37.81
C1 NAG Z . -51.56 20.55 36.96
C2 NAG Z . -50.10 20.43 36.48
C3 NAG Z . -49.44 21.80 36.42
C4 NAG Z . -50.28 22.76 35.60
C5 NAG Z . -51.71 22.79 36.16
C6 NAG Z . -52.68 23.65 35.39
C7 NAG Z . -48.65 18.47 36.87
C8 NAG Z . -47.89 17.67 37.89
N2 NAG Z . -49.34 19.52 37.33
O3 NAG Z . -48.14 21.69 35.85
O4 NAG Z . -49.69 24.05 35.68
O5 NAG Z . -52.25 21.46 36.14
O6 NAG Z . -52.75 23.26 34.03
O7 NAG Z . -48.65 18.19 35.68
C1 NAG Z . -49.48 24.63 34.36
C2 NAG Z . -48.75 25.95 34.57
C3 NAG Z . -48.54 26.63 33.22
C4 NAG Z . -47.82 25.69 32.26
C5 NAG Z . -48.56 24.36 32.16
C6 NAG Z . -47.83 23.34 31.32
C7 NAG Z . -49.02 27.16 36.68
C8 NAG Z . -49.74 28.28 37.36
N2 NAG Z . -49.49 26.81 35.47
O3 NAG Z . -47.77 27.82 33.42
O4 NAG Z . -47.75 26.29 30.97
O5 NAG Z . -48.72 23.78 33.47
O6 NAG Z . -47.40 23.89 30.08
O7 NAG Z . -48.08 26.57 37.20
C1 NAG AA . -40.51 6.88 37.95
C2 NAG AA . -40.50 6.60 39.44
C3 NAG AA . -40.30 5.11 39.72
C4 NAG AA . -41.15 4.21 38.84
C5 NAG AA . -41.08 4.67 37.38
C6 NAG AA . -42.04 3.96 36.46
C7 NAG AA . -39.70 8.36 40.95
C8 NAG AA . -38.50 9.06 41.49
N2 NAG AA . -39.45 7.37 40.09
O3 NAG AA . -40.62 4.86 41.08
O4 NAG AA . -40.60 2.91 38.92
O5 NAG AA . -41.43 6.06 37.33
O6 NAG AA . -43.29 3.75 37.11
O7 NAG AA . -40.83 8.67 41.27
C1 NAG AA . -41.52 1.88 39.31
C2 NAG AA . -40.89 0.63 38.71
C3 NAG AA . -41.74 -0.59 39.04
C4 NAG AA . -41.96 -0.69 40.54
C5 NAG AA . -42.53 0.63 41.07
C6 NAG AA . -42.65 0.66 42.57
C7 NAG AA . -39.52 0.77 36.68
C8 NAG AA . -39.52 0.91 35.19
N2 NAG AA . -40.72 0.75 37.28
O3 NAG AA . -41.08 -1.75 38.54
O4 NAG AA . -42.87 -1.74 40.83
O5 NAG AA . -41.69 1.72 40.70
O6 NAG AA . -41.38 0.46 43.18
O7 NAG AA . -38.48 0.67 37.32
C1 BMA AA . -42.21 -2.94 41.26
C2 BMA AA . -43.11 -3.59 42.29
C3 BMA AA . -42.61 -4.98 42.67
C4 BMA AA . -42.36 -5.85 41.43
C5 BMA AA . -41.42 -5.12 40.45
C6 BMA AA . -41.21 -5.85 39.11
O2 BMA AA . -44.39 -3.79 41.73
O3 BMA AA . -43.56 -5.63 43.52
O4 BMA AA . -41.78 -7.08 41.81
O5 BMA AA . -41.98 -3.81 40.15
O6 BMA AA . -41.71 -7.18 39.17
C1 MAN AA . -43.14 -5.62 44.90
C2 MAN AA . -44.06 -6.59 45.69
C3 MAN AA . -45.45 -6.01 45.72
C4 MAN AA . -45.41 -4.65 46.44
C5 MAN AA . -44.50 -3.71 45.62
C6 MAN AA . -44.31 -2.36 46.28
O2 MAN AA . -43.69 -6.63 47.06
O3 MAN AA . -46.39 -6.86 46.37
O4 MAN AA . -46.69 -4.10 46.56
O5 MAN AA . -43.18 -4.31 45.45
O6 MAN AA . -45.60 -1.77 46.48
C1 MAN AA . -42.70 -7.65 47.30
C2 MAN AA . -42.88 -8.19 48.74
C3 MAN AA . -42.56 -7.08 49.73
C4 MAN AA . -41.14 -6.54 49.48
C5 MAN AA . -41.02 -6.04 48.03
C6 MAN AA . -39.62 -5.59 47.66
O2 MAN AA . -41.92 -9.19 49.02
O3 MAN AA . -42.69 -7.53 51.06
O4 MAN AA . -40.88 -5.48 50.38
O5 MAN AA . -41.40 -7.11 47.11
O6 MAN AA . -39.27 -4.48 48.47
C1 MAN AA . -41.68 -7.77 37.84
C2 MAN AA . -42.54 -9.05 37.83
C3 MAN AA . -41.87 -10.11 38.68
C4 MAN AA . -40.46 -10.39 38.17
C5 MAN AA . -39.64 -9.09 38.19
C6 MAN AA . -38.28 -9.27 37.58
O2 MAN AA . -42.57 -9.60 36.52
O3 MAN AA . -42.61 -11.32 38.70
O4 MAN AA . -39.83 -11.34 38.99
O5 MAN AA . -40.34 -8.06 37.43
O6 MAN AA . -37.65 -10.38 38.22
C1 NAG BA . -66.55 -5.46 36.29
C2 NAG BA . -67.76 -5.70 35.42
C3 NAG BA . -68.58 -6.84 35.99
C4 NAG BA . -67.74 -8.10 36.18
C5 NAG BA . -66.49 -7.75 36.99
C6 NAG BA . -65.46 -8.86 37.07
C7 NAG BA . -68.64 -3.77 34.20
C8 NAG BA . -69.18 -2.38 34.36
N2 NAG BA . -68.56 -4.49 35.32
O3 NAG BA . -69.66 -7.12 35.10
O4 NAG BA . -68.56 -9.08 36.82
O5 NAG BA . -65.79 -6.64 36.40
O6 NAG BA . -64.93 -9.17 35.79
O7 NAG BA . -68.28 -4.21 33.12
C1 NAG BA . -68.58 -10.43 36.22
C2 NAG BA . -69.37 -11.36 37.11
C3 NAG BA . -69.28 -12.79 36.58
C4 NAG BA . -69.77 -12.84 35.13
C5 NAG BA . -69.04 -11.79 34.27
C6 NAG BA . -69.61 -11.69 32.89
C7 NAG BA . -69.74 -11.38 39.53
C8 NAG BA . -69.11 -11.33 40.89
N2 NAG BA . -68.91 -11.31 38.49
O3 NAG BA . -70.05 -13.65 37.40
O4 NAG BA . -69.50 -14.12 34.59
O5 NAG BA . -69.13 -10.49 34.86
O6 NAG BA . -69.57 -12.94 32.22
O7 NAG BA . -70.95 -11.48 39.39
C1 BMA BA . -70.69 -14.95 34.44
C2 BMA BA . -70.51 -15.82 33.16
C3 BMA BA . -71.64 -16.86 33.05
C4 BMA BA . -71.76 -17.67 34.37
C5 BMA BA . -72.02 -16.68 35.52
C6 BMA BA . -72.22 -17.36 36.88
O2 BMA BA . -69.31 -16.55 33.25
O3 BMA BA . -71.43 -17.71 31.92
O4 BMA BA . -72.82 -18.60 34.32
O5 BMA BA . -70.89 -15.76 35.61
O6 BMA BA . -71.04 -17.14 37.66
C1 MAN BA . -72.66 -17.88 31.18
C2 MAN BA . -72.47 -19.05 30.17
C3 MAN BA . -71.57 -18.63 29.03
C4 MAN BA . -72.17 -17.40 28.36
C5 MAN BA . -72.24 -16.26 29.38
C6 MAN BA . -72.88 -14.99 28.81
O2 MAN BA . -73.69 -19.36 29.52
O3 MAN BA . -71.41 -19.66 28.08
O4 MAN BA . -71.36 -17.02 27.27
O5 MAN BA . -73.04 -16.68 30.51
O6 MAN BA . -72.02 -14.45 27.81
C1 MAN BA . -70.70 -18.32 38.41
C2 MAN BA . -69.59 -17.92 39.42
C3 MAN BA . -68.30 -17.62 38.68
C4 MAN BA . -67.89 -18.81 37.80
C5 MAN BA . -69.03 -19.14 36.82
C6 MAN BA . -68.75 -20.37 35.99
O2 MAN BA . -69.26 -19.02 40.27
O3 MAN BA . -67.25 -17.30 39.58
O4 MAN BA . -66.75 -18.47 37.05
O5 MAN BA . -70.27 -19.37 37.55
O6 MAN BA . -67.49 -20.18 35.37
C1 NAG CA . -24.42 -37.05 -2.28
C2 NAG CA . -23.85 -37.37 -3.66
C3 NAG CA . -22.69 -38.33 -3.55
C4 NAG CA . -21.60 -37.70 -2.69
C5 NAG CA . -22.19 -37.40 -1.30
C6 NAG CA . -21.27 -36.63 -0.39
C7 NAG CA . -25.41 -37.13 -5.51
C8 NAG CA . -26.85 -37.36 -5.83
N2 NAG CA . -24.90 -37.88 -4.54
O3 NAG CA . -22.18 -38.63 -4.84
O4 NAG CA . -20.47 -38.57 -2.65
O5 NAG CA . -23.38 -36.58 -1.42
O6 NAG CA . -20.41 -37.53 0.29
O7 NAG CA . -24.76 -36.26 -6.07
C1 NAG CA . -19.09 -38.00 -2.74
C2 NAG CA . -18.13 -39.03 -3.28
C3 NAG CA . -16.71 -38.48 -3.25
C4 NAG CA . -16.62 -37.16 -4.00
C5 NAG CA . -17.72 -36.19 -3.55
C6 NAG CA . -17.80 -34.98 -4.43
C7 NAG CA . -18.19 -41.47 -3.15
C8 NAG CA . -18.21 -42.67 -2.25
N2 NAG CA . -18.22 -40.28 -2.54
O3 NAG CA . -15.84 -39.47 -3.79
O4 NAG CA . -15.39 -36.51 -3.71
O5 NAG CA . -19.02 -36.80 -3.57
O6 NAG CA . -19.08 -34.36 -4.32
O7 NAG CA . -18.14 -41.59 -4.36
C1 BMA CA . -14.24 -36.86 -4.52
C2 BMA CA . -13.39 -35.63 -4.75
C3 BMA CA . -12.09 -36.02 -5.44
C4 BMA CA . -11.34 -37.09 -4.65
C5 BMA CA . -12.22 -38.32 -4.46
C6 BMA CA . -11.57 -39.34 -3.52
O2 BMA CA . -13.01 -35.09 -3.50
O3 BMA CA . -11.22 -34.90 -5.64
O4 BMA CA . -10.17 -37.46 -5.36
O5 BMA CA . -13.50 -37.90 -3.86
O6 BMA CA . -11.59 -40.64 -4.12
C1 MAN CA . -11.60 -34.22 -6.85
C2 MAN CA . -10.56 -34.54 -7.97
C3 MAN CA . -9.28 -33.76 -7.75
C4 MAN CA . -9.57 -32.27 -7.61
C5 MAN CA . -10.49 -32.06 -6.41
C6 MAN CA . -10.91 -30.61 -6.23
O2 MAN CA . -11.02 -34.10 -9.23
O3 MAN CA . -8.37 -33.96 -8.82
O4 MAN CA . -8.36 -31.56 -7.40
O5 MAN CA . -11.70 -32.83 -6.60
O6 MAN CA . -9.75 -29.81 -6.15
C1 MAN CA . -10.85 -41.55 -3.28
C2 MAN CA . -10.47 -42.79 -4.14
C3 MAN CA . -11.73 -43.60 -4.44
C4 MAN CA . -12.41 -44.01 -3.13
C5 MAN CA . -12.77 -42.76 -2.33
C6 MAN CA . -13.34 -43.11 -0.99
O2 MAN CA . -9.63 -43.66 -3.41
O3 MAN CA . -11.44 -44.76 -5.21
O4 MAN CA . -13.60 -44.73 -3.42
O5 MAN CA . -11.58 -41.95 -2.11
O6 MAN CA . -14.50 -43.91 -1.22
C1 NAG DA . -46.28 -47.84 3.95
C2 NAG DA . -44.88 -47.20 3.95
C3 NAG DA . -44.05 -47.75 5.10
C4 NAG DA . -44.80 -47.60 6.42
C5 NAG DA . -46.18 -48.27 6.30
C6 NAG DA . -47.06 -48.13 7.51
C7 NAG DA . -43.70 -46.41 1.93
C8 NAG DA . -43.00 -46.82 0.67
N2 NAG DA . -44.21 -47.42 2.67
O3 NAG DA . -42.81 -47.06 5.17
O4 NAG DA . -44.03 -48.23 7.43
O5 NAG DA . -46.88 -47.65 5.21
O6 NAG DA . -47.26 -46.77 7.86
O7 NAG DA . -43.79 -45.24 2.28
C1 NAG DA . -43.81 -47.36 8.57
C2 NAG DA . -42.90 -48.09 9.54
C3 NAG DA . -42.67 -47.24 10.78
C4 NAG DA . -42.14 -45.88 10.38
C5 NAG DA . -43.05 -45.21 9.35
C6 NAG DA . -42.51 -43.91 8.83
C7 NAG DA . -42.89 -50.55 9.55
C8 NAG DA . -43.41 -51.76 10.24
N2 NAG DA . -43.47 -49.39 9.89
O3 NAG DA . -41.74 -47.91 11.63
O4 NAG DA . -42.05 -45.04 11.53
O5 NAG DA . -43.22 -46.08 8.22
O6 NAG DA . -42.08 -43.07 9.89
O7 NAG DA . -42.02 -50.61 8.70
C1 NAG EA . -37.15 -40.75 -9.34
C2 NAG EA . -37.10 -41.91 -10.33
C3 NAG EA . -37.09 -41.39 -11.76
C4 NAG EA . -38.10 -40.29 -12.01
C5 NAG EA . -38.05 -39.25 -10.90
C6 NAG EA . -39.14 -38.22 -10.96
C7 NAG EA . -36.00 -43.98 -9.63
C8 NAG EA . -34.68 -44.66 -9.41
N2 NAG EA . -35.93 -42.72 -10.06
O3 NAG EA . -37.37 -42.50 -12.63
O4 NAG EA . -37.73 -39.67 -13.23
O5 NAG EA . -38.21 -39.92 -9.64
O6 NAG EA . -40.37 -38.81 -11.35
O7 NAG EA . -37.06 -44.54 -9.42
C1 NAG EA . -38.76 -39.58 -14.22
C2 NAG EA . -38.34 -38.39 -15.07
C3 NAG EA . -39.33 -38.18 -16.20
C4 NAG EA . -39.48 -39.46 -17.02
C5 NAG EA . -39.84 -40.62 -16.10
C6 NAG EA . -39.87 -41.95 -16.80
C7 NAG EA . -37.07 -36.56 -14.05
C8 NAG EA . -37.14 -35.33 -13.19
N2 NAG EA . -38.23 -37.20 -14.25
O3 NAG EA . -38.86 -37.11 -17.01
O4 NAG EA . -40.51 -39.28 -17.98
O5 NAG EA . -38.88 -40.74 -15.05
O6 NAG EA . -38.61 -42.23 -17.39
O7 NAG EA . -36.02 -36.95 -14.54
C1 BMA EA . -40.00 -39.00 -19.28
C2 BMA EA . -40.92 -39.67 -20.29
C3 BMA EA . -40.59 -39.27 -21.72
C4 BMA EA . -40.53 -37.74 -21.86
C5 BMA EA . -39.55 -37.14 -20.83
C6 BMA EA . -39.51 -35.60 -20.80
O2 BMA EA . -42.24 -39.24 -20.06
O3 BMA EA . -41.57 -39.79 -22.61
O4 BMA EA . -40.10 -37.40 -23.16
O5 BMA EA . -39.94 -37.59 -19.49
O6 BMA EA . -40.18 -35.06 -21.95
C1 MAN EA . -41.09 -40.94 -23.33
C2 MAN EA . -42.09 -41.26 -24.48
C3 MAN EA . -43.38 -41.73 -23.86
C4 MAN EA . -43.12 -43.01 -23.06
C5 MAN EA . -42.14 -42.66 -21.92
C6 MAN EA . -41.74 -43.86 -21.10
O2 MAN EA . -41.65 -42.38 -25.23
O3 MAN EA . -44.39 -41.97 -24.83
O4 MAN EA . -44.31 -43.53 -22.52
O5 MAN EA . -40.92 -42.07 -22.47
O6 MAN EA . -42.91 -44.47 -20.57
C1 MAN EA . -40.80 -41.97 -26.31
C2 MAN EA . -40.98 -42.98 -27.47
C3 MAN EA . -40.46 -44.34 -27.05
C4 MAN EA . -39.00 -44.23 -26.60
C5 MAN EA . -38.89 -43.20 -25.45
C6 MAN EA . -37.46 -42.93 -25.01
O2 MAN EA . -40.15 -42.63 -28.57
O3 MAN EA . -40.58 -45.28 -28.09
O4 MAN EA . -38.54 -45.49 -26.15
O5 MAN EA . -39.45 -41.93 -25.88
O6 MAN EA . -36.92 -44.15 -24.48
C1 MAN EA . -40.30 -33.62 -21.78
C2 MAN EA . -41.33 -33.08 -22.80
C3 MAN EA . -40.77 -33.22 -24.20
C4 MAN EA . -39.44 -32.48 -24.32
C5 MAN EA . -38.45 -33.03 -23.29
C6 MAN EA . -37.16 -32.27 -23.26
O2 MAN EA . -41.51 -31.68 -22.63
O3 MAN EA . -41.66 -32.73 -25.19
O4 MAN EA . -38.90 -32.65 -25.61
O5 MAN EA . -39.04 -32.97 -21.96
O6 MAN EA . -36.65 -32.21 -24.59
C1 NAG FA . -64.67 -36.22 -16.74
C2 NAG FA . -65.96 -35.49 -16.41
C3 NAG FA . -66.89 -35.52 -17.60
C4 NAG FA . -66.22 -34.97 -18.85
C5 NAG FA . -64.89 -35.69 -19.08
C6 NAG FA . -64.02 -35.10 -20.16
C7 NAG FA . -66.63 -35.48 -14.06
C8 NAG FA . -66.96 -36.36 -12.89
N2 NAG FA . -66.58 -36.08 -15.25
O3 NAG FA . -68.05 -34.73 -17.30
O4 NAG FA . -67.13 -35.13 -19.95
O5 NAG FA . -64.09 -35.64 -17.88
O6 NAG FA . -63.60 -33.78 -19.84
O7 NAG FA . -66.39 -34.28 -13.93
C1 NAG FA . -67.37 -33.95 -20.80
C2 NAG FA . -68.23 -34.37 -21.99
C3 NAG FA . -68.36 -33.19 -22.94
C4 NAG FA . -68.93 -31.97 -22.23
C5 NAG FA . -68.11 -31.66 -20.97
C6 NAG FA . -68.73 -30.57 -20.12
C7 NAG FA . -68.47 -36.48 -23.18
C8 NAG FA . -67.76 -37.61 -23.86
N2 NAG FA . -67.69 -35.52 -22.66
O3 NAG FA . -69.20 -33.56 -24.04
O4 NAG FA . -68.86 -30.84 -23.09
O5 NAG FA . -67.98 -32.81 -20.13
O6 NAG FA . -68.89 -29.38 -20.88
O7 NAG FA . -69.69 -36.44 -23.08
C1 BMA FA . -70.15 -30.45 -23.61
C2 BMA FA . -70.17 -28.90 -23.74
C3 BMA FA . -71.43 -28.41 -24.47
C4 BMA FA . -71.59 -29.17 -25.82
C5 BMA FA . -71.66 -30.68 -25.53
C6 BMA FA . -71.87 -31.54 -26.78
O2 BMA FA . -69.08 -28.47 -24.53
O3 BMA FA . -71.40 -26.99 -24.66
O4 BMA FA . -72.77 -28.79 -26.50
O5 BMA FA . -70.41 -31.08 -24.87
O6 BMA FA . -70.64 -32.19 -27.08
C1 MAN FA . -72.68 -26.40 -24.33
C2 MAN FA . -72.70 -24.94 -24.85
C3 MAN FA . -71.82 -24.07 -23.99
C4 MAN FA . -72.27 -24.14 -22.55
C5 MAN FA . -72.13 -25.60 -22.07
C6 MAN FA . -72.63 -25.81 -20.64
O2 MAN FA . -73.99 -24.37 -24.68
O3 MAN FA . -71.84 -22.72 -24.43
O4 MAN FA . -71.48 -23.30 -21.75
O5 MAN FA . -72.93 -26.47 -22.92
O6 MAN FA . -71.75 -25.10 -19.75
C1 MAN FA . -70.42 -32.22 -28.51
C2 MAN FA . -69.21 -33.17 -28.77
C3 MAN FA . -67.93 -32.53 -28.25
C4 MAN FA . -67.74 -31.14 -28.87
C5 MAN FA . -68.96 -30.26 -28.56
C6 MAN FA . -68.89 -28.91 -29.23
O2 MAN FA . -68.99 -33.33 -30.17
O3 MAN FA . -66.81 -33.35 -28.53
O4 MAN FA . -66.60 -30.53 -28.31
O5 MAN FA . -70.18 -30.92 -29.03
O6 MAN FA . -67.65 -28.31 -28.88
C1 NAG GA . -29.31 17.35 -28.53
C2 NAG GA . -28.86 18.77 -28.17
C3 NAG GA . -27.83 19.27 -29.16
C4 NAG GA . -26.62 18.34 -29.14
C5 NAG GA . -27.10 16.93 -29.53
C6 NAG GA . -26.04 15.87 -29.40
C7 NAG GA . -30.47 20.07 -26.90
C8 NAG GA . -31.94 20.30 -26.81
N2 NAG GA . -30.01 19.66 -28.08
O3 NAG GA . -27.44 20.60 -28.82
O4 NAG GA . -25.62 18.87 -30.02
O5 NAG GA . -28.17 16.50 -28.66
O6 NAG GA . -25.26 15.82 -30.60
O7 NAG GA . -29.73 20.21 -25.93
C1 NAG GA . -24.19 18.81 -29.60
C2 NAG GA . -23.40 19.91 -30.32
C3 NAG GA . -21.92 19.76 -29.99
C4 NAG GA . -21.69 19.78 -28.49
C5 NAG GA . -22.62 18.80 -27.78
C6 NAG GA . -22.59 18.95 -26.28
C7 NAG GA . -23.78 20.98 -32.49
C8 NAG GA . -23.92 20.77 -33.97
N2 NAG GA . -23.62 19.86 -31.76
O3 NAG GA . -21.23 20.82 -30.66
O4 NAG GA . -20.37 19.35 -28.18
O5 NAG GA . -24.00 18.96 -28.18
O6 NAG GA . -23.76 18.40 -25.69
O7 NAG GA . -23.82 22.08 -31.97
C1 BMA GA . -19.33 20.36 -28.19
C2 BMA GA . -18.32 20.04 -27.09
C3 BMA GA . -17.13 20.97 -27.19
C4 BMA GA . -16.49 20.90 -28.57
C5 BMA GA . -17.52 21.23 -29.66
C6 BMA GA . -16.97 21.00 -31.06
O2 BMA GA . -17.82 18.74 -27.28
O3 BMA GA . -16.13 20.70 -26.21
O4 BMA GA . -15.42 21.82 -28.66
O5 BMA GA . -18.69 20.37 -29.47
O6 BMA GA . -17.20 22.14 -31.88
C1 MAN GA . -16.48 21.37 -24.99
C2 MAN GA . -15.55 22.61 -24.80
C3 MAN GA . -14.16 22.19 -24.35
C4 MAN GA . -14.24 21.30 -23.12
C5 MAN GA . -15.07 20.05 -23.45
C6 MAN GA . -15.28 19.15 -22.24
O2 MAN GA . -16.01 23.43 -23.75
O3 MAN GA . -13.35 23.31 -24.08
O4 MAN GA . -12.94 20.90 -22.72
O5 MAN GA . -16.37 20.45 -23.91
O6 MAN GA . -14.01 18.81 -21.71
C1 MAN GA . -16.54 21.95 -33.16
C2 MAN GA . -16.38 23.34 -33.82
C3 MAN GA . -17.75 23.86 -34.27
C4 MAN GA . -18.41 22.86 -35.21
C5 MAN GA . -18.55 21.50 -34.50
C6 MAN GA . -19.10 20.46 -35.42
O2 MAN GA . -15.62 23.24 -35.02
O3 MAN GA . -17.66 25.12 -34.90
O4 MAN GA . -19.70 23.32 -35.57
O5 MAN GA . -17.25 21.05 -34.02
O6 MAN GA . -20.36 20.91 -35.88
C1 NAG HA . -52.07 14.78 -38.95
C2 NAG HA . -50.60 14.63 -38.52
C3 NAG HA . -49.79 14.00 -39.64
C4 NAG HA . -50.44 12.70 -40.11
C5 NAG HA . -51.90 12.97 -40.49
C6 NAG HA . -52.69 11.75 -40.90
C7 NAG HA . -49.43 16.12 -36.95
C8 NAG HA . -48.86 17.49 -36.72
N2 NAG HA . -50.03 15.91 -38.13
O3 NAG HA . -48.46 13.73 -39.20
O4 NAG HA . -49.71 12.22 -41.22
O5 NAG HA . -52.57 13.53 -39.36
O6 NAG HA . -52.68 10.77 -39.89
O7 NAG HA . -49.34 15.23 -36.09
C1 NAG HA . -49.32 10.83 -41.06
C2 NAG HA . -48.46 10.46 -42.26
C3 NAG HA . -48.06 9.00 -42.17
C4 NAG HA . -47.37 8.72 -40.85
C5 NAG HA . -48.23 9.19 -39.68
C6 NAG HA . -47.55 9.07 -38.35
C7 NAG HA . -48.79 11.64 -44.38
C8 NAG HA . -49.43 11.58 -45.73
N2 NAG HA . -49.18 10.72 -43.51
O3 NAG HA . -47.18 8.68 -43.25
O4 NAG HA . -47.11 7.33 -40.71
O5 NAG HA . -48.58 10.58 -39.85
O6 NAG HA . -46.95 7.78 -38.18
O7 NAG HA . -47.97 12.51 -44.08
C1 NAG IA . -42.78 23.83 -27.04
C2 NAG IA . -42.93 25.25 -27.54
C3 NAG IA . -42.93 26.25 -26.38
C4 NAG IA . -43.79 25.81 -25.21
C5 NAG IA . -43.54 24.34 -24.88
C6 NAG IA . -44.48 23.76 -23.85
C7 NAG IA . -42.08 25.79 -29.77
C8 NAG IA . -40.86 26.08 -30.59
N2 NAG IA . -41.87 25.57 -28.48
O3 NAG IA . -43.40 27.50 -26.86
O4 NAG IA . -43.40 26.60 -24.09
O5 NAG IA . -43.72 23.57 -26.06
O6 NAG IA . -45.80 24.25 -24.07
O7 NAG IA . -43.20 25.77 -30.26
C1 NAG IA . -44.46 27.30 -23.45
C2 NAG IA . -43.93 27.49 -22.03
C3 NAG IA . -44.93 28.26 -21.19
C4 NAG IA . -45.30 29.57 -21.87
C5 NAG IA . -45.77 29.30 -23.29
C6 NAG IA . -46.02 30.56 -24.08
C7 NAG IA . -42.37 25.87 -21.07
C8 NAG IA . -42.22 24.51 -20.44
N2 NAG IA . -43.61 26.21 -21.42
O3 NAG IA . -44.37 28.48 -19.90
O4 NAG IA . -46.35 30.20 -21.15
O5 NAG IA . -44.78 28.56 -24.01
O6 NAG IA . -44.84 31.36 -24.15
O7 NAG IA . -41.41 26.60 -21.25
C1 BMA IA . -45.87 31.25 -20.29
C2 BMA IA . -46.93 32.34 -20.29
C3 BMA IA . -46.62 33.42 -19.26
C4 BMA IA . -46.36 32.81 -17.87
C5 BMA IA . -45.26 31.73 -17.96
C6 BMA IA . -45.01 30.96 -16.65
O2 BMA IA . -48.16 31.78 -19.90
O3 BMA IA . -47.71 34.34 -19.16
O4 BMA IA . -45.96 33.81 -16.97
O5 BMA IA . -45.64 30.75 -18.97
O6 BMA IA . -45.66 31.60 -15.55
C1 MAN IA . -47.42 35.58 -19.84
C2 MAN IA . -48.52 36.61 -19.45
C3 MAN IA . -49.83 36.16 -20.04
C4 MAN IA . -49.70 36.12 -21.57
C5 MAN IA . -48.62 35.08 -21.93
C6 MAN IA . -48.35 35.00 -23.41
O2 MAN IA . -48.28 37.86 -20.08
O3 MAN IA . -50.91 37.01 -19.68
O4 MAN IA . -50.92 35.77 -22.18
O5 MAN IA . -47.37 35.41 -21.26
O6 MAN IA . -49.57 34.71 -24.09
C1 MAN IA . -47.44 38.68 -19.27
C2 MAN IA . -47.81 40.17 -19.53
C3 MAN IA . -47.46 40.53 -20.96
C4 MAN IA . -45.98 40.25 -21.23
C5 MAN IA . -45.67 38.76 -20.93
C6 MAN IA . -44.19 38.41 -21.05
O2 MAN IA . -47.00 41.04 -18.76
O3 MAN IA . -47.76 41.88 -21.24
O4 MAN IA . -45.68 40.53 -22.58
O5 MAN IA . -46.07 38.45 -19.58
O6 MAN IA . -43.80 38.62 -22.41
C1 MAN IA . -45.57 30.74 -14.39
C2 MAN IA . -46.57 31.23 -13.32
C3 MAN IA . -46.11 32.58 -12.78
C4 MAN IA . -44.70 32.47 -12.21
C5 MAN IA . -43.75 31.96 -13.30
C6 MAN IA . -42.36 31.71 -12.77
O2 MAN IA . -46.55 30.39 -12.18
O3 MAN IA . -46.98 33.10 -11.79
O4 MAN IA . -44.25 33.74 -11.77
O5 MAN IA . -44.25 30.71 -13.84
O6 MAN IA . -41.92 32.90 -12.11
C1 NAG JA . -69.78 24.90 -16.91
C2 NAG JA . -70.93 24.11 -16.32
C3 NAG JA . -71.92 25.05 -15.67
C4 NAG JA . -71.25 25.93 -14.63
C5 NAG JA . -70.04 26.64 -15.27
C6 NAG JA . -69.16 27.39 -14.30
C7 NAG JA . -71.47 22.00 -17.44
C8 NAG JA . -71.86 21.38 -18.74
N2 NAG JA . -71.57 23.32 -17.36
O3 NAG JA . -72.94 24.28 -15.05
O4 NAG JA . -72.22 26.86 -14.15
O5 NAG JA . -69.18 25.68 -15.90
O6 NAG JA . -68.55 26.51 -13.37
O7 NAG JA . -71.06 21.33 -16.49
C1 NAG JA . -72.35 26.99 -12.69
C2 NAG JA . -73.32 28.12 -12.36
C3 NAG JA . -73.34 28.37 -10.86
C4 NAG JA . -73.69 27.09 -10.12
C5 NAG JA . -72.78 25.93 -10.55
C6 NAG JA . -73.20 24.60 -9.98
C7 NAG JA . -73.91 30.16 -13.58
C8 NAG JA . -73.40 31.40 -14.27
N2 NAG JA . -72.98 29.35 -13.07
O3 NAG JA . -74.27 29.40 -10.56
O4 NAG JA . -73.52 27.29 -8.72
O5 NAG JA . -72.77 25.78 -11.99
O6 NAG JA . -73.24 24.65 -8.56
O7 NAG JA . -75.10 29.93 -13.47
C1 BMA JA . -74.78 27.40 -8.00
C2 BMA JA . -74.58 26.75 -6.60
C3 BMA JA . -75.81 27.00 -5.70
C4 BMA JA . -76.14 28.51 -5.67
C5 BMA JA . -76.39 29.00 -7.11
C6 BMA JA . -76.79 30.48 -7.21
O2 BMA JA . -73.49 27.34 -5.95
O3 BMA JA . -75.60 26.48 -4.38
O4 BMA JA . -77.29 28.79 -4.88
O5 BMA JA . -75.18 28.78 -7.89
O6 BMA JA . -75.67 31.19 -7.72
C1 MAN JA . -76.76 25.75 -3.94
C2 MAN JA . -76.61 25.48 -2.40
C3 MAN JA . -75.58 24.42 -2.16
C4 MAN JA . -75.96 23.15 -2.92
C5 MAN JA . -76.00 23.47 -4.42
C6 MAN JA . -76.44 22.28 -5.26
O2 MAN JA . -77.80 24.92 -1.88
O3 MAN JA . -75.44 24.13 -0.78
O4 MAN JA . -75.02 22.15 -2.66
O5 MAN JA . -76.94 24.54 -4.66
O6 MAN JA . -75.43 21.26 -5.19
C1 MAN JA . -75.54 32.47 -7.06
C2 MAN JA . -74.48 33.30 -7.86
C3 MAN JA . -73.11 32.69 -7.68
C4 MAN JA . -72.75 32.56 -6.19
C5 MAN JA . -73.83 31.73 -5.48
C6 MAN JA . -73.61 31.65 -3.99
O2 MAN JA . -74.36 34.61 -7.31
O3 MAN JA . -72.11 33.44 -8.35
O4 MAN JA . -71.51 31.90 -6.06
O5 MAN JA . -75.15 32.31 -5.70
O6 MAN JA . -72.29 31.19 -3.76
C1 NAG KA . 28.65 -8.78 32.80
C2 NAG KA . 28.01 -7.71 33.68
C3 NAG KA . 26.98 -8.33 34.62
C4 NAG KA . 25.91 -9.02 33.80
C5 NAG KA . 26.58 -10.10 32.94
C6 NAG KA . 25.64 -10.76 31.96
C7 NAG KA . 29.37 -5.73 34.06
C8 NAG KA . 30.79 -5.34 34.27
N2 NAG KA . 29.02 -6.97 34.41
O3 NAG KA . 26.42 -7.32 35.44
O4 NAG KA . 24.90 -9.52 34.68
O5 NAG KA . 27.63 -9.53 32.14
O6 NAG KA . 24.96 -11.83 32.58
O7 NAG KA . 28.56 -4.97 33.53
C1 NAG KA . 23.46 -9.40 34.30
C2 NAG KA . 22.60 -9.42 35.56
C3 NAG KA . 21.13 -9.43 35.16
C4 NAG KA . 20.81 -8.24 34.24
C5 NAG KA . 21.80 -8.15 33.09
C6 NAG KA . 21.66 -6.87 32.31
C7 NAG KA . 22.98 -10.46 37.73
C8 NAG KA . 23.23 -11.73 38.48
N2 NAG KA . 22.90 -10.56 36.41
O3 NAG KA . 20.34 -9.40 36.34
O4 NAG KA . 19.53 -8.41 33.63
O5 NAG KA . 23.16 -8.20 33.54
O6 NAG KA . 22.85 -6.58 31.59
O7 NAG KA . 22.84 -9.38 38.31
C1 BMA KA . 18.38 -7.95 34.37
C2 BMA KA . 17.35 -7.38 33.39
C3 BMA KA . 16.05 -7.07 34.14
C4 BMA KA . 15.52 -8.29 34.87
C5 BMA KA . 16.57 -8.82 35.84
C6 BMA KA . 16.13 -10.14 36.48
O2 BMA KA . 17.02 -8.38 32.45
O3 BMA KA . 15.05 -6.57 33.26
O4 BMA KA . 14.36 -7.93 35.59
O5 BMA KA . 17.82 -9.05 35.12
O6 BMA KA . 16.26 -10.08 37.90
C1 MAN KA . 15.24 -5.15 33.07
C2 MAN KA . 14.15 -4.39 33.89
C3 MAN KA . 12.80 -4.45 33.20
C4 MAN KA . 12.90 -3.98 31.75
C5 MAN KA . 13.90 -4.89 31.01
C6 MAN KA . 14.15 -4.44 29.58
O2 MAN KA . 14.44 -3.00 33.94
O3 MAN KA . 11.84 -3.67 33.87
O4 MAN KA . 11.65 -4.06 31.13
O5 MAN KA . 15.17 -4.85 31.69
O6 MAN KA . 12.89 -4.36 28.91
C1 MAN KA . 15.71 -11.29 38.47
C2 MAN KA . 15.43 -11.02 39.97
C3 MAN KA . 16.75 -10.90 40.73
C4 MAN KA . 17.59 -12.16 40.54
C5 MAN KA . 17.85 -12.38 39.06
C6 MAN KA . 18.57 -13.67 38.80
O2 MAN KA . 14.77 -12.13 40.57
O3 MAN KA . 16.55 -10.67 42.11
O4 MAN KA . 18.84 -12.02 41.21
O5 MAN KA . 16.58 -12.42 38.33
O6 MAN KA . 19.80 -13.61 39.53
C1 NAG LA . 52.14 -15.80 38.44
C2 NAG LA . 50.69 -15.73 37.97
C3 NAG LA . 50.02 -17.11 38.09
C4 NAG LA . 50.86 -18.17 37.39
C5 NAG LA . 52.29 -18.12 37.92
C6 NAG LA . 53.25 -19.08 37.25
C7 NAG LA . 49.25 -13.74 38.13
C8 NAG LA . 48.50 -12.82 39.05
N2 NAG LA . 49.94 -14.73 38.71
O3 NAG LA . 48.71 -17.07 37.54
O4 NAG LA . 50.27 -19.43 37.63
O5 NAG LA . 52.83 -16.81 37.73
O6 NAG LA . 53.31 -18.85 35.85
O7 NAG LA . 49.22 -13.61 36.91
C1 NAG LA . 50.04 -20.17 36.40
C2 NAG LA . 49.31 -21.45 36.78
C3 NAG LA . 49.07 -22.30 35.54
C4 NAG LA . 48.34 -21.49 34.48
C5 NAG LA . 49.08 -20.18 34.20
C6 NAG LA . 48.33 -19.27 33.25
C7 NAG LA . 49.62 -22.38 39.03
C8 NAG LA . 50.34 -23.42 39.83
N2 NAG LA . 50.07 -22.19 37.78
O3 NAG LA . 48.32 -23.45 35.90
O4 NAG LA . 48.26 -22.24 33.28
O5 NAG LA . 49.26 -19.44 35.43
O6 NAG LA . 47.89 -19.98 32.09
O7 NAG LA . 48.69 -21.74 39.48
C1 NAG MA . 41.11 -2.10 37.87
C2 NAG MA . 41.12 -1.63 39.32
C3 NAG MA . 40.91 -0.12 39.41
C4 NAG MA . 41.76 0.66 38.42
C5 NAG MA . 41.66 0.02 37.02
C6 NAG MA . 42.60 0.61 36.01
C7 NAG MA . 40.34 -3.19 41.05
C8 NAG MA . 39.15 -3.82 41.70
N2 NAG MA . 40.08 -2.33 40.07
O3 NAG MA . 41.26 0.30 40.73
O4 NAG MA . 41.20 1.96 38.34
O5 NAG MA . 42.02 -1.36 37.14
O6 NAG MA . 43.87 0.89 36.60
O7 NAG MA . 41.49 -3.45 41.38
C1 NAG MA . 42.13 3.03 38.57
C2 NAG MA . 41.49 4.20 37.84
C3 NAG MA . 42.35 5.45 38.00
C4 NAG MA . 42.58 5.73 39.47
C5 NAG MA . 43.18 4.49 40.15
C6 NAG MA . 43.31 4.65 41.64
C7 NAG MA . 40.10 3.81 35.87
C8 NAG MA . 40.07 3.48 34.40
N2 NAG MA . 41.30 3.89 36.43
O3 NAG MA . 41.69 6.53 37.37
O4 NAG MA . 43.51 6.81 39.61
O5 NAG MA . 42.32 3.36 39.94
O6 NAG MA . 42.05 4.92 42.24
O7 NAG MA . 39.07 3.98 36.51
C1 BMA MA . 42.84 8.06 39.90
C2 BMA MA . 43.77 8.83 40.82
C3 BMA MA . 43.27 10.26 41.04
C4 BMA MA . 42.99 10.97 39.70
C5 BMA MA . 42.04 10.11 38.83
C6 BMA MA . 41.81 10.66 37.42
O2 BMA MA . 45.03 8.96 40.22
O3 BMA MA . 44.23 11.01 41.78
O4 BMA MA . 42.42 12.23 39.93
O5 BMA MA . 42.60 8.78 38.69
O6 BMA MA . 42.30 12.00 37.30
C1 MAN MA . 43.82 11.17 43.16
C2 MAN MA . 44.77 12.23 43.81
C3 MAN MA . 46.16 11.64 43.89
C4 MAN MA . 46.12 10.40 44.77
C5 MAN MA . 45.21 9.35 44.09
C6 MAN MA . 45.02 8.10 44.92
O2 MAN MA . 44.42 12.43 45.17
O3 MAN MA . 47.10 12.58 44.41
O4 MAN MA . 47.42 9.86 44.94
O5 MAN MA . 43.88 9.93 43.87
O6 MAN MA . 46.32 7.53 45.17
C1 MAN MA . 43.43 13.47 45.29
C2 MAN MA . 43.63 14.19 46.65
C3 MAN MA . 43.32 13.22 47.77
C4 MAN MA . 41.91 12.66 47.62
C5 MAN MA . 41.77 11.97 46.24
C6 MAN MA . 40.36 11.50 45.95
O2 MAN MA . 42.68 15.22 46.82
O3 MAN MA . 43.47 13.84 49.04
O4 MAN MA . 41.65 11.72 48.64
O5 MAN MA . 42.13 12.92 45.20
O6 MAN MA . 40.02 10.49 46.90
C1 MAN MA . 42.25 12.41 35.91
C2 MAN MA . 43.11 13.67 35.72
C3 MAN MA . 42.45 14.84 36.45
C4 MAN MA . 41.03 15.06 35.92
C5 MAN MA . 40.23 13.78 36.12
C6 MAN MA . 38.85 13.87 35.51
O2 MAN MA . 43.13 14.07 34.35
O3 MAN MA . 43.21 16.04 36.30
O4 MAN MA . 40.41 16.11 36.63
O5 MAN MA . 40.92 12.66 35.48
O6 MAN MA . 38.24 15.05 36.02
C1 NAG NA . 67.10 9.90 34.27
C2 NAG NA . 68.30 10.03 33.36
C3 NAG NA . 69.13 11.24 33.77
C4 NAG NA . 68.29 12.51 33.81
C5 NAG NA . 67.04 12.27 34.68
C6 NAG NA . 66.03 13.39 34.64
C7 NAG NA . 69.17 7.96 32.38
C8 NAG NA . 69.71 6.61 32.70
N2 NAG NA . 69.10 8.82 33.40
O3 NAG NA . 70.19 11.40 32.84
O4 NAG NA . 69.12 13.55 34.31
O5 NAG NA . 66.35 11.10 34.24
O6 NAG NA . 65.47 13.53 33.33
O7 NAG NA . 68.79 8.27 31.25
C1 NAG NA . 69.13 14.82 33.54
C2 NAG NA . 69.93 15.86 34.30
C3 NAG NA . 69.84 17.20 33.60
C4 NAG NA . 70.30 17.08 32.15
C5 NAG NA . 69.56 15.94 31.43
C6 NAG NA . 70.11 15.65 30.07
C7 NAG NA . 70.34 16.18 36.69
C8 NAG NA . 69.73 16.30 38.05
N2 NAG NA . 69.50 15.98 35.68
O3 NAG NA . 70.61 18.17 34.29
O4 NAG NA . 70.02 18.29 31.45
O5 NAG NA . 69.66 14.70 32.18
O6 NAG NA . 70.05 16.81 29.25
O7 NAG NA . 71.55 16.27 36.52
C1 BMA NA . 71.20 19.08 31.18
C2 BMA NA . 71.01 19.78 29.81
C3 BMA NA . 72.13 20.80 29.54
C4 BMA NA . 72.28 21.76 30.75
C5 BMA NA . 72.56 20.94 32.02
C6 BMA NA . 72.77 21.78 33.27
O2 BMA NA . 69.81 20.52 29.82
O3 BMA NA . 71.91 21.51 28.32
O4 BMA NA . 73.33 22.70 30.57
O5 BMA NA . 71.43 20.04 32.23
O6 BMA NA . 71.61 21.66 34.09
C1 MAN NA . 73.13 21.58 27.54
C2 MAN NA . 72.91 22.62 26.40
C3 MAN NA . 72.01 22.05 25.34
C4 MAN NA . 72.59 20.75 24.81
C5 MAN NA . 72.68 19.74 25.97
C6 MAN NA . 73.30 18.42 25.56
O2 MAN NA . 74.13 22.84 25.70
O3 MAN NA . 71.82 22.96 24.27
O4 MAN NA . 71.76 20.23 23.80
O5 MAN NA . 73.50 20.30 27.03
O6 MAN NA . 72.44 17.75 24.64
C1 MAN NA . 71.27 22.93 34.70
C2 MAN NA . 70.18 22.66 35.76
C3 MAN NA . 68.88 22.27 35.09
C4 MAN NA . 68.46 23.33 34.07
C5 MAN NA . 69.57 23.54 33.04
C6 MAN NA . 69.29 24.65 32.07
O2 MAN NA . 69.86 23.86 36.47
O3 MAN NA . 67.85 22.07 36.04
O4 MAN NA . 67.30 22.90 33.39
O5 MAN NA . 70.83 23.86 33.72
O6 MAN NA . 68.02 24.40 31.49
C1 NAG OA . 24.35 36.44 -7.30
C2 NAG OA . 23.76 36.59 -8.70
C3 NAG OA . 22.59 37.55 -8.69
C4 NAG OA . 21.52 37.04 -7.73
C5 NAG OA . 22.14 36.93 -6.33
C6 NAG OA . 21.23 36.27 -5.32
C7 NAG OA . 25.29 36.12 -10.52
C8 NAG OA . 26.72 36.31 -10.90
N2 NAG OA . 24.78 36.99 -9.65
O3 NAG OA . 22.07 37.69 -9.99
O4 NAG OA . 20.38 37.91 -7.79
O5 NAG OA . 23.32 36.09 -6.37
O6 NAG OA . 20.37 37.25 -4.74
O7 NAG OA . 24.63 35.19 -10.96
C1 NAG OA . 19.01 37.33 -7.78
C2 NAG OA . 18.04 38.30 -8.44
C3 NAG OA . 16.62 37.75 -8.31
C4 NAG OA . 16.52 36.35 -8.89
C5 NAG OA . 17.62 35.44 -8.34
C6 NAG OA . 17.70 34.13 -9.06
C7 NAG OA . 18.10 40.74 -8.61
C8 NAG OA . 18.14 42.03 -7.87
N2 NAG OA . 18.13 39.63 -7.86
O3 NAG OA . 15.74 38.66 -8.96
O4 NAG OA . 15.29 35.74 -8.51
O5 NAG OA . 18.92 36.05 -8.45
O6 NAG OA . 18.97 33.53 -8.90
O7 NAG OA . 18.03 40.68 -9.83
C1 BMA OA . 14.14 35.99 -9.33
C2 BMA OA . 13.28 34.73 -9.39
C3 BMA OA . 11.96 35.04 -10.11
C4 BMA OA . 11.23 36.19 -9.44
C5 BMA OA . 12.12 37.44 -9.42
C6 BMA OA . 11.47 38.57 -8.61
O2 BMA OA . 12.92 34.36 -8.08
O3 BMA OA . 11.10 33.91 -10.15
O4 BMA OA . 10.05 36.48 -10.17
O5 BMA OA . 13.39 37.10 -8.80
O6 BMA OA . 11.48 39.79 -9.37
C1 MAN OA . 11.46 33.07 -11.27
C2 MAN OA . 10.40 33.25 -12.41
C3 MAN OA . 9.12 32.51 -12.07
C4 MAN OA . 9.41 31.05 -11.75
C5 MAN OA . 10.36 30.99 -10.54
C6 MAN OA . 10.79 29.57 -10.20
O2 MAN OA . 10.84 32.66 -13.61
O3 MAN OA . 8.20 32.58 -13.14
O4 MAN OA . 8.22 30.38 -11.43
O5 MAN OA . 11.56 31.73 -10.85
O6 MAN OA . 9.61 28.79 -10.00
C1 MAN OA . 10.74 40.80 -8.64
C2 MAN OA . 10.37 41.91 -9.64
C3 MAN OA . 11.61 42.69 -10.06
C4 MAN OA . 12.32 43.26 -8.83
C5 MAN OA . 12.69 42.12 -7.87
C6 MAN OA . 13.28 42.64 -6.60
O2 MAN OA . 9.53 42.88 -9.01
O3 MAN OA . 11.31 43.74 -10.96
O4 MAN OA . 13.51 43.93 -9.22
O5 MAN OA . 11.50 41.34 -7.54
O6 MAN OA . 14.43 43.40 -6.95
C1 NAG PA . 46.28 47.92 -2.81
C2 NAG PA . 44.89 47.28 -2.71
C3 NAG PA . 44.07 47.96 -1.63
C4 NAG PA . 44.85 47.99 -0.31
C5 NAG PA . 46.22 48.63 -0.53
C6 NAG PA . 47.12 48.65 0.67
C7 NAG PA . 43.68 46.25 -4.59
C8 NAG PA . 42.96 46.49 -5.88
N2 NAG PA . 44.20 47.33 -3.99
O3 NAG PA . 42.83 47.30 -1.44
O4 NAG PA . 44.09 48.74 0.63
O5 NAG PA . 46.92 47.89 -1.54
O6 NAG PA . 47.33 47.34 1.18
O7 NAG PA . 43.78 45.12 -4.10
C1 NAG PA . 43.90 48.02 1.87
C2 NAG PA . 43.00 48.87 2.75
C3 NAG PA . 42.78 48.18 4.09
C4 NAG PA . 42.24 46.78 3.88
C5 NAG PA . 43.15 45.99 2.92
C6 NAG PA . 42.60 44.63 2.58
C7 NAG PA . 42.99 51.30 2.46
C8 NAG PA . 43.51 52.60 2.99
N2 NAG PA . 43.57 50.20 2.94
O3 NAG PA . 41.87 48.95 4.87
O4 NAG PA . 42.19 46.10 5.13
O5 NAG PA . 43.29 46.71 1.70
O6 NAG PA . 42.19 43.92 3.74
O7 NAG PA . 42.10 51.25 1.62
C1 NAG QA . 36.97 39.23 -14.96
C2 NAG QA . 36.90 40.25 -16.08
C3 NAG QA . 36.86 39.55 -17.44
C4 NAG QA . 37.87 38.43 -17.57
C5 NAG QA . 37.83 37.53 -16.33
C6 NAG QA . 38.92 36.50 -16.28
C7 NAG QA . 35.79 42.38 -15.64
C8 NAG QA . 34.49 43.10 -15.48
N2 NAG QA . 35.72 41.08 -15.91
O3 NAG QA . 37.12 40.53 -18.45
O4 NAG QA . 37.47 37.65 -18.69
O5 NAG QA . 38.02 38.36 -15.17
O6 NAG QA . 40.16 37.04 -16.76
O7 NAG QA . 36.87 42.96 -15.51
C1 NAG QA . 38.50 37.45 -19.68
C2 NAG QA . 38.06 36.17 -20.36
C3 NAG QA . 39.03 35.81 -21.47
C4 NAG QA . 39.16 36.97 -22.45
C5 NAG QA . 39.55 38.24 -21.69
C6 NAG QA . 39.57 39.46 -22.56
C7 NAG QA . 36.82 34.47 -19.11
C8 NAG QA . 36.89 33.36 -18.09
N2 NAG QA . 37.97 35.08 -19.40
O3 NAG QA . 38.56 34.64 -22.14
O4 NAG QA . 40.19 36.68 -23.40
O5 NAG QA . 38.60 38.50 -20.65
O6 NAG QA . 38.30 39.68 -23.15
O7 NAG QA . 35.76 34.79 -19.63
C1 BMA QA . 39.65 36.22 -24.65
C2 BMA QA . 40.56 36.77 -25.74
C3 BMA QA . 40.21 36.20 -27.11
C4 BMA QA . 40.14 34.66 -27.06
C5 BMA QA . 39.18 34.19 -25.94
C6 BMA QA . 39.15 32.68 -25.72
O2 BMA QA . 41.88 36.37 -25.49
O3 BMA QA . 41.18 36.60 -28.07
O4 BMA QA . 39.69 34.16 -28.30
O5 BMA QA . 39.60 34.80 -24.68
O6 BMA QA . 39.79 31.99 -26.80
C1 MAN QA . 40.67 37.65 -28.93
C2 MAN QA . 41.66 37.81 -30.12
C3 MAN QA . 42.97 38.37 -29.58
C4 MAN QA . 42.70 39.73 -28.94
C5 MAN QA . 41.75 39.53 -27.76
C6 MAN QA . 41.35 40.82 -27.09
O2 MAN QA . 41.21 38.84 -31.00
O3 MAN QA . 43.96 38.48 -30.60
O4 MAN QA . 43.91 40.30 -28.50
O5 MAN QA . 40.52 38.87 -28.21
O6 MAN QA . 42.54 41.50 -26.66
C1 MAN QA . 40.34 38.30 -32.00
C2 MAN QA . 40.50 39.14 -33.29
C3 MAN QA . 39.98 40.54 -33.03
C4 MAN QA . 38.54 40.50 -32.55
C5 MAN QA . 38.44 39.63 -31.28
C6 MAN QA . 37.02 39.42 -30.78
O2 MAN QA . 39.66 38.66 -34.32
O3 MAN QA . 40.08 41.36 -34.18
O4 MAN QA . 38.08 41.81 -32.25
O5 MAN QA . 39.00 38.31 -31.55
O6 MAN QA . 36.49 40.69 -30.41
C1 MAN QA . 39.91 30.58 -26.45
C2 MAN QA . 40.93 29.91 -27.42
C3 MAN QA . 40.34 29.88 -28.81
C4 MAN QA . 39.01 29.13 -28.82
C5 MAN QA . 38.05 29.82 -27.85
C6 MAN QA . 36.75 29.06 -27.70
O2 MAN QA . 41.12 28.54 -27.07
O3 MAN QA . 41.24 29.27 -29.75
O4 MAN QA . 38.45 29.15 -30.12
O5 MAN QA . 38.66 29.91 -26.53
O6 MAN QA . 36.23 28.84 -29.01
C1 NAG RA . 64.37 33.77 -22.16
C2 NAG RA . 65.65 33.08 -21.76
C3 NAG RA . 66.58 32.96 -22.96
C4 NAG RA . 65.88 32.26 -24.13
C5 NAG RA . 64.54 32.96 -24.42
C6 NAG RA . 63.66 32.24 -25.41
C7 NAG RA . 66.37 33.37 -19.44
C8 NAG RA . 66.72 34.39 -18.39
N2 NAG RA . 66.30 33.82 -20.70
O3 NAG RA . 67.73 32.22 -22.58
O4 NAG RA . 66.77 32.29 -25.25
O5 NAG RA . 63.77 33.06 -23.22
O6 NAG RA . 63.26 30.97 -24.91
O7 NAG RA . 66.13 32.20 -19.16
C1 NAG RA . 67.00 31.01 -25.95
C2 NAG RA . 67.84 31.26 -27.19
C3 NAG RA . 67.96 29.98 -28.00
C4 NAG RA . 68.54 28.86 -27.14
C5 NAG RA . 67.75 28.70 -25.84
C6 NAG RA . 68.38 27.74 -24.87
C7 NAG RA . 68.06 33.22 -28.64
C8 NAG RA . 67.35 34.26 -29.45
N2 NAG RA . 67.30 32.33 -28.00
O3 NAG RA . 68.77 30.21 -29.14
O4 NAG RA . 68.46 27.63 -27.85
O5 NAG RA . 67.63 29.96 -25.15
O6 NAG RA . 68.53 26.46 -25.47
O7 NAG RA . 69.28 33.19 -28.56
C1 BMA RA . 69.74 27.18 -28.34
C2 BMA RA . 69.76 25.61 -28.28
C3 BMA RA . 71.01 25.04 -28.96
C4 BMA RA . 71.16 25.63 -30.39
C5 BMA RA . 71.22 27.17 -30.30
C6 BMA RA . 71.41 27.87 -31.65
O2 BMA RA . 68.66 25.10 -28.99
O3 BMA RA . 70.98 23.61 -28.97
O4 BMA RA . 72.32 25.16 -31.04
O5 BMA RA . 69.98 27.65 -29.68
O6 BMA RA . 70.18 28.46 -32.01
C1 MAN RA . 72.27 23.07 -28.59
C2 MAN RA . 72.28 21.54 -28.92
C3 MAN RA . 71.41 20.80 -27.95
C4 MAN RA . 71.89 21.06 -26.53
C5 MAN RA . 71.76 22.55 -26.24
C6 MAN RA . 72.27 22.93 -24.85
O2 MAN RA . 73.57 21.00 -28.70
O3 MAN RA . 71.43 19.40 -28.21
O4 MAN RA . 71.10 20.32 -25.62
O5 MAN RA . 72.54 23.30 -27.20
O6 MAN RA . 71.41 22.36 -23.87
C1 MAN RA . 69.93 28.32 -33.43
C2 MAN RA . 68.72 29.23 -33.79
C3 MAN RA . 67.45 28.66 -33.17
C4 MAN RA . 67.25 27.20 -33.61
C5 MAN RA . 68.47 26.37 -33.21
C6 MAN RA . 68.40 24.95 -33.70
O2 MAN RA . 68.48 29.21 -35.19
O3 MAN RA . 66.32 29.43 -33.53
O4 MAN RA . 66.12 26.67 -32.95
O5 MAN RA . 69.69 26.96 -33.77
O6 MAN RA . 67.17 24.40 -33.26
C1 NAG SA . 28.88 -20.82 -26.58
C2 NAG SA . 28.44 -22.18 -26.04
C3 NAG SA . 27.38 -22.81 -26.95
C4 NAG SA . 26.18 -21.88 -27.03
C5 NAG SA . 26.65 -20.53 -27.60
C6 NAG SA . 25.59 -19.46 -27.58
C7 NAG SA . 30.07 -23.32 -24.64
C8 NAG SA . 31.54 -23.54 -24.55
N2 NAG SA . 29.58 -23.06 -25.86
O3 NAG SA . 27.00 -24.08 -26.43
O4 NAG SA . 25.16 -22.51 -27.81
O5 NAG SA . 27.73 -19.99 -26.80
O6 NAG SA . 24.80 -19.56 -28.76
O7 NAG SA . 29.35 -23.33 -23.65
C1 NAG SA . 23.74 -22.41 -27.38
C2 NAG SA . 22.95 -23.58 -27.95
C3 NAG SA . 21.47 -23.39 -27.61
C4 NAG SA . 21.27 -23.22 -26.12
C5 NAG SA . 22.20 -22.15 -25.55
C6 NAG SA . 22.20 -22.12 -24.04
C7 NAG SA . 23.29 -24.91 -29.97
C8 NAG SA . 23.41 -24.90 -31.46
N2 NAG SA . 23.13 -23.72 -29.38
O3 NAG SA . 20.76 -24.52 -28.13
O4 NAG SA . 19.95 -22.75 -25.84
O5 NAG SA . 23.57 -22.36 -25.95
O6 NAG SA . 23.37 -21.51 -23.55
O7 NAG SA . 23.34 -25.95 -29.31
C1 BMA SA . 18.91 -23.75 -25.71
C2 BMA SA . 17.92 -23.29 -24.65
C3 BMA SA . 16.72 -24.25 -24.61
C4 BMA SA . 16.06 -24.34 -25.98
C5 BMA SA . 17.08 -24.81 -27.03
C6 BMA SA . 16.50 -24.75 -28.44
O2 BMA SA . 17.41 -22.03 -24.99
O3 BMA SA . 15.74 -23.84 -23.65
O4 BMA SA . 15.00 -25.26 -25.93
O5 BMA SA . 18.24 -23.92 -26.97
O6 BMA SA . 16.71 -25.99 -29.12
C1 MAN SA . 16.11 -24.35 -22.36
C2 MAN SA . 15.18 -25.56 -22.01
C3 MAN SA . 13.80 -25.08 -21.60
C4 MAN SA . 13.89 -24.05 -20.48
C5 MAN SA . 14.72 -22.85 -20.98
C6 MAN SA . 14.95 -21.80 -19.90
O2 MAN SA . 15.66 -26.24 -20.87
O3 MAN SA . 13.00 -26.15 -21.17
O4 MAN SA . 12.61 -23.61 -20.12
O5 MAN SA . 16.02 -23.31 -21.40
O6 MAN SA . 13.68 -21.41 -19.39
C1 MAN SA . 16.03 -25.96 -30.40
C2 MAN SA . 15.87 -27.42 -30.87
C3 MAN SA . 17.23 -27.99 -31.28
C4 MAN SA . 17.89 -27.11 -32.34
C5 MAN SA . 18.04 -25.69 -31.81
C6 MAN SA . 18.56 -24.76 -32.87
O2 MAN SA . 15.10 -27.46 -32.07
O3 MAN SA . 17.14 -29.32 -31.75
O4 MAN SA . 19.17 -27.62 -32.67
O5 MAN SA . 16.73 -25.18 -31.37
O6 MAN SA . 19.82 -25.27 -33.28
C1 NAG TA . 51.46 -19.60 -37.60
C2 NAG TA . 50.01 -19.40 -37.17
C3 NAG TA . 49.17 -18.91 -38.35
C4 NAG TA . 49.82 -17.69 -38.99
C5 NAG TA . 51.27 -18.01 -39.35
C6 NAG TA . 52.06 -16.85 -39.92
C7 NAG TA . 48.86 -20.67 -35.41
C8 NAG TA . 48.29 -22.00 -35.00
N2 NAG TA . 49.44 -20.62 -36.61
O3 NAG TA . 47.85 -18.59 -37.92
O4 NAG TA . 49.07 -17.34 -40.14
O5 NAG TA . 51.97 -18.42 -38.17
O6 NAG TA . 52.06 -15.74 -39.04
O7 NAG TA . 48.79 -19.69 -34.67
C1 NAG TA . 48.69 -15.94 -40.14
C2 NAG TA . 47.81 -15.73 -41.37
C3 NAG TA . 47.39 -14.27 -41.46
C4 NAG TA . 46.72 -13.83 -40.17
C5 NAG TA . 47.62 -14.14 -38.96
C6 NAG TA . 46.95 -13.85 -37.64
C7 NAG TA . 48.10 -17.17 -43.33
C8 NAG TA . 48.72 -17.28 -44.69
N2 NAG TA . 48.51 -16.14 -42.58
O3 NAG TA . 46.51 -14.09 -42.56
O4 NAG TA . 46.47 -12.42 -40.21
O5 NAG TA . 47.95 -15.54 -38.96
O6 NAG TA . 46.36 -12.56 -37.63
O7 NAG TA . 47.29 -17.99 -42.91
C1 NAG UA . 42.37 -27.07 -24.50
C2 NAG UA . 42.52 -28.55 -24.82
C3 NAG UA . 42.53 -29.39 -23.54
C4 NAG UA . 43.42 -28.82 -22.46
C5 NAG UA . 43.16 -27.31 -22.31
C6 NAG UA . 44.12 -26.62 -21.38
C7 NAG UA . 41.63 -29.36 -26.96
C8 NAG UA . 40.41 -29.75 -27.71
N2 NAG UA . 41.44 -28.98 -25.70
O3 NAG UA . 42.99 -30.69 -23.88
O4 NAG UA . 43.04 -29.46 -21.24
O5 NAG UA . 43.34 -26.69 -23.58
O6 NAG UA . 45.45 -27.12 -21.55
O7 NAG UA . 42.75 -29.40 -27.46
C1 NAG UA . 44.12 -30.07 -20.53
C2 NAG UA . 43.61 -30.08 -19.09
C3 NAG UA . 44.63 -30.73 -18.18
C4 NAG UA . 44.98 -32.12 -18.69
C5 NAG UA . 45.43 -32.03 -20.14
C6 NAG UA . 45.67 -33.39 -20.77
C7 NAG UA . 42.07 -28.34 -18.32
C8 NAG UA . 41.92 -26.92 -17.86
N2 NAG UA . 43.30 -28.74 -18.64
O3 NAG UA . 44.09 -30.80 -16.86
O4 NAG UA . 46.05 -32.66 -17.92
O5 NAG UA . 44.43 -31.39 -20.94
O6 NAG UA . 44.49 -34.18 -20.72
O7 NAG UA . 41.11 -29.09 -18.39
C1 BMA UA . 45.58 -33.59 -16.92
C2 BMA UA . 46.64 -34.68 -16.80
C3 BMA UA . 46.35 -35.62 -15.64
C4 BMA UA . 46.10 -34.83 -14.33
C5 BMA UA . 45.00 -33.77 -14.54
C6 BMA UA . 44.78 -32.85 -13.33
O2 BMA UA . 47.88 -34.08 -16.51
O3 BMA UA . 47.44 -36.52 -15.45
O4 BMA UA . 45.72 -35.72 -13.31
O5 BMA UA . 45.37 -32.93 -15.68
O6 BMA UA . 45.44 -33.35 -12.18
C1 MAN UA . 47.14 -37.83 -15.95
C2 MAN UA . 48.25 -38.81 -15.46
C3 MAN UA . 49.55 -38.44 -16.13
C4 MAN UA . 49.39 -38.59 -17.64
C5 MAN UA . 48.31 -37.60 -18.11
C6 MAN UA . 48.00 -37.72 -19.59
O2 MAN UA . 48.00 -40.12 -15.93
O3 MAN UA . 50.64 -39.23 -15.67
O4 MAN UA . 50.61 -38.33 -18.31
O5 MAN UA . 47.07 -37.84 -17.39
O6 MAN UA . 49.22 -37.51 -20.32
C1 MAN UA . 47.17 -40.85 -15.00
C2 MAN UA . 47.53 -42.35 -15.08
C3 MAN UA . 47.16 -42.88 -16.45
C4 MAN UA . 45.68 -42.64 -16.73
C5 MAN UA . 45.37 -41.12 -16.62
C6 MAN UA . 43.90 -40.80 -16.75
O2 MAN UA . 46.75 -43.12 -14.20
O3 MAN UA . 47.45 -44.26 -16.56
O4 MAN UA . 45.35 -43.09 -18.02
O5 MAN UA . 45.80 -40.64 -15.32
O6 MAN UA . 43.48 -41.17 -18.07
C1 MAN UA . 45.37 -32.34 -11.13
C2 MAN UA . 46.38 -32.71 -10.02
C3 MAN UA . 45.93 -33.98 -9.31
C4 MAN UA . 44.53 -33.79 -8.73
C5 MAN UA . 43.57 -33.42 -9.87
C6 MAN UA . 42.18 -33.11 -9.35
O2 MAN UA . 46.39 -31.72 -9.00
O3 MAN UA . 46.83 -34.36 -8.27
O4 MAN UA . 44.09 -35.00 -8.13
O5 MAN UA . 44.06 -32.25 -10.57
O6 MAN UA . 41.76 -34.19 -8.54
C1 NAG VA . 69.53 -26.89 -14.75
C2 NAG VA . 70.68 -26.04 -14.28
C3 NAG VA . 71.69 -26.89 -13.53
C4 NAG VA . 71.03 -27.64 -12.38
C5 NAG VA . 69.81 -28.42 -12.90
C6 NAG VA . 68.96 -29.04 -11.83
C7 NAG VA . 71.21 -24.08 -15.66
C8 NAG VA . 71.58 -23.63 -17.03
N2 NAG VA . 71.31 -25.40 -15.42
O3 NAG VA . 72.71 -26.04 -13.02
O4 NAG VA . 72.02 -28.49 -11.80
O5 NAG VA . 68.95 -27.54 -13.63
O6 NAG VA . 68.36 -28.04 -11.01
O7 NAG VA . 70.82 -23.30 -14.79
C1 NAG VA . 72.17 -28.45 -10.33
C2 NAG VA . 73.14 -29.52 -9.88
C3 NAG VA . 73.19 -29.57 -8.36
C4 NAG VA . 73.56 -28.21 -7.79
C5 NAG VA . 72.64 -27.13 -8.35
C6 NAG VA . 73.07 -25.73 -7.96
C7 NAG VA . 73.71 -31.71 -10.84
C8 NAG VA . 73.20 -33.01 -11.36
N2 NAG VA . 72.80 -30.82 -10.43
O3 NAG VA . 74.12 -30.57 -7.95
O4 NAG VA . 73.41 -28.24 -6.37
O5 NAG VA . 72.60 -27.16 -9.79
O6 NAG VA . 73.12 -25.61 -6.55
O7 NAG VA . 74.91 -31.45 -10.78
C1 BMA VA . 74.66 -28.26 -5.67
C2 BMA VA . 74.50 -27.44 -4.36
C3 BMA VA . 75.74 -27.58 -3.45
C4 BMA VA . 76.08 -29.08 -3.24
C5 BMA VA . 76.30 -29.74 -4.61
C6 BMA VA . 76.70 -31.21 -4.53
O2 BMA VA . 73.42 -27.95 -3.62
O3 BMA VA . 75.55 -26.89 -2.21
O4 BMA VA . 77.24 -29.26 -2.44
O5 BMA VA . 75.08 -29.61 -5.39
O6 BMA VA . 75.58 -32.00 -4.93
C1 MAN VA . 76.72 -26.12 -1.87
C2 MAN VA . 76.59 -25.65 -0.38
C3 MAN VA . 75.56 -24.57 -0.26
C4 MAN VA . 75.93 -23.42 -1.18
C5 MAN VA . 75.94 -23.91 -2.63
C6 MAN VA . 76.36 -22.84 -3.62
O2 MAN VA . 77.79 -25.03 0.04
O3 MAN VA . 75.45 -24.11 1.07
O4 MAN VA . 74.98 -22.38 -1.03
O5 MAN VA . 76.89 -25.00 -2.75
O6 MAN VA . 75.37 -21.82 -3.66
C1 MAN VA . 75.44 -33.17 -4.12
C2 MAN VA . 74.39 -34.10 -4.78
C3 MAN VA . 73.01 -33.46 -4.66
C4 MAN VA . 72.68 -33.15 -3.19
C5 MAN VA . 73.76 -32.23 -2.61
C6 MAN VA . 73.58 -31.98 -1.14
O2 MAN VA . 74.27 -35.33 -4.07
O3 MAN VA . 72.01 -34.29 -5.21
O4 MAN VA . 71.44 -32.48 -3.13
O5 MAN VA . 75.08 -32.84 -2.78
O6 MAN VA . 72.25 -31.49 -0.95
C1 NAG WA . -62.79 -3.47 41.98
C2 NAG WA . -61.80 -3.86 43.07
C3 NAG WA . -60.78 -4.87 42.54
C4 NAG WA . -61.49 -6.07 41.92
C5 NAG WA . -62.44 -5.58 40.83
C6 NAG WA . -63.24 -6.70 40.21
C7 NAG WA . -61.07 -2.41 44.89
C8 NAG WA . -60.42 -1.11 45.26
N2 NAG WA . -61.11 -2.69 43.59
O3 NAG WA . -59.96 -5.32 43.61
O4 NAG WA . -60.55 -6.97 41.35
O5 NAG WA . -63.37 -4.66 41.40
O6 NAG WA . -62.38 -7.78 39.84
O7 NAG WA . -61.54 -3.17 45.73
C1 NAG XA . -55.75 6.88 49.82
C2 NAG XA . -55.76 7.81 51.05
C3 NAG XA . -54.81 7.28 52.13
C4 NAG XA . -55.12 5.84 52.46
C5 NAG XA . -55.06 5.00 51.19
C6 NAG XA . -55.44 3.55 51.43
C7 NAG XA . -55.95 10.24 51.27
C8 NAG XA . -55.67 11.56 50.62
N2 NAG XA . -55.40 9.16 50.68
O3 NAG XA . -54.91 8.07 53.30
O4 NAG XA . -54.18 5.35 53.41
O5 NAG XA . -55.99 5.51 50.23
O6 NAG XA . -54.73 3.02 52.53
O7 NAG XA . -56.66 10.14 52.26
C1 NAG YA . -86.78 -19.64 37.03
C2 NAG YA . -85.52 -20.31 37.59
C3 NAG YA . -85.46 -21.77 37.14
C4 NAG YA . -86.75 -22.50 37.50
C5 NAG YA . -87.94 -21.75 36.92
C6 NAG YA . -89.27 -22.36 37.34
C7 NAG YA . -83.61 -18.86 38.04
C8 NAG YA . -82.39 -18.21 37.47
N2 NAG YA . -84.33 -19.60 37.19
O3 NAG YA . -84.34 -22.40 37.75
O4 NAG YA . -86.71 -23.82 36.99
O5 NAG YA . -87.95 -20.40 37.39
O6 NAG YA . -89.30 -23.75 37.10
O7 NAG YA . -83.92 -18.74 39.21
C1 NAG ZA . -108.00 -5.12 22.21
C2 NAG ZA . -108.69 -4.38 21.07
C3 NAG ZA . -110.07 -3.91 21.52
C4 NAG ZA . -110.89 -5.09 22.01
C5 NAG ZA . -110.13 -5.84 23.12
C6 NAG ZA . -110.82 -7.10 23.56
C7 NAG ZA . -107.32 -3.29 19.38
C8 NAG ZA . -106.09 -2.48 19.24
N2 NAG ZA . -107.91 -3.27 20.58
O3 NAG ZA . -110.72 -3.28 20.42
O4 NAG ZA . -112.15 -4.66 22.51
O5 NAG ZA . -108.82 -6.22 22.66
O6 NAG ZA . -112.18 -6.86 23.90
O7 NAG ZA . -107.78 -3.95 18.45
C1 NAG AB . -22.01 24.05 28.13
C2 NAG AB . -23.51 23.89 28.39
C3 NAG AB . -24.01 24.99 29.30
C4 NAG AB . -23.19 24.98 30.59
C5 NAG AB . -21.69 25.04 30.30
C6 NAG AB . -20.86 24.85 31.54
C7 NAG AB . -25.29 22.96 27.02
C8 NAG AB . -25.74 22.72 25.60
N2 NAG AB . -24.29 23.83 27.17
O3 NAG AB . -25.38 24.81 29.61
O4 NAG AB . -23.56 26.10 31.40
O5 NAG AB . -21.30 24.00 29.38
O6 NAG AB . -21.32 25.70 32.58
O7 NAG AB . -25.81 22.39 27.97
C1 NAG BB . -60.39 -41.69 -18.21
C2 NAG BB . -59.41 -42.33 -19.19
C3 NAG BB . -58.57 -41.25 -19.89
C4 NAG BB . -59.46 -40.22 -20.55
C5 NAG BB . -60.39 -39.62 -19.50
C6 NAG BB . -61.37 -38.63 -20.08
C7 NAG BB . -58.39 -44.54 -18.91
C8 NAG BB . -57.55 -45.42 -18.04
N2 NAG BB . -58.54 -43.28 -18.50
O3 NAG BB . -57.76 -41.87 -20.89
O4 NAG BB . -58.69 -39.18 -21.12
O5 NAG BB . -61.16 -40.68 -18.90
O6 NAG BB . -60.68 -37.68 -20.90
O7 NAG BB . -58.91 -44.95 -19.94
C1 NAG CB . -51.61 -52.74 -13.88
C2 NAG CB . -51.43 -54.25 -13.68
C3 NAG CB . -50.50 -54.82 -14.76
C4 NAG CB . -50.99 -54.44 -16.14
C5 NAG CB . -51.11 -52.93 -16.25
C6 NAG CB . -51.67 -52.47 -17.56
C7 NAG CB . -51.28 -55.65 -11.68
C8 NAG CB . -50.85 -55.72 -10.25
N2 NAG CB . -50.91 -54.56 -12.37
O3 NAG CB . -50.43 -56.24 -14.66
O4 NAG CB . -50.07 -54.93 -17.12
O5 NAG CB . -52.01 -52.46 -15.23
O6 NAG CB . -50.98 -53.08 -18.65
O7 NAG CB . -51.94 -56.55 -12.20
C1 NAG DB . -86.58 -32.20 -27.47
C2 NAG DB . -85.39 -32.22 -28.45
C3 NAG DB . -85.55 -31.11 -29.48
C4 NAG DB . -86.91 -31.20 -30.18
C5 NAG DB . -88.02 -31.20 -29.14
C6 NAG DB . -89.39 -31.41 -29.73
C7 NAG DB . -83.28 -33.10 -27.59
C8 NAG DB . -82.01 -32.79 -26.86
N2 NAG DB . -84.14 -32.08 -27.74
O3 NAG DB . -84.50 -31.20 -30.44
O4 NAG DB . -87.08 -30.12 -31.07
O5 NAG DB . -87.82 -32.27 -28.20
O6 NAG DB . -89.62 -30.53 -30.82
O7 NAG DB . -83.51 -34.21 -28.06
C1 NAG EB . -106.38 -28.89 -5.62
C2 NAG EB . -107.03 -28.35 -4.36
C3 NAG EB . -108.30 -29.12 -4.05
C4 NAG EB . -109.25 -29.06 -5.24
C5 NAG EB . -108.54 -29.57 -6.49
C6 NAG EB . -109.37 -29.41 -7.75
C7 NAG EB . -105.61 -27.26 -2.69
C8 NAG EB . -104.29 -27.39 -2.03
N2 NAG EB . -106.13 -28.38 -3.22
O3 NAG EB . -108.92 -28.56 -2.90
O4 NAG EB . -110.40 -29.84 -4.99
O5 NAG EB . -107.32 -28.84 -6.72
O6 NAG EB . -110.67 -29.99 -7.58
O7 NAG EB . -106.20 -26.19 -2.76
C1 NAG FB . -17.04 -38.59 8.68
C2 NAG FB . -18.53 -38.90 8.55
C3 NAG FB . -18.83 -40.28 9.08
C4 NAG FB . -17.95 -41.30 8.35
C5 NAG FB . -16.48 -40.90 8.41
C6 NAG FB . -15.61 -41.79 7.55
C7 NAG FB . -20.49 -37.46 8.59
C8 NAG FB . -21.05 -36.17 9.13
N2 NAG FB . -19.38 -37.90 9.17
O3 NAG FB . -20.20 -40.61 8.89
O4 NAG FB . -18.13 -42.58 8.95
O5 NAG FB . -16.27 -39.56 7.94
O6 NAG FB . -15.89 -43.16 7.81
O7 NAG FB . -21.03 -38.06 7.67
C1 NAG GB . -66.36 29.34 -21.28
C2 NAG GB . -65.53 30.61 -21.43
C3 NAG GB . -64.58 30.78 -20.23
C4 NAG GB . -65.36 30.74 -18.93
C5 NAG GB . -66.15 29.43 -18.86
C6 NAG GB . -67.01 29.34 -17.62
C7 NAG GB . -64.80 31.56 -23.56
C8 NAG GB . -64.05 31.34 -24.83
N2 NAG GB . -64.76 30.58 -22.67
O3 NAG GB . -63.92 32.04 -20.35
O4 NAG GB . -64.48 30.81 -17.82
O5 NAG GB . -67.02 29.35 -19.99
O6 NAG GB . -66.25 29.66 -16.46
O7 NAG GB . -65.43 32.60 -23.34
C1 NAG HB . -58.94 31.98 -33.77
C2 NAG HB . -58.96 32.59 -35.18
C3 NAG HB . -58.17 33.90 -35.22
C4 NAG HB . -58.68 34.86 -34.15
C5 NAG HB . -58.60 34.18 -32.79
C6 NAG HB . -59.16 35.04 -31.68
C7 NAG HB . -58.89 31.56 -37.40
C8 NAG HB . -58.40 30.39 -38.21
N2 NAG HB . -58.42 31.65 -36.16
O3 NAG HB . -58.29 34.51 -36.50
O4 NAG HB . -57.89 36.04 -34.16
O5 NAG HB . -59.37 32.97 -32.80
O6 NAG HB . -58.61 36.35 -31.73
O7 NAG HB . -59.70 32.37 -37.85
C1 NAG IB . -91.47 29.74 -6.08
C2 NAG IB . -90.35 30.72 -5.72
C3 NAG IB . -90.41 31.06 -4.23
C4 NAG IB . -91.80 31.55 -3.84
C5 NAG IB . -92.84 30.52 -4.26
C6 NAG IB . -94.26 30.99 -4.02
C7 NAG IB . -88.33 30.66 -7.09
C8 NAG IB . -87.00 30.01 -7.31
N2 NAG IB . -89.05 30.19 -6.07
O3 NAG IB . -89.43 32.05 -3.93
O4 NAG IB . -91.87 31.77 -2.44
O5 NAG IB . -92.74 30.26 -5.67
O6 NAG IB . -94.43 31.47 -2.68
O7 NAG IB . -88.73 31.57 -7.80
C1 NAG JB . -109.46 6.99 -12.34
C2 NAG JB . -109.96 5.56 -12.44
C3 NAG JB . -111.31 5.53 -13.14
C4 NAG JB . -112.30 6.43 -12.41
C5 NAG JB . -111.74 7.84 -12.28
C6 NAG JB . -112.60 8.74 -11.45
C7 NAG JB . -108.33 3.75 -12.47
C8 NAG JB . -107.00 3.38 -13.04
N2 NAG JB . -109.02 4.70 -13.12
O3 NAG JB . -111.79 4.19 -13.18
O4 NAG JB . -113.54 6.46 -13.10
O5 NAG JB . -110.44 7.81 -11.66
O6 NAG JB . -113.95 8.73 -11.90
O7 NAG JB . -108.77 3.20 -11.46
C1 NAG KB . -21.63 9.47 -36.01
C2 NAG KB . -23.16 9.57 -36.07
C3 NAG KB . -23.61 9.75 -37.51
C4 NAG KB . -22.92 10.98 -38.11
C5 NAG KB . -21.41 10.90 -37.92
C6 NAG KB . -20.71 12.16 -38.34
C7 NAG KB . -24.90 8.59 -34.68
C8 NAG KB . -25.25 7.44 -33.79
N2 NAG KB . -23.83 8.43 -35.46
O3 NAG KB . -25.02 9.92 -37.57
O4 NAG KB . -23.24 11.07 -39.49
O5 NAG KB . -21.05 10.66 -36.55
O6 NAG KB . -21.17 12.58 -39.63
O7 NAG KB . -25.56 9.63 -34.70
C1 NAG LB . 63.43 8.65 40.23
C2 NAG LB . 62.46 9.17 41.27
C3 NAG LB . 61.44 10.11 40.63
C4 NAG LB . 62.14 11.22 39.86
C5 NAG LB . 63.07 10.60 38.83
C6 NAG LB . 63.85 11.63 38.05
C7 NAG LB . 61.76 7.95 43.27
C8 NAG LB . 61.11 6.73 43.81
N2 NAG LB . 61.79 8.07 41.95
O3 NAG LB . 60.63 10.69 41.65
O4 NAG LB . 61.19 12.05 39.20
O5 NAG LB . 64.01 9.76 39.49
O6 NAG LB . 62.99 12.66 37.56
O7 NAG LB . 62.23 8.81 44.00
C1 NAG MB . 56.53 -0.62 49.41
C2 NAG MB . 56.56 -1.39 50.74
C3 NAG MB . 55.63 -0.74 51.76
C4 NAG MB . 55.95 0.74 51.91
C5 NAG MB . 55.86 1.41 50.54
C6 NAG MB . 56.23 2.88 50.60
C7 NAG MB . 56.76 -3.77 51.26
C8 NAG MB . 56.46 -5.17 50.79
N2 NAG MB . 56.20 -2.79 50.55
O3 NAG MB . 55.75 -1.38 53.02
O4 NAG MB . 55.02 1.33 52.81
O5 NAG MB . 56.78 0.78 49.64
O6 NAG MB . 55.54 3.55 51.63
O7 NAG MB . 57.48 -3.55 52.23
C1 NAG NB . 87.32 24.04 32.91
C2 NAG NB . 86.08 24.78 33.40
C3 NAG NB . 86.01 26.16 32.77
C4 NAG NB . 87.29 26.94 33.02
C5 NAG NB . 88.49 26.13 32.52
C6 NAG NB . 89.81 26.77 32.84
C7 NAG NB . 84.17 23.40 34.06
C8 NAG NB . 82.95 22.68 33.59
N2 NAG NB . 84.88 24.02 33.11
O3 NAG NB . 84.90 26.88 33.32
O4 NAG NB . 87.26 28.19 32.35
O5 NAG NB . 88.49 24.84 33.15
O6 NAG NB . 89.84 28.13 32.42
O7 NAG NB . 84.49 23.43 35.23
C1 NAG OB . 108.33 7.76 19.70
C2 NAG OB . 109.01 6.89 18.65
C3 NAG OB . 110.39 6.47 19.13
C4 NAG OB . 111.21 7.71 19.46
C5 NAG OB . 110.48 8.59 20.47
C6 NAG OB . 111.17 9.90 20.75
C7 NAG OB . 107.61 5.59 17.13
C8 NAG OB . 106.37 4.76 17.11
N2 NAG OB . 108.21 5.73 18.32
O3 NAG OB . 111.02 5.71 18.11
O4 NAG OB . 112.48 7.34 19.98
O5 NAG OB . 109.16 8.91 19.99
O6 NAG OB . 112.53 9.69 21.09
O7 NAG OB . 108.06 6.12 16.12
C1 NAG PB . 22.47 -20.36 30.57
C2 NAG PB . 23.98 -20.16 30.79
C3 NAG PB . 24.48 -21.14 31.83
C4 NAG PB . 23.69 -20.97 33.12
C5 NAG PB . 22.18 -21.06 32.85
C6 NAG PB . 21.38 -20.72 34.08
C7 NAG PB . 25.73 -19.41 29.29
C8 NAG PB . 26.17 -19.34 27.85
N2 NAG PB . 24.74 -20.25 29.56
O3 NAG PB . 25.87 -20.92 32.09
O4 NAG PB . 24.07 -21.98 34.05
O5 NAG PB . 21.78 -20.14 31.82
O6 NAG PB . 21.85 -21.43 35.21
O7 NAG PB . 26.27 -18.74 30.15
C1 NAG QB . 60.05 39.01 -24.24
C2 NAG QB . 59.05 39.53 -25.28
C3 NAG QB . 58.21 38.38 -25.82
C4 NAG QB . 59.10 37.26 -26.36
C5 NAG QB . 60.04 36.81 -25.26
C6 NAG QB . 61.00 35.74 -25.73
C7 NAG QB . 58.05 41.76 -25.26
C8 NAG QB . 57.21 42.74 -24.50
N2 NAG QB . 58.20 40.55 -24.70
O3 NAG QB . 57.38 38.87 -26.88
O4 NAG QB . 58.31 36.16 -26.79
O5 NAG QB . 60.82 37.92 -24.81
O6 NAG QB . 60.32 34.70 -26.41
O7 NAG QB . 58.54 42.02 -26.35
C1 NAG RB . 51.34 50.52 -21.19
C2 NAG RB . 51.16 52.06 -21.19
C3 NAG RB . 50.21 52.48 -22.31
C4 NAG RB . 50.68 51.94 -23.64
C5 NAG RB . 50.80 50.42 -23.56
C6 NAG RB . 51.33 49.80 -24.81
C7 NAG RB . 51.03 53.70 -19.38
C8 NAG RB . 50.62 53.93 -17.96
N2 NAG RB . 50.66 52.53 -19.91
O3 NAG RB . 50.14 53.91 -22.39
O4 NAG RB . 49.75 52.29 -24.66
O5 NAG RB . 51.72 50.08 -22.50
O6 NAG RB . 50.62 50.27 -25.96
O7 NAG RB . 51.69 54.52 -20.02
C1 NAG SB . 86.10 28.41 -32.65
C2 NAG SB . 84.91 28.31 -33.61
C3 NAG SB . 85.05 27.08 -34.49
C4 NAG SB . 86.39 27.09 -35.21
C5 NAG SB . 87.52 27.21 -34.20
C6 NAG SB . 88.88 27.35 -34.84
C7 NAG SB . 82.80 29.29 -32.83
C8 NAG SB . 81.55 29.08 -32.04
N2 NAG SB . 83.66 28.27 -32.86
O3 NAG SB . 83.99 27.05 -35.43
O4 NAG SB . 86.56 25.90 -35.96
O5 NAG SB . 87.32 28.39 -33.40
O6 NAG SB . 89.10 26.33 -35.81
O7 NAG SB . 83.02 30.34 -33.44
C1 NAG TB . 106.25 27.85 -10.87
C2 NAG TB . 106.92 27.47 -9.56
C3 NAG TB . 108.19 28.28 -9.37
C4 NAG TB . 109.12 28.06 -10.55
C5 NAG TB . 108.40 28.42 -11.85
C6 NAG TB . 109.21 28.09 -13.09
C7 NAG TB . 105.53 26.61 -7.75
C8 NAG TB . 104.21 26.82 -7.09
N2 NAG TB . 106.03 27.65 -8.42
O3 NAG TB . 108.82 27.87 -8.16
O4 NAG TB . 110.29 28.87 -10.42
O5 NAG TB . 107.18 27.66 -11.97
O6 NAG TB . 110.50 28.68 -13.02
O7 NAG TB . 106.12 25.54 -7.69
C1 NAG UB . 17.14 39.35 3.50
C2 NAG UB . 18.62 39.64 3.31
C3 NAG UB . 18.92 41.09 3.65
C4 NAG UB . 18.04 42.01 2.82
C5 NAG UB . 16.56 41.62 2.95
C6 NAG UB . 15.69 42.39 2.00
C7 NAG UB . 20.58 38.21 3.50
C8 NAG UB . 21.15 37.01 4.18
N2 NAG UB . 19.48 38.74 4.04
O3 NAG UB . 20.30 41.39 3.40
O4 NAG UB . 18.21 43.36 3.25
O5 NAG UB . 16.36 40.23 2.66
O6 NAG UB . 15.97 43.79 2.08
O7 NAG UB . 21.11 38.71 2.50
C1 NAG VB . 66.04 -31.84 -18.46
C2 NAG VB . 65.21 -33.12 -18.45
C3 NAG VB . 64.29 -33.14 -17.22
C4 NAG VB . 65.09 -32.93 -15.94
C5 NAG VB . 65.88 -31.64 -16.05
C6 NAG VB . 66.74 -31.39 -14.84
C7 NAG VB . 64.46 -34.33 -20.43
C8 NAG VB . 63.67 -34.27 -21.70
N2 NAG VB . 64.43 -33.24 -19.67
O3 NAG VB . 63.62 -34.40 -17.16
O4 NAG VB . 64.23 -32.87 -14.82
O5 NAG VB . 66.73 -31.69 -17.20
O6 NAG VB . 66.01 -31.55 -13.64
O7 NAG VB . 65.08 -35.33 -20.09
C1 NAG WB . 58.44 -36.03 -30.41
C2 NAG WB . 58.43 -36.80 -31.73
C3 NAG WB . 57.65 -38.10 -31.59
C4 NAG WB . 58.18 -38.92 -30.42
C5 NAG WB . 58.11 -38.08 -29.15
C6 NAG WB . 58.68 -38.80 -27.96
C7 NAG WB . 58.33 -36.06 -34.06
C8 NAG WB . 57.82 -35.01 -35.00
N2 NAG WB . 57.88 -36.00 -32.81
O3 NAG WB . 57.75 -38.87 -32.79
O4 NAG WB . 57.38 -40.10 -30.27
O5 NAG WB . 58.88 -36.89 -29.33
O6 NAG WB . 58.14 -40.10 -27.83
O7 NAG WB . 59.13 -36.92 -34.42
C1 NAG XB . 91.38 -30.36 -3.73
C2 NAG XB . 90.28 -31.29 -3.23
C3 NAG XB . 90.36 -31.43 -1.72
C4 NAG XB . 91.75 -31.87 -1.29
C5 NAG XB . 92.80 -30.92 -1.85
C6 NAG XB . 94.21 -31.35 -1.57
C7 NAG XB . 88.24 -31.40 -4.57
C8 NAG XB . 86.91 -30.77 -4.85
N2 NAG XB . 88.97 -30.81 -3.63
O3 NAG XB . 89.39 -32.37 -1.28
O4 NAG XB . 91.85 -31.92 0.12
O5 NAG XB . 92.66 -30.83 -3.28
O6 NAG XB . 94.41 -31.65 -0.19
O7 NAG XB . 88.62 -32.40 -5.16
C1 NAG YB . 109.26 -8.60 -13.07
C2 NAG YB . 109.76 -7.18 -13.37
C3 NAG YB . 111.09 -7.24 -14.09
C4 NAG YB . 112.09 -8.04 -13.26
C5 NAG YB . 111.54 -9.43 -12.95
C6 NAG YB . 112.42 -10.22 -12.03
C7 NAG YB . 108.13 -5.39 -13.60
C8 NAG YB . 106.78 -5.11 -14.19
N2 NAG YB . 108.80 -6.41 -14.13
O3 NAG YB . 111.56 -5.92 -14.30
O4 NAG YB . 113.33 -8.16 -13.97
O5 NAG YB . 110.26 -9.31 -12.32
O6 NAG YB . 113.76 -10.27 -12.49
O7 NAG YB . 108.58 -4.73 -12.67
C1 NAG ZB . 21.08 -13.93 -34.87
C2 NAG ZB . 22.60 -14.05 -34.95
C3 NAG ZB . 23.03 -14.40 -36.36
C4 NAG ZB . 22.33 -15.69 -36.78
C5 NAG ZB . 20.81 -15.59 -36.59
C6 NAG ZB . 20.13 -16.91 -36.83
C7 NAG ZB . 24.36 -12.91 -33.71
C8 NAG ZB . 24.73 -11.64 -32.98
N2 NAG ZB . 23.28 -12.85 -34.49
O3 NAG ZB . 24.44 -14.58 -36.42
O4 NAG ZB . 22.62 -15.97 -38.15
O5 NAG ZB . 20.49 -15.19 -35.25
O6 NAG ZB . 20.56 -17.48 -38.06
O7 NAG ZB . 25.03 -13.93 -33.61
#